data_1YAJ
#
_entry.id   1YAJ
#
_cell.length_a   54.560
_cell.length_b   181.493
_cell.length_c   202.712
_cell.angle_alpha   90.1195
_cell.angle_beta   89.9291
_cell.angle_gamma   89.7185
#
_symmetry.space_group_name_H-M   'P 1'
#
loop_
_entity.id
_entity.type
_entity.pdbx_description
1 polymer 'CES1 protein'
2 non-polymer 2-acetamido-2-deoxy-beta-D-glucopyranose
3 non-polymer 'N-acetyl-alpha-neuraminic acid'
4 non-polymer 'SULFATE ION'
5 non-polymer 'BENZOIC ACID'
6 water water
#
_entity_poly.entity_id   1
_entity_poly.type   'polypeptide(L)'
_entity_poly.pdbx_seq_one_letter_code
;SSPPVVDTVHGKVLGKFVSLEGFAQPVAIFLGIPFAKPPLGPLRFTPPQPAEPWSFVKNATSYPPMCTQDPKAGQLLSEL
FTNRKENIPLKLSEDCLYLNIYTPADLTKKNRLPVMVWIHGGGLMVGAASTYDGLALAAHENVVVVTIQYRLGIWGFFST
GDEHSRGNWGHLDQVAALRWVQDNIASFGGNPGSVTIFGESAGGESVSVLVLSPLAKNLFHRAISESGVALTSVLVKKGD
VKPLAEQIAITAGCKTTTSAVMVHCLRQKTEEELLETTLKMKFLSLDLQGDPRESQPLLGTVIDGMLLLKTPEELQAERN
FHTVPYMVGINKQEFGWLIPMLMSYPLSEGQLDQKTAMSLLWKSYPLVCIAKELIPEATEKYLGGTDDTVKKKDLFLDLI
ADVMFGVPSVIVARNHRDAGAPTYMYEFQYRPSFSSDMKPKTVIGDHGDELFSVFGAPFLKEGASEEEIRLSKMVMKFWA
NFARNGNPNGEGLPHWPEYNQKEGYLQIGANTQAAQKLKDKEVAFWTNLFAK
;
_entity_poly.pdbx_strand_id   A,B,C,D,E,F,G,H,I,J,K,L
#
loop_
_chem_comp.id
_chem_comp.type
_chem_comp.name
_chem_comp.formula
BEZ non-polymer 'BENZOIC ACID' 'C7 H6 O2'
NAG D-saccharide, beta linking 2-acetamido-2-deoxy-beta-D-glucopyranose 'C8 H15 N O6'
SIA D-saccharide, alpha linking 'N-acetyl-alpha-neuraminic acid' 'C11 H19 N O9'
SO4 non-polymer 'SULFATE ION' 'O4 S -2'
#
# COMPACT_ATOMS: atom_id res chain seq x y z
N SER A 1 91.92 -78.57 -38.46
CA SER A 1 90.82 -77.96 -39.27
C SER A 1 91.05 -76.45 -39.43
N SER A 2 90.24 -75.65 -38.74
CA SER A 2 90.31 -74.18 -38.74
C SER A 2 89.27 -73.63 -37.76
N PRO A 3 89.73 -72.87 -36.74
CA PRO A 3 88.88 -72.26 -35.69
C PRO A 3 87.58 -71.69 -36.21
N PRO A 4 86.47 -71.96 -35.52
CA PRO A 4 85.13 -71.50 -35.87
C PRO A 4 84.95 -69.98 -35.86
N VAL A 5 84.49 -69.42 -36.99
CA VAL A 5 84.25 -67.98 -37.05
C VAL A 5 82.85 -67.68 -37.50
N VAL A 6 82.08 -67.07 -36.62
CA VAL A 6 80.71 -66.80 -36.94
C VAL A 6 80.50 -65.33 -37.01
N ASP A 7 79.56 -64.93 -37.87
CA ASP A 7 79.23 -63.52 -38.07
C ASP A 7 77.99 -63.10 -37.32
N THR A 8 78.16 -62.16 -36.40
CA THR A 8 77.03 -61.67 -35.63
C THR A 8 76.72 -60.23 -36.02
N VAL A 9 75.55 -59.78 -35.58
CA VAL A 9 75.10 -58.44 -35.83
C VAL A 9 76.13 -57.40 -35.45
N HIS A 10 76.94 -57.71 -34.43
CA HIS A 10 77.96 -56.79 -33.95
C HIS A 10 79.37 -57.01 -34.47
N GLY A 11 79.62 -58.12 -35.15
CA GLY A 11 80.97 -58.34 -35.64
C GLY A 11 81.29 -59.80 -35.68
N LYS A 12 82.50 -60.14 -36.12
CA LYS A 12 82.90 -61.53 -36.23
C LYS A 12 83.35 -62.09 -34.90
N VAL A 13 83.13 -63.38 -34.70
CA VAL A 13 83.51 -64.02 -33.48
C VAL A 13 84.32 -65.31 -33.76
N LEU A 14 85.51 -65.40 -33.15
CA LEU A 14 86.39 -66.55 -33.33
C LEU A 14 86.26 -67.52 -32.15
N GLY A 15 85.89 -68.76 -32.43
CA GLY A 15 85.72 -69.71 -31.36
C GLY A 15 86.80 -70.77 -31.41
N LYS A 16 86.60 -71.87 -30.67
CA LYS A 16 87.56 -72.98 -30.66
C LYS A 16 86.79 -74.26 -30.69
N PHE A 17 87.36 -75.27 -31.30
CA PHE A 17 86.73 -76.59 -31.43
C PHE A 17 87.07 -77.51 -30.28
N VAL A 18 86.09 -78.30 -29.82
CA VAL A 18 86.32 -79.24 -28.74
C VAL A 18 85.56 -80.53 -29.06
N SER A 19 86.24 -81.67 -28.97
CA SER A 19 85.62 -82.96 -29.27
C SER A 19 85.11 -83.66 -28.01
N LEU A 20 84.25 -84.65 -28.16
CA LEU A 20 83.71 -85.38 -27.00
C LEU A 20 83.48 -86.86 -27.25
N GLU A 21 84.04 -87.71 -26.39
CA GLU A 21 83.89 -89.16 -26.53
C GLU A 21 82.51 -89.54 -27.07
N GLY A 22 82.48 -90.25 -28.21
CA GLY A 22 81.22 -90.69 -28.79
C GLY A 22 80.55 -89.85 -29.87
N PHE A 23 81.12 -88.69 -30.19
CA PHE A 23 80.55 -87.81 -31.21
C PHE A 23 81.64 -87.40 -32.21
N ALA A 24 81.35 -87.51 -33.49
CA ALA A 24 82.37 -87.17 -34.49
C ALA A 24 82.48 -85.67 -34.65
N GLN A 25 81.33 -85.01 -34.74
CA GLN A 25 81.28 -83.56 -34.90
C GLN A 25 81.84 -82.89 -33.66
N PRO A 26 82.79 -82.00 -33.88
CA PRO A 26 83.41 -81.29 -32.78
C PRO A 26 82.49 -80.15 -32.38
N VAL A 27 82.30 -79.96 -31.08
CA VAL A 27 81.43 -78.90 -30.61
C VAL A 27 82.18 -77.58 -30.67
N ALA A 28 81.51 -76.53 -31.13
CA ALA A 28 82.11 -75.19 -31.21
C ALA A 28 81.81 -74.42 -29.94
N ILE A 29 82.85 -73.90 -29.32
CA ILE A 29 82.69 -73.17 -28.09
C ILE A 29 83.16 -71.73 -28.20
N PHE A 30 82.30 -70.81 -27.76
CA PHE A 30 82.65 -69.40 -27.78
C PHE A 30 82.61 -68.83 -26.38
N LEU A 31 83.73 -68.34 -25.92
CA LEU A 31 83.73 -67.81 -24.57
C LEU A 31 83.85 -66.31 -24.50
N GLY A 32 83.05 -65.72 -23.64
CA GLY A 32 83.15 -64.28 -23.49
C GLY A 32 82.53 -63.42 -24.56
N ILE A 33 81.37 -63.81 -25.04
CA ILE A 33 80.74 -62.96 -26.04
C ILE A 33 80.00 -61.89 -25.25
N PRO A 34 80.33 -60.60 -25.50
CA PRO A 34 79.72 -59.45 -24.81
C PRO A 34 78.33 -59.17 -25.34
N PHE A 35 77.30 -59.22 -24.49
CA PHE A 35 75.95 -58.96 -24.97
C PHE A 35 75.50 -57.54 -24.60
N ALA A 36 76.40 -56.80 -23.99
CA ALA A 36 76.12 -55.44 -23.62
C ALA A 36 77.38 -54.62 -23.46
N LYS A 37 77.21 -53.30 -23.52
CA LYS A 37 78.31 -52.38 -23.32
C LYS A 37 78.62 -52.46 -21.84
N PRO A 38 79.88 -52.73 -21.46
CA PRO A 38 80.37 -52.85 -20.09
C PRO A 38 79.72 -51.79 -19.25
N PRO A 39 78.84 -52.18 -18.32
CA PRO A 39 78.13 -51.25 -17.44
C PRO A 39 79.04 -50.53 -16.47
N LEU A 40 79.96 -49.73 -17.03
CA LEU A 40 80.94 -48.98 -16.27
C LEU A 40 80.62 -47.50 -16.20
N GLY A 41 81.45 -46.79 -15.43
CA GLY A 41 81.30 -45.36 -15.29
C GLY A 41 79.88 -45.07 -14.87
N PRO A 42 79.27 -44.02 -15.43
CA PRO A 42 77.91 -43.58 -15.15
C PRO A 42 76.88 -44.62 -15.55
N LEU A 43 77.32 -45.68 -16.24
CA LEU A 43 76.40 -46.73 -16.63
C LEU A 43 75.98 -47.64 -15.48
N ARG A 44 76.60 -47.42 -14.32
CA ARG A 44 76.32 -48.19 -13.12
C ARG A 44 74.91 -47.85 -12.68
N PHE A 45 74.18 -48.85 -12.18
CA PHE A 45 72.83 -48.65 -11.71
C PHE A 45 71.94 -48.10 -12.83
N THR A 46 71.99 -48.76 -13.99
CA THR A 46 71.16 -48.37 -15.14
C THR A 46 71.01 -49.53 -16.07
N PRO A 47 69.99 -49.47 -16.91
CA PRO A 47 69.67 -50.50 -17.89
C PRO A 47 70.83 -50.88 -18.76
N PRO A 48 70.82 -52.12 -19.27
CA PRO A 48 71.87 -52.65 -20.14
C PRO A 48 71.87 -51.95 -21.49
N GLN A 49 73.02 -51.38 -21.87
CA GLN A 49 73.14 -50.66 -23.13
C GLN A 49 73.79 -51.59 -24.19
N PRO A 50 73.33 -51.53 -25.47
CA PRO A 50 73.86 -52.34 -26.56
C PRO A 50 75.38 -52.19 -26.77
N ALA A 51 76.05 -53.34 -26.95
CA ALA A 51 77.51 -53.39 -27.13
C ALA A 51 77.93 -52.64 -28.38
N GLU A 52 79.18 -52.19 -28.41
CA GLU A 52 79.69 -51.48 -29.57
C GLU A 52 80.35 -52.51 -30.44
N PRO A 53 80.05 -52.47 -31.74
CA PRO A 53 80.55 -53.37 -32.78
C PRO A 53 82.04 -53.33 -33.00
N TRP A 54 82.66 -54.49 -33.12
CA TRP A 54 84.08 -54.55 -33.35
C TRP A 54 84.37 -54.57 -34.81
N SER A 55 85.49 -53.96 -35.16
CA SER A 55 85.86 -53.85 -36.54
C SER A 55 86.58 -55.02 -37.19
N PHE A 56 86.92 -56.04 -36.43
CA PHE A 56 87.59 -57.14 -37.09
C PHE A 56 87.00 -58.48 -36.73
N VAL A 57 87.84 -59.36 -36.20
CA VAL A 57 87.44 -60.67 -35.74
C VAL A 57 87.78 -60.77 -34.26
N LYS A 58 86.76 -60.76 -33.40
CA LYS A 58 86.92 -60.84 -31.95
C LYS A 58 87.22 -62.26 -31.51
N ASN A 59 88.26 -62.43 -30.72
CA ASN A 59 88.63 -63.76 -30.26
C ASN A 59 87.84 -64.19 -29.03
N ALA A 60 86.68 -64.83 -29.20
CA ALA A 60 85.93 -65.27 -28.03
C ALA A 60 86.46 -66.62 -27.60
N THR A 61 87.68 -66.62 -27.08
CA THR A 61 88.35 -67.86 -26.66
C THR A 61 88.89 -67.86 -25.24
N SER A 62 88.50 -66.86 -24.45
CA SER A 62 88.95 -66.81 -23.07
C SER A 62 87.75 -66.81 -22.17
N TYR A 63 87.96 -67.17 -20.92
CA TYR A 63 86.87 -67.21 -19.95
C TYR A 63 86.60 -65.81 -19.45
N PRO A 64 85.38 -65.36 -19.64
CA PRO A 64 85.02 -64.02 -19.20
C PRO A 64 84.97 -63.98 -17.69
N PRO A 65 85.28 -62.82 -17.13
CA PRO A 65 85.29 -62.55 -15.70
C PRO A 65 83.89 -62.68 -15.12
N MET A 66 83.80 -62.78 -13.81
CA MET A 66 82.48 -62.87 -13.15
C MET A 66 82.18 -61.52 -12.48
N CYS A 67 80.92 -61.10 -12.41
CA CYS A 67 80.67 -59.79 -11.80
C CYS A 67 81.24 -59.71 -10.39
N THR A 68 81.72 -58.55 -10.00
CA THR A 68 82.32 -58.42 -8.71
C THR A 68 81.44 -59.06 -7.66
N GLN A 69 82.07 -59.83 -6.77
CA GLN A 69 81.38 -60.57 -5.70
C GLN A 69 82.41 -61.19 -4.75
N ASP A 70 81.94 -61.66 -3.60
CA ASP A 70 82.80 -62.29 -2.58
C ASP A 70 83.73 -63.30 -3.30
N PRO A 71 84.96 -62.88 -3.62
CA PRO A 71 85.91 -63.77 -4.32
C PRO A 71 86.01 -65.19 -3.79
N LYS A 72 85.90 -65.36 -2.48
CA LYS A 72 86.01 -66.69 -1.89
C LYS A 72 84.66 -67.40 -1.95
N ALA A 73 83.65 -66.76 -1.39
CA ALA A 73 82.30 -67.31 -1.38
C ALA A 73 81.90 -67.75 -2.78
N GLY A 74 82.29 -66.94 -3.76
CA GLY A 74 81.94 -67.23 -5.13
C GLY A 74 82.72 -68.35 -5.74
N GLN A 75 83.99 -68.42 -5.37
CA GLN A 75 84.86 -69.46 -5.90
C GLN A 75 84.46 -70.80 -5.31
N LEU A 76 84.06 -70.78 -4.07
CA LEU A 76 83.65 -71.99 -3.40
C LEU A 76 82.36 -72.54 -4.04
N LEU A 77 81.33 -71.72 -4.16
CA LEU A 77 80.09 -72.19 -4.76
C LEU A 77 80.34 -72.76 -6.14
N SER A 78 81.33 -72.21 -6.86
CA SER A 78 81.67 -72.68 -8.20
C SER A 78 82.31 -74.07 -8.20
N GLU A 79 83.10 -74.33 -7.16
CA GLU A 79 83.76 -75.62 -7.03
C GLU A 79 82.69 -76.67 -6.83
N LEU A 80 81.71 -76.36 -5.99
CA LEU A 80 80.65 -77.28 -5.68
C LEU A 80 79.73 -77.58 -6.84
N PHE A 81 79.23 -76.55 -7.51
CA PHE A 81 78.29 -76.74 -8.61
C PHE A 81 78.87 -77.17 -9.92
N THR A 82 80.07 -76.72 -10.21
CA THR A 82 80.75 -77.05 -11.46
C THR A 82 80.43 -78.45 -11.95
N ASN A 83 80.47 -78.67 -13.26
CA ASN A 83 80.19 -79.98 -13.81
C ASN A 83 81.39 -80.49 -14.62
N ARG A 84 82.55 -79.89 -14.37
CA ARG A 84 83.77 -80.26 -15.07
C ARG A 84 84.76 -80.85 -14.07
N LYS A 85 85.64 -81.73 -14.55
CA LYS A 85 86.64 -82.36 -13.69
C LYS A 85 87.46 -81.37 -12.89
N GLU A 86 87.98 -80.36 -13.57
CA GLU A 86 88.82 -79.33 -12.95
C GLU A 86 88.09 -78.00 -12.91
N ASN A 87 87.87 -77.45 -11.73
CA ASN A 87 87.22 -76.16 -11.63
C ASN A 87 88.16 -75.13 -12.27
N ILE A 88 87.58 -74.02 -12.74
CA ILE A 88 88.35 -72.95 -13.36
C ILE A 88 88.27 -71.71 -12.52
N PRO A 89 89.42 -71.17 -12.12
CA PRO A 89 89.41 -69.95 -11.29
C PRO A 89 88.97 -68.73 -12.12
N LEU A 90 88.38 -67.75 -11.46
CA LEU A 90 87.91 -66.58 -12.18
C LEU A 90 88.29 -65.24 -11.62
N LYS A 91 88.51 -64.30 -12.54
CA LYS A 91 88.84 -62.96 -12.16
C LYS A 91 87.56 -62.13 -11.94
N LEU A 92 87.63 -61.17 -11.03
CA LEU A 92 86.50 -60.32 -10.74
C LEU A 92 86.59 -58.99 -11.49
N SER A 93 85.46 -58.57 -12.08
CA SER A 93 85.41 -57.29 -12.79
C SER A 93 83.98 -56.75 -12.97
N GLU A 94 83.84 -55.44 -13.10
CA GLU A 94 82.50 -54.89 -13.27
C GLU A 94 82.07 -55.20 -14.68
N ASP A 95 83.04 -55.33 -15.56
CA ASP A 95 82.80 -55.68 -16.95
C ASP A 95 82.59 -57.20 -16.93
N CYS A 96 81.35 -57.64 -16.82
CA CYS A 96 81.08 -59.06 -16.74
C CYS A 96 79.88 -59.48 -17.52
N LEU A 97 79.36 -58.58 -18.35
CA LEU A 97 78.20 -58.89 -19.13
C LEU A 97 78.60 -59.65 -20.37
N TYR A 98 78.83 -60.94 -20.21
CA TYR A 98 79.22 -61.77 -21.33
C TYR A 98 78.46 -63.08 -21.23
N LEU A 99 78.44 -63.85 -22.32
CA LEU A 99 77.76 -65.15 -22.29
C LEU A 99 78.59 -66.13 -23.10
N ASN A 100 78.49 -67.42 -22.76
CA ASN A 100 79.24 -68.42 -23.44
C ASN A 100 78.28 -69.22 -24.26
N ILE A 101 78.77 -69.76 -25.39
CA ILE A 101 77.94 -70.58 -26.24
C ILE A 101 78.61 -71.91 -26.63
N TYR A 102 77.81 -72.99 -26.63
CA TYR A 102 78.24 -74.35 -27.01
C TYR A 102 77.27 -74.84 -28.08
N THR A 103 77.69 -74.86 -29.35
CA THR A 103 76.79 -75.33 -30.40
C THR A 103 77.31 -76.62 -30.95
N PRO A 104 76.48 -77.64 -30.94
CA PRO A 104 76.89 -78.95 -31.45
C PRO A 104 76.46 -79.05 -32.89
N ALA A 105 76.28 -77.89 -33.53
CA ALA A 105 75.86 -77.82 -34.94
C ALA A 105 77.07 -77.52 -35.81
N ASP A 106 77.04 -77.96 -37.07
CA ASP A 106 78.16 -77.69 -37.97
C ASP A 106 77.91 -76.29 -38.50
N LEU A 107 78.73 -75.34 -38.05
CA LEU A 107 78.59 -73.93 -38.43
C LEU A 107 78.79 -73.61 -39.91
N THR A 108 79.18 -74.62 -40.68
CA THR A 108 79.38 -74.44 -42.12
C THR A 108 78.11 -74.87 -42.82
N LYS A 109 77.07 -75.11 -42.02
CA LYS A 109 75.78 -75.52 -42.55
C LYS A 109 74.63 -74.84 -41.78
N LYS A 110 73.52 -74.61 -42.46
CA LYS A 110 72.35 -73.99 -41.83
C LYS A 110 71.83 -74.96 -40.78
N ASN A 111 71.65 -74.47 -39.56
CA ASN A 111 71.15 -75.32 -38.51
C ASN A 111 70.33 -74.49 -37.55
N ARG A 112 69.18 -75.03 -37.16
CA ARG A 112 68.26 -74.36 -36.23
C ARG A 112 67.86 -75.30 -35.07
N LEU A 113 68.78 -75.50 -34.13
CA LEU A 113 68.56 -76.39 -32.99
C LEU A 113 67.95 -75.60 -31.89
N PRO A 114 67.15 -76.24 -31.03
CA PRO A 114 66.54 -75.50 -29.92
C PRO A 114 67.63 -74.93 -29.00
N VAL A 115 67.38 -73.74 -28.44
CA VAL A 115 68.34 -73.06 -27.56
C VAL A 115 67.98 -73.15 -26.07
N MET A 116 68.97 -73.43 -25.26
CA MET A 116 68.77 -73.51 -23.83
C MET A 116 69.67 -72.47 -23.16
N VAL A 117 69.11 -71.33 -22.80
CA VAL A 117 69.87 -70.29 -22.14
C VAL A 117 69.85 -70.56 -20.65
N TRP A 118 71.00 -70.84 -20.05
CA TRP A 118 71.05 -71.14 -18.63
C TRP A 118 71.38 -69.95 -17.72
N ILE A 119 70.60 -69.75 -16.68
CA ILE A 119 70.90 -68.65 -15.75
C ILE A 119 71.44 -69.32 -14.48
N HIS A 120 72.71 -69.09 -14.12
CA HIS A 120 73.28 -69.70 -12.91
C HIS A 120 72.60 -69.17 -11.66
N GLY A 121 72.93 -69.75 -10.51
CA GLY A 121 72.34 -69.29 -9.26
C GLY A 121 73.41 -68.72 -8.32
N GLY A 122 73.02 -68.41 -7.09
CA GLY A 122 73.96 -67.84 -6.15
C GLY A 122 73.37 -66.60 -5.50
N GLY A 123 72.17 -66.77 -4.95
CA GLY A 123 71.48 -65.69 -4.27
C GLY A 123 71.59 -64.31 -4.87
N LEU A 124 71.72 -64.25 -6.18
CA LEU A 124 71.82 -62.96 -6.83
C LEU A 124 73.02 -62.14 -6.35
N MET A 125 73.85 -62.75 -5.51
CA MET A 125 75.06 -62.11 -4.97
C MET A 125 76.34 -62.72 -5.57
N VAL A 126 76.30 -64.01 -5.90
CA VAL A 126 77.45 -64.70 -6.46
C VAL A 126 77.15 -65.55 -7.68
N GLY A 127 78.17 -66.25 -8.16
CA GLY A 127 77.99 -67.12 -9.32
C GLY A 127 78.57 -66.63 -10.63
N ALA A 128 78.59 -67.51 -11.62
CA ALA A 128 79.12 -67.18 -12.93
C ALA A 128 78.64 -68.18 -13.98
N ALA A 129 78.89 -67.84 -15.24
CA ALA A 129 78.47 -68.66 -16.38
C ALA A 129 79.48 -69.72 -16.80
N SER A 130 80.75 -69.39 -16.61
CA SER A 130 81.87 -70.24 -16.99
C SER A 130 81.94 -71.45 -16.06
N THR A 131 81.17 -71.37 -14.98
CA THR A 131 81.13 -72.48 -14.04
C THR A 131 80.46 -73.71 -14.67
N TYR A 132 79.41 -73.48 -15.46
CA TYR A 132 78.70 -74.60 -16.06
C TYR A 132 79.05 -74.84 -17.52
N ASP A 133 79.82 -75.91 -17.77
CA ASP A 133 80.23 -76.29 -19.11
C ASP A 133 79.04 -76.88 -19.82
N GLY A 134 78.73 -76.34 -20.99
CA GLY A 134 77.60 -76.81 -21.77
C GLY A 134 77.91 -77.96 -22.70
N LEU A 135 79.20 -78.24 -22.88
CA LEU A 135 79.72 -79.30 -23.77
C LEU A 135 78.94 -80.62 -23.84
N ALA A 136 78.73 -81.20 -22.66
CA ALA A 136 78.01 -82.45 -22.54
C ALA A 136 76.59 -82.29 -23.01
N LEU A 137 75.80 -81.50 -22.28
CA LEU A 137 74.40 -81.27 -22.60
C LEU A 137 74.18 -81.07 -24.10
N ALA A 138 74.95 -80.15 -24.65
CA ALA A 138 74.87 -79.84 -26.07
C ALA A 138 75.05 -81.08 -26.92
N ALA A 139 76.26 -81.65 -26.90
CA ALA A 139 76.54 -82.83 -27.72
C ALA A 139 75.46 -83.86 -27.54
N HIS A 140 75.36 -84.37 -26.32
CA HIS A 140 74.38 -85.40 -25.97
C HIS A 140 72.97 -85.16 -26.45
N GLU A 141 72.37 -84.02 -26.13
CA GLU A 141 70.99 -83.82 -26.59
C GLU A 141 70.78 -82.96 -27.82
N ASN A 142 71.87 -82.64 -28.52
CA ASN A 142 71.82 -81.87 -29.76
C ASN A 142 71.00 -80.60 -29.59
N VAL A 143 71.57 -79.64 -28.88
CA VAL A 143 70.92 -78.36 -28.65
C VAL A 143 72.03 -77.34 -28.40
N VAL A 144 71.71 -76.06 -28.51
CA VAL A 144 72.68 -75.03 -28.24
C VAL A 144 72.49 -74.58 -26.81
N VAL A 145 73.57 -74.60 -26.05
CA VAL A 145 73.51 -74.17 -24.66
C VAL A 145 74.21 -72.82 -24.50
N VAL A 146 73.54 -71.90 -23.80
CA VAL A 146 74.07 -70.56 -23.57
C VAL A 146 74.03 -70.21 -22.10
N THR A 147 75.21 -70.06 -21.52
CA THR A 147 75.32 -69.72 -20.13
C THR A 147 75.56 -68.22 -20.12
N ILE A 148 74.77 -67.48 -19.37
CA ILE A 148 74.93 -66.02 -19.32
C ILE A 148 75.25 -65.57 -17.93
N GLN A 149 75.83 -64.40 -17.80
CA GLN A 149 76.17 -63.84 -16.50
C GLN A 149 75.37 -62.56 -16.45
N TYR A 150 74.86 -62.21 -15.29
CA TYR A 150 74.07 -61.00 -15.20
C TYR A 150 74.64 -60.31 -14.00
N ARG A 151 74.36 -59.02 -13.87
CA ARG A 151 74.88 -58.26 -12.72
C ARG A 151 74.33 -58.75 -11.40
N LEU A 152 75.22 -58.82 -10.42
CA LEU A 152 74.89 -59.29 -9.06
C LEU A 152 75.11 -58.23 -7.99
N GLY A 153 74.64 -58.55 -6.79
CA GLY A 153 74.79 -57.67 -5.65
C GLY A 153 74.42 -56.23 -5.94
N ILE A 154 75.04 -55.34 -5.19
CA ILE A 154 74.80 -53.93 -5.37
C ILE A 154 74.68 -53.61 -6.86
N TRP A 155 75.73 -53.92 -7.62
CA TRP A 155 75.74 -53.66 -9.06
C TRP A 155 74.49 -54.15 -9.78
N GLY A 156 73.97 -55.30 -9.35
CA GLY A 156 72.81 -55.87 -10.00
C GLY A 156 71.45 -55.57 -9.37
N PHE A 157 71.38 -55.37 -8.07
CA PHE A 157 70.06 -55.15 -7.52
C PHE A 157 69.91 -54.03 -6.52
N PHE A 158 70.80 -53.04 -6.58
CA PHE A 158 70.73 -51.91 -5.65
C PHE A 158 69.57 -51.03 -6.00
N SER A 159 68.58 -50.91 -5.13
CA SER A 159 67.44 -50.04 -5.47
C SER A 159 67.15 -48.94 -4.46
N THR A 160 66.75 -47.77 -4.94
CA THR A 160 66.45 -46.65 -4.07
C THR A 160 64.96 -46.54 -3.89
N GLY A 161 64.26 -47.37 -4.63
CA GLY A 161 62.86 -47.38 -4.54
C GLY A 161 62.37 -46.37 -5.55
N ASP A 162 63.07 -45.78 -6.50
CA ASP A 162 62.31 -44.72 -7.26
C ASP A 162 63.05 -44.63 -8.59
N GLU A 163 62.66 -43.64 -9.37
CA GLU A 163 63.25 -43.44 -10.68
C GLU A 163 64.76 -43.15 -10.71
N HIS A 164 65.36 -42.73 -9.61
CA HIS A 164 66.79 -42.45 -9.61
C HIS A 164 67.62 -43.74 -9.56
N SER A 165 66.94 -44.87 -9.35
CA SER A 165 67.56 -46.21 -9.32
C SER A 165 66.53 -47.30 -9.03
N ARG A 166 65.65 -47.55 -9.99
CA ARG A 166 64.60 -48.55 -9.86
C ARG A 166 65.11 -49.84 -9.26
N GLY A 167 66.10 -50.43 -9.92
CA GLY A 167 66.69 -51.69 -9.48
C GLY A 167 66.54 -52.81 -10.50
N ASN A 168 66.88 -54.02 -10.08
CA ASN A 168 66.77 -55.17 -10.97
C ASN A 168 67.68 -55.03 -12.15
N TRP A 169 68.75 -54.25 -11.98
CA TRP A 169 69.69 -54.03 -13.06
C TRP A 169 70.08 -55.38 -13.60
N GLY A 170 70.15 -56.37 -12.70
CA GLY A 170 70.52 -57.74 -13.05
C GLY A 170 69.51 -58.47 -13.89
N HIS A 171 68.25 -58.28 -13.57
CA HIS A 171 67.19 -58.92 -14.32
C HIS A 171 67.15 -58.32 -15.70
N LEU A 172 67.47 -57.03 -15.77
CA LEU A 172 67.46 -56.39 -17.08
C LEU A 172 68.50 -57.06 -17.94
N ASP A 173 69.71 -57.19 -17.39
CA ASP A 173 70.80 -57.83 -18.11
C ASP A 173 70.41 -59.20 -18.61
N GLN A 174 69.64 -59.91 -17.79
CA GLN A 174 69.19 -61.24 -18.16
C GLN A 174 68.38 -61.06 -19.44
N VAL A 175 67.35 -60.22 -19.39
CA VAL A 175 66.54 -60.01 -20.56
C VAL A 175 67.43 -59.50 -21.68
N ALA A 176 68.38 -58.65 -21.32
CA ALA A 176 69.32 -58.07 -22.30
C ALA A 176 70.04 -59.14 -23.09
N ALA A 177 70.26 -60.29 -22.44
CA ALA A 177 70.92 -61.44 -23.04
C ALA A 177 69.93 -62.14 -23.95
N LEU A 178 68.69 -62.30 -23.50
CA LEU A 178 67.68 -62.93 -24.34
C LEU A 178 67.59 -62.17 -25.67
N ARG A 179 67.54 -60.83 -25.60
CA ARG A 179 67.46 -60.07 -26.83
C ARG A 179 68.68 -60.30 -27.68
N TRP A 180 69.79 -60.69 -27.05
CA TRP A 180 70.98 -60.92 -27.82
C TRP A 180 70.87 -62.24 -28.55
N VAL A 181 70.27 -63.22 -27.86
CA VAL A 181 70.05 -64.57 -28.41
C VAL A 181 69.05 -64.54 -29.57
N GLN A 182 67.99 -63.73 -29.41
CA GLN A 182 66.98 -63.59 -30.42
C GLN A 182 67.50 -62.93 -31.70
N ASP A 183 68.50 -62.05 -31.57
CA ASP A 183 69.05 -61.37 -32.74
C ASP A 183 70.39 -61.89 -33.17
N ASN A 184 70.85 -62.98 -32.57
CA ASN A 184 72.14 -63.52 -32.94
C ASN A 184 72.27 -65.02 -32.96
N ILE A 185 71.68 -65.68 -31.97
CA ILE A 185 71.83 -67.11 -31.87
C ILE A 185 71.67 -67.85 -33.20
N ALA A 186 70.94 -67.25 -34.12
CA ALA A 186 70.74 -67.86 -35.41
C ALA A 186 72.04 -68.18 -36.12
N SER A 187 73.11 -67.45 -35.79
CA SER A 187 74.43 -67.61 -36.43
C SER A 187 75.23 -68.73 -35.86
N PHE A 188 74.82 -69.22 -34.70
CA PHE A 188 75.53 -70.32 -34.08
C PHE A 188 74.70 -71.59 -34.17
N GLY A 189 73.90 -71.67 -35.22
CA GLY A 189 73.05 -72.83 -35.47
C GLY A 189 71.91 -72.99 -34.49
N GLY A 190 71.46 -71.87 -33.96
CA GLY A 190 70.37 -71.91 -33.00
C GLY A 190 69.11 -71.33 -33.59
N ASN A 191 67.97 -71.89 -33.22
CA ASN A 191 66.70 -71.41 -33.71
C ASN A 191 66.08 -70.33 -32.81
N PRO A 192 66.19 -69.05 -33.20
CA PRO A 192 65.62 -68.01 -32.35
C PRO A 192 64.14 -68.13 -32.10
N GLY A 193 63.57 -69.26 -32.48
CA GLY A 193 62.15 -69.47 -32.27
C GLY A 193 61.86 -70.53 -31.23
N SER A 194 62.90 -71.04 -30.56
CA SER A 194 62.76 -72.07 -29.55
C SER A 194 63.75 -71.84 -28.40
N VAL A 195 63.75 -70.62 -27.87
CA VAL A 195 64.63 -70.25 -26.77
C VAL A 195 63.97 -70.65 -25.47
N THR A 196 64.65 -71.52 -24.73
CA THR A 196 64.16 -72.03 -23.46
C THR A 196 65.05 -71.53 -22.35
N ILE A 197 64.49 -70.92 -21.32
CA ILE A 197 65.33 -70.44 -20.23
C ILE A 197 65.15 -71.36 -19.05
N PHE A 198 66.25 -71.66 -18.36
CA PHE A 198 66.22 -72.51 -17.18
C PHE A 198 67.31 -72.15 -16.19
N GLY A 199 66.91 -71.96 -14.93
CA GLY A 199 67.86 -71.61 -13.90
C GLY A 199 67.70 -72.54 -12.72
N GLU A 200 68.53 -72.35 -11.72
CA GLU A 200 68.52 -73.17 -10.52
C GLU A 200 68.68 -72.18 -9.36
N SER A 201 68.18 -72.51 -8.17
CA SER A 201 68.28 -71.62 -7.01
C SER A 201 67.97 -70.16 -7.42
N ALA A 202 68.80 -69.19 -7.02
CA ALA A 202 68.57 -67.78 -7.39
C ALA A 202 68.24 -67.66 -8.89
N GLY A 203 68.84 -68.55 -9.68
CA GLY A 203 68.62 -68.57 -11.11
C GLY A 203 67.26 -69.12 -11.45
N GLY A 204 66.81 -70.03 -10.59
CA GLY A 204 65.49 -70.63 -10.75
C GLY A 204 64.43 -69.58 -10.48
N GLU A 205 64.72 -68.66 -9.55
CA GLU A 205 63.78 -67.60 -9.20
C GLU A 205 63.63 -66.59 -10.32
N SER A 206 64.77 -66.00 -10.72
CA SER A 206 64.78 -65.01 -11.79
C SER A 206 64.08 -65.56 -13.04
N VAL A 207 64.26 -66.85 -13.32
CA VAL A 207 63.62 -67.49 -14.47
C VAL A 207 62.13 -67.34 -14.27
N SER A 208 61.69 -67.38 -13.02
CA SER A 208 60.27 -67.21 -12.79
C SER A 208 59.95 -65.73 -12.97
N VAL A 209 60.85 -64.86 -12.51
CA VAL A 209 60.61 -63.43 -12.62
C VAL A 209 60.42 -62.99 -14.07
N LEU A 210 61.14 -63.61 -15.02
CA LEU A 210 60.99 -63.26 -16.44
C LEU A 210 59.63 -63.68 -16.93
N VAL A 211 59.12 -64.79 -16.39
CA VAL A 211 57.81 -65.27 -16.78
C VAL A 211 56.68 -64.32 -16.41
N LEU A 212 56.88 -63.50 -15.38
CA LEU A 212 55.85 -62.55 -14.95
C LEU A 212 56.12 -61.19 -15.53
N SER A 213 57.29 -60.99 -16.13
CA SER A 213 57.67 -59.70 -16.71
C SER A 213 57.29 -59.47 -18.16
N PRO A 214 56.76 -58.29 -18.45
CA PRO A 214 56.32 -57.84 -19.77
C PRO A 214 57.53 -57.66 -20.67
N LEU A 215 58.64 -57.22 -20.10
CA LEU A 215 59.84 -57.00 -20.88
C LEU A 215 60.40 -58.25 -21.49
N ALA A 216 60.11 -59.40 -20.88
CA ALA A 216 60.64 -60.67 -21.36
C ALA A 216 59.74 -61.41 -22.33
N LYS A 217 58.50 -60.97 -22.42
CA LYS A 217 57.56 -61.60 -23.31
C LYS A 217 58.12 -61.58 -24.74
N ASN A 218 58.05 -62.74 -25.38
CA ASN A 218 58.54 -62.96 -26.76
C ASN A 218 60.03 -63.20 -26.93
N LEU A 219 60.71 -63.41 -25.81
CA LEU A 219 62.15 -63.65 -25.80
C LEU A 219 62.49 -65.09 -25.45
N PHE A 220 61.47 -65.87 -25.08
CA PHE A 220 61.63 -67.29 -24.72
C PHE A 220 60.28 -67.99 -24.89
N HIS A 221 60.33 -69.25 -25.28
CA HIS A 221 59.13 -70.04 -25.52
C HIS A 221 58.96 -71.26 -24.61
N ARG A 222 59.85 -71.36 -23.61
CA ARG A 222 59.84 -72.44 -22.62
C ARG A 222 60.67 -72.04 -21.42
N ALA A 223 60.19 -72.32 -20.22
CA ALA A 223 60.94 -71.98 -18.99
C ALA A 223 61.10 -73.18 -18.07
N ILE A 224 62.13 -73.15 -17.23
CA ILE A 224 62.37 -74.22 -16.27
C ILE A 224 62.93 -73.62 -14.97
N SER A 225 62.25 -73.83 -13.85
CA SER A 225 62.75 -73.32 -12.58
C SER A 225 63.12 -74.48 -11.67
N GLU A 226 64.41 -74.66 -11.47
CA GLU A 226 64.93 -75.73 -10.64
C GLU A 226 65.26 -75.27 -9.25
N SER A 227 64.48 -75.69 -8.27
CA SER A 227 64.74 -75.33 -6.89
C SER A 227 64.64 -73.84 -6.66
N GLY A 228 63.63 -73.20 -7.22
CA GLY A 228 63.49 -71.76 -7.01
C GLY A 228 62.37 -71.12 -7.82
N VAL A 229 61.58 -70.28 -7.16
CA VAL A 229 60.49 -69.59 -7.84
C VAL A 229 60.34 -68.16 -7.33
N ALA A 230 59.37 -67.44 -7.89
CA ALA A 230 59.12 -66.04 -7.55
C ALA A 230 58.52 -65.79 -6.16
N LEU A 231 57.74 -66.75 -5.67
CA LEU A 231 57.13 -66.62 -4.36
C LEU A 231 58.15 -66.91 -3.24
N THR A 232 59.37 -67.32 -3.61
CA THR A 232 60.45 -67.59 -2.66
C THR A 232 60.86 -66.23 -2.10
N SER A 233 59.98 -65.67 -1.29
CA SER A 233 60.17 -64.35 -0.67
C SER A 233 61.63 -63.84 -0.54
N VAL A 234 62.48 -64.60 0.14
CA VAL A 234 63.86 -64.21 0.39
C VAL A 234 64.54 -63.38 -0.70
N LEU A 235 64.44 -63.84 -1.95
CA LEU A 235 65.04 -63.20 -3.13
C LEU A 235 64.16 -62.16 -3.79
N VAL A 236 63.17 -61.67 -3.04
CA VAL A 236 62.26 -60.66 -3.53
C VAL A 236 61.92 -59.73 -2.38
N LYS A 237 62.43 -58.51 -2.49
CA LYS A 237 62.21 -57.51 -1.48
C LYS A 237 60.82 -56.94 -1.65
N LYS A 238 60.09 -56.79 -0.55
CA LYS A 238 58.76 -56.20 -0.61
C LYS A 238 58.68 -54.99 0.34
N GLY A 239 57.63 -54.18 0.24
CA GLY A 239 57.55 -53.04 1.13
C GLY A 239 58.56 -52.00 0.77
N ASP A 240 58.54 -50.88 1.48
CA ASP A 240 59.49 -49.79 1.20
C ASP A 240 60.91 -50.35 1.22
N VAL A 241 61.66 -50.20 0.12
CA VAL A 241 63.04 -50.72 0.11
C VAL A 241 64.08 -49.62 0.27
N LYS A 242 63.62 -48.40 0.50
CA LYS A 242 64.49 -47.25 0.67
C LYS A 242 65.48 -47.45 1.80
N PRO A 243 64.99 -47.84 2.97
CA PRO A 243 65.88 -48.05 4.11
C PRO A 243 67.12 -48.86 3.80
N LEU A 244 66.95 -49.97 3.07
CA LEU A 244 68.07 -50.81 2.70
C LEU A 244 69.11 -49.94 1.99
N ALA A 245 68.63 -49.24 0.95
CA ALA A 245 69.50 -48.36 0.19
C ALA A 245 70.29 -47.45 1.10
N GLU A 246 69.61 -46.74 2.00
CA GLU A 246 70.30 -45.82 2.92
C GLU A 246 71.36 -46.51 3.75
N GLN A 247 71.08 -47.74 4.17
CA GLN A 247 72.04 -48.46 4.98
C GLN A 247 73.20 -48.99 4.13
N ILE A 248 72.95 -49.17 2.83
CA ILE A 248 74.00 -49.62 1.91
C ILE A 248 74.90 -48.41 1.62
N ALA A 249 74.25 -47.26 1.41
CA ALA A 249 74.97 -46.04 1.14
C ALA A 249 75.81 -45.72 2.36
N ILE A 250 75.17 -45.55 3.51
CA ILE A 250 75.94 -45.24 4.72
C ILE A 250 77.20 -46.07 4.86
N THR A 251 77.06 -47.38 4.68
CA THR A 251 78.16 -48.32 4.79
C THR A 251 79.24 -48.06 3.76
N ALA A 252 78.82 -47.82 2.53
CA ALA A 252 79.78 -47.54 1.48
C ALA A 252 80.47 -46.19 1.67
N GLY A 253 79.98 -45.39 2.62
CA GLY A 253 80.53 -44.06 2.91
C GLY A 253 79.91 -42.92 2.10
N CYS A 254 78.64 -43.10 1.73
CA CYS A 254 77.92 -42.13 0.94
C CYS A 254 76.94 -41.24 1.65
N LYS A 255 76.59 -40.12 1.01
CA LYS A 255 75.62 -39.21 1.60
C LYS A 255 74.24 -39.85 1.45
N THR A 256 73.22 -39.31 2.12
CA THR A 256 71.86 -39.86 1.99
C THR A 256 70.77 -38.79 1.97
N THR A 257 71.17 -37.57 1.63
CA THR A 257 70.26 -36.41 1.56
C THR A 257 68.98 -36.75 0.84
N THR A 258 69.13 -37.27 -0.38
CA THR A 258 67.98 -37.67 -1.22
C THR A 258 68.37 -38.91 -1.96
N SER A 259 67.40 -39.44 -2.70
CA SER A 259 67.63 -40.64 -3.47
C SER A 259 68.66 -40.39 -4.55
N ALA A 260 68.49 -39.26 -5.25
CA ALA A 260 69.41 -38.89 -6.32
C ALA A 260 70.86 -38.79 -5.83
N VAL A 261 71.07 -38.00 -4.77
CA VAL A 261 72.40 -37.83 -4.21
C VAL A 261 72.99 -39.20 -3.93
N MET A 262 72.15 -40.08 -3.40
CA MET A 262 72.50 -41.44 -3.06
C MET A 262 73.07 -42.22 -4.24
N VAL A 263 72.26 -42.40 -5.30
CA VAL A 263 72.66 -43.15 -6.50
C VAL A 263 73.88 -42.55 -7.14
N HIS A 264 73.88 -41.23 -7.22
CA HIS A 264 74.98 -40.49 -7.83
C HIS A 264 76.32 -40.76 -7.12
N CYS A 265 76.27 -40.81 -5.78
CA CYS A 265 77.43 -41.04 -4.92
C CYS A 265 78.00 -42.47 -5.06
N LEU A 266 77.13 -43.46 -5.24
CA LEU A 266 77.60 -44.81 -5.42
C LEU A 266 78.31 -44.91 -6.76
N ARG A 267 77.74 -44.30 -7.80
CA ARG A 267 78.36 -44.34 -9.13
C ARG A 267 79.83 -43.86 -9.07
N GLN A 268 80.11 -42.98 -8.11
CA GLN A 268 81.45 -42.44 -7.90
C GLN A 268 82.39 -43.46 -7.22
N LYS A 269 81.85 -44.27 -6.33
CA LYS A 269 82.63 -45.28 -5.62
C LYS A 269 83.29 -46.20 -6.61
N THR A 270 84.33 -46.91 -6.17
CA THR A 270 85.05 -47.82 -7.04
C THR A 270 84.68 -49.28 -6.83
N GLU A 271 84.99 -50.13 -7.81
CA GLU A 271 84.72 -51.55 -7.72
C GLU A 271 85.32 -52.14 -6.47
N GLU A 272 86.50 -51.66 -6.11
CA GLU A 272 87.17 -52.13 -4.92
C GLU A 272 86.40 -51.64 -3.70
N GLU A 273 85.94 -50.38 -3.74
CA GLU A 273 85.16 -49.79 -2.62
C GLU A 273 83.77 -50.42 -2.43
N LEU A 274 83.13 -50.80 -3.53
CA LEU A 274 81.83 -51.44 -3.43
C LEU A 274 82.05 -52.91 -3.07
N LEU A 275 83.20 -53.46 -3.45
CA LEU A 275 83.50 -54.86 -3.14
C LEU A 275 83.78 -54.97 -1.68
N GLU A 276 84.40 -53.94 -1.11
CA GLU A 276 84.70 -53.97 0.31
C GLU A 276 83.43 -53.73 1.09
N THR A 277 82.52 -52.96 0.49
CA THR A 277 81.24 -52.67 1.14
C THR A 277 80.38 -53.92 1.08
N THR A 278 80.48 -54.70 0.00
CA THR A 278 79.69 -55.94 -0.13
C THR A 278 80.07 -56.91 1.00
N LEU A 279 81.34 -56.90 1.40
CA LEU A 279 81.83 -57.77 2.47
C LEU A 279 81.56 -57.22 3.87
N LYS A 280 81.10 -55.98 3.96
CA LYS A 280 80.80 -55.40 5.25
C LYS A 280 79.33 -55.66 5.61
N MET A 281 78.46 -55.68 4.60
CA MET A 281 77.03 -55.92 4.84
C MET A 281 76.81 -57.35 5.36
N LYS A 282 77.69 -58.27 4.95
CA LYS A 282 77.65 -59.68 5.39
C LYS A 282 76.35 -60.36 4.95
N PHE A 283 76.13 -60.32 3.64
CA PHE A 283 74.94 -60.86 2.96
C PHE A 283 74.53 -62.30 2.79
N LEU A 284 75.41 -63.25 2.96
CA LEU A 284 74.97 -64.59 2.69
C LEU A 284 74.85 -65.30 4.01
N SER A 285 75.85 -65.04 4.84
CA SER A 285 75.98 -65.58 6.17
C SER A 285 74.79 -65.19 7.05
N LEU A 286 74.29 -66.18 7.78
CA LEU A 286 73.14 -66.03 8.68
C LEU A 286 73.61 -65.63 10.08
N ASP A 287 73.20 -64.44 10.51
CA ASP A 287 73.59 -63.95 11.83
C ASP A 287 72.98 -64.85 12.91
N LEU A 288 73.53 -64.79 14.12
CA LEU A 288 73.01 -65.61 15.21
C LEU A 288 72.18 -64.83 16.25
N GLN A 289 72.84 -64.00 17.05
CA GLN A 289 72.12 -63.21 18.05
C GLN A 289 71.39 -62.01 17.45
N GLY A 290 70.89 -61.15 18.31
CA GLY A 290 70.16 -59.98 17.85
C GLY A 290 68.76 -60.34 17.40
N ASP A 291 67.96 -59.32 17.11
CA ASP A 291 66.58 -59.48 16.66
C ASP A 291 66.57 -59.82 15.16
N PRO A 292 65.81 -60.86 14.76
CA PRO A 292 65.67 -61.33 13.38
C PRO A 292 65.23 -60.25 12.40
N ARG A 293 64.30 -59.39 12.82
CA ARG A 293 63.82 -58.30 11.96
C ARG A 293 64.94 -57.34 11.59
N GLU A 294 65.69 -56.86 12.58
CA GLU A 294 66.82 -55.93 12.36
C GLU A 294 67.87 -56.59 11.45
N SER A 295 67.94 -57.93 11.50
CA SER A 295 68.88 -58.70 10.69
C SER A 295 68.74 -58.38 9.20
N GLN A 296 69.84 -57.91 8.60
CA GLN A 296 69.84 -57.58 7.18
C GLN A 296 69.88 -58.86 6.37
N PRO A 297 68.78 -59.14 5.63
CA PRO A 297 68.60 -60.33 4.78
C PRO A 297 69.43 -60.32 3.50
N LEU A 298 69.04 -59.48 2.55
CA LEU A 298 69.77 -59.35 1.28
C LEU A 298 69.09 -58.42 0.27
N LEU A 299 69.73 -58.26 -0.88
CA LEU A 299 69.21 -57.44 -1.94
C LEU A 299 68.41 -58.38 -2.80
N GLY A 300 67.73 -57.86 -3.81
CA GLY A 300 66.97 -58.75 -4.65
C GLY A 300 65.93 -58.06 -5.49
N THR A 301 65.21 -58.88 -6.26
CA THR A 301 64.16 -58.42 -7.15
C THR A 301 63.31 -57.42 -6.41
N VAL A 302 62.72 -56.48 -7.10
CA VAL A 302 61.90 -55.50 -6.42
C VAL A 302 60.83 -55.05 -7.39
N ILE A 303 59.75 -54.44 -6.90
CA ILE A 303 58.70 -53.99 -7.78
C ILE A 303 59.09 -52.62 -8.24
N ASP A 304 59.57 -52.57 -9.48
CA ASP A 304 60.06 -51.34 -10.08
C ASP A 304 59.11 -50.62 -10.99
N GLY A 305 58.24 -51.39 -11.64
CA GLY A 305 57.28 -50.79 -12.55
C GLY A 305 57.73 -50.90 -13.99
N MET A 306 58.74 -51.73 -14.20
CA MET A 306 59.28 -51.99 -15.53
C MET A 306 59.33 -53.51 -15.63
N LEU A 307 60.30 -54.13 -14.98
CA LEU A 307 60.39 -55.58 -15.01
C LEU A 307 59.14 -56.19 -14.44
N LEU A 308 58.82 -55.85 -13.20
CA LEU A 308 57.62 -56.34 -12.55
C LEU A 308 56.75 -55.15 -12.21
N LEU A 309 55.48 -55.20 -12.59
CA LEU A 309 54.59 -54.08 -12.32
C LEU A 309 53.90 -54.24 -10.97
N LYS A 310 54.07 -55.40 -10.36
CA LYS A 310 53.49 -55.67 -9.04
C LYS A 310 53.97 -57.03 -8.53
N THR A 311 53.96 -57.22 -7.21
CA THR A 311 54.47 -58.45 -6.58
C THR A 311 54.10 -59.73 -7.32
N PRO A 312 55.02 -60.71 -7.34
CA PRO A 312 54.73 -61.98 -8.03
C PRO A 312 53.41 -62.60 -7.59
N GLU A 313 53.07 -62.39 -6.33
CA GLU A 313 51.82 -62.92 -5.75
C GLU A 313 50.60 -62.45 -6.55
N GLU A 314 50.43 -61.14 -6.67
CA GLU A 314 49.31 -60.55 -7.40
C GLU A 314 49.33 -61.02 -8.85
N LEU A 315 50.41 -60.70 -9.56
CA LEU A 315 50.58 -61.08 -10.97
C LEU A 315 50.00 -62.46 -11.31
N GLN A 316 50.36 -63.46 -10.51
CA GLN A 316 49.91 -64.83 -10.72
C GLN A 316 48.39 -64.99 -10.69
N ALA A 317 47.68 -63.89 -10.44
CA ALA A 317 46.22 -63.91 -10.38
C ALA A 317 45.56 -63.59 -11.72
N GLU A 318 46.34 -63.04 -12.65
CA GLU A 318 45.82 -62.69 -13.98
C GLU A 318 46.38 -63.60 -15.06
N ARG A 319 45.48 -64.12 -15.89
CA ARG A 319 45.88 -65.02 -16.97
C ARG A 319 45.80 -64.33 -18.34
N ASN A 320 45.29 -63.09 -18.33
CA ASN A 320 45.15 -62.30 -19.55
C ASN A 320 46.48 -62.15 -20.31
N PHE A 321 47.57 -62.49 -19.63
CA PHE A 321 48.92 -62.41 -20.20
C PHE A 321 49.26 -63.69 -20.96
N HIS A 322 50.19 -63.58 -21.90
CA HIS A 322 50.62 -64.73 -22.69
C HIS A 322 51.28 -65.75 -21.77
N THR A 323 51.19 -67.02 -22.15
CA THR A 323 51.73 -68.11 -21.34
C THR A 323 52.54 -69.11 -22.15
N VAL A 324 53.50 -69.77 -21.48
CA VAL A 324 54.38 -70.78 -22.10
C VAL A 324 54.62 -71.95 -21.17
N PRO A 325 54.96 -73.14 -21.70
CA PRO A 325 55.24 -74.34 -20.91
C PRO A 325 56.19 -74.00 -19.81
N TYR A 326 55.91 -74.46 -18.62
CA TYR A 326 56.75 -74.13 -17.50
C TYR A 326 57.03 -75.43 -16.81
N MET A 327 58.27 -75.63 -16.38
CA MET A 327 58.65 -76.84 -15.67
C MET A 327 59.26 -76.40 -14.36
N VAL A 328 58.56 -76.66 -13.26
CA VAL A 328 59.02 -76.28 -11.92
C VAL A 328 59.30 -77.50 -11.05
N GLY A 329 60.55 -77.68 -10.62
CA GLY A 329 60.82 -78.84 -9.80
C GLY A 329 61.64 -78.54 -8.57
N ILE A 330 61.62 -79.44 -7.59
CA ILE A 330 62.40 -79.26 -6.36
C ILE A 330 63.28 -80.46 -6.04
N ASN A 331 63.95 -80.42 -4.91
CA ASN A 331 64.80 -81.51 -4.47
C ASN A 331 64.39 -82.05 -3.12
N LYS A 332 64.36 -83.37 -3.02
CA LYS A 332 63.98 -84.07 -1.80
C LYS A 332 64.46 -83.37 -0.49
N GLN A 333 65.74 -83.10 -0.39
CA GLN A 333 66.30 -82.43 0.80
C GLN A 333 67.01 -81.10 0.46
N GLU A 334 66.21 -80.11 0.08
CA GLU A 334 66.75 -78.83 -0.32
C GLU A 334 67.68 -78.24 0.73
N PHE A 335 67.30 -78.39 1.99
CA PHE A 335 68.10 -77.81 3.06
C PHE A 335 68.92 -78.87 3.75
N GLY A 336 69.20 -79.94 3.01
CA GLY A 336 69.97 -81.06 3.52
C GLY A 336 71.36 -80.77 4.03
N TRP A 337 72.21 -80.16 3.22
CA TRP A 337 73.56 -79.88 3.66
C TRP A 337 74.19 -78.65 3.02
N LEU A 338 74.09 -78.56 1.69
CA LEU A 338 74.68 -77.47 0.92
C LEU A 338 74.45 -76.05 1.42
N ILE A 339 73.19 -75.65 1.57
CA ILE A 339 72.93 -74.30 2.03
C ILE A 339 73.49 -74.03 3.42
N PRO A 340 73.04 -74.77 4.43
CA PRO A 340 73.53 -74.57 5.79
C PRO A 340 75.05 -74.51 5.88
N MET A 341 75.70 -75.49 5.26
CA MET A 341 77.17 -75.59 5.23
C MET A 341 77.85 -74.24 4.95
N LEU A 342 77.18 -73.41 4.15
CA LEU A 342 77.70 -72.10 3.79
C LEU A 342 77.19 -71.04 4.76
N MET A 343 75.88 -71.02 4.99
CA MET A 343 75.28 -70.07 5.92
C MET A 343 75.72 -70.32 7.35
N SER A 344 76.59 -71.31 7.53
CA SER A 344 77.12 -71.64 8.86
C SER A 344 75.97 -71.81 9.86
N TYR A 345 75.02 -72.67 9.52
CA TYR A 345 73.87 -72.90 10.39
C TYR A 345 74.31 -73.63 11.66
N PRO A 346 73.70 -73.29 12.81
CA PRO A 346 73.93 -73.82 14.16
C PRO A 346 73.80 -75.34 14.31
N LEU A 347 73.93 -76.07 13.20
CA LEU A 347 73.83 -77.52 13.23
C LEU A 347 75.24 -78.10 13.39
N SER A 348 75.46 -78.82 14.50
CA SER A 348 76.77 -79.42 14.79
C SER A 348 76.69 -80.61 15.74
N GLU A 349 75.80 -80.51 16.74
CA GLU A 349 75.60 -81.56 17.73
C GLU A 349 74.88 -82.73 17.09
N GLY A 350 74.43 -82.50 15.86
CA GLY A 350 73.72 -83.54 15.12
C GLY A 350 72.37 -83.87 15.73
N GLN A 351 71.91 -82.99 16.62
CA GLN A 351 70.63 -83.15 17.31
C GLN A 351 70.05 -81.80 17.77
N LEU A 352 68.74 -81.67 17.65
CA LEU A 352 68.06 -80.44 18.04
C LEU A 352 66.79 -80.70 18.85
N ASP A 353 66.63 -79.94 19.93
CA ASP A 353 65.47 -80.08 20.81
C ASP A 353 64.36 -79.12 20.44
N GLN A 354 63.19 -79.32 21.04
CA GLN A 354 62.03 -78.49 20.77
C GLN A 354 62.24 -77.01 21.07
N LYS A 355 62.56 -76.68 22.32
CA LYS A 355 62.77 -75.29 22.73
C LYS A 355 63.78 -74.56 21.87
N THR A 356 64.89 -75.23 21.52
CA THR A 356 65.93 -74.63 20.70
C THR A 356 65.46 -74.43 19.27
N ALA A 357 64.85 -75.47 18.70
CA ALA A 357 64.34 -75.42 17.33
C ALA A 357 63.47 -74.18 17.08
N MET A 358 62.69 -73.77 18.08
CA MET A 358 61.83 -72.61 17.95
C MET A 358 62.69 -71.37 17.99
N SER A 359 63.70 -71.40 18.84
CA SER A 359 64.59 -70.27 18.98
C SER A 359 65.38 -70.08 17.68
N LEU A 360 65.87 -71.19 17.12
CA LEU A 360 66.65 -71.16 15.87
C LEU A 360 65.75 -70.75 14.70
N LEU A 361 64.64 -71.45 14.51
CA LEU A 361 63.74 -71.14 13.41
C LEU A 361 63.49 -69.64 13.34
N TRP A 362 63.29 -69.04 14.50
CA TRP A 362 63.05 -67.61 14.62
C TRP A 362 64.27 -66.84 14.13
N LYS A 363 65.45 -67.31 14.52
CA LYS A 363 66.69 -66.67 14.12
C LYS A 363 66.92 -66.87 12.60
N SER A 364 65.91 -67.40 11.91
CA SER A 364 66.04 -67.64 10.49
C SER A 364 64.93 -66.93 9.75
N TYR A 365 64.42 -65.87 10.38
CA TYR A 365 63.34 -65.07 9.81
C TYR A 365 63.69 -64.63 8.40
N PRO A 366 64.93 -64.15 8.19
CA PRO A 366 65.27 -63.72 6.83
C PRO A 366 65.21 -64.86 5.80
N LEU A 367 64.97 -66.08 6.27
CA LEU A 367 64.89 -67.24 5.39
C LEU A 367 63.51 -67.87 5.32
N VAL A 368 62.66 -67.56 6.29
CA VAL A 368 61.35 -68.14 6.27
C VAL A 368 60.22 -67.12 6.42
N CYS A 369 60.50 -66.06 7.18
CA CYS A 369 59.53 -64.98 7.45
C CYS A 369 58.29 -65.51 8.19
N ILE A 370 58.51 -65.96 9.42
CA ILE A 370 57.42 -66.48 10.22
C ILE A 370 57.41 -65.79 11.58
N ALA A 371 56.24 -65.36 12.02
CA ALA A 371 56.09 -64.68 13.30
C ALA A 371 56.42 -65.65 14.44
N LYS A 372 57.19 -65.18 15.42
CA LYS A 372 57.61 -66.00 16.56
C LYS A 372 56.45 -66.59 17.39
N GLU A 373 55.28 -65.98 17.29
CA GLU A 373 54.11 -66.45 18.03
C GLU A 373 53.47 -67.62 17.28
N LEU A 374 53.91 -67.83 16.04
CA LEU A 374 53.43 -68.91 15.19
C LEU A 374 54.35 -70.13 15.23
N ILE A 375 55.64 -69.85 15.34
CA ILE A 375 56.68 -70.87 15.40
C ILE A 375 56.18 -72.10 16.15
N PRO A 376 55.65 -71.90 17.38
CA PRO A 376 55.14 -73.03 18.18
C PRO A 376 54.18 -73.93 17.41
N GLU A 377 53.26 -73.31 16.67
CA GLU A 377 52.29 -74.05 15.91
C GLU A 377 52.98 -74.89 14.84
N ALA A 378 53.93 -74.28 14.14
CA ALA A 378 54.65 -74.97 13.07
C ALA A 378 55.56 -76.05 13.63
N THR A 379 56.44 -75.64 14.54
CA THR A 379 57.38 -76.56 15.13
C THR A 379 56.71 -77.82 15.67
N GLU A 380 55.38 -77.78 15.79
CA GLU A 380 54.63 -78.92 16.29
C GLU A 380 54.25 -79.87 15.16
N LYS A 381 53.70 -79.31 14.08
CA LYS A 381 53.29 -80.11 12.94
C LYS A 381 54.43 -80.94 12.37
N TYR A 382 55.64 -80.41 12.43
CA TYR A 382 56.82 -81.10 11.88
C TYR A 382 57.61 -81.90 12.90
N LEU A 383 58.02 -81.22 13.97
CA LEU A 383 58.79 -81.85 15.03
C LEU A 383 57.99 -82.52 16.15
N GLY A 384 56.67 -82.46 16.07
CA GLY A 384 55.82 -83.07 17.09
C GLY A 384 55.81 -84.60 17.07
N GLY A 385 56.45 -85.17 16.06
CA GLY A 385 56.51 -86.60 15.92
C GLY A 385 57.51 -87.26 16.85
N THR A 386 58.22 -88.26 16.34
CA THR A 386 59.18 -88.99 17.13
C THR A 386 59.92 -88.07 18.08
N ASP A 387 60.22 -88.56 19.27
CA ASP A 387 60.94 -87.76 20.23
C ASP A 387 62.41 -88.17 20.23
N ASP A 388 63.06 -88.01 19.08
CA ASP A 388 64.47 -88.33 18.94
C ASP A 388 65.23 -87.12 18.43
N THR A 389 66.16 -86.61 19.24
CA THR A 389 66.97 -85.44 18.88
C THR A 389 67.58 -85.48 17.48
N VAL A 390 67.87 -86.69 16.99
CA VAL A 390 68.44 -86.87 15.65
C VAL A 390 67.34 -86.65 14.62
N LYS A 391 66.24 -87.40 14.73
CA LYS A 391 65.14 -87.25 13.80
C LYS A 391 64.57 -85.82 13.79
N LYS A 392 64.91 -85.02 14.80
CA LYS A 392 64.47 -83.63 14.89
C LYS A 392 65.35 -82.79 13.93
N LYS A 393 66.66 -82.84 14.15
CA LYS A 393 67.63 -82.13 13.33
C LYS A 393 67.35 -82.39 11.85
N ASP A 394 66.85 -83.58 11.53
CA ASP A 394 66.52 -83.92 10.15
C ASP A 394 65.16 -83.36 9.78
N LEU A 395 64.25 -83.31 10.76
CA LEU A 395 62.92 -82.79 10.49
C LEU A 395 62.92 -81.29 10.42
N PHE A 396 63.70 -80.64 11.28
CA PHE A 396 63.78 -79.19 11.28
C PHE A 396 64.29 -78.72 9.93
N LEU A 397 65.08 -79.57 9.26
CA LEU A 397 65.61 -79.25 7.95
C LEU A 397 64.50 -79.41 6.92
N ASP A 398 63.85 -80.57 6.88
CA ASP A 398 62.76 -80.75 5.92
C ASP A 398 61.74 -79.64 6.11
N LEU A 399 61.80 -78.99 7.26
CA LEU A 399 60.90 -77.90 7.57
C LEU A 399 61.26 -76.69 6.72
N ILE A 400 62.54 -76.32 6.72
CA ILE A 400 63.00 -75.18 5.96
C ILE A 400 62.87 -75.46 4.47
N ALA A 401 63.21 -76.68 4.07
CA ALA A 401 63.10 -77.09 2.67
C ALA A 401 61.68 -76.93 2.10
N ASP A 402 60.69 -76.90 2.98
CA ASP A 402 59.31 -76.76 2.57
C ASP A 402 58.88 -75.31 2.47
N VAL A 403 59.31 -74.51 3.43
CA VAL A 403 58.97 -73.09 3.47
C VAL A 403 59.77 -72.30 2.48
N MET A 404 60.83 -72.90 1.96
CA MET A 404 61.63 -72.18 0.99
C MET A 404 61.22 -72.53 -0.42
N PHE A 405 61.38 -73.81 -0.77
CA PHE A 405 61.08 -74.31 -2.10
C PHE A 405 59.76 -75.06 -2.25
N GLY A 406 59.60 -76.13 -1.46
CA GLY A 406 58.38 -76.94 -1.49
C GLY A 406 57.07 -76.21 -1.74
N VAL A 407 56.49 -75.61 -0.70
CA VAL A 407 55.23 -74.89 -0.81
C VAL A 407 55.19 -73.83 -1.93
N PRO A 408 56.20 -72.92 -1.97
CA PRO A 408 56.30 -71.85 -2.97
C PRO A 408 56.30 -72.38 -4.38
N SER A 409 56.99 -73.50 -4.60
CA SER A 409 57.08 -74.11 -5.93
C SER A 409 55.74 -74.62 -6.38
N VAL A 410 55.14 -75.46 -5.56
CA VAL A 410 53.86 -76.01 -5.90
C VAL A 410 52.81 -74.92 -6.17
N ILE A 411 52.76 -73.90 -5.35
CA ILE A 411 51.78 -72.85 -5.59
C ILE A 411 52.01 -72.15 -6.94
N VAL A 412 53.29 -71.97 -7.29
CA VAL A 412 53.64 -71.33 -8.54
C VAL A 412 53.24 -72.25 -9.67
N ALA A 413 53.49 -73.54 -9.46
CA ALA A 413 53.18 -74.56 -10.44
C ALA A 413 51.67 -74.68 -10.55
N ARG A 414 50.96 -74.55 -9.45
CA ARG A 414 49.53 -74.68 -9.53
C ARG A 414 48.88 -73.50 -10.21
N ASN A 415 49.42 -72.31 -9.98
CA ASN A 415 48.85 -71.10 -10.55
C ASN A 415 49.08 -70.96 -12.05
N HIS A 416 50.11 -71.64 -12.54
CA HIS A 416 50.46 -71.65 -13.95
C HIS A 416 49.42 -72.54 -14.65
N ARG A 417 49.16 -73.70 -14.06
CA ARG A 417 48.18 -74.65 -14.58
C ARG A 417 46.84 -73.98 -14.68
N ASP A 418 46.51 -73.22 -13.65
CA ASP A 418 45.24 -72.52 -13.60
C ASP A 418 45.15 -71.48 -14.69
N ALA A 419 46.29 -71.03 -15.16
CA ALA A 419 46.33 -70.02 -16.22
C ALA A 419 45.96 -70.62 -17.56
N GLY A 420 46.08 -71.94 -17.67
CA GLY A 420 45.74 -72.64 -18.90
C GLY A 420 46.94 -73.05 -19.73
N ALA A 421 48.12 -73.04 -19.13
CA ALA A 421 49.34 -73.39 -19.86
C ALA A 421 50.00 -74.68 -19.41
N PRO A 422 50.63 -75.41 -20.34
CA PRO A 422 51.31 -76.66 -19.98
C PRO A 422 52.19 -76.50 -18.74
N THR A 423 52.05 -77.41 -17.80
CA THR A 423 52.89 -77.35 -16.59
C THR A 423 53.41 -78.78 -16.30
N TYR A 424 54.56 -78.87 -15.66
CA TYR A 424 55.14 -80.15 -15.34
C TYR A 424 55.98 -79.97 -14.09
N MET A 425 55.75 -80.75 -13.06
CA MET A 425 56.57 -80.62 -11.87
C MET A 425 57.49 -81.83 -11.69
N TYR A 426 58.45 -81.71 -10.80
CA TYR A 426 59.35 -82.81 -10.58
C TYR A 426 60.00 -82.71 -9.19
N GLU A 427 60.49 -83.85 -8.67
CA GLU A 427 61.14 -83.90 -7.39
C GLU A 427 62.36 -84.78 -7.55
N PHE A 428 63.54 -84.20 -7.35
CA PHE A 428 64.79 -84.95 -7.50
C PHE A 428 65.12 -85.71 -6.24
N GLN A 429 65.44 -87.00 -6.42
CA GLN A 429 65.76 -87.88 -5.31
C GLN A 429 67.00 -88.69 -5.60
N TYR A 430 68.15 -88.04 -5.64
CA TYR A 430 69.38 -88.77 -5.92
C TYR A 430 70.60 -88.05 -5.36
N ARG A 431 71.59 -88.80 -4.87
CA ARG A 431 72.81 -88.21 -4.30
C ARG A 431 73.99 -88.58 -5.15
N PRO A 432 74.45 -87.65 -6.00
CA PRO A 432 75.59 -87.87 -6.89
C PRO A 432 76.89 -88.23 -6.19
N SER A 433 77.78 -88.91 -6.90
CA SER A 433 79.04 -89.29 -6.31
C SER A 433 80.06 -88.16 -6.47
N PHE A 434 79.59 -86.98 -6.83
CA PHE A 434 80.47 -85.83 -7.03
C PHE A 434 80.49 -84.86 -5.85
N SER A 435 79.74 -85.20 -4.79
CA SER A 435 79.65 -84.38 -3.60
C SER A 435 80.97 -84.38 -2.82
N SER A 436 81.08 -83.46 -1.87
CA SER A 436 82.27 -83.33 -1.04
C SER A 436 82.43 -84.50 -0.11
N ASP A 437 83.40 -84.38 0.79
CA ASP A 437 83.65 -85.45 1.75
C ASP A 437 82.94 -85.08 3.04
N MET A 438 82.82 -83.79 3.30
CA MET A 438 82.16 -83.28 4.49
C MET A 438 80.64 -83.36 4.37
N LYS A 439 80.14 -84.16 3.43
CA LYS A 439 78.69 -84.32 3.21
C LYS A 439 78.17 -85.69 3.69
N PRO A 440 77.25 -85.70 4.66
CA PRO A 440 76.68 -86.94 5.18
C PRO A 440 76.09 -87.82 4.12
N LYS A 441 76.50 -89.07 4.15
CA LYS A 441 76.04 -90.05 3.18
C LYS A 441 74.60 -90.46 3.45
N THR A 442 73.84 -89.57 4.04
CA THR A 442 72.46 -89.87 4.33
C THR A 442 71.55 -88.82 3.70
N VAL A 443 72.13 -88.00 2.83
CA VAL A 443 71.37 -86.94 2.18
C VAL A 443 71.14 -87.25 0.70
N ILE A 444 69.91 -87.63 0.37
CA ILE A 444 69.54 -87.94 -0.99
C ILE A 444 68.70 -86.80 -1.55
N GLY A 445 69.26 -86.09 -2.53
CA GLY A 445 68.53 -84.98 -3.13
C GLY A 445 68.84 -83.66 -2.47
N ASP A 446 70.12 -83.36 -2.32
CA ASP A 446 70.57 -82.11 -1.70
C ASP A 446 70.37 -80.98 -2.70
N HIS A 447 70.55 -79.74 -2.24
CA HIS A 447 70.39 -78.55 -3.07
C HIS A 447 71.34 -78.63 -4.29
N GLY A 448 70.76 -78.42 -5.48
CA GLY A 448 71.55 -78.44 -6.72
C GLY A 448 72.05 -79.77 -7.27
N ASP A 449 71.79 -80.85 -6.54
CA ASP A 449 72.24 -82.18 -6.93
C ASP A 449 71.78 -82.60 -8.31
N GLU A 450 70.81 -81.87 -8.86
CA GLU A 450 70.34 -82.24 -10.18
C GLU A 450 71.32 -81.66 -11.17
N LEU A 451 72.00 -80.59 -10.77
CA LEU A 451 72.95 -79.94 -11.66
C LEU A 451 74.01 -80.88 -12.20
N PHE A 452 74.05 -82.12 -11.70
CA PHE A 452 75.05 -83.04 -12.21
C PHE A 452 74.43 -83.97 -13.24
N SER A 453 73.11 -84.10 -13.17
CA SER A 453 72.43 -84.95 -14.12
C SER A 453 71.87 -84.09 -15.24
N VAL A 454 72.03 -82.78 -15.10
CA VAL A 454 71.52 -81.89 -16.12
C VAL A 454 72.64 -81.43 -17.01
N PHE A 455 73.80 -81.18 -16.44
CA PHE A 455 74.87 -80.75 -17.32
C PHE A 455 75.82 -81.87 -17.68
N GLY A 456 75.33 -83.11 -17.57
CA GLY A 456 76.11 -84.28 -17.93
C GLY A 456 77.49 -84.37 -17.30
N ALA A 457 77.52 -84.22 -16.00
CA ALA A 457 78.76 -84.29 -15.28
C ALA A 457 79.38 -85.66 -15.46
N PRO A 458 78.55 -86.71 -15.44
CA PRO A 458 79.13 -88.05 -15.61
C PRO A 458 80.01 -88.21 -16.87
N PHE A 459 79.92 -87.25 -17.81
CA PHE A 459 80.69 -87.34 -19.04
C PHE A 459 81.82 -86.33 -19.09
N LEU A 460 82.08 -85.70 -17.96
CA LEU A 460 83.14 -84.71 -17.88
C LEU A 460 84.02 -85.02 -16.66
N LYS A 461 83.40 -85.55 -15.60
CA LYS A 461 84.13 -85.90 -14.38
C LYS A 461 84.41 -87.38 -14.40
N GLU A 462 85.24 -87.83 -13.46
CA GLU A 462 85.59 -89.25 -13.42
C GLU A 462 84.80 -90.04 -12.38
N GLY A 463 84.82 -91.36 -12.55
CA GLY A 463 84.15 -92.25 -11.61
C GLY A 463 82.73 -92.61 -11.92
N ALA A 464 81.95 -91.60 -12.29
CA ALA A 464 80.54 -91.80 -12.60
C ALA A 464 80.14 -93.26 -12.78
N SER A 465 79.24 -93.74 -11.94
CA SER A 465 78.78 -95.13 -12.03
C SER A 465 77.73 -95.23 -13.12
N GLU A 466 77.56 -96.41 -13.69
CA GLU A 466 76.59 -96.56 -14.77
C GLU A 466 75.23 -96.05 -14.39
N GLU A 467 74.83 -96.26 -13.14
CA GLU A 467 73.53 -95.83 -12.67
C GLU A 467 73.44 -94.32 -12.82
N GLU A 468 74.48 -93.64 -12.36
CA GLU A 468 74.63 -92.18 -12.38
C GLU A 468 74.81 -91.64 -13.79
N ILE A 469 75.25 -92.51 -14.68
CA ILE A 469 75.40 -92.16 -16.07
C ILE A 469 74.00 -92.28 -16.72
N ARG A 470 73.27 -93.36 -16.43
CA ARG A 470 71.94 -93.57 -16.98
C ARG A 470 70.98 -92.48 -16.51
N LEU A 471 71.18 -91.99 -15.29
CA LEU A 471 70.30 -90.95 -14.77
C LEU A 471 70.48 -89.69 -15.57
N SER A 472 71.72 -89.20 -15.61
CA SER A 472 72.06 -88.00 -16.34
C SER A 472 71.56 -88.01 -17.78
N LYS A 473 71.79 -89.10 -18.50
CA LYS A 473 71.37 -89.20 -19.89
C LYS A 473 69.85 -89.04 -20.02
N MET A 474 69.14 -89.46 -18.98
CA MET A 474 67.68 -89.37 -18.92
C MET A 474 67.15 -87.96 -18.67
N VAL A 475 67.76 -87.23 -17.74
CA VAL A 475 67.34 -85.84 -17.46
C VAL A 475 67.61 -84.99 -18.72
N MET A 476 68.84 -85.05 -19.22
CA MET A 476 69.18 -84.30 -20.40
C MET A 476 68.20 -84.60 -21.52
N LYS A 477 67.61 -85.78 -21.52
CA LYS A 477 66.65 -86.12 -22.55
C LYS A 477 65.36 -85.38 -22.26
N PHE A 478 64.90 -85.51 -21.03
CA PHE A 478 63.69 -84.82 -20.65
C PHE A 478 63.84 -83.35 -20.86
N TRP A 479 64.94 -82.80 -20.37
CA TRP A 479 65.14 -81.38 -20.48
C TRP A 479 65.15 -80.95 -21.95
N ALA A 480 66.03 -81.52 -22.75
CA ALA A 480 66.07 -81.15 -24.15
C ALA A 480 64.68 -81.32 -24.79
N ASN A 481 64.05 -82.46 -24.54
CA ASN A 481 62.71 -82.73 -25.06
C ASN A 481 61.71 -81.63 -24.71
N PHE A 482 61.76 -81.17 -23.47
CA PHE A 482 60.88 -80.11 -23.01
C PHE A 482 61.17 -78.86 -23.84
N ALA A 483 62.45 -78.56 -23.95
CA ALA A 483 62.95 -77.41 -24.71
C ALA A 483 62.55 -77.42 -26.19
N ARG A 484 62.48 -78.63 -26.75
CA ARG A 484 62.13 -78.80 -28.14
C ARG A 484 60.64 -78.65 -28.35
N ASN A 485 59.88 -79.59 -27.79
CA ASN A 485 58.42 -79.62 -27.94
C ASN A 485 57.59 -79.04 -26.78
N GLY A 486 58.26 -78.57 -25.72
CA GLY A 486 57.53 -78.03 -24.58
C GLY A 486 56.94 -79.16 -23.73
N ASN A 487 57.30 -80.39 -24.06
CA ASN A 487 56.83 -81.58 -23.35
C ASN A 487 58.10 -82.38 -23.12
N PRO A 488 58.34 -82.79 -21.87
CA PRO A 488 59.54 -83.56 -21.52
C PRO A 488 59.56 -84.96 -22.12
N ASN A 489 58.39 -85.46 -22.45
CA ASN A 489 58.31 -86.80 -22.98
C ASN A 489 58.95 -87.12 -24.30
N GLY A 490 59.15 -88.42 -24.50
CA GLY A 490 59.77 -88.93 -25.70
C GLY A 490 59.99 -90.44 -25.62
N GLU A 491 60.75 -90.95 -26.59
CA GLU A 491 61.07 -92.36 -26.68
C GLU A 491 62.00 -92.77 -25.56
N GLY A 492 61.85 -94.01 -25.12
CA GLY A 492 62.71 -94.54 -24.07
C GLY A 492 62.73 -93.74 -22.78
N LEU A 493 61.59 -93.15 -22.45
CA LEU A 493 61.48 -92.34 -21.26
C LEU A 493 60.22 -92.64 -20.48
N PRO A 494 60.32 -92.76 -19.15
CA PRO A 494 59.15 -93.03 -18.31
C PRO A 494 58.11 -91.94 -18.65
N HIS A 495 56.86 -92.11 -18.22
CA HIS A 495 55.90 -91.08 -18.54
C HIS A 495 55.91 -89.99 -17.48
N TRP A 496 55.89 -88.75 -17.94
CA TRP A 496 55.93 -87.62 -17.06
C TRP A 496 54.61 -86.92 -17.32
N PRO A 497 53.64 -87.09 -16.45
CA PRO A 497 52.33 -86.46 -16.59
C PRO A 497 52.36 -84.97 -16.39
N GLU A 498 51.45 -84.30 -17.08
CA GLU A 498 51.33 -82.85 -16.98
C GLU A 498 50.71 -82.47 -15.63
N TYR A 499 51.25 -81.46 -14.97
CA TYR A 499 50.71 -81.02 -13.70
C TYR A 499 49.32 -80.46 -13.95
N ASN A 500 48.38 -81.32 -14.30
CA ASN A 500 46.99 -80.94 -14.57
C ASN A 500 46.11 -80.96 -13.32
N GLN A 501 44.84 -81.28 -13.45
CA GLN A 501 43.96 -81.29 -12.28
C GLN A 501 44.30 -82.40 -11.31
N LYS A 502 44.71 -83.56 -11.82
CA LYS A 502 45.08 -84.72 -10.98
C LYS A 502 46.38 -84.45 -10.25
N GLU A 503 47.02 -83.33 -10.58
CA GLU A 503 48.28 -82.91 -9.98
C GLU A 503 49.37 -83.95 -10.00
N GLY A 504 49.78 -84.39 -11.17
CA GLY A 504 50.83 -85.39 -11.27
C GLY A 504 52.24 -84.84 -11.49
N TYR A 505 53.22 -85.48 -10.87
CA TYR A 505 54.58 -85.02 -11.00
C TYR A 505 55.50 -86.20 -11.16
N LEU A 506 56.78 -85.94 -11.40
CA LEU A 506 57.74 -87.02 -11.57
C LEU A 506 58.79 -87.08 -10.45
N GLN A 507 59.11 -88.30 -10.03
CA GLN A 507 60.08 -88.52 -8.98
C GLN A 507 61.33 -89.04 -9.64
N ILE A 508 62.18 -88.13 -10.09
CA ILE A 508 63.41 -88.52 -10.73
C ILE A 508 64.43 -89.04 -9.74
N GLY A 509 65.04 -90.18 -10.06
CA GLY A 509 66.03 -90.75 -9.19
C GLY A 509 66.58 -92.02 -9.76
N ALA A 510 67.20 -92.84 -8.90
CA ALA A 510 67.76 -94.11 -9.38
C ALA A 510 66.65 -94.80 -10.15
N ASN A 511 65.50 -94.95 -9.50
CA ASN A 511 64.34 -95.57 -10.11
C ASN A 511 63.29 -94.47 -10.26
N THR A 512 63.13 -93.94 -11.47
CA THR A 512 62.16 -92.87 -11.68
C THR A 512 60.77 -93.31 -12.08
N GLN A 513 59.78 -92.63 -11.53
CA GLN A 513 58.39 -92.94 -11.86
C GLN A 513 57.45 -91.81 -11.42
N ALA A 514 56.27 -91.74 -12.03
CA ALA A 514 55.30 -90.70 -11.73
C ALA A 514 54.51 -90.95 -10.45
N ALA A 515 54.07 -89.86 -9.81
CA ALA A 515 53.29 -89.91 -8.57
C ALA A 515 52.16 -88.93 -8.68
N GLN A 516 51.75 -88.36 -7.55
CA GLN A 516 50.65 -87.39 -7.50
C GLN A 516 50.64 -86.50 -6.25
N LYS A 517 49.98 -85.35 -6.40
CA LYS A 517 49.86 -84.35 -5.34
C LYS A 517 51.11 -84.24 -4.49
N LEU A 518 52.14 -83.68 -5.12
CA LEU A 518 53.43 -83.45 -4.50
C LEU A 518 53.27 -82.35 -3.46
N LYS A 519 53.81 -82.59 -2.27
CA LYS A 519 53.74 -81.61 -1.19
C LYS A 519 52.36 -80.96 -1.07
N ASP A 520 51.33 -81.66 -1.54
CA ASP A 520 49.97 -81.14 -1.46
C ASP A 520 49.53 -80.93 -0.01
N LYS A 521 50.04 -81.78 0.88
CA LYS A 521 49.69 -81.69 2.30
C LYS A 521 50.26 -80.42 2.96
N GLU A 522 51.58 -80.27 2.94
CA GLU A 522 52.26 -79.13 3.56
C GLU A 522 51.74 -77.80 3.02
N VAL A 523 51.52 -77.75 1.71
CA VAL A 523 51.02 -76.53 1.08
C VAL A 523 49.75 -76.12 1.80
N ALA A 524 48.78 -77.02 1.77
CA ALA A 524 47.50 -76.80 2.41
C ALA A 524 47.67 -76.30 3.85
N PHE A 525 48.65 -76.88 4.53
CA PHE A 525 48.92 -76.51 5.90
C PHE A 525 49.53 -75.13 6.00
N TRP A 526 50.69 -74.95 5.35
CA TRP A 526 51.38 -73.68 5.38
C TRP A 526 50.54 -72.54 4.90
N THR A 527 49.64 -72.81 3.97
CA THR A 527 48.78 -71.75 3.47
C THR A 527 47.88 -71.29 4.60
N ASN A 528 47.54 -72.22 5.50
CA ASN A 528 46.69 -71.90 6.64
C ASN A 528 47.39 -71.19 7.80
N LEU A 529 48.45 -71.82 8.28
CA LEU A 529 49.14 -71.23 9.39
C LEU A 529 49.38 -69.54 9.02
N PHE A 530 49.59 -69.39 7.71
CA PHE A 530 49.83 -68.00 7.30
C PHE A 530 48.57 -67.13 7.42
N ALA A 531 47.55 -67.65 8.11
CA ALA A 531 46.31 -66.90 8.31
C ALA A 531 46.61 -65.65 9.18
N LYS A 532 47.26 -65.89 10.32
CA LYS A 532 47.66 -64.84 11.28
C LYS A 532 46.45 -64.23 12.02
N SER B 1 91.48 1.06 -38.29
CA SER B 1 90.60 0.09 -39.00
C SER B 1 89.71 -0.66 -38.01
N SER B 2 88.93 -1.60 -38.55
CA SER B 2 88.04 -2.42 -37.74
C SER B 2 88.41 -3.89 -37.93
N PRO B 3 88.77 -4.56 -36.83
CA PRO B 3 89.15 -5.97 -36.88
C PRO B 3 88.20 -6.78 -37.77
N PRO B 4 88.88 -7.77 -38.37
CA PRO B 4 88.14 -8.39 -39.54
C PRO B 4 87.03 -9.42 -38.67
N VAL B 5 85.78 -9.49 -39.06
CA VAL B 5 84.80 -10.31 -38.38
C VAL B 5 84.11 -11.19 -39.39
N VAL B 6 84.59 -12.43 -39.52
CA VAL B 6 84.02 -13.40 -40.45
C VAL B 6 82.95 -14.22 -39.79
N ASP B 7 81.85 -14.40 -40.51
CA ASP B 7 80.69 -15.15 -40.04
C ASP B 7 80.84 -16.64 -40.40
N THR B 8 80.78 -17.50 -39.37
CA THR B 8 80.89 -18.94 -39.59
C THR B 8 79.64 -19.66 -39.11
N VAL B 9 79.58 -20.95 -39.45
CA VAL B 9 78.47 -21.83 -39.10
C VAL B 9 78.17 -21.82 -37.60
N HIS B 10 79.22 -21.95 -36.79
CA HIS B 10 79.06 -21.97 -35.34
C HIS B 10 79.00 -20.60 -34.72
N GLY B 11 79.31 -19.56 -35.49
CA GLY B 11 79.27 -18.21 -34.97
C GLY B 11 80.25 -17.25 -35.61
N LYS B 12 80.22 -15.97 -35.19
CA LYS B 12 81.09 -14.93 -35.73
C LYS B 12 82.46 -14.89 -35.08
N VAL B 13 83.50 -15.04 -35.89
CA VAL B 13 84.86 -15.04 -35.40
C VAL B 13 85.50 -13.68 -35.59
N LEU B 14 86.47 -13.34 -34.74
CA LEU B 14 87.16 -12.06 -34.86
C LEU B 14 88.68 -12.25 -34.90
N GLY B 15 89.33 -11.68 -35.91
CA GLY B 15 90.78 -11.79 -36.03
C GLY B 15 91.49 -10.44 -35.93
N LYS B 16 92.72 -10.39 -36.46
CA LYS B 16 93.50 -9.17 -36.48
C LYS B 16 94.21 -9.04 -37.82
N PHE B 17 94.26 -7.82 -38.33
CA PHE B 17 94.89 -7.53 -39.61
C PHE B 17 96.37 -7.41 -39.46
N VAL B 18 97.11 -8.03 -40.36
CA VAL B 18 98.56 -7.98 -40.33
C VAL B 18 99.10 -7.70 -41.74
N SER B 19 99.68 -6.51 -41.90
CA SER B 19 100.23 -6.09 -43.18
C SER B 19 101.66 -6.60 -43.32
N LEU B 20 101.98 -7.15 -44.49
CA LEU B 20 103.32 -7.65 -44.72
C LEU B 20 104.12 -6.73 -45.61
N GLU B 21 105.42 -6.72 -45.39
CA GLU B 21 106.33 -5.90 -46.17
C GLU B 21 106.22 -6.22 -47.68
N GLY B 22 105.85 -5.21 -48.46
CA GLY B 22 105.76 -5.40 -49.89
C GLY B 22 104.38 -5.66 -50.43
N PHE B 23 103.35 -5.52 -49.59
CA PHE B 23 101.98 -5.77 -50.05
C PHE B 23 101.05 -4.65 -49.66
N ALA B 24 99.89 -4.60 -50.31
CA ALA B 24 98.89 -3.58 -50.01
C ALA B 24 97.89 -4.10 -48.99
N GLN B 25 96.93 -4.87 -49.49
CA GLN B 25 95.89 -5.49 -48.66
C GLN B 25 96.51 -6.40 -47.60
N PRO B 26 96.39 -6.02 -46.32
CA PRO B 26 96.94 -6.83 -45.22
C PRO B 26 96.28 -8.21 -45.18
N VAL B 27 96.83 -9.12 -44.38
CA VAL B 27 96.25 -10.45 -44.28
C VAL B 27 95.46 -10.55 -42.99
N ALA B 28 94.25 -11.10 -43.05
CA ALA B 28 93.41 -11.26 -41.87
C ALA B 28 93.85 -12.55 -41.20
N ILE B 29 94.34 -12.44 -39.97
CA ILE B 29 94.80 -13.60 -39.23
C ILE B 29 93.87 -14.01 -38.11
N PHE B 30 93.48 -15.29 -38.10
CA PHE B 30 92.62 -15.83 -37.05
C PHE B 30 93.33 -16.95 -36.29
N LEU B 31 93.54 -16.74 -34.98
CA LEU B 31 94.22 -17.70 -34.14
C LEU B 31 93.34 -18.30 -33.07
N GLY B 32 93.19 -19.62 -33.05
CA GLY B 32 92.38 -20.26 -32.03
C GLY B 32 90.92 -20.59 -32.30
N ILE B 33 90.58 -20.78 -33.56
CA ILE B 33 89.21 -21.10 -33.90
C ILE B 33 88.97 -22.57 -33.58
N PRO B 34 88.06 -22.88 -32.66
CA PRO B 34 87.78 -24.29 -32.32
C PRO B 34 87.15 -25.07 -33.47
N PHE B 35 87.55 -26.31 -33.71
CA PHE B 35 86.91 -27.06 -34.80
C PHE B 35 86.30 -28.37 -34.35
N ALA B 36 86.20 -28.53 -33.04
CA ALA B 36 85.65 -29.73 -32.48
C ALA B 36 85.56 -29.57 -30.98
N LYS B 37 84.50 -30.14 -30.38
CA LYS B 37 84.26 -30.09 -28.95
C LYS B 37 85.47 -30.59 -28.18
N PRO B 38 85.96 -29.79 -27.22
CA PRO B 38 87.12 -30.11 -26.38
C PRO B 38 87.04 -31.55 -25.95
N PRO B 39 88.03 -32.41 -26.32
CA PRO B 39 88.05 -33.84 -25.96
C PRO B 39 88.41 -34.19 -24.49
N LEU B 40 87.63 -33.63 -23.55
CA LEU B 40 87.81 -33.83 -22.11
C LEU B 40 86.85 -34.84 -21.48
N GLY B 41 87.35 -35.51 -20.44
CA GLY B 41 86.53 -36.48 -19.75
C GLY B 41 86.22 -37.66 -20.64
N PRO B 42 84.95 -38.10 -20.67
CA PRO B 42 84.45 -39.22 -21.46
C PRO B 42 84.77 -39.12 -22.93
N LEU B 43 85.30 -37.98 -23.33
CA LEU B 43 85.65 -37.77 -24.72
C LEU B 43 87.13 -38.04 -24.96
N ARG B 44 87.78 -38.69 -24.02
CA ARG B 44 89.20 -39.03 -24.16
C ARG B 44 89.26 -40.40 -24.81
N PHE B 45 90.04 -40.51 -25.89
CA PHE B 45 90.17 -41.76 -26.64
C PHE B 45 88.90 -42.03 -27.43
N THR B 46 88.31 -40.98 -28.00
CA THR B 46 87.10 -41.11 -28.81
C THR B 46 87.14 -40.10 -29.91
N PRO B 47 86.40 -40.34 -31.00
CA PRO B 47 86.34 -39.44 -32.14
C PRO B 47 85.89 -38.03 -31.73
N PRO B 48 86.41 -36.99 -32.41
CA PRO B 48 86.05 -35.60 -32.07
C PRO B 48 84.60 -35.26 -32.39
N GLN B 49 83.95 -34.61 -31.44
CA GLN B 49 82.55 -34.23 -31.60
C GLN B 49 82.45 -32.79 -32.08
N PRO B 50 81.38 -32.44 -32.80
CA PRO B 50 81.20 -31.07 -33.30
C PRO B 50 81.16 -30.12 -32.12
N ALA B 51 81.74 -28.93 -32.30
CA ALA B 51 81.80 -27.90 -31.25
C ALA B 51 80.52 -27.09 -31.08
N GLU B 52 80.18 -26.76 -29.84
CA GLU B 52 78.98 -25.99 -29.61
C GLU B 52 79.16 -24.59 -30.17
N PRO B 53 78.10 -24.03 -30.77
CA PRO B 53 78.13 -22.69 -31.35
C PRO B 53 78.11 -21.62 -30.27
N TRP B 54 78.53 -20.40 -30.63
CA TRP B 54 78.55 -19.33 -29.67
C TRP B 54 77.56 -18.21 -29.98
N SER B 55 77.09 -17.57 -28.93
CA SER B 55 76.11 -16.49 -28.99
C SER B 55 76.58 -15.13 -29.51
N PHE B 56 77.81 -14.72 -29.22
CA PHE B 56 78.19 -13.41 -29.71
C PHE B 56 79.31 -13.48 -30.78
N VAL B 57 80.34 -12.62 -30.63
CA VAL B 57 81.51 -12.58 -31.46
C VAL B 57 82.80 -13.16 -30.77
N LYS B 58 83.17 -14.37 -31.10
CA LYS B 58 84.38 -14.92 -30.47
C LYS B 58 85.69 -14.23 -30.90
N ASN B 59 86.32 -13.52 -29.96
CA ASN B 59 87.58 -12.83 -30.23
C ASN B 59 88.79 -13.75 -30.37
N ALA B 60 88.76 -14.64 -31.37
CA ALA B 60 89.86 -15.58 -31.63
C ALA B 60 91.14 -14.85 -32.04
N THR B 61 91.81 -14.24 -31.07
CA THR B 61 93.01 -13.48 -31.34
C THR B 61 94.20 -13.84 -30.46
N SER B 62 94.20 -15.06 -29.97
CA SER B 62 95.30 -15.54 -29.14
C SER B 62 95.66 -16.95 -29.52
N TYR B 63 96.94 -17.24 -29.37
CA TYR B 63 97.46 -18.54 -29.69
C TYR B 63 96.87 -19.64 -28.80
N PRO B 64 96.21 -20.64 -29.42
CA PRO B 64 95.60 -21.75 -28.71
C PRO B 64 96.70 -22.64 -28.20
N PRO B 65 96.45 -23.31 -27.07
CA PRO B 65 97.35 -24.23 -26.38
C PRO B 65 97.76 -25.39 -27.28
N MET B 66 98.86 -26.03 -26.96
CA MET B 66 99.27 -27.16 -27.76
C MET B 66 98.84 -28.40 -27.00
N CYS B 67 98.40 -29.43 -27.71
CA CYS B 67 97.99 -30.64 -27.02
C CYS B 67 99.08 -31.09 -26.07
N THR B 68 98.65 -31.71 -24.99
CA THR B 68 99.58 -32.16 -23.98
C THR B 68 100.76 -32.94 -24.56
N GLN B 69 101.95 -32.60 -24.14
CA GLN B 69 103.12 -33.26 -24.66
C GLN B 69 104.29 -32.98 -23.75
N ASP B 70 105.47 -33.44 -24.15
CA ASP B 70 106.67 -33.20 -23.37
C ASP B 70 107.04 -31.74 -23.53
N PRO B 71 106.65 -30.89 -22.58
CA PRO B 71 106.96 -29.46 -22.65
C PRO B 71 108.37 -29.04 -23.06
N LYS B 72 109.39 -29.80 -22.65
CA LYS B 72 110.75 -29.44 -23.01
C LYS B 72 111.03 -29.85 -24.43
N ALA B 73 110.50 -31.00 -24.84
CA ALA B 73 110.68 -31.49 -26.22
C ALA B 73 109.90 -30.59 -27.19
N GLY B 74 108.66 -30.31 -26.81
CA GLY B 74 107.80 -29.48 -27.63
C GLY B 74 108.33 -28.09 -27.84
N GLN B 75 108.89 -27.49 -26.80
CA GLN B 75 109.43 -26.13 -26.92
C GLN B 75 110.67 -26.17 -27.79
N LEU B 76 111.44 -27.26 -27.64
CA LEU B 76 112.67 -27.44 -28.40
C LEU B 76 112.35 -27.57 -29.85
N LEU B 77 111.44 -28.47 -30.16
CA LEU B 77 111.07 -28.69 -31.55
C LEU B 77 110.46 -27.42 -32.15
N SER B 78 109.69 -26.70 -31.34
CA SER B 78 109.03 -25.48 -31.80
C SER B 78 110.04 -24.42 -32.15
N GLU B 79 111.20 -24.50 -31.52
CA GLU B 79 112.28 -23.55 -31.76
C GLU B 79 113.10 -23.90 -33.01
N LEU B 80 113.08 -25.17 -33.41
CA LEU B 80 113.83 -25.58 -34.57
C LEU B 80 113.02 -25.56 -35.84
N PHE B 81 111.69 -25.46 -35.74
CA PHE B 81 110.85 -25.45 -36.95
C PHE B 81 110.15 -24.12 -37.25
N THR B 82 110.01 -23.29 -36.23
CA THR B 82 109.36 -22.01 -36.42
C THR B 82 109.95 -21.28 -37.60
N ASN B 83 109.21 -20.35 -38.14
CA ASN B 83 109.72 -19.58 -39.24
C ASN B 83 109.62 -18.12 -38.88
N ARG B 84 108.85 -17.79 -37.84
CA ARG B 84 108.69 -16.40 -37.43
C ARG B 84 109.92 -15.85 -36.69
N LYS B 85 109.93 -14.55 -36.43
CA LYS B 85 111.06 -13.90 -35.74
C LYS B 85 111.49 -14.63 -34.50
N GLU B 86 110.73 -14.44 -33.43
CA GLU B 86 111.02 -15.09 -32.17
C GLU B 86 110.03 -16.23 -32.00
N ASN B 87 110.44 -17.27 -31.28
CA ASN B 87 109.54 -18.39 -31.07
C ASN B 87 108.51 -17.97 -30.07
N ILE B 88 107.32 -18.57 -30.16
CA ILE B 88 106.22 -18.26 -29.24
C ILE B 88 106.04 -19.27 -28.13
N PRO B 89 105.98 -18.79 -26.89
CA PRO B 89 105.81 -19.68 -25.73
C PRO B 89 104.37 -20.19 -25.67
N LEU B 90 104.21 -21.51 -25.61
CA LEU B 90 102.88 -22.04 -25.56
C LEU B 90 102.58 -22.83 -24.29
N LYS B 91 101.29 -23.07 -24.08
CA LYS B 91 100.80 -23.80 -22.92
C LYS B 91 100.24 -25.17 -23.34
N LEU B 92 100.12 -26.08 -22.38
CA LEU B 92 99.63 -27.41 -22.68
C LEU B 92 98.26 -27.58 -22.09
N SER B 93 97.42 -28.33 -22.78
CA SER B 93 96.09 -28.59 -22.27
C SER B 93 95.41 -29.58 -23.16
N GLU B 94 94.47 -30.33 -22.59
CA GLU B 94 93.74 -31.34 -23.34
C GLU B 94 92.88 -30.65 -24.39
N ASP B 95 92.47 -29.43 -24.07
CA ASP B 95 91.65 -28.61 -24.97
C ASP B 95 92.58 -27.94 -25.97
N CYS B 96 92.81 -28.63 -27.09
CA CYS B 96 93.73 -28.12 -28.09
C CYS B 96 93.25 -28.38 -29.51
N LEU B 97 92.04 -28.86 -29.68
CA LEU B 97 91.57 -29.09 -31.02
C LEU B 97 91.24 -27.79 -31.70
N TYR B 98 92.26 -27.02 -32.07
CA TYR B 98 92.04 -25.75 -32.73
C TYR B 98 92.71 -25.65 -34.09
N LEU B 99 92.77 -24.44 -34.62
CA LEU B 99 93.43 -24.18 -35.89
C LEU B 99 93.56 -22.67 -36.12
N ASN B 100 94.40 -22.32 -37.09
CA ASN B 100 94.63 -20.94 -37.45
C ASN B 100 94.48 -20.73 -38.94
N ILE B 101 93.94 -19.56 -39.31
CA ILE B 101 93.72 -19.18 -40.71
C ILE B 101 94.41 -17.87 -41.07
N TYR B 102 95.12 -17.89 -42.20
CA TYR B 102 95.86 -16.73 -42.68
C TYR B 102 95.33 -16.46 -44.09
N THR B 103 94.19 -15.76 -44.20
CA THR B 103 93.64 -15.47 -45.51
C THR B 103 94.05 -14.09 -46.00
N PRO B 104 94.61 -14.03 -47.23
CA PRO B 104 95.04 -12.74 -47.78
C PRO B 104 93.96 -12.23 -48.72
N ALA B 105 92.74 -12.71 -48.52
CA ALA B 105 91.62 -12.30 -49.37
C ALA B 105 90.98 -11.00 -48.90
N ASP B 106 90.07 -10.46 -49.72
CA ASP B 106 89.36 -9.23 -49.38
C ASP B 106 87.95 -9.59 -48.96
N LEU B 107 87.82 -9.99 -47.71
CA LEU B 107 86.57 -10.43 -47.10
C LEU B 107 85.35 -9.63 -47.46
N THR B 108 85.55 -8.33 -47.72
CA THR B 108 84.46 -7.42 -48.06
C THR B 108 83.69 -7.95 -49.27
N LYS B 109 84.45 -8.40 -50.26
CA LYS B 109 83.87 -8.95 -51.48
C LYS B 109 84.21 -10.43 -51.64
N LYS B 110 83.21 -11.21 -52.04
CA LYS B 110 83.34 -12.66 -52.25
C LYS B 110 84.65 -13.01 -52.92
N ASN B 111 85.30 -14.04 -52.39
CA ASN B 111 86.58 -14.52 -52.90
C ASN B 111 86.52 -16.02 -52.89
N ARG B 112 87.42 -16.66 -53.62
CA ARG B 112 87.43 -18.10 -53.67
C ARG B 112 88.84 -18.60 -53.91
N LEU B 113 89.74 -18.32 -52.96
CA LEU B 113 91.15 -18.72 -53.05
C LEU B 113 91.40 -20.17 -52.67
N PRO B 114 92.49 -20.77 -53.19
CA PRO B 114 92.81 -22.15 -52.88
C PRO B 114 93.23 -22.21 -51.43
N VAL B 115 92.99 -23.34 -50.77
CA VAL B 115 93.37 -23.43 -49.38
C VAL B 115 94.49 -24.43 -49.20
N MET B 116 95.31 -24.18 -48.18
CA MET B 116 96.41 -25.07 -47.90
C MET B 116 96.51 -25.40 -46.41
N VAL B 117 95.90 -26.53 -46.01
CA VAL B 117 95.90 -26.98 -44.63
C VAL B 117 97.22 -27.61 -44.32
N TRP B 118 97.86 -27.18 -43.25
CA TRP B 118 99.15 -27.71 -42.88
C TRP B 118 99.11 -28.65 -41.68
N ILE B 119 99.56 -29.89 -41.88
CA ILE B 119 99.58 -30.83 -40.77
C ILE B 119 101.01 -30.90 -40.22
N HIS B 120 101.27 -30.29 -39.08
CA HIS B 120 102.63 -30.30 -38.53
C HIS B 120 103.07 -31.69 -38.14
N GLY B 121 104.39 -31.89 -38.12
CA GLY B 121 104.95 -33.17 -37.76
C GLY B 121 105.32 -33.16 -36.30
N GLY B 122 106.23 -34.04 -35.89
CA GLY B 122 106.60 -34.11 -34.49
C GLY B 122 106.32 -35.49 -33.93
N GLY B 123 106.56 -36.51 -34.79
CA GLY B 123 106.40 -37.94 -34.50
C GLY B 123 105.12 -38.36 -33.83
N LEU B 124 104.09 -37.54 -33.97
CA LEU B 124 102.80 -37.81 -33.34
C LEU B 124 102.94 -37.78 -31.83
N MET B 125 104.07 -37.29 -31.34
CA MET B 125 104.31 -37.24 -29.91
C MET B 125 104.37 -35.83 -29.39
N VAL B 126 104.83 -34.92 -30.25
CA VAL B 126 104.97 -33.50 -29.88
C VAL B 126 104.63 -32.61 -31.07
N GLY B 127 104.64 -31.30 -30.84
CA GLY B 127 104.35 -30.37 -31.91
C GLY B 127 103.12 -29.54 -31.66
N ALA B 128 102.91 -28.51 -32.49
CA ALA B 128 101.76 -27.62 -32.36
C ALA B 128 101.50 -26.94 -33.70
N ALA B 129 100.52 -26.04 -33.75
CA ALA B 129 100.23 -25.37 -35.02
C ALA B 129 100.78 -23.96 -35.08
N SER B 130 100.50 -23.19 -34.03
CA SER B 130 100.96 -21.81 -33.95
C SER B 130 102.42 -21.67 -34.36
N THR B 131 103.20 -22.73 -34.14
CA THR B 131 104.62 -22.70 -34.51
C THR B 131 104.81 -22.27 -35.96
N TYR B 132 103.86 -22.59 -36.83
CA TYR B 132 103.98 -22.23 -38.23
C TYR B 132 103.11 -21.06 -38.60
N ASP B 133 103.76 -20.02 -39.09
CA ASP B 133 103.10 -18.80 -39.52
C ASP B 133 102.95 -18.77 -41.03
N GLY B 134 101.71 -18.58 -41.49
CA GLY B 134 101.48 -18.56 -42.93
C GLY B 134 101.57 -17.20 -43.58
N LEU B 135 101.54 -16.14 -42.76
CA LEU B 135 101.59 -14.76 -43.26
C LEU B 135 102.31 -14.57 -44.56
N ALA B 136 103.56 -15.00 -44.62
CA ALA B 136 104.36 -14.87 -45.82
C ALA B 136 103.81 -15.72 -46.98
N LEU B 137 103.58 -17.02 -46.73
CA LEU B 137 103.05 -17.92 -47.75
C LEU B 137 101.67 -17.49 -48.25
N ALA B 138 100.95 -16.79 -47.40
CA ALA B 138 99.61 -16.34 -47.75
C ALA B 138 99.68 -15.18 -48.76
N ALA B 139 100.23 -14.05 -48.34
CA ALA B 139 100.33 -12.88 -49.18
C ALA B 139 101.10 -13.09 -50.47
N HIS B 140 102.29 -13.70 -50.34
CA HIS B 140 103.17 -13.97 -51.49
C HIS B 140 102.61 -14.87 -52.58
N GLU B 141 101.65 -15.72 -52.26
CA GLU B 141 101.07 -16.63 -53.24
C GLU B 141 99.55 -16.63 -53.28
N ASN B 142 98.96 -15.71 -52.53
CA ASN B 142 97.51 -15.55 -52.50
C ASN B 142 96.80 -16.84 -52.23
N VAL B 143 97.05 -17.43 -51.07
CA VAL B 143 96.40 -18.67 -50.69
C VAL B 143 96.06 -18.55 -49.21
N VAL B 144 94.95 -19.16 -48.81
CA VAL B 144 94.52 -19.13 -47.42
C VAL B 144 95.26 -20.25 -46.71
N VAL B 145 96.14 -19.91 -45.77
CA VAL B 145 96.88 -20.94 -45.08
C VAL B 145 96.21 -21.33 -43.80
N VAL B 146 95.94 -22.61 -43.64
CA VAL B 146 95.30 -23.06 -42.44
C VAL B 146 96.19 -24.06 -41.71
N THR B 147 96.41 -23.83 -40.41
CA THR B 147 97.22 -24.73 -39.61
C THR B 147 96.33 -25.38 -38.54
N ILE B 148 96.29 -26.72 -38.53
CA ILE B 148 95.45 -27.47 -37.61
C ILE B 148 96.20 -28.18 -36.50
N GLN B 149 95.47 -28.60 -35.47
CA GLN B 149 96.07 -29.33 -34.36
C GLN B 149 95.26 -30.58 -34.13
N TYR B 150 95.92 -31.58 -33.56
CA TYR B 150 95.31 -32.87 -33.27
C TYR B 150 95.99 -33.46 -32.04
N ARG B 151 95.23 -34.25 -31.29
CA ARG B 151 95.71 -34.89 -30.08
C ARG B 151 96.98 -35.67 -30.38
N LEU B 152 97.94 -35.64 -29.46
CA LEU B 152 99.21 -36.33 -29.66
C LEU B 152 99.45 -37.42 -28.63
N GLY B 153 100.44 -38.28 -28.91
CA GLY B 153 100.81 -39.37 -28.01
C GLY B 153 99.64 -40.21 -27.54
N ILE B 154 99.58 -40.46 -26.23
CA ILE B 154 98.51 -41.25 -25.62
C ILE B 154 97.14 -40.65 -25.95
N TRP B 155 96.97 -39.36 -25.69
CA TRP B 155 95.71 -38.69 -25.98
C TRP B 155 95.16 -38.92 -27.34
N GLY B 156 96.05 -39.04 -28.32
CA GLY B 156 95.59 -39.24 -29.68
C GLY B 156 95.81 -40.58 -30.35
N PHE B 157 96.55 -41.47 -29.71
CA PHE B 157 96.80 -42.76 -30.31
C PHE B 157 96.71 -44.01 -29.44
N PHE B 158 96.38 -43.85 -28.16
CA PHE B 158 96.24 -44.98 -27.25
C PHE B 158 95.23 -45.96 -27.85
N SER B 159 95.60 -47.22 -28.02
CA SER B 159 94.65 -48.17 -28.58
C SER B 159 94.74 -49.50 -27.92
N THR B 160 93.59 -50.08 -27.62
CA THR B 160 93.62 -51.38 -26.97
C THR B 160 93.46 -52.52 -27.95
N GLY B 161 93.48 -52.22 -29.24
CA GLY B 161 93.33 -53.26 -30.23
C GLY B 161 91.86 -53.51 -30.58
N ASP B 162 91.08 -53.90 -29.60
CA ASP B 162 89.66 -54.16 -29.84
C ASP B 162 88.89 -52.89 -30.16
N GLU B 163 87.58 -52.88 -29.87
CA GLU B 163 86.71 -51.74 -30.15
C GLU B 163 86.48 -50.74 -29.01
N HIS B 164 86.94 -51.07 -27.80
CA HIS B 164 86.75 -50.19 -26.66
C HIS B 164 87.67 -48.98 -26.74
N SER B 165 88.39 -48.87 -27.86
CA SER B 165 89.34 -47.78 -28.12
C SER B 165 90.19 -48.08 -29.39
N ARG B 166 89.53 -48.20 -30.53
CA ARG B 166 90.21 -48.54 -31.78
C ARG B 166 91.47 -47.73 -32.00
N GLY B 167 91.45 -46.47 -31.61
CA GLY B 167 92.62 -45.63 -31.80
C GLY B 167 92.61 -44.69 -33.00
N ASN B 168 93.75 -44.05 -33.24
CA ASN B 168 93.93 -43.11 -34.32
C ASN B 168 93.14 -41.84 -34.09
N TRP B 169 92.89 -41.51 -32.82
CA TRP B 169 92.13 -40.33 -32.51
C TRP B 169 92.78 -39.10 -33.12
N GLY B 170 94.11 -39.07 -33.05
CA GLY B 170 94.85 -37.96 -33.63
C GLY B 170 94.45 -37.76 -35.08
N HIS B 171 94.58 -38.83 -35.88
CA HIS B 171 94.23 -38.80 -37.31
C HIS B 171 92.74 -38.52 -37.56
N LEU B 172 91.90 -38.85 -36.60
CA LEU B 172 90.48 -38.57 -36.76
C LEU B 172 90.28 -37.08 -36.57
N ASP B 173 91.10 -36.47 -35.70
CA ASP B 173 91.02 -35.03 -35.45
C ASP B 173 91.46 -34.22 -36.69
N GLN B 174 92.44 -34.75 -37.41
CA GLN B 174 92.92 -34.07 -38.60
C GLN B 174 91.75 -34.15 -39.58
N VAL B 175 91.11 -35.30 -39.65
CA VAL B 175 90.01 -35.40 -40.58
C VAL B 175 88.91 -34.49 -40.15
N ALA B 176 88.73 -34.34 -38.86
CA ALA B 176 87.66 -33.48 -38.38
C ALA B 176 87.87 -32.02 -38.74
N ALA B 177 89.13 -31.60 -38.71
CA ALA B 177 89.47 -30.23 -39.06
C ALA B 177 89.08 -30.04 -40.53
N LEU B 178 89.64 -30.88 -41.41
CA LEU B 178 89.36 -30.83 -42.83
C LEU B 178 87.86 -30.72 -43.11
N ARG B 179 87.06 -31.36 -42.28
CA ARG B 179 85.65 -31.26 -42.48
C ARG B 179 85.23 -29.81 -42.18
N TRP B 180 85.77 -29.24 -41.09
CA TRP B 180 85.46 -27.85 -40.70
C TRP B 180 85.80 -26.89 -41.82
N VAL B 181 86.95 -27.12 -42.46
CA VAL B 181 87.41 -26.32 -43.60
C VAL B 181 86.36 -26.36 -44.72
N GLN B 182 85.93 -27.56 -45.06
CA GLN B 182 84.91 -27.77 -46.06
C GLN B 182 83.62 -27.05 -45.76
N ASP B 183 83.41 -26.67 -44.50
CA ASP B 183 82.15 -26.04 -44.15
C ASP B 183 82.28 -24.62 -43.71
N ASN B 184 83.50 -24.13 -43.63
CA ASN B 184 83.70 -22.77 -43.16
C ASN B 184 84.68 -21.91 -43.98
N ILE B 185 85.75 -22.53 -44.49
CA ILE B 185 86.81 -21.82 -45.21
C ILE B 185 86.34 -20.82 -46.25
N ALA B 186 85.12 -21.05 -46.73
CA ALA B 186 84.46 -20.19 -47.71
C ALA B 186 84.30 -18.76 -47.17
N SER B 187 83.72 -18.62 -45.99
CA SER B 187 83.55 -17.28 -45.42
C SER B 187 84.90 -16.54 -45.24
N PHE B 188 86.00 -17.28 -45.33
CA PHE B 188 87.31 -16.67 -45.19
C PHE B 188 87.95 -16.37 -46.55
N GLY B 189 87.12 -16.36 -47.59
CA GLY B 189 87.62 -16.06 -48.91
C GLY B 189 88.45 -17.17 -49.51
N GLY B 190 88.21 -18.39 -49.06
CA GLY B 190 88.93 -19.52 -49.60
C GLY B 190 88.01 -20.43 -50.35
N ASN B 191 88.54 -21.40 -51.06
CA ASN B 191 87.66 -22.26 -51.82
C ASN B 191 87.64 -23.70 -51.36
N PRO B 192 86.52 -24.15 -50.77
CA PRO B 192 86.33 -25.52 -50.27
C PRO B 192 86.49 -26.54 -51.39
N GLY B 193 86.40 -26.07 -52.63
CA GLY B 193 86.59 -26.95 -53.75
C GLY B 193 88.06 -27.12 -54.16
N SER B 194 89.00 -26.56 -53.40
CA SER B 194 90.41 -26.71 -53.78
C SER B 194 91.38 -26.77 -52.59
N VAL B 195 91.04 -27.60 -51.61
CA VAL B 195 91.89 -27.74 -50.43
C VAL B 195 93.07 -28.65 -50.69
N THR B 196 94.23 -28.23 -50.20
CA THR B 196 95.48 -28.94 -50.35
C THR B 196 96.08 -29.21 -48.99
N ILE B 197 96.27 -30.48 -48.63
CA ILE B 197 96.86 -30.84 -47.36
C ILE B 197 98.31 -31.16 -47.57
N PHE B 198 99.15 -30.63 -46.71
CA PHE B 198 100.58 -30.88 -46.79
C PHE B 198 101.15 -30.95 -45.38
N GLY B 199 102.14 -31.84 -45.21
CA GLY B 199 102.75 -32.00 -43.91
C GLY B 199 104.21 -32.31 -44.00
N GLU B 200 104.87 -32.31 -42.85
CA GLU B 200 106.28 -32.60 -42.77
C GLU B 200 106.48 -33.58 -41.62
N SER B 201 107.31 -34.59 -41.84
CA SER B 201 107.58 -35.61 -40.83
C SER B 201 106.31 -36.38 -40.47
N ALA B 202 105.98 -36.41 -39.18
CA ALA B 202 104.79 -37.11 -38.71
C ALA B 202 103.64 -36.53 -39.48
N GLY B 203 103.63 -35.22 -39.63
CA GLY B 203 102.56 -34.60 -40.37
C GLY B 203 102.59 -35.12 -41.78
N GLY B 204 103.80 -35.34 -42.27
CA GLY B 204 104.00 -35.83 -43.62
C GLY B 204 103.38 -37.19 -43.72
N GLU B 205 103.57 -38.00 -42.69
CA GLU B 205 103.00 -39.34 -42.66
C GLU B 205 101.48 -39.23 -42.64
N SER B 206 100.94 -38.49 -41.66
CA SER B 206 99.50 -38.28 -41.53
C SER B 206 98.88 -38.02 -42.87
N VAL B 207 99.56 -37.22 -43.69
CA VAL B 207 99.07 -36.92 -45.02
C VAL B 207 98.89 -38.24 -45.77
N SER B 208 99.98 -38.90 -46.14
CA SER B 208 99.86 -40.16 -46.85
C SER B 208 98.74 -41.04 -46.27
N VAL B 209 98.57 -41.02 -44.96
CA VAL B 209 97.53 -41.82 -44.32
C VAL B 209 96.13 -41.41 -44.78
N LEU B 210 95.79 -40.13 -44.57
CA LEU B 210 94.49 -39.58 -44.94
C LEU B 210 94.23 -39.80 -46.43
N VAL B 211 95.30 -40.00 -47.17
CA VAL B 211 95.14 -40.21 -48.59
C VAL B 211 94.53 -41.56 -48.81
N LEU B 212 95.08 -42.58 -48.15
CA LEU B 212 94.59 -43.95 -48.29
C LEU B 212 93.30 -44.20 -47.52
N SER B 213 92.89 -43.21 -46.73
CA SER B 213 91.68 -43.33 -45.91
C SER B 213 90.37 -43.01 -46.61
N PRO B 214 89.32 -43.83 -46.36
CA PRO B 214 87.98 -43.69 -46.92
C PRO B 214 87.21 -42.55 -46.29
N LEU B 215 87.68 -42.09 -45.13
CA LEU B 215 87.04 -41.02 -44.42
C LEU B 215 87.43 -39.67 -44.98
N ALA B 216 88.72 -39.53 -45.27
CA ALA B 216 89.27 -38.30 -45.80
C ALA B 216 88.79 -37.98 -47.22
N LYS B 217 88.07 -38.92 -47.84
CA LYS B 217 87.54 -38.73 -49.19
C LYS B 217 86.78 -37.42 -49.32
N ASN B 218 86.95 -36.75 -50.46
CA ASN B 218 86.25 -35.49 -50.75
C ASN B 218 86.52 -34.36 -49.75
N LEU B 219 87.60 -34.47 -48.97
CA LEU B 219 87.90 -33.43 -48.01
C LEU B 219 89.05 -32.60 -48.49
N PHE B 220 89.77 -33.15 -49.45
CA PHE B 220 90.91 -32.47 -50.05
C PHE B 220 91.00 -32.85 -51.53
N HIS B 221 91.80 -32.11 -52.29
CA HIS B 221 91.94 -32.36 -53.72
C HIS B 221 93.38 -32.53 -54.13
N ARG B 222 94.29 -32.10 -53.27
CA ARG B 222 95.71 -32.23 -53.58
C ARG B 222 96.45 -32.46 -52.27
N ALA B 223 97.53 -33.25 -52.29
CA ALA B 223 98.26 -33.55 -51.07
C ALA B 223 99.74 -33.44 -51.28
N ILE B 224 100.47 -33.16 -50.21
CA ILE B 224 101.92 -33.00 -50.28
C ILE B 224 102.56 -33.55 -49.04
N SER B 225 103.46 -34.52 -49.21
CA SER B 225 104.15 -35.12 -48.06
C SER B 225 105.63 -34.77 -48.03
N GLU B 226 106.03 -34.04 -46.99
CA GLU B 226 107.40 -33.62 -46.85
C GLU B 226 108.12 -34.49 -45.84
N SER B 227 109.16 -35.19 -46.29
CA SER B 227 109.96 -36.07 -45.43
C SER B 227 109.12 -36.98 -44.57
N GLY B 228 108.62 -38.06 -45.17
CA GLY B 228 107.81 -38.99 -44.39
C GLY B 228 106.52 -39.41 -45.05
N VAL B 229 106.30 -40.72 -45.11
CA VAL B 229 105.10 -41.26 -45.70
C VAL B 229 104.46 -42.32 -44.83
N ALA B 230 103.42 -42.95 -45.36
CA ALA B 230 102.68 -44.00 -44.65
C ALA B 230 103.45 -45.32 -44.58
N LEU B 231 104.30 -45.57 -45.56
CA LEU B 231 105.06 -46.80 -45.59
C LEU B 231 106.24 -46.68 -44.64
N THR B 232 106.29 -45.55 -43.93
CA THR B 232 107.35 -45.26 -42.93
C THR B 232 107.07 -46.01 -41.60
N SER B 233 107.46 -47.28 -41.55
CA SER B 233 107.26 -48.13 -40.39
C SER B 233 107.19 -47.43 -39.03
N VAL B 234 108.31 -46.88 -38.59
CA VAL B 234 108.36 -46.22 -37.29
C VAL B 234 107.06 -45.62 -36.77
N LEU B 235 106.31 -44.93 -37.62
CA LEU B 235 105.06 -44.30 -37.18
C LEU B 235 103.80 -45.15 -37.32
N VAL B 236 103.85 -46.23 -38.07
CA VAL B 236 102.69 -47.11 -38.24
C VAL B 236 102.96 -48.45 -37.58
N LYS B 237 102.14 -48.74 -36.57
CA LYS B 237 102.22 -49.97 -35.78
C LYS B 237 101.36 -51.07 -36.40
N LYS B 238 101.92 -52.28 -36.53
CA LYS B 238 101.20 -53.41 -37.11
C LYS B 238 101.25 -54.62 -36.18
N GLY B 239 100.19 -55.41 -36.16
CA GLY B 239 100.16 -56.57 -35.28
C GLY B 239 99.37 -56.37 -33.99
N ASP B 240 99.55 -57.25 -33.02
CA ASP B 240 98.83 -57.15 -31.75
C ASP B 240 99.39 -56.06 -30.83
N VAL B 241 98.66 -54.94 -30.76
CA VAL B 241 99.05 -53.81 -29.93
C VAL B 241 98.64 -53.93 -28.49
N LYS B 242 97.81 -54.91 -28.18
CA LYS B 242 97.35 -55.10 -26.82
C LYS B 242 98.51 -54.94 -25.83
N PRO B 243 99.61 -55.70 -26.02
CA PRO B 243 100.74 -55.59 -25.10
C PRO B 243 101.15 -54.15 -24.83
N LEU B 244 101.31 -53.35 -25.88
CA LEU B 244 101.69 -51.96 -25.68
C LEU B 244 100.61 -51.22 -24.87
N ALA B 245 99.35 -51.53 -25.14
CA ALA B 245 98.25 -50.87 -24.44
C ALA B 245 98.33 -51.22 -22.97
N GLU B 246 98.63 -52.48 -22.68
CA GLU B 246 98.71 -52.91 -21.30
C GLU B 246 99.90 -52.33 -20.61
N GLN B 247 101.01 -52.24 -21.33
CA GLN B 247 102.24 -51.70 -20.78
C GLN B 247 102.06 -50.24 -20.32
N ILE B 248 101.23 -49.48 -21.04
CA ILE B 248 100.96 -48.07 -20.70
C ILE B 248 100.03 -48.03 -19.50
N ALA B 249 99.08 -48.94 -19.53
CA ALA B 249 98.07 -49.08 -18.50
C ALA B 249 98.70 -49.29 -17.15
N ILE B 250 99.52 -50.32 -17.04
CA ILE B 250 100.17 -50.62 -15.79
C ILE B 250 100.95 -49.40 -15.31
N THR B 251 101.76 -48.86 -16.19
CA THR B 251 102.56 -47.69 -15.89
C THR B 251 101.76 -46.55 -15.27
N ALA B 252 100.48 -46.47 -15.61
CA ALA B 252 99.63 -45.40 -15.09
C ALA B 252 98.96 -45.80 -13.82
N GLY B 253 98.98 -47.10 -13.57
CA GLY B 253 98.35 -47.64 -12.38
C GLY B 253 96.94 -48.00 -12.72
N CYS B 254 96.79 -48.96 -13.63
CA CYS B 254 95.48 -49.38 -14.06
C CYS B 254 95.36 -50.87 -14.25
N LYS B 255 94.42 -51.51 -13.57
CA LYS B 255 94.26 -52.96 -13.74
C LYS B 255 94.19 -53.27 -15.23
N THR B 256 94.50 -54.50 -15.62
CA THR B 256 94.44 -54.83 -17.04
C THR B 256 93.46 -55.95 -17.36
N THR B 257 92.64 -56.28 -16.38
CA THR B 257 91.64 -57.33 -16.53
C THR B 257 91.04 -57.41 -17.93
N THR B 258 90.37 -56.35 -18.36
CA THR B 258 89.79 -56.32 -19.70
C THR B 258 90.01 -54.95 -20.32
N SER B 259 90.18 -54.94 -21.63
CA SER B 259 90.42 -53.69 -22.31
C SER B 259 89.44 -52.62 -21.87
N ALA B 260 88.20 -53.02 -21.67
CA ALA B 260 87.17 -52.08 -21.26
C ALA B 260 87.60 -51.35 -20.00
N VAL B 261 87.95 -52.09 -18.95
CA VAL B 261 88.36 -51.46 -17.71
C VAL B 261 89.59 -50.61 -17.92
N MET B 262 90.50 -51.12 -18.72
CA MET B 262 91.73 -50.40 -19.00
C MET B 262 91.40 -48.99 -19.45
N VAL B 263 90.69 -48.89 -20.56
CA VAL B 263 90.33 -47.60 -21.11
C VAL B 263 89.60 -46.74 -20.10
N HIS B 264 88.70 -47.37 -19.35
CA HIS B 264 87.91 -46.69 -18.34
C HIS B 264 88.80 -46.01 -17.30
N CYS B 265 89.77 -46.75 -16.81
CA CYS B 265 90.72 -46.26 -15.83
C CYS B 265 91.51 -45.04 -16.35
N LEU B 266 92.03 -45.14 -17.56
CA LEU B 266 92.80 -44.04 -18.09
C LEU B 266 91.93 -42.78 -18.16
N ARG B 267 90.63 -42.95 -18.32
CA ARG B 267 89.72 -41.81 -18.35
C ARG B 267 89.65 -41.18 -16.96
N GLN B 268 89.96 -41.98 -15.94
CA GLN B 268 89.95 -41.53 -14.56
C GLN B 268 91.22 -40.79 -14.27
N LYS B 269 92.21 -40.92 -15.15
CA LYS B 269 93.48 -40.25 -14.94
C LYS B 269 93.45 -38.78 -15.32
N THR B 270 94.33 -37.98 -14.70
CA THR B 270 94.40 -36.55 -15.01
C THR B 270 95.43 -36.31 -16.07
N GLU B 271 95.56 -35.05 -16.46
CA GLU B 271 96.52 -34.66 -17.48
C GLU B 271 97.94 -34.91 -16.96
N GLU B 272 98.22 -34.43 -15.76
CA GLU B 272 99.54 -34.64 -15.20
C GLU B 272 99.80 -36.12 -14.98
N GLU B 273 98.78 -36.84 -14.55
CA GLU B 273 98.92 -38.27 -14.32
C GLU B 273 99.24 -39.00 -15.62
N LEU B 274 98.94 -38.37 -16.75
CA LEU B 274 99.21 -38.98 -18.06
C LEU B 274 100.43 -38.37 -18.75
N LEU B 275 100.85 -37.23 -18.25
CA LEU B 275 102.00 -36.56 -18.78
C LEU B 275 103.22 -37.19 -18.11
N GLU B 276 103.06 -37.58 -16.85
CA GLU B 276 104.16 -38.22 -16.16
C GLU B 276 104.38 -39.57 -16.80
N THR B 277 103.31 -40.26 -17.18
CA THR B 277 103.47 -41.57 -17.80
C THR B 277 104.17 -41.42 -19.15
N THR B 278 103.75 -40.45 -19.95
CA THR B 278 104.33 -40.20 -21.25
C THR B 278 105.82 -39.96 -21.09
N LEU B 279 106.20 -39.45 -19.94
CA LEU B 279 107.60 -39.17 -19.64
C LEU B 279 108.31 -40.45 -19.22
N LYS B 280 107.79 -41.13 -18.21
CA LYS B 280 108.39 -42.39 -17.76
C LYS B 280 108.55 -43.39 -18.91
N MET B 281 107.54 -43.48 -19.81
CA MET B 281 107.57 -44.40 -20.94
C MET B 281 108.74 -44.14 -21.87
N LYS B 282 109.33 -42.95 -21.74
CA LYS B 282 110.45 -42.49 -22.56
C LYS B 282 110.31 -42.86 -24.02
N PHE B 283 109.57 -42.02 -24.74
CA PHE B 283 109.34 -42.21 -26.16
C PHE B 283 110.28 -41.28 -26.90
N LEU B 284 110.34 -41.41 -28.22
CA LEU B 284 111.19 -40.53 -28.98
C LEU B 284 112.66 -40.65 -28.59
N SER B 285 113.00 -41.72 -27.87
CA SER B 285 114.37 -41.97 -27.42
C SER B 285 114.77 -43.44 -27.52
N LEU B 286 115.89 -43.69 -28.17
CA LEU B 286 116.41 -45.04 -28.35
C LEU B 286 117.00 -45.56 -27.03
N ASP B 287 116.42 -46.65 -26.53
CA ASP B 287 116.86 -47.27 -25.28
C ASP B 287 118.01 -48.24 -25.60
N LEU B 288 119.22 -47.83 -25.24
CA LEU B 288 120.43 -48.62 -25.49
C LEU B 288 120.29 -50.06 -25.00
N GLN B 289 120.52 -50.28 -23.70
CA GLN B 289 120.43 -51.62 -23.10
C GLN B 289 118.98 -52.17 -23.08
N GLY B 290 118.84 -53.41 -23.52
CA GLY B 290 117.52 -54.04 -23.57
C GLY B 290 117.26 -54.54 -24.98
N ASP B 291 116.57 -55.68 -25.08
CA ASP B 291 116.26 -56.25 -26.38
C ASP B 291 115.56 -55.19 -27.24
N PRO B 292 116.18 -54.83 -28.38
CA PRO B 292 115.65 -53.82 -29.32
C PRO B 292 114.20 -54.01 -29.75
N ARG B 293 113.83 -55.26 -30.02
CA ARG B 293 112.47 -55.59 -30.45
C ARG B 293 111.37 -55.17 -29.43
N GLU B 294 111.73 -55.17 -28.14
CA GLU B 294 110.80 -54.80 -27.06
C GLU B 294 110.59 -53.28 -26.96
N SER B 295 111.68 -52.51 -27.08
CA SER B 295 111.64 -51.06 -27.01
C SER B 295 110.46 -50.48 -27.75
N GLN B 296 109.64 -49.73 -27.03
CA GLN B 296 108.47 -49.10 -27.62
C GLN B 296 108.86 -47.74 -28.21
N PRO B 297 108.76 -47.58 -29.53
CA PRO B 297 109.11 -46.32 -30.20
C PRO B 297 108.17 -45.19 -29.85
N LEU B 298 106.90 -45.37 -30.19
CA LEU B 298 105.86 -44.38 -29.92
C LEU B 298 104.45 -44.88 -30.27
N LEU B 299 103.45 -44.30 -29.61
CA LEU B 299 102.08 -44.67 -29.88
C LEU B 299 101.79 -43.95 -31.17
N GLY B 300 101.32 -44.66 -32.19
CA GLY B 300 101.05 -43.97 -33.43
C GLY B 300 99.95 -44.61 -34.22
N THR B 301 99.84 -44.21 -35.49
CA THR B 301 98.85 -44.69 -36.45
C THR B 301 98.70 -46.18 -36.35
N VAL B 302 97.47 -46.67 -36.31
CA VAL B 302 97.23 -48.09 -36.24
C VAL B 302 96.17 -48.48 -37.23
N ILE B 303 95.86 -49.76 -37.29
CA ILE B 303 94.85 -50.21 -38.21
C ILE B 303 93.60 -50.42 -37.38
N ASP B 304 92.69 -49.44 -37.40
CA ASP B 304 91.46 -49.54 -36.60
C ASP B 304 90.25 -50.03 -37.36
N GLY B 305 90.40 -50.23 -38.66
CA GLY B 305 89.29 -50.73 -39.45
C GLY B 305 88.28 -49.66 -39.75
N MET B 306 88.59 -48.44 -39.35
CA MET B 306 87.73 -47.30 -39.61
C MET B 306 88.50 -46.34 -40.52
N LEU B 307 89.43 -45.58 -39.94
CA LEU B 307 90.24 -44.63 -40.70
C LEU B 307 91.13 -45.33 -41.68
N LEU B 308 91.56 -46.52 -41.34
CA LEU B 308 92.42 -47.31 -42.21
C LEU B 308 91.96 -48.76 -42.08
N LEU B 309 91.28 -49.26 -43.11
CA LEU B 309 90.80 -50.61 -43.06
C LEU B 309 91.90 -51.66 -43.16
N LYS B 310 92.99 -51.32 -43.83
CA LYS B 310 94.08 -52.26 -43.97
C LYS B 310 95.41 -51.55 -43.81
N THR B 311 96.51 -52.28 -43.92
CA THR B 311 97.79 -51.64 -43.77
C THR B 311 98.10 -50.84 -45.03
N PRO B 312 99.10 -49.94 -44.95
CA PRO B 312 99.46 -49.15 -46.12
C PRO B 312 100.07 -50.02 -47.21
N GLU B 313 100.89 -50.99 -46.81
CA GLU B 313 101.54 -51.89 -47.76
C GLU B 313 100.50 -52.80 -48.45
N GLU B 314 99.22 -52.54 -48.18
CA GLU B 314 98.14 -53.31 -48.78
C GLU B 314 97.32 -52.45 -49.72
N LEU B 315 96.85 -51.31 -49.22
CA LEU B 315 96.01 -50.39 -49.99
C LEU B 315 96.64 -49.86 -51.26
N GLN B 316 97.96 -49.87 -51.33
CA GLN B 316 98.66 -49.35 -52.50
C GLN B 316 98.59 -50.27 -53.71
N ALA B 317 98.21 -51.52 -53.47
CA ALA B 317 98.11 -52.50 -54.55
C ALA B 317 96.81 -52.37 -55.33
N GLU B 318 95.77 -51.88 -54.68
CA GLU B 318 94.44 -51.68 -55.29
C GLU B 318 94.35 -50.36 -56.05
N ARG B 319 93.70 -50.37 -57.22
CA ARG B 319 93.53 -49.15 -58.03
C ARG B 319 92.15 -48.52 -57.81
N ASN B 320 91.14 -49.38 -57.65
CA ASN B 320 89.77 -48.93 -57.44
C ASN B 320 89.71 -48.03 -56.21
N PHE B 321 89.89 -46.73 -56.42
CA PHE B 321 89.84 -45.78 -55.32
C PHE B 321 89.88 -44.34 -55.85
N HIS B 322 89.86 -43.35 -54.94
CA HIS B 322 89.91 -41.93 -55.28
C HIS B 322 91.38 -41.45 -55.30
N THR B 323 91.80 -40.88 -56.42
CA THR B 323 93.17 -40.40 -56.59
C THR B 323 93.28 -38.91 -56.82
N VAL B 324 94.35 -38.30 -56.33
CA VAL B 324 94.54 -36.87 -56.50
C VAL B 324 96.03 -36.59 -56.62
N PRO B 325 96.40 -35.47 -57.27
CA PRO B 325 97.81 -35.13 -57.43
C PRO B 325 98.54 -35.20 -56.11
N TYR B 326 99.67 -35.88 -56.13
CA TYR B 326 100.45 -36.09 -54.93
C TYR B 326 101.95 -35.76 -55.07
N MET B 327 102.39 -34.72 -54.36
CA MET B 327 103.79 -34.35 -54.38
C MET B 327 104.50 -35.00 -53.20
N VAL B 328 105.53 -35.79 -53.46
CA VAL B 328 106.26 -36.42 -52.37
C VAL B 328 107.74 -36.15 -52.53
N GLY B 329 108.38 -35.62 -51.50
CA GLY B 329 109.80 -35.33 -51.61
C GLY B 329 110.56 -35.65 -50.35
N ILE B 330 111.89 -35.67 -50.47
CA ILE B 330 112.81 -35.98 -49.37
C ILE B 330 113.93 -34.94 -49.27
N ASN B 331 114.87 -35.14 -48.36
CA ASN B 331 115.99 -34.21 -48.21
C ASN B 331 117.31 -34.97 -48.34
N LYS B 332 118.37 -34.28 -48.77
CA LYS B 332 119.69 -34.88 -48.93
C LYS B 332 120.09 -35.69 -47.70
N GLN B 333 120.16 -35.01 -46.56
CA GLN B 333 120.57 -35.68 -45.34
C GLN B 333 119.48 -35.64 -44.27
N GLU B 334 118.55 -36.58 -44.31
CA GLU B 334 117.48 -36.59 -43.31
C GLU B 334 117.99 -36.83 -41.91
N PHE B 335 118.91 -37.79 -41.79
CA PHE B 335 119.48 -38.14 -40.49
C PHE B 335 120.81 -37.44 -40.25
N GLY B 336 120.87 -36.17 -40.63
CA GLY B 336 122.08 -35.39 -40.46
C GLY B 336 122.37 -35.02 -39.02
N TRP B 337 121.56 -34.14 -38.45
CA TRP B 337 121.78 -33.71 -37.07
C TRP B 337 120.53 -33.67 -36.22
N LEU B 338 119.46 -33.06 -36.74
CA LEU B 338 118.23 -32.94 -36.00
C LEU B 338 117.88 -34.18 -35.22
N ILE B 339 117.17 -35.11 -35.86
CA ILE B 339 116.75 -36.35 -35.20
C ILE B 339 117.80 -36.91 -34.23
N PRO B 340 119.00 -37.24 -34.74
CA PRO B 340 120.06 -37.79 -33.89
C PRO B 340 120.22 -36.96 -32.62
N MET B 341 120.39 -35.66 -32.79
CA MET B 341 120.54 -34.74 -31.68
C MET B 341 119.40 -34.92 -30.69
N LEU B 342 118.19 -35.07 -31.21
CA LEU B 342 117.02 -35.23 -30.37
C LEU B 342 116.99 -36.58 -29.63
N MET B 343 116.87 -37.66 -30.40
CA MET B 343 116.83 -38.99 -29.83
C MET B 343 118.12 -39.37 -29.11
N SER B 344 119.05 -38.43 -29.03
CA SER B 344 120.33 -38.64 -28.37
C SER B 344 121.05 -39.84 -28.92
N TYR B 345 121.33 -39.82 -30.23
CA TYR B 345 122.01 -40.91 -30.90
C TYR B 345 123.47 -40.98 -30.49
N PRO B 346 123.96 -42.19 -30.19
CA PRO B 346 125.33 -42.51 -29.78
C PRO B 346 126.35 -42.30 -30.89
N LEU B 347 126.80 -41.06 -31.07
CA LEU B 347 127.77 -40.75 -32.11
C LEU B 347 128.80 -39.76 -31.63
N SER B 348 128.75 -39.45 -30.34
CA SER B 348 129.68 -38.50 -29.73
C SER B 348 131.16 -38.86 -29.93
N GLU B 349 131.43 -40.12 -30.27
CA GLU B 349 132.80 -40.62 -30.49
C GLU B 349 133.48 -39.95 -31.68
N GLY B 350 132.69 -39.65 -32.71
CA GLY B 350 133.22 -38.99 -33.90
C GLY B 350 133.04 -39.84 -35.15
N GLN B 351 133.78 -40.95 -35.21
CA GLN B 351 133.71 -41.85 -36.34
C GLN B 351 133.06 -43.16 -35.92
N LEU B 352 132.98 -44.10 -36.87
CA LEU B 352 132.36 -45.39 -36.62
C LEU B 352 133.05 -46.51 -37.43
N ASP B 353 133.02 -47.73 -36.88
CA ASP B 353 133.64 -48.89 -37.53
C ASP B 353 132.64 -49.98 -37.88
N GLN B 354 133.04 -50.86 -38.79
CA GLN B 354 132.19 -51.96 -39.26
C GLN B 354 131.54 -52.73 -38.11
N LYS B 355 132.25 -52.85 -36.99
CA LYS B 355 131.72 -53.60 -35.87
C LYS B 355 130.73 -52.79 -35.05
N THR B 356 131.20 -51.66 -34.50
CA THR B 356 130.36 -50.79 -33.69
C THR B 356 129.05 -50.49 -34.39
N ALA B 357 129.14 -50.21 -35.68
CA ALA B 357 127.96 -49.89 -36.45
C ALA B 357 126.93 -50.99 -36.35
N MET B 358 127.32 -52.20 -36.77
CA MET B 358 126.43 -53.34 -36.74
C MET B 358 125.53 -53.33 -35.50
N SER B 359 126.10 -52.87 -34.40
CA SER B 359 125.39 -52.79 -33.12
C SER B 359 124.28 -51.75 -33.18
N LEU B 360 124.65 -50.52 -33.47
CA LEU B 360 123.66 -49.46 -33.55
C LEU B 360 122.53 -49.86 -34.49
N LEU B 361 122.85 -50.05 -35.77
CA LEU B 361 121.86 -50.44 -36.75
C LEU B 361 120.88 -51.43 -36.14
N TRP B 362 121.41 -52.38 -35.37
CA TRP B 362 120.59 -53.38 -34.71
C TRP B 362 119.73 -52.68 -33.65
N LYS B 363 120.38 -52.05 -32.68
CA LYS B 363 119.67 -51.34 -31.61
C LYS B 363 118.73 -50.26 -32.14
N SER B 364 118.84 -49.96 -33.43
CA SER B 364 118.01 -48.94 -34.05
C SER B 364 116.76 -49.61 -34.63
N TYR B 365 116.48 -50.82 -34.18
CA TYR B 365 115.31 -51.59 -34.65
C TYR B 365 113.99 -50.85 -34.58
N PRO B 366 113.74 -50.10 -33.48
CA PRO B 366 112.50 -49.36 -33.34
C PRO B 366 112.36 -48.27 -34.39
N LEU B 367 113.41 -48.08 -35.19
CA LEU B 367 113.39 -47.04 -36.21
C LEU B 367 113.44 -47.58 -37.62
N VAL B 368 114.47 -48.39 -37.90
CA VAL B 368 114.66 -48.99 -39.23
C VAL B 368 114.04 -50.37 -39.31
N CYS B 369 113.86 -51.00 -38.15
CA CYS B 369 113.28 -52.32 -38.10
C CYS B 369 114.02 -53.27 -39.02
N ILE B 370 115.28 -53.53 -38.71
CA ILE B 370 116.12 -54.41 -39.51
C ILE B 370 116.52 -55.66 -38.73
N ALA B 371 116.30 -56.81 -39.35
CA ALA B 371 116.64 -58.11 -38.75
C ALA B 371 118.14 -58.21 -38.51
N LYS B 372 118.53 -58.78 -37.37
CA LYS B 372 119.95 -58.92 -37.04
C LYS B 372 120.75 -59.62 -38.15
N GLU B 373 120.20 -60.70 -38.69
CA GLU B 373 120.82 -61.49 -39.76
C GLU B 373 121.04 -60.68 -41.05
N LEU B 374 120.55 -59.45 -41.04
CA LEU B 374 120.65 -58.54 -42.17
C LEU B 374 121.71 -57.47 -41.94
N ILE B 375 121.87 -57.05 -40.68
CA ILE B 375 122.86 -56.02 -40.31
C ILE B 375 124.18 -56.12 -41.07
N PRO B 376 124.77 -57.34 -41.16
CA PRO B 376 126.04 -57.54 -41.85
C PRO B 376 126.00 -57.05 -43.30
N GLU B 377 125.29 -57.78 -44.16
CA GLU B 377 125.17 -57.42 -45.57
C GLU B 377 124.72 -55.97 -45.72
N ALA B 378 124.03 -55.46 -44.71
CA ALA B 378 123.54 -54.08 -44.71
C ALA B 378 124.66 -53.07 -44.57
N THR B 379 125.38 -53.15 -43.46
CA THR B 379 126.48 -52.24 -43.21
C THR B 379 127.56 -52.32 -44.30
N GLU B 380 127.81 -53.53 -44.80
CA GLU B 380 128.79 -53.74 -45.87
C GLU B 380 128.47 -52.87 -47.12
N LYS B 381 127.33 -53.14 -47.75
CA LYS B 381 126.89 -52.41 -48.95
C LYS B 381 126.98 -50.87 -48.82
N TYR B 382 126.79 -50.37 -47.60
CA TYR B 382 126.83 -48.92 -47.33
C TYR B 382 128.16 -48.41 -46.83
N LEU B 383 128.49 -48.78 -45.59
CA LEU B 383 129.75 -48.34 -44.97
C LEU B 383 131.00 -49.08 -45.46
N GLY B 384 130.83 -50.36 -45.83
CA GLY B 384 131.95 -51.16 -46.31
C GLY B 384 132.60 -50.68 -47.59
N GLY B 385 132.01 -49.65 -48.21
CA GLY B 385 132.54 -49.09 -49.44
C GLY B 385 133.99 -48.61 -49.34
N THR B 386 134.37 -48.06 -48.19
CA THR B 386 135.75 -47.58 -48.00
C THR B 386 136.28 -47.89 -46.61
N ASP B 387 137.59 -48.08 -46.55
CA ASP B 387 138.33 -48.41 -45.32
C ASP B 387 138.34 -47.18 -44.40
N ASP B 388 137.97 -46.05 -44.97
CA ASP B 388 137.90 -44.79 -44.25
C ASP B 388 136.81 -44.87 -43.19
N THR B 389 137.12 -44.43 -41.96
CA THR B 389 136.16 -44.47 -40.87
C THR B 389 135.32 -43.20 -40.83
N VAL B 390 135.95 -42.07 -41.12
CA VAL B 390 135.27 -40.76 -41.09
C VAL B 390 134.10 -40.73 -42.09
N LYS B 391 134.12 -41.65 -43.05
CA LYS B 391 133.06 -41.73 -44.06
C LYS B 391 132.03 -42.79 -43.67
N LYS B 392 132.38 -43.66 -42.73
CA LYS B 392 131.46 -44.71 -42.29
C LYS B 392 130.32 -44.08 -41.51
N LYS B 393 130.66 -43.14 -40.64
CA LYS B 393 129.62 -42.48 -39.86
C LYS B 393 128.61 -41.83 -40.82
N ASP B 394 129.12 -41.06 -41.78
CA ASP B 394 128.26 -40.38 -42.75
C ASP B 394 127.41 -41.37 -43.52
N LEU B 395 128.06 -42.39 -44.07
CA LEU B 395 127.32 -43.40 -44.82
C LEU B 395 126.31 -44.11 -43.90
N PHE B 396 126.56 -44.06 -42.59
CA PHE B 396 125.66 -44.69 -41.62
C PHE B 396 124.40 -43.85 -41.49
N LEU B 397 124.60 -42.54 -41.51
CA LEU B 397 123.50 -41.59 -41.42
C LEU B 397 122.73 -41.63 -42.73
N ASP B 398 123.46 -41.63 -43.84
CA ASP B 398 122.80 -41.68 -45.13
C ASP B 398 122.02 -42.99 -45.23
N LEU B 399 122.48 -44.00 -44.50
CA LEU B 399 121.84 -45.32 -44.49
C LEU B 399 120.55 -45.23 -43.70
N ILE B 400 120.65 -44.84 -42.43
CA ILE B 400 119.48 -44.73 -41.55
C ILE B 400 118.36 -43.88 -42.12
N ALA B 401 118.71 -42.92 -42.97
CA ALA B 401 117.72 -42.05 -43.57
C ALA B 401 117.06 -42.72 -44.77
N ASP B 402 117.84 -43.48 -45.53
CA ASP B 402 117.29 -44.14 -46.71
C ASP B 402 116.26 -45.19 -46.38
N VAL B 403 116.25 -45.65 -45.14
CA VAL B 403 115.29 -46.66 -44.71
C VAL B 403 114.00 -46.01 -44.16
N MET B 404 114.11 -44.83 -43.54
CA MET B 404 112.95 -44.15 -43.00
C MET B 404 112.24 -43.30 -44.01
N PHE B 405 112.98 -42.63 -44.87
CA PHE B 405 112.34 -41.77 -45.84
C PHE B 405 112.75 -42.11 -47.26
N GLY B 406 114.04 -42.35 -47.45
CA GLY B 406 114.52 -42.63 -48.79
C GLY B 406 113.63 -43.56 -49.60
N VAL B 407 113.94 -44.86 -49.51
CA VAL B 407 113.20 -45.88 -50.23
C VAL B 407 111.70 -45.74 -50.02
N PRO B 408 111.24 -45.67 -48.76
CA PRO B 408 109.80 -45.53 -48.53
C PRO B 408 109.13 -44.50 -49.44
N SER B 409 109.56 -43.24 -49.35
CA SER B 409 108.98 -42.15 -50.14
C SER B 409 108.88 -42.49 -51.61
N VAL B 410 109.95 -43.05 -52.16
CA VAL B 410 109.97 -43.40 -53.58
C VAL B 410 108.96 -44.50 -53.90
N ILE B 411 108.87 -45.48 -53.01
CA ILE B 411 107.93 -46.60 -53.16
C ILE B 411 106.47 -46.14 -53.17
N VAL B 412 106.19 -45.08 -52.41
CA VAL B 412 104.85 -44.51 -52.33
C VAL B 412 104.61 -43.76 -53.63
N ALA B 413 105.69 -43.17 -54.13
CA ALA B 413 105.65 -42.39 -55.35
C ALA B 413 105.32 -43.27 -56.56
N ARG B 414 106.09 -44.34 -56.72
CA ARG B 414 105.86 -45.24 -57.83
C ARG B 414 104.43 -45.74 -57.84
N ASN B 415 103.95 -46.27 -56.71
CA ASN B 415 102.56 -46.76 -56.64
C ASN B 415 101.50 -45.71 -56.97
N HIS B 416 101.66 -44.50 -56.45
CA HIS B 416 100.69 -43.45 -56.71
C HIS B 416 100.68 -43.19 -58.20
N ARG B 417 101.88 -43.22 -58.76
CA ARG B 417 102.06 -43.00 -60.18
C ARG B 417 101.31 -44.13 -60.88
N ASP B 418 101.65 -45.37 -60.52
CA ASP B 418 101.05 -46.56 -61.09
C ASP B 418 99.54 -46.63 -60.90
N ALA B 419 99.08 -46.19 -59.75
CA ALA B 419 97.65 -46.19 -59.44
C ALA B 419 96.84 -45.41 -60.49
N GLY B 420 97.55 -44.63 -61.29
CA GLY B 420 96.90 -43.85 -62.32
C GLY B 420 96.52 -42.45 -61.90
N ALA B 421 97.48 -41.74 -61.32
CA ALA B 421 97.25 -40.38 -60.87
C ALA B 421 98.53 -39.56 -60.91
N PRO B 422 98.39 -38.23 -60.95
CA PRO B 422 99.50 -37.28 -61.00
C PRO B 422 100.44 -37.46 -59.81
N THR B 423 101.74 -37.58 -60.09
CA THR B 423 102.71 -37.76 -59.03
C THR B 423 103.99 -36.98 -59.30
N TYR B 424 104.46 -36.25 -58.29
CA TYR B 424 105.69 -35.48 -58.41
C TYR B 424 106.61 -35.78 -57.23
N MET B 425 107.88 -35.46 -57.38
CA MET B 425 108.84 -35.71 -56.31
C MET B 425 109.98 -34.72 -56.32
N TYR B 426 110.55 -34.44 -55.16
CA TYR B 426 111.64 -33.50 -55.08
C TYR B 426 112.70 -33.96 -54.12
N GLU B 427 113.82 -33.25 -54.10
CA GLU B 427 114.89 -33.56 -53.18
C GLU B 427 115.54 -32.27 -52.75
N PHE B 428 115.21 -31.80 -51.56
CA PHE B 428 115.77 -30.55 -51.06
C PHE B 428 117.21 -30.76 -50.68
N GLN B 429 118.08 -29.97 -51.31
CA GLN B 429 119.52 -30.04 -51.08
C GLN B 429 120.03 -28.64 -50.81
N TYR B 430 119.66 -28.07 -49.66
CA TYR B 430 120.09 -26.70 -49.32
C TYR B 430 120.29 -26.61 -47.82
N ARG B 431 121.13 -25.68 -47.38
CA ARG B 431 121.34 -25.51 -45.94
C ARG B 431 120.88 -24.14 -45.51
N PRO B 432 119.82 -24.07 -44.72
CA PRO B 432 119.28 -22.79 -44.25
C PRO B 432 120.27 -22.01 -43.40
N SER B 433 120.02 -20.71 -43.29
CA SER B 433 120.89 -19.86 -42.49
C SER B 433 120.27 -19.69 -41.11
N PHE B 434 118.99 -19.98 -41.00
CA PHE B 434 118.31 -19.84 -39.73
C PHE B 434 118.59 -21.03 -38.81
N SER B 435 119.48 -21.92 -39.24
CA SER B 435 119.82 -23.10 -38.44
C SER B 435 120.37 -22.77 -37.04
N SER B 436 120.88 -23.78 -36.35
CA SER B 436 121.44 -23.59 -35.01
C SER B 436 122.95 -23.44 -35.07
N ASP B 437 123.50 -22.71 -34.11
CA ASP B 437 124.93 -22.52 -34.04
C ASP B 437 125.61 -23.85 -33.67
N MET B 438 124.81 -24.80 -33.16
CA MET B 438 125.30 -26.12 -32.73
C MET B 438 125.23 -27.20 -33.83
N LYS B 439 124.70 -26.84 -34.99
CA LYS B 439 124.60 -27.77 -36.12
C LYS B 439 125.85 -27.61 -36.99
N PRO B 440 126.51 -28.73 -37.32
CA PRO B 440 127.71 -28.69 -38.16
C PRO B 440 127.41 -28.09 -39.53
N LYS B 441 128.38 -27.38 -40.09
CA LYS B 441 128.20 -26.77 -41.40
C LYS B 441 128.41 -27.76 -42.55
N THR B 442 128.85 -28.97 -42.22
CA THR B 442 129.10 -30.00 -43.23
C THR B 442 127.80 -30.67 -43.67
N VAL B 443 126.74 -30.42 -42.89
CA VAL B 443 125.41 -30.98 -43.13
C VAL B 443 124.53 -30.02 -43.92
N ILE B 444 124.16 -30.47 -45.12
CA ILE B 444 123.33 -29.70 -46.03
C ILE B 444 122.01 -30.41 -46.19
N GLY B 445 120.95 -29.62 -46.24
CA GLY B 445 119.62 -30.17 -46.41
C GLY B 445 119.31 -31.22 -45.36
N ASP B 446 119.21 -30.79 -44.10
CA ASP B 446 118.92 -31.72 -43.02
C ASP B 446 117.41 -31.97 -43.02
N HIS B 447 116.93 -32.49 -41.90
CA HIS B 447 115.52 -32.82 -41.72
C HIS B 447 114.65 -31.58 -41.55
N GLY B 448 113.57 -31.52 -42.33
CA GLY B 448 112.66 -30.40 -42.25
C GLY B 448 113.19 -29.12 -42.85
N ASP B 449 114.51 -28.97 -42.91
CA ASP B 449 115.14 -27.78 -43.47
C ASP B 449 114.31 -27.06 -44.52
N GLU B 450 113.77 -27.81 -45.49
CA GLU B 450 112.97 -27.21 -46.53
C GLU B 450 111.85 -26.34 -46.00
N LEU B 451 111.42 -26.56 -44.77
CA LEU B 451 110.32 -25.78 -44.24
C LEU B 451 110.55 -24.28 -44.29
N PHE B 452 111.69 -23.79 -43.82
CA PHE B 452 111.97 -22.35 -43.82
C PHE B 452 111.65 -21.71 -45.16
N SER B 453 112.10 -22.36 -46.21
CA SER B 453 111.84 -21.91 -47.56
C SER B 453 110.32 -21.97 -47.81
N VAL B 454 109.76 -23.17 -47.63
CA VAL B 454 108.33 -23.37 -47.85
C VAL B 454 107.49 -22.36 -47.07
N PHE B 455 107.80 -22.10 -45.81
CA PHE B 455 107.00 -21.16 -45.07
C PHE B 455 107.54 -19.75 -45.10
N GLY B 456 108.28 -19.44 -46.17
CA GLY B 456 108.85 -18.12 -46.36
C GLY B 456 109.52 -17.50 -45.15
N ALA B 457 110.32 -18.27 -44.44
CA ALA B 457 110.99 -17.72 -43.28
C ALA B 457 111.88 -16.57 -43.71
N PRO B 458 112.51 -16.65 -44.88
CA PRO B 458 113.37 -15.53 -45.26
C PRO B 458 112.73 -14.16 -45.13
N PHE B 459 111.41 -14.11 -45.20
CA PHE B 459 110.71 -12.83 -45.13
C PHE B 459 110.33 -12.39 -43.75
N LEU B 460 110.48 -13.25 -42.74
CA LEU B 460 110.13 -12.84 -41.39
C LEU B 460 111.41 -12.66 -40.57
N LYS B 461 112.17 -13.75 -40.43
CA LYS B 461 113.44 -13.75 -39.72
C LYS B 461 114.49 -12.98 -40.52
N GLU B 462 115.37 -12.24 -39.86
CA GLU B 462 116.38 -11.49 -40.59
C GLU B 462 117.74 -12.21 -40.72
N GLY B 463 118.63 -11.63 -41.53
CA GLY B 463 119.94 -12.21 -41.73
C GLY B 463 119.96 -13.27 -42.81
N ALA B 464 119.03 -13.16 -43.75
CA ALA B 464 118.92 -14.12 -44.86
C ALA B 464 119.46 -13.46 -46.13
N SER B 465 120.38 -14.13 -46.81
CA SER B 465 120.97 -13.62 -48.05
C SER B 465 119.93 -13.58 -49.19
N GLU B 466 120.19 -12.76 -50.22
CA GLU B 466 119.25 -12.68 -51.34
C GLU B 466 119.09 -14.02 -52.02
N GLU B 467 120.13 -14.82 -51.97
CA GLU B 467 120.09 -16.15 -52.57
C GLU B 467 118.98 -16.97 -51.95
N GLU B 468 119.03 -17.07 -50.62
CA GLU B 468 118.03 -17.84 -49.89
C GLU B 468 116.67 -17.17 -49.98
N ILE B 469 116.66 -15.86 -50.12
CA ILE B 469 115.39 -15.18 -50.20
C ILE B 469 114.69 -15.56 -51.49
N ARG B 470 115.46 -15.63 -52.58
CA ARG B 470 114.91 -16.00 -53.86
C ARG B 470 114.52 -17.49 -53.89
N LEU B 471 115.26 -18.34 -53.19
CA LEU B 471 114.96 -19.77 -53.16
C LEU B 471 113.59 -20.00 -52.53
N SER B 472 113.43 -19.54 -51.28
CA SER B 472 112.16 -19.65 -50.55
C SER B 472 110.97 -19.11 -51.32
N LYS B 473 111.17 -17.93 -51.89
CA LYS B 473 110.13 -17.26 -52.69
C LYS B 473 109.79 -18.18 -53.87
N MET B 474 110.73 -19.02 -54.25
CA MET B 474 110.53 -19.93 -55.38
C MET B 474 109.71 -21.14 -55.01
N VAL B 475 110.14 -21.84 -53.96
CA VAL B 475 109.47 -23.03 -53.51
C VAL B 475 108.02 -22.77 -53.16
N MET B 476 107.72 -21.56 -52.71
CA MET B 476 106.35 -21.20 -52.38
C MET B 476 105.50 -21.15 -53.63
N LYS B 477 106.06 -20.60 -54.70
CA LYS B 477 105.32 -20.52 -55.96
C LYS B 477 105.04 -21.97 -56.44
N PHE B 478 106.06 -22.82 -56.45
CA PHE B 478 105.88 -24.21 -56.84
C PHE B 478 104.80 -24.81 -55.97
N TRP B 479 105.00 -24.73 -54.66
CA TRP B 479 104.00 -25.25 -53.74
C TRP B 479 102.62 -24.66 -54.03
N ALA B 480 102.54 -23.33 -54.10
CA ALA B 480 101.27 -22.67 -54.36
C ALA B 480 100.68 -23.13 -55.68
N ASN B 481 101.52 -23.22 -56.69
CA ASN B 481 101.03 -23.63 -57.98
C ASN B 481 100.50 -25.01 -57.87
N PHE B 482 101.25 -25.92 -57.27
CA PHE B 482 100.76 -27.27 -57.11
C PHE B 482 99.38 -27.26 -56.43
N ALA B 483 99.17 -26.32 -55.51
CA ALA B 483 97.92 -26.24 -54.78
C ALA B 483 96.81 -25.78 -55.67
N ARG B 484 97.17 -24.99 -56.66
CA ARG B 484 96.18 -24.46 -57.58
C ARG B 484 95.74 -25.46 -58.66
N ASN B 485 96.66 -25.85 -59.52
CA ASN B 485 96.36 -26.75 -60.62
C ASN B 485 96.76 -28.20 -60.37
N GLY B 486 97.56 -28.44 -59.34
CA GLY B 486 97.98 -29.80 -59.07
C GLY B 486 99.22 -30.12 -59.87
N ASN B 487 99.76 -29.07 -60.48
CA ASN B 487 100.98 -29.16 -61.26
C ASN B 487 101.79 -27.99 -60.77
N PRO B 488 102.94 -28.27 -60.16
CA PRO B 488 103.84 -27.24 -59.62
C PRO B 488 104.33 -26.15 -60.59
N ASN B 489 104.46 -26.52 -61.86
CA ASN B 489 104.97 -25.65 -62.90
C ASN B 489 104.32 -24.30 -63.10
N GLY B 490 105.04 -23.45 -63.83
CA GLY B 490 104.56 -22.10 -64.11
C GLY B 490 105.61 -21.25 -64.80
N GLU B 491 105.30 -19.96 -65.02
CA GLU B 491 106.22 -19.04 -65.67
C GLU B 491 107.22 -18.44 -64.69
N GLY B 492 108.49 -18.49 -65.07
CA GLY B 492 109.54 -17.95 -64.22
C GLY B 492 110.11 -19.00 -63.28
N LEU B 493 109.65 -20.24 -63.43
CA LEU B 493 110.09 -21.37 -62.60
C LEU B 493 110.67 -22.49 -63.46
N PRO B 494 111.70 -23.18 -62.96
CA PRO B 494 112.31 -24.27 -63.70
C PRO B 494 111.28 -25.33 -63.98
N HIS B 495 111.56 -26.20 -64.94
CA HIS B 495 110.62 -27.27 -65.26
C HIS B 495 110.74 -28.48 -64.33
N TRP B 496 109.59 -28.87 -63.78
CA TRP B 496 109.47 -30.01 -62.85
C TRP B 496 108.77 -31.20 -63.53
N PRO B 497 109.54 -32.23 -63.89
CA PRO B 497 108.98 -33.41 -64.55
C PRO B 497 108.01 -34.18 -63.70
N GLU B 498 106.88 -34.52 -64.29
CA GLU B 498 105.87 -35.31 -63.61
C GLU B 498 106.49 -36.69 -63.36
N TYR B 499 106.52 -37.13 -62.11
CA TYR B 499 107.09 -38.42 -61.76
C TYR B 499 106.29 -39.54 -62.40
N ASN B 500 106.64 -39.91 -63.63
CA ASN B 500 105.95 -41.00 -64.34
C ASN B 500 106.93 -42.15 -64.52
N GLN B 501 106.82 -42.88 -65.62
CA GLN B 501 107.71 -44.00 -65.87
C GLN B 501 109.18 -43.58 -65.98
N LYS B 502 109.43 -42.34 -66.39
CA LYS B 502 110.80 -41.83 -66.51
C LYS B 502 111.39 -41.60 -65.14
N GLU B 503 110.51 -41.54 -64.14
CA GLU B 503 110.88 -41.34 -62.73
C GLU B 503 111.78 -40.14 -62.50
N GLY B 504 111.40 -39.02 -63.09
CA GLY B 504 112.19 -37.82 -62.94
C GLY B 504 111.71 -37.01 -61.78
N TYR B 505 112.60 -36.22 -61.21
CA TYR B 505 112.23 -35.40 -60.06
C TYR B 505 112.96 -34.07 -60.14
N LEU B 506 112.76 -33.24 -59.12
CA LEU B 506 113.39 -31.94 -59.10
C LEU B 506 114.35 -31.79 -57.93
N GLN B 507 115.57 -31.36 -58.23
CA GLN B 507 116.56 -31.14 -57.17
C GLN B 507 116.48 -29.66 -56.83
N ILE B 508 115.76 -29.34 -55.78
CA ILE B 508 115.61 -27.96 -55.38
C ILE B 508 116.81 -27.53 -54.57
N GLY B 509 117.17 -26.26 -54.67
CA GLY B 509 118.32 -25.78 -53.93
C GLY B 509 119.11 -24.70 -54.65
N ALA B 510 120.42 -24.71 -54.43
CA ALA B 510 121.30 -23.72 -55.04
C ALA B 510 120.87 -23.68 -56.49
N ASN B 511 121.21 -24.75 -57.19
CA ASN B 511 120.86 -24.89 -58.59
C ASN B 511 119.64 -25.83 -58.62
N THR B 512 118.48 -25.25 -58.86
CA THR B 512 117.25 -26.03 -58.91
C THR B 512 117.07 -26.63 -60.31
N GLN B 513 117.54 -27.85 -60.50
CA GLN B 513 117.40 -28.51 -61.79
C GLN B 513 116.78 -29.89 -61.65
N ALA B 514 116.30 -30.43 -62.76
CA ALA B 514 115.67 -31.75 -62.76
C ALA B 514 116.69 -32.89 -62.80
N ALA B 515 116.23 -34.09 -62.44
CA ALA B 515 117.06 -35.27 -62.44
C ALA B 515 116.18 -36.51 -62.60
N GLN B 516 116.79 -37.68 -62.67
CA GLN B 516 116.03 -38.91 -62.82
C GLN B 516 116.38 -39.99 -61.81
N LYS B 517 115.49 -40.98 -61.70
CA LYS B 517 115.67 -42.10 -60.79
C LYS B 517 116.22 -41.71 -59.43
N LEU B 518 115.31 -41.45 -58.50
CA LEU B 518 115.66 -41.04 -57.14
C LEU B 518 115.84 -42.23 -56.22
N LYS B 519 117.05 -42.39 -55.68
CA LYS B 519 117.36 -43.52 -54.79
C LYS B 519 117.04 -44.89 -55.42
N ASP B 520 116.71 -44.86 -56.71
CA ASP B 520 116.36 -46.07 -57.48
C ASP B 520 117.27 -47.22 -57.08
N LYS B 521 118.56 -47.05 -57.32
CA LYS B 521 119.55 -48.06 -56.99
C LYS B 521 119.32 -48.56 -55.56
N GLU B 522 119.01 -47.64 -54.65
CA GLU B 522 118.77 -47.97 -53.26
C GLU B 522 117.50 -48.77 -53.04
N VAL B 523 116.38 -48.27 -53.56
CA VAL B 523 115.13 -48.96 -53.39
C VAL B 523 115.32 -50.46 -53.63
N ALA B 524 115.73 -50.78 -54.86
CA ALA B 524 115.98 -52.16 -55.30
C ALA B 524 116.77 -52.96 -54.27
N PHE B 525 117.82 -52.35 -53.72
CA PHE B 525 118.65 -53.00 -52.72
C PHE B 525 117.89 -53.47 -51.50
N TRP B 526 116.94 -52.65 -51.06
CA TRP B 526 116.14 -52.99 -49.88
C TRP B 526 114.91 -53.80 -50.24
N THR B 527 114.50 -53.72 -51.49
CA THR B 527 113.36 -54.48 -51.98
C THR B 527 113.68 -55.97 -51.92
N ASN B 528 114.93 -56.30 -51.60
CA ASN B 528 115.35 -57.69 -51.51
C ASN B 528 115.84 -58.02 -50.11
N LEU B 529 116.68 -57.16 -49.55
CA LEU B 529 117.20 -57.38 -48.22
C LEU B 529 116.05 -57.48 -47.22
N PHE B 530 114.99 -56.71 -47.46
CA PHE B 530 113.82 -56.69 -46.58
C PHE B 530 112.84 -57.83 -46.91
N ALA B 531 113.22 -58.67 -47.86
CA ALA B 531 112.40 -59.80 -48.25
C ALA B 531 113.17 -61.10 -47.95
N LYS B 532 114.26 -60.95 -47.21
CA LYS B 532 115.14 -62.06 -46.82
C LYS B 532 115.78 -62.76 -48.02
N SER C 1 40.15 -36.55 4.60
CA SER C 1 40.27 -38.03 4.81
C SER C 1 41.57 -38.60 4.23
N SER C 2 41.50 -39.23 3.05
CA SER C 2 42.67 -39.83 2.41
C SER C 2 43.51 -38.77 1.70
N PRO C 3 44.84 -38.85 1.83
CA PRO C 3 45.74 -37.88 1.19
C PRO C 3 45.40 -37.63 -0.27
N PRO C 4 45.56 -36.38 -0.73
CA PRO C 4 45.29 -35.97 -2.11
C PRO C 4 46.16 -36.75 -3.08
N VAL C 5 45.60 -37.23 -4.19
CA VAL C 5 46.42 -37.97 -5.13
C VAL C 5 46.32 -37.41 -6.53
N VAL C 6 47.20 -36.46 -6.85
CA VAL C 6 47.20 -35.81 -8.16
C VAL C 6 48.10 -36.49 -9.21
N ASP C 7 47.61 -36.56 -10.44
CA ASP C 7 48.37 -37.20 -11.52
C ASP C 7 49.03 -36.16 -12.42
N THR C 8 50.34 -36.00 -12.27
CA THR C 8 51.08 -35.03 -13.07
C THR C 8 51.53 -35.64 -14.38
N VAL C 9 52.21 -34.85 -15.20
CA VAL C 9 52.72 -35.31 -16.49
C VAL C 9 53.65 -36.51 -16.34
N HIS C 10 54.65 -36.35 -15.48
CA HIS C 10 55.64 -37.39 -15.24
C HIS C 10 55.22 -38.44 -14.21
N GLY C 11 54.00 -38.35 -13.72
CA GLY C 11 53.55 -39.35 -12.76
C GLY C 11 52.67 -38.86 -11.63
N LYS C 12 52.09 -39.80 -10.90
CA LYS C 12 51.22 -39.49 -9.77
C LYS C 12 52.01 -39.00 -8.57
N VAL C 13 51.43 -38.04 -7.85
CA VAL C 13 52.04 -37.47 -6.68
C VAL C 13 51.04 -37.44 -5.53
N LEU C 14 51.52 -37.76 -4.33
CA LEU C 14 50.68 -37.80 -3.13
C LEU C 14 50.98 -36.64 -2.18
N GLY C 15 49.95 -35.92 -1.74
CA GLY C 15 50.16 -34.81 -0.82
C GLY C 15 49.35 -34.92 0.45
N LYS C 16 49.40 -33.92 1.33
CA LYS C 16 48.59 -34.00 2.54
C LYS C 16 47.71 -32.78 2.76
N PHE C 17 46.47 -33.03 3.11
CA PHE C 17 45.50 -31.98 3.37
C PHE C 17 45.80 -31.27 4.68
N VAL C 18 45.71 -29.96 4.69
CA VAL C 18 45.96 -29.19 5.90
C VAL C 18 45.04 -28.02 5.89
N SER C 19 44.16 -27.97 6.87
CA SER C 19 43.20 -26.88 6.95
C SER C 19 43.67 -25.73 7.84
N LEU C 20 43.33 -24.51 7.46
CA LEU C 20 43.69 -23.34 8.23
C LEU C 20 42.58 -22.96 9.17
N GLU C 21 42.90 -22.81 10.46
CA GLU C 21 41.93 -22.46 11.48
C GLU C 21 40.91 -21.46 10.95
N GLY C 22 39.67 -21.92 10.76
CA GLY C 22 38.60 -21.08 10.26
C GLY C 22 37.96 -21.51 8.95
N PHE C 23 38.79 -21.77 7.95
CA PHE C 23 38.32 -22.17 6.64
C PHE C 23 37.85 -23.61 6.60
N ALA C 24 36.71 -23.83 5.96
CA ALA C 24 36.15 -25.16 5.87
C ALA C 24 36.82 -25.92 4.77
N GLN C 25 37.23 -25.21 3.73
CA GLN C 25 37.90 -25.84 2.59
C GLN C 25 39.38 -26.07 2.94
N PRO C 26 39.77 -27.35 3.07
CA PRO C 26 41.15 -27.70 3.39
C PRO C 26 42.05 -27.47 2.22
N VAL C 27 43.30 -27.07 2.49
CA VAL C 27 44.25 -26.83 1.42
C VAL C 27 45.09 -28.07 1.14
N ALA C 28 45.23 -28.42 -0.14
CA ALA C 28 46.03 -29.57 -0.56
C ALA C 28 47.47 -29.11 -0.64
N ILE C 29 48.36 -29.72 0.14
CA ILE C 29 49.77 -29.34 0.19
C ILE C 29 50.70 -30.40 -0.35
N PHE C 30 51.56 -29.98 -1.26
CA PHE C 30 52.51 -30.90 -1.82
C PHE C 30 53.86 -30.25 -1.65
N LEU C 31 54.85 -31.06 -1.31
CA LEU C 31 56.20 -30.59 -1.09
C LEU C 31 57.25 -31.46 -1.77
N GLY C 32 58.17 -30.83 -2.49
CA GLY C 32 59.22 -31.59 -3.13
C GLY C 32 58.93 -32.25 -4.46
N ILE C 33 58.10 -31.59 -5.27
CA ILE C 33 57.79 -32.12 -6.58
C ILE C 33 58.96 -31.68 -7.47
N PRO C 34 59.66 -32.64 -8.12
CA PRO C 34 60.79 -32.35 -9.01
C PRO C 34 60.33 -31.84 -10.37
N PHE C 35 60.86 -30.72 -10.82
CA PHE C 35 60.44 -30.20 -12.11
C PHE C 35 61.57 -30.28 -13.13
N ALA C 36 62.61 -30.98 -12.72
CA ALA C 36 63.78 -31.16 -13.53
C ALA C 36 64.56 -32.33 -13.01
N LYS C 37 65.43 -32.81 -13.85
CA LYS C 37 66.20 -33.93 -13.34
C LYS C 37 67.26 -33.11 -12.34
N PRO C 38 67.88 -33.86 -11.38
CA PRO C 38 68.87 -33.27 -10.42
C PRO C 38 70.17 -32.88 -11.17
N PRO C 39 70.50 -31.57 -11.21
CA PRO C 39 71.68 -31.09 -11.92
C PRO C 39 73.01 -31.54 -11.35
N LEU C 40 73.12 -32.82 -11.04
CA LEU C 40 74.37 -33.39 -10.50
C LEU C 40 75.28 -33.96 -11.58
N GLY C 41 76.56 -34.12 -11.20
CA GLY C 41 77.58 -34.71 -12.06
C GLY C 41 77.87 -33.88 -13.28
N PRO C 42 77.69 -34.43 -14.51
CA PRO C 42 77.92 -33.77 -15.80
C PRO C 42 76.87 -32.70 -16.12
N LEU C 43 75.70 -32.78 -15.50
CA LEU C 43 74.67 -31.77 -15.73
C LEU C 43 74.92 -30.51 -14.93
N ARG C 44 76.09 -30.36 -14.33
CA ARG C 44 76.34 -29.14 -13.58
C ARG C 44 76.80 -28.11 -14.59
N PHE C 45 76.39 -26.85 -14.38
CA PHE C 45 76.76 -25.76 -15.28
C PHE C 45 76.19 -25.98 -16.64
N THR C 46 75.04 -26.65 -16.70
CA THR C 46 74.33 -26.88 -17.96
C THR C 46 72.85 -26.59 -17.69
N PRO C 47 72.03 -26.48 -18.73
CA PRO C 47 70.60 -26.20 -18.63
C PRO C 47 69.82 -27.32 -18.01
N PRO C 48 68.82 -26.97 -17.20
CA PRO C 48 68.03 -28.00 -16.54
C PRO C 48 67.27 -28.89 -17.50
N GLN C 49 67.53 -30.20 -17.42
CA GLN C 49 66.83 -31.19 -18.25
C GLN C 49 65.54 -31.68 -17.62
N PRO C 50 64.55 -32.03 -18.46
CA PRO C 50 63.27 -32.51 -17.95
C PRO C 50 63.47 -33.63 -16.93
N ALA C 51 62.63 -33.68 -15.91
CA ALA C 51 62.72 -34.72 -14.90
C ALA C 51 62.34 -36.09 -15.46
N GLU C 52 62.92 -37.12 -14.86
CA GLU C 52 62.64 -38.49 -15.27
C GLU C 52 61.33 -38.98 -14.65
N PRO C 53 60.48 -39.61 -15.46
CA PRO C 53 59.19 -40.12 -15.00
C PRO C 53 59.34 -41.26 -14.02
N TRP C 54 58.46 -41.30 -13.03
CA TRP C 54 58.48 -42.35 -12.04
C TRP C 54 57.39 -43.36 -12.36
N SER C 55 57.46 -44.52 -11.73
CA SER C 55 56.47 -45.55 -12.02
C SER C 55 55.30 -45.75 -11.05
N PHE C 56 55.35 -45.15 -9.85
CA PHE C 56 54.22 -45.37 -8.97
C PHE C 56 53.61 -44.09 -8.46
N VAL C 57 53.40 -44.01 -7.16
CA VAL C 57 52.83 -42.83 -6.53
C VAL C 57 53.89 -42.20 -5.66
N LYS C 58 54.49 -41.12 -6.13
CA LYS C 58 55.53 -40.44 -5.37
C LYS C 58 54.93 -39.66 -4.20
N ASN C 59 55.38 -39.92 -2.98
CA ASN C 59 54.88 -39.20 -1.81
C ASN C 59 55.58 -37.84 -1.71
N ALA C 60 54.82 -36.76 -1.85
CA ALA C 60 55.39 -35.42 -1.77
C ALA C 60 55.08 -34.91 -0.39
N THR C 61 55.72 -35.50 0.61
CA THR C 61 55.42 -35.14 1.99
C THR C 61 56.53 -34.58 2.84
N SER C 62 57.70 -34.40 2.25
CA SER C 62 58.85 -33.89 2.99
C SER C 62 59.38 -32.64 2.29
N TYR C 63 59.95 -31.73 3.05
CA TYR C 63 60.47 -30.51 2.43
C TYR C 63 61.71 -30.82 1.63
N PRO C 64 61.75 -30.33 0.41
CA PRO C 64 62.89 -30.53 -0.47
C PRO C 64 64.14 -29.85 0.06
N PRO C 65 65.31 -30.27 -0.42
CA PRO C 65 66.56 -29.67 0.03
C PRO C 65 66.77 -28.29 -0.61
N MET C 66 67.27 -27.33 0.15
CA MET C 66 67.52 -26.03 -0.46
C MET C 66 68.88 -26.18 -1.18
N CYS C 67 69.02 -25.60 -2.37
CA CYS C 67 70.28 -25.70 -3.11
C CYS C 67 71.51 -25.32 -2.29
N THR C 68 72.67 -25.85 -2.63
CA THR C 68 73.86 -25.55 -1.88
C THR C 68 74.13 -24.07 -1.73
N GLN C 69 74.43 -23.68 -0.50
CA GLN C 69 74.72 -22.30 -0.18
C GLN C 69 75.31 -22.33 1.19
N ASP C 70 75.84 -21.20 1.62
CA ASP C 70 76.42 -21.05 2.95
C ASP C 70 75.42 -21.56 3.99
N PRO C 71 75.70 -22.67 4.66
CA PRO C 71 74.73 -23.16 5.63
C PRO C 71 74.27 -22.18 6.72
N LYS C 72 75.20 -21.46 7.35
CA LYS C 72 74.86 -20.50 8.42
C LYS C 72 73.97 -19.39 7.89
N ALA C 73 74.45 -18.73 6.84
CA ALA C 73 73.73 -17.65 6.17
C ALA C 73 72.36 -18.12 5.67
N GLY C 74 72.34 -19.28 5.05
CA GLY C 74 71.11 -19.83 4.51
C GLY C 74 70.06 -19.95 5.57
N GLN C 75 70.50 -20.30 6.77
CA GLN C 75 69.57 -20.45 7.86
C GLN C 75 69.16 -19.07 8.27
N LEU C 76 70.13 -18.24 8.60
CA LEU C 76 69.83 -16.89 9.05
C LEU C 76 68.75 -16.20 8.23
N LEU C 77 68.86 -16.29 6.91
CA LEU C 77 67.89 -15.67 6.02
C LEU C 77 66.53 -16.35 6.18
N SER C 78 66.53 -17.66 6.17
CA SER C 78 65.29 -18.42 6.32
C SER C 78 64.59 -18.05 7.61
N GLU C 79 65.34 -17.60 8.61
CA GLU C 79 64.74 -17.24 9.89
C GLU C 79 64.17 -15.81 9.94
N LEU C 80 64.73 -14.90 9.16
CA LEU C 80 64.25 -13.52 9.14
C LEU C 80 63.15 -13.24 8.11
N PHE C 81 62.81 -14.25 7.30
CA PHE C 81 61.76 -14.11 6.27
C PHE C 81 60.60 -15.05 6.48
N THR C 82 60.86 -16.23 7.00
CA THR C 82 59.78 -17.18 7.18
C THR C 82 58.56 -16.59 7.84
N ASN C 83 57.40 -17.05 7.41
CA ASN C 83 56.13 -16.57 7.93
C ASN C 83 55.36 -17.67 8.63
N ARG C 84 55.95 -18.86 8.69
CA ARG C 84 55.27 -19.96 9.32
C ARG C 84 55.54 -19.93 10.82
N LYS C 85 54.86 -20.79 11.56
CA LYS C 85 54.98 -20.90 13.01
C LYS C 85 56.42 -21.01 13.48
N GLU C 86 56.97 -22.23 13.42
CA GLU C 86 58.35 -22.50 13.84
C GLU C 86 59.25 -22.64 12.62
N ASN C 87 60.43 -22.04 12.69
CA ASN C 87 61.33 -22.12 11.58
C ASN C 87 61.59 -23.60 11.27
N ILE C 88 61.95 -23.90 10.02
CA ILE C 88 62.21 -25.27 9.60
C ILE C 88 63.66 -25.49 9.23
N PRO C 89 64.29 -26.51 9.84
CA PRO C 89 65.69 -26.84 9.57
C PRO C 89 65.80 -27.43 8.18
N LEU C 90 66.80 -26.98 7.43
CA LEU C 90 66.94 -27.45 6.06
C LEU C 90 68.30 -28.10 5.79
N LYS C 91 68.31 -28.96 4.77
CA LYS C 91 69.51 -29.68 4.36
C LYS C 91 70.01 -29.09 3.05
N LEU C 92 71.28 -29.26 2.77
CA LEU C 92 71.82 -28.73 1.53
C LEU C 92 71.95 -29.86 0.52
N SER C 93 71.78 -29.52 -0.76
CA SER C 93 71.95 -30.51 -1.82
C SER C 93 72.00 -29.90 -3.20
N GLU C 94 72.78 -30.53 -4.07
CA GLU C 94 72.91 -30.05 -5.44
C GLU C 94 71.58 -30.38 -6.10
N ASP C 95 71.00 -31.47 -5.64
CA ASP C 95 69.72 -31.92 -6.10
C ASP C 95 68.66 -31.15 -5.29
N CYS C 96 68.18 -30.05 -5.86
CA CYS C 96 67.24 -29.17 -5.20
C CYS C 96 66.18 -28.61 -6.13
N LEU C 97 66.21 -29.00 -7.39
CA LEU C 97 65.23 -28.48 -8.34
C LEU C 97 63.80 -28.94 -8.07
N TYR C 98 63.20 -28.39 -7.01
CA TYR C 98 61.82 -28.74 -6.63
C TYR C 98 60.94 -27.49 -6.37
N LEU C 99 59.63 -27.69 -6.36
CA LEU C 99 58.70 -26.61 -6.09
C LEU C 99 57.59 -27.13 -5.17
N ASN C 100 56.99 -26.22 -4.41
CA ASN C 100 55.91 -26.59 -3.51
C ASN C 100 54.58 -26.06 -3.98
N ILE C 101 53.50 -26.80 -3.70
CA ILE C 101 52.19 -26.33 -4.12
C ILE C 101 51.23 -26.28 -2.93
N TYR C 102 50.39 -25.23 -2.95
CA TYR C 102 49.38 -24.97 -1.94
C TYR C 102 48.06 -24.65 -2.66
N THR C 103 47.42 -25.66 -3.23
CA THR C 103 46.18 -25.42 -3.95
C THR C 103 44.99 -25.46 -3.02
N PRO C 104 44.14 -24.42 -3.03
CA PRO C 104 42.94 -24.36 -2.17
C PRO C 104 41.74 -24.93 -2.89
N ALA C 105 41.98 -25.45 -4.08
CA ALA C 105 40.91 -25.98 -4.87
C ALA C 105 40.42 -27.32 -4.33
N ASP C 106 39.24 -27.71 -4.79
CA ASP C 106 38.63 -28.98 -4.40
C ASP C 106 38.99 -29.95 -5.51
N LEU C 107 40.18 -30.52 -5.42
CA LEU C 107 40.71 -31.42 -6.42
C LEU C 107 39.81 -32.49 -7.01
N THR C 108 38.75 -32.86 -6.30
CA THR C 108 37.84 -33.88 -6.82
C THR C 108 37.16 -33.38 -8.10
N LYS C 109 36.86 -32.07 -8.15
CA LYS C 109 36.20 -31.45 -9.31
C LYS C 109 37.18 -30.82 -10.28
N LYS C 110 36.74 -29.83 -11.03
CA LYS C 110 37.62 -29.18 -11.99
C LYS C 110 37.65 -27.69 -11.75
N ASN C 111 38.67 -27.23 -11.04
CA ASN C 111 38.79 -25.81 -10.75
C ASN C 111 39.90 -25.21 -11.61
N ARG C 112 39.82 -23.91 -11.86
CA ARG C 112 40.84 -23.22 -12.63
C ARG C 112 41.24 -21.92 -11.97
N LEU C 113 41.50 -21.99 -10.66
CA LEU C 113 41.91 -20.83 -9.87
C LEU C 113 43.17 -20.17 -10.40
N PRO C 114 43.37 -18.89 -10.09
CA PRO C 114 44.57 -18.25 -10.60
C PRO C 114 45.81 -18.80 -9.87
N VAL C 115 46.93 -18.92 -10.59
CA VAL C 115 48.19 -19.44 -10.01
C VAL C 115 49.22 -18.34 -9.78
N MET C 116 49.87 -18.38 -8.62
CA MET C 116 50.91 -17.42 -8.26
C MET C 116 52.23 -18.14 -7.94
N VAL C 117 53.17 -18.06 -8.88
CA VAL C 117 54.48 -18.69 -8.74
C VAL C 117 55.41 -17.71 -8.03
N TRP C 118 55.81 -18.03 -6.81
CA TRP C 118 56.68 -17.16 -6.03
C TRP C 118 58.17 -17.50 -6.15
N ILE C 119 58.97 -16.55 -6.63
CA ILE C 119 60.41 -16.73 -6.76
C ILE C 119 61.11 -16.07 -5.56
N HIS C 120 61.61 -16.91 -4.66
CA HIS C 120 62.29 -16.42 -3.46
C HIS C 120 63.57 -15.70 -3.81
N GLY C 121 63.91 -14.71 -2.99
CA GLY C 121 65.13 -13.95 -3.17
C GLY C 121 66.23 -14.47 -2.25
N GLY C 122 67.33 -13.72 -2.20
CA GLY C 122 68.45 -14.09 -1.37
C GLY C 122 69.78 -13.73 -1.99
N GLY C 123 69.76 -12.85 -3.01
CA GLY C 123 71.00 -12.45 -3.65
C GLY C 123 71.53 -13.47 -4.63
N LEU C 124 70.69 -14.44 -4.94
CA LEU C 124 71.08 -15.47 -5.87
C LEU C 124 72.20 -16.32 -5.28
N MET C 125 72.37 -16.30 -3.96
CA MET C 125 73.42 -17.08 -3.28
C MET C 125 72.88 -18.02 -2.19
N VAL C 126 71.86 -17.53 -1.47
CA VAL C 126 71.23 -18.28 -0.39
C VAL C 126 69.73 -18.07 -0.45
N GLY C 127 68.96 -19.08 -0.10
CA GLY C 127 67.53 -18.92 -0.16
C GLY C 127 66.92 -20.30 -0.08
N ALA C 128 65.61 -20.40 -0.34
CA ALA C 128 64.88 -21.67 -0.27
C ALA C 128 63.39 -21.43 -0.45
N ALA C 129 62.71 -22.31 -1.16
CA ALA C 129 61.29 -22.10 -1.35
C ALA C 129 60.45 -22.63 -0.21
N SER C 130 61.00 -23.59 0.55
CA SER C 130 60.29 -24.17 1.68
C SER C 130 60.11 -23.12 2.78
N THR C 131 60.92 -22.06 2.73
CA THR C 131 60.85 -21.00 3.72
C THR C 131 59.50 -20.32 3.68
N TYR C 132 58.98 -20.05 2.47
CA TYR C 132 57.68 -19.38 2.34
C TYR C 132 56.49 -20.33 2.30
N ASP C 133 55.64 -20.25 3.33
CA ASP C 133 54.44 -21.10 3.47
C ASP C 133 53.26 -20.39 2.85
N GLY C 134 52.56 -21.08 1.95
CA GLY C 134 51.43 -20.45 1.30
C GLY C 134 50.05 -20.84 1.78
N LEU C 135 49.97 -21.55 2.90
CA LEU C 135 48.69 -21.98 3.43
C LEU C 135 47.74 -20.81 3.64
N ALA C 136 48.25 -19.71 4.18
CA ALA C 136 47.40 -18.55 4.41
C ALA C 136 46.84 -18.04 3.09
N LEU C 137 47.70 -17.41 2.28
CA LEU C 137 47.30 -16.83 0.99
C LEU C 137 46.35 -17.69 0.17
N ALA C 138 46.80 -18.88 -0.18
CA ALA C 138 45.99 -19.79 -0.98
C ALA C 138 44.59 -19.91 -0.40
N ALA C 139 44.49 -19.95 0.92
CA ALA C 139 43.20 -20.08 1.62
C ALA C 139 42.33 -18.83 1.56
N HIS C 140 42.88 -17.72 2.08
CA HIS C 140 42.22 -16.42 2.15
C HIS C 140 41.78 -15.76 0.83
N GLU C 141 42.60 -15.85 -0.21
CA GLU C 141 42.25 -15.23 -1.50
C GLU C 141 41.93 -16.23 -2.61
N ASN C 142 41.79 -17.49 -2.24
CA ASN C 142 41.50 -18.58 -3.18
C ASN C 142 42.32 -18.54 -4.46
N VAL C 143 43.59 -18.94 -4.31
CA VAL C 143 44.53 -18.97 -5.40
C VAL C 143 45.52 -20.08 -5.14
N VAL C 144 46.05 -20.64 -6.23
CA VAL C 144 47.03 -21.71 -6.13
C VAL C 144 48.38 -21.03 -5.89
N VAL C 145 49.03 -21.37 -4.79
CA VAL C 145 50.33 -20.78 -4.50
C VAL C 145 51.42 -21.78 -4.78
N VAL C 146 52.46 -21.31 -5.45
CA VAL C 146 53.57 -22.17 -5.80
C VAL C 146 54.88 -21.55 -5.32
N THR C 147 55.83 -22.38 -4.88
CA THR C 147 57.11 -21.86 -4.42
C THR C 147 58.21 -22.66 -5.10
N ILE C 148 58.80 -22.07 -6.14
CA ILE C 148 59.84 -22.75 -6.89
C ILE C 148 61.24 -22.46 -6.40
N GLN C 149 62.14 -23.37 -6.73
CA GLN C 149 63.54 -23.22 -6.34
C GLN C 149 64.39 -23.11 -7.58
N TYR C 150 65.67 -22.76 -7.42
CA TYR C 150 66.57 -22.61 -8.56
C TYR C 150 68.01 -22.56 -8.10
N ARG C 151 68.89 -23.18 -8.86
CA ARG C 151 70.29 -23.22 -8.51
C ARG C 151 70.80 -21.86 -8.09
N LEU C 152 71.75 -21.87 -7.17
CA LEU C 152 72.33 -20.63 -6.66
C LEU C 152 73.86 -20.61 -6.67
N GLY C 153 74.39 -19.45 -6.25
CA GLY C 153 75.81 -19.22 -6.19
C GLY C 153 76.43 -19.76 -7.45
N ILE C 154 77.66 -20.23 -7.34
CA ILE C 154 78.42 -20.81 -8.43
C ILE C 154 77.59 -21.78 -9.26
N TRP C 155 76.88 -22.69 -8.56
CA TRP C 155 76.04 -23.71 -9.18
C TRP C 155 74.96 -23.19 -10.15
N GLY C 156 74.44 -21.99 -9.89
CA GLY C 156 73.43 -21.39 -10.77
C GLY C 156 73.85 -20.16 -11.57
N PHE C 157 75.06 -19.63 -11.34
CA PHE C 157 75.48 -18.44 -12.07
C PHE C 157 76.91 -18.32 -12.54
N PHE C 158 77.68 -19.40 -12.44
CA PHE C 158 79.06 -19.36 -12.88
C PHE C 158 79.12 -19.27 -14.40
N SER C 159 79.65 -18.16 -14.90
CA SER C 159 79.77 -18.00 -16.33
C SER C 159 81.21 -17.70 -16.71
N THR C 160 81.61 -18.16 -17.88
CA THR C 160 82.96 -17.89 -18.36
C THR C 160 82.94 -16.88 -19.50
N GLY C 161 81.75 -16.63 -20.05
CA GLY C 161 81.63 -15.70 -21.15
C GLY C 161 81.70 -16.37 -22.52
N ASP C 162 81.63 -17.69 -22.53
CA ASP C 162 81.65 -18.41 -23.78
C ASP C 162 80.69 -19.59 -23.74
N GLU C 163 80.54 -20.23 -24.87
CA GLU C 163 79.65 -21.38 -24.99
C GLU C 163 79.90 -22.52 -23.98
N HIS C 164 81.13 -22.62 -23.49
CA HIS C 164 81.50 -23.67 -22.55
C HIS C 164 80.69 -23.56 -21.23
N SER C 165 80.17 -22.37 -20.97
CA SER C 165 79.36 -22.08 -19.78
C SER C 165 78.81 -20.63 -19.83
N ARG C 166 77.79 -20.38 -20.68
CA ARG C 166 77.15 -19.06 -20.88
C ARG C 166 76.72 -18.57 -19.53
N GLY C 167 76.05 -19.40 -18.75
CA GLY C 167 75.60 -18.95 -17.45
C GLY C 167 74.10 -18.77 -17.36
N ASN C 168 73.67 -18.16 -16.24
CA ASN C 168 72.26 -17.90 -15.92
C ASN C 168 71.46 -19.17 -15.65
N TRP C 169 72.17 -20.21 -15.26
CA TRP C 169 71.55 -21.49 -14.97
C TRP C 169 70.35 -21.34 -14.05
N GLY C 170 70.50 -20.48 -13.03
CA GLY C 170 69.42 -20.25 -12.07
C GLY C 170 68.16 -19.67 -12.65
N HIS C 171 68.34 -18.78 -13.62
CA HIS C 171 67.23 -18.16 -14.29
C HIS C 171 66.61 -19.20 -15.20
N LEU C 172 67.47 -19.89 -15.93
CA LEU C 172 67.00 -20.94 -16.82
C LEU C 172 66.15 -21.96 -16.05
N ASP C 173 66.37 -22.05 -14.74
CA ASP C 173 65.59 -22.96 -13.88
C ASP C 173 64.22 -22.34 -13.67
N GLN C 174 64.21 -21.16 -13.04
CA GLN C 174 62.97 -20.44 -12.79
C GLN C 174 62.09 -20.60 -14.01
N VAL C 175 62.69 -20.66 -15.17
CA VAL C 175 61.93 -20.83 -16.38
C VAL C 175 61.36 -22.25 -16.48
N ALA C 176 62.26 -23.23 -16.41
CA ALA C 176 61.86 -24.65 -16.50
C ALA C 176 60.72 -24.96 -15.54
N ALA C 177 60.72 -24.25 -14.42
CA ALA C 177 59.73 -24.44 -13.38
C ALA C 177 58.43 -23.85 -13.84
N LEU C 178 58.49 -22.67 -14.45
CA LEU C 178 57.31 -22.01 -14.96
C LEU C 178 56.70 -22.92 -16.00
N ARG C 179 57.56 -23.54 -16.81
CA ARG C 179 57.08 -24.47 -17.82
C ARG C 179 56.32 -25.60 -17.14
N TRP C 180 56.94 -26.24 -16.16
CA TRP C 180 56.27 -27.33 -15.44
C TRP C 180 54.91 -26.84 -14.96
N VAL C 181 54.85 -25.55 -14.65
CA VAL C 181 53.62 -24.95 -14.17
C VAL C 181 52.55 -25.00 -15.25
N GLN C 182 52.90 -24.55 -16.44
CA GLN C 182 51.96 -24.56 -17.55
C GLN C 182 51.47 -25.96 -17.92
N ASP C 183 52.31 -26.98 -17.77
CA ASP C 183 51.91 -28.32 -18.17
C ASP C 183 51.35 -29.20 -17.05
N ASN C 184 51.28 -28.66 -15.85
CA ASN C 184 50.80 -29.42 -14.73
C ASN C 184 49.82 -28.74 -13.81
N ILE C 185 50.07 -27.46 -13.47
CA ILE C 185 49.21 -26.74 -12.52
C ILE C 185 47.72 -27.01 -12.69
N ALA C 186 47.32 -27.39 -13.90
CA ALA C 186 45.91 -27.70 -14.19
C ALA C 186 45.38 -28.82 -13.32
N SER C 187 46.19 -29.84 -13.07
CA SER C 187 45.71 -30.90 -12.23
C SER C 187 45.70 -30.52 -10.76
N PHE C 188 46.08 -29.29 -10.44
CA PHE C 188 46.07 -28.89 -9.06
C PHE C 188 45.09 -27.75 -8.85
N GLY C 189 44.05 -27.75 -9.68
CA GLY C 189 43.01 -26.73 -9.60
C GLY C 189 43.37 -25.37 -10.15
N GLY C 190 44.58 -25.26 -10.67
CA GLY C 190 45.04 -23.99 -11.21
C GLY C 190 44.77 -23.78 -12.70
N ASN C 191 44.86 -22.52 -13.10
CA ASN C 191 44.63 -22.16 -14.48
C ASN C 191 45.95 -21.77 -15.13
N PRO C 192 46.49 -22.66 -15.96
CA PRO C 192 47.77 -22.41 -16.62
C PRO C 192 47.72 -21.14 -17.46
N GLY C 193 46.50 -20.68 -17.75
CA GLY C 193 46.34 -19.50 -18.56
C GLY C 193 46.40 -18.20 -17.79
N SER C 194 46.40 -18.29 -16.46
CA SER C 194 46.46 -17.08 -15.64
C SER C 194 47.52 -17.18 -14.55
N VAL C 195 48.77 -17.36 -14.99
CA VAL C 195 49.92 -17.50 -14.11
C VAL C 195 50.49 -16.13 -13.75
N THR C 196 50.87 -15.96 -12.48
CA THR C 196 51.42 -14.70 -11.99
C THR C 196 52.71 -14.94 -11.15
N ILE C 197 53.85 -14.44 -11.65
CA ILE C 197 55.12 -14.63 -10.97
C ILE C 197 55.45 -13.43 -10.11
N PHE C 198 56.07 -13.67 -8.97
CA PHE C 198 56.44 -12.58 -8.07
C PHE C 198 57.52 -13.02 -7.12
N GLY C 199 58.40 -12.09 -6.76
CA GLY C 199 59.49 -12.45 -5.88
C GLY C 199 60.14 -11.22 -5.30
N GLU C 200 60.67 -11.36 -4.10
CA GLU C 200 61.30 -10.27 -3.42
C GLU C 200 62.83 -10.25 -3.58
N SER C 201 63.40 -9.04 -3.67
CA SER C 201 64.84 -8.85 -3.79
C SER C 201 65.38 -9.53 -5.04
N ALA C 202 66.34 -10.42 -4.87
CA ALA C 202 66.91 -11.13 -6.00
C ALA C 202 65.76 -11.84 -6.70
N GLY C 203 64.80 -12.31 -5.90
CA GLY C 203 63.64 -12.95 -6.47
C GLY C 203 62.96 -12.00 -7.42
N GLY C 204 62.80 -10.75 -6.96
CA GLY C 204 62.17 -9.72 -7.77
C GLY C 204 62.93 -9.44 -9.05
N GLU C 205 64.25 -9.31 -8.93
CA GLU C 205 65.07 -9.06 -10.11
C GLU C 205 64.81 -10.16 -11.09
N SER C 206 64.63 -11.39 -10.60
CA SER C 206 64.35 -12.50 -11.48
C SER C 206 63.04 -12.26 -12.27
N VAL C 207 62.08 -11.65 -11.60
CA VAL C 207 60.83 -11.36 -12.29
C VAL C 207 61.18 -10.39 -13.40
N SER C 208 61.80 -9.27 -13.04
CA SER C 208 62.18 -8.27 -14.04
C SER C 208 62.97 -8.86 -15.23
N VAL C 209 63.76 -9.91 -14.98
CA VAL C 209 64.52 -10.54 -16.05
C VAL C 209 63.60 -11.41 -16.94
N LEU C 210 62.71 -12.16 -16.32
CA LEU C 210 61.80 -13.00 -17.11
C LEU C 210 60.94 -12.13 -18.04
N VAL C 211 60.37 -11.07 -17.48
CA VAL C 211 59.52 -10.13 -18.23
C VAL C 211 60.32 -9.58 -19.41
N LEU C 212 61.62 -9.35 -19.22
CA LEU C 212 62.46 -8.81 -20.28
C LEU C 212 63.08 -9.92 -21.14
N SER C 213 62.86 -11.16 -20.73
CA SER C 213 63.42 -12.27 -21.48
C SER C 213 62.45 -12.83 -22.48
N PRO C 214 62.93 -13.11 -23.68
CA PRO C 214 62.08 -13.65 -24.73
C PRO C 214 61.66 -15.11 -24.45
N LEU C 215 62.50 -15.87 -23.77
CA LEU C 215 62.14 -17.25 -23.49
C LEU C 215 60.96 -17.31 -22.55
N ALA C 216 61.00 -16.43 -21.55
CA ALA C 216 59.98 -16.34 -20.53
C ALA C 216 58.58 -16.07 -21.07
N LYS C 217 58.52 -15.40 -22.22
CA LYS C 217 57.26 -15.10 -22.86
C LYS C 217 56.29 -16.29 -22.87
N ASN C 218 55.03 -16.02 -22.54
CA ASN C 218 53.97 -17.04 -22.54
C ASN C 218 54.03 -17.98 -21.36
N LEU C 219 54.91 -17.70 -20.42
CA LEU C 219 55.00 -18.56 -19.26
C LEU C 219 54.42 -17.86 -18.06
N PHE C 220 53.81 -16.71 -18.31
CA PHE C 220 53.17 -15.95 -17.26
C PHE C 220 52.35 -14.80 -17.84
N HIS C 221 51.37 -14.33 -17.08
CA HIS C 221 50.49 -13.27 -17.57
C HIS C 221 50.40 -12.04 -16.68
N ARG C 222 51.14 -12.07 -15.56
CA ARG C 222 51.14 -10.97 -14.61
C ARG C 222 52.44 -11.08 -13.86
N ALA C 223 53.03 -9.93 -13.51
CA ALA C 223 54.29 -9.92 -12.79
C ALA C 223 54.36 -8.94 -11.61
N ILE C 224 55.09 -9.33 -10.57
CA ILE C 224 55.24 -8.51 -9.36
C ILE C 224 56.69 -8.57 -8.87
N SER C 225 57.42 -7.46 -9.05
CA SER C 225 58.81 -7.36 -8.59
C SER C 225 58.88 -6.57 -7.31
N GLU C 226 58.93 -7.25 -6.18
CA GLU C 226 58.98 -6.61 -4.86
C GLU C 226 60.40 -6.31 -4.39
N SER C 227 60.79 -5.04 -4.35
CA SER C 227 62.14 -4.67 -3.90
C SER C 227 63.22 -5.32 -4.73
N GLY C 228 63.26 -5.03 -6.03
CA GLY C 228 64.29 -5.61 -6.88
C GLY C 228 63.86 -5.77 -8.32
N VAL C 229 64.59 -5.13 -9.23
CA VAL C 229 64.33 -5.20 -10.67
C VAL C 229 65.62 -5.48 -11.45
N ALA C 230 65.48 -5.72 -12.74
CA ALA C 230 66.62 -6.02 -13.62
C ALA C 230 67.58 -4.85 -13.78
N LEU C 231 67.25 -3.72 -13.18
CA LEU C 231 68.12 -2.56 -13.26
C LEU C 231 68.87 -2.35 -11.93
N THR C 232 68.92 -3.42 -11.13
CA THR C 232 69.63 -3.46 -9.85
C THR C 232 71.07 -3.99 -10.14
N SER C 233 71.92 -3.12 -10.70
CA SER C 233 73.32 -3.44 -11.07
C SER C 233 74.02 -4.61 -10.38
N VAL C 234 74.12 -4.55 -9.05
CA VAL C 234 74.77 -5.58 -8.28
C VAL C 234 74.43 -7.02 -8.71
N LEU C 235 73.20 -7.21 -9.20
CA LEU C 235 72.74 -8.55 -9.59
C LEU C 235 72.98 -8.95 -11.03
N VAL C 236 73.30 -7.98 -11.87
CA VAL C 236 73.55 -8.27 -13.27
C VAL C 236 74.98 -7.86 -13.62
N LYS C 237 75.76 -8.86 -14.03
CA LYS C 237 77.16 -8.66 -14.38
C LYS C 237 77.34 -8.19 -15.81
N LYS C 238 77.83 -6.97 -15.94
CA LYS C 238 78.05 -6.37 -17.25
C LYS C 238 79.54 -6.40 -17.55
N GLY C 239 79.86 -6.39 -18.83
CA GLY C 239 81.26 -6.36 -19.23
C GLY C 239 81.81 -7.75 -19.39
N ASP C 240 83.11 -7.88 -19.21
CA ASP C 240 83.79 -9.16 -19.34
C ASP C 240 83.65 -9.93 -18.06
N VAL C 241 83.08 -11.12 -18.15
CA VAL C 241 82.88 -12.00 -17.00
C VAL C 241 84.04 -12.96 -16.83
N LYS C 242 84.83 -13.12 -17.88
CA LYS C 242 85.96 -14.04 -17.81
C LYS C 242 86.83 -13.85 -16.55
N PRO C 243 87.14 -12.59 -16.17
CA PRO C 243 87.97 -12.35 -14.98
C PRO C 243 87.43 -13.00 -13.72
N LEU C 244 86.13 -12.87 -13.48
CA LEU C 244 85.53 -13.46 -12.29
C LEU C 244 85.68 -14.99 -12.32
N ALA C 245 85.57 -15.58 -13.50
CA ALA C 245 85.67 -17.03 -13.66
C ALA C 245 87.07 -17.54 -13.34
N GLU C 246 88.07 -16.84 -13.84
CA GLU C 246 89.45 -17.24 -13.59
C GLU C 246 89.73 -17.03 -12.11
N GLN C 247 88.89 -16.26 -11.42
CA GLN C 247 89.09 -16.00 -10.00
C GLN C 247 88.51 -17.16 -9.20
N ILE C 248 87.30 -17.58 -9.56
CA ILE C 248 86.65 -18.69 -8.88
C ILE C 248 87.44 -19.98 -9.11
N ALA C 249 87.69 -20.29 -10.37
CA ALA C 249 88.41 -21.50 -10.77
C ALA C 249 89.66 -21.65 -9.94
N ILE C 250 90.45 -20.58 -9.84
CA ILE C 250 91.69 -20.54 -9.07
C ILE C 250 91.45 -20.77 -7.57
N THR C 251 90.36 -20.21 -7.04
CA THR C 251 90.02 -20.38 -5.64
C THR C 251 89.56 -21.82 -5.39
N ALA C 252 89.05 -22.47 -6.42
CA ALA C 252 88.59 -23.83 -6.25
C ALA C 252 89.71 -24.75 -6.65
N GLY C 253 90.92 -24.21 -6.80
CA GLY C 253 92.03 -25.04 -7.19
C GLY C 253 91.81 -25.61 -8.58
N CYS C 254 92.00 -24.79 -9.60
CA CYS C 254 91.81 -25.25 -10.95
C CYS C 254 92.75 -24.54 -11.89
N LYS C 255 92.99 -25.16 -13.04
CA LYS C 255 93.87 -24.60 -14.06
C LYS C 255 93.00 -23.64 -14.86
N THR C 256 93.57 -22.53 -15.29
CA THR C 256 92.80 -21.58 -16.06
C THR C 256 93.27 -21.49 -17.51
N THR C 257 93.95 -22.51 -18.00
CA THR C 257 94.43 -22.46 -19.37
C THR C 257 93.35 -22.05 -20.39
N THR C 258 92.14 -22.60 -20.27
CA THR C 258 91.05 -22.25 -21.19
C THR C 258 89.72 -22.37 -20.46
N SER C 259 88.70 -21.69 -20.97
CA SER C 259 87.40 -21.73 -20.35
C SER C 259 86.88 -23.18 -20.37
N ALA C 260 87.12 -23.87 -21.48
CA ALA C 260 86.68 -25.25 -21.63
C ALA C 260 87.29 -26.08 -20.54
N VAL C 261 88.51 -25.71 -20.16
CA VAL C 261 89.23 -26.39 -19.09
C VAL C 261 88.71 -26.00 -17.70
N MET C 262 88.52 -24.70 -17.45
CA MET C 262 88.01 -24.27 -16.15
C MET C 262 86.73 -24.99 -15.77
N VAL C 263 85.76 -25.04 -16.69
CA VAL C 263 84.51 -25.73 -16.39
C VAL C 263 84.73 -27.20 -16.05
N HIS C 264 85.35 -27.93 -16.96
CA HIS C 264 85.62 -29.36 -16.78
C HIS C 264 86.21 -29.63 -15.41
N CYS C 265 87.12 -28.76 -15.00
CA CYS C 265 87.79 -28.87 -13.73
C CYS C 265 86.81 -28.64 -12.58
N LEU C 266 85.96 -27.63 -12.70
CA LEU C 266 85.01 -27.36 -11.63
C LEU C 266 83.95 -28.46 -11.52
N ARG C 267 83.73 -29.19 -12.60
CA ARG C 267 82.74 -30.25 -12.61
C ARG C 267 83.21 -31.49 -11.88
N GLN C 268 84.52 -31.57 -11.66
CA GLN C 268 85.09 -32.70 -10.98
C GLN C 268 84.93 -32.51 -9.50
N LYS C 269 85.25 -31.32 -9.02
CA LYS C 269 85.17 -30.99 -7.59
C LYS C 269 83.91 -31.52 -6.89
N THR C 270 84.02 -31.89 -5.62
CA THR C 270 82.83 -32.39 -4.93
C THR C 270 82.03 -31.19 -4.52
N GLU C 271 80.73 -31.35 -4.45
CA GLU C 271 79.83 -30.28 -4.05
C GLU C 271 80.37 -29.58 -2.80
N GLU C 272 80.98 -30.33 -1.89
CA GLU C 272 81.51 -29.70 -0.70
C GLU C 272 82.74 -28.85 -1.02
N GLU C 273 83.55 -29.32 -1.96
CA GLU C 273 84.73 -28.58 -2.35
C GLU C 273 84.30 -27.21 -2.86
N LEU C 274 83.34 -27.19 -3.79
CA LEU C 274 82.86 -25.95 -4.34
C LEU C 274 82.28 -25.08 -3.25
N LEU C 275 81.57 -25.70 -2.31
CA LEU C 275 80.99 -24.91 -1.23
C LEU C 275 82.13 -24.24 -0.48
N GLU C 276 83.22 -24.97 -0.27
CA GLU C 276 84.36 -24.35 0.38
C GLU C 276 84.71 -23.07 -0.37
N THR C 277 84.92 -23.19 -1.66
CA THR C 277 85.24 -22.05 -2.48
C THR C 277 84.20 -20.96 -2.23
N THR C 278 82.93 -21.33 -2.13
CA THR C 278 81.89 -20.36 -1.89
C THR C 278 82.09 -19.63 -0.58
N LEU C 279 82.75 -20.27 0.37
CA LEU C 279 82.97 -19.65 1.66
C LEU C 279 84.26 -18.92 1.69
N LYS C 280 85.12 -19.22 0.71
CA LYS C 280 86.43 -18.59 0.61
C LYS C 280 86.28 -17.25 -0.10
N MET C 281 85.39 -17.19 -1.08
CA MET C 281 85.15 -15.98 -1.84
C MET C 281 84.64 -14.85 -0.97
N LYS C 282 83.84 -15.22 0.02
CA LYS C 282 83.26 -14.28 0.95
C LYS C 282 82.23 -13.39 0.28
N PHE C 283 81.21 -14.01 -0.33
CA PHE C 283 80.14 -13.26 -0.98
C PHE C 283 79.16 -12.75 0.08
N LEU C 284 78.21 -11.92 -0.35
CA LEU C 284 77.21 -11.37 0.56
C LEU C 284 77.83 -10.52 1.68
N SER C 285 79.15 -10.37 1.66
CA SER C 285 79.84 -9.59 2.68
C SER C 285 80.66 -8.46 2.06
N LEU C 286 80.61 -7.29 2.70
CA LEU C 286 81.30 -6.08 2.26
C LEU C 286 82.80 -6.12 2.50
N ASP C 287 83.59 -6.14 1.44
CA ASP C 287 85.04 -6.16 1.55
C ASP C 287 85.52 -4.77 1.96
N LEU C 288 85.88 -4.63 3.23
CA LEU C 288 86.34 -3.35 3.77
C LEU C 288 87.77 -2.99 3.34
N GLN C 289 88.61 -3.97 3.03
CA GLN C 289 89.98 -3.68 2.60
C GLN C 289 90.27 -4.23 1.20
N GLY C 290 90.87 -3.40 0.35
CA GLY C 290 91.19 -3.83 -0.99
C GLY C 290 90.81 -2.81 -2.05
N ASP C 291 90.21 -3.29 -3.14
CA ASP C 291 89.80 -2.42 -4.22
C ASP C 291 88.33 -2.66 -4.46
N PRO C 292 87.49 -1.64 -4.22
CA PRO C 292 86.04 -1.69 -4.39
C PRO C 292 85.59 -2.16 -5.78
N ARG C 293 86.45 -1.93 -6.78
CA ARG C 293 86.15 -2.29 -8.16
C ARG C 293 86.49 -3.75 -8.49
N GLU C 294 87.67 -4.18 -8.07
CA GLU C 294 88.15 -5.53 -8.29
C GLU C 294 87.47 -6.52 -7.35
N SER C 295 86.77 -6.00 -6.35
CA SER C 295 86.10 -6.85 -5.38
C SER C 295 84.74 -7.29 -5.85
N GLN C 296 84.71 -8.47 -6.46
CA GLN C 296 83.48 -9.03 -6.95
C GLN C 296 82.56 -9.39 -5.78
N PRO C 297 81.40 -8.70 -5.66
CA PRO C 297 80.41 -8.94 -4.59
C PRO C 297 79.67 -10.29 -4.63
N LEU C 298 79.25 -10.71 -5.83
CA LEU C 298 78.55 -11.98 -6.04
C LEU C 298 78.20 -12.21 -7.52
N LEU C 299 78.61 -13.36 -8.05
CA LEU C 299 78.33 -13.72 -9.44
C LEU C 299 76.82 -13.71 -9.64
N GLY C 300 76.35 -13.42 -10.84
CA GLY C 300 74.92 -13.41 -10.99
C GLY C 300 74.44 -13.35 -12.41
N THR C 301 73.33 -12.67 -12.64
CA THR C 301 72.78 -12.58 -13.98
C THR C 301 73.81 -12.04 -14.98
N VAL C 302 73.78 -12.58 -16.20
CA VAL C 302 74.65 -12.12 -17.28
C VAL C 302 73.93 -12.11 -18.63
N ILE C 303 74.58 -11.52 -19.63
CA ILE C 303 74.00 -11.47 -20.95
C ILE C 303 74.51 -12.66 -21.73
N ASP C 304 73.91 -13.82 -21.49
CA ASP C 304 74.34 -15.05 -22.14
C ASP C 304 74.16 -15.08 -23.63
N GLY C 305 72.96 -14.71 -24.08
CA GLY C 305 72.63 -14.76 -25.49
C GLY C 305 71.54 -15.80 -25.67
N MET C 306 71.08 -16.37 -24.57
CA MET C 306 70.00 -17.36 -24.60
C MET C 306 68.80 -16.83 -23.82
N LEU C 307 69.06 -16.22 -22.66
CA LEU C 307 67.99 -15.66 -21.83
C LEU C 307 67.95 -14.15 -21.96
N LEU C 308 69.11 -13.54 -22.11
CA LEU C 308 69.23 -12.11 -22.29
C LEU C 308 70.12 -11.85 -23.47
N LEU C 309 69.57 -11.22 -24.50
CA LEU C 309 70.33 -10.90 -25.71
C LEU C 309 71.06 -9.57 -25.55
N LYS C 310 70.74 -8.83 -24.47
CA LYS C 310 71.35 -7.53 -24.18
C LYS C 310 71.04 -6.98 -22.80
N THR C 311 71.83 -6.02 -22.35
CA THR C 311 71.64 -5.46 -21.03
C THR C 311 70.23 -4.97 -20.92
N PRO C 312 69.65 -5.07 -19.71
CA PRO C 312 68.27 -4.62 -19.52
C PRO C 312 68.12 -3.12 -19.85
N GLU C 313 69.23 -2.39 -19.81
CA GLU C 313 69.23 -0.97 -20.10
C GLU C 313 69.05 -0.76 -21.58
N GLU C 314 69.37 -1.76 -22.37
CA GLU C 314 69.22 -1.65 -23.80
C GLU C 314 67.97 -2.38 -24.26
N LEU C 315 67.35 -3.10 -23.35
CA LEU C 315 66.13 -3.85 -23.64
C LEU C 315 64.86 -2.99 -23.48
N GLN C 316 64.79 -2.26 -22.39
CA GLN C 316 63.64 -1.40 -22.14
C GLN C 316 63.38 -0.41 -23.28
N ALA C 317 64.44 0.00 -23.97
CA ALA C 317 64.32 0.95 -25.09
C ALA C 317 63.55 0.41 -26.29
N GLU C 318 63.18 -0.87 -26.23
CA GLU C 318 62.45 -1.53 -27.32
C GLU C 318 61.03 -1.95 -26.90
N ARG C 319 60.02 -1.22 -27.39
CA ARG C 319 58.61 -1.50 -27.11
C ARG C 319 58.12 -2.68 -27.96
N ASN C 320 58.95 -3.08 -28.92
CA ASN C 320 58.64 -4.20 -29.82
C ASN C 320 58.78 -5.53 -29.06
N PHE C 321 57.78 -5.86 -28.26
CA PHE C 321 57.78 -7.10 -27.48
C PHE C 321 56.41 -7.37 -26.79
N HIS C 322 56.36 -8.45 -26.02
CA HIS C 322 55.16 -8.87 -25.28
C HIS C 322 55.10 -8.17 -23.93
N THR C 323 53.97 -7.52 -23.68
CA THR C 323 53.75 -6.79 -22.45
C THR C 323 52.68 -7.44 -21.59
N VAL C 324 52.85 -7.34 -20.27
CA VAL C 324 51.92 -7.92 -19.30
C VAL C 324 51.82 -7.01 -18.08
N PRO C 325 50.68 -7.01 -17.39
CA PRO C 325 50.49 -6.18 -16.21
C PRO C 325 51.67 -6.40 -15.29
N TYR C 326 52.30 -5.32 -14.88
CA TYR C 326 53.47 -5.38 -14.02
C TYR C 326 53.25 -4.53 -12.78
N MET C 327 53.67 -5.03 -11.63
CA MET C 327 53.54 -4.26 -10.39
C MET C 327 54.89 -4.15 -9.67
N VAL C 328 55.57 -3.04 -9.86
CA VAL C 328 56.84 -2.85 -9.22
C VAL C 328 56.65 -2.16 -7.86
N GLY C 329 57.41 -2.56 -6.85
CA GLY C 329 57.26 -1.93 -5.55
C GLY C 329 58.55 -1.83 -4.76
N ILE C 330 58.62 -0.86 -3.85
CA ILE C 330 59.82 -0.67 -3.04
C ILE C 330 59.38 -0.36 -1.63
N ASN C 331 60.26 -0.59 -0.63
CA ASN C 331 59.95 -0.27 0.77
C ASN C 331 60.60 1.04 1.21
N LYS C 332 59.99 1.70 2.18
CA LYS C 332 60.49 2.96 2.70
C LYS C 332 62.00 2.93 2.99
N GLN C 333 62.45 2.04 3.87
CA GLN C 333 63.88 1.97 4.18
C GLN C 333 64.49 0.63 3.72
N GLU C 334 64.78 0.51 2.43
CA GLU C 334 65.33 -0.75 1.93
C GLU C 334 66.66 -1.14 2.57
N PHE C 335 67.64 -0.24 2.50
CA PHE C 335 68.95 -0.52 3.08
C PHE C 335 68.97 -0.01 4.51
N GLY C 336 67.92 -0.37 5.25
CA GLY C 336 67.79 0.09 6.62
C GLY C 336 68.20 -0.86 7.72
N TRP C 337 68.43 -2.12 7.38
CA TRP C 337 68.86 -3.07 8.38
C TRP C 337 69.23 -4.41 7.79
N LEU C 338 68.22 -5.22 7.51
CA LEU C 338 68.45 -6.55 6.99
C LEU C 338 69.65 -6.66 6.06
N ILE C 339 69.88 -5.65 5.24
CA ILE C 339 71.00 -5.71 4.31
C ILE C 339 72.31 -5.24 4.95
N PRO C 340 72.30 -4.08 5.62
CA PRO C 340 73.50 -3.53 6.27
C PRO C 340 74.05 -4.46 7.35
N MET C 341 73.15 -5.28 7.90
CA MET C 341 73.47 -6.25 8.93
C MET C 341 74.10 -7.49 8.31
N LEU C 342 73.37 -8.17 7.42
CA LEU C 342 73.89 -9.37 6.78
C LEU C 342 75.27 -9.12 6.17
N MET C 343 75.48 -7.93 5.62
CA MET C 343 76.76 -7.60 4.99
C MET C 343 77.79 -7.11 5.98
N SER C 344 77.38 -7.01 7.24
CA SER C 344 78.27 -6.55 8.29
C SER C 344 78.83 -5.16 7.95
N TYR C 345 77.97 -4.16 8.02
CA TYR C 345 78.39 -2.81 7.73
C TYR C 345 78.96 -2.17 8.98
N PRO C 346 80.01 -1.34 8.81
CA PRO C 346 80.73 -0.60 9.86
C PRO C 346 79.94 0.53 10.53
N LEU C 347 78.62 0.48 10.40
CA LEU C 347 77.74 1.51 10.97
C LEU C 347 77.28 1.16 12.38
N SER C 348 78.15 0.51 13.16
CA SER C 348 77.79 0.13 14.51
C SER C 348 77.83 1.34 15.43
N GLU C 349 78.42 2.43 14.94
CA GLU C 349 78.52 3.67 15.72
C GLU C 349 77.16 4.35 15.83
N GLY C 350 76.33 4.12 14.83
CA GLY C 350 75.01 4.72 14.82
C GLY C 350 75.08 6.14 14.29
N GLN C 351 76.19 6.48 13.62
CA GLN C 351 76.39 7.81 13.07
C GLN C 351 77.63 7.84 12.16
N LEU C 352 77.85 8.97 11.49
CA LEU C 352 79.01 9.14 10.63
C LEU C 352 78.96 10.48 9.89
N ASP C 353 80.13 11.12 9.79
CA ASP C 353 80.24 12.41 9.11
C ASP C 353 80.44 12.22 7.62
N GLN C 354 80.69 13.32 6.91
CA GLN C 354 80.90 13.30 5.47
C GLN C 354 82.18 12.61 5.01
N LYS C 355 83.31 12.97 5.62
CA LYS C 355 84.59 12.35 5.22
C LYS C 355 84.60 10.84 5.38
N THR C 356 83.66 10.32 6.14
CA THR C 356 83.57 8.88 6.34
C THR C 356 82.66 8.32 5.28
N ALA C 357 81.48 8.93 5.15
CA ALA C 357 80.47 8.52 4.16
C ALA C 357 81.06 8.51 2.75
N MET C 358 81.79 9.57 2.41
CA MET C 358 82.40 9.62 1.09
C MET C 358 83.31 8.44 0.88
N SER C 359 83.91 7.97 1.98
CA SER C 359 84.82 6.83 1.90
C SER C 359 84.03 5.52 1.91
N LEU C 360 82.82 5.56 2.48
CA LEU C 360 81.96 4.38 2.55
C LEU C 360 81.33 4.07 1.20
N LEU C 361 80.79 5.11 0.56
CA LEU C 361 80.15 4.96 -0.74
C LEU C 361 81.13 4.41 -1.78
N TRP C 362 82.41 4.59 -1.51
CA TRP C 362 83.47 4.11 -2.40
C TRP C 362 83.62 2.60 -2.25
N LYS C 363 83.89 2.16 -1.03
CA LYS C 363 84.05 0.73 -0.75
C LYS C 363 82.76 -0.01 -1.12
N SER C 364 81.66 0.72 -1.16
CA SER C 364 80.39 0.13 -1.51
C SER C 364 80.22 0.05 -3.00
N TYR C 365 81.33 0.22 -3.73
CA TYR C 365 81.31 0.19 -5.18
C TYR C 365 80.57 -1.00 -5.78
N PRO C 366 80.68 -2.18 -5.20
CA PRO C 366 79.98 -3.35 -5.74
C PRO C 366 78.45 -3.26 -5.70
N LEU C 367 77.93 -2.34 -4.90
CA LEU C 367 76.48 -2.14 -4.81
C LEU C 367 76.03 -0.91 -5.60
N VAL C 368 76.52 0.26 -5.21
CA VAL C 368 76.17 1.52 -5.85
C VAL C 368 76.82 1.80 -7.20
N CYS C 369 78.01 1.26 -7.43
CA CYS C 369 78.74 1.46 -8.68
C CYS C 369 78.89 2.95 -9.04
N ILE C 370 79.23 3.76 -8.05
CA ILE C 370 79.42 5.19 -8.21
C ILE C 370 80.89 5.50 -8.39
N ALA C 371 81.25 6.33 -9.36
CA ALA C 371 82.67 6.64 -9.55
C ALA C 371 83.25 7.45 -8.40
N LYS C 372 84.58 7.46 -8.30
CA LYS C 372 85.28 8.18 -7.23
C LYS C 372 85.26 9.70 -7.42
N GLU C 373 84.73 10.14 -8.55
CA GLU C 373 84.66 11.57 -8.82
C GLU C 373 83.23 12.04 -8.67
N LEU C 374 82.34 11.13 -8.36
CA LEU C 374 80.95 11.50 -8.20
C LEU C 374 80.57 11.50 -6.73
N ILE C 375 81.38 10.79 -5.95
CA ILE C 375 81.13 10.66 -4.52
C ILE C 375 80.75 11.99 -3.86
N PRO C 376 81.55 13.05 -4.07
CA PRO C 376 81.23 14.34 -3.46
C PRO C 376 79.87 14.89 -3.85
N GLU C 377 79.59 14.88 -5.15
CA GLU C 377 78.33 15.39 -5.68
C GLU C 377 77.14 14.62 -5.12
N ALA C 378 77.26 13.31 -4.99
CA ALA C 378 76.17 12.51 -4.46
C ALA C 378 76.10 12.62 -2.96
N THR C 379 77.24 12.79 -2.30
CA THR C 379 77.26 12.91 -0.85
C THR C 379 76.72 14.24 -0.41
N GLU C 380 77.07 15.28 -1.13
CA GLU C 380 76.63 16.63 -0.80
C GLU C 380 75.15 16.84 -1.10
N LYS C 381 74.55 15.91 -1.83
CA LYS C 381 73.14 16.03 -2.19
C LYS C 381 72.19 15.35 -1.21
N TYR C 382 72.70 14.33 -0.51
CA TYR C 382 71.91 13.56 0.44
C TYR C 382 72.24 13.88 1.90
N LEU C 383 73.47 14.27 2.17
CA LEU C 383 73.88 14.57 3.53
C LEU C 383 74.11 16.05 3.77
N GLY C 384 74.29 16.81 2.69
CA GLY C 384 74.52 18.24 2.84
C GLY C 384 73.35 18.99 3.46
N GLY C 385 72.28 18.27 3.82
CA GLY C 385 71.12 18.91 4.42
C GLY C 385 71.34 19.34 5.86
N THR C 386 71.48 18.35 6.74
CA THR C 386 71.71 18.59 8.17
C THR C 386 73.18 18.35 8.58
N ASP C 387 73.48 18.54 9.86
CA ASP C 387 74.83 18.36 10.41
C ASP C 387 74.83 17.24 11.46
N ASP C 388 73.62 16.82 11.84
CA ASP C 388 73.46 15.78 12.84
C ASP C 388 74.05 14.48 12.32
N THR C 389 75.29 14.19 12.71
CA THR C 389 75.95 12.97 12.24
C THR C 389 75.14 11.70 12.37
N VAL C 390 74.04 11.75 13.11
CA VAL C 390 73.21 10.57 13.29
C VAL C 390 72.14 10.51 12.19
N LYS C 391 71.67 11.68 11.77
CA LYS C 391 70.64 11.74 10.71
C LYS C 391 71.33 11.72 9.33
N LYS C 392 72.65 11.90 9.30
CA LYS C 392 73.41 11.85 8.05
C LYS C 392 73.61 10.39 7.71
N LYS C 393 73.33 9.53 8.67
CA LYS C 393 73.48 8.10 8.48
C LYS C 393 72.26 7.56 7.80
N ASP C 394 71.10 7.92 8.36
CA ASP C 394 69.84 7.48 7.81
C ASP C 394 69.68 7.96 6.38
N LEU C 395 70.45 8.98 6.00
CA LEU C 395 70.40 9.52 4.65
C LEU C 395 71.40 8.77 3.79
N PHE C 396 72.52 8.36 4.38
CA PHE C 396 73.51 7.58 3.65
C PHE C 396 72.87 6.24 3.34
N LEU C 397 72.11 5.72 4.29
CA LEU C 397 71.43 4.45 4.08
C LEU C 397 70.40 4.60 2.99
N ASP C 398 69.56 5.63 3.14
CA ASP C 398 68.50 5.95 2.19
C ASP C 398 69.14 6.22 0.83
N LEU C 399 70.40 6.65 0.85
CA LEU C 399 71.17 6.90 -0.38
C LEU C 399 71.34 5.55 -1.08
N ILE C 400 72.03 4.61 -0.43
CA ILE C 400 72.25 3.30 -1.03
C ILE C 400 70.96 2.64 -1.44
N ALA C 401 69.89 2.92 -0.69
CA ALA C 401 68.62 2.33 -1.00
C ALA C 401 68.02 2.88 -2.29
N ASP C 402 68.25 4.15 -2.58
CA ASP C 402 67.71 4.75 -3.79
C ASP C 402 68.40 4.29 -5.07
N VAL C 403 69.68 3.97 -5.00
CA VAL C 403 70.41 3.54 -6.18
C VAL C 403 70.22 2.08 -6.49
N MET C 404 69.81 1.31 -5.49
CA MET C 404 69.61 -0.10 -5.73
C MET C 404 68.15 -0.48 -5.94
N PHE C 405 67.26 0.13 -5.18
CA PHE C 405 65.85 -0.20 -5.31
C PHE C 405 65.01 1.01 -5.70
N GLY C 406 65.33 2.16 -5.09
CA GLY C 406 64.61 3.38 -5.35
C GLY C 406 64.46 3.73 -6.81
N VAL C 407 65.39 4.53 -7.31
CA VAL C 407 65.35 4.93 -8.69
C VAL C 407 65.12 3.82 -9.70
N PRO C 408 65.98 2.78 -9.73
CA PRO C 408 65.89 1.63 -10.66
C PRO C 408 64.51 1.06 -10.81
N SER C 409 63.90 0.71 -9.68
CA SER C 409 62.56 0.16 -9.71
C SER C 409 61.63 1.12 -10.44
N VAL C 410 61.78 2.43 -10.18
CA VAL C 410 60.90 3.39 -10.82
C VAL C 410 61.18 3.46 -12.31
N ILE C 411 62.45 3.66 -12.69
CA ILE C 411 62.79 3.70 -14.11
C ILE C 411 62.19 2.50 -14.85
N VAL C 412 62.16 1.36 -14.17
CA VAL C 412 61.58 0.15 -14.76
C VAL C 412 60.09 0.36 -14.96
N ALA C 413 59.42 0.95 -13.98
CA ALA C 413 57.98 1.17 -14.09
C ALA C 413 57.66 2.15 -15.22
N ARG C 414 58.43 3.25 -15.26
CA ARG C 414 58.28 4.32 -16.23
C ARG C 414 58.46 3.79 -17.63
N ASN C 415 59.34 2.79 -17.77
CA ASN C 415 59.62 2.21 -19.07
C ASN C 415 58.60 1.18 -19.49
N HIS C 416 57.98 0.51 -18.52
CA HIS C 416 56.95 -0.47 -18.82
C HIS C 416 55.65 0.26 -19.22
N ARG C 417 55.34 1.32 -18.48
CA ARG C 417 54.17 2.12 -18.77
C ARG C 417 54.35 2.72 -20.16
N ASP C 418 55.44 3.47 -20.32
CA ASP C 418 55.79 4.14 -21.58
C ASP C 418 55.90 3.19 -22.77
N ALA C 419 55.95 1.88 -22.49
CA ALA C 419 56.05 0.85 -23.54
C ALA C 419 54.63 0.38 -23.85
N GLY C 420 53.68 1.01 -23.17
CA GLY C 420 52.28 0.66 -23.37
C GLY C 420 51.90 -0.61 -22.63
N ALA C 421 51.68 -0.50 -21.32
CA ALA C 421 51.31 -1.67 -20.55
C ALA C 421 50.92 -1.29 -19.15
N PRO C 422 49.89 -1.95 -18.60
CA PRO C 422 49.39 -1.69 -17.25
C PRO C 422 50.51 -1.73 -16.22
N THR C 423 50.87 -0.58 -15.63
CA THR C 423 51.92 -0.57 -14.62
C THR C 423 51.39 -0.05 -13.27
N TYR C 424 51.91 -0.59 -12.16
CA TYR C 424 51.49 -0.19 -10.82
C TYR C 424 52.68 -0.12 -9.88
N MET C 425 52.63 0.80 -8.91
CA MET C 425 53.70 0.95 -7.93
C MET C 425 53.17 1.10 -6.52
N TYR C 426 54.06 0.90 -5.55
CA TYR C 426 53.74 1.01 -4.13
C TYR C 426 54.99 1.13 -3.27
N GLU C 427 54.83 1.74 -2.11
CA GLU C 427 55.93 1.91 -1.17
C GLU C 427 55.42 1.40 0.16
N PHE C 428 55.90 0.25 0.60
CA PHE C 428 55.47 -0.33 1.86
C PHE C 428 56.07 0.45 2.99
N GLN C 429 55.26 0.80 3.98
CA GLN C 429 55.74 1.55 5.14
C GLN C 429 55.13 1.02 6.44
N TYR C 430 55.60 -0.16 6.86
CA TYR C 430 55.11 -0.80 8.08
C TYR C 430 56.20 -1.65 8.73
N ARG C 431 56.17 -1.75 10.06
CA ARG C 431 57.13 -2.55 10.79
C ARG C 431 56.37 -3.68 11.45
N PRO C 432 56.45 -4.89 10.86
CA PRO C 432 55.78 -6.09 11.36
C PRO C 432 56.22 -6.46 12.76
N SER C 433 55.35 -7.12 13.51
CA SER C 433 55.70 -7.51 14.87
C SER C 433 56.49 -8.81 14.88
N PHE C 434 56.82 -9.26 13.68
CA PHE C 434 57.56 -10.50 13.51
C PHE C 434 59.05 -10.22 13.26
N SER C 435 59.42 -8.94 13.29
CA SER C 435 60.80 -8.54 13.06
C SER C 435 61.72 -9.05 14.15
N SER C 436 63.00 -9.15 13.83
CA SER C 436 64.01 -9.60 14.78
C SER C 436 64.07 -8.69 16.00
N ASP C 437 64.40 -9.25 17.15
CA ASP C 437 64.50 -8.47 18.36
C ASP C 437 65.77 -7.62 18.29
N MET C 438 66.47 -7.67 17.15
CA MET C 438 67.70 -6.92 17.00
C MET C 438 67.54 -5.73 16.03
N LYS C 439 66.36 -5.60 15.46
CA LYS C 439 66.10 -4.51 14.52
C LYS C 439 65.42 -3.33 15.23
N PRO C 440 66.05 -2.15 15.19
CA PRO C 440 65.48 -0.97 15.85
C PRO C 440 64.04 -0.71 15.44
N LYS C 441 63.25 -0.18 16.37
CA LYS C 441 61.83 0.09 16.13
C LYS C 441 61.66 1.34 15.29
N THR C 442 62.76 2.06 15.10
CA THR C 442 62.74 3.29 14.30
C THR C 442 62.80 3.00 12.81
N VAL C 443 63.33 1.84 12.44
CA VAL C 443 63.43 1.43 11.03
C VAL C 443 62.09 0.86 10.60
N ILE C 444 61.38 1.61 9.76
CA ILE C 444 60.09 1.14 9.31
C ILE C 444 60.17 0.75 7.86
N GLY C 445 59.49 -0.34 7.51
CA GLY C 445 59.48 -0.79 6.13
C GLY C 445 60.85 -1.08 5.58
N ASP C 446 61.51 -2.04 6.20
CA ASP C 446 62.86 -2.46 5.81
C ASP C 446 62.75 -3.55 4.73
N HIS C 447 63.88 -3.90 4.12
CA HIS C 447 63.90 -4.91 3.09
C HIS C 447 63.20 -6.20 3.53
N GLY C 448 62.18 -6.59 2.79
CA GLY C 448 61.48 -7.82 3.14
C GLY C 448 60.34 -7.67 4.12
N ASP C 449 60.17 -6.50 4.72
CA ASP C 449 59.09 -6.30 5.67
C ASP C 449 57.69 -6.53 5.09
N GLU C 450 57.57 -6.47 3.78
CA GLU C 450 56.26 -6.64 3.13
C GLU C 450 55.86 -8.09 3.06
N LEU C 451 56.84 -8.96 3.08
CA LEU C 451 56.60 -10.39 2.99
C LEU C 451 55.62 -10.87 4.04
N PHE C 452 55.86 -10.47 5.29
CA PHE C 452 55.00 -10.84 6.40
C PHE C 452 53.56 -10.46 6.12
N SER C 453 53.37 -9.49 5.23
CA SER C 453 52.03 -9.02 4.86
C SER C 453 51.52 -9.84 3.66
N VAL C 454 52.33 -9.93 2.61
CA VAL C 454 51.97 -10.67 1.41
C VAL C 454 51.69 -12.16 1.62
N PHE C 455 52.40 -12.78 2.54
CA PHE C 455 52.15 -14.19 2.76
C PHE C 455 51.28 -14.43 3.97
N GLY C 456 50.73 -13.33 4.48
CA GLY C 456 49.83 -13.42 5.60
C GLY C 456 50.41 -14.10 6.82
N ALA C 457 51.58 -13.63 7.24
CA ALA C 457 52.20 -14.17 8.44
C ALA C 457 51.25 -14.02 9.65
N PRO C 458 50.56 -12.86 9.79
CA PRO C 458 49.64 -12.64 10.92
C PRO C 458 48.56 -13.68 11.09
N PHE C 459 48.59 -14.74 10.29
CA PHE C 459 47.60 -15.82 10.40
C PHE C 459 48.19 -17.21 10.65
N LEU C 460 49.51 -17.33 10.69
CA LEU C 460 50.17 -18.61 10.95
C LEU C 460 50.97 -18.53 12.24
N LYS C 461 51.41 -17.32 12.58
CA LYS C 461 52.18 -17.04 13.79
C LYS C 461 51.32 -16.22 14.78
N GLU C 462 51.77 -16.12 16.03
CA GLU C 462 50.99 -15.40 17.02
C GLU C 462 51.55 -14.04 17.39
N GLY C 463 50.66 -13.14 17.84
CA GLY C 463 51.08 -11.81 18.26
C GLY C 463 50.78 -10.70 17.29
N ALA C 464 49.83 -10.95 16.39
CA ALA C 464 49.46 -9.96 15.39
C ALA C 464 48.42 -8.99 15.91
N SER C 465 48.80 -7.73 15.99
CA SER C 465 47.89 -6.69 16.47
C SER C 465 46.67 -6.71 15.57
N GLU C 466 45.59 -6.12 16.04
CA GLU C 466 44.38 -6.10 15.24
C GLU C 466 44.63 -5.29 13.97
N GLU C 467 45.49 -4.29 14.07
CA GLU C 467 45.83 -3.45 12.93
C GLU C 467 46.55 -4.22 11.82
N GLU C 468 47.67 -4.86 12.15
CA GLU C 468 48.45 -5.62 11.17
C GLU C 468 47.62 -6.69 10.49
N ILE C 469 46.91 -7.47 11.28
CA ILE C 469 46.08 -8.52 10.74
C ILE C 469 45.28 -7.96 9.58
N ARG C 470 44.76 -6.75 9.76
CA ARG C 470 43.96 -6.09 8.74
C ARG C 470 44.83 -5.76 7.55
N LEU C 471 45.98 -5.15 7.82
CA LEU C 471 46.91 -4.80 6.75
C LEU C 471 47.23 -6.05 5.97
N SER C 472 47.64 -7.11 6.67
CA SER C 472 47.97 -8.32 5.96
C SER C 472 46.86 -8.77 5.03
N LYS C 473 45.61 -8.54 5.42
CA LYS C 473 44.47 -8.96 4.60
C LYS C 473 44.41 -8.10 3.34
N MET C 474 44.37 -6.79 3.55
CA MET C 474 44.29 -5.86 2.45
C MET C 474 45.36 -6.11 1.37
N VAL C 475 46.62 -6.20 1.76
CA VAL C 475 47.67 -6.43 0.77
C VAL C 475 47.48 -7.74 0.04
N MET C 476 47.05 -8.75 0.79
CA MET C 476 46.81 -10.07 0.20
C MET C 476 45.72 -9.98 -0.87
N LYS C 477 44.63 -9.28 -0.54
CA LYS C 477 43.55 -9.15 -1.49
C LYS C 477 44.07 -8.35 -2.66
N PHE C 478 44.85 -7.33 -2.37
CA PHE C 478 45.35 -6.51 -3.47
C PHE C 478 46.10 -7.41 -4.41
N TRP C 479 47.05 -8.15 -3.85
CA TRP C 479 47.89 -9.06 -4.62
C TRP C 479 47.06 -10.03 -5.45
N ALA C 480 46.24 -10.84 -4.79
CA ALA C 480 45.42 -11.82 -5.52
C ALA C 480 44.55 -11.07 -6.53
N ASN C 481 44.12 -9.88 -6.17
CA ASN C 481 43.31 -9.10 -7.07
C ASN C 481 44.08 -8.84 -8.35
N PHE C 482 45.36 -8.52 -8.23
CA PHE C 482 46.21 -8.25 -9.38
C PHE C 482 46.50 -9.54 -10.15
N ALA C 483 46.40 -10.68 -9.47
CA ALA C 483 46.68 -11.96 -10.10
C ALA C 483 45.50 -12.38 -10.90
N ARG C 484 44.33 -11.90 -10.47
CA ARG C 484 43.08 -12.23 -11.14
C ARG C 484 42.84 -11.48 -12.43
N ASN C 485 43.06 -10.17 -12.42
CA ASN C 485 42.84 -9.37 -13.60
C ASN C 485 43.90 -8.31 -13.87
N GLY C 486 45.11 -8.49 -13.39
CA GLY C 486 46.14 -7.49 -13.63
C GLY C 486 45.70 -6.11 -13.16
N ASN C 487 44.99 -6.10 -12.05
CA ASN C 487 44.46 -4.87 -11.46
C ASN C 487 44.25 -5.15 -9.98
N PRO C 488 44.99 -4.46 -9.14
CA PRO C 488 44.89 -4.63 -7.69
C PRO C 488 43.59 -4.18 -7.08
N ASN C 489 42.92 -3.23 -7.73
CA ASN C 489 41.67 -2.66 -7.23
C ASN C 489 40.50 -3.61 -7.12
N GLY C 490 39.67 -3.40 -6.10
CA GLY C 490 38.50 -4.25 -5.91
C GLY C 490 37.39 -3.61 -5.10
N GLU C 491 36.74 -4.39 -4.24
CA GLU C 491 35.68 -3.87 -3.40
C GLU C 491 36.16 -3.79 -1.95
N GLY C 492 35.92 -2.64 -1.33
CA GLY C 492 36.33 -2.46 0.04
C GLY C 492 37.82 -2.20 0.21
N LEU C 493 38.52 -1.93 -0.89
CA LEU C 493 39.94 -1.65 -0.81
C LEU C 493 40.21 -0.27 -1.33
N PRO C 494 41.15 0.45 -0.70
CA PRO C 494 41.52 1.81 -1.11
C PRO C 494 41.82 1.80 -2.61
N HIS C 495 41.50 2.88 -3.29
CA HIS C 495 41.75 2.97 -4.71
C HIS C 495 43.21 3.01 -5.02
N TRP C 496 43.59 2.19 -6.00
CA TRP C 496 44.97 2.12 -6.43
C TRP C 496 45.06 2.59 -7.87
N PRO C 497 45.55 3.81 -8.05
CA PRO C 497 45.68 4.38 -9.37
C PRO C 497 46.72 3.69 -10.24
N GLU C 498 46.38 3.46 -11.49
CA GLU C 498 47.31 2.88 -12.41
C GLU C 498 48.47 3.85 -12.55
N TYR C 499 49.69 3.34 -12.53
CA TYR C 499 50.88 4.16 -12.67
C TYR C 499 50.95 4.64 -14.12
N ASN C 500 50.29 5.76 -14.42
CA ASN C 500 50.32 6.32 -15.77
C ASN C 500 51.22 7.55 -15.77
N GLN C 501 50.96 8.51 -16.66
CA GLN C 501 51.81 9.70 -16.75
C GLN C 501 51.81 10.61 -15.51
N LYS C 502 50.79 10.48 -14.69
CA LYS C 502 50.70 11.27 -13.46
C LYS C 502 51.61 10.60 -12.43
N GLU C 503 52.01 9.36 -12.73
CA GLU C 503 52.87 8.58 -11.86
C GLU C 503 52.24 8.35 -10.50
N GLY C 504 50.99 7.93 -10.50
CA GLY C 504 50.31 7.70 -9.24
C GLY C 504 50.59 6.32 -8.70
N TYR C 505 50.94 6.26 -7.42
CA TYR C 505 51.23 4.98 -6.81
C TYR C 505 50.47 4.87 -5.50
N LEU C 506 50.58 3.73 -4.82
CA LEU C 506 49.88 3.56 -3.57
C LEU C 506 50.93 3.38 -2.50
N GLN C 507 50.68 4.01 -1.35
CA GLN C 507 51.53 3.94 -0.17
C GLN C 507 50.86 2.94 0.76
N ILE C 508 51.49 1.80 0.99
CA ILE C 508 50.88 0.82 1.86
C ILE C 508 51.52 0.89 3.24
N GLY C 509 50.66 0.78 4.25
CA GLY C 509 51.10 0.82 5.63
C GLY C 509 49.93 0.88 6.59
N ALA C 510 50.11 1.55 7.71
CA ALA C 510 49.03 1.68 8.69
C ALA C 510 47.90 2.37 7.96
N ASN C 511 48.14 3.59 7.50
CA ASN C 511 47.14 4.33 6.75
C ASN C 511 47.49 4.13 5.28
N THR C 512 46.54 3.63 4.53
CA THR C 512 46.77 3.39 3.12
C THR C 512 45.99 4.35 2.23
N GLN C 513 46.74 5.01 1.34
CA GLN C 513 46.17 5.97 0.40
C GLN C 513 47.16 6.20 -0.74
N ALA C 514 46.65 6.57 -1.92
CA ALA C 514 47.46 6.83 -3.09
C ALA C 514 48.28 8.12 -2.97
N ALA C 515 49.15 8.37 -3.94
CA ALA C 515 49.98 9.56 -3.97
C ALA C 515 50.52 9.71 -5.39
N GLN C 516 51.28 10.76 -5.67
CA GLN C 516 51.80 10.95 -7.02
C GLN C 516 53.31 11.28 -7.06
N LYS C 517 53.97 10.92 -8.16
CA LYS C 517 55.41 11.16 -8.35
C LYS C 517 56.25 10.48 -7.29
N LEU C 518 56.53 9.19 -7.47
CA LEU C 518 57.33 8.44 -6.50
C LEU C 518 58.79 8.53 -6.88
N LYS C 519 59.62 9.08 -5.98
CA LYS C 519 61.06 9.22 -6.25
C LYS C 519 61.32 10.04 -7.52
N ASP C 520 60.53 11.07 -7.76
CA ASP C 520 60.68 11.89 -8.96
C ASP C 520 62.01 12.65 -9.00
N LYS C 521 62.28 13.39 -7.93
CA LYS C 521 63.50 14.18 -7.80
C LYS C 521 64.72 13.23 -7.76
N GLU C 522 64.50 12.05 -7.17
CA GLU C 522 65.52 11.02 -7.04
C GLU C 522 66.00 10.52 -8.40
N VAL C 523 65.08 10.00 -9.22
CA VAL C 523 65.46 9.52 -10.54
C VAL C 523 66.07 10.65 -11.34
N ALA C 524 65.57 11.85 -11.15
CA ALA C 524 66.11 12.97 -11.87
C ALA C 524 67.57 13.08 -11.53
N PHE C 525 67.85 13.69 -10.39
CA PHE C 525 69.21 13.88 -9.93
C PHE C 525 70.17 12.78 -10.35
N TRP C 526 69.89 11.56 -9.89
CA TRP C 526 70.72 10.40 -10.18
C TRP C 526 70.99 10.10 -11.66
N THR C 527 70.02 10.35 -12.53
CA THR C 527 70.28 10.10 -13.94
C THR C 527 71.29 11.14 -14.41
N ASN C 528 71.27 12.32 -13.78
CA ASN C 528 72.19 13.42 -14.11
C ASN C 528 73.64 13.08 -13.78
N LEU C 529 73.85 12.56 -12.58
CA LEU C 529 75.19 12.18 -12.14
C LEU C 529 75.76 11.09 -13.03
N PHE C 530 75.04 9.98 -13.14
CA PHE C 530 75.47 8.85 -13.97
C PHE C 530 75.73 9.23 -15.42
N ALA C 531 75.20 10.37 -15.84
CA ALA C 531 75.41 10.84 -17.22
C ALA C 531 76.92 11.07 -17.43
N LYS C 532 77.69 10.94 -16.36
CA LYS C 532 79.15 11.10 -16.35
C LYS C 532 79.53 12.59 -16.43
N SER D 1 -110.58 25.00 -22.87
CA SER D 1 -111.68 24.69 -21.89
C SER D 1 -111.13 24.56 -20.46
N SER D 2 -110.36 23.49 -20.20
CA SER D 2 -109.79 23.25 -18.88
C SER D 2 -108.36 23.76 -18.85
N PRO D 3 -108.06 24.68 -17.91
CA PRO D 3 -106.74 25.30 -17.71
C PRO D 3 -105.62 24.27 -17.70
N PRO D 4 -104.47 24.64 -18.25
CA PRO D 4 -103.29 23.79 -18.33
C PRO D 4 -102.72 23.39 -16.96
N VAL D 5 -102.45 22.11 -16.76
CA VAL D 5 -101.87 21.68 -15.49
C VAL D 5 -100.62 20.90 -15.76
N VAL D 6 -99.51 21.38 -15.22
CA VAL D 6 -98.24 20.73 -15.46
C VAL D 6 -97.70 20.19 -14.17
N ASP D 7 -96.85 19.18 -14.27
CA ASP D 7 -96.22 18.56 -13.11
C ASP D 7 -94.71 18.83 -13.05
N THR D 8 -94.27 19.59 -12.07
CA THR D 8 -92.85 19.85 -11.94
C THR D 8 -92.30 19.08 -10.75
N VAL D 9 -90.98 19.04 -10.65
CA VAL D 9 -90.32 18.36 -9.56
C VAL D 9 -90.91 18.83 -8.23
N HIS D 10 -91.21 20.12 -8.16
CA HIS D 10 -91.74 20.74 -6.94
C HIS D 10 -93.25 20.79 -6.76
N GLY D 11 -94.01 20.36 -7.76
CA GLY D 11 -95.46 20.40 -7.58
C GLY D 11 -96.20 20.74 -8.85
N LYS D 12 -97.51 20.55 -8.85
CA LYS D 12 -98.32 20.84 -10.02
C LYS D 12 -98.43 22.33 -10.23
N VAL D 13 -98.61 22.74 -11.46
CA VAL D 13 -98.74 24.14 -11.77
C VAL D 13 -99.92 24.31 -12.70
N LEU D 14 -100.78 25.26 -12.34
CA LEU D 14 -101.98 25.57 -13.10
C LEU D 14 -101.68 26.80 -13.93
N GLY D 15 -102.16 26.81 -15.17
CA GLY D 15 -101.88 27.94 -16.03
C GLY D 15 -103.10 28.43 -16.75
N LYS D 16 -102.91 29.21 -17.82
CA LYS D 16 -104.03 29.73 -18.58
C LYS D 16 -103.71 29.55 -20.03
N PHE D 17 -104.74 29.55 -20.85
CA PHE D 17 -104.60 29.37 -22.28
C PHE D 17 -104.81 30.70 -22.96
N VAL D 18 -104.01 30.96 -23.99
CA VAL D 18 -104.14 32.19 -24.76
C VAL D 18 -104.00 31.82 -26.23
N SER D 19 -104.77 32.47 -27.09
CA SER D 19 -104.72 32.19 -28.51
C SER D 19 -104.21 33.38 -29.30
N LEU D 20 -103.34 33.12 -30.26
CA LEU D 20 -102.79 34.18 -31.09
C LEU D 20 -103.39 34.15 -32.51
N GLU D 21 -103.67 35.32 -33.08
CA GLU D 21 -104.25 35.42 -34.42
C GLU D 21 -103.34 34.75 -35.44
N GLY D 22 -103.74 33.59 -35.92
CA GLY D 22 -102.92 32.90 -36.91
C GLY D 22 -102.49 31.47 -36.58
N PHE D 23 -102.76 31.04 -35.34
CA PHE D 23 -102.40 29.69 -34.91
C PHE D 23 -103.57 28.94 -34.29
N ALA D 24 -103.58 27.62 -34.43
CA ALA D 24 -104.67 26.83 -33.89
C ALA D 24 -104.47 26.55 -32.41
N GLN D 25 -103.39 25.83 -32.11
CA GLN D 25 -103.03 25.46 -30.76
C GLN D 25 -102.61 26.67 -29.93
N PRO D 26 -103.41 27.02 -28.93
CA PRO D 26 -103.12 28.15 -28.06
C PRO D 26 -101.85 27.95 -27.25
N VAL D 27 -101.15 29.04 -27.00
CA VAL D 27 -99.93 28.99 -26.24
C VAL D 27 -100.26 28.85 -24.79
N ALA D 28 -99.55 27.95 -24.11
CA ALA D 28 -99.76 27.73 -22.68
C ALA D 28 -98.89 28.70 -21.89
N ILE D 29 -99.52 29.65 -21.23
CA ILE D 29 -98.82 30.66 -20.45
C ILE D 29 -98.85 30.39 -18.96
N PHE D 30 -97.67 30.46 -18.33
CA PHE D 30 -97.54 30.27 -16.89
C PHE D 30 -96.84 31.48 -16.28
N LEU D 31 -97.49 32.14 -15.36
CA LEU D 31 -96.89 33.32 -14.76
C LEU D 31 -96.59 33.12 -13.29
N GLY D 32 -95.41 33.52 -12.89
CA GLY D 32 -95.05 33.39 -11.49
C GLY D 32 -94.62 32.04 -10.97
N ILE D 33 -93.82 31.32 -11.72
CA ILE D 33 -93.33 30.03 -11.23
C ILE D 33 -92.07 30.38 -10.45
N PRO D 34 -92.00 30.00 -9.19
CA PRO D 34 -90.81 30.29 -8.37
C PRO D 34 -89.73 29.29 -8.71
N PHE D 35 -88.52 29.76 -9.00
CA PHE D 35 -87.48 28.83 -9.35
C PHE D 35 -86.46 28.76 -8.22
N ALA D 36 -86.79 29.45 -7.13
CA ALA D 36 -85.93 29.48 -5.95
C ALA D 36 -86.68 29.95 -4.72
N LYS D 37 -86.18 29.57 -3.56
CA LYS D 37 -86.75 29.97 -2.28
C LYS D 37 -86.54 31.48 -2.22
N PRO D 38 -87.56 32.23 -1.78
CA PRO D 38 -87.57 33.71 -1.65
C PRO D 38 -86.37 34.15 -0.85
N PRO D 39 -85.44 34.86 -1.48
CA PRO D 39 -84.24 35.30 -0.77
C PRO D 39 -84.51 36.32 0.32
N LEU D 40 -85.37 35.95 1.26
CA LEU D 40 -85.72 36.83 2.36
C LEU D 40 -84.93 36.50 3.61
N GLY D 41 -85.02 37.41 4.59
CA GLY D 41 -84.33 37.21 5.82
C GLY D 41 -82.85 37.02 5.64
N PRO D 42 -82.27 36.01 6.33
CA PRO D 42 -80.86 35.66 6.30
C PRO D 42 -80.38 35.17 4.95
N LEU D 43 -81.30 34.91 4.05
CA LEU D 43 -80.90 34.44 2.74
C LEU D 43 -80.50 35.56 1.81
N ARG D 44 -80.29 36.75 2.37
CA ARG D 44 -79.90 37.92 1.59
C ARG D 44 -78.41 37.91 1.34
N PHE D 45 -78.02 38.30 0.13
CA PHE D 45 -76.61 38.28 -0.24
C PHE D 45 -76.16 36.86 0.03
N THR D 46 -76.75 35.91 -0.68
CA THR D 46 -76.37 34.51 -0.58
C THR D 46 -76.97 33.79 -1.75
N PRO D 47 -76.34 32.69 -2.14
CA PRO D 47 -76.76 31.88 -3.26
C PRO D 47 -78.19 31.45 -3.14
N PRO D 48 -78.89 31.33 -4.27
CA PRO D 48 -80.29 30.91 -4.33
C PRO D 48 -80.48 29.45 -3.95
N GLN D 49 -81.36 29.19 -2.99
CA GLN D 49 -81.60 27.83 -2.56
C GLN D 49 -82.84 27.27 -3.27
N PRO D 50 -82.89 25.95 -3.55
CA PRO D 50 -84.02 25.31 -4.21
C PRO D 50 -85.34 25.65 -3.52
N ALA D 51 -86.39 25.89 -4.30
CA ALA D 51 -87.68 26.27 -3.71
C ALA D 51 -88.36 25.14 -2.96
N GLU D 52 -89.22 25.51 -2.01
CA GLU D 52 -89.95 24.54 -1.20
C GLU D 52 -91.10 24.01 -2.04
N PRO D 53 -91.22 22.68 -2.15
CA PRO D 53 -92.26 22.02 -2.93
C PRO D 53 -93.64 22.15 -2.32
N TRP D 54 -94.60 22.54 -3.15
CA TRP D 54 -95.95 22.71 -2.67
C TRP D 54 -96.68 21.40 -2.69
N SER D 55 -97.56 21.22 -1.72
CA SER D 55 -98.31 19.98 -1.58
C SER D 55 -99.64 19.89 -2.31
N PHE D 56 -99.84 20.70 -3.35
CA PHE D 56 -101.10 20.63 -4.10
C PHE D 56 -100.97 21.05 -5.55
N VAL D 57 -101.87 21.90 -6.01
CA VAL D 57 -101.83 22.43 -7.38
C VAL D 57 -101.74 23.93 -7.33
N LYS D 58 -100.52 24.45 -7.48
CA LYS D 58 -100.25 25.89 -7.44
C LYS D 58 -100.54 26.53 -8.77
N ASN D 59 -101.44 27.50 -8.80
CA ASN D 59 -101.73 28.14 -10.06
C ASN D 59 -100.81 29.32 -10.27
N ALA D 60 -100.29 29.44 -11.49
CA ALA D 60 -99.40 30.51 -11.88
C ALA D 60 -100.15 31.36 -12.87
N THR D 61 -101.14 32.11 -12.37
CA THR D 61 -101.97 32.92 -13.23
C THR D 61 -101.82 34.42 -12.98
N SER D 62 -100.95 34.80 -12.05
CA SER D 62 -100.74 36.23 -11.78
C SER D 62 -99.35 36.62 -12.20
N TYR D 63 -99.12 37.91 -12.43
CA TYR D 63 -97.78 38.38 -12.81
C TYR D 63 -96.94 38.53 -11.54
N PRO D 64 -95.78 37.89 -11.56
CA PRO D 64 -94.86 37.93 -10.43
C PRO D 64 -94.34 39.33 -10.28
N PRO D 65 -94.00 39.72 -9.05
CA PRO D 65 -93.47 41.04 -8.67
C PRO D 65 -92.12 41.27 -9.35
N MET D 66 -91.58 42.49 -9.30
CA MET D 66 -90.26 42.70 -9.90
C MET D 66 -89.30 42.93 -8.75
N CYS D 67 -88.05 42.45 -8.81
CA CYS D 67 -87.14 42.68 -7.67
C CYS D 67 -87.11 44.15 -7.30
N THR D 68 -87.06 44.45 -6.02
CA THR D 68 -87.06 45.83 -5.62
C THR D 68 -86.12 46.68 -6.51
N GLN D 69 -86.60 47.85 -6.90
CA GLN D 69 -85.84 48.74 -7.75
C GLN D 69 -86.59 50.06 -7.88
N ASP D 70 -85.90 51.09 -8.34
CA ASP D 70 -86.53 52.41 -8.51
C ASP D 70 -87.88 52.23 -9.22
N PRO D 71 -89.00 52.27 -8.47
CA PRO D 71 -90.33 52.10 -9.09
C PRO D 71 -90.56 52.96 -10.33
N LYS D 72 -90.22 54.24 -10.20
CA LYS D 72 -90.39 55.22 -11.27
C LYS D 72 -89.56 54.86 -12.47
N ALA D 73 -88.27 54.63 -12.27
CA ALA D 73 -87.32 54.28 -13.34
C ALA D 73 -87.61 52.91 -13.94
N GLY D 74 -88.15 52.05 -13.08
CA GLY D 74 -88.45 50.70 -13.46
C GLY D 74 -89.63 50.63 -14.37
N GLN D 75 -90.67 51.38 -14.02
CA GLN D 75 -91.88 51.39 -14.81
C GLN D 75 -91.65 52.09 -16.11
N LEU D 76 -90.77 53.09 -16.09
CA LEU D 76 -90.47 53.81 -17.31
C LEU D 76 -89.79 52.87 -18.31
N LEU D 77 -88.66 52.27 -17.95
CA LEU D 77 -88.00 51.35 -18.89
C LEU D 77 -88.98 50.25 -19.31
N SER D 78 -89.80 49.79 -18.35
CA SER D 78 -90.79 48.75 -18.62
C SER D 78 -91.85 49.21 -19.63
N GLU D 79 -91.95 50.53 -19.81
CA GLU D 79 -92.91 51.09 -20.75
C GLU D 79 -92.31 51.29 -22.14
N LEU D 80 -90.98 51.27 -22.23
CA LEU D 80 -90.29 51.48 -23.48
C LEU D 80 -89.88 50.25 -24.23
N PHE D 81 -89.76 49.11 -23.56
CA PHE D 81 -89.33 47.90 -24.25
C PHE D 81 -90.47 46.94 -24.48
N THR D 82 -91.40 46.95 -23.55
CA THR D 82 -92.55 46.08 -23.63
C THR D 82 -92.96 45.83 -25.07
N ASN D 83 -93.21 44.58 -25.42
CA ASN D 83 -93.61 44.27 -26.77
C ASN D 83 -95.10 43.96 -26.80
N ARG D 84 -95.83 44.41 -25.78
CA ARG D 84 -97.27 44.18 -25.74
C ARG D 84 -98.00 45.50 -25.94
N LYS D 85 -99.28 45.44 -26.27
CA LYS D 85 -100.07 46.64 -26.49
C LYS D 85 -100.14 47.51 -25.23
N GLU D 86 -100.63 46.92 -24.15
CA GLU D 86 -100.77 47.59 -22.85
C GLU D 86 -99.57 47.28 -21.96
N ASN D 87 -99.15 48.24 -21.16
CA ASN D 87 -98.03 47.98 -20.26
C ASN D 87 -98.64 47.44 -18.96
N ILE D 88 -97.97 46.46 -18.35
CA ILE D 88 -98.48 45.88 -17.12
C ILE D 88 -97.67 46.40 -15.97
N PRO D 89 -98.33 47.05 -14.99
CA PRO D 89 -97.63 47.59 -13.81
C PRO D 89 -97.21 46.43 -12.92
N LEU D 90 -96.14 46.61 -12.16
CA LEU D 90 -95.65 45.53 -11.30
C LEU D 90 -95.25 45.93 -9.86
N LYS D 91 -95.70 45.13 -8.91
CA LYS D 91 -95.38 45.39 -7.53
C LYS D 91 -93.88 45.11 -7.26
N LEU D 92 -93.36 45.76 -6.22
CA LEU D 92 -91.96 45.61 -5.82
C LEU D 92 -91.86 44.77 -4.57
N SER D 93 -90.99 43.76 -4.64
CA SER D 93 -90.78 42.84 -3.51
C SER D 93 -89.43 42.14 -3.58
N GLU D 94 -88.90 41.81 -2.41
CA GLU D 94 -87.63 41.13 -2.36
C GLU D 94 -87.85 39.74 -2.84
N ASP D 95 -89.13 39.35 -2.90
CA ASP D 95 -89.54 38.05 -3.38
C ASP D 95 -89.85 38.20 -4.86
N CYS D 96 -88.87 37.93 -5.71
CA CYS D 96 -89.08 38.09 -7.15
C CYS D 96 -88.42 37.01 -7.91
N LEU D 97 -88.04 35.92 -7.25
CA LEU D 97 -87.35 34.90 -7.99
C LEU D 97 -88.32 34.00 -8.71
N TYR D 98 -88.94 34.53 -9.75
CA TYR D 98 -89.88 33.75 -10.52
C TYR D 98 -89.59 33.86 -11.99
N LEU D 99 -90.21 32.97 -12.77
CA LEU D 99 -90.05 33.00 -14.22
C LEU D 99 -91.38 32.73 -14.90
N ASN D 100 -91.66 33.45 -15.98
CA ASN D 100 -92.88 33.26 -16.75
C ASN D 100 -92.49 32.35 -17.91
N ILE D 101 -93.35 31.38 -18.21
CA ILE D 101 -93.06 30.45 -19.30
C ILE D 101 -94.10 30.47 -20.43
N TYR D 102 -93.61 30.41 -21.66
CA TYR D 102 -94.46 30.40 -22.84
C TYR D 102 -94.15 29.16 -23.68
N THR D 103 -95.15 28.31 -23.90
CA THR D 103 -94.94 27.08 -24.68
C THR D 103 -96.06 26.84 -25.68
N PRO D 104 -95.69 26.79 -26.94
CA PRO D 104 -96.71 26.57 -27.95
C PRO D 104 -96.96 25.10 -28.13
N ALA D 105 -96.34 24.28 -27.29
CA ALA D 105 -96.51 22.84 -27.40
C ALA D 105 -97.85 22.40 -26.84
N ASP D 106 -98.33 21.21 -27.19
CA ASP D 106 -99.61 20.70 -26.65
C ASP D 106 -99.27 19.88 -25.41
N LEU D 107 -99.39 20.48 -24.24
CA LEU D 107 -99.03 19.83 -23.00
C LEU D 107 -99.69 18.47 -22.74
N THR D 108 -100.59 18.07 -23.63
CA THR D 108 -101.25 16.78 -23.49
C THR D 108 -100.53 15.74 -24.33
N LYS D 109 -99.40 16.11 -24.92
CA LYS D 109 -98.63 15.21 -25.73
C LYS D 109 -97.16 15.40 -25.39
N LYS D 110 -96.32 14.53 -25.93
CA LYS D 110 -94.87 14.57 -25.70
C LYS D 110 -94.25 15.56 -26.68
N ASN D 111 -93.75 16.69 -26.19
CA ASN D 111 -93.10 17.67 -27.06
C ASN D 111 -91.76 18.07 -26.52
N ARG D 112 -90.79 18.28 -27.40
CA ARG D 112 -89.46 18.68 -26.97
C ARG D 112 -88.89 19.76 -27.87
N LEU D 113 -89.56 20.91 -27.89
CA LEU D 113 -89.17 22.06 -28.71
C LEU D 113 -87.98 22.75 -28.11
N PRO D 114 -87.18 23.43 -28.92
CA PRO D 114 -86.02 24.10 -28.33
C PRO D 114 -86.58 25.11 -27.34
N VAL D 115 -85.73 25.57 -26.43
CA VAL D 115 -86.07 26.50 -25.37
C VAL D 115 -85.23 27.75 -25.50
N MET D 116 -85.79 28.91 -25.17
CA MET D 116 -85.03 30.15 -25.21
C MET D 116 -85.29 30.90 -23.91
N VAL D 117 -84.27 31.00 -23.08
CA VAL D 117 -84.41 31.68 -21.82
C VAL D 117 -83.93 33.10 -22.00
N TRP D 118 -84.84 34.05 -21.81
CA TRP D 118 -84.52 35.48 -21.95
C TRP D 118 -84.11 36.18 -20.66
N ILE D 119 -82.94 36.81 -20.68
CA ILE D 119 -82.46 37.52 -19.52
C ILE D 119 -82.68 39.00 -19.75
N HIS D 120 -83.73 39.58 -19.18
CA HIS D 120 -83.97 41.01 -19.42
C HIS D 120 -82.81 41.90 -18.93
N GLY D 121 -82.59 43.02 -19.61
CA GLY D 121 -81.54 43.95 -19.21
C GLY D 121 -82.08 45.07 -18.32
N GLY D 122 -81.26 46.09 -18.07
CA GLY D 122 -81.68 47.18 -17.22
C GLY D 122 -80.56 47.53 -16.25
N GLY D 123 -79.33 47.54 -16.76
CA GLY D 123 -78.17 47.88 -15.95
C GLY D 123 -78.03 47.07 -14.69
N LEU D 124 -78.69 45.93 -14.60
CA LEU D 124 -78.61 45.13 -13.39
C LEU D 124 -79.16 45.93 -12.23
N MET D 125 -79.80 47.06 -12.55
CA MET D 125 -80.41 47.95 -11.55
C MET D 125 -81.95 47.89 -11.57
N VAL D 126 -82.54 47.72 -12.76
CA VAL D 126 -83.99 47.62 -12.94
C VAL D 126 -84.45 46.57 -13.96
N GLY D 127 -85.74 46.54 -14.23
CA GLY D 127 -86.26 45.60 -15.21
C GLY D 127 -87.07 44.47 -14.60
N ALA D 128 -87.59 43.61 -15.46
CA ALA D 128 -88.38 42.49 -14.98
C ALA D 128 -88.63 41.55 -16.15
N ALA D 129 -89.31 40.44 -15.89
CA ALA D 129 -89.59 39.44 -16.92
C ALA D 129 -90.98 39.66 -17.50
N SER D 130 -91.90 40.00 -16.61
CA SER D 130 -93.29 40.24 -16.97
C SER D 130 -93.36 41.31 -18.04
N THR D 131 -92.28 42.05 -18.24
CA THR D 131 -92.31 43.09 -19.26
C THR D 131 -92.34 42.50 -20.66
N TYR D 132 -91.56 41.43 -20.84
CA TYR D 132 -91.44 40.77 -22.13
C TYR D 132 -92.43 39.62 -22.26
N ASP D 133 -93.36 39.77 -23.21
CA ASP D 133 -94.38 38.78 -23.49
C ASP D 133 -93.75 37.88 -24.54
N GLY D 134 -93.74 36.59 -24.28
CA GLY D 134 -93.14 35.67 -25.22
C GLY D 134 -94.12 35.01 -26.14
N LEU D 135 -95.38 35.41 -26.05
CA LEU D 135 -96.45 34.83 -26.86
C LEU D 135 -96.16 34.64 -28.36
N ALA D 136 -95.82 35.73 -29.04
CA ALA D 136 -95.54 35.68 -30.46
C ALA D 136 -94.43 34.72 -30.68
N LEU D 137 -93.20 35.17 -30.40
CA LEU D 137 -91.99 34.37 -30.59
C LEU D 137 -92.32 32.91 -30.43
N ALA D 138 -92.95 32.58 -29.30
CA ALA D 138 -93.31 31.22 -29.00
C ALA D 138 -94.14 30.64 -30.10
N ALA D 139 -95.28 31.28 -30.31
CA ALA D 139 -96.21 30.83 -31.33
C ALA D 139 -95.55 30.76 -32.67
N HIS D 140 -95.11 31.91 -33.14
CA HIS D 140 -94.46 32.01 -34.44
C HIS D 140 -93.34 31.04 -34.75
N GLU D 141 -92.40 30.86 -33.85
CA GLU D 141 -91.32 29.96 -34.16
C GLU D 141 -91.42 28.53 -33.63
N ASN D 142 -92.44 28.29 -32.80
CA ASN D 142 -92.70 26.96 -32.22
C ASN D 142 -91.54 26.56 -31.31
N VAL D 143 -91.26 27.42 -30.33
CA VAL D 143 -90.19 27.21 -29.36
C VAL D 143 -90.73 27.60 -28.00
N VAL D 144 -90.10 27.11 -26.93
CA VAL D 144 -90.50 27.47 -25.57
C VAL D 144 -89.75 28.71 -25.15
N VAL D 145 -90.48 29.76 -24.78
CA VAL D 145 -89.83 31.00 -24.33
C VAL D 145 -89.97 31.16 -22.80
N VAL D 146 -88.84 31.46 -22.17
CA VAL D 146 -88.80 31.61 -20.72
C VAL D 146 -88.11 32.90 -20.36
N THR D 147 -88.85 33.79 -19.70
CA THR D 147 -88.30 35.06 -19.27
C THR D 147 -88.09 34.92 -17.79
N ILE D 148 -86.85 35.09 -17.31
CA ILE D 148 -86.57 34.95 -15.88
C ILE D 148 -86.36 36.30 -15.23
N GLN D 149 -86.32 36.31 -13.90
CA GLN D 149 -86.08 37.54 -13.16
C GLN D 149 -84.96 37.25 -12.19
N TYR D 150 -84.00 38.15 -12.05
CA TYR D 150 -82.96 37.88 -11.09
C TYR D 150 -82.80 39.08 -10.20
N ARG D 151 -82.07 38.90 -9.12
CA ARG D 151 -81.86 39.96 -8.15
C ARG D 151 -81.08 41.12 -8.71
N LEU D 152 -81.56 42.30 -8.42
CA LEU D 152 -80.94 43.51 -8.89
C LEU D 152 -80.37 44.40 -7.79
N GLY D 153 -79.61 45.41 -8.20
CA GLY D 153 -79.04 46.34 -7.26
C GLY D 153 -78.33 45.76 -6.07
N ILE D 154 -78.50 46.44 -4.94
CA ILE D 154 -77.88 46.02 -3.71
C ILE D 154 -78.24 44.56 -3.46
N TRP D 155 -79.47 44.20 -3.84
CA TRP D 155 -79.96 42.85 -3.65
C TRP D 155 -79.24 41.75 -4.43
N GLY D 156 -78.84 42.01 -5.66
CA GLY D 156 -78.17 40.95 -6.41
C GLY D 156 -76.69 41.14 -6.70
N PHE D 157 -76.15 42.31 -6.40
CA PHE D 157 -74.75 42.51 -6.72
C PHE D 157 -73.88 43.14 -5.64
N PHE D 158 -74.44 43.30 -4.44
CA PHE D 158 -73.69 43.87 -3.33
C PHE D 158 -72.53 42.95 -3.01
N SER D 159 -71.31 43.48 -2.96
CA SER D 159 -70.13 42.62 -2.67
C SER D 159 -69.07 43.28 -1.77
N THR D 160 -68.66 42.60 -0.73
CA THR D 160 -67.66 43.18 0.14
C THR D 160 -66.28 42.81 -0.33
N GLY D 161 -66.25 42.08 -1.43
CA GLY D 161 -65.01 41.65 -1.97
C GLY D 161 -64.38 40.61 -1.01
N ASP D 162 -65.09 39.55 -0.70
CA ASP D 162 -64.47 38.50 0.07
C ASP D 162 -65.48 37.42 0.28
N GLU D 163 -65.18 36.49 1.19
CA GLU D 163 -66.08 35.39 1.43
C GLU D 163 -67.29 35.68 2.25
N HIS D 164 -67.37 36.87 2.85
CA HIS D 164 -68.53 37.23 3.65
C HIS D 164 -69.69 37.75 2.84
N SER D 165 -69.44 38.01 1.55
CA SER D 165 -70.43 38.51 0.57
C SER D 165 -69.81 38.67 -0.82
N ARG D 166 -69.42 37.56 -1.46
CA ARG D 166 -68.79 37.60 -2.78
C ARG D 166 -69.48 38.47 -3.79
N GLY D 167 -70.80 38.38 -3.86
CA GLY D 167 -71.57 39.16 -4.82
C GLY D 167 -72.12 38.34 -5.99
N ASN D 168 -72.44 39.03 -7.09
CA ASN D 168 -72.98 38.33 -8.25
C ASN D 168 -74.21 37.50 -7.92
N TRP D 169 -74.81 37.77 -6.77
CA TRP D 169 -75.99 37.06 -6.36
C TRP D 169 -76.91 36.98 -7.55
N GLY D 170 -77.09 38.09 -8.26
CA GLY D 170 -77.95 38.10 -9.44
C GLY D 170 -77.59 37.07 -10.51
N HIS D 171 -76.32 37.00 -10.85
CA HIS D 171 -75.85 36.05 -11.86
C HIS D 171 -76.07 34.62 -11.36
N LEU D 172 -75.97 34.45 -10.05
CA LEU D 172 -76.19 33.12 -9.48
C LEU D 172 -77.65 32.70 -9.69
N ASP D 173 -78.58 33.63 -9.49
CA ASP D 173 -80.00 33.36 -9.67
C ASP D 173 -80.32 32.94 -11.10
N GLN D 174 -79.63 33.57 -12.05
CA GLN D 174 -79.84 33.25 -13.45
C GLN D 174 -79.41 31.79 -13.58
N VAL D 175 -78.17 31.49 -13.26
CA VAL D 175 -77.72 30.10 -13.35
C VAL D 175 -78.80 29.24 -12.66
N ALA D 176 -79.14 29.65 -11.44
CA ALA D 176 -80.13 28.95 -10.62
C ALA D 176 -81.41 28.73 -11.39
N ALA D 177 -81.68 29.64 -12.32
CA ALA D 177 -82.86 29.58 -13.15
C ALA D 177 -82.60 28.53 -14.19
N LEU D 178 -81.42 28.60 -14.78
CA LEU D 178 -81.03 27.64 -15.80
C LEU D 178 -81.11 26.22 -15.25
N ARG D 179 -80.81 26.08 -13.96
CA ARG D 179 -80.85 24.78 -13.32
C ARG D 179 -82.27 24.28 -13.28
N TRP D 180 -83.19 25.20 -13.08
CA TRP D 180 -84.60 24.86 -13.01
C TRP D 180 -85.15 24.37 -14.34
N VAL D 181 -84.63 24.95 -15.39
CA VAL D 181 -85.02 24.60 -16.74
C VAL D 181 -84.60 23.15 -17.03
N GLN D 182 -83.43 22.76 -16.54
CA GLN D 182 -82.90 21.44 -16.79
C GLN D 182 -83.73 20.34 -16.16
N ASP D 183 -84.23 20.63 -14.97
CA ASP D 183 -85.02 19.62 -14.25
C ASP D 183 -86.52 19.82 -14.31
N ASN D 184 -87.00 20.66 -15.23
CA ASN D 184 -88.43 20.89 -15.29
C ASN D 184 -88.96 21.15 -16.68
N ILE D 185 -88.41 22.15 -17.36
CA ILE D 185 -88.90 22.52 -18.69
C ILE D 185 -89.43 21.37 -19.51
N ALA D 186 -88.88 20.19 -19.28
CA ALA D 186 -89.32 19.01 -19.98
C ALA D 186 -90.86 18.83 -19.92
N SER D 187 -91.46 19.22 -18.80
CA SER D 187 -92.90 19.09 -18.59
C SER D 187 -93.71 20.10 -19.38
N PHE D 188 -93.00 21.06 -19.99
CA PHE D 188 -93.61 22.12 -20.78
C PHE D 188 -93.31 21.99 -22.26
N GLY D 189 -93.09 20.78 -22.73
CA GLY D 189 -92.78 20.59 -24.14
C GLY D 189 -91.44 21.17 -24.57
N GLY D 190 -90.52 21.32 -23.62
CA GLY D 190 -89.24 21.88 -23.98
C GLY D 190 -88.14 20.88 -23.83
N ASN D 191 -87.17 20.93 -24.74
CA ASN D 191 -86.06 19.99 -24.69
C ASN D 191 -84.91 20.53 -23.88
N PRO D 192 -84.60 19.93 -22.72
CA PRO D 192 -83.51 20.43 -21.88
C PRO D 192 -82.14 20.35 -22.50
N GLY D 193 -82.06 19.77 -23.69
CA GLY D 193 -80.79 19.65 -24.40
C GLY D 193 -80.65 20.67 -25.52
N SER D 194 -81.37 21.79 -25.41
CA SER D 194 -81.32 22.84 -26.42
C SER D 194 -81.69 24.20 -25.81
N VAL D 195 -81.32 24.41 -24.55
CA VAL D 195 -81.61 25.67 -23.88
C VAL D 195 -80.72 26.79 -24.38
N THR D 196 -81.30 27.72 -25.12
CA THR D 196 -80.53 28.85 -25.65
C THR D 196 -80.72 30.10 -24.80
N ILE D 197 -79.67 30.66 -24.24
CA ILE D 197 -79.92 31.85 -23.49
C ILE D 197 -79.57 33.05 -24.33
N PHE D 198 -80.29 34.14 -24.04
CA PHE D 198 -80.09 35.45 -24.69
C PHE D 198 -80.63 36.63 -23.84
N GLY D 199 -80.11 37.82 -24.11
CA GLY D 199 -80.51 39.00 -23.39
C GLY D 199 -79.98 40.19 -24.10
N GLU D 200 -80.44 41.37 -23.68
CA GLU D 200 -80.06 42.65 -24.25
C GLU D 200 -79.55 43.57 -23.13
N SER D 201 -78.52 44.36 -23.42
CA SER D 201 -77.92 45.26 -22.45
C SER D 201 -77.40 44.52 -21.22
N ALA D 202 -77.82 44.93 -20.02
CA ALA D 202 -77.36 44.27 -18.78
C ALA D 202 -77.60 42.76 -18.88
N GLY D 203 -78.67 42.38 -19.59
CA GLY D 203 -78.99 40.98 -19.77
C GLY D 203 -78.06 40.39 -20.81
N GLY D 204 -77.62 41.26 -21.71
CA GLY D 204 -76.71 40.86 -22.76
C GLY D 204 -75.35 40.61 -22.13
N GLU D 205 -75.01 41.42 -21.14
CA GLU D 205 -73.74 41.25 -20.45
C GLU D 205 -73.78 39.94 -19.67
N SER D 206 -74.89 39.74 -18.96
CA SER D 206 -75.12 38.53 -18.17
C SER D 206 -74.84 37.32 -19.07
N VAL D 207 -75.57 37.23 -20.17
CA VAL D 207 -75.38 36.13 -21.09
C VAL D 207 -73.89 35.90 -21.31
N SER D 208 -73.13 36.97 -21.48
CA SER D 208 -71.72 36.76 -21.67
C SER D 208 -71.08 36.26 -20.38
N VAL D 209 -71.50 36.76 -19.23
CA VAL D 209 -70.90 36.29 -17.98
C VAL D 209 -71.19 34.83 -17.77
N LEU D 210 -72.29 34.34 -18.34
CA LEU D 210 -72.63 32.92 -18.21
C LEU D 210 -71.79 32.08 -19.15
N VAL D 211 -71.28 32.71 -20.20
CA VAL D 211 -70.46 31.97 -21.14
C VAL D 211 -69.02 31.84 -20.69
N LEU D 212 -68.65 32.57 -19.65
CA LEU D 212 -67.30 32.54 -19.09
C LEU D 212 -67.30 31.98 -17.66
N SER D 213 -68.39 31.31 -17.29
CA SER D 213 -68.50 30.75 -15.93
C SER D 213 -68.64 29.25 -15.93
N PRO D 214 -67.85 28.59 -15.07
CA PRO D 214 -67.85 27.13 -14.91
C PRO D 214 -69.18 26.65 -14.34
N LEU D 215 -69.85 27.53 -13.62
CA LEU D 215 -71.10 27.19 -13.00
C LEU D 215 -72.18 26.96 -14.00
N ALA D 216 -72.17 27.74 -15.07
CA ALA D 216 -73.21 27.58 -16.07
C ALA D 216 -72.87 26.53 -17.13
N LYS D 217 -71.72 25.89 -16.97
CA LYS D 217 -71.32 24.86 -17.91
C LYS D 217 -72.37 23.77 -17.92
N ASN D 218 -72.88 23.48 -19.11
CA ASN D 218 -73.90 22.45 -19.33
C ASN D 218 -75.32 22.76 -18.90
N LEU D 219 -75.66 24.05 -18.87
CA LEU D 219 -77.01 24.48 -18.52
C LEU D 219 -77.65 25.25 -19.67
N PHE D 220 -76.90 25.34 -20.78
CA PHE D 220 -77.30 26.01 -22.02
C PHE D 220 -76.41 25.57 -23.18
N HIS D 221 -76.96 25.56 -24.40
CA HIS D 221 -76.21 25.12 -25.57
C HIS D 221 -76.11 26.15 -26.69
N ARG D 222 -76.46 27.40 -26.40
CA ARG D 222 -76.41 28.50 -27.35
C ARG D 222 -76.59 29.79 -26.59
N ALA D 223 -75.85 30.81 -26.95
CA ALA D 223 -75.96 32.10 -26.27
C ALA D 223 -76.17 33.23 -27.26
N ILE D 224 -76.82 34.30 -26.83
CA ILE D 224 -77.03 35.45 -27.72
C ILE D 224 -76.97 36.72 -26.89
N SER D 225 -76.00 37.57 -27.21
CA SER D 225 -75.81 38.83 -26.50
C SER D 225 -76.15 40.01 -27.38
N GLU D 226 -77.25 40.68 -27.07
CA GLU D 226 -77.65 41.84 -27.84
C GLU D 226 -77.23 43.13 -27.14
N SER D 227 -76.49 43.97 -27.86
CA SER D 227 -76.01 45.24 -27.36
C SER D 227 -75.36 45.16 -25.99
N GLY D 228 -74.46 44.20 -25.80
CA GLY D 228 -73.80 44.06 -24.50
C GLY D 228 -72.93 42.83 -24.32
N VAL D 229 -71.80 43.01 -23.66
CA VAL D 229 -70.88 41.90 -23.44
C VAL D 229 -70.07 42.09 -22.16
N ALA D 230 -69.29 41.08 -21.81
CA ALA D 230 -68.48 41.13 -20.61
C ALA D 230 -67.42 42.24 -20.60
N LEU D 231 -66.81 42.52 -21.73
CA LEU D 231 -65.78 43.57 -21.79
C LEU D 231 -66.32 44.97 -21.44
N THR D 232 -67.65 45.12 -21.45
CA THR D 232 -68.26 46.42 -21.12
C THR D 232 -67.90 46.72 -19.67
N SER D 233 -67.09 47.75 -19.49
CA SER D 233 -66.61 48.16 -18.16
C SER D 233 -67.70 48.50 -17.13
N VAL D 234 -68.50 49.50 -17.47
CA VAL D 234 -69.55 49.96 -16.59
C VAL D 234 -70.17 48.89 -15.67
N LEU D 235 -70.67 47.78 -16.26
CA LEU D 235 -71.33 46.69 -15.52
C LEU D 235 -70.44 45.67 -14.86
N VAL D 236 -69.15 45.75 -15.15
CA VAL D 236 -68.18 44.83 -14.56
C VAL D 236 -67.16 45.65 -13.75
N LYS D 237 -67.17 45.42 -12.45
CA LYS D 237 -66.28 46.12 -11.53
C LYS D 237 -64.90 45.54 -11.61
N LYS D 238 -63.91 46.39 -11.36
CA LYS D 238 -62.52 45.95 -11.39
C LYS D 238 -61.80 46.52 -10.20
N GLY D 239 -60.87 45.74 -9.66
CA GLY D 239 -60.16 46.23 -8.50
C GLY D 239 -60.89 45.95 -7.21
N ASP D 240 -60.40 46.54 -6.12
CA ASP D 240 -61.00 46.33 -4.82
C ASP D 240 -62.38 46.95 -4.82
N VAL D 241 -63.40 46.16 -4.50
CA VAL D 241 -64.78 46.66 -4.49
C VAL D 241 -65.24 47.07 -3.09
N LYS D 242 -64.40 46.79 -2.09
CA LYS D 242 -64.70 47.07 -0.68
C LYS D 242 -65.09 48.51 -0.48
N PRO D 243 -64.32 49.43 -1.07
CA PRO D 243 -64.68 50.84 -0.90
C PRO D 243 -66.14 51.16 -1.27
N LEU D 244 -66.66 50.46 -2.27
CA LEU D 244 -68.03 50.67 -2.71
C LEU D 244 -68.98 50.09 -1.66
N ALA D 245 -68.63 48.93 -1.15
CA ALA D 245 -69.47 48.29 -0.15
C ALA D 245 -69.56 49.15 1.10
N GLU D 246 -68.53 49.96 1.35
CA GLU D 246 -68.52 50.82 2.53
C GLU D 246 -69.47 52.00 2.35
N GLN D 247 -69.34 52.70 1.23
CA GLN D 247 -70.20 53.84 0.95
C GLN D 247 -71.66 53.42 0.93
N ILE D 248 -71.93 52.18 0.54
CA ILE D 248 -73.28 51.68 0.50
C ILE D 248 -73.70 51.44 1.94
N ALA D 249 -72.81 50.75 2.65
CA ALA D 249 -73.03 50.42 4.04
C ALA D 249 -73.31 51.68 4.84
N ILE D 250 -72.50 52.71 4.62
CA ILE D 250 -72.68 53.98 5.33
C ILE D 250 -74.03 54.65 5.01
N THR D 251 -74.30 54.85 3.72
CA THR D 251 -75.52 55.48 3.25
C THR D 251 -76.74 54.70 3.71
N ALA D 252 -76.52 53.43 3.98
CA ALA D 252 -77.59 52.59 4.43
C ALA D 252 -77.86 52.77 5.92
N GLY D 253 -76.88 53.30 6.64
CA GLY D 253 -77.07 53.51 8.07
C GLY D 253 -76.47 52.39 8.89
N CYS D 254 -75.50 51.72 8.27
CA CYS D 254 -74.82 50.60 8.87
C CYS D 254 -73.41 50.86 9.25
N LYS D 255 -72.85 49.94 10.03
CA LYS D 255 -71.48 50.03 10.48
C LYS D 255 -70.64 49.44 9.37
N THR D 256 -69.33 49.72 9.39
CA THR D 256 -68.44 49.20 8.36
C THR D 256 -67.16 48.64 8.96
N THR D 257 -67.22 48.23 10.22
CA THR D 257 -66.05 47.69 10.94
C THR D 257 -65.33 46.59 10.18
N THR D 258 -66.07 45.59 9.74
CA THR D 258 -65.48 44.50 8.98
C THR D 258 -66.43 44.12 7.86
N SER D 259 -65.97 43.28 6.94
CA SER D 259 -66.82 42.88 5.84
C SER D 259 -68.02 42.14 6.40
N ALA D 260 -67.78 41.20 7.29
CA ALA D 260 -68.86 40.45 7.90
C ALA D 260 -69.88 41.44 8.50
N VAL D 261 -69.48 42.19 9.51
CA VAL D 261 -70.38 43.17 10.12
C VAL D 261 -71.26 43.93 9.13
N MET D 262 -70.72 44.29 7.96
CA MET D 262 -71.52 45.00 6.96
C MET D 262 -72.68 44.14 6.48
N VAL D 263 -72.35 42.97 5.95
CA VAL D 263 -73.32 42.04 5.41
C VAL D 263 -74.41 41.73 6.38
N HIS D 264 -74.00 41.48 7.61
CA HIS D 264 -74.94 41.16 8.66
C HIS D 264 -75.84 42.33 9.02
N CYS D 265 -75.32 43.54 8.86
CA CYS D 265 -76.03 44.77 9.18
C CYS D 265 -77.03 45.11 8.05
N LEU D 266 -76.62 44.84 6.83
CA LEU D 266 -77.52 45.09 5.72
C LEU D 266 -78.59 44.03 5.64
N ARG D 267 -78.33 42.84 6.19
CA ARG D 267 -79.37 41.81 6.15
C ARG D 267 -80.55 42.22 7.02
N GLN D 268 -80.25 42.94 8.10
CA GLN D 268 -81.26 43.44 9.04
C GLN D 268 -82.07 44.62 8.47
N LYS D 269 -81.58 45.26 7.44
CA LYS D 269 -82.30 46.39 6.87
C LYS D 269 -83.59 45.90 6.28
N THR D 270 -84.55 46.81 6.10
CA THR D 270 -85.86 46.49 5.54
C THR D 270 -85.82 46.71 4.05
N GLU D 271 -86.84 46.28 3.33
CA GLU D 271 -86.87 46.45 1.87
C GLU D 271 -86.97 47.93 1.56
N GLU D 272 -87.81 48.62 2.32
CA GLU D 272 -87.97 50.03 2.13
C GLU D 272 -86.69 50.78 2.47
N GLU D 273 -86.03 50.37 3.54
CA GLU D 273 -84.78 51.01 3.95
C GLU D 273 -83.72 50.90 2.86
N LEU D 274 -83.53 49.71 2.33
CA LEU D 274 -82.56 49.51 1.28
C LEU D 274 -83.04 50.15 -0.01
N LEU D 275 -84.36 50.28 -0.14
CA LEU D 275 -84.97 50.88 -1.32
C LEU D 275 -84.65 52.36 -1.34
N GLU D 276 -84.82 53.02 -0.21
CA GLU D 276 -84.53 54.45 -0.17
C GLU D 276 -83.03 54.65 -0.32
N THR D 277 -82.25 53.65 0.07
CA THR D 277 -80.80 53.76 -0.06
C THR D 277 -80.42 53.62 -1.51
N THR D 278 -81.26 52.94 -2.29
CA THR D 278 -80.97 52.78 -3.72
C THR D 278 -81.23 54.11 -4.42
N LEU D 279 -82.29 54.81 -4.00
CA LEU D 279 -82.60 56.11 -4.59
C LEU D 279 -81.72 57.27 -4.06
N LYS D 280 -80.97 57.04 -2.98
CA LYS D 280 -80.09 58.09 -2.45
C LYS D 280 -78.69 57.97 -3.06
N MET D 281 -78.42 56.84 -3.71
CA MET D 281 -77.12 56.60 -4.34
C MET D 281 -77.09 57.26 -5.73
N LYS D 282 -78.27 57.49 -6.31
CA LYS D 282 -78.44 58.12 -7.64
C LYS D 282 -77.64 57.41 -8.73
N PHE D 283 -77.77 56.08 -8.74
CA PHE D 283 -77.08 55.14 -9.65
C PHE D 283 -77.06 55.14 -11.17
N LEU D 284 -78.06 55.70 -11.81
CA LEU D 284 -78.05 55.65 -13.25
C LEU D 284 -77.71 57.07 -13.72
N SER D 285 -78.30 58.03 -13.01
CA SER D 285 -78.12 59.46 -13.26
C SER D 285 -76.65 59.82 -13.41
N LEU D 286 -76.38 60.73 -14.34
CA LEU D 286 -75.03 61.18 -14.62
C LEU D 286 -74.82 62.51 -13.90
N ASP D 287 -73.70 62.60 -13.20
CA ASP D 287 -73.39 63.81 -12.46
C ASP D 287 -72.68 64.80 -13.38
N LEU D 288 -73.12 66.06 -13.36
CA LEU D 288 -72.52 67.08 -14.20
C LEU D 288 -71.33 67.81 -13.57
N GLN D 289 -71.37 68.04 -12.27
CA GLN D 289 -70.27 68.72 -11.58
C GLN D 289 -69.52 67.79 -10.61
N GLY D 290 -68.22 68.02 -10.45
CA GLY D 290 -67.42 67.20 -9.57
C GLY D 290 -66.46 66.33 -10.36
N ASP D 291 -65.39 65.89 -9.71
CA ASP D 291 -64.41 65.03 -10.37
C ASP D 291 -65.17 63.81 -10.89
N PRO D 292 -64.97 63.47 -12.17
CA PRO D 292 -65.61 62.33 -12.84
C PRO D 292 -65.45 61.03 -12.07
N ARG D 293 -64.22 60.79 -11.61
CA ARG D 293 -63.86 59.60 -10.85
C ARG D 293 -64.44 59.58 -9.43
N GLU D 294 -65.43 60.44 -9.17
CA GLU D 294 -66.08 60.51 -7.84
C GLU D 294 -67.49 59.91 -7.91
N SER D 295 -67.92 59.51 -9.10
CA SER D 295 -69.24 58.92 -9.28
C SER D 295 -69.21 57.41 -9.07
N GLN D 296 -70.11 56.71 -9.76
CA GLN D 296 -70.19 55.28 -9.68
C GLN D 296 -71.13 54.78 -10.78
N PRO D 297 -70.71 53.75 -11.54
CA PRO D 297 -71.54 53.20 -12.62
C PRO D 297 -72.75 52.43 -12.12
N LEU D 298 -72.50 51.21 -11.64
CA LEU D 298 -73.57 50.36 -11.14
C LEU D 298 -73.01 49.08 -10.53
N LEU D 299 -73.01 49.01 -9.21
CA LEU D 299 -72.51 47.84 -8.53
C LEU D 299 -72.91 46.65 -9.40
N GLY D 300 -71.97 46.13 -10.18
CA GLY D 300 -72.30 45.01 -11.04
C GLY D 300 -71.50 43.74 -10.87
N THR D 301 -71.39 42.99 -11.97
CA THR D 301 -70.67 41.74 -11.97
C THR D 301 -69.30 41.96 -11.32
N VAL D 302 -68.74 40.94 -10.73
CA VAL D 302 -67.43 41.10 -10.11
C VAL D 302 -66.68 39.78 -10.22
N ILE D 303 -65.45 39.76 -9.76
CA ILE D 303 -64.65 38.55 -9.83
C ILE D 303 -64.66 37.95 -8.45
N ASP D 304 -65.52 36.96 -8.25
CA ASP D 304 -65.66 36.34 -6.96
C ASP D 304 -65.01 34.99 -6.85
N GLY D 305 -64.49 34.49 -7.97
CA GLY D 305 -63.87 33.18 -7.95
C GLY D 305 -64.86 32.03 -7.78
N MET D 306 -66.11 32.31 -8.13
CA MET D 306 -67.18 31.32 -8.07
C MET D 306 -67.93 31.36 -9.41
N LEU D 307 -68.37 32.54 -9.83
CA LEU D 307 -69.07 32.70 -11.11
C LEU D 307 -68.03 33.05 -12.15
N LEU D 308 -67.05 33.87 -11.78
CA LEU D 308 -65.93 34.21 -12.68
C LEU D 308 -64.62 34.03 -11.92
N LEU D 309 -63.75 33.16 -12.41
CA LEU D 309 -62.50 32.94 -11.71
C LEU D 309 -61.50 34.08 -11.90
N LYS D 310 -61.64 34.82 -12.99
CA LYS D 310 -60.75 35.94 -13.26
C LYS D 310 -61.44 36.85 -14.29
N THR D 311 -60.93 38.05 -14.51
CA THR D 311 -61.58 39.00 -15.42
C THR D 311 -62.01 38.42 -16.78
N PRO D 312 -63.06 39.01 -17.38
CA PRO D 312 -63.51 38.51 -18.67
C PRO D 312 -62.36 38.49 -19.67
N GLU D 313 -61.62 39.59 -19.75
CA GLU D 313 -60.48 39.68 -20.65
C GLU D 313 -59.65 38.41 -20.57
N GLU D 314 -59.05 38.14 -19.41
CA GLU D 314 -58.22 36.95 -19.27
C GLU D 314 -58.95 35.71 -19.76
N LEU D 315 -60.06 35.37 -19.09
CA LEU D 315 -60.85 34.18 -19.42
C LEU D 315 -61.05 33.91 -20.91
N GLN D 316 -61.19 34.97 -21.70
CA GLN D 316 -61.39 34.79 -23.13
C GLN D 316 -60.20 34.14 -23.81
N ALA D 317 -59.00 34.36 -23.28
CA ALA D 317 -57.79 33.76 -23.84
C ALA D 317 -57.67 32.30 -23.43
N GLU D 318 -58.76 31.76 -22.88
CA GLU D 318 -58.82 30.37 -22.43
C GLU D 318 -59.44 29.44 -23.48
N ARG D 319 -58.61 28.79 -24.28
CA ARG D 319 -59.12 27.89 -25.31
C ARG D 319 -59.84 26.68 -24.73
N ASN D 320 -59.08 25.82 -24.04
CA ASN D 320 -59.63 24.61 -23.42
C ASN D 320 -60.85 24.95 -22.56
N PHE D 321 -62.04 24.70 -23.11
CA PHE D 321 -63.29 25.01 -22.42
C PHE D 321 -64.45 24.53 -23.28
N HIS D 322 -65.62 24.43 -22.66
CA HIS D 322 -66.83 23.99 -23.36
C HIS D 322 -67.38 25.19 -24.13
N THR D 323 -67.10 25.20 -25.43
CA THR D 323 -67.55 26.27 -26.30
C THR D 323 -68.91 25.96 -26.92
N VAL D 324 -69.72 27.00 -27.02
CA VAL D 324 -71.07 26.89 -27.58
C VAL D 324 -71.36 28.02 -28.58
N PRO D 325 -72.16 27.77 -29.63
CA PRO D 325 -72.44 28.84 -30.59
C PRO D 325 -72.81 30.11 -29.84
N TYR D 326 -72.42 31.26 -30.39
CA TYR D 326 -72.67 32.53 -29.74
C TYR D 326 -73.05 33.57 -30.78
N MET D 327 -74.02 34.41 -30.46
CA MET D 327 -74.44 35.46 -31.36
C MET D 327 -74.29 36.80 -30.63
N VAL D 328 -73.39 37.64 -31.12
CA VAL D 328 -73.13 38.96 -30.53
C VAL D 328 -73.45 40.05 -31.57
N GLY D 329 -74.37 40.94 -31.23
CA GLY D 329 -74.71 41.99 -32.16
C GLY D 329 -74.84 43.34 -31.50
N ILE D 330 -75.22 44.34 -32.30
CA ILE D 330 -75.37 45.70 -31.85
C ILE D 330 -76.39 46.42 -32.72
N ASN D 331 -76.63 47.69 -32.44
CA ASN D 331 -77.57 48.49 -33.19
C ASN D 331 -76.86 49.72 -33.71
N LYS D 332 -77.23 50.14 -34.92
CA LYS D 332 -76.61 51.30 -35.57
C LYS D 332 -76.24 52.46 -34.63
N GLN D 333 -77.21 52.89 -33.82
CA GLN D 333 -77.00 54.00 -32.89
C GLN D 333 -77.36 53.64 -31.44
N GLU D 334 -76.52 52.81 -30.83
CA GLU D 334 -76.74 52.39 -29.47
C GLU D 334 -76.97 53.57 -28.54
N PHE D 335 -76.22 54.65 -28.77
CA PHE D 335 -76.34 55.81 -27.92
C PHE D 335 -77.15 56.91 -28.59
N GLY D 336 -78.03 56.52 -29.49
CA GLY D 336 -78.84 57.48 -30.20
C GLY D 336 -79.75 58.38 -29.38
N TRP D 337 -80.69 57.80 -28.66
CA TRP D 337 -81.60 58.60 -27.87
C TRP D 337 -81.86 58.02 -26.49
N LEU D 338 -82.52 56.86 -26.46
CA LEU D 338 -82.90 56.18 -25.22
C LEU D 338 -81.97 56.37 -24.04
N ILE D 339 -80.82 55.71 -24.07
CA ILE D 339 -79.88 55.82 -22.97
C ILE D 339 -79.71 57.25 -22.52
N PRO D 340 -79.14 58.12 -23.38
CA PRO D 340 -78.93 59.51 -22.96
C PRO D 340 -80.17 60.20 -22.40
N MET D 341 -81.32 59.86 -22.96
CA MET D 341 -82.58 60.45 -22.53
C MET D 341 -82.92 60.16 -21.07
N LEU D 342 -82.48 59.00 -20.60
CA LEU D 342 -82.75 58.53 -19.24
C LEU D 342 -81.65 59.00 -18.27
N MET D 343 -80.41 59.04 -18.76
CA MET D 343 -79.30 59.46 -17.94
C MET D 343 -79.30 60.96 -17.83
N SER D 344 -80.22 61.60 -18.54
CA SER D 344 -80.33 63.05 -18.50
C SER D 344 -79.04 63.67 -19.04
N TYR D 345 -78.67 63.30 -20.25
CA TYR D 345 -77.46 63.85 -20.85
C TYR D 345 -77.73 65.29 -21.29
N PRO D 346 -76.83 66.22 -20.96
CA PRO D 346 -76.90 67.65 -21.28
C PRO D 346 -76.79 68.04 -22.76
N LEU D 347 -77.18 67.13 -23.65
CA LEU D 347 -77.13 67.39 -25.08
C LEU D 347 -78.47 67.93 -25.62
N SER D 348 -79.08 68.86 -24.86
CA SER D 348 -80.36 69.48 -25.25
C SER D 348 -80.12 70.84 -25.89
N GLU D 349 -78.88 71.04 -26.36
CA GLU D 349 -78.46 72.27 -27.03
C GLU D 349 -78.58 72.13 -28.54
N GLY D 350 -78.80 70.91 -29.01
CA GLY D 350 -78.94 70.68 -30.45
C GLY D 350 -77.62 70.38 -31.11
N GLN D 351 -76.58 71.12 -30.70
CA GLN D 351 -75.24 70.95 -31.25
C GLN D 351 -74.25 70.87 -30.09
N LEU D 352 -72.96 70.74 -30.43
CA LEU D 352 -71.93 70.64 -29.41
C LEU D 352 -70.57 71.01 -29.98
N ASP D 353 -70.03 72.15 -29.53
CA ASP D 353 -68.72 72.62 -29.99
C ASP D 353 -67.63 71.60 -29.71
N GLN D 354 -66.45 71.83 -30.26
CA GLN D 354 -65.35 70.90 -30.08
C GLN D 354 -64.79 70.90 -28.66
N LYS D 355 -64.70 72.08 -28.06
CA LYS D 355 -64.14 72.23 -26.71
C LYS D 355 -65.04 71.71 -25.59
N THR D 356 -66.34 72.00 -25.67
CA THR D 356 -67.28 71.54 -24.65
C THR D 356 -67.47 70.04 -24.76
N ALA D 357 -67.29 69.51 -25.96
CA ALA D 357 -67.41 68.08 -26.24
C ALA D 357 -66.30 67.26 -25.55
N MET D 358 -65.21 67.94 -25.19
CA MET D 358 -64.11 67.28 -24.52
C MET D 358 -64.42 67.19 -23.05
N SER D 359 -64.67 68.34 -22.44
CA SER D 359 -64.96 68.39 -21.03
C SER D 359 -66.14 67.49 -20.72
N LEU D 360 -67.05 67.33 -21.66
CA LEU D 360 -68.22 66.48 -21.42
C LEU D 360 -67.77 65.01 -21.39
N LEU D 361 -67.05 64.59 -22.42
CA LEU D 361 -66.58 63.20 -22.51
C LEU D 361 -65.86 62.81 -21.22
N TRP D 362 -65.20 63.78 -20.59
CA TRP D 362 -64.48 63.55 -19.35
C TRP D 362 -65.44 63.14 -18.26
N LYS D 363 -66.57 63.83 -18.18
CA LYS D 363 -67.57 63.53 -17.19
C LYS D 363 -68.30 62.24 -17.58
N SER D 364 -67.85 61.62 -18.66
CA SER D 364 -68.47 60.40 -19.15
C SER D 364 -67.63 59.19 -18.73
N TYR D 365 -66.65 59.45 -17.88
CA TYR D 365 -65.76 58.41 -17.40
C TYR D 365 -66.52 57.20 -16.86
N PRO D 366 -67.48 57.43 -15.97
CA PRO D 366 -68.23 56.29 -15.44
C PRO D 366 -68.98 55.51 -16.50
N LEU D 367 -68.86 55.94 -17.76
CA LEU D 367 -69.54 55.28 -18.87
C LEU D 367 -68.56 54.75 -19.90
N VAL D 368 -67.51 55.52 -20.16
CA VAL D 368 -66.54 55.12 -21.15
C VAL D 368 -65.18 54.68 -20.61
N CYS D 369 -64.77 55.24 -19.47
CA CYS D 369 -63.48 54.93 -18.84
C CYS D 369 -62.29 55.40 -19.69
N ILE D 370 -62.22 56.71 -19.89
CA ILE D 370 -61.14 57.26 -20.67
C ILE D 370 -60.45 58.36 -19.87
N ALA D 371 -59.12 58.29 -19.82
CA ALA D 371 -58.32 59.29 -19.12
C ALA D 371 -58.48 60.63 -19.84
N LYS D 372 -58.26 61.73 -19.12
CA LYS D 372 -58.39 63.08 -19.71
C LYS D 372 -57.22 63.47 -20.63
N GLU D 373 -56.12 62.73 -20.53
CA GLU D 373 -54.94 62.99 -21.35
C GLU D 373 -55.00 62.22 -22.67
N LEU D 374 -56.18 61.68 -22.97
CA LEU D 374 -56.44 60.93 -24.18
C LEU D 374 -57.65 61.49 -24.91
N ILE D 375 -58.54 62.11 -24.14
CA ILE D 375 -59.76 62.71 -24.66
C ILE D 375 -59.48 63.44 -25.96
N PRO D 376 -58.48 64.34 -25.96
CA PRO D 376 -58.13 65.09 -27.16
C PRO D 376 -57.84 64.21 -28.36
N GLU D 377 -57.13 63.11 -28.12
CA GLU D 377 -56.77 62.20 -29.19
C GLU D 377 -58.01 61.64 -29.88
N ALA D 378 -58.91 61.03 -29.09
CA ALA D 378 -60.14 60.44 -29.62
C ALA D 378 -61.11 61.48 -30.14
N THR D 379 -61.36 62.51 -29.35
CA THR D 379 -62.28 63.59 -29.73
C THR D 379 -61.97 64.19 -31.11
N GLU D 380 -60.69 64.17 -31.49
CA GLU D 380 -60.27 64.73 -32.78
C GLU D 380 -60.44 63.72 -33.93
N LYS D 381 -60.54 62.44 -33.58
CA LYS D 381 -60.70 61.39 -34.56
C LYS D 381 -62.17 61.27 -34.98
N TYR D 382 -63.08 61.44 -34.03
CA TYR D 382 -64.50 61.33 -34.31
C TYR D 382 -65.16 62.67 -34.64
N LEU D 383 -64.50 63.77 -34.28
CA LEU D 383 -65.05 65.09 -34.53
C LEU D 383 -64.14 66.02 -35.34
N GLY D 384 -62.96 65.54 -35.72
CA GLY D 384 -62.03 66.35 -36.48
C GLY D 384 -62.48 66.66 -37.91
N GLY D 385 -63.52 65.95 -38.35
CA GLY D 385 -64.05 66.14 -39.69
C GLY D 385 -64.73 67.47 -39.88
N THR D 386 -65.97 67.45 -40.36
CA THR D 386 -66.70 68.69 -40.59
C THR D 386 -66.63 69.64 -39.40
N ASP D 387 -66.89 70.92 -39.66
CA ASP D 387 -66.88 71.95 -38.63
C ASP D 387 -68.33 72.32 -38.29
N ASP D 388 -69.24 71.35 -38.45
CA ASP D 388 -70.67 71.54 -38.16
C ASP D 388 -70.91 71.17 -36.69
N THR D 389 -71.44 72.11 -35.91
CA THR D 389 -71.71 71.88 -34.49
C THR D 389 -72.81 70.83 -34.29
N VAL D 390 -73.66 70.68 -35.31
CA VAL D 390 -74.76 69.73 -35.24
C VAL D 390 -74.23 68.32 -35.47
N LYS D 391 -73.49 68.12 -36.56
CA LYS D 391 -72.93 66.81 -36.87
C LYS D 391 -72.05 66.31 -35.72
N LYS D 392 -71.65 67.22 -34.84
CA LYS D 392 -70.84 66.85 -33.69
C LYS D 392 -71.76 66.25 -32.63
N LYS D 393 -72.88 66.92 -32.39
CA LYS D 393 -73.87 66.46 -31.40
C LYS D 393 -74.30 65.04 -31.70
N ASP D 394 -73.96 64.55 -32.89
CA ASP D 394 -74.30 63.20 -33.29
C ASP D 394 -73.02 62.37 -33.34
N LEU D 395 -71.97 62.95 -33.89
CA LEU D 395 -70.71 62.24 -33.97
C LEU D 395 -70.19 61.92 -32.60
N PHE D 396 -70.47 62.80 -31.63
CA PHE D 396 -70.04 62.57 -30.26
C PHE D 396 -70.80 61.35 -29.73
N LEU D 397 -72.00 61.13 -30.23
CA LEU D 397 -72.78 60.00 -29.77
C LEU D 397 -72.22 58.69 -30.34
N ASP D 398 -72.02 58.65 -31.65
CA ASP D 398 -71.47 57.43 -32.23
C ASP D 398 -70.14 57.11 -31.59
N LEU D 399 -69.57 58.08 -30.89
CA LEU D 399 -68.30 57.92 -30.22
C LEU D 399 -68.46 57.06 -28.98
N ILE D 400 -69.42 57.44 -28.14
CA ILE D 400 -69.69 56.71 -26.92
C ILE D 400 -70.19 55.30 -27.25
N ALA D 401 -71.15 55.23 -28.16
CA ALA D 401 -71.73 53.96 -28.59
C ALA D 401 -70.66 52.91 -28.91
N ASP D 402 -69.64 53.32 -29.65
CA ASP D 402 -68.56 52.43 -30.02
C ASP D 402 -67.74 51.93 -28.83
N VAL D 403 -67.64 52.77 -27.80
CA VAL D 403 -66.86 52.42 -26.62
C VAL D 403 -67.59 51.51 -25.64
N MET D 404 -68.91 51.57 -25.62
CA MET D 404 -69.64 50.71 -24.67
C MET D 404 -70.01 49.37 -25.28
N PHE D 405 -70.43 49.39 -26.56
CA PHE D 405 -70.86 48.17 -27.28
C PHE D 405 -70.01 47.85 -28.52
N GLY D 406 -70.02 48.75 -29.49
CA GLY D 406 -69.24 48.57 -30.70
C GLY D 406 -67.94 47.77 -30.54
N VAL D 407 -66.87 48.43 -30.13
CA VAL D 407 -65.58 47.76 -29.97
C VAL D 407 -65.59 46.52 -29.05
N PRO D 408 -66.14 46.65 -27.82
CA PRO D 408 -66.23 45.56 -26.84
C PRO D 408 -66.87 44.30 -27.39
N SER D 409 -67.94 44.48 -28.16
CA SER D 409 -68.64 43.37 -28.76
C SER D 409 -67.73 42.66 -29.72
N VAL D 410 -67.32 43.38 -30.75
CA VAL D 410 -66.47 42.77 -31.75
C VAL D 410 -65.28 42.03 -31.15
N ILE D 411 -64.60 42.62 -30.18
CA ILE D 411 -63.46 41.93 -29.56
C ILE D 411 -63.91 40.61 -28.94
N VAL D 412 -65.09 40.62 -28.34
CA VAL D 412 -65.63 39.41 -27.72
C VAL D 412 -65.92 38.44 -28.83
N ALA D 413 -66.42 38.99 -29.93
CA ALA D 413 -66.75 38.21 -31.10
C ALA D 413 -65.55 37.52 -31.68
N ARG D 414 -64.47 38.26 -31.83
CA ARG D 414 -63.28 37.68 -32.41
C ARG D 414 -62.67 36.64 -31.54
N ASN D 415 -62.74 36.86 -30.22
CA ASN D 415 -62.17 35.95 -29.22
C ASN D 415 -62.90 34.60 -29.13
N HIS D 416 -64.14 34.60 -29.60
CA HIS D 416 -64.94 33.40 -29.59
C HIS D 416 -64.48 32.55 -30.77
N ARG D 417 -64.43 33.20 -31.92
CA ARG D 417 -64.00 32.58 -33.17
C ARG D 417 -62.61 32.02 -32.98
N ASP D 418 -61.73 32.82 -32.40
CA ASP D 418 -60.36 32.38 -32.21
C ASP D 418 -60.30 31.07 -31.43
N ALA D 419 -61.31 30.82 -30.62
CA ALA D 419 -61.35 29.60 -29.81
C ALA D 419 -61.87 28.43 -30.63
N GLY D 420 -62.15 28.70 -31.91
CA GLY D 420 -62.64 27.67 -32.83
C GLY D 420 -64.12 27.37 -32.71
N ALA D 421 -64.80 28.25 -31.99
CA ALA D 421 -66.22 28.10 -31.76
C ALA D 421 -67.07 28.83 -32.78
N PRO D 422 -68.28 28.34 -33.06
CA PRO D 422 -69.17 29.00 -34.01
C PRO D 422 -69.42 30.42 -33.52
N THR D 423 -69.42 31.40 -34.41
CA THR D 423 -69.67 32.77 -34.00
C THR D 423 -70.45 33.53 -35.10
N TYR D 424 -71.38 34.36 -34.68
CA TYR D 424 -72.19 35.09 -35.62
C TYR D 424 -72.44 36.47 -35.06
N MET D 425 -72.31 37.50 -35.88
CA MET D 425 -72.56 38.85 -35.41
C MET D 425 -73.65 39.49 -36.25
N TYR D 426 -74.11 40.65 -35.82
CA TYR D 426 -75.15 41.37 -36.54
C TYR D 426 -75.27 42.83 -36.08
N GLU D 427 -75.84 43.68 -36.93
CA GLU D 427 -76.05 45.07 -36.58
C GLU D 427 -77.45 45.50 -37.02
N PHE D 428 -78.28 45.84 -36.06
CA PHE D 428 -79.65 46.24 -36.34
C PHE D 428 -79.75 47.67 -36.84
N GLN D 429 -80.19 47.83 -38.07
CA GLN D 429 -80.32 49.14 -38.70
C GLN D 429 -81.75 49.42 -39.03
N TYR D 430 -82.58 49.62 -38.01
CA TYR D 430 -84.01 49.88 -38.24
C TYR D 430 -84.64 50.71 -37.15
N ARG D 431 -85.66 51.51 -37.51
CA ARG D 431 -86.35 52.35 -36.55
C ARG D 431 -87.78 51.92 -36.40
N PRO D 432 -88.11 51.24 -35.28
CA PRO D 432 -89.45 50.75 -34.98
C PRO D 432 -90.49 51.86 -34.91
N SER D 433 -91.66 51.60 -35.46
CA SER D 433 -92.72 52.58 -35.46
C SER D 433 -93.13 52.97 -34.04
N PHE D 434 -93.07 52.02 -33.11
CA PHE D 434 -93.46 52.29 -31.71
C PHE D 434 -92.36 52.96 -30.89
N SER D 435 -92.26 54.28 -31.01
CA SER D 435 -91.26 55.04 -30.28
C SER D 435 -91.86 56.31 -29.69
N SER D 436 -91.35 56.70 -28.53
CA SER D 436 -91.80 57.89 -27.85
C SER D 436 -91.77 59.06 -28.84
N ASP D 437 -92.79 59.91 -28.80
CA ASP D 437 -92.87 61.06 -29.70
C ASP D 437 -91.67 61.96 -29.51
N MET D 438 -91.12 61.94 -28.30
CA MET D 438 -89.98 62.77 -27.95
C MET D 438 -88.68 62.26 -28.59
N LYS D 439 -88.80 61.20 -29.40
CA LYS D 439 -87.64 60.62 -30.08
C LYS D 439 -87.42 61.16 -31.50
N PRO D 440 -86.22 61.70 -31.79
CA PRO D 440 -85.96 62.22 -33.12
C PRO D 440 -86.00 61.15 -34.21
N LYS D 441 -86.80 61.43 -35.24
CA LYS D 441 -86.97 60.52 -36.37
C LYS D 441 -85.69 60.36 -37.18
N THR D 442 -84.59 60.90 -36.67
CA THR D 442 -83.33 60.80 -37.39
C THR D 442 -82.49 59.61 -36.91
N VAL D 443 -82.87 59.04 -35.76
CA VAL D 443 -82.13 57.92 -35.19
C VAL D 443 -82.71 56.54 -35.55
N ILE D 444 -81.90 55.74 -36.24
CA ILE D 444 -82.31 54.42 -36.64
C ILE D 444 -81.46 53.40 -35.90
N GLY D 445 -82.09 52.34 -35.42
CA GLY D 445 -81.34 51.32 -34.71
C GLY D 445 -80.87 51.83 -33.37
N ASP D 446 -81.77 52.47 -32.62
CA ASP D 446 -81.45 53.02 -31.30
C ASP D 446 -81.10 51.89 -30.33
N HIS D 447 -81.28 52.13 -29.04
CA HIS D 447 -80.97 51.13 -28.04
C HIS D 447 -82.20 50.24 -27.82
N GLY D 448 -82.02 48.94 -28.05
CA GLY D 448 -83.09 47.99 -27.85
C GLY D 448 -84.17 47.92 -28.91
N ASP D 449 -83.95 48.55 -30.05
CA ASP D 449 -84.95 48.52 -31.11
C ASP D 449 -85.11 47.15 -31.69
N GLU D 450 -84.05 46.35 -31.63
CA GLU D 450 -84.16 45.02 -32.18
C GLU D 450 -85.16 44.25 -31.39
N LEU D 451 -85.40 44.66 -30.15
CA LEU D 451 -86.37 43.96 -29.31
C LEU D 451 -87.68 43.74 -30.02
N PHE D 452 -88.40 44.81 -30.34
CA PHE D 452 -89.69 44.64 -31.00
C PHE D 452 -89.64 43.60 -32.12
N SER D 453 -88.51 43.50 -32.78
CA SER D 453 -88.39 42.54 -33.85
C SER D 453 -88.30 41.15 -33.27
N VAL D 454 -87.40 40.96 -32.33
CA VAL D 454 -87.20 39.66 -31.70
C VAL D 454 -88.45 39.10 -31.00
N PHE D 455 -89.03 39.89 -30.11
CA PHE D 455 -90.20 39.43 -29.39
C PHE D 455 -91.46 39.62 -30.18
N GLY D 456 -91.31 39.91 -31.47
CA GLY D 456 -92.48 40.08 -32.32
C GLY D 456 -93.56 41.05 -31.81
N ALA D 457 -93.19 42.31 -31.70
CA ALA D 457 -94.12 43.33 -31.26
C ALA D 457 -95.20 43.54 -32.31
N PRO D 458 -94.81 43.56 -33.59
CA PRO D 458 -95.80 43.75 -34.62
C PRO D 458 -97.06 42.92 -34.43
N PHE D 459 -96.92 41.74 -33.83
CA PHE D 459 -98.08 40.89 -33.65
C PHE D 459 -98.87 41.14 -32.40
N LEU D 460 -98.32 41.94 -31.50
CA LEU D 460 -99.02 42.24 -30.26
C LEU D 460 -99.45 43.71 -30.18
N LYS D 461 -98.66 44.61 -30.77
CA LYS D 461 -98.98 46.03 -30.76
C LYS D 461 -99.85 46.34 -31.97
N GLU D 462 -100.71 47.35 -31.86
CA GLU D 462 -101.59 47.68 -32.97
C GLU D 462 -100.97 48.63 -33.97
N GLY D 463 -101.27 48.38 -35.25
CA GLY D 463 -100.77 49.19 -36.34
C GLY D 463 -99.27 49.12 -36.51
N ALA D 464 -98.84 48.47 -37.59
CA ALA D 464 -97.42 48.32 -37.90
C ALA D 464 -97.22 48.02 -39.37
N SER D 465 -96.30 48.75 -40.00
CA SER D 465 -96.02 48.57 -41.42
C SER D 465 -95.72 47.13 -41.80
N GLU D 466 -96.21 46.69 -42.95
CA GLU D 466 -95.97 45.34 -43.41
C GLU D 466 -94.50 45.13 -43.57
N GLU D 467 -93.78 46.22 -43.68
CA GLU D 467 -92.34 46.12 -43.81
C GLU D 467 -91.80 45.69 -42.45
N GLU D 468 -92.37 46.27 -41.40
CA GLU D 468 -91.99 46.01 -40.01
C GLU D 468 -92.31 44.61 -39.55
N ILE D 469 -93.44 44.09 -40.02
CA ILE D 469 -93.88 42.73 -39.72
C ILE D 469 -92.89 41.77 -40.37
N ARG D 470 -92.65 41.96 -41.66
CA ARG D 470 -91.71 41.11 -42.37
C ARG D 470 -90.36 41.11 -41.65
N LEU D 471 -89.97 42.24 -41.09
CA LEU D 471 -88.69 42.32 -40.39
C LEU D 471 -88.69 41.49 -39.12
N SER D 472 -89.77 41.61 -38.37
CA SER D 472 -89.91 40.85 -37.13
C SER D 472 -89.85 39.34 -37.39
N LYS D 473 -90.63 38.86 -38.35
CA LYS D 473 -90.68 37.42 -38.68
C LYS D 473 -89.30 36.90 -39.00
N MET D 474 -88.55 37.72 -39.73
CA MET D 474 -87.20 37.40 -40.13
C MET D 474 -86.27 37.23 -38.93
N VAL D 475 -86.36 38.14 -37.94
CA VAL D 475 -85.53 38.07 -36.72
C VAL D 475 -85.88 36.82 -35.91
N MET D 476 -87.16 36.68 -35.58
CA MET D 476 -87.63 35.50 -34.86
C MET D 476 -87.17 34.22 -35.59
N LYS D 477 -87.45 34.09 -36.87
CA LYS D 477 -86.99 32.89 -37.56
C LYS D 477 -85.50 32.77 -37.29
N PHE D 478 -84.77 33.81 -37.64
CA PHE D 478 -83.34 33.85 -37.46
C PHE D 478 -82.90 33.39 -36.08
N TRP D 479 -83.46 34.00 -35.04
CA TRP D 479 -83.12 33.67 -33.67
C TRP D 479 -83.49 32.23 -33.35
N ALA D 480 -84.73 31.84 -33.66
CA ALA D 480 -85.17 30.48 -33.39
C ALA D 480 -84.27 29.49 -34.15
N ASN D 481 -83.89 29.81 -35.37
CA ASN D 481 -83.04 28.91 -36.10
C ASN D 481 -81.71 28.75 -35.35
N PHE D 482 -81.24 29.80 -34.70
CA PHE D 482 -79.97 29.74 -33.98
C PHE D 482 -80.11 28.85 -32.75
N ALA D 483 -81.23 29.00 -32.04
CA ALA D 483 -81.53 28.18 -30.88
C ALA D 483 -81.69 26.70 -31.24
N ARG D 484 -82.17 26.46 -32.46
CA ARG D 484 -82.38 25.11 -32.95
C ARG D 484 -81.11 24.41 -33.37
N ASN D 485 -80.36 25.01 -34.27
CA ASN D 485 -79.16 24.36 -34.74
C ASN D 485 -77.89 25.07 -34.36
N GLY D 486 -78.03 26.26 -33.78
CA GLY D 486 -76.85 27.04 -33.45
C GLY D 486 -76.33 27.72 -34.71
N ASN D 487 -77.25 27.90 -35.65
CA ASN D 487 -76.98 28.52 -36.93
C ASN D 487 -78.26 29.23 -37.27
N PRO D 488 -78.19 30.54 -37.53
CA PRO D 488 -79.34 31.39 -37.84
C PRO D 488 -80.02 31.10 -39.17
N ASN D 489 -79.27 30.51 -40.08
CA ASN D 489 -79.79 30.22 -41.40
C ASN D 489 -80.98 29.31 -41.54
N GLY D 490 -81.34 29.06 -42.80
CA GLY D 490 -82.48 28.23 -43.07
C GLY D 490 -83.31 28.80 -44.22
N GLU D 491 -83.83 27.92 -45.06
CA GLU D 491 -84.63 28.35 -46.20
C GLU D 491 -85.68 29.38 -45.78
N GLY D 492 -85.66 30.50 -46.48
CA GLY D 492 -86.61 31.57 -46.20
C GLY D 492 -85.95 32.90 -45.95
N LEU D 493 -84.78 32.84 -45.32
CA LEU D 493 -84.04 34.04 -44.98
C LEU D 493 -82.80 34.21 -45.83
N PRO D 494 -82.26 35.44 -45.87
CA PRO D 494 -81.05 35.75 -46.64
C PRO D 494 -79.94 34.92 -46.05
N HIS D 495 -78.69 35.15 -46.45
CA HIS D 495 -77.60 34.38 -45.87
C HIS D 495 -76.86 35.17 -44.81
N TRP D 496 -76.53 34.47 -43.74
CA TRP D 496 -75.86 35.06 -42.63
C TRP D 496 -74.58 34.30 -42.52
N PRO D 497 -73.44 34.94 -42.83
CA PRO D 497 -72.11 34.34 -42.77
C PRO D 497 -71.60 34.13 -41.36
N GLU D 498 -70.69 33.18 -41.21
CA GLU D 498 -70.12 32.88 -39.91
C GLU D 498 -69.03 33.90 -39.66
N TYR D 499 -68.97 34.42 -38.45
CA TYR D 499 -67.94 35.39 -38.13
C TYR D 499 -66.59 34.70 -38.03
N ASN D 500 -66.08 34.20 -39.16
CA ASN D 500 -64.78 33.53 -39.23
C ASN D 500 -63.70 34.51 -39.67
N GLN D 501 -62.63 34.04 -40.30
CA GLN D 501 -61.56 34.92 -40.73
C GLN D 501 -62.02 36.11 -41.55
N LYS D 502 -62.91 35.89 -42.52
CA LYS D 502 -63.35 37.00 -43.35
C LYS D 502 -64.08 38.03 -42.51
N GLU D 503 -64.45 37.63 -41.30
CA GLU D 503 -65.17 38.51 -40.37
C GLU D 503 -66.51 39.02 -40.91
N GLY D 504 -67.30 38.12 -41.47
CA GLY D 504 -68.59 38.52 -42.00
C GLY D 504 -69.68 38.73 -40.97
N TYR D 505 -70.68 39.55 -41.30
CA TYR D 505 -71.75 39.82 -40.36
C TYR D 505 -72.99 40.25 -41.08
N LEU D 506 -74.14 39.96 -40.51
CA LEU D 506 -75.36 40.36 -41.18
C LEU D 506 -75.74 41.78 -40.82
N GLN D 507 -76.32 42.47 -41.79
CA GLN D 507 -76.74 43.84 -41.59
C GLN D 507 -78.24 43.79 -41.60
N ILE D 508 -78.80 43.54 -40.43
CA ILE D 508 -80.23 43.44 -40.28
C ILE D 508 -80.91 44.81 -40.29
N GLY D 509 -81.91 44.97 -41.14
CA GLY D 509 -82.64 46.23 -41.23
C GLY D 509 -83.81 46.14 -42.18
N ALA D 510 -84.17 47.23 -42.83
CA ALA D 510 -85.28 47.16 -43.78
C ALA D 510 -84.89 46.30 -44.97
N ASN D 511 -83.62 46.35 -45.35
CA ASN D 511 -83.10 45.57 -46.46
C ASN D 511 -81.88 44.77 -45.97
N THR D 512 -82.13 43.72 -45.19
CA THR D 512 -81.07 42.91 -44.63
C THR D 512 -80.11 42.27 -45.64
N GLN D 513 -78.81 42.49 -45.44
CA GLN D 513 -77.82 41.92 -46.33
C GLN D 513 -76.48 41.78 -45.60
N ALA D 514 -75.69 40.79 -45.99
CA ALA D 514 -74.41 40.56 -45.36
C ALA D 514 -73.39 41.62 -45.74
N ALA D 515 -72.36 41.76 -44.89
CA ALA D 515 -71.26 42.70 -45.09
C ALA D 515 -70.00 42.10 -44.48
N GLN D 516 -68.96 42.92 -44.32
CA GLN D 516 -67.70 42.43 -43.75
C GLN D 516 -67.01 43.39 -42.78
N LYS D 517 -66.09 42.84 -41.98
CA LYS D 517 -65.34 43.60 -40.99
C LYS D 517 -66.15 44.73 -40.38
N LEU D 518 -66.96 44.39 -39.38
CA LEU D 518 -67.79 45.36 -38.70
C LEU D 518 -66.95 46.09 -37.67
N LYS D 519 -67.06 47.41 -37.64
CA LYS D 519 -66.31 48.23 -36.69
C LYS D 519 -64.85 47.85 -36.61
N ASP D 520 -64.35 47.10 -37.60
CA ASP D 520 -62.96 46.66 -37.59
C ASP D 520 -61.95 47.80 -37.49
N LYS D 521 -62.23 48.90 -38.16
CA LYS D 521 -61.33 50.06 -38.14
C LYS D 521 -61.35 50.71 -36.76
N GLU D 522 -62.52 50.78 -36.15
CA GLU D 522 -62.65 51.39 -34.81
C GLU D 522 -61.85 50.63 -33.75
N VAL D 523 -61.97 49.32 -33.75
CA VAL D 523 -61.27 48.50 -32.78
C VAL D 523 -59.81 48.90 -32.78
N ALA D 524 -59.25 49.02 -33.97
CA ALA D 524 -57.84 49.38 -34.11
C ALA D 524 -57.53 50.69 -33.40
N PHE D 525 -58.20 51.74 -33.86
CA PHE D 525 -58.02 53.06 -33.28
C PHE D 525 -58.17 53.05 -31.78
N TRP D 526 -59.10 52.25 -31.30
CA TRP D 526 -59.35 52.15 -29.87
C TRP D 526 -58.39 51.23 -29.17
N THR D 527 -58.13 50.06 -29.72
CA THR D 527 -57.22 49.15 -29.06
C THR D 527 -55.89 49.88 -28.84
N ASN D 528 -55.45 50.63 -29.85
CA ASN D 528 -54.19 51.37 -29.74
C ASN D 528 -54.31 52.57 -28.79
N LEU D 529 -55.14 53.56 -29.14
CA LEU D 529 -55.30 54.77 -28.34
C LEU D 529 -55.44 54.22 -26.83
N PHE D 530 -56.26 53.19 -26.58
CA PHE D 530 -56.49 52.73 -25.23
C PHE D 530 -55.20 52.20 -24.61
N ALA D 531 -54.44 51.43 -25.38
CA ALA D 531 -53.18 50.87 -24.89
C ALA D 531 -52.11 51.95 -24.83
N LYS D 532 -52.54 53.20 -25.00
CA LYS D 532 -51.64 54.35 -24.97
C LYS D 532 -50.55 54.27 -26.05
N SER E 1 -87.76 10.47 50.78
CA SER E 1 -87.61 9.60 49.57
C SER E 1 -86.92 10.38 48.45
N SER E 2 -85.83 9.80 47.97
CA SER E 2 -85.03 10.40 46.91
C SER E 2 -85.87 10.61 45.64
N PRO E 3 -85.99 11.86 45.19
CA PRO E 3 -86.78 12.16 44.00
C PRO E 3 -86.52 11.17 42.85
N PRO E 4 -87.74 11.00 42.03
CA PRO E 4 -87.59 9.76 41.21
C PRO E 4 -86.65 10.47 39.86
N VAL E 5 -85.65 9.74 39.39
CA VAL E 5 -84.81 10.18 38.30
C VAL E 5 -84.88 9.17 37.16
N VAL E 6 -85.71 9.47 36.16
CA VAL E 6 -85.89 8.59 35.00
C VAL E 6 -84.95 8.97 33.86
N ASP E 7 -84.36 7.96 33.22
CA ASP E 7 -83.45 8.15 32.10
C ASP E 7 -84.24 8.28 30.81
N THR E 8 -83.85 9.24 29.97
CA THR E 8 -84.51 9.45 28.67
C THR E 8 -83.45 9.74 27.64
N VAL E 9 -83.80 9.51 26.38
CA VAL E 9 -82.90 9.72 25.26
C VAL E 9 -82.12 11.03 25.35
N HIS E 10 -82.84 12.12 25.59
CA HIS E 10 -82.25 13.44 25.67
C HIS E 10 -81.65 13.73 27.02
N GLY E 11 -81.77 12.80 27.97
CA GLY E 11 -81.21 13.05 29.28
C GLY E 11 -82.08 12.66 30.45
N LYS E 12 -81.48 12.66 31.64
CA LYS E 12 -82.15 12.31 32.89
C LYS E 12 -83.08 13.39 33.37
N VAL E 13 -84.34 13.01 33.60
CA VAL E 13 -85.36 13.94 34.05
C VAL E 13 -85.57 13.70 35.50
N LEU E 14 -86.04 14.74 36.18
CA LEU E 14 -86.27 14.67 37.60
C LEU E 14 -87.66 15.13 37.98
N GLY E 15 -88.41 14.27 38.69
CA GLY E 15 -89.76 14.61 39.16
C GLY E 15 -89.90 14.55 40.68
N LYS E 16 -91.12 14.75 41.16
CA LYS E 16 -91.39 14.67 42.61
C LYS E 16 -92.32 13.50 42.90
N PHE E 17 -92.21 12.91 44.09
CA PHE E 17 -93.04 11.78 44.49
C PHE E 17 -94.28 12.25 45.21
N VAL E 18 -95.44 11.85 44.71
CA VAL E 18 -96.68 12.25 45.36
C VAL E 18 -97.50 11.01 45.69
N SER E 19 -98.01 10.94 46.92
CA SER E 19 -98.81 9.81 47.36
C SER E 19 -100.27 10.19 47.34
N LEU E 20 -101.13 9.28 46.91
CA LEU E 20 -102.55 9.59 46.87
C LEU E 20 -103.28 8.93 48.03
N GLU E 21 -104.42 9.50 48.42
CA GLU E 21 -105.21 8.95 49.52
C GLU E 21 -105.63 7.50 49.23
N GLY E 22 -105.15 6.57 50.05
CA GLY E 22 -105.53 5.18 49.86
C GLY E 22 -104.63 4.35 48.96
N PHE E 23 -103.46 4.87 48.63
CA PHE E 23 -102.53 4.14 47.77
C PHE E 23 -101.14 4.12 48.36
N ALA E 24 -100.55 2.94 48.36
CA ALA E 24 -99.20 2.79 48.91
C ALA E 24 -98.17 3.44 48.00
N GLN E 25 -97.82 2.74 46.93
CA GLN E 25 -96.83 3.23 45.95
C GLN E 25 -97.19 4.60 45.37
N PRO E 26 -96.54 5.68 45.87
CA PRO E 26 -96.82 7.03 45.37
C PRO E 26 -96.61 7.12 43.86
N VAL E 27 -97.15 8.18 43.30
CA VAL E 27 -97.03 8.39 41.88
C VAL E 27 -95.87 9.32 41.60
N ALA E 28 -95.09 9.01 40.58
CA ALA E 28 -93.97 9.85 40.20
C ALA E 28 -94.54 10.83 39.18
N ILE E 29 -94.52 12.12 39.51
CA ILE E 29 -95.06 13.17 38.65
C ILE E 29 -94.04 14.10 38.03
N PHE E 30 -93.83 14.03 36.72
CA PHE E 30 -92.88 14.94 36.09
C PHE E 30 -93.62 16.09 35.36
N LEU E 31 -93.21 17.33 35.63
CA LEU E 31 -93.87 18.48 35.02
C LEU E 31 -92.97 19.27 34.08
N GLY E 32 -93.45 19.50 32.86
CA GLY E 32 -92.66 20.27 31.93
C GLY E 32 -91.49 19.57 31.27
N ILE E 33 -91.66 18.33 30.85
CA ILE E 33 -90.56 17.67 30.16
C ILE E 33 -90.69 18.16 28.72
N PRO E 34 -89.64 18.77 28.16
CA PRO E 34 -89.65 19.28 26.78
C PRO E 34 -89.73 18.13 25.77
N PHE E 35 -90.44 18.31 24.66
CA PHE E 35 -90.53 17.24 23.66
C PHE E 35 -90.29 17.72 22.26
N ALA E 36 -89.85 18.97 22.16
CA ALA E 36 -89.60 19.58 20.86
C ALA E 36 -88.88 20.89 21.07
N LYS E 37 -87.82 21.13 20.28
CA LYS E 37 -87.09 22.39 20.41
C LYS E 37 -88.10 23.54 20.39
N PRO E 38 -87.96 24.51 21.30
CA PRO E 38 -88.82 25.69 21.44
C PRO E 38 -89.00 26.41 20.10
N PRO E 39 -90.24 26.46 19.56
CA PRO E 39 -90.57 27.10 18.29
C PRO E 39 -90.53 28.64 18.31
N LEU E 40 -89.32 29.17 18.40
CA LEU E 40 -89.12 30.61 18.43
C LEU E 40 -88.40 31.05 17.15
N GLY E 41 -88.24 32.37 17.01
CA GLY E 41 -87.58 32.91 15.83
C GLY E 41 -88.10 32.27 14.56
N PRO E 42 -87.21 31.77 13.69
CA PRO E 42 -87.49 31.11 12.41
C PRO E 42 -88.23 29.77 12.48
N LEU E 43 -88.52 29.31 13.70
CA LEU E 43 -89.24 28.06 13.87
C LEU E 43 -90.71 28.35 14.10
N ARG E 44 -91.11 29.60 13.90
CA ARG E 44 -92.50 30.01 14.05
C ARG E 44 -93.21 29.72 12.74
N PHE E 45 -94.29 28.95 12.80
CA PHE E 45 -95.05 28.57 11.62
C PHE E 45 -94.26 27.52 10.85
N THR E 46 -93.70 26.56 11.56
CA THR E 46 -92.95 25.50 10.93
C THR E 46 -93.12 24.25 11.78
N PRO E 47 -92.84 23.08 11.21
CA PRO E 47 -92.95 21.79 11.91
C PRO E 47 -92.05 21.77 13.15
N PRO E 48 -92.48 21.10 14.23
CA PRO E 48 -91.62 21.09 15.41
C PRO E 48 -90.36 20.29 15.17
N GLN E 49 -89.27 20.77 15.76
CA GLN E 49 -87.95 20.17 15.64
C GLN E 49 -87.54 19.41 16.90
N PRO E 50 -86.77 18.32 16.75
CA PRO E 50 -86.34 17.57 17.93
C PRO E 50 -85.69 18.52 18.92
N ALA E 51 -85.72 18.15 20.21
CA ALA E 51 -85.12 18.95 21.28
C ALA E 51 -83.64 18.67 21.53
N GLU E 52 -82.90 19.72 21.81
CA GLU E 52 -81.49 19.58 22.07
C GLU E 52 -81.33 18.87 23.40
N PRO E 53 -80.50 17.82 23.43
CA PRO E 53 -80.22 17.00 24.61
C PRO E 53 -79.52 17.76 25.71
N TRP E 54 -79.75 17.37 26.95
CA TRP E 54 -79.09 18.04 28.03
C TRP E 54 -77.96 17.21 28.69
N SER E 55 -77.03 17.93 29.33
CA SER E 55 -75.86 17.34 29.97
C SER E 55 -75.98 16.76 31.36
N PHE E 56 -76.76 17.37 32.24
CA PHE E 56 -76.84 16.80 33.58
C PHE E 56 -78.18 16.17 33.87
N VAL E 57 -78.79 16.54 35.02
CA VAL E 57 -80.15 16.10 35.36
C VAL E 57 -81.30 17.21 35.30
N LYS E 58 -82.26 17.09 34.40
CA LYS E 58 -83.25 18.14 34.29
C LYS E 58 -84.32 18.08 35.41
N ASN E 59 -84.42 19.15 36.18
CA ASN E 59 -85.37 19.26 37.26
C ASN E 59 -86.80 19.55 36.79
N ALA E 60 -87.49 18.56 36.23
CA ALA E 60 -88.86 18.77 35.76
C ALA E 60 -89.87 18.87 36.89
N THR E 61 -89.78 19.93 37.68
CA THR E 61 -90.64 20.09 38.84
C THR E 61 -91.49 21.34 38.84
N SER E 62 -91.54 22.03 37.73
CA SER E 62 -92.36 23.20 37.70
C SER E 62 -93.29 23.17 36.52
N TYR E 63 -94.44 23.78 36.71
CA TYR E 63 -95.42 23.80 35.67
C TYR E 63 -94.95 24.60 34.46
N PRO E 64 -94.98 23.95 33.27
CA PRO E 64 -94.57 24.55 32.00
C PRO E 64 -95.53 25.66 31.66
N PRO E 65 -95.04 26.69 31.00
CA PRO E 65 -95.84 27.85 30.58
C PRO E 65 -96.87 27.41 29.55
N MET E 66 -98.00 28.09 29.46
CA MET E 66 -98.98 27.71 28.46
C MET E 66 -98.74 28.54 27.20
N CYS E 67 -98.97 27.97 26.02
CA CYS E 67 -98.74 28.71 24.79
C CYS E 67 -99.48 30.02 24.81
N THR E 68 -98.95 30.98 24.07
CA THR E 68 -99.57 32.28 24.01
C THR E 68 -101.05 32.26 23.64
N GLN E 69 -101.87 32.90 24.47
CA GLN E 69 -103.29 32.93 24.22
C GLN E 69 -103.91 34.10 24.94
N ASP E 70 -105.23 34.05 25.07
CA ASP E 70 -105.91 35.10 25.75
C ASP E 70 -105.81 34.81 27.23
N PRO E 71 -104.90 35.47 27.91
CA PRO E 71 -104.69 35.25 29.35
C PRO E 71 -105.95 35.30 30.19
N LYS E 72 -106.91 36.14 29.80
CA LYS E 72 -108.14 36.27 30.55
C LYS E 72 -108.97 35.03 30.31
N ALA E 73 -109.08 34.64 29.04
CA ALA E 73 -109.85 33.47 28.62
C ALA E 73 -109.19 32.19 29.12
N GLY E 74 -107.86 32.12 28.95
CA GLY E 74 -107.13 30.95 29.37
C GLY E 74 -107.44 30.53 30.80
N GLN E 75 -107.29 31.46 31.74
CA GLN E 75 -107.58 31.19 33.13
C GLN E 75 -109.00 30.68 33.31
N LEU E 76 -109.98 31.45 32.82
CA LEU E 76 -111.39 31.07 32.94
C LEU E 76 -111.58 29.64 32.55
N LEU E 77 -111.18 29.31 31.31
CA LEU E 77 -111.31 27.95 30.84
C LEU E 77 -110.55 26.97 31.77
N SER E 78 -109.36 27.36 32.24
CA SER E 78 -108.60 26.48 33.14
C SER E 78 -109.26 26.38 34.49
N GLU E 79 -110.12 27.34 34.79
CA GLU E 79 -110.83 27.37 36.06
C GLU E 79 -112.02 26.41 36.03
N LEU E 80 -112.76 26.44 34.94
CA LEU E 80 -113.93 25.61 34.86
C LEU E 80 -113.61 24.18 34.52
N PHE E 81 -112.43 23.96 33.96
CA PHE E 81 -112.04 22.62 33.53
C PHE E 81 -111.12 21.84 34.48
N THR E 82 -110.43 22.56 35.38
CA THR E 82 -109.52 21.90 36.30
C THR E 82 -110.20 20.77 37.07
N ASN E 83 -109.38 19.88 37.60
CA ASN E 83 -109.95 18.79 38.35
C ASN E 83 -109.26 18.77 39.70
N ARG E 84 -108.43 19.78 39.97
CA ARG E 84 -107.75 19.85 41.27
C ARG E 84 -108.46 20.82 42.23
N LYS E 85 -108.11 20.76 43.51
CA LYS E 85 -108.76 21.62 44.50
C LYS E 85 -108.70 23.09 44.15
N GLU E 86 -107.48 23.58 44.01
CA GLU E 86 -107.20 24.97 43.68
C GLU E 86 -106.78 25.04 42.22
N ASN E 87 -106.90 26.22 41.62
CA ASN E 87 -106.52 26.38 40.24
C ASN E 87 -105.10 26.90 40.23
N ILE E 88 -104.34 26.52 39.20
CA ILE E 88 -102.94 26.93 39.06
C ILE E 88 -102.73 27.94 37.94
N PRO E 89 -102.48 29.21 38.31
CA PRO E 89 -102.27 30.24 37.29
C PRO E 89 -100.93 30.04 36.60
N LEU E 90 -100.97 29.97 35.28
CA LEU E 90 -99.79 29.73 34.50
C LEU E 90 -99.28 30.97 33.78
N LYS E 91 -98.21 30.77 33.02
CA LYS E 91 -97.60 31.86 32.29
C LYS E 91 -97.66 31.61 30.78
N LEU E 92 -97.71 32.68 29.99
CA LEU E 92 -97.78 32.57 28.54
C LEU E 92 -96.38 32.68 27.97
N SER E 93 -96.12 31.94 26.92
CA SER E 93 -94.81 31.99 26.29
C SER E 93 -94.84 31.11 25.07
N GLU E 94 -94.20 31.58 24.00
CA GLU E 94 -94.10 30.82 22.75
C GLU E 94 -93.41 29.50 23.00
N ASP E 95 -92.65 29.44 24.10
CA ASP E 95 -91.89 28.26 24.53
C ASP E 95 -92.82 27.42 25.39
N CYS E 96 -93.64 26.62 24.75
CA CYS E 96 -94.62 25.85 25.47
C CYS E 96 -94.71 24.40 25.06
N LEU E 97 -93.92 23.99 24.10
CA LEU E 97 -94.02 22.62 23.70
C LEU E 97 -93.56 21.66 24.76
N TYR E 98 -94.31 21.57 25.86
CA TYR E 98 -93.97 20.64 26.94
C TYR E 98 -95.04 19.57 27.16
N LEU E 99 -94.75 18.62 28.05
CA LEU E 99 -95.69 17.56 28.43
C LEU E 99 -95.36 17.13 29.86
N ASN E 100 -96.41 16.77 30.60
CA ASN E 100 -96.28 16.33 31.99
C ASN E 100 -96.67 14.87 32.08
N ILE E 101 -95.90 14.09 32.84
CA ILE E 101 -96.19 12.66 33.01
C ILE E 101 -96.51 12.31 34.45
N TYR E 102 -97.54 11.49 34.61
CA TYR E 102 -98.04 11.01 35.90
C TYR E 102 -97.97 9.46 35.85
N THR E 103 -96.89 8.87 36.35
CA THR E 103 -96.79 7.43 36.29
C THR E 103 -96.87 6.86 37.70
N PRO E 104 -97.75 5.86 37.91
CA PRO E 104 -97.94 5.21 39.21
C PRO E 104 -97.18 3.88 39.23
N ALA E 105 -96.23 3.73 38.32
CA ALA E 105 -95.44 2.51 38.25
C ALA E 105 -94.27 2.60 39.22
N ASP E 106 -93.58 1.48 39.45
CA ASP E 106 -92.41 1.48 40.34
C ASP E 106 -91.16 1.42 39.46
N LEU E 107 -90.68 2.61 39.10
CA LEU E 107 -89.51 2.81 38.24
C LEU E 107 -88.34 1.88 38.50
N THR E 108 -88.26 1.35 39.72
CA THR E 108 -87.17 0.45 40.08
C THR E 108 -87.23 -0.79 39.20
N LYS E 109 -88.45 -1.22 38.93
CA LYS E 109 -88.70 -2.39 38.09
C LYS E 109 -89.01 -2.01 36.62
N LYS E 110 -89.21 -3.01 35.78
CA LYS E 110 -89.53 -2.75 34.39
C LYS E 110 -91.03 -2.93 34.21
N ASN E 111 -91.78 -1.86 34.43
CA ASN E 111 -93.24 -1.86 34.29
C ASN E 111 -93.56 -1.42 32.87
N ARG E 112 -94.61 -2.00 32.31
CA ARG E 112 -95.01 -1.68 30.95
C ARG E 112 -96.52 -1.52 30.96
N LEU E 113 -97.02 -0.53 31.68
CA LEU E 113 -98.46 -0.29 31.75
C LEU E 113 -98.94 0.49 30.54
N PRO E 114 -100.25 0.46 30.28
CA PRO E 114 -100.80 1.20 29.15
C PRO E 114 -100.65 2.71 29.39
N VAL E 115 -100.42 3.47 28.33
CA VAL E 115 -100.26 4.92 28.45
C VAL E 115 -101.43 5.63 27.82
N MET E 116 -101.88 6.70 28.46
CA MET E 116 -102.97 7.51 27.96
C MET E 116 -102.55 8.98 27.86
N VAL E 117 -102.48 9.49 26.63
CA VAL E 117 -102.09 10.88 26.39
C VAL E 117 -103.34 11.73 26.32
N TRP E 118 -103.35 12.89 26.95
CA TRP E 118 -104.53 13.75 26.90
C TRP E 118 -104.32 15.06 26.13
N ILE E 119 -105.10 15.23 25.06
CA ILE E 119 -104.98 16.44 24.27
C ILE E 119 -106.08 17.36 24.74
N HIS E 120 -105.74 18.32 25.59
CA HIS E 120 -106.74 19.27 26.11
C HIS E 120 -107.41 20.03 25.00
N GLY E 121 -108.61 20.53 25.31
CA GLY E 121 -109.37 21.29 24.36
C GLY E 121 -109.19 22.77 24.62
N GLY E 122 -110.10 23.57 24.07
CA GLY E 122 -110.01 25.01 24.22
C GLY E 122 -110.12 25.68 22.84
N GLY E 123 -110.75 24.98 21.90
CA GLY E 123 -110.99 25.46 20.55
C GLY E 123 -109.75 25.79 19.77
N LEU E 124 -108.64 25.19 20.13
CA LEU E 124 -107.39 25.49 19.43
C LEU E 124 -107.03 26.95 19.55
N MET E 125 -107.66 27.64 20.50
CA MET E 125 -107.40 29.06 20.73
C MET E 125 -106.86 29.32 22.14
N VAL E 126 -107.30 28.51 23.09
CA VAL E 126 -106.86 28.65 24.48
C VAL E 126 -106.69 27.30 25.15
N GLY E 127 -106.26 27.32 26.41
CA GLY E 127 -106.10 26.09 27.16
C GLY E 127 -104.66 25.66 27.37
N ALA E 128 -104.44 24.74 28.31
CA ALA E 128 -103.09 24.26 28.63
C ALA E 128 -103.12 22.83 29.15
N ALA E 129 -101.96 22.18 29.28
CA ALA E 129 -101.97 20.80 29.75
C ALA E 129 -101.98 20.69 31.27
N SER E 130 -101.35 21.64 31.95
CA SER E 130 -101.28 21.59 33.41
C SER E 130 -102.63 21.68 34.08
N THR E 131 -103.62 22.20 33.39
CA THR E 131 -104.93 22.31 33.95
C THR E 131 -105.51 20.93 34.37
N TYR E 132 -105.00 19.85 33.76
CA TYR E 132 -105.48 18.49 34.06
C TYR E 132 -104.45 17.68 34.83
N ASP E 133 -104.84 17.29 36.03
CA ASP E 133 -104.03 16.51 36.97
C ASP E 133 -104.36 15.04 36.84
N GLY E 134 -103.44 14.24 36.31
CA GLY E 134 -103.72 12.82 36.14
C GLY E 134 -103.36 11.91 37.30
N LEU E 135 -103.11 12.49 38.46
CA LEU E 135 -102.75 11.72 39.66
C LEU E 135 -103.76 10.64 40.01
N ALA E 136 -105.03 11.03 40.08
CA ALA E 136 -106.08 10.08 40.43
C ALA E 136 -106.24 9.00 39.37
N LEU E 137 -106.45 9.42 38.13
CA LEU E 137 -106.62 8.47 37.04
C LEU E 137 -105.47 7.47 36.98
N ALA E 138 -104.26 7.95 37.23
CA ALA E 138 -103.10 7.08 37.18
C ALA E 138 -103.15 6.03 38.28
N ALA E 139 -103.20 6.48 39.53
CA ALA E 139 -103.21 5.56 40.67
C ALA E 139 -104.42 4.65 40.75
N HIS E 140 -105.60 5.27 40.67
CA HIS E 140 -106.87 4.55 40.77
C HIS E 140 -107.02 3.47 39.73
N GLU E 141 -106.43 3.68 38.55
CA GLU E 141 -106.52 2.73 37.44
C GLU E 141 -105.21 2.19 36.92
N ASN E 142 -104.14 2.43 37.65
CA ASN E 142 -102.83 1.94 37.28
C ASN E 142 -102.53 2.06 35.78
N VAL E 143 -102.30 3.30 35.34
CA VAL E 143 -101.98 3.63 33.95
C VAL E 143 -101.13 4.89 33.95
N VAL E 144 -100.25 5.03 32.96
CA VAL E 144 -99.43 6.22 32.86
C VAL E 144 -100.21 7.35 32.18
N VAL E 145 -100.42 8.44 32.88
CA VAL E 145 -101.17 9.53 32.27
C VAL E 145 -100.30 10.69 31.83
N VAL E 146 -100.41 11.06 30.56
CA VAL E 146 -99.63 12.16 30.02
C VAL E 146 -100.52 13.26 29.47
N THR E 147 -100.05 14.50 29.56
CA THR E 147 -100.84 15.61 29.05
C THR E 147 -99.89 16.44 28.19
N ILE E 148 -100.26 16.65 26.94
CA ILE E 148 -99.39 17.41 26.05
C ILE E 148 -99.91 18.82 25.83
N GLN E 149 -99.08 19.63 25.16
CA GLN E 149 -99.40 21.00 24.79
C GLN E 149 -99.02 21.16 23.32
N TYR E 150 -99.52 22.23 22.71
CA TYR E 150 -99.26 22.50 21.31
C TYR E 150 -99.66 23.92 21.02
N ARG E 151 -98.94 24.56 20.11
CA ARG E 151 -99.21 25.93 19.72
C ARG E 151 -100.70 26.16 19.41
N LEU E 152 -101.26 27.21 20.01
CA LEU E 152 -102.67 27.50 19.82
C LEU E 152 -102.84 28.84 19.14
N GLY E 153 -103.94 28.92 18.37
CA GLY E 153 -104.28 30.14 17.67
C GLY E 153 -103.34 30.41 16.53
N ILE E 154 -102.98 31.69 16.36
CA ILE E 154 -102.10 32.12 15.28
C ILE E 154 -100.83 31.29 15.18
N TRP E 155 -100.13 31.17 16.31
CA TRP E 155 -98.90 30.42 16.44
C TRP E 155 -98.93 29.00 15.95
N GLY E 156 -100.08 28.34 16.12
CA GLY E 156 -100.16 26.95 15.72
C GLY E 156 -101.04 26.59 14.56
N PHE E 157 -101.76 27.56 14.02
CA PHE E 157 -102.64 27.26 12.92
C PHE E 157 -102.75 28.28 11.81
N PHE E 158 -101.82 29.23 11.77
CA PHE E 158 -101.81 30.26 10.73
C PHE E 158 -101.38 29.64 9.39
N SER E 159 -102.20 29.78 8.37
CA SER E 159 -101.83 29.20 7.08
C SER E 159 -102.18 30.15 5.95
N THR E 160 -101.23 30.39 5.05
CA THR E 160 -101.49 31.26 3.90
C THR E 160 -102.07 30.39 2.80
N GLY E 161 -102.08 29.09 3.03
CA GLY E 161 -102.65 28.20 2.04
C GLY E 161 -101.69 27.50 1.12
N ASP E 162 -100.52 28.09 0.88
CA ASP E 162 -99.58 27.44 -0.01
C ASP E 162 -98.53 26.62 0.74
N GLU E 163 -97.26 26.70 0.32
CA GLU E 163 -96.19 25.94 0.96
C GLU E 163 -95.26 26.81 1.81
N HIS E 164 -95.55 28.09 1.88
CA HIS E 164 -94.75 29.02 2.66
C HIS E 164 -95.24 29.11 4.10
N SER E 165 -96.23 28.27 4.43
CA SER E 165 -96.81 28.20 5.77
C SER E 165 -98.07 27.31 5.73
N ARG E 166 -97.89 26.04 5.34
CA ARG E 166 -99.02 25.11 5.22
C ARG E 166 -99.99 25.08 6.36
N GLY E 167 -99.53 25.40 7.56
CA GLY E 167 -100.38 25.40 8.75
C GLY E 167 -100.46 24.07 9.48
N ASN E 168 -101.36 23.98 10.46
CA ASN E 168 -101.57 22.77 11.28
C ASN E 168 -100.37 22.51 12.18
N TRP E 169 -99.65 23.58 12.50
CA TRP E 169 -98.50 23.45 13.35
C TRP E 169 -98.93 22.83 14.67
N GLY E 170 -100.09 23.27 15.16
CA GLY E 170 -100.60 22.72 16.41
C GLY E 170 -100.77 21.21 16.40
N HIS E 171 -101.31 20.66 15.31
CA HIS E 171 -101.50 19.22 15.19
C HIS E 171 -100.17 18.48 14.99
N LEU E 172 -99.26 19.07 14.20
CA LEU E 172 -97.95 18.46 14.00
C LEU E 172 -97.21 18.48 15.33
N ASP E 173 -97.58 19.42 16.19
CA ASP E 173 -96.99 19.53 17.52
C ASP E 173 -97.55 18.39 18.39
N GLN E 174 -98.79 18.01 18.13
CA GLN E 174 -99.38 16.92 18.88
C GLN E 174 -98.72 15.62 18.41
N VAL E 175 -98.51 15.46 17.10
CA VAL E 175 -97.89 14.24 16.59
C VAL E 175 -96.47 14.10 17.14
N ALA E 176 -95.81 15.24 17.32
CA ALA E 176 -94.44 15.26 17.83
C ALA E 176 -94.34 14.67 19.22
N ALA E 177 -95.26 15.06 20.10
CA ALA E 177 -95.26 14.52 21.44
C ALA E 177 -95.48 13.01 21.35
N LEU E 178 -96.48 12.59 20.58
CA LEU E 178 -96.76 11.16 20.42
C LEU E 178 -95.53 10.34 20.02
N ARG E 179 -94.61 10.97 19.29
CA ARG E 179 -93.39 10.28 18.93
C ARG E 179 -92.51 10.18 20.16
N TRP E 180 -92.47 11.25 20.96
CA TRP E 180 -91.68 11.33 22.19
C TRP E 180 -92.09 10.24 23.15
N VAL E 181 -93.41 10.08 23.31
CA VAL E 181 -93.99 9.03 24.14
C VAL E 181 -93.44 7.71 23.62
N GLN E 182 -93.75 7.41 22.36
CA GLN E 182 -93.29 6.22 21.69
C GLN E 182 -91.81 5.94 21.91
N ASP E 183 -91.03 6.99 22.17
CA ASP E 183 -89.60 6.83 22.34
C ASP E 183 -89.07 6.85 23.76
N ASN E 184 -89.87 7.36 24.68
CA ASN E 184 -89.41 7.49 26.03
C ASN E 184 -90.28 6.89 27.13
N ILE E 185 -91.59 6.93 26.95
CA ILE E 185 -92.53 6.45 27.97
C ILE E 185 -92.14 5.11 28.56
N ALA E 186 -91.32 4.36 27.84
CA ALA E 186 -90.84 3.04 28.27
C ALA E 186 -89.96 3.08 29.53
N SER E 187 -89.52 4.27 29.92
CA SER E 187 -88.67 4.44 31.09
C SER E 187 -89.53 4.98 32.22
N PHE E 188 -90.73 5.41 31.87
CA PHE E 188 -91.65 5.93 32.86
C PHE E 188 -92.63 4.83 33.24
N GLY E 189 -92.23 3.61 32.92
CA GLY E 189 -93.05 2.46 33.25
C GLY E 189 -94.29 2.27 32.41
N GLY E 190 -94.26 2.83 31.22
CA GLY E 190 -95.40 2.73 30.33
C GLY E 190 -95.05 1.84 29.19
N ASN E 191 -96.05 1.41 28.45
CA ASN E 191 -95.81 0.53 27.34
C ASN E 191 -96.04 1.20 26.00
N PRO E 192 -94.97 1.43 25.25
CA PRO E 192 -95.13 2.09 23.95
C PRO E 192 -95.99 1.28 22.95
N GLY E 193 -96.47 0.12 23.40
CA GLY E 193 -97.31 -0.71 22.54
C GLY E 193 -98.79 -0.57 22.81
N SER E 194 -99.16 0.09 23.92
CA SER E 194 -100.56 0.30 24.28
C SER E 194 -100.89 1.76 24.65
N VAL E 195 -100.55 2.67 23.75
CA VAL E 195 -100.81 4.08 23.94
C VAL E 195 -102.23 4.39 23.50
N THR E 196 -102.95 5.14 24.32
CA THR E 196 -104.33 5.50 24.05
C THR E 196 -104.48 7.01 24.16
N ILE E 197 -104.81 7.66 23.06
CA ILE E 197 -104.98 9.13 23.08
C ILE E 197 -106.45 9.46 23.27
N PHE E 198 -106.69 10.58 23.93
CA PHE E 198 -108.04 11.02 24.20
C PHE E 198 -108.07 12.49 24.52
N GLY E 199 -109.22 13.12 24.27
CA GLY E 199 -109.34 14.53 24.53
C GLY E 199 -110.73 15.07 24.31
N GLU E 200 -111.00 16.25 24.86
CA GLU E 200 -112.31 16.85 24.76
C GLU E 200 -112.35 18.16 23.96
N SER E 201 -113.45 18.41 23.26
CA SER E 201 -113.59 19.63 22.47
C SER E 201 -112.50 19.69 21.39
N ALA E 202 -111.69 20.75 21.39
CA ALA E 202 -110.60 20.93 20.44
C ALA E 202 -109.75 19.66 20.46
N GLY E 203 -109.51 19.13 21.65
CA GLY E 203 -108.73 17.91 21.74
C GLY E 203 -109.47 16.80 21.03
N GLY E 204 -110.73 16.61 21.39
CA GLY E 204 -111.52 15.55 20.80
C GLY E 204 -111.36 15.62 19.30
N GLU E 205 -111.54 16.81 18.76
CA GLU E 205 -111.41 16.98 17.32
C GLU E 205 -109.98 16.60 16.93
N SER E 206 -109.00 17.16 17.66
CA SER E 206 -107.60 16.86 17.39
C SER E 206 -107.45 15.38 17.25
N VAL E 207 -108.02 14.64 18.21
CA VAL E 207 -107.97 13.19 18.19
C VAL E 207 -108.58 12.66 16.91
N SER E 208 -109.84 12.99 16.69
CA SER E 208 -110.50 12.56 15.49
C SER E 208 -109.56 12.77 14.31
N VAL E 209 -108.97 13.96 14.23
CA VAL E 209 -108.04 14.31 13.17
C VAL E 209 -106.81 13.40 13.16
N LEU E 210 -106.15 13.29 14.31
CA LEU E 210 -104.97 12.44 14.39
C LEU E 210 -105.28 11.02 13.95
N VAL E 211 -106.54 10.66 14.10
CA VAL E 211 -107.00 9.32 13.74
C VAL E 211 -106.98 9.11 12.25
N LEU E 212 -107.20 10.20 11.52
CA LEU E 212 -107.24 10.21 10.08
C LEU E 212 -105.89 10.48 9.45
N SER E 213 -105.04 11.26 10.13
CA SER E 213 -103.75 11.56 9.56
C SER E 213 -102.82 10.35 9.41
N PRO E 214 -102.06 10.28 8.29
CA PRO E 214 -101.11 9.22 7.97
C PRO E 214 -99.81 9.48 8.73
N LEU E 215 -99.76 10.57 9.48
CA LEU E 215 -98.58 10.89 10.26
C LEU E 215 -98.66 10.23 11.61
N ALA E 216 -99.87 10.04 12.10
CA ALA E 216 -100.06 9.43 13.39
C ALA E 216 -100.00 7.89 13.35
N LYS E 217 -99.85 7.33 12.15
CA LYS E 217 -99.78 5.87 11.97
C LYS E 217 -98.80 5.18 12.92
N ASN E 218 -99.33 4.31 13.78
CA ASN E 218 -98.51 3.54 14.74
C ASN E 218 -98.01 4.33 15.93
N LEU E 219 -98.60 5.48 16.18
CA LEU E 219 -98.16 6.28 17.30
C LEU E 219 -99.06 6.03 18.48
N PHE E 220 -100.24 5.51 18.18
CA PHE E 220 -101.24 5.17 19.18
C PHE E 220 -101.97 3.88 18.77
N HIS E 221 -102.80 3.34 19.67
CA HIS E 221 -103.53 2.11 19.39
C HIS E 221 -104.99 2.12 19.79
N ARG E 222 -105.44 3.23 20.41
CA ARG E 222 -106.84 3.39 20.83
C ARG E 222 -107.11 4.88 20.93
N ALA E 223 -108.33 5.30 20.60
CA ALA E 223 -108.64 6.71 20.61
C ALA E 223 -109.96 7.04 21.24
N ILE E 224 -110.00 8.16 21.95
CA ILE E 224 -111.22 8.58 22.63
C ILE E 224 -111.47 10.04 22.42
N SER E 225 -112.65 10.35 21.86
CA SER E 225 -113.04 11.72 21.59
C SER E 225 -114.20 12.12 22.46
N GLU E 226 -114.02 13.18 23.24
CA GLU E 226 -115.07 13.68 24.12
C GLU E 226 -115.63 15.04 23.69
N SER E 227 -116.90 15.08 23.30
CA SER E 227 -117.56 16.32 22.89
C SER E 227 -116.88 17.02 21.74
N GLY E 228 -116.88 16.40 20.57
CA GLY E 228 -116.25 17.04 19.42
C GLY E 228 -115.37 16.12 18.60
N VAL E 229 -115.63 16.10 17.30
CA VAL E 229 -114.89 15.28 16.36
C VAL E 229 -114.37 16.09 15.15
N ALA E 230 -113.77 15.41 14.18
CA ALA E 230 -113.23 16.07 13.00
C ALA E 230 -114.31 16.54 12.04
N LEU E 231 -115.51 15.98 12.13
CA LEU E 231 -116.59 16.40 11.26
C LEU E 231 -117.24 17.69 11.77
N THR E 232 -116.77 18.15 12.94
CA THR E 232 -117.26 19.40 13.57
C THR E 232 -116.71 20.60 12.78
N SER E 233 -117.29 20.85 11.61
CA SER E 233 -116.85 21.93 10.72
C SER E 233 -116.24 23.20 11.36
N VAL E 234 -116.93 23.80 12.33
CA VAL E 234 -116.44 25.02 12.98
C VAL E 234 -114.96 25.04 13.37
N LEU E 235 -114.29 23.89 13.35
CA LEU E 235 -112.86 23.84 13.70
C LEU E 235 -111.98 23.40 12.53
N VAL E 236 -112.57 23.21 11.36
CA VAL E 236 -111.82 22.79 10.19
C VAL E 236 -112.12 23.74 9.04
N LYS E 237 -111.18 24.60 8.71
CA LYS E 237 -111.35 25.55 7.61
C LYS E 237 -111.21 24.84 6.25
N LYS E 238 -112.04 25.22 5.28
CA LYS E 238 -111.97 24.62 3.95
C LYS E 238 -112.05 25.73 2.92
N GLY E 239 -111.48 25.48 1.76
CA GLY E 239 -111.47 26.47 0.70
C GLY E 239 -110.27 27.40 0.78
N ASP E 240 -110.28 28.48 0.00
CA ASP E 240 -109.17 29.41 0.00
C ASP E 240 -109.04 30.16 1.31
N VAL E 241 -108.02 29.79 2.08
CA VAL E 241 -107.75 30.40 3.38
C VAL E 241 -106.96 31.68 3.28
N LYS E 242 -106.44 31.94 2.10
CA LYS E 242 -105.64 33.14 1.92
C LYS E 242 -106.34 34.39 2.48
N PRO E 243 -107.65 34.58 2.17
CA PRO E 243 -108.34 35.77 2.68
C PRO E 243 -108.23 35.98 4.19
N LEU E 244 -108.22 34.88 4.94
CA LEU E 244 -108.08 34.98 6.40
C LEU E 244 -106.60 35.27 6.70
N ALA E 245 -105.70 34.54 6.06
CA ALA E 245 -104.29 34.77 6.29
C ALA E 245 -104.01 36.26 6.14
N GLU E 246 -104.41 36.79 4.99
CA GLU E 246 -104.20 38.19 4.67
C GLU E 246 -104.83 39.16 5.66
N GLN E 247 -105.98 38.78 6.18
CA GLN E 247 -106.68 39.62 7.11
C GLN E 247 -105.85 39.81 8.37
N ILE E 248 -105.08 38.79 8.73
CA ILE E 248 -104.24 38.83 9.93
C ILE E 248 -103.00 39.65 9.64
N ALA E 249 -102.40 39.36 8.50
CA ALA E 249 -101.20 40.06 8.09
C ALA E 249 -101.53 41.55 7.94
N ILE E 250 -102.81 41.89 7.84
CA ILE E 250 -103.14 43.29 7.69
C ILE E 250 -103.20 43.99 9.03
N THR E 251 -104.00 43.45 9.94
CA THR E 251 -104.13 44.06 11.24
C THR E 251 -102.90 43.84 12.08
N ALA E 252 -101.90 43.20 11.50
CA ALA E 252 -100.68 42.95 12.23
C ALA E 252 -99.62 44.00 11.93
N GLY E 253 -99.81 44.72 10.83
CA GLY E 253 -98.86 45.75 10.45
C GLY E 253 -97.89 45.18 9.44
N CYS E 254 -98.41 44.34 8.56
CA CYS E 254 -97.60 43.68 7.54
C CYS E 254 -98.19 43.94 6.17
N LYS E 255 -97.48 43.52 5.12
CA LYS E 255 -97.98 43.70 3.77
C LYS E 255 -98.45 42.36 3.32
N THR E 256 -99.06 42.29 2.14
CA THR E 256 -99.54 41.01 1.61
C THR E 256 -99.11 40.73 0.16
N THR E 257 -98.11 41.46 -0.34
CA THR E 257 -97.62 41.27 -1.70
C THR E 257 -97.60 39.82 -2.04
N THR E 258 -96.93 39.03 -1.23
CA THR E 258 -96.87 37.59 -1.47
C THR E 258 -96.82 36.80 -0.17
N SER E 259 -97.55 35.70 -0.14
CA SER E 259 -97.57 34.84 1.02
C SER E 259 -96.16 34.71 1.61
N ALA E 260 -95.14 34.54 0.77
CA ALA E 260 -93.78 34.40 1.27
C ALA E 260 -93.41 35.60 2.14
N VAL E 261 -93.71 36.80 1.67
CA VAL E 261 -93.39 37.99 2.45
C VAL E 261 -94.22 38.08 3.72
N MET E 262 -95.50 37.73 3.63
CA MET E 262 -96.37 37.80 4.79
C MET E 262 -95.72 37.02 5.90
N VAL E 263 -95.62 35.72 5.67
CA VAL E 263 -95.04 34.81 6.65
C VAL E 263 -93.81 35.43 7.24
N HIS E 264 -92.97 36.00 6.37
CA HIS E 264 -91.73 36.61 6.78
C HIS E 264 -91.89 37.72 7.78
N CYS E 265 -92.85 38.61 7.53
CA CYS E 265 -93.13 39.73 8.43
C CYS E 265 -93.80 39.27 9.73
N LEU E 266 -94.71 38.29 9.65
CA LEU E 266 -95.33 37.83 10.86
C LEU E 266 -94.23 37.20 11.69
N ARG E 267 -93.24 36.64 11.02
CA ARG E 267 -92.12 36.01 11.72
C ARG E 267 -91.39 37.06 12.52
N GLN E 268 -91.35 38.29 11.99
CA GLN E 268 -90.66 39.41 12.62
C GLN E 268 -91.44 39.99 13.79
N LYS E 269 -92.75 39.82 13.78
CA LYS E 269 -93.55 40.34 14.87
C LYS E 269 -93.18 39.66 16.15
N THR E 270 -93.44 40.34 17.26
CA THR E 270 -93.14 39.82 18.57
C THR E 270 -94.36 39.15 19.16
N GLU E 271 -94.14 38.39 20.23
CA GLU E 271 -95.22 37.70 20.91
C GLU E 271 -96.26 38.76 21.30
N GLU E 272 -95.81 39.86 21.90
CA GLU E 272 -96.74 40.90 22.27
C GLU E 272 -97.52 41.35 21.05
N GLU E 273 -96.79 41.64 19.98
CA GLU E 273 -97.41 42.11 18.74
C GLU E 273 -98.36 41.07 18.15
N LEU E 274 -98.01 39.79 18.20
CA LEU E 274 -98.92 38.78 17.66
C LEU E 274 -100.14 38.53 18.58
N LEU E 275 -99.94 38.72 19.88
CA LEU E 275 -101.00 38.53 20.88
C LEU E 275 -101.97 39.72 20.85
N GLU E 276 -101.44 40.93 20.69
CA GLU E 276 -102.30 42.10 20.63
C GLU E 276 -103.21 41.90 19.44
N THR E 277 -102.73 41.18 18.43
CA THR E 277 -103.53 40.91 17.24
C THR E 277 -104.61 39.86 17.55
N THR E 278 -104.20 38.75 18.15
CA THR E 278 -105.15 37.69 18.48
C THR E 278 -106.32 38.33 19.21
N LEU E 279 -106.04 39.47 19.86
CA LEU E 279 -107.09 40.19 20.59
C LEU E 279 -107.96 41.06 19.69
N LYS E 280 -107.35 41.87 18.84
CA LYS E 280 -108.14 42.71 17.95
C LYS E 280 -108.91 41.85 16.93
N MET E 281 -108.60 40.56 16.84
CA MET E 281 -109.30 39.66 15.91
C MET E 281 -110.65 39.17 16.46
N LYS E 282 -110.89 39.42 17.75
CA LYS E 282 -112.13 39.03 18.44
C LYS E 282 -112.54 37.61 18.10
N PHE E 283 -111.60 36.70 18.27
CA PHE E 283 -111.71 35.27 17.96
C PHE E 283 -112.58 34.19 18.61
N LEU E 284 -113.13 34.39 19.79
CA LEU E 284 -113.88 33.30 20.35
C LEU E 284 -115.30 33.78 20.35
N SER E 285 -115.39 35.10 20.40
CA SER E 285 -116.67 35.78 20.42
C SER E 285 -117.43 35.67 19.12
N LEU E 286 -118.70 36.03 19.19
CA LEU E 286 -119.62 35.98 18.06
C LEU E 286 -119.88 37.37 17.51
N ASP E 287 -119.18 37.72 16.44
CA ASP E 287 -119.32 39.03 15.80
C ASP E 287 -120.78 39.26 15.39
N LEU E 288 -121.41 40.26 15.99
CA LEU E 288 -122.80 40.59 15.67
C LEU E 288 -122.96 41.15 14.25
N GLN E 289 -122.30 42.29 13.99
CA GLN E 289 -122.34 42.96 12.69
C GLN E 289 -121.69 42.12 11.57
N GLY E 290 -121.60 42.70 10.37
CA GLY E 290 -121.01 41.98 9.25
C GLY E 290 -121.80 40.76 8.80
N ASP E 291 -121.51 40.27 7.60
CA ASP E 291 -122.22 39.10 7.09
C ASP E 291 -121.76 37.89 7.88
N PRO E 292 -122.72 37.07 8.33
CA PRO E 292 -122.46 35.87 9.12
C PRO E 292 -121.46 34.93 8.44
N ARG E 293 -121.50 34.87 7.11
CA ARG E 293 -120.60 34.01 6.35
C ARG E 293 -119.12 34.46 6.36
N GLU E 294 -118.90 35.69 6.85
CA GLU E 294 -117.55 36.29 6.93
C GLU E 294 -116.95 36.16 8.32
N SER E 295 -117.79 36.27 9.35
CA SER E 295 -117.34 36.16 10.74
C SER E 295 -116.22 35.13 10.86
N GLN E 296 -115.08 35.57 11.37
CA GLN E 296 -113.93 34.67 11.55
C GLN E 296 -113.90 34.14 12.97
N PRO E 297 -114.37 32.88 13.16
CA PRO E 297 -114.42 32.22 14.47
C PRO E 297 -113.05 31.82 14.99
N LEU E 298 -112.21 31.30 14.09
CA LEU E 298 -110.88 30.89 14.49
C LEU E 298 -110.01 30.43 13.32
N LEU E 299 -108.80 30.00 13.66
CA LEU E 299 -107.86 29.53 12.66
C LEU E 299 -107.76 28.02 12.73
N GLY E 300 -108.88 27.36 12.89
CA GLY E 300 -108.83 25.91 13.01
C GLY E 300 -107.92 25.18 12.04
N THR E 301 -107.97 23.86 12.15
CA THR E 301 -107.22 22.91 11.32
C THR E 301 -107.45 23.19 9.85
N VAL E 302 -106.54 22.73 9.00
CA VAL E 302 -106.68 22.96 7.57
C VAL E 302 -106.28 21.73 6.78
N ILE E 303 -106.28 21.84 5.46
CA ILE E 303 -105.90 20.71 4.64
C ILE E 303 -104.51 21.01 4.09
N ASP E 304 -103.52 20.99 4.97
CA ASP E 304 -102.16 21.31 4.59
C ASP E 304 -101.55 20.42 3.53
N GLY E 305 -102.08 19.20 3.39
CA GLY E 305 -101.53 18.31 2.39
C GLY E 305 -100.43 17.44 2.94
N MET E 306 -100.21 17.56 4.24
CA MET E 306 -99.21 16.77 4.95
C MET E 306 -99.91 15.88 5.99
N LEU E 307 -100.52 16.52 7.01
CA LEU E 307 -101.25 15.83 8.09
C LEU E 307 -102.61 15.37 7.60
N LEU E 308 -103.20 16.12 6.68
CA LEU E 308 -104.47 15.73 6.11
C LEU E 308 -104.34 15.89 4.61
N LEU E 309 -104.48 14.77 3.90
CA LEU E 309 -104.37 14.78 2.46
C LEU E 309 -105.66 15.27 1.81
N LYS E 310 -106.68 15.47 2.63
CA LYS E 310 -107.98 15.99 2.20
C LYS E 310 -108.96 16.15 3.36
N THR E 311 -110.11 16.74 3.10
CA THR E 311 -111.10 16.96 4.15
C THR E 311 -111.46 15.66 4.83
N PRO E 312 -111.79 15.73 6.12
CA PRO E 312 -112.16 14.57 6.92
C PRO E 312 -113.21 13.70 6.26
N GLU E 313 -114.25 14.35 5.75
CA GLU E 313 -115.33 13.64 5.07
C GLU E 313 -114.77 12.73 3.96
N GLU E 314 -114.12 13.32 2.96
CA GLU E 314 -113.57 12.53 1.88
C GLU E 314 -112.79 11.35 2.47
N LEU E 315 -112.06 11.60 3.54
CA LEU E 315 -111.24 10.56 4.16
C LEU E 315 -111.97 9.35 4.74
N GLN E 316 -113.05 9.61 5.47
CA GLN E 316 -113.83 8.54 6.09
C GLN E 316 -114.66 7.76 5.07
N ALA E 317 -114.63 8.22 3.83
CA ALA E 317 -115.36 7.57 2.75
C ALA E 317 -114.58 6.33 2.28
N GLU E 318 -113.27 6.31 2.55
CA GLU E 318 -112.40 5.21 2.16
C GLU E 318 -112.33 4.12 3.23
N ARG E 319 -112.31 2.86 2.80
CA ARG E 319 -112.27 1.72 3.72
C ARG E 319 -111.04 0.80 3.46
N ASN E 320 -109.85 1.40 3.42
CA ASN E 320 -108.61 0.67 3.18
C ASN E 320 -107.45 1.25 4.00
N PHE E 321 -107.79 2.07 5.00
CA PHE E 321 -106.79 2.70 5.87
C PHE E 321 -106.73 1.97 7.21
N HIS E 322 -105.67 2.25 7.98
CA HIS E 322 -105.44 1.65 9.31
C HIS E 322 -106.51 2.13 10.31
N THR E 323 -106.94 1.22 11.19
CA THR E 323 -107.97 1.53 12.16
C THR E 323 -107.64 1.05 13.56
N VAL E 324 -108.30 1.64 14.54
CA VAL E 324 -108.09 1.25 15.93
C VAL E 324 -109.36 1.55 16.69
N PRO E 325 -109.59 0.85 17.80
CA PRO E 325 -110.78 1.01 18.64
C PRO E 325 -111.03 2.47 18.91
N TYR E 326 -112.13 2.98 18.39
CA TYR E 326 -112.46 4.38 18.55
C TYR E 326 -113.71 4.63 19.38
N MET E 327 -113.53 5.25 20.54
CA MET E 327 -114.64 5.58 21.42
C MET E 327 -115.04 7.04 21.23
N VAL E 328 -116.31 7.29 20.94
CA VAL E 328 -116.79 8.66 20.73
C VAL E 328 -118.03 8.91 21.55
N GLY E 329 -118.03 9.99 22.32
CA GLY E 329 -119.19 10.27 23.13
C GLY E 329 -119.52 11.73 23.26
N ILE E 330 -120.76 12.01 23.66
CA ILE E 330 -121.24 13.39 23.81
C ILE E 330 -121.93 13.57 25.16
N ASN E 331 -122.27 14.82 25.49
CA ASN E 331 -122.92 15.13 26.74
C ASN E 331 -124.32 15.66 26.47
N LYS E 332 -125.29 15.21 27.25
CA LYS E 332 -126.69 15.64 27.11
C LYS E 332 -126.87 17.05 26.57
N GLN E 333 -126.44 18.03 27.36
CA GLN E 333 -126.58 19.41 26.96
C GLN E 333 -125.23 20.06 26.71
N GLU E 334 -124.70 19.88 25.51
CA GLU E 334 -123.40 20.47 25.17
C GLU E 334 -123.45 21.98 25.19
N PHE E 335 -124.47 22.55 24.55
CA PHE E 335 -124.61 23.99 24.48
C PHE E 335 -125.49 24.51 25.60
N GLY E 336 -125.52 23.77 26.70
CA GLY E 336 -126.31 24.18 27.83
C GLY E 336 -125.97 25.55 28.42
N TRP E 337 -124.83 25.67 29.08
CA TRP E 337 -124.43 26.95 29.69
C TRP E 337 -123.02 27.45 29.35
N LEU E 338 -122.02 26.59 29.60
CA LEU E 338 -120.62 26.93 29.35
C LEU E 338 -120.36 27.75 28.11
N ILE E 339 -120.25 27.07 26.97
CA ILE E 339 -119.97 27.72 25.69
C ILE E 339 -120.64 29.08 25.54
N PRO E 340 -121.97 29.12 25.61
CA PRO E 340 -122.71 30.38 25.49
C PRO E 340 -122.17 31.47 26.42
N MET E 341 -122.09 31.14 27.70
CA MET E 341 -121.58 32.04 28.72
C MET E 341 -120.26 32.65 28.24
N LEU E 342 -119.40 31.81 27.66
CA LEU E 342 -118.11 32.25 27.16
C LEU E 342 -118.26 33.21 25.98
N MET E 343 -118.71 32.67 24.85
CA MET E 343 -118.90 33.45 23.64
C MET E 343 -119.85 34.62 23.85
N SER E 344 -120.32 34.77 25.08
CA SER E 344 -121.24 35.85 25.42
C SER E 344 -122.41 35.84 24.46
N TYR E 345 -123.21 34.79 24.53
CA TYR E 345 -124.35 34.62 23.65
C TYR E 345 -125.47 35.60 23.95
N PRO E 346 -126.13 36.10 22.89
CA PRO E 346 -127.23 37.06 22.89
C PRO E 346 -128.33 36.80 23.92
N LEU E 347 -128.67 35.54 24.16
CA LEU E 347 -129.69 35.20 25.15
C LEU E 347 -129.54 36.03 26.44
N SER E 348 -130.52 36.88 26.72
CA SER E 348 -130.51 37.74 27.90
C SER E 348 -131.91 37.91 28.49
N GLU E 349 -132.88 37.19 27.93
CA GLU E 349 -134.26 37.27 28.39
C GLU E 349 -134.72 35.96 29.03
N GLY E 350 -133.95 34.90 28.83
CA GLY E 350 -134.31 33.61 29.39
C GLY E 350 -135.36 32.91 28.54
N GLN E 351 -135.53 33.42 27.32
CA GLN E 351 -136.50 32.88 26.39
C GLN E 351 -136.36 33.58 25.05
N LEU E 352 -136.79 32.91 23.99
CA LEU E 352 -136.70 33.47 22.64
C LEU E 352 -137.91 33.07 21.79
N ASP E 353 -138.36 34.01 20.95
CA ASP E 353 -139.53 33.76 20.09
C ASP E 353 -139.15 33.16 18.75
N GLN E 354 -140.05 32.33 18.22
CA GLN E 354 -139.83 31.67 16.94
C GLN E 354 -139.24 32.61 15.91
N LYS E 355 -139.50 33.90 16.07
CA LYS E 355 -138.99 34.92 15.16
C LYS E 355 -137.49 35.15 15.34
N THR E 356 -137.14 35.85 16.40
CA THR E 356 -135.75 36.16 16.66
C THR E 356 -134.86 34.94 16.46
N ALA E 357 -135.37 33.78 16.81
CA ALA E 357 -134.60 32.56 16.66
C ALA E 357 -134.01 32.53 15.26
N MET E 358 -134.87 32.74 14.26
CA MET E 358 -134.45 32.75 12.86
C MET E 358 -133.20 33.60 12.67
N SER E 359 -133.15 34.70 13.41
CA SER E 359 -132.03 35.66 13.35
C SER E 359 -130.76 35.11 13.97
N LEU E 360 -130.86 34.63 15.21
CA LEU E 360 -129.68 34.09 15.87
C LEU E 360 -129.08 32.92 15.08
N LEU E 361 -129.88 31.89 14.81
CA LEU E 361 -129.40 30.72 14.07
C LEU E 361 -128.65 31.14 12.83
N TRP E 362 -129.04 32.30 12.31
CA TRP E 362 -128.41 32.85 11.13
C TRP E 362 -127.03 33.36 11.53
N LYS E 363 -127.03 34.29 12.47
CA LYS E 363 -125.78 34.87 12.97
C LYS E 363 -124.89 33.86 13.67
N SER E 364 -125.28 32.59 13.60
CA SER E 364 -124.50 31.54 14.23
C SER E 364 -123.77 30.75 13.15
N TYR E 365 -123.78 31.28 11.92
CA TYR E 365 -123.11 30.60 10.80
C TYR E 365 -121.68 30.17 11.13
N PRO E 366 -120.90 31.02 11.84
CA PRO E 366 -119.53 30.65 12.16
C PRO E 366 -119.47 29.49 13.14
N LEU E 367 -120.62 28.96 13.52
CA LEU E 367 -120.67 27.85 14.45
C LEU E 367 -121.40 26.64 13.90
N VAL E 368 -122.49 26.90 13.19
CA VAL E 368 -123.31 25.84 12.64
C VAL E 368 -123.25 25.74 11.12
N CYS E 369 -123.02 26.88 10.46
CA CYS E 369 -122.94 26.93 8.99
C CYS E 369 -124.29 26.63 8.37
N ILE E 370 -125.31 27.38 8.79
CA ILE E 370 -126.64 27.18 8.25
C ILE E 370 -127.00 28.33 7.33
N ALA E 371 -127.31 28.00 6.07
CA ALA E 371 -127.69 28.99 5.06
C ALA E 371 -129.02 29.62 5.44
N LYS E 372 -129.17 30.92 5.21
CA LYS E 372 -130.40 31.62 5.57
C LYS E 372 -131.63 31.00 4.90
N GLU E 373 -131.42 30.20 3.86
CA GLU E 373 -132.54 29.56 3.17
C GLU E 373 -132.98 28.26 3.88
N LEU E 374 -132.25 27.88 4.93
CA LEU E 374 -132.53 26.66 5.70
C LEU E 374 -133.02 26.98 7.12
N ILE E 375 -132.78 28.20 7.57
CA ILE E 375 -133.18 28.65 8.91
C ILE E 375 -134.64 28.34 9.25
N PRO E 376 -135.55 28.68 8.33
CA PRO E 376 -136.96 28.41 8.59
C PRO E 376 -137.19 26.92 8.86
N GLU E 377 -136.88 26.06 7.89
CA GLU E 377 -137.10 24.64 8.08
C GLU E 377 -136.40 24.12 9.34
N ALA E 378 -135.19 24.61 9.59
CA ALA E 378 -134.44 24.18 10.76
C ALA E 378 -135.14 24.62 12.04
N THR E 379 -135.31 25.94 12.19
CA THR E 379 -135.97 26.53 13.36
C THR E 379 -137.46 26.17 13.42
N GLU E 380 -137.78 24.91 13.16
CA GLU E 380 -139.18 24.48 13.17
C GLU E 380 -139.32 23.13 13.86
N LYS E 381 -138.56 22.15 13.37
CA LYS E 381 -138.56 20.79 13.88
C LYS E 381 -138.23 20.77 15.38
N TYR E 382 -137.53 21.82 15.83
CA TYR E 382 -137.13 21.93 17.23
C TYR E 382 -138.07 22.76 18.11
N LEU E 383 -138.21 24.04 17.81
CA LEU E 383 -139.05 24.94 18.59
C LEU E 383 -140.54 24.92 18.18
N GLY E 384 -140.82 24.37 17.00
CA GLY E 384 -142.20 24.31 16.50
C GLY E 384 -143.19 23.61 17.43
N GLY E 385 -142.68 23.04 18.51
CA GLY E 385 -143.52 22.33 19.46
C GLY E 385 -144.47 23.22 20.25
N THR E 386 -144.09 23.58 21.47
CA THR E 386 -144.94 24.43 22.32
C THR E 386 -144.93 25.90 21.91
N ASP E 387 -146.00 26.60 22.32
CA ASP E 387 -146.18 28.02 22.01
C ASP E 387 -145.62 28.87 23.14
N ASP E 388 -144.59 28.35 23.81
CA ASP E 388 -143.97 29.06 24.92
C ASP E 388 -142.51 29.45 24.64
N THR E 389 -142.15 30.67 25.02
CA THR E 389 -140.81 31.20 24.80
C THR E 389 -139.73 30.55 25.70
N VAL E 390 -140.14 30.01 26.84
CA VAL E 390 -139.19 29.38 27.77
C VAL E 390 -138.61 28.11 27.19
N LYS E 391 -139.47 27.15 26.86
CA LYS E 391 -139.02 25.90 26.27
C LYS E 391 -138.51 26.13 24.85
N LYS E 392 -138.76 27.30 24.29
CA LYS E 392 -138.29 27.60 22.94
C LYS E 392 -136.82 28.02 22.98
N LYS E 393 -136.30 28.22 24.18
CA LYS E 393 -134.90 28.59 24.33
C LYS E 393 -134.11 27.30 24.50
N ASP E 394 -134.69 26.34 25.22
CA ASP E 394 -134.03 25.07 25.46
C ASP E 394 -133.84 24.32 24.15
N LEU E 395 -134.94 24.18 23.41
CA LEU E 395 -134.91 23.49 22.14
C LEU E 395 -133.96 24.21 21.18
N PHE E 396 -133.65 25.47 21.49
CA PHE E 396 -132.74 26.25 20.66
C PHE E 396 -131.30 25.78 20.89
N LEU E 397 -130.92 25.66 22.16
CA LEU E 397 -129.58 25.21 22.53
C LEU E 397 -129.41 23.77 22.12
N ASP E 398 -130.51 23.04 22.09
CA ASP E 398 -130.50 21.66 21.66
C ASP E 398 -130.16 21.65 20.17
N LEU E 399 -130.60 22.68 19.47
CA LEU E 399 -130.33 22.79 18.04
C LEU E 399 -128.81 22.84 17.91
N ILE E 400 -128.22 23.98 18.29
CA ILE E 400 -126.78 24.18 18.21
C ILE E 400 -125.95 22.97 18.60
N ALA E 401 -126.22 22.44 19.79
CA ALA E 401 -125.49 21.27 20.29
C ALA E 401 -125.58 20.06 19.35
N ASP E 402 -126.71 19.93 18.66
CA ASP E 402 -126.89 18.78 17.78
C ASP E 402 -126.19 18.89 16.45
N VAL E 403 -125.84 20.12 16.10
CA VAL E 403 -125.13 20.40 14.87
C VAL E 403 -123.63 20.43 15.11
N MET E 404 -123.21 20.97 16.24
CA MET E 404 -121.79 21.03 16.52
C MET E 404 -121.23 19.70 16.96
N PHE E 405 -121.94 18.99 17.82
CA PHE E 405 -121.42 17.74 18.31
C PHE E 405 -122.30 16.56 17.99
N GLY E 406 -123.57 16.71 18.34
CA GLY E 406 -124.53 15.64 18.13
C GLY E 406 -124.37 14.83 16.87
N VAL E 407 -125.03 15.30 15.82
CA VAL E 407 -124.99 14.62 14.54
C VAL E 407 -123.56 14.32 14.14
N PRO E 408 -122.70 15.34 14.12
CA PRO E 408 -121.31 15.08 13.74
C PRO E 408 -120.74 13.82 14.40
N SER E 409 -120.64 13.87 15.73
CA SER E 409 -120.10 12.77 16.51
C SER E 409 -120.65 11.42 16.11
N VAL E 410 -121.96 11.36 15.91
CA VAL E 410 -122.61 10.10 15.55
C VAL E 410 -122.20 9.58 14.18
N ILE E 411 -122.10 10.49 13.22
CA ILE E 411 -121.70 10.17 11.84
C ILE E 411 -120.28 9.61 11.85
N VAL E 412 -119.38 10.29 12.56
CA VAL E 412 -117.98 9.85 12.68
C VAL E 412 -117.97 8.43 13.23
N ALA E 413 -118.95 8.15 14.07
CA ALA E 413 -119.08 6.84 14.70
C ALA E 413 -119.44 5.80 13.68
N ARG E 414 -120.60 6.03 13.06
CA ARG E 414 -121.14 5.15 12.06
C ARG E 414 -120.10 4.75 11.01
N ASN E 415 -119.33 5.73 10.54
CA ASN E 415 -118.26 5.50 9.55
C ASN E 415 -117.12 4.64 10.12
N HIS E 416 -116.63 4.99 11.30
CA HIS E 416 -115.55 4.20 11.88
C HIS E 416 -116.06 2.78 11.98
N ARG E 417 -117.33 2.67 12.33
CA ARG E 417 -117.96 1.37 12.47
C ARG E 417 -117.81 0.60 11.16
N ASP E 418 -118.51 1.08 10.13
CA ASP E 418 -118.51 0.45 8.81
C ASP E 418 -117.10 0.21 8.30
N ALA E 419 -116.23 1.17 8.55
CA ALA E 419 -114.85 1.08 8.11
C ALA E 419 -114.21 -0.27 8.46
N GLY E 420 -114.64 -0.87 9.57
CA GLY E 420 -114.09 -2.15 9.95
C GLY E 420 -113.22 -2.12 11.20
N ALA E 421 -113.66 -1.38 12.22
CA ALA E 421 -112.93 -1.26 13.47
C ALA E 421 -113.83 -1.08 14.69
N PRO E 422 -113.35 -1.56 15.84
CA PRO E 422 -114.08 -1.49 17.11
C PRO E 422 -114.52 -0.06 17.45
N THR E 423 -115.81 0.12 17.65
CA THR E 423 -116.33 1.45 17.94
C THR E 423 -117.21 1.45 19.17
N TYR E 424 -117.22 2.55 19.90
CA TYR E 424 -117.99 2.68 21.13
C TYR E 424 -118.47 4.11 21.33
N MET E 425 -119.71 4.28 21.75
CA MET E 425 -120.26 5.63 22.00
C MET E 425 -120.95 5.76 23.34
N TYR E 426 -121.05 6.98 23.86
CA TYR E 426 -121.70 7.19 25.13
C TYR E 426 -122.33 8.55 25.19
N GLU E 427 -123.36 8.68 26.02
CA GLU E 427 -124.00 9.98 26.19
C GLU E 427 -124.01 10.29 27.67
N PHE E 428 -123.03 11.08 28.10
CA PHE E 428 -122.92 11.48 29.49
C PHE E 428 -124.12 12.33 29.85
N GLN E 429 -124.66 12.09 31.04
CA GLN E 429 -125.81 12.84 31.49
C GLN E 429 -125.72 12.96 32.98
N TYR E 430 -125.06 14.00 33.47
CA TYR E 430 -124.92 14.16 34.91
C TYR E 430 -124.43 15.55 35.26
N ARG E 431 -125.02 16.13 36.29
CA ARG E 431 -124.62 17.46 36.75
C ARG E 431 -123.67 17.33 37.91
N PRO E 432 -122.42 17.81 37.74
CA PRO E 432 -121.39 17.74 38.79
C PRO E 432 -121.67 18.70 39.95
N SER E 433 -120.88 18.61 41.02
CA SER E 433 -121.08 19.52 42.15
C SER E 433 -119.98 20.56 42.14
N PHE E 434 -118.96 20.31 41.33
CA PHE E 434 -117.83 21.20 41.19
C PHE E 434 -118.11 22.40 40.28
N SER E 435 -119.30 22.43 39.68
CA SER E 435 -119.70 23.52 38.79
C SER E 435 -119.58 24.91 39.47
N SER E 436 -120.25 25.90 38.89
CA SER E 436 -120.26 27.26 39.44
C SER E 436 -121.69 27.62 39.85
N ASP E 437 -121.82 28.73 40.57
CA ASP E 437 -123.14 29.18 41.01
C ASP E 437 -123.85 29.85 39.84
N MET E 438 -123.07 30.28 38.84
CA MET E 438 -123.61 30.97 37.66
C MET E 438 -124.37 30.03 36.69
N LYS E 439 -124.00 28.76 36.70
CA LYS E 439 -124.64 27.74 35.86
C LYS E 439 -125.99 27.32 36.45
N PRO E 440 -127.09 27.63 35.76
CA PRO E 440 -128.45 27.27 36.23
C PRO E 440 -128.60 25.78 36.48
N LYS E 441 -129.03 25.44 37.69
CA LYS E 441 -129.19 24.04 38.05
C LYS E 441 -130.08 23.23 37.09
N THR E 442 -130.81 23.92 36.23
CA THR E 442 -131.69 23.24 35.28
C THR E 442 -130.88 22.52 34.19
N VAL E 443 -129.61 22.93 34.08
CA VAL E 443 -128.67 22.39 33.09
C VAL E 443 -127.97 21.14 33.60
N ILE E 444 -128.08 20.07 32.86
CA ILE E 444 -127.47 18.81 33.21
C ILE E 444 -126.62 18.34 32.04
N GLY E 445 -125.55 17.62 32.34
CA GLY E 445 -124.68 17.13 31.28
C GLY E 445 -124.16 18.23 30.36
N ASP E 446 -123.80 19.37 30.93
CA ASP E 446 -123.27 20.49 30.14
C ASP E 446 -121.94 20.10 29.49
N HIS E 447 -121.29 21.09 28.88
CA HIS E 447 -120.03 20.88 28.18
C HIS E 447 -118.85 20.54 29.09
N GLY E 448 -118.10 19.51 28.71
CA GLY E 448 -116.95 19.09 29.46
C GLY E 448 -117.28 18.54 30.83
N ASP E 449 -118.56 18.44 31.19
CA ASP E 449 -118.92 17.92 32.50
C ASP E 449 -118.33 16.54 32.76
N GLU E 450 -118.09 15.76 31.72
CA GLU E 450 -117.55 14.42 31.91
C GLU E 450 -116.12 14.40 32.41
N LEU E 451 -115.44 15.54 32.24
CA LEU E 451 -114.04 15.65 32.64
C LEU E 451 -113.83 15.24 34.09
N PHE E 452 -114.60 15.82 35.01
CA PHE E 452 -114.48 15.50 36.44
C PHE E 452 -114.51 14.02 36.78
N SER E 453 -115.36 13.27 36.11
CA SER E 453 -115.41 11.84 36.38
C SER E 453 -114.17 11.20 35.80
N VAL E 454 -113.92 11.44 34.52
CA VAL E 454 -112.74 10.87 33.85
C VAL E 454 -111.43 11.14 34.60
N PHE E 455 -111.25 12.37 35.07
CA PHE E 455 -110.03 12.69 35.79
C PHE E 455 -110.24 12.62 37.30
N GLY E 456 -111.17 11.77 37.72
CA GLY E 456 -111.45 11.58 39.13
C GLY E 456 -111.31 12.80 40.00
N ALA E 457 -111.97 13.88 39.61
CA ALA E 457 -111.93 15.11 40.38
C ALA E 457 -112.43 14.85 41.77
N PRO E 458 -113.47 14.01 41.92
CA PRO E 458 -113.99 13.74 43.27
C PRO E 458 -112.89 13.46 44.28
N PHE E 459 -111.82 12.82 43.83
CA PHE E 459 -110.72 12.46 44.70
C PHE E 459 -109.69 13.55 44.92
N LEU E 460 -109.95 14.76 44.48
CA LEU E 460 -109.00 15.85 44.67
C LEU E 460 -109.70 17.07 45.26
N LYS E 461 -110.95 17.28 44.84
CA LYS E 461 -111.76 18.40 45.32
C LYS E 461 -112.65 17.97 46.49
N GLU E 462 -113.35 18.93 47.07
CA GLU E 462 -114.24 18.64 48.20
C GLU E 462 -115.73 18.81 47.86
N GLY E 463 -116.60 18.21 48.69
CA GLY E 463 -118.03 18.32 48.46
C GLY E 463 -118.59 17.19 47.61
N ALA E 464 -117.70 16.37 47.07
CA ALA E 464 -118.11 15.24 46.23
C ALA E 464 -118.88 14.22 47.03
N SER E 465 -120.13 13.96 46.65
CA SER E 465 -120.97 12.97 47.33
C SER E 465 -120.53 11.55 46.94
N GLU E 466 -120.80 10.58 47.80
CA GLU E 466 -120.42 9.19 47.52
C GLU E 466 -120.97 8.72 46.20
N GLU E 467 -122.07 9.33 45.78
CA GLU E 467 -122.69 8.97 44.51
C GLU E 467 -121.74 9.34 43.39
N GLU E 468 -121.29 10.58 43.41
CA GLU E 468 -120.37 11.09 42.41
C GLU E 468 -119.04 10.38 42.49
N ILE E 469 -118.62 10.04 43.70
CA ILE E 469 -117.37 9.33 43.87
C ILE E 469 -117.43 8.03 43.09
N ARG E 470 -118.50 7.27 43.30
CA ARG E 470 -118.66 6.01 42.63
C ARG E 470 -118.72 6.18 41.11
N LEU E 471 -119.39 7.22 40.66
CA LEU E 471 -119.54 7.49 39.24
C LEU E 471 -118.19 7.63 38.55
N SER E 472 -117.28 8.39 39.15
CA SER E 472 -115.94 8.57 38.60
C SER E 472 -115.14 7.28 38.62
N LYS E 473 -115.23 6.54 39.70
CA LYS E 473 -114.51 5.28 39.80
C LYS E 473 -114.89 4.43 38.61
N MET E 474 -116.16 4.49 38.24
CA MET E 474 -116.66 3.71 37.12
C MET E 474 -116.11 4.18 35.76
N VAL E 475 -116.35 5.44 35.41
CA VAL E 475 -115.86 5.97 34.15
C VAL E 475 -114.35 5.79 34.02
N MET E 476 -113.62 6.01 35.11
CA MET E 476 -112.19 5.85 35.03
C MET E 476 -111.90 4.43 34.63
N LYS E 477 -112.58 3.49 35.29
CA LYS E 477 -112.41 2.07 34.98
C LYS E 477 -112.75 1.85 33.49
N PHE E 478 -113.89 2.39 33.08
CA PHE E 478 -114.30 2.27 31.70
C PHE E 478 -113.21 2.81 30.83
N TRP E 479 -112.81 4.05 31.04
CA TRP E 479 -111.74 4.63 30.25
C TRP E 479 -110.46 3.79 30.25
N ALA E 480 -109.98 3.43 31.45
CA ALA E 480 -108.78 2.62 31.55
C ALA E 480 -108.95 1.30 30.78
N ASN E 481 -110.04 0.57 31.07
CA ASN E 481 -110.28 -0.68 30.39
C ASN E 481 -110.17 -0.53 28.88
N PHE E 482 -110.76 0.52 28.34
CA PHE E 482 -110.69 0.74 26.90
C PHE E 482 -109.23 0.88 26.49
N ALA E 483 -108.52 1.72 27.25
CA ALA E 483 -107.11 1.98 27.02
C ALA E 483 -106.27 0.75 27.22
N ARG E 484 -106.89 -0.34 27.64
CA ARG E 484 -106.15 -1.56 27.89
C ARG E 484 -106.34 -2.63 26.81
N ASN E 485 -107.60 -2.96 26.54
CA ASN E 485 -107.98 -3.99 25.58
C ASN E 485 -108.75 -3.45 24.37
N GLY E 486 -109.26 -2.23 24.49
CA GLY E 486 -110.02 -1.65 23.41
C GLY E 486 -111.46 -2.08 23.59
N ASN E 487 -111.81 -2.30 24.85
CA ASN E 487 -113.15 -2.69 25.23
C ASN E 487 -113.31 -2.25 26.67
N PRO E 488 -114.16 -1.26 26.93
CA PRO E 488 -114.38 -0.75 28.29
C PRO E 488 -114.98 -1.71 29.30
N ASN E 489 -115.59 -2.78 28.79
CA ASN E 489 -116.27 -3.78 29.60
C ASN E 489 -115.40 -4.47 30.63
N GLY E 490 -116.03 -4.80 31.74
CA GLY E 490 -115.36 -5.46 32.85
C GLY E 490 -116.27 -5.83 34.00
N GLU E 491 -115.70 -6.45 35.04
CA GLU E 491 -116.49 -6.85 36.21
C GLU E 491 -116.79 -5.67 37.16
N GLY E 492 -118.07 -5.57 37.56
CA GLY E 492 -118.47 -4.51 38.46
C GLY E 492 -118.89 -3.27 37.72
N LEU E 493 -119.00 -3.41 36.41
CA LEU E 493 -119.39 -2.30 35.54
C LEU E 493 -120.52 -2.75 34.62
N PRO E 494 -121.50 -1.88 34.39
CA PRO E 494 -122.61 -2.26 33.50
C PRO E 494 -122.05 -2.69 32.14
N HIS E 495 -122.86 -3.35 31.33
CA HIS E 495 -122.38 -3.77 29.99
C HIS E 495 -122.49 -2.62 28.99
N TRP E 496 -121.38 -2.35 28.30
CA TRP E 496 -121.31 -1.29 27.31
C TRP E 496 -121.34 -1.95 25.96
N PRO E 497 -122.45 -1.79 25.25
CA PRO E 497 -122.66 -2.36 23.93
C PRO E 497 -121.70 -1.76 22.90
N GLU E 498 -121.07 -2.62 22.11
CA GLU E 498 -120.15 -2.18 21.07
C GLU E 498 -121.01 -1.53 19.97
N TYR E 499 -120.83 -0.23 19.72
CA TYR E 499 -121.60 0.48 18.70
C TYR E 499 -121.43 -0.19 17.34
N ASN E 500 -122.32 -1.11 17.01
CA ASN E 500 -122.26 -1.80 15.73
C ASN E 500 -123.56 -1.55 14.98
N GLN E 501 -123.99 -2.53 14.20
CA GLN E 501 -125.21 -2.40 13.45
C GLN E 501 -126.39 -2.01 14.36
N LYS E 502 -126.48 -2.58 15.56
CA LYS E 502 -127.58 -2.29 16.51
C LYS E 502 -127.48 -0.88 17.04
N GLU E 503 -126.32 -0.27 16.88
CA GLU E 503 -126.04 1.09 17.31
C GLU E 503 -126.29 1.31 18.78
N GLY E 504 -125.71 0.42 19.61
CA GLY E 504 -125.86 0.52 21.04
C GLY E 504 -124.79 1.39 21.66
N TYR E 505 -125.21 2.29 22.53
CA TYR E 505 -124.27 3.18 23.21
C TYR E 505 -124.51 3.11 24.71
N LEU E 506 -123.68 3.79 25.49
CA LEU E 506 -123.83 3.77 26.94
C LEU E 506 -124.29 5.11 27.46
N GLN E 507 -125.35 5.11 28.26
CA GLN E 507 -125.86 6.36 28.82
C GLN E 507 -125.24 6.46 30.20
N ILE E 508 -124.17 7.23 30.32
CA ILE E 508 -123.49 7.39 31.60
C ILE E 508 -124.12 8.52 32.42
N GLY E 509 -124.43 8.23 33.69
CA GLY E 509 -125.03 9.25 34.53
C GLY E 509 -125.51 8.72 35.85
N ALA E 510 -126.63 9.29 36.31
CA ALA E 510 -127.22 8.88 37.56
C ALA E 510 -127.32 7.36 37.52
N ASN E 511 -128.06 6.88 36.52
CA ASN E 511 -128.27 5.45 36.32
C ASN E 511 -127.56 5.06 35.03
N THR E 512 -126.41 4.44 35.16
CA THR E 512 -125.66 4.04 33.98
C THR E 512 -126.32 2.83 33.36
N GLN E 513 -126.59 2.87 32.07
CA GLN E 513 -127.20 1.73 31.40
C GLN E 513 -127.10 1.89 29.91
N ALA E 514 -127.16 0.77 29.18
CA ALA E 514 -127.06 0.79 27.72
C ALA E 514 -128.32 1.35 27.05
N ALA E 515 -128.23 1.55 25.73
CA ALA E 515 -129.35 2.06 24.91
C ALA E 515 -128.98 1.88 23.44
N GLN E 516 -129.82 2.38 22.55
CA GLN E 516 -129.57 2.27 21.12
C GLN E 516 -129.98 3.51 20.34
N LYS E 517 -129.49 3.62 19.11
CA LYS E 517 -129.79 4.75 18.24
C LYS E 517 -129.66 6.09 18.97
N LEU E 518 -128.46 6.63 18.98
CA LEU E 518 -128.21 7.89 19.65
C LEU E 518 -128.38 9.03 18.66
N LYS E 519 -129.36 9.91 18.89
CA LYS E 519 -129.62 11.05 17.99
C LYS E 519 -129.98 10.61 16.56
N ASP E 520 -130.15 9.30 16.36
CA ASP E 520 -130.48 8.75 15.04
C ASP E 520 -131.50 9.61 14.31
N LYS E 521 -132.62 9.89 14.98
CA LYS E 521 -133.68 10.70 14.40
C LYS E 521 -133.09 12.00 13.91
N GLU E 522 -132.34 12.67 14.77
CA GLU E 522 -131.74 13.94 14.40
C GLU E 522 -130.79 13.81 13.21
N VAL E 523 -129.87 12.87 13.28
CA VAL E 523 -128.92 12.71 12.20
C VAL E 523 -129.68 12.73 10.87
N ALA E 524 -130.76 11.96 10.82
CA ALA E 524 -131.59 11.88 9.62
C ALA E 524 -132.08 13.22 9.12
N PHE E 525 -132.65 14.00 10.03
CA PHE E 525 -133.19 15.32 9.71
C PHE E 525 -132.16 16.30 9.20
N TRP E 526 -130.95 16.17 9.73
CA TRP E 526 -129.87 17.06 9.34
C TRP E 526 -129.17 16.61 8.08
N THR E 527 -128.98 15.31 7.95
CA THR E 527 -128.33 14.77 6.76
C THR E 527 -129.13 15.17 5.51
N ASN E 528 -130.38 15.58 5.72
CA ASN E 528 -131.22 16.01 4.59
C ASN E 528 -131.16 17.51 4.40
N LEU E 529 -131.61 18.26 5.40
CA LEU E 529 -131.59 19.73 5.31
C LEU E 529 -130.21 20.26 4.95
N PHE E 530 -129.16 19.53 5.35
CA PHE E 530 -127.78 19.92 5.08
C PHE E 530 -127.38 19.61 3.64
N ALA E 531 -128.06 18.65 3.04
CA ALA E 531 -127.79 18.27 1.67
C ALA E 531 -128.68 19.13 0.79
N LYS E 532 -129.12 20.26 1.36
CA LYS E 532 -130.00 21.22 0.68
C LYS E 532 -131.28 20.54 0.20
N SER F 1 -38.87 42.00 0.64
CA SER F 1 -39.30 42.41 -0.73
C SER F 1 -40.73 41.96 -1.05
N SER F 2 -40.88 40.74 -1.56
CA SER F 2 -42.20 40.18 -1.91
C SER F 2 -42.95 39.75 -0.63
N PRO F 3 -44.10 40.34 -0.35
CA PRO F 3 -44.86 39.99 0.86
C PRO F 3 -45.04 38.48 1.05
N PRO F 4 -45.03 38.02 2.32
CA PRO F 4 -45.21 36.61 2.69
C PRO F 4 -46.58 36.06 2.33
N VAL F 5 -46.61 34.97 1.55
CA VAL F 5 -47.88 34.36 1.17
C VAL F 5 -47.90 32.91 1.59
N VAL F 6 -48.85 32.56 2.45
CA VAL F 6 -48.97 31.20 2.95
C VAL F 6 -50.36 30.62 2.72
N ASP F 7 -50.41 29.37 2.25
CA ASP F 7 -51.70 28.73 1.99
C ASP F 7 -52.20 27.94 3.20
N THR F 8 -53.46 28.15 3.55
CA THR F 8 -54.03 27.43 4.66
C THR F 8 -55.13 26.52 4.13
N VAL F 9 -55.76 25.78 5.01
CA VAL F 9 -56.82 24.87 4.60
C VAL F 9 -57.99 25.64 3.99
N HIS F 10 -58.24 26.83 4.51
CA HIS F 10 -59.34 27.64 4.04
C HIS F 10 -58.92 28.57 2.93
N GLY F 11 -57.65 28.93 2.89
CA GLY F 11 -57.16 29.81 1.84
C GLY F 11 -55.78 30.43 2.03
N LYS F 12 -55.31 31.08 0.96
CA LYS F 12 -54.02 31.74 0.97
C LYS F 12 -54.10 33.02 1.78
N VAL F 13 -53.03 33.30 2.52
CA VAL F 13 -52.95 34.49 3.34
C VAL F 13 -51.70 35.31 3.06
N LEU F 14 -51.86 36.63 3.00
CA LEU F 14 -50.77 37.55 2.75
C LEU F 14 -50.42 38.29 4.05
N GLY F 15 -49.14 38.28 4.41
CA GLY F 15 -48.70 38.98 5.62
C GLY F 15 -47.66 40.04 5.28
N LYS F 16 -46.69 40.24 6.17
CA LYS F 16 -45.64 41.21 5.92
C LYS F 16 -44.44 40.95 6.79
N PHE F 17 -43.25 41.08 6.23
CA PHE F 17 -42.00 40.89 6.99
C PHE F 17 -41.72 42.13 7.84
N VAL F 18 -41.10 41.93 9.00
CA VAL F 18 -40.79 43.02 9.90
C VAL F 18 -39.49 42.74 10.62
N SER F 19 -38.38 43.16 10.01
CA SER F 19 -37.05 42.95 10.57
C SER F 19 -36.90 43.55 11.97
N LEU F 20 -36.19 42.85 12.86
CA LEU F 20 -35.93 43.36 14.21
C LEU F 20 -34.45 43.71 14.43
N GLU F 21 -34.17 44.95 14.85
CA GLU F 21 -32.81 45.42 15.10
C GLU F 21 -31.85 44.30 15.45
N GLY F 22 -30.88 44.04 14.56
CA GLY F 22 -29.87 43.03 14.79
C GLY F 22 -30.07 41.66 14.15
N PHE F 23 -31.32 41.27 13.99
CA PHE F 23 -31.66 39.98 13.41
C PHE F 23 -31.74 40.03 11.88
N ALA F 24 -30.86 39.30 11.22
CA ALA F 24 -30.89 39.29 9.76
C ALA F 24 -32.13 38.56 9.30
N GLN F 25 -32.63 37.67 10.15
CA GLN F 25 -33.82 36.89 9.83
C GLN F 25 -35.08 37.74 9.99
N PRO F 26 -35.77 37.97 8.87
CA PRO F 26 -36.99 38.77 8.87
C PRO F 26 -38.13 37.92 9.38
N VAL F 27 -38.97 38.53 10.20
CA VAL F 27 -40.11 37.84 10.76
C VAL F 27 -41.37 38.08 9.95
N ALA F 28 -42.06 37.00 9.61
CA ALA F 28 -43.30 37.11 8.85
C ALA F 28 -44.43 37.35 9.84
N ILE F 29 -45.14 38.47 9.68
CA ILE F 29 -46.25 38.83 10.56
C ILE F 29 -47.62 38.80 9.87
N PHE F 30 -48.52 37.99 10.39
CA PHE F 30 -49.86 37.93 9.83
C PHE F 30 -50.79 38.39 10.92
N LEU F 31 -51.68 39.31 10.58
CA LEU F 31 -52.63 39.85 11.57
C LEU F 31 -54.08 39.72 11.13
N GLY F 32 -54.90 39.11 11.97
CA GLY F 32 -56.30 38.96 11.68
C GLY F 32 -56.74 37.77 10.88
N ILE F 33 -56.03 36.64 10.96
CA ILE F 33 -56.47 35.46 10.23
C ILE F 33 -57.65 34.91 11.02
N PRO F 34 -58.80 34.69 10.36
CA PRO F 34 -60.00 34.17 11.02
C PRO F 34 -59.92 32.68 11.26
N PHE F 35 -60.25 32.25 12.46
CA PHE F 35 -60.19 30.84 12.75
C PHE F 35 -61.59 30.29 12.98
N ALA F 36 -62.59 31.06 12.58
CA ALA F 36 -63.94 30.64 12.80
C ALA F 36 -64.82 31.60 12.11
N LYS F 37 -66.04 31.19 11.99
CA LYS F 37 -66.87 32.03 11.19
C LYS F 37 -67.34 33.15 12.33
N PRO F 38 -67.65 34.40 11.91
CA PRO F 38 -68.13 35.48 12.79
C PRO F 38 -69.44 35.04 13.49
N PRO F 39 -69.38 34.96 14.83
CA PRO F 39 -70.51 34.55 15.62
C PRO F 39 -71.59 35.61 15.72
N LEU F 40 -72.08 36.03 14.57
CA LEU F 40 -73.12 37.03 14.60
C LEU F 40 -74.52 36.45 14.46
N GLY F 41 -75.49 37.27 14.92
CA GLY F 41 -76.91 36.93 14.86
C GLY F 41 -77.29 35.71 15.64
N PRO F 42 -77.70 34.62 14.95
CA PRO F 42 -78.11 33.34 15.55
C PRO F 42 -76.93 32.55 16.10
N LEU F 43 -75.72 32.90 15.67
CA LEU F 43 -74.51 32.23 16.15
C LEU F 43 -74.00 32.76 17.48
N ARG F 44 -74.74 33.66 18.11
CA ARG F 44 -74.36 34.23 19.39
C ARG F 44 -74.71 33.18 20.42
N PHE F 45 -73.91 33.04 21.47
CA PHE F 45 -74.22 32.05 22.50
C PHE F 45 -74.32 30.63 21.96
N THR F 46 -73.49 30.31 20.97
CA THR F 46 -73.46 29.02 20.37
C THR F 46 -71.98 28.69 20.13
N PRO F 47 -71.61 27.42 19.93
CA PRO F 47 -70.22 27.11 19.71
C PRO F 47 -69.76 27.63 18.36
N PRO F 48 -68.47 27.98 18.27
CA PRO F 48 -67.87 28.51 17.05
C PRO F 48 -67.81 27.47 15.95
N GLN F 49 -68.28 27.85 14.76
CA GLN F 49 -68.26 26.96 13.60
C GLN F 49 -67.08 27.25 12.69
N PRO F 50 -66.69 26.27 11.88
CA PRO F 50 -65.56 26.48 10.98
C PRO F 50 -65.79 27.68 10.08
N ALA F 51 -64.75 28.46 9.83
CA ALA F 51 -64.86 29.62 8.94
C ALA F 51 -65.02 29.17 7.48
N GLU F 52 -65.79 29.94 6.70
CA GLU F 52 -65.98 29.60 5.29
C GLU F 52 -64.69 29.87 4.50
N PRO F 53 -64.41 29.06 3.46
CA PRO F 53 -63.20 29.23 2.65
C PRO F 53 -63.26 30.47 1.79
N TRP F 54 -62.15 31.19 1.70
CA TRP F 54 -62.12 32.38 0.88
C TRP F 54 -61.43 32.01 -0.42
N SER F 55 -61.61 32.86 -1.42
CA SER F 55 -61.03 32.57 -2.73
C SER F 55 -59.58 32.97 -2.99
N PHE F 56 -59.35 34.19 -3.44
CA PHE F 56 -57.99 34.62 -3.76
C PHE F 56 -57.20 34.89 -2.51
N VAL F 57 -56.01 35.49 -2.66
CA VAL F 57 -55.15 35.82 -1.52
C VAL F 57 -55.79 36.82 -0.55
N LYS F 58 -55.93 36.45 0.71
CA LYS F 58 -56.54 37.34 1.70
C LYS F 58 -55.52 38.23 2.41
N ASN F 59 -55.55 39.52 2.16
CA ASN F 59 -54.61 40.43 2.83
C ASN F 59 -54.83 40.24 4.33
N ALA F 60 -53.75 40.00 5.07
CA ALA F 60 -53.84 39.81 6.50
C ALA F 60 -52.97 40.86 7.12
N THR F 61 -53.24 42.12 6.82
CA THR F 61 -52.41 43.20 7.31
C THR F 61 -53.08 44.35 8.05
N SER F 62 -54.04 44.03 8.91
CA SER F 62 -54.73 45.05 9.69
C SER F 62 -55.21 44.43 11.00
N TYR F 63 -54.72 44.93 12.12
CA TYR F 63 -55.12 44.41 13.42
C TYR F 63 -56.60 44.13 13.51
N PRO F 64 -56.97 42.86 13.72
CA PRO F 64 -58.38 42.53 13.82
C PRO F 64 -59.03 43.31 14.94
N PRO F 65 -60.37 43.29 14.98
CA PRO F 65 -61.16 43.99 16.00
C PRO F 65 -61.05 43.27 17.32
N MET F 66 -61.37 43.92 18.41
CA MET F 66 -61.34 43.22 19.69
C MET F 66 -62.82 43.00 20.08
N CYS F 67 -63.15 41.83 20.64
CA CYS F 67 -64.55 41.56 21.00
C CYS F 67 -65.17 42.66 21.83
N THR F 68 -66.49 42.71 21.85
CA THR F 68 -67.15 43.77 22.59
C THR F 68 -66.77 43.72 24.04
N GLN F 69 -66.64 44.89 24.65
CA GLN F 69 -66.23 45.02 26.03
C GLN F 69 -66.29 46.50 26.36
N ASP F 70 -66.21 46.86 27.62
CA ASP F 70 -66.22 48.27 28.01
C ASP F 70 -65.07 48.96 27.28
N PRO F 71 -65.37 49.91 26.36
CA PRO F 71 -64.31 50.59 25.62
C PRO F 71 -63.22 51.29 26.41
N LYS F 72 -63.57 51.96 27.50
CA LYS F 72 -62.60 52.68 28.34
C LYS F 72 -61.61 51.70 28.93
N ALA F 73 -62.16 50.79 29.72
CA ALA F 73 -61.43 49.74 30.42
C ALA F 73 -60.65 48.87 29.46
N GLY F 74 -61.32 48.47 28.38
CA GLY F 74 -60.71 47.61 27.41
C GLY F 74 -59.52 48.29 26.78
N GLN F 75 -59.50 49.60 26.85
CA GLN F 75 -58.41 50.36 26.26
C GLN F 75 -57.34 50.46 27.30
N LEU F 76 -57.75 50.76 28.53
CA LEU F 76 -56.80 50.88 29.63
C LEU F 76 -55.90 49.66 29.75
N LEU F 77 -56.51 48.49 29.72
CA LEU F 77 -55.77 47.23 29.83
C LEU F 77 -54.68 47.10 28.79
N SER F 78 -55.02 47.36 27.54
CA SER F 78 -54.06 47.28 26.46
C SER F 78 -52.94 48.28 26.70
N GLU F 79 -53.30 49.46 27.18
CA GLU F 79 -52.33 50.50 27.47
C GLU F 79 -51.41 50.15 28.65
N LEU F 80 -51.76 49.16 29.45
CA LEU F 80 -50.90 48.82 30.57
C LEU F 80 -50.18 47.48 30.44
N PHE F 81 -50.49 46.70 29.40
CA PHE F 81 -49.87 45.40 29.18
C PHE F 81 -49.05 45.38 27.91
N THR F 82 -49.41 46.25 26.98
CA THR F 82 -48.72 46.28 25.71
C THR F 82 -47.22 46.40 25.86
N ASN F 83 -46.50 45.80 24.93
CA ASN F 83 -45.04 45.80 24.94
C ASN F 83 -44.47 46.42 23.66
N ARG F 84 -45.32 47.10 22.90
CA ARG F 84 -44.87 47.74 21.67
C ARG F 84 -44.80 49.26 21.89
N LYS F 85 -44.12 49.96 20.98
CA LYS F 85 -43.96 51.42 21.06
C LYS F 85 -45.26 52.19 21.37
N GLU F 86 -46.05 52.41 20.31
CA GLU F 86 -47.32 53.13 20.34
C GLU F 86 -48.48 52.19 20.65
N ASN F 87 -49.48 52.71 21.36
CA ASN F 87 -50.65 51.91 21.72
C ASN F 87 -51.50 51.69 20.48
N ILE F 88 -51.87 50.45 20.23
CA ILE F 88 -52.68 50.14 19.05
C ILE F 88 -54.17 50.38 19.32
N PRO F 89 -54.73 51.44 18.74
CA PRO F 89 -56.15 51.77 18.92
C PRO F 89 -56.97 50.74 18.18
N LEU F 90 -58.09 50.33 18.79
CA LEU F 90 -58.93 49.32 18.16
C LEU F 90 -60.44 49.58 18.18
N LYS F 91 -61.13 48.93 17.26
CA LYS F 91 -62.56 49.09 17.16
C LYS F 91 -63.20 47.78 17.60
N LEU F 92 -64.14 47.88 18.52
CA LEU F 92 -64.84 46.73 19.03
C LEU F 92 -65.75 46.19 17.95
N SER F 93 -66.03 44.88 18.04
CA SER F 93 -66.94 44.21 17.14
C SER F 93 -67.22 42.80 17.59
N GLU F 94 -68.42 42.32 17.32
CA GLU F 94 -68.76 40.96 17.72
C GLU F 94 -67.91 40.00 16.94
N ASP F 95 -67.66 40.41 15.71
CA ASP F 95 -66.84 39.63 14.83
C ASP F 95 -65.40 39.89 15.27
N CYS F 96 -64.89 39.02 16.13
CA CYS F 96 -63.55 39.17 16.67
C CYS F 96 -62.81 37.86 16.80
N LEU F 97 -63.31 36.81 16.17
CA LEU F 97 -62.59 35.54 16.28
C LEU F 97 -61.39 35.43 15.35
N TYR F 98 -60.32 36.15 15.67
CA TYR F 98 -59.09 36.10 14.86
C TYR F 98 -57.83 35.79 15.72
N LEU F 99 -56.73 35.45 15.06
CA LEU F 99 -55.47 35.19 15.76
C LEU F 99 -54.32 35.72 14.93
N ASN F 100 -53.31 36.30 15.60
CA ASN F 100 -52.15 36.83 14.90
C ASN F 100 -51.06 35.78 14.93
N ILE F 101 -50.19 35.80 13.93
CA ILE F 101 -49.09 34.84 13.89
C ILE F 101 -47.73 35.54 13.72
N TYR F 102 -46.75 35.14 14.52
CA TYR F 102 -45.43 35.74 14.41
C TYR F 102 -44.45 34.60 14.18
N THR F 103 -44.25 34.21 12.92
CA THR F 103 -43.35 33.10 12.64
C THR F 103 -42.01 33.50 12.05
N PRO F 104 -40.91 33.14 12.72
CA PRO F 104 -39.55 33.45 12.30
C PRO F 104 -38.97 32.41 11.38
N ALA F 105 -39.80 31.48 10.96
CA ALA F 105 -39.33 30.43 10.08
C ALA F 105 -39.05 31.01 8.69
N ASP F 106 -38.22 30.29 7.93
CA ASP F 106 -37.91 30.69 6.57
C ASP F 106 -38.96 29.96 5.76
N LEU F 107 -40.08 30.63 5.55
CA LEU F 107 -41.22 30.07 4.84
C LEU F 107 -40.90 29.40 3.52
N THR F 108 -39.82 29.81 2.88
CA THR F 108 -39.41 29.22 1.59
C THR F 108 -39.27 27.70 1.68
N LYS F 109 -38.60 27.24 2.72
CA LYS F 109 -38.38 25.81 2.91
C LYS F 109 -39.39 25.17 3.85
N LYS F 110 -38.98 24.10 4.53
CA LYS F 110 -39.83 23.37 5.48
C LYS F 110 -39.27 23.45 6.90
N ASN F 111 -39.99 24.11 7.79
CA ASN F 111 -39.54 24.24 9.17
C ASN F 111 -40.62 23.76 10.12
N ARG F 112 -40.21 23.19 11.26
CA ARG F 112 -41.17 22.72 12.25
C ARG F 112 -40.80 23.22 13.63
N LEU F 113 -40.69 24.55 13.74
CA LEU F 113 -40.36 25.22 14.97
C LEU F 113 -41.49 25.08 15.95
N PRO F 114 -41.17 25.14 17.24
CA PRO F 114 -42.21 25.01 18.27
C PRO F 114 -43.20 26.20 18.19
N VAL F 115 -44.45 25.95 18.57
CA VAL F 115 -45.48 27.00 18.51
C VAL F 115 -46.00 27.35 19.88
N MET F 116 -45.93 28.64 20.25
CA MET F 116 -46.42 29.12 21.55
C MET F 116 -47.71 29.93 21.40
N VAL F 117 -48.82 29.33 21.82
CA VAL F 117 -50.13 29.97 21.71
C VAL F 117 -50.45 30.77 22.98
N TRP F 118 -50.58 32.09 22.83
CA TRP F 118 -50.83 32.96 23.97
C TRP F 118 -52.26 33.39 24.19
N ILE F 119 -52.82 33.08 25.35
CA ILE F 119 -54.17 33.48 25.61
C ILE F 119 -54.19 34.75 26.45
N HIS F 120 -54.70 35.83 25.89
CA HIS F 120 -54.72 37.08 26.62
C HIS F 120 -55.61 36.93 27.83
N GLY F 121 -55.54 37.90 28.75
CA GLY F 121 -56.34 37.87 29.95
C GLY F 121 -57.22 39.10 30.10
N GLY F 122 -57.73 39.31 31.30
CA GLY F 122 -58.56 40.47 31.53
C GLY F 122 -59.91 40.08 32.08
N GLY F 123 -59.93 39.11 33.00
CA GLY F 123 -61.19 38.65 33.60
C GLY F 123 -62.29 38.12 32.67
N LEU F 124 -61.88 37.75 31.45
CA LEU F 124 -62.79 37.24 30.44
C LEU F 124 -63.83 38.29 30.04
N MET F 125 -63.62 39.54 30.43
CA MET F 125 -64.51 40.70 30.12
C MET F 125 -63.92 41.68 29.07
N VAL F 126 -62.62 41.95 29.19
CA VAL F 126 -61.89 42.84 28.27
C VAL F 126 -60.61 42.14 27.80
N GLY F 127 -59.89 42.76 26.87
CA GLY F 127 -58.68 42.14 26.38
C GLY F 127 -58.67 41.92 24.88
N ALA F 128 -57.48 41.87 24.29
CA ALA F 128 -57.33 41.69 22.85
C ALA F 128 -56.01 41.02 22.58
N ALA F 129 -55.97 40.18 21.55
CA ALA F 129 -54.74 39.48 21.26
C ALA F 129 -53.70 40.35 20.57
N SER F 130 -54.17 41.32 19.82
CA SER F 130 -53.26 42.20 19.13
C SER F 130 -52.53 43.14 20.08
N THR F 131 -52.91 43.13 21.38
CA THR F 131 -52.24 43.98 22.38
C THR F 131 -50.83 43.46 22.62
N TYR F 132 -50.68 42.14 22.58
CA TYR F 132 -49.40 41.49 22.79
C TYR F 132 -48.60 41.24 21.52
N ASP F 133 -47.55 42.07 21.30
CA ASP F 133 -46.66 41.97 20.12
C ASP F 133 -45.78 40.74 20.24
N GLY F 134 -45.73 39.95 19.18
CA GLY F 134 -44.94 38.75 19.22
C GLY F 134 -43.69 38.76 18.36
N LEU F 135 -43.23 39.95 18.00
CA LEU F 135 -42.02 40.05 17.18
C LEU F 135 -40.74 39.65 17.92
N ALA F 136 -40.48 40.26 19.06
CA ALA F 136 -39.27 39.95 19.81
C ALA F 136 -39.06 38.46 20.04
N LEU F 137 -39.93 37.88 20.88
CA LEU F 137 -39.87 36.47 21.24
C LEU F 137 -39.69 35.57 20.02
N ALA F 138 -40.64 35.64 19.11
CA ALA F 138 -40.59 34.84 17.90
C ALA F 138 -39.19 34.84 17.34
N ALA F 139 -38.55 36.02 17.37
CA ALA F 139 -37.22 36.22 16.83
C ALA F 139 -36.10 35.69 17.72
N HIS F 140 -36.06 36.15 18.97
CA HIS F 140 -35.04 35.75 19.95
C HIS F 140 -34.95 34.25 20.28
N GLU F 141 -36.09 33.57 20.39
CA GLU F 141 -36.08 32.15 20.75
C GLU F 141 -36.44 31.23 19.59
N ASN F 142 -36.55 31.80 18.41
CA ASN F 142 -36.90 31.06 17.21
C ASN F 142 -38.08 30.10 17.44
N VAL F 143 -39.27 30.67 17.62
CA VAL F 143 -40.49 29.91 17.83
C VAL F 143 -41.64 30.69 17.24
N VAL F 144 -42.66 29.99 16.75
CA VAL F 144 -43.82 30.68 16.18
C VAL F 144 -44.67 31.16 17.37
N VAL F 145 -44.85 32.46 17.49
CA VAL F 145 -45.66 32.97 18.59
C VAL F 145 -47.03 33.32 18.06
N VAL F 146 -48.07 32.66 18.59
CA VAL F 146 -49.45 32.92 18.13
C VAL F 146 -50.31 33.65 19.17
N THR F 147 -51.12 34.61 18.72
CA THR F 147 -51.95 35.36 19.66
C THR F 147 -53.44 35.27 19.33
N ILE F 148 -54.13 34.36 19.99
CA ILE F 148 -55.54 34.17 19.74
C ILE F 148 -56.44 35.04 20.60
N GLN F 149 -57.66 35.22 20.10
CA GLN F 149 -58.69 35.99 20.79
C GLN F 149 -59.81 34.99 21.10
N TYR F 150 -60.73 35.36 21.99
CA TYR F 150 -61.83 34.48 22.35
C TYR F 150 -62.95 35.40 22.84
N ARG F 151 -64.20 35.04 22.59
CA ARG F 151 -65.33 35.89 23.00
C ARG F 151 -65.27 36.19 24.47
N LEU F 152 -65.73 37.40 24.82
CA LEU F 152 -65.71 37.86 26.21
C LEU F 152 -67.08 38.31 26.71
N GLY F 153 -67.10 38.71 27.99
CA GLY F 153 -68.32 39.16 28.62
C GLY F 153 -69.49 38.28 28.27
N ILE F 154 -70.67 38.87 28.29
CA ILE F 154 -71.91 38.17 27.98
C ILE F 154 -71.83 37.33 26.74
N TRP F 155 -71.16 37.87 25.71
CA TRP F 155 -71.00 37.21 24.41
C TRP F 155 -70.32 35.84 24.47
N GLY F 156 -69.30 35.72 25.34
CA GLY F 156 -68.57 34.47 25.47
C GLY F 156 -68.81 33.60 26.71
N PHE F 157 -69.57 34.10 27.69
CA PHE F 157 -69.81 33.32 28.90
C PHE F 157 -71.24 33.24 29.45
N PHE F 158 -72.20 33.87 28.77
CA PHE F 158 -73.58 33.84 29.21
C PHE F 158 -74.12 32.43 29.19
N SER F 159 -74.49 31.94 30.35
CA SER F 159 -75.03 30.60 30.43
C SER F 159 -76.29 30.58 31.27
N THR F 160 -77.28 29.80 30.83
CA THR F 160 -78.55 29.68 31.57
C THR F 160 -78.57 28.40 32.39
N GLY F 161 -77.53 27.59 32.21
CA GLY F 161 -77.44 26.34 32.95
C GLY F 161 -78.15 25.14 32.34
N ASP F 162 -78.57 25.26 31.08
CA ASP F 162 -79.18 24.15 30.39
C ASP F 162 -78.74 24.11 28.88
N GLU F 163 -79.29 23.20 28.16
CA GLU F 163 -79.02 23.06 26.76
C GLU F 163 -79.33 24.26 25.88
N HIS F 164 -80.14 25.18 26.41
CA HIS F 164 -80.52 26.38 25.68
C HIS F 164 -79.35 27.38 25.62
N SER F 165 -78.34 27.19 26.46
CA SER F 165 -77.13 28.04 26.48
C SER F 165 -76.17 27.57 27.60
N ARG F 166 -75.60 26.37 27.39
CA ARG F 166 -74.68 25.75 28.33
C ARG F 166 -73.61 26.73 28.76
N GLY F 167 -73.11 27.53 27.83
CA GLY F 167 -72.09 28.49 28.18
C GLY F 167 -70.68 28.14 27.76
N ASN F 168 -69.72 28.76 28.44
CA ASN F 168 -68.29 28.58 28.14
C ASN F 168 -67.97 28.85 26.67
N TRP F 169 -68.78 29.68 26.03
CA TRP F 169 -68.58 30.00 24.65
C TRP F 169 -67.13 30.37 24.41
N GLY F 170 -66.64 31.33 25.19
CA GLY F 170 -65.26 31.81 25.06
C GLY F 170 -64.15 30.77 25.11
N HIS F 171 -64.37 29.74 25.92
CA HIS F 171 -63.41 28.69 26.06
C HIS F 171 -63.44 27.76 24.87
N LEU F 172 -64.64 27.58 24.32
CA LEU F 172 -64.77 26.72 23.16
C LEU F 172 -64.06 27.40 22.00
N ASP F 173 -63.87 28.72 22.11
CA ASP F 173 -63.20 29.50 21.09
C ASP F 173 -61.71 29.34 21.20
N GLN F 174 -61.24 29.17 22.43
CA GLN F 174 -59.80 29.02 22.64
C GLN F 174 -59.45 27.64 22.14
N VAL F 175 -60.38 26.72 22.29
CA VAL F 175 -60.17 25.35 21.83
C VAL F 175 -60.10 25.40 20.30
N ALA F 176 -61.11 26.02 19.71
CA ALA F 176 -61.22 26.16 18.26
C ALA F 176 -59.95 26.67 17.65
N ALA F 177 -59.40 27.71 18.27
CA ALA F 177 -58.19 28.32 17.82
C ALA F 177 -57.08 27.29 17.85
N LEU F 178 -57.00 26.54 18.95
CA LEU F 178 -55.96 25.54 19.07
C LEU F 178 -56.09 24.50 17.97
N ARG F 179 -57.31 24.27 17.50
CA ARG F 179 -57.54 23.32 16.42
C ARG F 179 -57.03 23.87 15.10
N TRP F 180 -57.25 25.16 14.86
CA TRP F 180 -56.80 25.80 13.62
C TRP F 180 -55.30 25.72 13.54
N VAL F 181 -54.69 25.74 14.71
CA VAL F 181 -53.25 25.68 14.84
C VAL F 181 -52.77 24.32 14.41
N GLN F 182 -53.38 23.30 15.01
CA GLN F 182 -53.06 21.90 14.73
C GLN F 182 -53.29 21.54 13.26
N ASP F 183 -53.98 22.40 12.54
CA ASP F 183 -54.26 22.09 11.14
C ASP F 183 -53.65 23.03 10.14
N ASN F 184 -52.98 24.08 10.63
CA ASN F 184 -52.37 25.08 9.74
C ASN F 184 -51.00 25.60 10.13
N ILE F 185 -50.68 25.60 11.41
CA ILE F 185 -49.39 26.12 11.84
C ILE F 185 -48.21 25.55 11.06
N ALA F 186 -48.40 24.36 10.50
CA ALA F 186 -47.35 23.71 9.71
C ALA F 186 -46.90 24.63 8.57
N SER F 187 -47.84 25.12 7.78
CA SER F 187 -47.52 26.00 6.68
C SER F 187 -46.88 27.32 7.12
N PHE F 188 -46.68 27.50 8.42
CA PHE F 188 -46.05 28.71 8.92
C PHE F 188 -44.76 28.37 9.69
N GLY F 189 -44.11 27.30 9.28
CA GLY F 189 -42.86 26.92 9.93
C GLY F 189 -43.03 26.26 11.29
N GLY F 190 -44.27 26.25 11.77
CA GLY F 190 -44.59 25.63 13.05
C GLY F 190 -44.74 24.11 13.06
N ASN F 191 -44.61 23.54 14.26
CA ASN F 191 -44.72 22.11 14.40
C ASN F 191 -45.98 21.83 15.17
N PRO F 192 -47.01 21.38 14.44
CA PRO F 192 -48.32 21.06 15.01
C PRO F 192 -48.24 19.99 16.09
N GLY F 193 -47.09 19.31 16.12
CA GLY F 193 -46.86 18.25 17.09
C GLY F 193 -46.21 18.74 18.37
N SER F 194 -45.90 20.03 18.42
CA SER F 194 -45.28 20.62 19.61
C SER F 194 -45.84 22.02 19.88
N VAL F 195 -47.06 22.08 20.42
CA VAL F 195 -47.68 23.36 20.70
C VAL F 195 -47.70 23.60 22.20
N THR F 196 -47.46 24.85 22.60
CA THR F 196 -47.41 25.22 24.02
C THR F 196 -48.34 26.39 24.34
N ILE F 197 -49.36 26.15 25.16
CA ILE F 197 -50.31 27.21 25.51
C ILE F 197 -49.92 27.97 26.73
N PHE F 198 -50.19 29.27 26.73
CA PHE F 198 -49.85 30.07 27.89
C PHE F 198 -50.65 31.37 27.95
N GLY F 199 -50.95 31.83 29.15
CA GLY F 199 -51.73 33.05 29.29
C GLY F 199 -51.57 33.67 30.65
N GLU F 200 -52.12 34.85 30.85
CA GLU F 200 -52.00 35.52 32.13
C GLU F 200 -53.40 35.79 32.69
N SER F 201 -53.53 35.97 34.00
CA SER F 201 -54.84 36.25 34.60
C SER F 201 -55.84 35.24 34.06
N ALA F 202 -57.03 35.72 33.71
CA ALA F 202 -58.07 34.87 33.16
C ALA F 202 -57.50 33.91 32.09
N GLY F 203 -56.55 34.42 31.31
CA GLY F 203 -55.94 33.62 30.26
C GLY F 203 -55.23 32.44 30.84
N GLY F 204 -54.51 32.65 31.93
CA GLY F 204 -53.82 31.56 32.57
C GLY F 204 -54.86 30.52 32.96
N GLU F 205 -55.90 30.95 33.66
CA GLU F 205 -56.95 30.02 34.06
C GLU F 205 -57.47 29.27 32.87
N SER F 206 -57.53 29.91 31.72
CA SER F 206 -58.00 29.22 30.54
C SER F 206 -57.03 28.08 30.26
N VAL F 207 -55.75 28.34 30.47
CA VAL F 207 -54.74 27.31 30.25
C VAL F 207 -55.04 26.16 31.19
N SER F 208 -55.41 26.46 32.42
CA SER F 208 -55.73 25.42 33.40
C SER F 208 -57.01 24.67 33.01
N VAL F 209 -58.05 25.41 32.63
CA VAL F 209 -59.30 24.79 32.23
C VAL F 209 -59.07 23.83 31.07
N LEU F 210 -58.25 24.24 30.11
CA LEU F 210 -58.00 23.39 28.96
C LEU F 210 -57.33 22.12 29.38
N VAL F 211 -56.33 22.23 30.24
CA VAL F 211 -55.58 21.07 30.73
C VAL F 211 -56.52 20.10 31.46
N LEU F 212 -57.48 20.66 32.19
CA LEU F 212 -58.44 19.89 32.96
C LEU F 212 -59.64 19.48 32.14
N SER F 213 -59.63 19.79 30.85
CA SER F 213 -60.75 19.45 29.97
C SER F 213 -60.39 18.33 29.02
N PRO F 214 -61.34 17.45 28.73
CA PRO F 214 -61.15 16.32 27.82
C PRO F 214 -60.99 16.79 26.37
N LEU F 215 -61.94 17.59 25.89
CA LEU F 215 -61.88 18.07 24.53
C LEU F 215 -60.51 18.60 24.18
N ALA F 216 -59.89 19.28 25.14
CA ALA F 216 -58.60 19.87 24.89
C ALA F 216 -57.48 18.84 24.68
N LYS F 217 -57.76 17.57 24.96
CA LYS F 217 -56.74 16.55 24.78
C LYS F 217 -56.05 16.69 23.42
N ASN F 218 -54.86 16.09 23.30
CA ASN F 218 -54.06 16.12 22.08
C ASN F 218 -54.07 17.40 21.21
N LEU F 219 -54.40 18.53 21.84
CA LEU F 219 -54.43 19.81 21.16
C LEU F 219 -53.17 20.58 21.40
N PHE F 220 -52.58 20.35 22.58
CA PHE F 220 -51.33 21.01 22.96
C PHE F 220 -50.39 20.01 23.64
N HIS F 221 -49.15 20.39 23.90
CA HIS F 221 -48.23 19.46 24.53
C HIS F 221 -47.49 20.00 25.74
N ARG F 222 -47.68 21.28 26.04
CA ARG F 222 -47.04 21.95 27.16
C ARG F 222 -47.91 23.13 27.52
N ALA F 223 -47.93 23.46 28.81
CA ALA F 223 -48.75 24.55 29.31
C ALA F 223 -48.06 25.49 30.33
N ILE F 224 -48.37 26.77 30.22
CA ILE F 224 -47.82 27.79 31.12
C ILE F 224 -48.95 28.69 31.58
N SER F 225 -49.29 28.59 32.86
CA SER F 225 -50.35 29.41 33.45
C SER F 225 -49.75 30.49 34.35
N GLU F 226 -49.65 31.71 33.84
CA GLU F 226 -49.10 32.82 34.60
C GLU F 226 -50.13 33.55 35.43
N SER F 227 -50.01 33.48 36.76
CA SER F 227 -50.93 34.14 37.67
C SER F 227 -52.40 33.75 37.46
N GLY F 228 -52.67 32.50 37.07
CA GLY F 228 -54.06 32.12 36.86
C GLY F 228 -54.24 30.64 36.71
N VAL F 229 -55.22 30.08 37.44
CA VAL F 229 -55.55 28.65 37.41
C VAL F 229 -57.05 28.40 37.67
N ALA F 230 -57.51 27.25 37.17
CA ALA F 230 -58.89 26.81 37.27
C ALA F 230 -59.45 26.85 38.69
N LEU F 231 -58.58 26.83 39.69
CA LEU F 231 -59.02 26.89 41.08
C LEU F 231 -59.07 28.33 41.56
N THR F 232 -59.13 29.26 40.60
CA THR F 232 -59.23 30.70 40.89
C THR F 232 -60.73 31.10 40.95
N SER F 233 -61.35 30.80 42.10
CA SER F 233 -62.77 31.10 42.37
C SER F 233 -63.48 32.07 41.42
N VAL F 234 -63.27 33.36 41.65
CA VAL F 234 -63.88 34.40 40.85
C VAL F 234 -64.22 33.95 39.42
N LEU F 235 -63.22 33.49 38.68
CA LEU F 235 -63.40 33.05 37.29
C LEU F 235 -64.29 31.83 37.04
N VAL F 236 -64.57 31.07 38.08
CA VAL F 236 -65.41 29.88 37.93
C VAL F 236 -66.69 30.05 38.75
N LYS F 237 -67.83 29.73 38.11
CA LYS F 237 -69.14 29.84 38.74
C LYS F 237 -69.74 28.48 39.04
N LYS F 238 -69.89 28.19 40.32
CA LYS F 238 -70.44 26.92 40.74
C LYS F 238 -71.82 27.20 41.28
N GLY F 239 -72.61 26.14 41.45
CA GLY F 239 -73.95 26.32 41.98
C GLY F 239 -74.93 26.53 40.85
N ASP F 240 -75.98 27.30 41.13
CA ASP F 240 -77.00 27.58 40.12
C ASP F 240 -76.71 28.93 39.47
N VAL F 241 -76.48 28.89 38.16
CA VAL F 241 -76.17 30.07 37.38
C VAL F 241 -77.40 30.78 36.90
N LYS F 242 -78.51 30.05 36.82
CA LYS F 242 -79.79 30.58 36.38
C LYS F 242 -80.06 32.00 36.89
N PRO F 243 -79.88 32.26 38.20
CA PRO F 243 -80.11 33.60 38.74
C PRO F 243 -79.32 34.73 38.07
N LEU F 244 -78.04 34.49 37.76
CA LEU F 244 -77.23 35.51 37.11
C LEU F 244 -77.81 35.81 35.74
N ALA F 245 -78.22 34.77 35.02
CA ALA F 245 -78.80 34.96 33.68
C ALA F 245 -80.10 35.74 33.82
N GLU F 246 -80.89 35.37 34.82
CA GLU F 246 -82.15 36.05 35.06
C GLU F 246 -81.89 37.54 35.35
N GLN F 247 -80.68 37.86 35.79
CA GLN F 247 -80.37 39.23 36.12
C GLN F 247 -79.92 39.97 34.85
N ILE F 248 -79.22 39.28 33.95
CA ILE F 248 -78.79 39.94 32.73
C ILE F 248 -79.99 40.19 31.81
N ALA F 249 -80.83 39.17 31.67
CA ALA F 249 -82.00 39.23 30.81
C ALA F 249 -83.00 40.27 31.28
N ILE F 250 -82.99 40.56 32.57
CA ILE F 250 -83.87 41.55 33.17
C ILE F 250 -83.27 42.93 32.93
N THR F 251 -81.95 43.01 32.94
CA THR F 251 -81.25 44.26 32.71
C THR F 251 -81.28 44.62 31.22
N ALA F 252 -81.31 43.59 30.37
CA ALA F 252 -81.34 43.82 28.94
C ALA F 252 -82.76 44.09 28.49
N GLY F 253 -83.70 44.01 29.43
CA GLY F 253 -85.09 44.25 29.11
C GLY F 253 -85.79 42.98 28.65
N CYS F 254 -85.02 41.90 28.57
CA CYS F 254 -85.60 40.66 28.16
C CYS F 254 -86.51 40.12 29.22
N LYS F 255 -87.33 39.14 28.82
CA LYS F 255 -88.29 38.50 29.70
C LYS F 255 -87.61 37.25 30.26
N THR F 256 -88.11 36.77 31.38
CA THR F 256 -87.50 35.61 32.02
C THR F 256 -88.49 34.49 32.26
N THR F 257 -89.32 34.17 31.27
CA THR F 257 -90.30 33.13 31.47
C THR F 257 -89.68 31.75 31.37
N THR F 258 -88.70 31.59 30.49
CA THR F 258 -87.97 30.33 30.36
C THR F 258 -86.58 30.62 29.79
N SER F 259 -85.66 29.67 29.90
CA SER F 259 -84.32 29.89 29.39
C SER F 259 -84.35 30.05 27.87
N ALA F 260 -85.00 29.10 27.20
CA ALA F 260 -85.10 29.15 25.76
C ALA F 260 -85.56 30.53 25.38
N VAL F 261 -86.22 31.23 26.29
CA VAL F 261 -86.70 32.59 26.03
C VAL F 261 -85.63 33.63 26.33
N MET F 262 -84.93 33.48 27.44
CA MET F 262 -83.93 34.47 27.75
C MET F 262 -82.89 34.49 26.64
N VAL F 263 -82.46 33.32 26.20
CA VAL F 263 -81.45 33.23 25.14
C VAL F 263 -81.93 33.86 23.84
N HIS F 264 -83.05 33.34 23.33
CA HIS F 264 -83.63 33.83 22.10
C HIS F 264 -83.77 35.33 22.10
N CYS F 265 -84.23 35.85 23.23
CA CYS F 265 -84.44 37.26 23.43
C CYS F 265 -83.14 38.05 23.40
N LEU F 266 -82.10 37.59 24.08
CA LEU F 266 -80.86 38.34 24.07
C LEU F 266 -80.19 38.29 22.70
N ARG F 267 -80.52 37.28 21.91
CA ARG F 267 -79.96 37.15 20.59
C ARG F 267 -80.48 38.24 19.66
N GLN F 268 -81.63 38.82 20.02
CA GLN F 268 -82.26 39.87 19.22
C GLN F 268 -81.68 41.23 19.54
N LYS F 269 -81.13 41.38 20.73
CA LYS F 269 -80.54 42.66 21.12
C LYS F 269 -79.37 43.02 20.19
N THR F 270 -79.20 44.32 19.90
CA THR F 270 -78.12 44.75 19.03
C THR F 270 -76.83 44.53 19.78
N GLU F 271 -75.70 44.61 19.10
CA GLU F 271 -74.43 44.43 19.78
C GLU F 271 -74.28 45.58 20.78
N GLU F 272 -74.50 46.81 20.36
CA GLU F 272 -74.34 47.94 21.27
C GLU F 272 -75.36 47.91 22.42
N GLU F 273 -76.48 47.23 22.22
CA GLU F 273 -77.49 47.12 23.27
C GLU F 273 -76.97 46.25 24.42
N LEU F 274 -76.41 45.09 24.09
CA LEU F 274 -75.85 44.18 25.09
C LEU F 274 -74.67 44.80 25.79
N LEU F 275 -73.89 45.62 25.07
CA LEU F 275 -72.74 46.30 25.66
C LEU F 275 -73.31 47.33 26.62
N GLU F 276 -74.41 47.97 26.21
CA GLU F 276 -75.08 48.95 27.06
C GLU F 276 -75.38 48.20 28.36
N THR F 277 -76.04 47.06 28.24
CA THR F 277 -76.36 46.20 29.37
C THR F 277 -75.13 45.88 30.23
N THR F 278 -73.98 45.65 29.59
CA THR F 278 -72.75 45.36 30.29
C THR F 278 -72.35 46.56 31.16
N LEU F 279 -72.35 47.75 30.59
CA LEU F 279 -71.95 48.90 31.35
C LEU F 279 -72.81 49.17 32.57
N LYS F 280 -74.04 48.65 32.54
CA LYS F 280 -74.99 48.84 33.63
C LYS F 280 -74.69 47.89 34.77
N MET F 281 -74.37 46.66 34.43
CA MET F 281 -74.06 45.64 35.43
C MET F 281 -72.84 46.06 36.23
N LYS F 282 -71.93 46.77 35.57
CA LYS F 282 -70.70 47.25 36.18
C LYS F 282 -69.72 46.13 36.60
N PHE F 283 -69.55 45.12 35.75
CA PHE F 283 -68.65 43.99 36.02
C PHE F 283 -67.25 44.54 36.30
N LEU F 284 -66.39 43.73 36.90
CA LEU F 284 -65.03 44.16 37.22
C LEU F 284 -65.01 45.38 38.17
N SER F 285 -66.03 45.49 39.02
CA SER F 285 -66.13 46.60 39.97
C SER F 285 -66.57 46.09 41.32
N LEU F 286 -65.99 46.65 42.38
CA LEU F 286 -66.31 46.28 43.74
C LEU F 286 -67.54 47.04 44.26
N ASP F 287 -68.71 46.41 44.18
CA ASP F 287 -69.94 47.04 44.65
C ASP F 287 -69.88 47.22 46.16
N LEU F 288 -69.77 48.47 46.59
CA LEU F 288 -69.67 48.84 48.01
C LEU F 288 -71.02 49.25 48.61
N GLN F 289 -72.10 49.06 47.86
CA GLN F 289 -73.44 49.44 48.35
C GLN F 289 -74.49 48.35 48.05
N GLY F 290 -74.10 47.09 48.26
CA GLY F 290 -75.00 45.97 48.00
C GLY F 290 -74.67 44.78 48.89
N ASP F 291 -75.28 43.64 48.59
CA ASP F 291 -75.04 42.42 49.36
C ASP F 291 -73.87 41.66 48.72
N PRO F 292 -72.76 41.52 49.46
CA PRO F 292 -71.53 40.83 49.00
C PRO F 292 -71.75 39.45 48.43
N ARG F 293 -72.76 38.75 48.94
CA ARG F 293 -73.06 37.39 48.49
C ARG F 293 -73.72 37.35 47.11
N GLU F 294 -74.51 38.38 46.81
CA GLU F 294 -75.21 38.49 45.53
C GLU F 294 -74.38 39.20 44.46
N SER F 295 -73.58 40.17 44.90
CA SER F 295 -72.71 40.93 44.02
C SER F 295 -71.89 40.03 43.10
N GLN F 296 -72.34 39.89 41.85
CA GLN F 296 -71.64 39.08 40.87
C GLN F 296 -70.66 39.97 40.09
N PRO F 297 -69.35 39.70 40.22
CA PRO F 297 -68.27 40.44 39.56
C PRO F 297 -68.19 40.27 38.05
N LEU F 298 -68.38 39.03 37.58
CA LEU F 298 -68.35 38.75 36.13
C LEU F 298 -68.71 37.32 35.76
N LEU F 299 -69.40 37.16 34.63
CA LEU F 299 -69.80 35.85 34.15
C LEU F 299 -68.54 35.03 33.85
N GLY F 300 -68.48 33.82 34.34
CA GLY F 300 -67.30 33.05 34.08
C GLY F 300 -67.50 31.67 33.52
N THR F 301 -66.45 30.87 33.67
CA THR F 301 -66.42 29.49 33.23
C THR F 301 -67.50 28.73 34.01
N VAL F 302 -68.05 27.69 33.42
CA VAL F 302 -69.06 26.92 34.15
C VAL F 302 -68.82 25.46 33.88
N ILE F 303 -69.65 24.61 34.47
CA ILE F 303 -69.52 23.18 34.23
C ILE F 303 -70.65 22.84 33.26
N ASP F 304 -70.44 23.19 32.00
CA ASP F 304 -71.42 22.98 30.96
C ASP F 304 -71.74 21.55 30.65
N GLY F 305 -70.74 20.68 30.80
CA GLY F 305 -70.95 19.29 30.48
C GLY F 305 -70.38 19.03 29.10
N MET F 306 -69.58 19.96 28.61
CA MET F 306 -68.95 19.83 27.31
C MET F 306 -67.47 20.11 27.45
N LEU F 307 -67.12 21.15 28.18
CA LEU F 307 -65.70 21.48 28.39
C LEU F 307 -65.20 20.96 29.75
N LEU F 308 -66.10 20.96 30.72
CA LEU F 308 -65.81 20.49 32.06
C LEU F 308 -67.02 19.68 32.48
N LEU F 309 -66.79 18.43 32.85
CA LEU F 309 -67.90 17.61 33.26
C LEU F 309 -68.15 17.78 34.78
N LYS F 310 -67.18 18.39 35.50
CA LYS F 310 -67.25 18.64 36.96
C LYS F 310 -66.25 19.71 37.43
N THR F 311 -66.44 20.24 38.62
CA THR F 311 -65.58 21.30 39.12
C THR F 311 -64.14 20.88 39.12
N PRO F 312 -63.21 21.82 38.94
CA PRO F 312 -61.79 21.47 38.93
C PRO F 312 -61.41 20.75 40.22
N GLU F 313 -61.90 21.26 41.35
CA GLU F 313 -61.61 20.66 42.62
C GLU F 313 -61.85 19.16 42.57
N GLU F 314 -62.92 18.74 41.91
CA GLU F 314 -63.25 17.30 41.81
C GLU F 314 -62.55 16.64 40.65
N LEU F 315 -62.12 17.45 39.69
CA LEU F 315 -61.44 16.97 38.49
C LEU F 315 -59.97 16.57 38.70
N GLN F 316 -59.19 17.46 39.31
CA GLN F 316 -57.78 17.21 39.55
C GLN F 316 -57.57 16.01 40.46
N ALA F 317 -58.68 15.42 40.91
CA ALA F 317 -58.65 14.23 41.77
C ALA F 317 -58.40 12.98 40.92
N GLU F 318 -58.77 13.07 39.64
CA GLU F 318 -58.60 11.98 38.67
C GLU F 318 -57.18 11.97 38.06
N ARG F 319 -56.33 11.09 38.58
CA ARG F 319 -54.95 10.96 38.08
C ARG F 319 -54.92 10.28 36.70
N ASN F 320 -55.91 9.43 36.45
CA ASN F 320 -56.05 8.71 35.17
C ASN F 320 -56.47 9.68 34.04
N PHE F 321 -55.50 10.48 33.60
CA PHE F 321 -55.70 11.49 32.55
C PHE F 321 -54.37 11.81 31.83
N HIS F 322 -54.51 12.32 30.60
CA HIS F 322 -53.36 12.69 29.77
C HIS F 322 -52.76 14.00 30.30
N THR F 323 -51.65 13.85 30.99
CA THR F 323 -50.93 14.95 31.62
C THR F 323 -49.71 15.38 30.86
N VAL F 324 -49.57 16.69 30.71
CA VAL F 324 -48.45 17.29 29.99
C VAL F 324 -47.63 18.21 30.87
N PRO F 325 -46.38 18.48 30.48
CA PRO F 325 -45.52 19.36 31.27
C PRO F 325 -46.24 20.67 31.56
N TYR F 326 -46.53 20.91 32.82
CA TYR F 326 -47.24 22.11 33.25
C TYR F 326 -46.33 23.02 34.08
N MET F 327 -46.25 24.29 33.70
CA MET F 327 -45.45 25.26 34.43
C MET F 327 -46.44 26.28 35.00
N VAL F 328 -46.57 26.31 36.32
CA VAL F 328 -47.47 27.26 36.95
C VAL F 328 -46.69 28.38 37.64
N GLY F 329 -47.20 29.60 37.63
CA GLY F 329 -46.46 30.65 38.29
C GLY F 329 -47.29 31.76 38.92
N ILE F 330 -46.69 32.52 39.83
CA ILE F 330 -47.36 33.64 40.47
C ILE F 330 -46.38 34.80 40.64
N ASN F 331 -46.86 35.95 41.08
CA ASN F 331 -45.98 37.10 41.34
C ASN F 331 -46.02 37.45 42.82
N LYS F 332 -44.95 38.09 43.29
CA LYS F 332 -44.84 38.47 44.69
C LYS F 332 -46.00 39.34 45.17
N GLN F 333 -46.52 40.21 44.31
CA GLN F 333 -47.64 41.03 44.71
C GLN F 333 -48.72 41.04 43.64
N GLU F 334 -49.59 40.04 43.62
CA GLU F 334 -50.61 40.00 42.58
C GLU F 334 -51.62 41.10 42.72
N PHE F 335 -52.18 41.20 43.92
CA PHE F 335 -53.20 42.20 44.22
C PHE F 335 -52.49 43.43 44.75
N GLY F 336 -51.37 43.75 44.12
CA GLY F 336 -50.55 44.86 44.57
C GLY F 336 -50.96 46.26 44.18
N TRP F 337 -51.29 46.43 42.90
CA TRP F 337 -51.72 47.72 42.40
C TRP F 337 -52.75 47.50 41.31
N LEU F 338 -52.31 46.98 40.18
CA LEU F 338 -53.17 46.75 39.03
C LEU F 338 -54.62 46.45 39.34
N ILE F 339 -54.91 45.21 39.70
CA ILE F 339 -56.28 44.81 39.99
C ILE F 339 -57.07 45.72 40.96
N PRO F 340 -56.48 46.09 42.09
CA PRO F 340 -57.16 46.95 43.07
C PRO F 340 -57.53 48.33 42.52
N MET F 341 -56.70 48.82 41.61
CA MET F 341 -56.92 50.11 41.00
C MET F 341 -58.08 50.00 40.01
N LEU F 342 -57.98 49.06 39.09
CA LEU F 342 -59.02 48.85 38.09
C LEU F 342 -60.36 48.54 38.72
N MET F 343 -60.36 48.21 40.01
CA MET F 343 -61.60 47.90 40.68
C MET F 343 -62.04 49.02 41.62
N SER F 344 -61.28 50.10 41.63
CA SER F 344 -61.64 51.24 42.45
C SER F 344 -61.77 50.83 43.92
N TYR F 345 -60.71 50.32 44.53
CA TYR F 345 -60.79 49.94 45.92
C TYR F 345 -60.62 51.19 46.80
N PRO F 346 -61.25 51.18 47.99
CA PRO F 346 -61.23 52.26 49.00
C PRO F 346 -59.87 52.49 49.72
N LEU F 347 -58.85 51.76 49.28
CA LEU F 347 -57.50 51.84 49.86
C LEU F 347 -56.81 53.15 49.49
N SER F 348 -57.59 54.11 48.99
CA SER F 348 -56.99 55.38 48.61
C SER F 348 -56.52 56.15 49.83
N GLU F 349 -56.42 55.46 50.97
CA GLU F 349 -55.96 56.11 52.19
C GLU F 349 -54.49 55.85 52.47
N GLY F 350 -53.99 54.76 51.90
CA GLY F 350 -52.60 54.40 52.09
C GLY F 350 -52.41 53.57 53.35
N GLN F 351 -53.40 53.60 54.25
CA GLN F 351 -53.36 52.86 55.52
C GLN F 351 -54.61 52.02 55.69
N LEU F 352 -54.68 51.25 56.78
CA LEU F 352 -55.82 50.38 57.01
C LEU F 352 -55.78 49.68 58.37
N ASP F 353 -56.91 49.69 59.07
CA ASP F 353 -57.00 49.08 60.38
C ASP F 353 -57.80 47.77 60.37
N GLN F 354 -57.69 46.99 61.44
CA GLN F 354 -58.38 45.70 61.56
C GLN F 354 -59.86 45.73 61.22
N LYS F 355 -60.65 46.48 61.98
CA LYS F 355 -62.10 46.53 61.75
C LYS F 355 -62.46 46.99 60.33
N THR F 356 -61.57 47.74 59.70
CA THR F 356 -61.85 48.18 58.35
C THR F 356 -61.49 47.05 57.38
N ALA F 357 -60.57 46.19 57.81
CA ALA F 357 -60.12 45.05 57.01
C ALA F 357 -61.19 43.97 56.97
N MET F 358 -61.69 43.61 58.14
CA MET F 358 -62.74 42.61 58.22
C MET F 358 -63.97 43.06 57.46
N SER F 359 -64.11 44.38 57.32
CA SER F 359 -65.25 44.95 56.63
C SER F 359 -65.00 44.94 55.14
N LEU F 360 -63.72 45.01 54.75
CA LEU F 360 -63.33 45.01 53.35
C LEU F 360 -63.27 43.61 52.73
N LEU F 361 -62.84 42.63 53.54
CA LEU F 361 -62.76 41.25 53.07
C LEU F 361 -64.16 40.65 52.91
N TRP F 362 -65.11 41.23 53.60
CA TRP F 362 -66.49 40.80 53.56
C TRP F 362 -67.12 41.23 52.23
N LYS F 363 -66.97 42.51 51.89
CA LYS F 363 -67.51 43.03 50.63
C LYS F 363 -66.69 42.53 49.46
N SER F 364 -65.54 41.91 49.74
CA SER F 364 -64.69 41.38 48.68
C SER F 364 -65.10 39.95 48.41
N TYR F 365 -66.21 39.55 49.00
CA TYR F 365 -66.74 38.19 48.87
C TYR F 365 -66.63 37.63 47.47
N PRO F 366 -67.03 38.39 46.46
CA PRO F 366 -66.96 37.88 45.09
C PRO F 366 -65.57 37.47 44.62
N LEU F 367 -64.53 38.07 45.21
CA LEU F 367 -63.14 37.75 44.86
C LEU F 367 -62.49 36.66 45.70
N VAL F 368 -62.59 36.82 47.02
CA VAL F 368 -62.02 35.87 47.98
C VAL F 368 -62.94 34.72 48.36
N CYS F 369 -64.24 34.96 48.34
CA CYS F 369 -65.23 33.94 48.68
C CYS F 369 -65.06 33.38 50.09
N ILE F 370 -64.80 34.26 51.04
CA ILE F 370 -64.63 33.89 52.43
C ILE F 370 -65.94 34.07 53.18
N ALA F 371 -66.28 33.12 54.06
CA ALA F 371 -67.51 33.23 54.83
C ALA F 371 -67.40 34.32 55.88
N LYS F 372 -68.52 34.93 56.23
CA LYS F 372 -68.53 36.01 57.21
C LYS F 372 -68.11 35.54 58.59
N GLU F 373 -68.14 34.23 58.80
CA GLU F 373 -67.80 33.65 60.09
C GLU F 373 -66.29 33.41 60.16
N LEU F 374 -65.64 33.37 59.00
CA LEU F 374 -64.22 33.13 58.96
C LEU F 374 -63.41 34.41 58.87
N ILE F 375 -64.08 35.51 58.55
CA ILE F 375 -63.40 36.78 58.39
C ILE F 375 -62.41 37.05 59.51
N PRO F 376 -62.80 36.82 60.77
CA PRO F 376 -61.89 37.07 61.90
C PRO F 376 -60.62 36.22 61.86
N GLU F 377 -60.81 34.91 61.73
CA GLU F 377 -59.70 33.97 61.71
C GLU F 377 -58.66 34.29 60.64
N ALA F 378 -59.11 34.78 59.48
CA ALA F 378 -58.19 35.13 58.39
C ALA F 378 -57.52 36.46 58.63
N THR F 379 -58.32 37.48 58.90
CA THR F 379 -57.78 38.80 59.15
C THR F 379 -56.79 38.76 60.30
N GLU F 380 -57.10 37.98 61.32
CA GLU F 380 -56.20 37.90 62.45
C GLU F 380 -54.89 37.23 62.04
N LYS F 381 -54.98 36.19 61.21
CA LYS F 381 -53.79 35.48 60.76
C LYS F 381 -52.77 36.28 59.96
N TYR F 382 -53.26 37.17 59.09
CA TYR F 382 -52.42 38.01 58.22
C TYR F 382 -52.05 39.38 58.80
N LEU F 383 -53.03 40.16 59.21
CA LEU F 383 -52.76 41.47 59.75
C LEU F 383 -52.35 41.43 61.23
N GLY F 384 -52.80 40.43 61.97
CA GLY F 384 -52.45 40.34 63.37
C GLY F 384 -50.97 40.58 63.64
N GLY F 385 -50.14 40.53 62.61
CA GLY F 385 -48.71 40.74 62.78
C GLY F 385 -48.34 42.09 63.41
N THR F 386 -48.18 43.11 62.58
CA THR F 386 -47.82 44.45 63.05
C THR F 386 -49.09 45.28 63.32
N ASP F 387 -48.95 46.32 64.14
CA ASP F 387 -50.06 47.21 64.51
C ASP F 387 -50.15 48.41 63.56
N ASP F 388 -49.05 48.65 62.85
CA ASP F 388 -48.94 49.74 61.89
C ASP F 388 -49.98 49.61 60.79
N THR F 389 -50.96 50.50 60.78
CA THR F 389 -52.01 50.47 59.79
C THR F 389 -51.52 50.36 58.36
N VAL F 390 -50.34 50.88 58.05
CA VAL F 390 -49.87 50.80 56.67
C VAL F 390 -49.45 49.38 56.30
N LYS F 391 -48.67 48.71 57.15
CA LYS F 391 -48.27 47.34 56.84
C LYS F 391 -49.47 46.40 56.91
N LYS F 392 -50.52 46.82 57.61
CA LYS F 392 -51.74 46.01 57.71
C LYS F 392 -52.48 46.09 56.38
N LYS F 393 -52.09 47.04 55.54
CA LYS F 393 -52.71 47.24 54.24
C LYS F 393 -52.01 46.35 53.24
N ASP F 394 -50.68 46.33 53.33
CA ASP F 394 -49.89 45.51 52.42
C ASP F 394 -50.17 44.05 52.61
N LEU F 395 -50.54 43.66 53.82
CA LEU F 395 -50.84 42.27 54.12
C LEU F 395 -52.26 41.92 53.70
N PHE F 396 -53.15 42.91 53.70
CA PHE F 396 -54.54 42.69 53.30
C PHE F 396 -54.54 42.43 51.79
N LEU F 397 -53.66 43.15 51.09
CA LEU F 397 -53.56 42.96 49.66
C LEU F 397 -52.92 41.61 49.45
N ASP F 398 -51.91 41.28 50.25
CA ASP F 398 -51.25 39.98 50.13
C ASP F 398 -52.30 38.91 50.41
N LEU F 399 -53.15 39.17 51.39
CA LEU F 399 -54.21 38.25 51.77
C LEU F 399 -54.99 37.88 50.51
N ILE F 400 -55.57 38.86 49.85
CA ILE F 400 -56.35 38.55 48.69
C ILE F 400 -55.54 37.77 47.70
N ALA F 401 -54.28 38.15 47.54
CA ALA F 401 -53.42 37.48 46.58
C ALA F 401 -53.38 35.97 46.81
N ASP F 402 -52.96 35.57 47.99
CA ASP F 402 -52.87 34.17 48.34
C ASP F 402 -54.16 33.41 48.05
N VAL F 403 -55.30 34.09 48.08
CA VAL F 403 -56.55 33.40 47.85
C VAL F 403 -56.87 33.33 46.38
N MET F 404 -56.54 34.40 45.66
CA MET F 404 -56.82 34.43 44.23
C MET F 404 -55.80 33.71 43.35
N PHE F 405 -54.52 33.76 43.73
CA PHE F 405 -53.48 33.13 42.93
C PHE F 405 -52.50 32.34 43.73
N GLY F 406 -52.29 32.80 44.97
CA GLY F 406 -51.33 32.13 45.84
C GLY F 406 -51.60 30.65 46.01
N VAL F 407 -52.34 30.31 47.05
CA VAL F 407 -52.66 28.94 47.31
C VAL F 407 -53.14 28.15 46.09
N PRO F 408 -54.16 28.65 45.37
CA PRO F 408 -54.69 27.96 44.19
C PRO F 408 -53.61 27.46 43.24
N SER F 409 -52.85 28.40 42.68
CA SER F 409 -51.80 28.07 41.76
C SER F 409 -50.94 26.95 42.32
N VAL F 410 -50.71 26.96 43.63
CA VAL F 410 -49.86 25.93 44.22
C VAL F 410 -50.59 24.62 44.35
N ILE F 411 -51.78 24.65 44.94
CA ILE F 411 -52.51 23.41 45.08
C ILE F 411 -52.58 22.73 43.73
N VAL F 412 -52.77 23.50 42.67
CA VAL F 412 -52.84 22.93 41.34
C VAL F 412 -51.54 22.26 40.96
N ALA F 413 -50.41 22.93 41.19
CA ALA F 413 -49.09 22.39 40.86
C ALA F 413 -48.87 21.06 41.54
N ARG F 414 -49.36 20.95 42.77
CA ARG F 414 -49.20 19.74 43.56
C ARG F 414 -50.03 18.59 43.06
N ASN F 415 -51.21 18.92 42.52
CA ASN F 415 -52.09 17.90 41.99
C ASN F 415 -51.59 17.46 40.63
N HIS F 416 -50.87 18.33 39.93
CA HIS F 416 -50.35 17.96 38.61
C HIS F 416 -49.09 17.11 38.79
N ARG F 417 -48.24 17.55 39.71
CA ARG F 417 -47.01 16.83 40.02
C ARG F 417 -47.43 15.45 40.46
N ASP F 418 -48.25 15.42 41.51
CA ASP F 418 -48.73 14.16 42.07
C ASP F 418 -49.32 13.22 41.02
N ALA F 419 -50.16 13.72 40.13
CA ALA F 419 -50.72 12.87 39.09
C ALA F 419 -49.58 12.29 38.24
N GLY F 420 -48.35 12.59 38.67
CA GLY F 420 -47.18 12.11 37.97
C GLY F 420 -47.00 12.83 36.66
N ALA F 421 -46.39 14.00 36.72
CA ALA F 421 -46.22 14.78 35.52
C ALA F 421 -45.21 15.90 35.74
N PRO F 422 -44.36 16.15 34.73
CA PRO F 422 -43.36 17.19 34.85
C PRO F 422 -44.02 18.54 35.22
N THR F 423 -43.89 18.94 36.48
CA THR F 423 -44.48 20.19 36.91
C THR F 423 -43.35 21.18 37.19
N TYR F 424 -43.66 22.47 37.23
CA TYR F 424 -42.69 23.54 37.50
C TYR F 424 -43.40 24.78 38.10
N MET F 425 -42.74 25.49 39.00
CA MET F 425 -43.32 26.68 39.58
C MET F 425 -42.33 27.80 39.70
N TYR F 426 -42.82 29.04 39.66
CA TYR F 426 -41.95 30.20 39.79
C TYR F 426 -42.69 31.27 40.55
N GLU F 427 -42.02 32.40 40.78
CA GLU F 427 -42.60 33.54 41.45
C GLU F 427 -41.81 34.71 40.88
N PHE F 428 -42.48 35.63 40.22
CA PHE F 428 -41.77 36.75 39.62
C PHE F 428 -41.63 37.86 40.61
N GLN F 429 -40.47 38.50 40.64
CA GLN F 429 -40.27 39.59 41.58
C GLN F 429 -39.41 40.68 40.91
N TYR F 430 -40.04 41.55 40.13
CA TYR F 430 -39.32 42.63 39.47
C TYR F 430 -40.28 43.79 39.22
N ARG F 431 -39.71 44.97 38.96
CA ARG F 431 -40.50 46.16 38.70
C ARG F 431 -40.04 46.77 37.42
N PRO F 432 -40.71 46.43 36.31
CA PRO F 432 -40.38 46.92 34.97
C PRO F 432 -40.41 48.44 34.82
N SER F 433 -39.55 48.95 33.94
CA SER F 433 -39.45 50.40 33.68
C SER F 433 -40.57 50.88 32.74
N PHE F 434 -41.55 50.00 32.55
CA PHE F 434 -42.69 50.27 31.69
C PHE F 434 -43.91 50.51 32.58
N SER F 435 -43.86 50.04 33.81
CA SER F 435 -44.96 50.21 34.75
C SER F 435 -45.57 51.61 34.67
N SER F 436 -46.86 51.71 34.96
CA SER F 436 -47.53 52.99 34.93
C SER F 436 -46.88 54.04 35.80
N ASP F 437 -46.84 55.27 35.31
CA ASP F 437 -46.27 56.38 36.05
C ASP F 437 -47.16 56.68 37.25
N MET F 438 -48.13 55.82 37.51
CA MET F 438 -49.06 55.99 38.63
C MET F 438 -48.96 54.86 39.66
N LYS F 439 -48.09 53.90 39.41
CA LYS F 439 -47.90 52.77 40.32
C LYS F 439 -46.70 53.03 41.22
N PRO F 440 -46.89 53.01 42.55
CA PRO F 440 -45.78 53.25 43.48
C PRO F 440 -44.56 52.36 43.24
N LYS F 441 -43.37 52.89 43.50
CA LYS F 441 -42.13 52.14 43.25
C LYS F 441 -41.90 51.04 44.26
N THR F 442 -42.77 50.98 45.27
CA THR F 442 -42.65 49.95 46.29
C THR F 442 -43.37 48.68 45.87
N VAL F 443 -44.19 48.78 44.83
CA VAL F 443 -44.93 47.62 44.32
C VAL F 443 -44.01 46.86 43.39
N ILE F 444 -43.53 45.71 43.85
CA ILE F 444 -42.63 44.91 43.05
C ILE F 444 -43.28 43.59 42.70
N GLY F 445 -43.21 43.26 41.40
CA GLY F 445 -43.80 42.03 40.92
C GLY F 445 -45.31 42.08 41.02
N ASP F 446 -45.89 43.09 40.39
CA ASP F 446 -47.35 43.31 40.38
C ASP F 446 -47.98 42.50 39.24
N HIS F 447 -49.31 42.48 39.18
CA HIS F 447 -50.00 41.73 38.14
C HIS F 447 -49.57 42.12 36.73
N GLY F 448 -49.15 41.13 35.96
CA GLY F 448 -48.74 41.37 34.60
C GLY F 448 -47.33 41.88 34.37
N ASP F 449 -46.62 42.17 35.44
CA ASP F 449 -45.25 42.66 35.30
C ASP F 449 -44.35 41.71 34.55
N GLU F 450 -44.68 40.43 34.57
CA GLU F 450 -43.84 39.45 33.92
C GLU F 450 -43.96 39.50 32.39
N LEU F 451 -45.11 39.97 31.95
CA LEU F 451 -45.44 40.05 30.55
C LEU F 451 -44.38 40.77 29.77
N PHE F 452 -43.81 41.80 30.37
CA PHE F 452 -42.79 42.56 29.69
C PHE F 452 -41.57 41.71 29.46
N SER F 453 -41.28 40.81 30.40
CA SER F 453 -40.13 39.93 30.22
C SER F 453 -40.44 38.90 29.13
N VAL F 454 -41.44 38.07 29.37
CA VAL F 454 -41.85 37.05 28.41
C VAL F 454 -41.93 37.57 26.97
N PHE F 455 -42.46 38.77 26.82
CA PHE F 455 -42.58 39.35 25.50
C PHE F 455 -41.50 40.40 25.19
N GLY F 456 -40.31 40.15 25.70
CA GLY F 456 -39.19 41.03 25.47
C GLY F 456 -39.53 42.49 25.18
N ALA F 457 -40.30 43.09 26.07
CA ALA F 457 -40.64 44.51 25.90
C ALA F 457 -39.36 45.34 25.74
N PRO F 458 -38.29 45.05 26.53
CA PRO F 458 -37.04 45.79 26.44
C PRO F 458 -36.53 45.93 25.04
N PHE F 459 -37.02 45.09 24.14
CA PHE F 459 -36.57 45.15 22.77
C PHE F 459 -37.52 45.87 21.77
N LEU F 460 -38.65 46.39 22.25
CA LEU F 460 -39.60 47.09 21.40
C LEU F 460 -39.87 48.49 21.89
N LYS F 461 -39.91 48.66 23.21
CA LYS F 461 -40.13 49.95 23.85
C LYS F 461 -38.78 50.47 24.32
N GLU F 462 -38.70 51.72 24.77
CA GLU F 462 -37.41 52.25 25.22
C GLU F 462 -37.30 52.64 26.69
N GLY F 463 -36.07 52.64 27.18
CA GLY F 463 -35.80 53.00 28.57
C GLY F 463 -35.33 51.81 29.40
N ALA F 464 -35.25 50.65 28.75
CA ALA F 464 -34.85 49.41 29.41
C ALA F 464 -33.40 49.45 29.82
N SER F 465 -33.17 49.25 31.12
CA SER F 465 -31.82 49.25 31.66
C SER F 465 -31.11 48.01 31.18
N GLU F 466 -29.81 47.96 31.43
CA GLU F 466 -29.05 46.81 31.01
C GLU F 466 -29.58 45.56 31.70
N GLU F 467 -29.96 45.71 32.98
CA GLU F 467 -30.51 44.59 33.76
C GLU F 467 -31.82 44.06 33.14
N GLU F 468 -32.80 44.96 33.02
CA GLU F 468 -34.11 44.64 32.45
C GLU F 468 -33.98 43.78 31.21
N ILE F 469 -33.14 44.24 30.29
CA ILE F 469 -32.92 43.54 29.03
C ILE F 469 -32.48 42.11 29.33
N ARG F 470 -31.40 42.00 30.09
CA ARG F 470 -30.81 40.73 30.47
C ARG F 470 -31.89 39.83 31.05
N LEU F 471 -32.66 40.38 31.97
CA LEU F 471 -33.74 39.64 32.61
C LEU F 471 -34.69 39.09 31.55
N SER F 472 -35.11 39.94 30.63
CA SER F 472 -36.02 39.46 29.60
C SER F 472 -35.48 38.27 28.83
N LYS F 473 -34.23 38.38 28.37
CA LYS F 473 -33.59 37.32 27.59
C LYS F 473 -33.69 36.05 28.36
N MET F 474 -33.29 36.12 29.61
CA MET F 474 -33.31 34.95 30.46
C MET F 474 -34.70 34.31 30.53
N VAL F 475 -35.72 35.12 30.76
CA VAL F 475 -37.09 34.61 30.87
C VAL F 475 -37.53 34.03 29.55
N MET F 476 -37.35 34.79 28.48
CA MET F 476 -37.73 34.27 27.17
C MET F 476 -37.06 32.90 26.97
N LYS F 477 -35.74 32.81 27.17
CA LYS F 477 -35.05 31.54 27.00
C LYS F 477 -35.73 30.40 27.75
N PHE F 478 -35.99 30.61 29.03
CA PHE F 478 -36.64 29.58 29.81
C PHE F 478 -37.92 29.19 29.14
N TRP F 479 -38.81 30.16 28.98
CA TRP F 479 -40.12 29.93 28.35
C TRP F 479 -40.01 29.05 27.11
N ALA F 480 -39.17 29.47 26.17
CA ALA F 480 -38.96 28.72 24.94
C ALA F 480 -38.44 27.35 25.33
N ASN F 481 -37.41 27.33 26.17
CA ASN F 481 -36.84 26.07 26.62
C ASN F 481 -37.92 25.11 27.05
N PHE F 482 -38.88 25.63 27.80
CA PHE F 482 -39.99 24.81 28.25
C PHE F 482 -40.86 24.45 27.05
N ALA F 483 -41.03 25.40 26.13
CA ALA F 483 -41.85 25.17 24.96
C ALA F 483 -41.26 24.11 24.06
N ARG F 484 -39.94 23.98 24.12
CA ARG F 484 -39.22 23.01 23.29
C ARG F 484 -39.10 21.64 23.90
N ASN F 485 -38.88 21.60 25.21
CA ASN F 485 -38.71 20.33 25.89
C ASN F 485 -39.54 20.15 27.14
N GLY F 486 -40.47 21.03 27.42
CA GLY F 486 -41.25 20.82 28.63
C GLY F 486 -40.27 20.71 29.80
N ASN F 487 -39.22 21.52 29.69
CA ASN F 487 -38.14 21.60 30.68
C ASN F 487 -37.47 22.94 30.44
N PRO F 488 -37.62 23.86 31.38
CA PRO F 488 -37.03 25.19 31.26
C PRO F 488 -35.51 25.23 31.20
N ASN F 489 -34.87 24.46 32.08
CA ASN F 489 -33.41 24.42 32.15
C ASN F 489 -32.69 24.40 30.82
N GLY F 490 -31.60 25.14 30.79
CA GLY F 490 -30.79 25.24 29.58
C GLY F 490 -29.41 25.79 29.88
N GLU F 491 -28.52 25.63 28.91
CA GLU F 491 -27.14 26.10 29.06
C GLU F 491 -27.08 27.61 29.23
N GLY F 492 -26.38 28.02 30.28
CA GLY F 492 -26.25 29.44 30.56
C GLY F 492 -27.48 30.05 31.24
N LEU F 493 -28.14 29.27 32.09
CA LEU F 493 -29.34 29.76 32.76
C LEU F 493 -29.43 29.10 34.12
N PRO F 494 -29.76 29.87 35.17
CA PRO F 494 -29.86 29.30 36.51
C PRO F 494 -30.70 28.04 36.47
N HIS F 495 -30.29 27.02 37.22
CA HIS F 495 -31.01 25.77 37.26
C HIS F 495 -32.39 25.92 37.88
N TRP F 496 -33.37 25.38 37.17
CA TRP F 496 -34.74 25.45 37.64
C TRP F 496 -35.13 24.04 38.06
N PRO F 497 -35.22 23.82 39.36
CA PRO F 497 -35.61 22.52 39.89
C PRO F 497 -36.97 22.06 39.42
N GLU F 498 -37.09 20.79 39.10
CA GLU F 498 -38.37 20.28 38.69
C GLU F 498 -39.23 20.28 39.95
N TYR F 499 -40.30 21.05 39.97
CA TYR F 499 -41.18 21.10 41.14
C TYR F 499 -41.71 19.70 41.43
N ASN F 500 -41.03 18.99 42.32
CA ASN F 500 -41.41 17.64 42.73
C ASN F 500 -41.76 17.65 44.20
N GLN F 501 -41.62 16.51 44.85
CA GLN F 501 -41.93 16.43 46.27
C GLN F 501 -41.21 17.46 47.12
N LYS F 502 -40.06 17.92 46.63
CA LYS F 502 -39.25 18.94 47.32
C LYS F 502 -39.80 20.34 47.00
N GLU F 503 -40.89 20.35 46.24
CA GLU F 503 -41.53 21.59 45.89
C GLU F 503 -40.52 22.62 45.43
N GLY F 504 -39.73 22.24 44.44
CA GLY F 504 -38.72 23.14 43.92
C GLY F 504 -39.27 24.16 42.96
N TYR F 505 -39.04 25.42 43.27
CA TYR F 505 -39.52 26.49 42.41
C TYR F 505 -38.41 27.50 42.14
N LEU F 506 -38.56 28.27 41.06
CA LEU F 506 -37.56 29.23 40.73
C LEU F 506 -38.09 30.62 41.03
N GLN F 507 -37.27 31.41 41.73
CA GLN F 507 -37.61 32.77 42.07
C GLN F 507 -37.06 33.58 40.90
N ILE F 508 -37.94 34.28 40.21
CA ILE F 508 -37.44 35.05 39.11
C ILE F 508 -37.48 36.52 39.49
N GLY F 509 -36.45 37.26 39.09
CA GLY F 509 -36.39 38.68 39.40
C GLY F 509 -35.00 39.24 39.17
N ALA F 510 -34.62 40.22 39.98
CA ALA F 510 -33.30 40.82 39.86
C ALA F 510 -32.30 39.69 39.77
N ASN F 511 -31.88 39.18 40.91
CA ASN F 511 -30.94 38.07 40.93
C ASN F 511 -31.82 36.81 40.98
N THR F 512 -31.81 36.05 39.89
CA THR F 512 -32.59 34.84 39.75
C THR F 512 -31.96 33.59 40.36
N GLN F 513 -32.64 33.05 41.38
CA GLN F 513 -32.15 31.85 42.07
C GLN F 513 -33.34 30.95 42.41
N ALA F 514 -33.06 29.71 42.83
CA ALA F 514 -34.11 28.74 43.18
C ALA F 514 -34.42 28.72 44.67
N ALA F 515 -35.50 28.04 45.04
CA ALA F 515 -35.89 27.96 46.44
C ALA F 515 -36.86 26.81 46.59
N GLN F 516 -37.36 26.60 47.81
CA GLN F 516 -38.28 25.49 48.04
C GLN F 516 -39.49 25.76 48.94
N LYS F 517 -40.48 24.87 48.85
CA LYS F 517 -41.69 24.95 49.63
C LYS F 517 -42.37 26.29 49.42
N LEU F 518 -42.80 26.56 48.19
CA LEU F 518 -43.46 27.80 47.84
C LEU F 518 -44.84 27.90 48.45
N LYS F 519 -45.17 29.06 49.01
CA LYS F 519 -46.47 29.27 49.63
C LYS F 519 -46.93 28.01 50.37
N ASP F 520 -46.03 27.38 51.12
CA ASP F 520 -46.38 26.16 51.84
C ASP F 520 -47.27 26.43 53.05
N LYS F 521 -46.84 27.32 53.91
CA LYS F 521 -47.65 27.63 55.08
C LYS F 521 -49.03 28.15 54.68
N GLU F 522 -49.05 29.09 53.73
CA GLU F 522 -50.30 29.69 53.28
C GLU F 522 -51.34 28.66 52.88
N VAL F 523 -50.96 27.77 51.96
CA VAL F 523 -51.87 26.72 51.50
C VAL F 523 -52.37 25.90 52.66
N ALA F 524 -51.46 25.55 53.56
CA ALA F 524 -51.86 24.78 54.72
C ALA F 524 -52.94 25.53 55.50
N PHE F 525 -52.62 26.71 56.02
CA PHE F 525 -53.58 27.48 56.80
C PHE F 525 -54.94 27.64 56.13
N TRP F 526 -54.92 28.04 54.86
CA TRP F 526 -56.16 28.22 54.13
C TRP F 526 -56.94 26.93 53.99
N THR F 527 -56.31 25.85 53.54
CA THR F 527 -57.06 24.61 53.41
C THR F 527 -57.81 24.36 54.72
N ASN F 528 -57.19 24.76 55.84
CA ASN F 528 -57.78 24.60 57.18
C ASN F 528 -59.02 25.46 57.41
N LEU F 529 -58.88 26.77 57.17
CA LEU F 529 -59.98 27.70 57.37
C LEU F 529 -61.20 27.33 56.54
N PHE F 530 -60.96 26.89 55.30
CA PHE F 530 -62.03 26.51 54.41
C PHE F 530 -62.54 25.09 54.69
N ALA F 531 -62.22 24.55 55.86
CA ALA F 531 -62.68 23.21 56.22
C ALA F 531 -64.02 23.34 56.92
N LYS F 532 -64.46 24.59 57.11
CA LYS F 532 -65.74 24.89 57.76
C LYS F 532 -65.66 24.52 59.25
N SER G 1 47.74 56.58 -53.48
CA SER G 1 47.58 57.80 -52.61
C SER G 1 47.43 57.43 -51.13
N SER G 2 47.21 58.45 -50.31
CA SER G 2 47.05 58.28 -48.85
C SER G 2 45.57 58.04 -48.49
N PRO G 3 45.27 56.94 -47.79
CA PRO G 3 43.90 56.60 -47.39
C PRO G 3 43.07 57.79 -46.90
N PRO G 4 41.82 57.91 -47.40
CA PRO G 4 40.88 58.97 -47.04
C PRO G 4 40.44 58.88 -45.59
N VAL G 5 40.54 59.97 -44.84
CA VAL G 5 40.09 59.93 -43.46
C VAL G 5 39.04 61.00 -43.25
N VAL G 6 37.86 60.59 -42.80
CA VAL G 6 36.74 61.50 -42.56
C VAL G 6 36.35 61.58 -41.08
N ASP G 7 36.07 62.78 -40.59
CA ASP G 7 35.70 62.94 -39.19
C ASP G 7 34.18 63.03 -39.03
N THR G 8 33.59 62.00 -38.41
CA THR G 8 32.15 61.95 -38.19
C THR G 8 31.83 62.35 -36.75
N VAL G 9 30.54 62.28 -36.41
CA VAL G 9 30.08 62.66 -35.06
C VAL G 9 30.58 61.71 -34.01
N HIS G 10 30.58 60.42 -34.35
CA HIS G 10 31.03 59.40 -33.43
C HIS G 10 32.53 59.09 -33.51
N GLY G 11 33.20 59.60 -34.55
CA GLY G 11 34.63 59.39 -34.72
C GLY G 11 35.18 59.42 -36.14
N LYS G 12 36.52 59.27 -36.26
CA LYS G 12 37.20 59.26 -37.55
C LYS G 12 37.08 57.91 -38.26
N VAL G 13 36.73 57.97 -39.54
CA VAL G 13 36.57 56.79 -40.37
C VAL G 13 37.61 56.76 -41.47
N LEU G 14 38.11 55.57 -41.79
CA LEU G 14 39.11 55.42 -42.83
C LEU G 14 38.54 54.61 -43.98
N GLY G 15 38.53 55.18 -45.18
CA GLY G 15 38.01 54.46 -46.33
C GLY G 15 39.08 53.99 -47.31
N LYS G 16 38.75 53.91 -48.58
CA LYS G 16 39.72 53.50 -49.57
C LYS G 16 39.41 54.13 -50.92
N PHE G 17 40.43 54.70 -51.55
CA PHE G 17 40.31 55.33 -52.86
C PHE G 17 40.28 54.30 -53.98
N VAL G 18 39.23 54.34 -54.76
CA VAL G 18 39.08 53.42 -55.87
C VAL G 18 38.90 54.27 -57.11
N SER G 19 39.57 53.88 -58.20
CA SER G 19 39.50 54.61 -59.47
C SER G 19 38.80 53.80 -60.55
N LEU G 20 37.77 54.37 -61.15
CA LEU G 20 37.02 53.69 -62.21
C LEU G 20 37.56 53.97 -63.60
N GLU G 21 37.74 52.91 -64.39
CA GLU G 21 38.25 53.06 -65.75
C GLU G 21 37.78 54.34 -66.44
N GLY G 22 38.71 55.29 -66.61
CA GLY G 22 38.39 56.53 -67.29
C GLY G 22 38.30 57.79 -66.46
N PHE G 23 37.65 57.69 -65.30
CA PHE G 23 37.48 58.85 -64.44
C PHE G 23 38.77 59.16 -63.71
N ALA G 24 39.22 60.39 -63.83
CA ALA G 24 40.45 60.81 -63.18
C ALA G 24 40.17 61.08 -61.72
N GLN G 25 38.92 61.33 -61.40
CA GLN G 25 38.55 61.60 -60.03
C GLN G 25 38.41 60.27 -59.28
N PRO G 26 39.14 60.13 -58.18
CA PRO G 26 39.06 58.88 -57.40
C PRO G 26 37.86 58.94 -56.48
N VAL G 27 37.16 57.82 -56.36
CA VAL G 27 35.99 57.72 -55.50
C VAL G 27 36.33 57.19 -54.11
N ALA G 28 35.89 57.90 -53.09
CA ALA G 28 36.12 57.51 -51.71
C ALA G 28 35.08 56.46 -51.33
N ILE G 29 35.53 55.29 -50.86
CA ILE G 29 34.66 54.19 -50.46
C ILE G 29 34.82 53.84 -48.97
N PHE G 30 33.68 53.79 -48.29
CA PHE G 30 33.66 53.45 -46.87
C PHE G 30 32.66 52.31 -46.71
N LEU G 31 33.07 51.24 -46.05
CA LEU G 31 32.20 50.07 -45.87
C LEU G 31 31.99 49.60 -44.41
N GLY G 32 30.77 49.74 -43.93
CA GLY G 32 30.49 49.29 -42.59
C GLY G 32 30.58 50.36 -41.53
N ILE G 33 30.13 51.58 -41.81
CA ILE G 33 30.16 52.59 -40.78
C ILE G 33 28.88 52.38 -39.99
N PRO G 34 29.00 51.98 -38.71
CA PRO G 34 27.84 51.74 -37.84
C PRO G 34 27.03 52.99 -37.57
N PHE G 35 25.74 52.94 -37.86
CA PHE G 35 24.96 54.11 -37.56
C PHE G 35 24.16 53.95 -36.26
N ALA G 36 24.22 52.77 -35.67
CA ALA G 36 23.51 52.51 -34.45
C ALA G 36 24.20 51.48 -33.67
N LYS G 37 23.88 51.55 -32.40
CA LYS G 37 24.53 50.43 -31.63
C LYS G 37 23.96 49.02 -32.32
N PRO G 38 24.66 47.88 -31.98
CA PRO G 38 24.26 46.49 -32.43
C PRO G 38 22.98 45.99 -31.59
N PRO G 39 21.93 45.58 -32.29
CA PRO G 39 20.68 45.09 -31.70
C PRO G 39 20.83 43.77 -30.98
N LEU G 40 21.88 43.67 -30.18
CA LEU G 40 22.13 42.44 -29.43
C LEU G 40 21.58 42.48 -27.99
N GLY G 41 21.31 41.26 -27.52
CA GLY G 41 20.81 41.03 -26.18
C GLY G 41 19.42 41.55 -25.97
N PRO G 42 19.23 42.46 -25.00
CA PRO G 42 17.94 43.05 -24.67
C PRO G 42 17.41 44.00 -25.71
N LEU G 43 18.31 44.55 -26.52
CA LEU G 43 17.90 45.49 -27.56
C LEU G 43 17.29 44.81 -28.76
N ARG G 44 17.07 43.52 -28.68
CA ARG G 44 16.48 42.81 -29.78
C ARG G 44 14.99 43.04 -29.72
N PHE G 45 14.41 43.61 -30.76
CA PHE G 45 12.97 43.86 -30.78
C PHE G 45 12.66 45.16 -30.13
N THR G 46 13.58 46.12 -30.29
CA THR G 46 13.43 47.44 -29.74
C THR G 46 13.98 48.45 -30.74
N PRO G 47 13.71 49.75 -30.54
CA PRO G 47 14.19 50.77 -31.46
C PRO G 47 15.70 50.87 -31.43
N PRO G 48 16.33 51.09 -32.60
CA PRO G 48 17.78 51.20 -32.61
C PRO G 48 18.21 52.37 -31.77
N GLN G 49 19.37 52.22 -31.13
CA GLN G 49 19.96 53.25 -30.30
C GLN G 49 21.23 53.82 -30.91
N PRO G 50 21.54 55.07 -30.57
CA PRO G 50 22.74 55.70 -31.10
C PRO G 50 24.01 54.92 -30.78
N ALA G 51 24.72 54.50 -31.83
CA ALA G 51 25.96 53.77 -31.67
C ALA G 51 26.92 54.54 -30.75
N GLU G 52 27.79 53.79 -30.08
CA GLU G 52 28.76 54.40 -29.17
C GLU G 52 29.96 54.91 -29.95
N PRO G 53 30.52 56.07 -29.55
CA PRO G 53 31.67 56.69 -30.22
C PRO G 53 32.98 55.94 -30.02
N TRP G 54 33.67 55.66 -31.11
CA TRP G 54 34.93 54.96 -31.04
C TRP G 54 36.01 55.95 -30.79
N SER G 55 37.12 55.47 -30.25
CA SER G 55 38.21 56.36 -29.94
C SER G 55 39.09 56.82 -31.11
N PHE G 56 39.91 55.95 -31.67
CA PHE G 56 40.78 56.42 -32.76
C PHE G 56 40.16 56.53 -34.15
N VAL G 57 40.73 55.81 -35.11
CA VAL G 57 40.20 55.82 -36.47
C VAL G 57 39.69 54.41 -36.67
N LYS G 58 38.57 54.26 -37.37
CA LYS G 58 38.01 52.94 -37.60
C LYS G 58 38.19 52.50 -39.06
N ASN G 59 39.03 51.52 -39.31
CA ASN G 59 39.23 51.11 -40.69
C ASN G 59 38.00 50.57 -41.40
N ALA G 60 37.12 51.41 -41.91
CA ALA G 60 35.97 50.88 -42.63
C ALA G 60 36.46 50.28 -43.92
N THR G 61 36.81 49.00 -43.89
CA THR G 61 37.35 48.33 -45.09
C THR G 61 36.61 47.06 -45.48
N SER G 62 36.37 46.18 -44.52
CA SER G 62 35.68 44.92 -44.78
C SER G 62 34.16 45.10 -44.90
N TYR G 63 33.54 44.33 -45.80
CA TYR G 63 32.09 44.45 -46.02
C TYR G 63 31.34 43.98 -44.81
N PRO G 64 30.43 44.82 -44.30
CA PRO G 64 29.63 44.52 -43.13
C PRO G 64 28.82 43.26 -43.32
N PRO G 65 28.42 42.64 -42.20
CA PRO G 65 27.64 41.42 -42.25
C PRO G 65 26.24 41.76 -42.67
N MET G 66 25.51 40.78 -43.16
CA MET G 66 24.13 41.06 -43.52
C MET G 66 23.26 40.49 -42.38
N CYS G 67 22.20 41.22 -41.98
CA CYS G 67 21.32 40.74 -40.93
C CYS G 67 20.97 39.30 -41.15
N THR G 68 20.77 38.57 -40.07
CA THR G 68 20.44 37.18 -40.18
C THR G 68 19.27 37.02 -41.13
N GLN G 69 19.34 35.97 -41.93
CA GLN G 69 18.33 35.63 -42.90
C GLN G 69 18.70 34.27 -43.44
N ASP G 70 17.79 33.61 -44.14
CA ASP G 70 18.08 32.29 -44.71
C ASP G 70 19.35 32.44 -45.54
N PRO G 71 20.48 31.85 -45.09
CA PRO G 71 21.71 31.99 -45.87
C PRO G 71 21.67 31.51 -47.35
N LYS G 72 20.93 30.45 -47.65
CA LYS G 72 20.84 29.93 -49.02
C LYS G 72 20.23 30.96 -49.94
N ALA G 73 18.99 31.30 -49.64
CA ALA G 73 18.18 32.26 -50.39
C ALA G 73 18.76 33.66 -50.30
N GLY G 74 19.49 33.91 -49.22
CA GLY G 74 20.07 35.22 -49.02
C GLY G 74 21.26 35.39 -49.93
N GLN G 75 22.05 34.36 -50.06
CA GLN G 75 23.19 34.49 -50.92
C GLN G 75 22.60 34.51 -52.34
N LEU G 76 21.61 33.67 -52.57
CA LEU G 76 21.00 33.59 -53.89
C LEU G 76 20.49 34.92 -54.43
N LEU G 77 19.96 35.77 -53.55
CA LEU G 77 19.45 37.09 -53.95
C LEU G 77 20.58 38.05 -54.22
N SER G 78 21.59 38.03 -53.36
CA SER G 78 22.76 38.87 -53.51
C SER G 78 23.43 38.56 -54.84
N GLU G 79 23.26 37.34 -55.34
CA GLU G 79 23.88 36.98 -56.61
C GLU G 79 23.10 37.42 -57.82
N LEU G 80 21.78 37.37 -57.75
CA LEU G 80 20.98 37.80 -58.88
C LEU G 80 20.86 39.32 -59.02
N PHE G 81 21.24 40.09 -58.00
CA PHE G 81 21.14 41.54 -58.10
C PHE G 81 22.47 42.24 -58.16
N THR G 82 23.50 41.59 -57.66
CA THR G 82 24.82 42.19 -57.64
C THR G 82 25.17 42.83 -58.97
N ASN G 83 25.58 44.09 -58.93
CA ASN G 83 25.93 44.78 -60.15
C ASN G 83 27.45 44.82 -60.34
N ARG G 84 28.19 44.31 -59.36
CA ARG G 84 29.64 44.31 -59.43
C ARG G 84 30.15 43.08 -60.14
N LYS G 85 31.46 43.02 -60.33
CA LYS G 85 32.11 41.92 -61.02
C LYS G 85 31.85 40.56 -60.37
N GLU G 86 32.77 40.14 -59.50
CA GLU G 86 32.69 38.89 -58.79
C GLU G 86 31.76 39.01 -57.60
N ASN G 87 30.94 37.99 -57.37
CA ASN G 87 30.01 37.99 -56.26
C ASN G 87 30.77 38.24 -54.96
N ILE G 88 30.07 38.74 -53.94
CA ILE G 88 30.71 39.01 -52.66
C ILE G 88 30.07 38.19 -51.56
N PRO G 89 30.72 37.09 -51.15
CA PRO G 89 30.23 36.20 -50.09
C PRO G 89 30.28 36.94 -48.79
N LEU G 90 29.26 36.75 -47.97
CA LEU G 90 29.18 37.45 -46.71
C LEU G 90 28.78 36.58 -45.51
N LYS G 91 28.86 37.21 -44.35
CA LYS G 91 28.51 36.57 -43.11
C LYS G 91 27.19 37.15 -42.60
N LEU G 92 26.58 36.45 -41.66
CA LEU G 92 25.32 36.90 -41.08
C LEU G 92 25.64 37.31 -39.66
N SER G 93 24.77 38.11 -39.05
CA SER G 93 24.96 38.50 -37.68
C SER G 93 23.89 39.48 -37.26
N GLU G 94 23.38 39.32 -36.05
CA GLU G 94 22.35 40.23 -35.54
C GLU G 94 22.89 41.64 -35.66
N ASP G 95 24.21 41.74 -35.57
CA ASP G 95 24.90 42.99 -35.69
C ASP G 95 25.10 43.31 -37.17
N CYS G 96 24.21 44.13 -37.73
CA CYS G 96 24.23 44.46 -39.15
C CYS G 96 23.76 45.88 -39.43
N LEU G 97 23.69 46.72 -38.42
CA LEU G 97 23.23 48.07 -38.69
C LEU G 97 24.39 48.91 -39.17
N TYR G 98 24.82 48.64 -40.39
CA TYR G 98 25.92 49.35 -41.03
C TYR G 98 25.51 49.90 -42.42
N LEU G 99 26.13 50.99 -42.83
CA LEU G 99 25.86 51.52 -44.17
C LEU G 99 27.19 51.73 -44.86
N ASN G 100 27.17 51.62 -46.19
CA ASN G 100 28.35 51.81 -47.01
C ASN G 100 28.18 53.14 -47.71
N ILE G 101 29.26 53.89 -47.85
CA ILE G 101 29.20 55.20 -48.51
C ILE G 101 30.07 55.26 -49.77
N TYR G 102 29.56 55.91 -50.80
CA TYR G 102 30.30 56.08 -52.03
C TYR G 102 30.28 57.58 -52.36
N THR G 103 31.42 58.26 -52.24
CA THR G 103 31.44 59.67 -52.52
C THR G 103 32.52 60.02 -53.50
N PRO G 104 32.15 60.70 -54.60
CA PRO G 104 33.12 61.10 -55.62
C PRO G 104 33.65 62.50 -55.36
N ALA G 105 33.27 63.05 -54.22
CA ALA G 105 33.70 64.37 -53.83
C ALA G 105 35.21 64.43 -53.61
N ASP G 106 35.75 65.62 -53.66
CA ASP G 106 37.17 65.82 -53.43
C ASP G 106 37.22 66.25 -51.97
N LEU G 107 37.11 65.28 -51.09
CA LEU G 107 37.08 65.49 -49.65
C LEU G 107 37.95 66.62 -49.06
N THR G 108 39.02 66.99 -49.76
CA THR G 108 39.91 68.05 -49.29
C THR G 108 39.21 69.41 -49.20
N LYS G 109 38.18 69.59 -50.02
CA LYS G 109 37.44 70.83 -50.04
C LYS G 109 35.96 70.63 -49.72
N LYS G 110 35.29 71.71 -49.33
CA LYS G 110 33.86 71.68 -49.00
C LYS G 110 33.03 71.32 -50.23
N ASN G 111 32.23 70.27 -50.11
CA ASN G 111 31.40 69.80 -51.23
C ASN G 111 29.98 69.52 -50.76
N ARG G 112 29.00 70.04 -51.48
CA ARG G 112 27.60 69.78 -51.14
C ARG G 112 26.91 68.97 -52.22
N LEU G 113 27.53 67.86 -52.60
CA LEU G 113 27.00 66.97 -53.63
C LEU G 113 25.68 66.34 -53.20
N PRO G 114 24.77 66.11 -54.15
CA PRO G 114 23.52 65.50 -53.73
C PRO G 114 23.79 64.07 -53.19
N VAL G 115 22.92 63.60 -52.31
CA VAL G 115 23.05 62.28 -51.69
C VAL G 115 21.89 61.37 -52.05
N MET G 116 22.18 60.12 -52.38
CA MET G 116 21.13 59.16 -52.69
C MET G 116 21.22 58.01 -51.70
N VAL G 117 20.22 57.87 -50.83
CA VAL G 117 20.22 56.80 -49.85
C VAL G 117 19.48 55.60 -50.44
N TRP G 118 20.18 54.48 -50.62
CA TRP G 118 19.60 53.26 -51.20
C TRP G 118 19.17 52.20 -50.19
N ILE G 119 17.89 51.81 -50.27
CA ILE G 119 17.32 50.79 -49.38
C ILE G 119 17.13 49.47 -50.13
N HIS G 120 17.95 48.46 -49.84
CA HIS G 120 17.81 47.18 -50.54
C HIS G 120 16.44 46.54 -50.33
N GLY G 121 16.31 45.32 -50.79
CA GLY G 121 15.05 44.63 -50.67
C GLY G 121 15.19 43.12 -50.71
N GLY G 122 14.03 42.46 -50.73
CA GLY G 122 13.97 41.03 -50.74
C GLY G 122 12.83 40.57 -49.83
N GLY G 123 11.76 41.35 -49.74
CA GLY G 123 10.61 40.97 -48.92
C GLY G 123 10.77 41.19 -47.44
N LEU G 124 11.78 41.93 -47.04
CA LEU G 124 12.02 42.19 -45.64
C LEU G 124 12.46 40.95 -44.92
N MET G 125 13.00 39.98 -45.65
CA MET G 125 13.46 38.72 -45.03
C MET G 125 14.95 38.40 -45.25
N VAL G 126 15.47 38.84 -46.41
CA VAL G 126 16.87 38.61 -46.83
C VAL G 126 17.38 39.90 -47.46
N GLY G 127 18.62 39.87 -47.95
CA GLY G 127 19.17 41.05 -48.62
C GLY G 127 20.23 41.79 -47.85
N ALA G 128 21.22 42.30 -48.55
CA ALA G 128 22.32 43.04 -47.94
C ALA G 128 22.61 44.31 -48.68
N ALA G 129 23.02 45.35 -47.96
CA ALA G 129 23.34 46.60 -48.64
C ALA G 129 24.64 46.47 -49.44
N SER G 130 25.51 45.56 -49.03
CA SER G 130 26.78 45.39 -49.73
C SER G 130 26.65 44.74 -51.09
N THR G 131 25.45 44.28 -51.42
CA THR G 131 25.20 43.65 -52.70
C THR G 131 25.30 44.71 -53.80
N TYR G 132 24.82 45.91 -53.50
CA TYR G 132 24.84 47.02 -54.45
C TYR G 132 26.09 47.90 -54.34
N ASP G 133 26.83 47.98 -55.45
CA ASP G 133 28.07 48.78 -55.57
C ASP G 133 27.69 50.14 -56.08
N GLY G 134 28.16 51.19 -55.41
CA GLY G 134 27.82 52.52 -55.83
C GLY G 134 28.88 53.23 -56.66
N LEU G 135 29.99 52.55 -56.93
CA LEU G 135 31.07 53.14 -57.72
C LEU G 135 30.59 53.84 -58.99
N ALA G 136 29.96 53.10 -59.89
CA ALA G 136 29.46 53.70 -61.12
C ALA G 136 28.68 54.98 -60.82
N LEU G 137 27.44 54.81 -60.33
CA LEU G 137 26.56 55.93 -60.02
C LEU G 137 27.20 57.09 -59.25
N ALA G 138 28.20 56.80 -58.42
CA ALA G 138 28.83 57.89 -57.69
C ALA G 138 29.77 58.66 -58.61
N ALA G 139 30.38 57.93 -59.54
CA ALA G 139 31.35 58.49 -60.49
C ALA G 139 30.69 59.15 -61.66
N HIS G 140 29.72 58.48 -62.24
CA HIS G 140 29.01 58.98 -63.41
C HIS G 140 28.15 60.24 -63.20
N GLU G 141 27.34 60.29 -62.16
CA GLU G 141 26.50 61.45 -61.96
C GLU G 141 26.89 62.36 -60.82
N ASN G 142 28.10 62.17 -60.30
CA ASN G 142 28.63 62.96 -59.18
C ASN G 142 27.60 63.13 -58.07
N VAL G 143 27.34 62.02 -57.38
CA VAL G 143 26.39 61.94 -56.29
C VAL G 143 26.97 61.05 -55.20
N VAL G 144 26.61 61.33 -53.96
CA VAL G 144 27.08 60.51 -52.85
C VAL G 144 26.10 59.34 -52.74
N VAL G 145 26.54 58.14 -53.08
CA VAL G 145 25.65 56.99 -52.98
C VAL G 145 25.85 56.36 -51.62
N VAL G 146 24.75 56.00 -50.96
CA VAL G 146 24.79 55.43 -49.62
C VAL G 146 23.92 54.18 -49.47
N THR G 147 24.53 53.02 -49.25
CA THR G 147 23.75 51.81 -49.09
C THR G 147 23.58 51.51 -47.60
N ILE G 148 22.34 51.45 -47.14
CA ILE G 148 22.03 51.19 -45.74
C ILE G 148 21.45 49.79 -45.60
N GLN G 149 21.41 49.31 -44.37
CA GLN G 149 20.90 47.98 -44.03
C GLN G 149 19.89 48.16 -42.92
N TYR G 150 19.02 47.18 -42.75
CA TYR G 150 18.01 47.25 -41.72
C TYR G 150 17.63 45.82 -41.33
N ARG G 151 17.22 45.65 -40.08
CA ARG G 151 16.85 44.34 -39.59
C ARG G 151 15.73 43.74 -40.39
N LEU G 152 15.75 42.41 -40.50
CA LEU G 152 14.74 41.67 -41.26
C LEU G 152 14.12 40.52 -40.47
N GLY G 153 13.21 39.80 -41.12
CA GLY G 153 12.53 38.68 -40.54
C GLY G 153 12.09 38.96 -39.12
N ILE G 154 12.10 37.92 -38.31
CA ILE G 154 11.69 38.07 -36.92
C ILE G 154 12.33 39.29 -36.27
N TRP G 155 13.65 39.38 -36.41
CA TRP G 155 14.47 40.46 -35.84
C TRP G 155 14.04 41.89 -36.12
N GLY G 156 13.58 42.15 -37.35
CA GLY G 156 13.17 43.48 -37.75
C GLY G 156 11.69 43.77 -37.84
N PHE G 157 10.87 42.72 -37.88
CA PHE G 157 9.43 42.88 -38.01
C PHE G 157 8.51 42.04 -37.10
N PHE G 158 9.03 41.54 -35.98
CA PHE G 158 8.19 40.76 -35.10
C PHE G 158 7.36 41.67 -34.22
N SER G 159 6.03 41.56 -34.31
CA SER G 159 5.18 42.39 -33.49
C SER G 159 4.11 41.60 -32.79
N THR G 160 3.70 42.08 -31.62
CA THR G 160 2.65 41.44 -30.82
C THR G 160 1.33 42.17 -30.87
N GLY G 161 1.39 43.35 -31.42
CA GLY G 161 0.22 44.10 -31.53
C GLY G 161 0.51 44.92 -30.28
N ASP G 162 1.36 44.85 -29.26
CA ASP G 162 1.07 45.91 -28.16
C ASP G 162 2.39 46.52 -27.73
N GLU G 163 2.30 47.46 -26.81
CA GLU G 163 3.49 48.15 -26.35
C GLU G 163 4.70 47.26 -26.04
N HIS G 164 4.50 45.96 -25.91
CA HIS G 164 5.59 45.06 -25.63
C HIS G 164 6.47 44.75 -26.87
N SER G 165 5.91 44.89 -28.05
CA SER G 165 6.65 44.67 -29.30
C SER G 165 5.83 45.24 -30.50
N ARG G 166 5.65 46.58 -30.55
CA ARG G 166 4.90 47.29 -31.63
C ARG G 166 5.43 46.82 -32.97
N GLY G 167 6.74 46.71 -33.14
CA GLY G 167 7.22 46.25 -34.44
C GLY G 167 7.81 47.36 -35.29
N ASN G 168 7.91 47.07 -36.60
CA ASN G 168 8.48 47.98 -37.58
C ASN G 168 9.93 48.31 -37.20
N TRP G 169 10.58 47.34 -36.57
CA TRP G 169 11.95 47.51 -36.14
C TRP G 169 12.84 47.91 -37.31
N GLY G 170 12.82 47.08 -38.34
CA GLY G 170 13.62 47.34 -39.54
C GLY G 170 13.36 48.71 -40.16
N HIS G 171 12.11 49.14 -40.12
CA HIS G 171 11.73 50.42 -40.65
C HIS G 171 12.30 51.49 -39.74
N LEU G 172 12.18 51.31 -38.43
CA LEU G 172 12.73 52.34 -37.58
C LEU G 172 14.25 52.39 -37.73
N ASP G 173 14.82 51.38 -38.39
CA ASP G 173 16.28 51.29 -38.65
C ASP G 173 16.68 52.14 -39.86
N GLN G 174 15.87 52.08 -40.90
CA GLN G 174 16.12 52.86 -42.10
C GLN G 174 15.95 54.33 -41.66
N VAL G 175 15.05 54.58 -40.72
CA VAL G 175 14.87 55.95 -40.27
C VAL G 175 16.12 56.44 -39.52
N ALA G 176 16.72 55.58 -38.71
CA ALA G 176 17.92 55.93 -37.97
C ALA G 176 19.07 56.20 -38.92
N ALA G 177 19.18 55.34 -39.93
CA ALA G 177 20.21 55.43 -40.97
C ALA G 177 20.17 56.82 -41.62
N LEU G 178 18.96 57.31 -41.88
CA LEU G 178 18.75 58.63 -42.47
C LEU G 178 19.24 59.73 -41.53
N ARG G 179 18.80 59.68 -40.29
CA ARG G 179 19.23 60.67 -39.32
C ARG G 179 20.76 60.73 -39.35
N TRP G 180 21.39 59.60 -39.52
CA TRP G 180 22.83 59.58 -39.56
C TRP G 180 23.28 60.39 -40.76
N VAL G 181 22.68 60.08 -41.91
CA VAL G 181 22.96 60.77 -43.16
C VAL G 181 22.82 62.27 -42.97
N GLN G 182 21.73 62.68 -42.34
CA GLN G 182 21.44 64.09 -42.07
C GLN G 182 22.39 64.74 -41.05
N ASP G 183 23.19 63.95 -40.35
CA ASP G 183 24.07 64.49 -39.33
C ASP G 183 25.54 64.22 -39.58
N ASN G 184 25.83 63.48 -40.65
CA ASN G 184 27.20 63.11 -40.98
C ASN G 184 27.61 63.30 -42.43
N ILE G 185 26.78 62.84 -43.38
CA ILE G 185 27.08 62.92 -44.84
C ILE G 185 27.79 64.19 -45.27
N ALA G 186 27.59 65.26 -44.50
CA ALA G 186 28.24 66.54 -44.78
C ALA G 186 29.76 66.34 -44.90
N SER G 187 30.34 65.58 -44.01
CA SER G 187 31.78 65.38 -44.10
C SER G 187 32.20 64.38 -45.16
N PHE G 188 31.34 64.09 -46.13
CA PHE G 188 31.70 63.16 -47.19
C PHE G 188 31.37 63.80 -48.52
N GLY G 189 31.38 65.11 -48.56
CA GLY G 189 31.09 65.81 -49.79
C GLY G 189 29.61 65.96 -50.10
N GLY G 190 28.78 65.37 -49.25
CA GLY G 190 27.34 65.44 -49.46
C GLY G 190 26.61 66.56 -48.75
N ASN G 191 25.53 67.03 -49.38
CA ASN G 191 24.70 68.10 -48.83
C ASN G 191 23.48 67.50 -48.14
N PRO G 192 23.47 67.57 -46.81
CA PRO G 192 22.35 67.02 -46.05
C PRO G 192 21.01 67.69 -46.37
N GLY G 193 21.08 68.77 -47.14
CA GLY G 193 19.89 69.49 -47.48
C GLY G 193 19.15 68.97 -48.70
N SER G 194 19.78 68.03 -49.40
CA SER G 194 19.18 67.43 -50.59
C SER G 194 19.49 65.94 -50.64
N VAL G 195 18.74 65.16 -49.86
CA VAL G 195 18.91 63.72 -49.80
C VAL G 195 17.79 63.05 -50.57
N THR G 196 18.10 61.95 -51.24
CA THR G 196 17.09 61.26 -52.03
C THR G 196 17.05 59.77 -51.70
N ILE G 197 15.90 59.28 -51.22
CA ILE G 197 15.79 57.87 -50.89
C ILE G 197 15.22 57.07 -52.04
N PHE G 198 15.75 55.88 -52.27
CA PHE G 198 15.24 55.03 -53.33
C PHE G 198 15.54 53.57 -53.04
N GLY G 199 14.56 52.70 -53.29
CA GLY G 199 14.77 51.29 -53.03
C GLY G 199 13.96 50.45 -54.01
N GLU G 200 14.40 49.22 -54.25
CA GLU G 200 13.71 48.34 -55.17
C GLU G 200 12.86 47.41 -54.32
N SER G 201 11.97 46.63 -54.93
CA SER G 201 11.11 45.69 -54.21
C SER G 201 10.57 46.24 -52.86
N ALA G 202 10.67 45.44 -51.79
CA ALA G 202 10.23 45.85 -50.46
C ALA G 202 10.96 47.13 -50.13
N GLY G 203 12.17 47.24 -50.65
CA GLY G 203 12.98 48.42 -50.42
C GLY G 203 12.24 49.64 -50.87
N GLY G 204 11.55 49.53 -52.00
CA GLY G 204 10.77 50.66 -52.49
C GLY G 204 9.63 50.94 -51.50
N GLU G 205 8.81 49.93 -51.27
CA GLU G 205 7.70 50.05 -50.35
C GLU G 205 8.16 50.78 -49.10
N SER G 206 9.38 50.51 -48.68
CA SER G 206 9.90 51.18 -47.50
C SER G 206 9.93 52.71 -47.76
N VAL G 207 10.50 53.12 -48.89
CA VAL G 207 10.53 54.54 -49.19
C VAL G 207 9.10 55.09 -49.09
N SER G 208 8.17 54.35 -49.67
CA SER G 208 6.79 54.78 -49.65
C SER G 208 6.37 54.99 -48.21
N VAL G 209 6.66 54.02 -47.36
CA VAL G 209 6.31 54.11 -45.95
C VAL G 209 6.94 55.34 -45.29
N LEU G 210 8.17 55.66 -45.64
CA LEU G 210 8.79 56.82 -45.04
C LEU G 210 8.02 58.05 -45.45
N VAL G 211 7.86 58.23 -46.76
CA VAL G 211 7.11 59.37 -47.29
C VAL G 211 5.77 59.57 -46.58
N LEU G 212 5.20 58.47 -46.09
CA LEU G 212 3.89 58.49 -45.42
C LEU G 212 4.05 58.67 -43.93
N SER G 213 5.18 58.24 -43.38
CA SER G 213 5.45 58.36 -41.93
C SER G 213 5.89 59.74 -41.51
N PRO G 214 5.26 60.26 -40.44
CA PRO G 214 5.60 61.59 -39.94
C PRO G 214 7.04 61.69 -39.43
N LEU G 215 7.53 60.63 -38.80
CA LEU G 215 8.89 60.63 -38.28
C LEU G 215 9.86 60.86 -39.42
N ALA G 216 9.45 60.47 -40.62
CA ALA G 216 10.32 60.61 -41.78
C ALA G 216 10.48 62.05 -42.25
N LYS G 217 9.53 62.92 -41.90
CA LYS G 217 9.63 64.32 -42.32
C LYS G 217 11.02 64.88 -42.14
N ASN G 218 11.42 65.80 -43.01
CA ASN G 218 12.74 66.46 -42.93
C ASN G 218 13.96 65.53 -43.02
N LEU G 219 13.73 64.26 -43.28
CA LEU G 219 14.84 63.33 -43.37
C LEU G 219 15.34 63.17 -44.79
N PHE G 220 14.43 63.38 -45.73
CA PHE G 220 14.73 63.31 -47.16
C PHE G 220 13.98 64.39 -47.94
N HIS G 221 14.42 64.62 -49.17
CA HIS G 221 13.79 65.66 -50.00
C HIS G 221 13.27 65.23 -51.36
N ARG G 222 13.49 63.95 -51.66
CA ARG G 222 13.05 63.35 -52.91
C ARG G 222 12.94 61.86 -52.64
N ALA G 223 12.03 61.20 -53.35
CA ALA G 223 11.84 59.77 -53.17
C ALA G 223 11.57 59.00 -54.48
N ILE G 224 12.13 57.80 -54.51
CA ILE G 224 12.00 56.88 -55.64
C ILE G 224 11.63 55.51 -55.11
N SER G 225 10.51 55.00 -55.60
CA SER G 225 10.03 53.68 -55.25
C SER G 225 10.07 52.88 -56.54
N GLU G 226 10.97 51.91 -56.58
CA GLU G 226 11.14 51.07 -57.73
C GLU G 226 10.55 49.70 -57.53
N SER G 227 9.46 49.41 -58.20
CA SER G 227 8.79 48.12 -58.08
C SER G 227 8.37 47.86 -56.64
N GLY G 228 7.33 48.53 -56.18
CA GLY G 228 6.87 48.32 -54.81
C GLY G 228 6.64 49.56 -53.97
N VAL G 229 5.39 49.72 -53.51
CA VAL G 229 5.00 50.84 -52.66
C VAL G 229 4.26 50.34 -51.43
N ALA G 230 3.98 51.28 -50.52
CA ALA G 230 3.29 51.03 -49.26
C ALA G 230 1.89 50.46 -49.43
N LEU G 231 1.47 50.28 -50.66
CA LEU G 231 0.16 49.70 -50.92
C LEU G 231 0.29 48.28 -51.52
N THR G 232 1.49 47.70 -51.41
CA THR G 232 1.80 46.34 -51.87
C THR G 232 1.47 45.36 -50.71
N SER G 233 0.17 45.17 -50.47
CA SER G 233 -0.37 44.30 -49.43
C SER G 233 0.56 43.30 -48.72
N VAL G 234 1.03 42.30 -49.46
CA VAL G 234 1.93 41.28 -48.92
C VAL G 234 2.91 41.80 -47.88
N LEU G 235 3.43 43.01 -48.08
CA LEU G 235 4.39 43.58 -47.14
C LEU G 235 3.84 44.27 -45.89
N VAL G 236 2.58 44.72 -45.94
CA VAL G 236 1.98 45.40 -44.79
C VAL G 236 0.90 44.50 -44.20
N LYS G 237 0.97 44.24 -42.90
CA LYS G 237 0.03 43.37 -42.24
C LYS G 237 -1.13 44.15 -41.63
N LYS G 238 -2.35 43.78 -41.98
CA LYS G 238 -3.51 44.48 -41.46
C LYS G 238 -4.31 43.51 -40.60
N GLY G 239 -5.04 44.05 -39.63
CA GLY G 239 -5.85 43.19 -38.78
C GLY G 239 -5.17 42.97 -37.44
N ASP G 240 -5.34 41.77 -36.89
CA ASP G 240 -4.72 41.45 -35.62
C ASP G 240 -3.54 40.56 -35.89
N VAL G 241 -2.37 41.05 -35.47
CA VAL G 241 -1.10 40.38 -35.63
C VAL G 241 -0.83 39.31 -34.60
N LYS G 242 -1.28 39.56 -33.38
CA LYS G 242 -1.11 38.63 -32.28
C LYS G 242 -1.12 37.16 -32.72
N PRO G 243 -2.07 36.74 -33.57
CA PRO G 243 -2.11 35.34 -34.02
C PRO G 243 -0.84 34.86 -34.68
N LEU G 244 -0.21 35.72 -35.48
CA LEU G 244 1.04 35.37 -36.16
C LEU G 244 2.17 35.36 -35.14
N ALA G 245 2.12 36.29 -34.20
CA ALA G 245 3.13 36.36 -33.16
C ALA G 245 3.13 35.08 -32.29
N GLU G 246 1.93 34.64 -31.91
CA GLU G 246 1.80 33.42 -31.12
C GLU G 246 2.28 32.22 -31.92
N GLN G 247 2.19 32.29 -33.25
CA GLN G 247 2.64 31.18 -34.07
C GLN G 247 4.15 31.16 -34.07
N ILE G 248 4.79 32.32 -34.11
CA ILE G 248 6.24 32.32 -34.08
C ILE G 248 6.75 31.76 -32.74
N ALA G 249 6.21 32.28 -31.65
CA ALA G 249 6.57 31.87 -30.30
C ALA G 249 6.49 30.35 -30.17
N ILE G 250 5.38 29.76 -30.61
CA ILE G 250 5.21 28.31 -30.56
C ILE G 250 6.31 27.62 -31.37
N THR G 251 6.54 28.10 -32.59
CA THR G 251 7.56 27.53 -33.45
C THR G 251 8.92 27.57 -32.77
N ALA G 252 9.19 28.66 -32.04
CA ALA G 252 10.46 28.76 -31.36
C ALA G 252 10.39 28.04 -30.03
N GLY G 253 9.25 27.44 -29.74
CA GLY G 253 9.12 26.72 -28.50
C GLY G 253 9.01 27.67 -27.33
N CYS G 254 8.08 28.59 -27.44
CA CYS G 254 7.88 29.54 -26.38
C CYS G 254 6.48 29.53 -25.81
N LYS G 255 6.38 30.00 -24.57
CA LYS G 255 5.12 30.08 -23.88
C LYS G 255 4.38 31.27 -24.52
N THR G 256 3.07 31.19 -24.58
CA THR G 256 2.29 32.27 -25.17
C THR G 256 1.26 32.77 -24.15
N THR G 257 1.57 32.68 -22.87
CA THR G 257 0.62 33.12 -21.84
C THR G 257 0.27 34.59 -22.02
N THR G 258 1.27 35.43 -22.25
CA THR G 258 1.04 36.85 -22.50
C THR G 258 2.04 37.39 -23.52
N SER G 259 1.81 38.60 -24.00
CA SER G 259 2.71 39.21 -24.98
C SER G 259 4.07 39.43 -24.35
N ALA G 260 4.12 40.10 -23.20
CA ALA G 260 5.40 40.35 -22.54
C ALA G 260 6.16 39.05 -22.37
N VAL G 261 5.42 37.95 -22.34
CA VAL G 261 5.99 36.62 -22.20
C VAL G 261 6.59 36.10 -23.50
N MET G 262 5.91 36.31 -24.62
CA MET G 262 6.43 35.84 -25.88
C MET G 262 7.73 36.55 -26.22
N VAL G 263 7.75 37.87 -26.06
CA VAL G 263 8.95 38.68 -26.34
C VAL G 263 10.18 38.30 -25.50
N HIS G 264 9.98 38.25 -24.18
CA HIS G 264 11.04 37.89 -23.26
C HIS G 264 11.56 36.55 -23.73
N CYS G 265 10.67 35.57 -23.77
CA CYS G 265 11.03 34.24 -24.21
C CYS G 265 11.79 34.26 -25.54
N LEU G 266 11.34 35.05 -26.49
CA LEU G 266 12.02 35.11 -27.78
C LEU G 266 13.36 35.86 -27.71
N ARG G 267 13.53 36.69 -26.69
CA ARG G 267 14.74 37.47 -26.49
C ARG G 267 15.90 36.63 -25.94
N GLN G 268 15.53 35.51 -25.33
CA GLN G 268 16.47 34.59 -24.72
C GLN G 268 17.13 33.75 -25.79
N LYS G 269 16.33 33.26 -26.74
CA LYS G 269 16.79 32.44 -27.85
C LYS G 269 18.09 32.97 -28.51
N THR G 270 18.96 32.06 -28.98
CA THR G 270 20.19 32.49 -29.62
C THR G 270 19.85 32.92 -31.02
N GLU G 271 20.78 33.65 -31.64
CA GLU G 271 20.57 34.11 -33.00
C GLU G 271 20.31 32.88 -33.89
N GLU G 272 21.05 31.79 -33.66
CA GLU G 272 20.86 30.61 -34.50
C GLU G 272 19.55 29.86 -34.24
N GLU G 273 19.03 29.97 -33.02
CA GLU G 273 17.77 29.31 -32.65
C GLU G 273 16.61 29.94 -33.44
N LEU G 274 16.62 31.28 -33.55
CA LEU G 274 15.58 32.00 -34.30
C LEU G 274 15.78 31.79 -35.78
N LEU G 275 17.02 31.62 -36.19
CA LEU G 275 17.27 31.42 -37.60
C LEU G 275 16.68 30.08 -37.99
N GLU G 276 16.69 29.13 -37.04
CA GLU G 276 16.10 27.82 -37.32
C GLU G 276 14.60 28.01 -37.34
N THR G 277 14.10 28.70 -36.33
CA THR G 277 12.68 28.98 -36.25
C THR G 277 12.23 29.57 -37.56
N THR G 278 13.07 30.43 -38.13
CA THR G 278 12.75 31.09 -39.38
C THR G 278 12.69 30.08 -40.50
N LEU G 279 13.54 29.08 -40.46
CA LEU G 279 13.56 28.07 -41.49
C LEU G 279 12.41 27.10 -41.43
N LYS G 280 11.73 27.05 -40.28
CA LYS G 280 10.59 26.17 -40.10
C LYS G 280 9.33 26.85 -40.61
N MET G 281 9.16 28.13 -40.29
CA MET G 281 7.98 28.86 -40.76
C MET G 281 7.87 28.77 -42.29
N LYS G 282 9.02 28.65 -42.96
CA LYS G 282 9.06 28.58 -44.43
C LYS G 282 8.50 29.84 -45.09
N PHE G 283 9.06 31.00 -44.74
CA PHE G 283 8.61 32.32 -45.22
C PHE G 283 8.50 32.82 -46.66
N LEU G 284 9.35 32.44 -47.59
CA LEU G 284 9.20 32.96 -48.95
C LEU G 284 8.67 31.82 -49.80
N SER G 285 8.63 30.65 -49.17
CA SER G 285 8.20 29.40 -49.76
C SER G 285 6.68 29.35 -49.87
N LEU G 286 6.20 29.53 -51.09
CA LEU G 286 4.77 29.51 -51.40
C LEU G 286 4.08 28.26 -50.83
N ASP G 287 3.41 28.43 -49.70
CA ASP G 287 2.71 27.32 -49.06
C ASP G 287 1.70 26.76 -50.03
N LEU G 288 2.12 25.75 -50.79
CA LEU G 288 1.25 25.12 -51.76
C LEU G 288 0.02 24.52 -51.09
N GLN G 289 0.18 23.35 -50.45
CA GLN G 289 -0.94 22.67 -49.79
C GLN G 289 -1.18 23.09 -48.34
N GLY G 290 -2.37 23.60 -48.07
CA GLY G 290 -2.74 24.05 -46.73
C GLY G 290 -4.00 24.90 -46.80
N ASP G 291 -3.96 26.07 -46.18
CA ASP G 291 -5.12 26.95 -46.19
C ASP G 291 -4.63 28.38 -46.50
N PRO G 292 -5.18 29.01 -47.56
CA PRO G 292 -4.81 30.37 -47.98
C PRO G 292 -4.89 31.43 -46.87
N ARG G 293 -6.10 31.84 -46.52
CA ARG G 293 -6.29 32.85 -45.47
C ARG G 293 -5.37 32.63 -44.28
N GLU G 294 -5.15 31.35 -43.94
CA GLU G 294 -4.31 30.97 -42.83
C GLU G 294 -2.91 30.60 -43.31
N SER G 295 -2.13 31.63 -43.65
CA SER G 295 -0.77 31.41 -44.13
C SER G 295 -0.04 32.73 -44.37
N GLN G 296 0.82 33.09 -43.42
CA GLN G 296 1.60 34.30 -43.51
C GLN G 296 2.92 34.02 -44.22
N PRO G 297 3.11 34.60 -45.43
CA PRO G 297 4.31 34.44 -46.26
C PRO G 297 5.54 35.22 -45.77
N LEU G 298 5.35 36.14 -44.84
CA LEU G 298 6.50 36.90 -44.33
C LEU G 298 6.09 38.05 -43.43
N LEU G 299 6.79 38.17 -42.32
CA LEU G 299 6.51 39.24 -41.36
C LEU G 299 6.66 40.59 -42.06
N GLY G 300 5.75 41.51 -41.79
CA GLY G 300 5.88 42.78 -42.47
C GLY G 300 5.66 44.02 -41.64
N THR G 301 5.42 45.13 -42.33
CA THR G 301 5.18 46.44 -41.73
C THR G 301 3.85 46.39 -41.02
N VAL G 302 3.72 47.07 -39.89
CA VAL G 302 2.45 47.08 -39.19
C VAL G 302 2.11 48.50 -38.82
N ILE G 303 0.94 48.66 -38.21
CA ILE G 303 0.50 49.99 -37.79
C ILE G 303 0.84 50.13 -36.31
N ASP G 304 2.11 50.36 -36.03
CA ASP G 304 2.57 50.47 -34.66
C ASP G 304 2.02 51.62 -33.84
N GLY G 305 2.03 52.81 -34.40
CA GLY G 305 1.56 53.98 -33.66
C GLY G 305 2.75 54.91 -33.47
N MET G 306 3.90 54.45 -33.93
CA MET G 306 5.12 55.22 -33.84
C MET G 306 5.58 55.62 -35.22
N LEU G 307 5.60 54.67 -36.16
CA LEU G 307 6.00 54.94 -37.55
C LEU G 307 4.80 55.15 -38.45
N LEU G 308 3.70 54.49 -38.10
CA LEU G 308 2.46 54.59 -38.85
C LEU G 308 1.30 54.68 -37.87
N LEU G 309 0.43 55.65 -38.09
CA LEU G 309 -0.73 55.80 -37.23
C LEU G 309 -1.94 55.10 -37.83
N LYS G 310 -1.92 54.86 -39.13
CA LYS G 310 -3.02 54.17 -39.79
C LYS G 310 -2.66 53.60 -41.17
N THR G 311 -3.44 52.65 -41.64
CA THR G 311 -3.15 52.03 -42.90
C THR G 311 -2.88 53.04 -43.98
N PRO G 312 -1.87 52.79 -44.84
CA PRO G 312 -1.54 53.73 -45.90
C PRO G 312 -2.79 54.13 -46.69
N GLU G 313 -3.66 53.17 -46.89
CA GLU G 313 -4.89 53.36 -47.64
C GLU G 313 -5.67 54.55 -47.10
N GLU G 314 -5.58 54.79 -45.80
CA GLU G 314 -6.30 55.91 -45.18
C GLU G 314 -5.39 57.08 -44.94
N LEU G 315 -4.12 56.78 -44.79
CA LEU G 315 -3.12 57.79 -44.54
C LEU G 315 -2.95 58.76 -45.71
N GLN G 316 -2.89 58.23 -46.93
CA GLN G 316 -2.73 59.10 -48.08
C GLN G 316 -4.04 59.78 -48.47
N ALA G 317 -4.95 59.91 -47.51
CA ALA G 317 -6.24 60.57 -47.76
C ALA G 317 -6.20 62.02 -47.24
N GLU G 318 -5.20 62.31 -46.40
CA GLU G 318 -5.03 63.64 -45.82
C GLU G 318 -4.23 64.58 -46.72
N ARG G 319 -4.78 65.77 -46.96
CA ARG G 319 -4.12 66.80 -47.78
C ARG G 319 -3.05 67.52 -46.96
N ASN G 320 -3.42 67.91 -45.74
CA ASN G 320 -2.52 68.60 -44.82
C ASN G 320 -1.32 67.68 -44.47
N PHE G 321 -0.26 67.78 -45.26
CA PHE G 321 0.95 66.96 -45.08
C PHE G 321 2.14 67.56 -45.85
N HIS G 322 3.35 67.20 -45.41
CA HIS G 322 4.62 67.65 -46.01
C HIS G 322 4.95 66.73 -47.19
N THR G 323 4.72 67.26 -48.39
CA THR G 323 4.93 66.52 -49.63
C THR G 323 6.32 66.73 -50.22
N VAL G 324 6.77 65.75 -51.01
CA VAL G 324 8.08 65.82 -51.66
C VAL G 324 8.06 65.19 -53.05
N PRO G 325 8.98 65.60 -53.94
CA PRO G 325 9.04 65.03 -55.28
C PRO G 325 9.12 63.52 -55.20
N TYR G 326 8.09 62.86 -55.67
CA TYR G 326 8.07 61.42 -55.62
C TYR G 326 8.08 60.87 -57.04
N MET G 327 8.94 59.89 -57.30
CA MET G 327 9.04 59.28 -58.63
C MET G 327 8.81 57.75 -58.54
N VAL G 328 7.55 57.32 -58.64
CA VAL G 328 7.19 55.91 -58.54
C VAL G 328 7.40 55.19 -59.87
N GLY G 329 7.73 53.90 -59.85
CA GLY G 329 7.91 53.21 -61.11
C GLY G 329 7.64 51.72 -61.05
N ILE G 330 7.59 51.04 -62.19
CA ILE G 330 7.36 49.59 -62.21
C ILE G 330 8.01 48.99 -63.43
N ASN G 331 8.07 47.65 -63.49
CA ASN G 331 8.64 46.99 -64.65
C ASN G 331 7.56 46.23 -65.41
N LYS G 332 7.74 46.13 -66.72
CA LYS G 332 6.82 45.44 -67.63
C LYS G 332 6.18 44.20 -67.01
N GLN G 333 6.96 43.16 -66.82
CA GLN G 333 6.47 41.91 -66.24
C GLN G 333 7.05 41.72 -64.83
N GLU G 334 6.40 42.29 -63.82
CA GLU G 334 6.92 42.18 -62.46
C GLU G 334 7.06 40.75 -61.99
N PHE G 335 5.94 40.05 -61.92
CA PHE G 335 5.93 38.66 -61.47
C PHE G 335 6.19 37.80 -62.69
N GLY G 336 7.29 38.11 -63.38
CA GLY G 336 7.64 37.42 -64.60
C GLY G 336 8.41 36.14 -64.41
N TRP G 337 9.49 36.22 -63.63
CA TRP G 337 10.33 35.06 -63.36
C TRP G 337 10.95 35.10 -61.97
N LEU G 338 11.76 36.11 -61.70
CA LEU G 338 12.43 36.24 -60.40
C LEU G 338 11.65 35.78 -59.18
N ILE G 339 10.48 36.35 -58.96
CA ILE G 339 9.67 36.01 -57.80
C ILE G 339 8.96 34.64 -57.86
N PRO G 340 8.45 34.26 -59.03
CA PRO G 340 7.76 32.97 -59.21
C PRO G 340 8.71 31.79 -58.98
N MET G 341 9.97 31.97 -59.37
CA MET G 341 11.01 30.96 -59.22
C MET G 341 11.43 30.85 -57.78
N LEU G 342 11.76 31.99 -57.18
CA LEU G 342 12.18 32.02 -55.77
C LEU G 342 11.10 31.46 -54.84
N MET G 343 9.82 31.74 -55.14
CA MET G 343 8.71 31.24 -54.32
C MET G 343 8.28 29.82 -54.70
N SER G 344 8.93 29.27 -55.72
CA SER G 344 8.65 27.93 -56.21
C SER G 344 7.19 27.76 -56.59
N TYR G 345 6.83 28.27 -57.76
CA TYR G 345 5.47 28.16 -58.22
C TYR G 345 5.33 26.88 -59.01
N PRO G 346 4.11 26.32 -59.07
CA PRO G 346 3.77 25.08 -59.79
C PRO G 346 3.80 25.18 -61.32
N LEU G 347 4.18 26.34 -61.82
CA LEU G 347 4.25 26.60 -63.27
C LEU G 347 5.32 25.78 -63.97
N SER G 348 5.23 24.48 -63.78
CA SER G 348 6.21 23.60 -64.38
C SER G 348 5.99 23.43 -65.88
N GLU G 349 4.83 22.87 -66.24
CA GLU G 349 4.47 22.63 -67.63
C GLU G 349 4.73 23.86 -68.51
N GLY G 350 4.96 24.99 -67.85
CA GLY G 350 5.21 26.22 -68.57
C GLY G 350 3.91 26.73 -69.14
N GLN G 351 2.84 25.98 -68.91
CA GLN G 351 1.51 26.34 -69.38
C GLN G 351 0.50 26.29 -68.23
N LEU G 352 -0.72 26.74 -68.51
CA LEU G 352 -1.76 26.79 -67.50
C LEU G 352 -3.13 27.00 -68.14
N ASP G 353 -4.16 26.42 -67.52
CA ASP G 353 -5.52 26.56 -68.03
C ASP G 353 -6.42 27.17 -66.95
N GLN G 354 -7.52 27.79 -67.39
CA GLN G 354 -8.46 28.46 -66.50
C GLN G 354 -8.82 27.72 -65.22
N LYS G 355 -9.33 26.50 -65.35
CA LYS G 355 -9.73 25.72 -64.19
C LYS G 355 -8.58 25.51 -63.20
N THR G 356 -7.36 25.79 -63.63
CA THR G 356 -6.20 25.62 -62.75
C THR G 356 -5.67 26.95 -62.28
N ALA G 357 -5.80 27.96 -63.13
CA ALA G 357 -5.34 29.31 -62.83
C ALA G 357 -6.24 29.91 -61.76
N MET G 358 -7.53 29.60 -61.85
CA MET G 358 -8.49 30.10 -60.89
C MET G 358 -8.17 29.50 -59.52
N SER G 359 -7.61 28.30 -59.53
CA SER G 359 -7.26 27.61 -58.29
C SER G 359 -5.92 28.08 -57.71
N LEU G 360 -5.04 28.57 -58.59
CA LEU G 360 -3.73 29.07 -58.19
C LEU G 360 -3.82 30.43 -57.50
N LEU G 361 -4.80 31.23 -57.92
CA LEU G 361 -5.00 32.55 -57.36
C LEU G 361 -5.45 32.44 -55.90
N TRP G 362 -6.12 31.34 -55.58
CA TRP G 362 -6.60 31.10 -54.23
C TRP G 362 -5.40 30.84 -53.33
N LYS G 363 -4.62 29.81 -53.64
CA LYS G 363 -3.45 29.48 -52.85
C LYS G 363 -2.52 30.67 -52.77
N SER G 364 -2.62 31.54 -53.77
CA SER G 364 -1.77 32.73 -53.82
C SER G 364 -2.34 33.84 -52.99
N TYR G 365 -3.37 33.50 -52.22
CA TYR G 365 -4.05 34.45 -51.37
C TYR G 365 -3.13 35.40 -50.59
N PRO G 366 -2.07 34.90 -49.97
CA PRO G 366 -1.16 35.75 -49.22
C PRO G 366 -0.43 36.82 -50.02
N LEU G 367 -0.33 36.59 -51.33
CA LEU G 367 0.34 37.54 -52.22
C LEU G 367 -0.60 38.61 -52.77
N VAL G 368 -1.74 38.15 -53.28
CA VAL G 368 -2.74 39.01 -53.88
C VAL G 368 -3.91 39.40 -52.97
N CYS G 369 -4.15 38.58 -51.96
CA CYS G 369 -5.25 38.87 -51.05
C CYS G 369 -6.56 39.10 -51.79
N ILE G 370 -6.88 38.19 -52.70
CA ILE G 370 -8.11 38.25 -53.47
C ILE G 370 -9.07 37.27 -52.85
N ALA G 371 -10.21 37.75 -52.37
CA ALA G 371 -11.18 36.87 -51.77
C ALA G 371 -11.60 35.80 -52.78
N LYS G 372 -12.05 34.66 -52.28
CA LYS G 372 -12.47 33.56 -53.15
C LYS G 372 -13.66 33.93 -54.02
N GLU G 373 -14.66 34.55 -53.40
CA GLU G 373 -15.85 34.95 -54.12
C GLU G 373 -15.55 36.02 -55.15
N LEU G 374 -14.36 35.98 -55.74
CA LEU G 374 -13.97 37.00 -56.72
C LEU G 374 -13.09 36.41 -57.80
N ILE G 375 -12.37 35.35 -57.44
CA ILE G 375 -11.43 34.70 -58.35
C ILE G 375 -12.02 34.50 -59.76
N PRO G 376 -13.25 33.97 -59.86
CA PRO G 376 -13.83 33.76 -61.19
C PRO G 376 -13.91 35.05 -61.98
N GLU G 377 -14.34 36.11 -61.30
CA GLU G 377 -14.49 37.43 -61.93
C GLU G 377 -13.12 38.03 -62.31
N ALA G 378 -12.09 37.68 -61.54
CA ALA G 378 -10.75 38.19 -61.81
C ALA G 378 -10.05 37.35 -62.87
N THR G 379 -10.35 36.06 -62.91
CA THR G 379 -9.74 35.19 -63.91
C THR G 379 -10.33 35.45 -65.28
N GLU G 380 -11.65 35.41 -65.36
CA GLU G 380 -12.32 35.61 -66.63
C GLU G 380 -11.91 36.96 -67.26
N LYS G 381 -11.41 37.87 -66.45
CA LYS G 381 -11.02 39.16 -66.96
C LYS G 381 -9.65 39.19 -67.66
N TYR G 382 -8.67 38.49 -67.09
CA TYR G 382 -7.31 38.44 -67.64
C TYR G 382 -7.05 37.29 -68.61
N LEU G 383 -7.32 36.07 -68.18
CA LEU G 383 -7.10 34.91 -69.02
C LEU G 383 -8.21 34.63 -70.03
N GLY G 384 -9.37 35.23 -69.82
CA GLY G 384 -10.47 35.01 -70.75
C GLY G 384 -10.12 35.43 -72.17
N GLY G 385 -9.01 36.14 -72.34
CA GLY G 385 -8.62 36.57 -73.67
C GLY G 385 -8.55 35.45 -74.67
N THR G 386 -7.44 34.72 -74.66
CA THR G 386 -7.23 33.59 -75.58
C THR G 386 -7.38 32.23 -74.88
N ASP G 387 -7.19 31.15 -75.64
CA ASP G 387 -7.31 29.80 -75.11
C ASP G 387 -5.93 29.10 -75.01
N ASP G 388 -4.90 29.77 -75.54
CA ASP G 388 -3.54 29.24 -75.53
C ASP G 388 -3.05 29.06 -74.11
N THR G 389 -2.97 27.82 -73.65
CA THR G 389 -2.52 27.54 -72.28
C THR G 389 -1.26 28.29 -71.86
N VAL G 390 -0.43 28.69 -72.82
CA VAL G 390 0.80 29.41 -72.48
C VAL G 390 0.55 30.89 -72.26
N LYS G 391 -0.30 31.50 -73.09
CA LYS G 391 -0.60 32.93 -72.93
C LYS G 391 -1.37 33.15 -71.63
N LYS G 392 -2.22 32.19 -71.26
CA LYS G 392 -2.98 32.27 -70.01
C LYS G 392 -2.02 32.34 -68.82
N LYS G 393 -0.83 31.78 -68.98
CA LYS G 393 0.17 31.79 -67.93
C LYS G 393 0.71 33.21 -67.84
N ASP G 394 1.21 33.70 -68.96
CA ASP G 394 1.76 35.04 -69.02
C ASP G 394 0.75 36.01 -68.47
N LEU G 395 -0.50 35.88 -68.90
CA LEU G 395 -1.54 36.78 -68.41
C LEU G 395 -1.76 36.58 -66.92
N PHE G 396 -1.67 35.35 -66.45
CA PHE G 396 -1.85 35.06 -65.04
C PHE G 396 -0.69 35.69 -64.26
N LEU G 397 0.51 35.55 -64.81
CA LEU G 397 1.69 36.12 -64.18
C LEU G 397 1.46 37.60 -64.11
N ASP G 398 0.84 38.14 -65.14
CA ASP G 398 0.54 39.57 -65.18
C ASP G 398 -0.45 39.89 -64.07
N LEU G 399 -1.48 39.07 -63.97
CA LEU G 399 -2.51 39.24 -62.96
C LEU G 399 -1.81 39.57 -61.66
N ILE G 400 -0.94 38.68 -61.22
CA ILE G 400 -0.28 38.92 -59.98
C ILE G 400 0.43 40.26 -60.01
N ALA G 401 1.25 40.47 -61.04
CA ALA G 401 2.00 41.72 -61.17
C ALA G 401 1.16 42.97 -60.90
N ASP G 402 0.11 43.16 -61.69
CA ASP G 402 -0.76 44.32 -61.55
C ASP G 402 -1.34 44.50 -60.15
N VAL G 403 -1.64 43.39 -59.48
CA VAL G 403 -2.20 43.47 -58.13
C VAL G 403 -1.15 43.78 -57.08
N MET G 404 0.04 43.25 -57.25
CA MET G 404 1.07 43.51 -56.28
C MET G 404 1.80 44.80 -56.55
N PHE G 405 2.24 45.00 -57.79
CA PHE G 405 2.98 46.20 -58.12
C PHE G 405 2.29 47.14 -59.06
N GLY G 406 1.51 46.60 -59.97
CA GLY G 406 0.82 47.42 -60.95
C GLY G 406 -0.10 48.47 -60.36
N VAL G 407 -1.38 48.16 -60.37
CA VAL G 407 -2.38 49.04 -59.84
C VAL G 407 -1.89 49.85 -58.65
N PRO G 408 -1.30 49.18 -57.63
CA PRO G 408 -0.81 49.89 -56.46
C PRO G 408 0.12 51.08 -56.74
N SER G 409 1.29 50.79 -57.29
CA SER G 409 2.24 51.84 -57.59
C SER G 409 1.55 53.05 -58.22
N VAL G 410 0.45 52.84 -58.93
CA VAL G 410 -0.21 53.97 -59.56
C VAL G 410 -1.11 54.70 -58.60
N ILE G 411 -1.99 53.98 -57.94
CA ILE G 411 -2.86 54.68 -57.02
C ILE G 411 -2.01 55.49 -56.07
N VAL G 412 -0.78 55.06 -55.85
CA VAL G 412 0.09 55.81 -54.95
C VAL G 412 0.45 57.14 -55.59
N ALA G 413 0.89 57.08 -56.85
CA ALA G 413 1.29 58.28 -57.57
C ALA G 413 0.12 59.23 -57.66
N ARG G 414 -1.02 58.69 -58.06
CA ARG G 414 -2.24 59.45 -58.23
C ARG G 414 -2.64 60.18 -56.99
N ASN G 415 -2.31 59.61 -55.83
CA ASN G 415 -2.66 60.28 -54.59
C ASN G 415 -1.59 61.28 -54.21
N HIS G 416 -0.40 61.13 -54.79
CA HIS G 416 0.70 62.04 -54.50
C HIS G 416 0.51 63.31 -55.34
N ARG G 417 0.11 63.09 -56.58
CA ARG G 417 -0.15 64.17 -57.53
C ARG G 417 -1.27 65.00 -56.93
N ASP G 418 -2.41 64.33 -56.74
CA ASP G 418 -3.60 64.94 -56.18
C ASP G 418 -3.39 65.65 -54.85
N ALA G 419 -2.22 65.45 -54.26
CA ALA G 419 -1.90 66.08 -52.99
C ALA G 419 -1.13 67.36 -53.30
N GLY G 420 -0.94 67.59 -54.59
CA GLY G 420 -0.22 68.76 -55.02
C GLY G 420 1.26 68.64 -54.77
N ALA G 421 1.90 67.74 -55.51
CA ALA G 421 3.32 67.50 -55.35
C ALA G 421 3.84 66.85 -56.59
N PRO G 422 5.05 67.24 -57.00
CA PRO G 422 5.69 66.68 -58.18
C PRO G 422 5.68 65.14 -58.16
N THR G 423 5.10 64.53 -59.17
CA THR G 423 5.04 63.08 -59.24
C THR G 423 5.40 62.63 -60.65
N TYR G 424 6.29 61.65 -60.77
CA TYR G 424 6.71 61.11 -62.07
C TYR G 424 6.61 59.58 -62.04
N MET G 425 6.08 58.95 -63.07
CA MET G 425 5.99 57.48 -63.11
C MET G 425 6.76 56.94 -64.30
N TYR G 426 7.00 55.63 -64.31
CA TYR G 426 7.68 55.00 -65.43
C TYR G 426 7.46 53.51 -65.43
N GLU G 427 7.95 52.85 -66.47
CA GLU G 427 7.84 51.41 -66.58
C GLU G 427 9.03 50.96 -67.39
N PHE G 428 9.95 50.24 -66.73
CA PHE G 428 11.16 49.73 -67.35
C PHE G 428 10.81 48.56 -68.20
N GLN G 429 11.52 48.38 -69.30
CA GLN G 429 11.26 47.26 -70.18
C GLN G 429 12.51 46.83 -70.91
N TYR G 430 13.46 46.22 -70.21
CA TYR G 430 14.70 45.80 -70.85
C TYR G 430 15.26 44.51 -70.25
N ARG G 431 15.81 43.65 -71.09
CA ARG G 431 16.36 42.40 -70.57
C ARG G 431 17.86 42.47 -70.51
N PRO G 432 18.42 42.78 -69.33
CA PRO G 432 19.86 42.89 -69.13
C PRO G 432 20.66 41.66 -69.53
N SER G 433 21.91 41.85 -69.94
CA SER G 433 22.79 40.76 -70.37
C SER G 433 23.39 40.05 -69.16
N PHE G 434 23.08 40.61 -67.98
CA PHE G 434 23.57 40.08 -66.72
C PHE G 434 22.59 39.03 -66.18
N SER G 435 21.32 39.16 -66.51
CA SER G 435 20.31 38.22 -66.06
C SER G 435 20.81 36.78 -66.03
N SER G 436 20.27 36.00 -65.09
CA SER G 436 20.64 34.60 -64.93
C SER G 436 20.47 33.84 -66.21
N ASP G 437 21.43 32.99 -66.52
CA ASP G 437 21.35 32.19 -67.73
C ASP G 437 20.18 31.23 -67.63
N MET G 438 19.48 31.25 -66.50
CA MET G 438 18.32 30.36 -66.29
C MET G 438 16.98 31.09 -66.51
N LYS G 439 17.03 32.39 -66.76
CA LYS G 439 15.84 33.19 -67.00
C LYS G 439 15.53 33.14 -68.49
N PRO G 440 14.29 32.77 -68.86
CA PRO G 440 13.85 32.68 -70.26
C PRO G 440 14.08 33.95 -71.05
N LYS G 441 14.20 33.83 -72.37
CA LYS G 441 14.45 35.00 -73.19
C LYS G 441 13.18 35.79 -73.47
N THR G 442 12.02 35.20 -73.21
CA THR G 442 10.74 35.85 -73.43
C THR G 442 10.29 36.64 -72.20
N VAL G 443 11.25 37.08 -71.41
CA VAL G 443 10.98 37.85 -70.21
C VAL G 443 11.77 39.12 -70.30
N ILE G 444 11.05 40.21 -70.46
CA ILE G 444 11.70 41.50 -70.53
C ILE G 444 11.10 42.34 -69.45
N GLY G 445 11.94 43.05 -68.74
CA GLY G 445 11.46 43.93 -67.69
C GLY G 445 10.95 43.18 -66.48
N ASP G 446 11.79 42.25 -66.03
CA ASP G 446 11.51 41.40 -64.88
C ASP G 446 11.99 42.09 -63.60
N HIS G 447 11.42 41.69 -62.47
CA HIS G 447 11.76 42.29 -61.18
C HIS G 447 13.26 42.53 -61.00
N GLY G 448 13.61 43.75 -60.62
CA GLY G 448 15.01 44.06 -60.40
C GLY G 448 15.89 44.27 -61.62
N ASP G 449 15.37 44.00 -62.80
CA ASP G 449 16.17 44.18 -64.00
C ASP G 449 16.59 45.63 -64.25
N GLU G 450 15.94 46.56 -63.56
CA GLU G 450 16.25 47.97 -63.71
C GLU G 450 17.50 48.31 -62.91
N LEU G 451 17.70 47.57 -61.82
CA LEU G 451 18.83 47.83 -60.94
C LEU G 451 20.15 47.91 -61.68
N PHE G 452 20.28 47.11 -62.73
CA PHE G 452 21.52 47.09 -63.49
C PHE G 452 21.77 48.40 -64.18
N SER G 453 20.72 48.99 -64.73
CA SER G 453 20.88 50.28 -65.40
C SER G 453 21.04 51.39 -64.38
N VAL G 454 20.29 51.29 -63.28
CA VAL G 454 20.34 52.28 -62.21
C VAL G 454 21.69 52.35 -61.55
N PHE G 455 22.24 51.18 -61.25
CA PHE G 455 23.53 51.14 -60.62
C PHE G 455 24.68 50.93 -61.61
N GLY G 456 24.41 51.24 -62.86
CA GLY G 456 25.43 51.11 -63.89
C GLY G 456 26.19 49.82 -63.82
N ALA G 457 25.49 48.73 -64.11
CA ALA G 457 26.12 47.43 -64.14
C ALA G 457 27.04 47.30 -65.37
N PRO G 458 26.63 47.85 -66.54
CA PRO G 458 27.42 47.79 -67.76
C PRO G 458 28.83 48.31 -67.62
N PHE G 459 29.09 49.06 -66.55
CA PHE G 459 30.42 49.63 -66.33
C PHE G 459 31.31 48.85 -65.33
N LEU G 460 30.75 47.83 -64.70
CA LEU G 460 31.51 47.03 -63.74
C LEU G 460 31.64 45.60 -64.26
N LYS G 461 30.52 45.04 -64.70
CA LYS G 461 30.49 43.69 -65.23
C LYS G 461 30.89 43.74 -66.71
N GLU G 462 31.18 42.57 -67.27
CA GLU G 462 31.61 42.41 -68.65
C GLU G 462 30.51 41.81 -69.49
N GLY G 463 30.48 42.14 -70.78
CA GLY G 463 29.49 41.60 -71.69
C GLY G 463 28.48 42.60 -72.22
N ALA G 464 28.36 43.71 -71.51
CA ALA G 464 27.43 44.79 -71.85
C ALA G 464 27.66 45.30 -73.27
N SER G 465 26.60 45.30 -74.08
CA SER G 465 26.69 45.77 -75.45
C SER G 465 26.77 47.28 -75.42
N GLU G 466 26.81 47.90 -76.60
CA GLU G 466 26.90 49.34 -76.66
C GLU G 466 25.54 49.93 -76.26
N GLU G 467 24.47 49.38 -76.81
CA GLU G 467 23.13 49.85 -76.51
C GLU G 467 22.82 49.82 -75.02
N GLU G 468 23.08 48.67 -74.39
CA GLU G 468 22.84 48.49 -72.95
C GLU G 468 23.56 49.57 -72.14
N ILE G 469 24.82 49.82 -72.46
CA ILE G 469 25.59 50.82 -71.76
C ILE G 469 24.98 52.20 -71.99
N ARG G 470 24.38 52.36 -73.15
CA ARG G 470 23.74 53.61 -73.50
C ARG G 470 22.53 53.77 -72.61
N LEU G 471 21.72 52.71 -72.55
CA LEU G 471 20.50 52.70 -71.73
C LEU G 471 20.83 52.97 -70.25
N SER G 472 21.95 52.40 -69.82
CA SER G 472 22.40 52.54 -68.46
C SER G 472 22.83 53.97 -68.16
N LYS G 473 23.60 54.55 -69.09
CA LYS G 473 24.14 55.89 -68.94
C LYS G 473 22.99 56.83 -68.77
N MET G 474 21.92 56.57 -69.51
CA MET G 474 20.71 57.38 -69.47
C MET G 474 19.95 57.32 -68.14
N VAL G 475 19.55 56.13 -67.73
CA VAL G 475 18.82 55.97 -66.50
C VAL G 475 19.56 56.66 -65.36
N MET G 476 20.84 56.36 -65.20
CA MET G 476 21.60 56.99 -64.14
C MET G 476 21.40 58.50 -64.14
N LYS G 477 21.71 59.16 -65.24
CA LYS G 477 21.54 60.62 -65.31
C LYS G 477 20.11 61.02 -64.94
N PHE G 478 19.13 60.29 -65.44
CA PHE G 478 17.75 60.58 -65.14
C PHE G 478 17.54 60.58 -63.64
N TRP G 479 18.00 59.51 -63.01
CA TRP G 479 17.90 59.29 -61.58
C TRP G 479 18.57 60.42 -60.79
N ALA G 480 19.82 60.71 -61.16
CA ALA G 480 20.58 61.75 -60.49
C ALA G 480 19.89 63.07 -60.74
N ASN G 481 19.55 63.35 -61.98
CA ASN G 481 18.87 64.59 -62.29
C ASN G 481 17.65 64.75 -61.39
N PHE G 482 16.97 63.66 -61.09
CA PHE G 482 15.83 63.72 -60.22
C PHE G 482 16.28 64.08 -58.83
N ALA G 483 17.32 63.40 -58.38
CA ALA G 483 17.84 63.65 -57.04
C ALA G 483 18.33 65.06 -56.88
N ARG G 484 18.69 65.70 -58.00
CA ARG G 484 19.23 67.06 -58.04
C ARG G 484 18.21 68.15 -57.89
N ASN G 485 17.32 68.23 -58.89
CA ASN G 485 16.26 69.22 -58.94
C ASN G 485 14.85 68.65 -58.67
N GLY G 486 14.75 67.42 -58.23
CA GLY G 486 13.41 66.90 -58.00
C GLY G 486 12.65 66.94 -59.30
N ASN G 487 13.38 66.63 -60.37
CA ASN G 487 12.87 66.58 -61.74
C ASN G 487 13.85 65.75 -62.56
N PRO G 488 13.38 64.63 -63.13
CA PRO G 488 14.24 63.75 -63.92
C PRO G 488 14.84 64.36 -65.18
N ASN G 489 14.11 65.27 -65.82
CA ASN G 489 14.55 65.88 -67.07
C ASN G 489 15.96 66.44 -67.06
N GLY G 490 16.44 66.76 -68.25
CA GLY G 490 17.78 67.30 -68.40
C GLY G 490 18.08 67.60 -69.86
N GLU G 491 19.33 67.40 -70.27
CA GLU G 491 19.69 67.66 -71.65
C GLU G 491 20.19 66.39 -72.27
N GLY G 492 19.74 66.13 -73.49
CA GLY G 492 20.17 64.93 -74.18
C GLY G 492 19.42 63.72 -73.70
N LEU G 493 18.30 63.94 -73.02
CA LEU G 493 17.51 62.84 -72.51
C LEU G 493 16.07 63.00 -72.97
N PRO G 494 15.42 61.90 -73.40
CA PRO G 494 14.03 61.99 -73.85
C PRO G 494 13.24 62.73 -72.80
N HIS G 495 12.28 63.53 -73.22
CA HIS G 495 11.49 64.29 -72.29
C HIS G 495 10.61 63.43 -71.43
N TRP G 496 10.71 63.67 -70.12
CA TRP G 496 9.93 62.96 -69.12
C TRP G 496 8.82 63.89 -68.62
N PRO G 497 7.59 63.57 -69.02
CA PRO G 497 6.43 64.36 -68.64
C PRO G 497 6.13 64.23 -67.17
N GLU G 498 5.54 65.28 -66.59
CA GLU G 498 5.16 65.27 -65.19
C GLU G 498 3.89 64.44 -65.11
N TYR G 499 3.84 63.52 -64.16
CA TYR G 499 2.65 62.70 -64.00
C TYR G 499 1.56 63.59 -63.40
N ASN G 500 0.80 64.26 -64.26
CA ASN G 500 -0.29 65.10 -63.80
C ASN G 500 -1.58 64.47 -64.28
N GLN G 501 -2.60 65.28 -64.45
CA GLN G 501 -3.89 64.75 -64.86
C GLN G 501 -3.85 63.93 -66.15
N LYS G 502 -2.92 64.29 -67.05
CA LYS G 502 -2.72 63.61 -68.33
C LYS G 502 -2.07 62.24 -68.04
N GLU G 503 -1.54 62.12 -66.84
CA GLU G 503 -0.93 60.90 -66.39
C GLU G 503 0.21 60.46 -67.29
N GLY G 504 1.10 61.40 -67.58
CA GLY G 504 2.23 61.08 -68.44
C GLY G 504 3.34 60.36 -67.73
N TYR G 505 3.76 59.25 -68.31
CA TYR G 505 4.85 58.50 -67.72
C TYR G 505 5.92 58.21 -68.78
N LEU G 506 7.09 57.76 -68.35
CA LEU G 506 8.16 57.48 -69.27
C LEU G 506 8.35 55.99 -69.39
N GLN G 507 8.32 55.52 -70.63
CA GLN G 507 8.50 54.10 -70.94
C GLN G 507 9.98 53.87 -71.12
N ILE G 508 10.69 53.59 -70.05
CA ILE G 508 12.12 53.38 -70.17
C ILE G 508 12.41 52.03 -70.79
N GLY G 509 13.42 52.00 -71.66
CA GLY G 509 13.80 50.77 -72.33
C GLY G 509 14.70 51.06 -73.51
N ALA G 510 14.65 50.20 -74.53
CA ALA G 510 15.46 50.38 -75.73
C ALA G 510 15.14 51.71 -76.36
N ASN G 511 13.91 51.87 -76.84
CA ASN G 511 13.48 53.13 -77.43
C ASN G 511 12.69 53.89 -76.38
N THR G 512 13.41 54.52 -75.46
CA THR G 512 12.80 55.29 -74.38
C THR G 512 12.00 56.53 -74.87
N GLN G 513 10.69 56.47 -74.70
CA GLN G 513 9.81 57.56 -75.12
C GLN G 513 8.65 57.66 -74.14
N ALA G 514 8.03 58.83 -74.06
CA ALA G 514 6.91 59.05 -73.15
C ALA G 514 5.60 58.42 -73.63
N ALA G 515 4.64 58.35 -72.71
CA ALA G 515 3.33 57.77 -73.00
C ALA G 515 2.31 58.39 -72.06
N GLN G 516 1.13 57.78 -71.95
CA GLN G 516 0.12 58.32 -71.06
C GLN G 516 -0.80 57.30 -70.40
N LYS G 517 -1.29 57.67 -69.22
CA LYS G 517 -2.19 56.83 -68.43
C LYS G 517 -1.65 55.42 -68.34
N LEU G 518 -0.93 55.15 -67.25
CA LEU G 518 -0.36 53.83 -67.06
C LEU G 518 -1.34 52.96 -66.30
N LYS G 519 -1.54 51.74 -66.79
CA LYS G 519 -2.44 50.80 -66.13
C LYS G 519 -3.79 51.43 -65.79
N ASP G 520 -4.19 52.44 -66.56
CA ASP G 520 -5.45 53.13 -66.30
C ASP G 520 -6.66 52.22 -66.19
N LYS G 521 -6.73 51.24 -67.08
CA LYS G 521 -7.82 50.28 -67.09
C LYS G 521 -7.78 49.39 -65.87
N GLU G 522 -6.60 48.88 -65.54
CA GLU G 522 -6.44 48.02 -64.37
C GLU G 522 -6.88 48.67 -63.05
N VAL G 523 -6.21 49.77 -62.70
CA VAL G 523 -6.52 50.48 -61.48
C VAL G 523 -8.00 50.70 -61.41
N ALA G 524 -8.62 50.76 -62.57
CA ALA G 524 -10.06 50.97 -62.61
C ALA G 524 -10.77 49.69 -62.25
N PHE G 525 -10.45 48.63 -62.99
CA PHE G 525 -11.06 47.32 -62.78
C PHE G 525 -10.99 46.83 -61.34
N TRP G 526 -9.77 46.57 -60.88
CA TRP G 526 -9.55 46.08 -59.53
C TRP G 526 -10.26 46.94 -58.48
N THR G 527 -10.19 48.26 -58.60
CA THR G 527 -10.85 49.10 -57.61
C THR G 527 -12.32 48.70 -57.53
N ASN G 528 -12.89 48.28 -58.65
CA ASN G 528 -14.29 47.85 -58.69
C ASN G 528 -14.50 46.49 -58.08
N LEU G 529 -13.75 45.52 -58.58
CA LEU G 529 -13.77 44.26 -57.98
C LEU G 529 -13.50 44.43 -56.14
N PHE G 530 -12.68 44.97 -55.96
CA PHE G 530 -12.45 45.03 -54.51
C PHE G 530 -13.56 45.77 -53.74
N ALA G 531 -14.32 46.62 -54.42
CA ALA G 531 -15.41 47.35 -53.78
C ALA G 531 -16.42 46.37 -53.18
N LYS G 532 -16.27 45.10 -53.55
CA LYS G 532 -17.13 44.01 -53.09
C LYS G 532 -18.58 44.25 -53.47
N SER H 1 35.17 45.53 23.55
CA SER H 1 34.24 46.62 23.79
C SER H 1 33.16 46.64 22.68
N SER H 2 32.94 47.82 22.08
CA SER H 2 31.96 48.02 20.99
C SER H 2 32.66 47.97 19.63
N PRO H 3 32.39 46.92 18.83
CA PRO H 3 32.99 46.72 17.50
C PRO H 3 32.94 47.99 16.69
N PRO H 4 33.94 47.99 15.52
CA PRO H 4 34.10 49.30 14.99
C PRO H 4 32.84 49.59 14.01
N VAL H 5 32.22 50.78 14.07
CA VAL H 5 31.08 51.10 13.18
C VAL H 5 31.28 52.44 12.49
N VAL H 6 31.63 52.38 11.22
CA VAL H 6 31.88 53.58 10.46
C VAL H 6 30.75 53.83 9.48
N ASP H 7 30.45 55.12 9.30
CA ASP H 7 29.38 55.56 8.40
C ASP H 7 29.96 56.09 7.08
N THR H 8 29.62 55.42 5.98
CA THR H 8 30.10 55.86 4.67
C THR H 8 28.93 56.37 3.84
N VAL H 9 29.28 56.98 2.71
CA VAL H 9 28.29 57.50 1.77
C VAL H 9 27.23 56.46 1.47
N HIS H 10 27.67 55.23 1.24
CA HIS H 10 26.79 54.11 0.93
C HIS H 10 26.11 53.33 2.07
N GLY H 11 26.46 53.58 3.33
CA GLY H 11 25.81 52.83 4.41
C GLY H 11 26.75 52.47 5.53
N LYS H 12 26.22 52.27 6.75
CA LYS H 12 27.03 51.93 7.93
C LYS H 12 27.81 50.66 7.72
N VAL H 13 29.05 50.66 8.23
CA VAL H 13 29.91 49.51 8.09
C VAL H 13 30.43 49.05 9.45
N LEU H 14 30.32 47.73 9.66
CA LEU H 14 30.75 47.07 10.88
C LEU H 14 32.09 46.36 10.66
N GLY H 15 33.02 46.58 11.57
CA GLY H 15 34.31 45.95 11.44
C GLY H 15 34.72 45.25 12.71
N LYS H 16 35.96 44.80 12.77
CA LYS H 16 36.45 44.12 13.96
C LYS H 16 37.66 44.83 14.51
N PHE H 17 38.03 44.47 15.73
CA PHE H 17 39.20 45.06 16.38
C PHE H 17 40.36 44.08 16.43
N VAL H 18 41.56 44.57 16.19
CA VAL H 18 42.76 43.74 16.27
C VAL H 18 43.83 44.57 16.97
N SER H 19 44.66 43.91 17.76
CA SER H 19 45.70 44.59 18.50
C SER H 19 47.05 43.99 18.18
N LEU H 20 48.04 44.84 17.92
CA LEU H 20 49.38 44.37 17.61
C LEU H 20 50.30 44.55 18.82
N GLU H 21 51.11 43.54 19.14
CA GLU H 21 52.01 43.63 20.28
C GLU H 21 52.89 44.87 20.21
N GLY H 22 52.60 45.89 20.99
CA GLY H 22 53.43 47.08 20.92
C GLY H 22 52.72 48.39 20.65
N PHE H 23 51.37 48.36 20.65
CA PHE H 23 50.56 49.56 20.42
C PHE H 23 49.29 49.48 21.27
N ALA H 24 49.06 50.50 22.08
CA ALA H 24 47.87 50.53 22.95
C ALA H 24 46.57 50.55 22.11
N GLN H 25 46.48 51.53 21.23
CA GLN H 25 45.33 51.69 20.37
C GLN H 25 45.20 50.57 19.32
N PRO H 26 44.18 49.73 19.48
CA PRO H 26 43.95 48.64 18.55
C PRO H 26 43.55 49.16 17.19
N VAL H 27 43.98 48.45 16.15
CA VAL H 27 43.69 48.83 14.78
C VAL H 27 42.32 48.32 14.40
N ALA H 28 41.55 49.17 13.71
CA ALA H 28 40.21 48.82 13.24
C ALA H 28 40.32 48.28 11.81
N ILE H 29 39.96 47.00 11.67
CA ILE H 29 40.04 46.29 10.40
C ILE H 29 38.68 46.07 9.74
N PHE H 30 38.56 46.45 8.47
CA PHE H 30 37.31 46.25 7.74
C PHE H 30 37.56 45.38 6.52
N LEU H 31 36.96 44.20 6.48
CA LEU H 31 37.16 43.33 5.32
C LEU H 31 35.94 43.26 4.45
N GLY H 32 36.18 43.21 3.14
CA GLY H 32 35.07 43.11 2.21
C GLY H 32 34.23 44.36 1.97
N ILE H 33 34.82 45.54 1.91
CA ILE H 33 34.00 46.70 1.62
C ILE H 33 33.91 46.80 0.09
N PRO H 34 32.70 46.80 -0.45
CA PRO H 34 32.46 46.90 -1.90
C PRO H 34 32.62 48.35 -2.34
N PHE H 35 33.48 48.59 -3.34
CA PHE H 35 33.71 49.95 -3.84
C PHE H 35 33.09 50.06 -5.23
N ALA H 36 32.38 48.99 -5.61
CA ALA H 36 31.72 48.91 -6.90
C ALA H 36 30.65 47.83 -6.91
N LYS H 37 29.63 48.05 -7.73
CA LYS H 37 28.55 47.09 -7.91
C LYS H 37 29.16 45.89 -8.62
N PRO H 38 28.89 44.66 -8.14
CA PRO H 38 29.40 43.38 -8.70
C PRO H 38 29.25 43.33 -10.23
N PRO H 39 30.39 43.38 -10.94
CA PRO H 39 30.37 43.36 -12.41
C PRO H 39 29.83 42.09 -13.01
N LEU H 40 28.60 41.76 -12.66
CA LEU H 40 27.95 40.55 -13.16
C LEU H 40 27.03 40.75 -14.37
N GLY H 41 26.79 39.66 -15.09
CA GLY H 41 25.92 39.72 -16.25
C GLY H 41 26.42 40.67 -17.33
N PRO H 42 25.57 41.61 -17.79
CA PRO H 42 25.93 42.58 -18.83
C PRO H 42 27.05 43.50 -18.36
N LEU H 43 27.10 43.73 -17.06
CA LEU H 43 28.14 44.59 -16.51
C LEU H 43 29.54 44.04 -16.76
N ARG H 44 29.61 42.88 -17.38
CA ARG H 44 30.90 42.27 -17.67
C ARG H 44 31.57 43.02 -18.80
N PHE H 45 32.89 43.07 -18.79
CA PHE H 45 33.63 43.79 -19.82
C PHE H 45 33.11 45.20 -19.96
N THR H 46 32.85 45.87 -18.84
CA THR H 46 32.33 47.23 -18.92
C THR H 46 32.77 47.91 -17.67
N PRO H 47 32.88 49.25 -17.72
CA PRO H 47 33.31 50.10 -16.61
C PRO H 47 32.55 49.80 -15.36
N PRO H 48 33.23 49.91 -14.21
CA PRO H 48 32.64 49.64 -12.90
C PRO H 48 31.58 50.65 -12.54
N GLN H 49 30.43 50.16 -12.12
CA GLN H 49 29.34 51.05 -11.71
C GLN H 49 29.30 51.25 -10.18
N PRO H 50 28.81 52.41 -9.69
CA PRO H 50 28.79 52.57 -8.23
C PRO H 50 27.89 51.53 -7.55
N ALA H 51 28.23 51.18 -6.32
CA ALA H 51 27.47 50.20 -5.56
C ALA H 51 26.14 50.78 -5.07
N GLU H 52 25.17 49.89 -4.87
CA GLU H 52 23.85 50.25 -4.37
C GLU H 52 24.05 50.32 -2.86
N PRO H 53 23.55 51.39 -2.23
CA PRO H 53 23.68 51.61 -0.79
C PRO H 53 22.86 50.64 0.04
N TRP H 54 23.40 50.22 1.16
CA TRP H 54 22.71 49.30 2.04
C TRP H 54 21.89 50.08 3.06
N SER H 55 20.83 49.47 3.53
CA SER H 55 19.90 50.06 4.47
C SER H 55 20.19 49.97 6.01
N PHE H 56 21.10 49.12 6.45
CA PHE H 56 21.39 49.06 7.88
C PHE H 56 22.92 49.11 8.02
N VAL H 57 23.47 48.30 8.95
CA VAL H 57 24.88 48.17 9.16
C VAL H 57 25.46 46.92 8.46
N LYS H 58 26.41 47.10 7.56
CA LYS H 58 26.94 45.95 6.83
C LYS H 58 28.09 45.28 7.59
N ASN H 59 27.92 43.99 7.90
CA ASN H 59 28.93 43.21 8.61
C ASN H 59 30.18 43.05 7.73
N ALA H 60 31.12 43.98 7.77
CA ALA H 60 32.33 43.84 6.96
C ALA H 60 33.39 43.09 7.73
N THR H 61 33.12 41.84 8.09
CA THR H 61 34.07 41.09 8.91
C THR H 61 34.58 39.81 8.30
N SER H 62 34.33 39.58 7.01
CA SER H 62 34.78 38.35 6.38
C SER H 62 35.72 38.68 5.23
N TYR H 63 36.60 37.74 4.87
CA TYR H 63 37.54 37.96 3.79
C TYR H 63 36.84 37.89 2.45
N PRO H 64 36.93 38.95 1.68
CA PRO H 64 36.28 38.97 0.38
C PRO H 64 36.92 37.96 -0.54
N PRO H 65 36.19 37.52 -1.56
CA PRO H 65 36.64 36.55 -2.55
C PRO H 65 37.70 37.19 -3.45
N MET H 66 38.39 36.41 -4.26
CA MET H 66 39.36 37.02 -5.16
C MET H 66 38.83 36.84 -6.58
N CYS H 67 39.11 37.79 -7.49
CA CYS H 67 38.61 37.67 -8.86
C CYS H 67 38.98 36.34 -9.51
N THR H 68 38.01 35.69 -10.14
CA THR H 68 38.26 34.40 -10.74
C THR H 68 39.63 34.30 -11.36
N GLN H 69 40.34 33.22 -11.06
CA GLN H 69 41.68 33.04 -11.59
C GLN H 69 42.07 31.62 -11.31
N ASP H 70 43.17 31.17 -11.92
CA ASP H 70 43.66 29.80 -11.72
C ASP H 70 43.93 29.57 -10.24
N PRO H 71 42.98 28.96 -9.51
CA PRO H 71 43.14 28.72 -8.08
C PRO H 71 44.47 28.15 -7.66
N LYS H 72 44.95 27.13 -8.37
CA LYS H 72 46.24 26.54 -8.01
C LYS H 72 47.32 27.60 -7.92
N ALA H 73 47.54 28.33 -9.02
CA ALA H 73 48.55 29.38 -9.03
C ALA H 73 48.20 30.58 -8.13
N GLY H 74 46.96 31.03 -8.20
CA GLY H 74 46.56 32.15 -7.39
C GLY H 74 46.90 31.90 -5.95
N GLN H 75 46.55 30.71 -5.47
CA GLN H 75 46.80 30.35 -4.08
C GLN H 75 48.26 30.10 -3.81
N LEU H 76 48.96 29.58 -4.81
CA LEU H 76 50.37 29.34 -4.65
C LEU H 76 51.07 30.66 -4.38
N LEU H 77 50.95 31.60 -5.31
CA LEU H 77 51.57 32.92 -5.16
C LEU H 77 51.10 33.61 -3.87
N SER H 78 49.84 33.37 -3.49
CA SER H 78 49.28 33.96 -2.26
C SER H 78 50.16 33.59 -1.07
N GLU H 79 50.53 32.31 -0.98
CA GLU H 79 51.37 31.82 0.10
C GLU H 79 52.75 32.48 0.06
N LEU H 80 53.37 32.45 -1.11
CA LEU H 80 54.68 33.02 -1.28
C LEU H 80 54.81 34.48 -0.92
N PHE H 81 53.81 35.30 -1.22
CA PHE H 81 53.89 36.74 -0.93
C PHE H 81 53.37 37.20 0.40
N THR H 82 52.32 36.54 0.84
CA THR H 82 51.65 36.86 2.09
C THR H 82 52.61 37.31 3.15
N ASN H 83 52.16 38.16 4.05
CA ASN H 83 53.03 38.65 5.10
C ASN H 83 52.46 38.25 6.46
N ARG H 84 51.53 37.31 6.43
CA ARG H 84 50.89 36.85 7.65
C ARG H 84 51.31 35.44 7.99
N LYS H 85 51.39 35.18 9.29
CA LYS H 85 51.75 33.88 9.84
C LYS H 85 51.15 32.75 9.00
N GLU H 86 49.83 32.63 9.07
CA GLU H 86 49.08 31.60 8.34
C GLU H 86 48.52 32.17 7.05
N ASN H 87 48.65 31.42 5.95
CA ASN H 87 48.10 31.88 4.69
C ASN H 87 46.61 31.65 4.75
N ILE H 88 45.82 32.61 4.24
CA ILE H 88 44.37 32.46 4.27
C ILE H 88 43.86 31.98 2.93
N PRO H 89 43.10 30.87 2.91
CA PRO H 89 42.55 30.31 1.68
C PRO H 89 41.36 31.18 1.20
N LEU H 90 41.35 31.48 -0.09
CA LEU H 90 40.31 32.32 -0.67
C LEU H 90 39.40 31.65 -1.71
N LYS H 91 38.17 32.14 -1.74
CA LYS H 91 37.17 31.64 -2.66
C LYS H 91 37.25 32.48 -3.95
N LEU H 92 36.89 31.85 -5.06
CA LEU H 92 36.87 32.48 -6.38
C LEU H 92 35.47 32.96 -6.75
N SER H 93 35.37 34.17 -7.28
CA SER H 93 34.08 34.70 -7.71
C SER H 93 34.18 35.95 -8.55
N GLU H 94 33.27 36.10 -9.51
CA GLU H 94 33.31 37.26 -10.35
C GLU H 94 33.07 38.46 -9.47
N ASP H 95 32.33 38.23 -8.40
CA ASP H 95 32.07 39.32 -7.47
C ASP H 95 33.35 39.47 -6.65
N CYS H 96 34.16 40.45 -6.99
CA CYS H 96 35.42 40.63 -6.28
C CYS H 96 35.85 42.08 -6.11
N LEU H 97 34.98 43.00 -6.46
CA LEU H 97 35.33 44.38 -6.34
C LEU H 97 35.14 44.81 -4.89
N TYR H 98 36.05 44.39 -4.05
CA TYR H 98 36.00 44.77 -2.65
C TYR H 98 37.38 45.26 -2.22
N LEU H 99 37.43 46.03 -1.15
CA LEU H 99 38.71 46.50 -0.62
C LEU H 99 38.72 46.19 0.89
N ASN H 100 39.93 46.16 1.44
CA ASN H 100 40.15 45.89 2.84
C ASN H 100 40.79 47.16 3.42
N ILE H 101 40.29 47.63 4.55
CA ILE H 101 40.82 48.83 5.17
C ILE H 101 41.50 48.54 6.53
N TYR H 102 42.66 49.17 6.76
CA TYR H 102 43.34 49.04 8.05
C TYR H 102 43.67 50.43 8.58
N THR H 103 42.97 50.85 9.64
CA THR H 103 43.23 52.17 10.21
C THR H 103 43.69 52.14 11.64
N PRO H 104 44.84 52.69 11.90
CA PRO H 104 45.35 52.68 13.25
C PRO H 104 44.82 53.84 14.05
N ALA H 105 43.94 54.64 13.44
CA ALA H 105 43.41 55.80 14.14
C ALA H 105 42.19 55.47 14.93
N ASP H 106 42.01 56.15 16.06
CA ASP H 106 40.84 55.91 16.88
C ASP H 106 39.66 56.48 16.11
N LEU H 107 38.65 55.65 15.88
CA LEU H 107 37.49 56.06 15.08
C LEU H 107 36.49 56.93 15.81
N THR H 108 36.65 56.98 17.12
CA THR H 108 35.76 57.74 17.97
C THR H 108 36.16 59.21 18.04
N LYS H 109 37.31 59.52 17.45
CA LYS H 109 37.79 60.89 17.44
C LYS H 109 38.19 61.26 16.02
N LYS H 110 38.02 62.53 15.69
CA LYS H 110 38.38 63.07 14.38
C LYS H 110 39.81 62.68 14.07
N ASN H 111 40.08 62.26 12.83
CA ASN H 111 41.43 61.88 12.42
C ASN H 111 41.60 61.79 10.92
N ARG H 112 42.70 62.36 10.44
CA ARG H 112 42.99 62.37 9.03
C ARG H 112 44.45 62.03 8.75
N LEU H 113 44.73 60.74 8.78
CA LEU H 113 46.06 60.20 8.55
C LEU H 113 46.26 59.92 7.09
N PRO H 114 47.48 60.06 6.60
CA PRO H 114 47.68 59.78 5.18
C PRO H 114 47.20 58.38 4.81
N VAL H 115 46.92 58.18 3.53
CA VAL H 115 46.41 56.90 3.04
C VAL H 115 47.35 56.22 2.02
N MET H 116 47.45 54.90 2.11
CA MET H 116 48.27 54.13 1.19
C MET H 116 47.46 53.00 0.55
N VAL H 117 47.01 53.22 -0.66
CA VAL H 117 46.23 52.25 -1.36
C VAL H 117 47.20 51.31 -2.01
N TRP H 118 47.04 50.03 -1.74
CA TRP H 118 47.95 49.04 -2.31
C TRP H 118 47.35 48.19 -3.39
N ILE H 119 48.08 48.01 -4.46
CA ILE H 119 47.64 47.18 -5.58
C ILE H 119 48.52 45.93 -5.72
N HIS H 120 47.95 44.74 -5.54
CA HIS H 120 48.73 43.50 -5.64
C HIS H 120 49.20 43.22 -7.06
N GLY H 121 50.00 42.16 -7.20
CA GLY H 121 50.51 41.81 -8.51
C GLY H 121 49.96 40.51 -9.05
N GLY H 122 50.74 39.86 -9.91
CA GLY H 122 50.30 38.62 -10.52
C GLY H 122 50.00 38.80 -12.00
N GLY H 123 50.91 39.47 -12.70
CA GLY H 123 50.75 39.70 -14.13
C GLY H 123 49.35 40.04 -14.63
N LEU H 124 48.53 40.60 -13.76
CA LEU H 124 47.18 40.95 -14.14
C LEU H 124 46.39 39.70 -14.40
N MET H 125 46.94 38.55 -14.01
CA MET H 125 46.26 37.26 -14.22
C MET H 125 45.74 36.59 -12.92
N VAL H 126 46.40 36.88 -11.81
CA VAL H 126 46.04 36.31 -10.51
C VAL H 126 46.35 37.29 -9.40
N GLY H 127 45.88 36.99 -8.20
CA GLY H 127 46.16 37.88 -7.10
C GLY H 127 44.99 38.14 -6.20
N ALA H 128 45.26 38.79 -5.08
CA ALA H 128 44.20 39.09 -4.14
C ALA H 128 44.65 40.08 -3.09
N ALA H 129 43.72 40.88 -2.60
CA ALA H 129 44.01 41.90 -1.60
C ALA H 129 44.18 41.33 -0.19
N SER H 130 43.34 40.35 0.14
CA SER H 130 43.34 39.66 1.43
C SER H 130 44.68 38.95 1.70
N THR H 131 45.57 38.93 0.70
CA THR H 131 46.88 38.29 0.85
C THR H 131 47.77 39.20 1.63
N TYR H 132 47.56 40.50 1.46
CA TYR H 132 48.38 41.48 2.15
C TYR H 132 47.66 42.06 3.36
N ASP H 133 48.28 41.91 4.53
CA ASP H 133 47.71 42.40 5.77
C ASP H 133 48.41 43.69 6.09
N GLY H 134 47.64 44.73 6.29
CA GLY H 134 48.25 46.02 6.56
C GLY H 134 48.49 46.33 8.02
N LEU H 135 48.01 45.47 8.90
CA LEU H 135 48.14 45.66 10.34
C LEU H 135 49.46 46.26 10.74
N ALA H 136 50.54 45.51 10.52
CA ALA H 136 51.87 45.98 10.86
C ALA H 136 52.06 47.39 10.35
N LEU H 137 52.28 47.51 9.04
CA LEU H 137 52.49 48.82 8.41
C LEU H 137 51.63 49.91 8.98
N ALA H 138 50.34 49.60 9.12
CA ALA H 138 49.37 50.57 9.62
C ALA H 138 49.68 51.03 11.00
N ALA H 139 49.82 50.09 11.93
CA ALA H 139 50.12 50.46 13.30
C ALA H 139 51.45 51.17 13.32
N HIS H 140 52.47 50.50 12.80
CA HIS H 140 53.82 51.05 12.76
C HIS H 140 54.01 52.46 12.22
N GLU H 141 53.45 52.78 11.07
CA GLU H 141 53.62 54.12 10.52
C GLU H 141 52.46 55.11 10.76
N ASN H 142 51.42 54.63 11.41
CA ASN H 142 50.28 55.47 11.71
C ASN H 142 49.68 56.02 10.43
N VAL H 143 49.32 55.11 9.52
CA VAL H 143 48.70 55.43 8.23
C VAL H 143 47.55 54.44 7.94
N VAL H 144 46.56 54.87 7.16
CA VAL H 144 45.44 53.99 6.80
C VAL H 144 45.91 53.16 5.60
N VAL H 145 45.96 51.85 5.77
CA VAL H 145 46.40 50.99 4.68
C VAL H 145 45.16 50.40 4.03
N VAL H 146 45.08 50.53 2.71
CA VAL H 146 43.95 50.06 1.92
C VAL H 146 44.42 49.18 0.81
N THR H 147 43.92 47.95 0.79
CA THR H 147 44.27 46.99 -0.25
C THR H 147 43.00 46.74 -1.07
N ILE H 148 43.05 47.09 -2.35
CA ILE H 148 41.90 46.90 -3.23
C ILE H 148 42.05 45.71 -4.16
N GLN H 149 40.99 45.36 -4.84
CA GLN H 149 41.05 44.26 -5.77
C GLN H 149 40.50 44.78 -7.08
N TYR H 150 40.96 44.23 -8.17
CA TYR H 150 40.47 44.71 -9.44
C TYR H 150 40.36 43.50 -10.32
N ARG H 151 39.49 43.58 -11.33
CA ARG H 151 39.26 42.49 -12.26
C ARG H 151 40.54 41.95 -12.84
N LEU H 152 40.63 40.63 -12.99
CA LEU H 152 41.83 40.00 -13.52
C LEU H 152 41.54 39.15 -14.77
N GLY H 153 42.60 38.79 -15.48
CA GLY H 153 42.47 37.99 -16.68
C GLY H 153 41.39 38.47 -17.62
N ILE H 154 40.80 37.52 -18.34
CA ILE H 154 39.74 37.80 -19.29
C ILE H 154 38.75 38.81 -18.69
N TRP H 155 38.34 38.56 -17.46
CA TRP H 155 37.40 39.43 -16.76
C TRP H 155 37.84 40.90 -16.59
N GLY H 156 39.15 41.14 -16.58
CA GLY H 156 39.59 42.51 -16.43
C GLY H 156 40.34 43.15 -17.59
N PHE H 157 40.77 42.37 -18.57
CA PHE H 157 41.52 42.98 -19.64
C PHE H 157 41.20 42.52 -21.07
N PHE H 158 40.05 41.87 -21.23
CA PHE H 158 39.67 41.41 -22.55
C PHE H 158 39.36 42.60 -23.44
N SER H 159 40.16 42.82 -24.47
CA SER H 159 39.91 43.95 -25.37
C SER H 159 39.71 43.48 -26.80
N THR H 160 38.73 44.06 -27.50
CA THR H 160 38.45 43.69 -28.88
C THR H 160 39.20 44.62 -29.79
N GLY H 161 39.63 45.73 -29.20
CA GLY H 161 40.35 46.74 -29.92
C GLY H 161 39.40 47.88 -30.21
N ASP H 162 38.13 47.87 -29.85
CA ASP H 162 37.31 49.01 -30.26
C ASP H 162 36.36 49.38 -29.17
N GLU H 163 35.34 50.15 -29.52
CA GLU H 163 34.39 50.62 -28.55
C GLU H 163 33.42 49.57 -27.99
N HIS H 164 33.44 48.35 -28.53
CA HIS H 164 32.56 47.26 -28.07
C HIS H 164 33.12 46.56 -26.85
N SER H 165 34.41 46.83 -26.58
CA SER H 165 35.15 46.28 -25.45
C SER H 165 36.56 46.87 -25.42
N ARG H 166 36.68 48.17 -25.19
CA ARG H 166 37.99 48.81 -25.16
C ARG H 166 39.04 48.02 -24.42
N GLY H 167 38.72 47.67 -23.18
CA GLY H 167 39.65 46.93 -22.35
C GLY H 167 39.97 47.65 -21.03
N ASN H 168 41.12 47.34 -20.46
CA ASN H 168 41.52 47.97 -19.21
C ASN H 168 40.47 47.96 -18.10
N TRP H 169 39.55 47.03 -18.21
CA TRP H 169 38.53 46.91 -17.21
C TRP H 169 39.17 46.96 -15.83
N GLY H 170 40.29 46.26 -15.69
CA GLY H 170 40.97 46.23 -14.41
C GLY H 170 41.42 47.58 -13.92
N HIS H 171 42.23 48.23 -14.74
CA HIS H 171 42.77 49.54 -14.45
C HIS H 171 41.62 50.47 -14.12
N LEU H 172 40.51 50.28 -14.81
CA LEU H 172 39.38 51.13 -14.53
C LEU H 172 38.87 50.90 -13.11
N ASP H 173 38.86 49.65 -12.66
CA ASP H 173 38.37 49.37 -11.33
C ASP H 173 39.28 50.01 -10.33
N GLN H 174 40.56 50.07 -10.69
CA GLN H 174 41.55 50.64 -9.79
C GLN H 174 41.16 52.09 -9.64
N VAL H 175 41.05 52.80 -10.75
CA VAL H 175 40.64 54.18 -10.61
C VAL H 175 39.36 54.22 -9.75
N ALA H 176 38.42 53.31 -10.04
CA ALA H 176 37.17 53.21 -9.29
C ALA H 176 37.42 53.12 -7.78
N ALA H 177 38.36 52.26 -7.41
CA ALA H 177 38.68 52.10 -6.01
C ALA H 177 39.14 53.43 -5.46
N LEU H 178 39.92 54.17 -6.27
CA LEU H 178 40.42 55.46 -5.86
C LEU H 178 39.27 56.43 -5.65
N ARG H 179 38.35 56.50 -6.61
CA ARG H 179 37.23 57.40 -6.43
C ARG H 179 36.51 57.07 -5.13
N TRP H 180 36.49 55.79 -4.76
CA TRP H 180 35.81 55.40 -3.53
C TRP H 180 36.52 56.04 -2.37
N VAL H 181 37.81 55.78 -2.28
CA VAL H 181 38.62 56.34 -1.21
C VAL H 181 38.44 57.87 -1.09
N GLN H 182 38.18 58.54 -2.21
CA GLN H 182 38.01 59.98 -2.22
C GLN H 182 36.78 60.44 -1.49
N ASP H 183 35.71 59.68 -1.58
CA ASP H 183 34.51 60.12 -0.93
C ASP H 183 34.21 59.29 0.27
N ASN H 184 35.16 58.51 0.73
CA ASN H 184 34.88 57.66 1.87
C ASN H 184 36.02 57.54 2.87
N ILE H 185 37.26 57.39 2.39
CA ILE H 185 38.39 57.20 3.28
C ILE H 185 38.40 58.16 4.43
N ALA H 186 37.66 59.26 4.34
CA ALA H 186 37.63 60.23 5.43
C ALA H 186 36.93 59.72 6.70
N SER H 187 35.98 58.80 6.53
CA SER H 187 35.26 58.24 7.65
C SER H 187 36.01 57.17 8.38
N PHE H 188 37.19 56.81 7.88
CA PHE H 188 38.01 55.80 8.53
C PHE H 188 39.22 56.47 9.15
N GLY H 189 39.26 57.79 9.09
CA GLY H 189 40.37 58.52 9.66
C GLY H 189 41.50 58.85 8.70
N GLY H 190 41.25 58.63 7.43
CA GLY H 190 42.27 58.89 6.43
C GLY H 190 42.06 60.23 5.77
N ASN H 191 43.15 60.91 5.44
CA ASN H 191 43.07 62.23 4.79
C ASN H 191 42.81 62.04 3.30
N PRO H 192 41.60 62.37 2.82
CA PRO H 192 41.32 62.19 1.40
C PRO H 192 42.21 62.95 0.44
N GLY H 193 43.02 63.85 0.98
CA GLY H 193 43.91 64.64 0.14
C GLY H 193 45.38 64.27 0.32
N SER H 194 45.64 63.04 0.76
CA SER H 194 46.99 62.53 0.98
C SER H 194 47.02 61.03 0.63
N VAL H 195 46.34 60.68 -0.47
CA VAL H 195 46.26 59.30 -0.91
C VAL H 195 47.50 58.95 -1.68
N THR H 196 48.12 57.86 -1.30
CA THR H 196 49.36 57.40 -1.94
C THR H 196 49.23 55.98 -2.50
N ILE H 197 49.27 55.82 -3.81
CA ILE H 197 49.14 54.46 -4.33
C ILE H 197 50.51 53.84 -4.50
N PHE H 198 50.57 52.51 -4.34
CA PHE H 198 51.82 51.77 -4.54
C PHE H 198 51.52 50.32 -4.80
N GLY H 199 52.33 49.69 -5.65
CA GLY H 199 52.10 48.30 -5.99
C GLY H 199 53.40 47.64 -6.37
N GLU H 200 53.34 46.36 -6.69
CA GLU H 200 54.52 45.58 -7.03
C GLU H 200 54.27 44.72 -8.28
N SER H 201 55.31 44.52 -9.06
CA SER H 201 55.20 43.75 -10.30
C SER H 201 53.99 44.25 -11.08
N ALA H 202 53.11 43.34 -11.50
CA ALA H 202 51.97 43.79 -12.29
C ALA H 202 51.32 44.98 -11.61
N GLY H 203 51.40 45.02 -10.28
CA GLY H 203 50.79 46.11 -9.56
C GLY H 203 51.60 47.36 -9.68
N GLY H 204 52.91 47.18 -9.76
CA GLY H 204 53.78 48.31 -9.91
C GLY H 204 53.49 48.88 -11.27
N GLU H 205 52.98 48.05 -12.18
CA GLU H 205 52.65 48.51 -13.54
C GLU H 205 51.36 49.33 -13.56
N SER H 206 50.35 48.85 -12.84
CA SER H 206 49.07 49.56 -12.73
C SER H 206 49.36 50.95 -12.21
N VAL H 207 50.06 51.03 -11.09
CA VAL H 207 50.40 52.29 -10.48
C VAL H 207 50.98 53.19 -11.54
N SER H 208 51.97 52.69 -12.24
CA SER H 208 52.59 53.47 -13.29
C SER H 208 51.53 53.98 -14.31
N VAL H 209 50.60 53.11 -14.68
CA VAL H 209 49.53 53.43 -15.62
C VAL H 209 48.60 54.51 -15.07
N LEU H 210 48.29 54.46 -13.78
CA LEU H 210 47.41 55.46 -13.16
C LEU H 210 48.07 56.84 -13.17
N VAL H 211 49.39 56.83 -13.30
CA VAL H 211 50.16 58.07 -13.37
C VAL H 211 50.14 58.65 -14.78
N LEU H 212 50.01 57.79 -15.78
CA LEU H 212 49.97 58.24 -17.16
C LEU H 212 48.54 58.44 -17.62
N SER H 213 47.58 57.95 -16.84
CA SER H 213 46.18 58.10 -17.20
C SER H 213 45.56 59.38 -16.68
N PRO H 214 44.83 60.08 -17.57
CA PRO H 214 44.11 61.33 -17.33
C PRO H 214 42.97 61.12 -16.36
N LEU H 215 42.48 59.89 -16.30
CA LEU H 215 41.38 59.52 -15.44
C LEU H 215 41.74 59.67 -13.98
N ALA H 216 42.89 59.14 -13.60
CA ALA H 216 43.34 59.18 -12.21
C ALA H 216 43.67 60.58 -11.69
N LYS H 217 43.55 61.58 -12.56
CA LYS H 217 43.84 62.96 -12.22
C LYS H 217 43.17 63.33 -10.90
N ASN H 218 43.95 63.84 -9.96
CA ASN H 218 43.48 64.25 -8.63
C ASN H 218 42.88 63.13 -7.79
N LEU H 219 43.38 61.90 -7.97
CA LEU H 219 42.90 60.79 -7.18
C LEU H 219 43.98 60.27 -6.29
N PHE H 220 45.21 60.75 -6.50
CA PHE H 220 46.36 60.38 -5.68
C PHE H 220 47.40 61.50 -5.68
N HIS H 221 48.24 61.54 -4.64
CA HIS H 221 49.26 62.59 -4.50
C HIS H 221 50.70 62.11 -4.41
N ARG H 222 50.88 60.78 -4.48
CA ARG H 222 52.19 60.13 -4.43
C ARG H 222 52.01 58.76 -5.06
N ALA H 223 53.09 58.23 -5.62
CA ALA H 223 53.05 56.91 -6.25
C ALA H 223 54.29 56.10 -5.94
N ILE H 224 54.18 54.78 -6.02
CA ILE H 224 55.36 53.94 -5.78
C ILE H 224 55.28 52.67 -6.60
N SER H 225 56.25 52.47 -7.49
CA SER H 225 56.26 51.28 -8.31
C SER H 225 57.41 50.37 -7.91
N GLU H 226 57.06 49.26 -7.29
CA GLU H 226 58.02 48.26 -6.85
C GLU H 226 58.13 47.16 -7.88
N SER H 227 59.26 47.11 -8.54
CA SER H 227 59.56 46.10 -9.55
C SER H 227 58.51 46.08 -10.64
N GLY H 228 58.16 47.25 -11.16
CA GLY H 228 57.15 47.30 -12.21
C GLY H 228 56.84 48.69 -12.74
N VAL H 229 56.89 48.83 -14.06
CA VAL H 229 56.61 50.11 -14.67
C VAL H 229 55.80 49.99 -15.96
N ALA H 230 55.20 51.10 -16.37
CA ALA H 230 54.40 51.14 -17.57
C ALA H 230 55.18 50.77 -18.84
N LEU H 231 56.50 50.67 -18.76
CA LEU H 231 57.29 50.31 -19.92
C LEU H 231 57.56 48.80 -20.03
N THR H 232 57.24 48.04 -18.98
CA THR H 232 57.44 46.58 -18.97
C THR H 232 56.56 46.02 -20.09
N SER H 233 57.13 45.97 -21.28
CA SER H 233 56.42 45.48 -22.45
C SER H 233 55.40 44.36 -22.20
N VAL H 234 55.89 43.18 -21.86
CA VAL H 234 55.00 42.06 -21.65
C VAL H 234 53.60 42.37 -21.11
N LEU H 235 53.50 43.29 -20.16
CA LEU H 235 52.22 43.67 -19.53
C LEU H 235 51.37 44.67 -20.30
N VAL H 236 51.98 45.34 -21.25
CA VAL H 236 51.27 46.33 -22.03
C VAL H 236 51.22 45.85 -23.48
N LYS H 237 50.03 45.56 -23.97
CA LYS H 237 49.89 45.08 -25.34
C LYS H 237 50.02 46.25 -26.29
N LYS H 238 50.55 45.99 -27.47
CA LYS H 238 50.69 47.03 -28.46
C LYS H 238 50.25 46.51 -29.82
N GLY H 239 49.75 47.36 -30.67
CA GLY H 239 49.31 46.81 -31.95
C GLY H 239 47.90 46.45 -31.95
N ASP H 240 47.47 45.85 -33.06
CA ASP H 240 46.10 45.40 -33.18
C ASP H 240 45.88 44.24 -32.25
N VAL H 241 45.03 44.41 -31.24
CA VAL H 241 44.77 43.35 -30.27
C VAL H 241 43.63 42.46 -30.69
N LYS H 242 43.02 42.78 -31.83
CA LYS H 242 41.89 42.01 -32.34
C LYS H 242 42.24 40.54 -32.48
N PRO H 243 43.43 40.25 -33.01
CA PRO H 243 43.88 38.87 -33.20
C PRO H 243 43.85 38.02 -31.93
N LEU H 244 44.19 38.66 -30.81
CA LEU H 244 44.20 38.00 -29.51
C LEU H 244 42.78 37.80 -29.02
N ALA H 245 41.94 38.79 -29.31
CA ALA H 245 40.55 38.72 -28.91
C ALA H 245 39.84 37.56 -29.60
N GLU H 246 40.13 37.33 -30.88
CA GLU H 246 39.50 36.24 -31.62
C GLU H 246 40.00 34.91 -31.10
N GLN H 247 41.32 34.80 -30.97
CA GLN H 247 41.96 33.57 -30.51
C GLN H 247 41.42 33.23 -29.12
N ILE H 248 40.97 34.23 -28.35
CA ILE H 248 40.41 33.93 -27.03
C ILE H 248 38.95 33.52 -27.20
N ALA H 249 38.25 34.30 -28.01
CA ALA H 249 36.84 34.10 -28.29
C ALA H 249 36.60 32.71 -28.84
N ILE H 250 37.55 32.24 -29.65
CA ILE H 250 37.43 30.92 -30.24
C ILE H 250 37.58 29.82 -29.20
N THR H 251 38.65 29.92 -28.40
CA THR H 251 38.95 28.94 -27.37
C THR H 251 37.81 28.86 -26.38
N ALA H 252 37.20 30.01 -26.17
CA ALA H 252 36.08 30.14 -25.26
C ALA H 252 34.82 29.44 -25.76
N GLY H 253 34.68 29.32 -27.08
CA GLY H 253 33.51 28.67 -27.65
C GLY H 253 32.52 29.70 -28.19
N CYS H 254 33.09 30.84 -28.58
CA CYS H 254 32.31 31.95 -29.10
C CYS H 254 32.46 32.14 -30.58
N LYS H 255 31.61 33.00 -31.14
CA LYS H 255 31.66 33.29 -32.56
C LYS H 255 32.67 34.44 -32.75
N THR H 256 33.20 34.65 -33.95
CA THR H 256 34.16 35.74 -34.16
C THR H 256 33.79 36.67 -35.31
N THR H 257 32.51 36.69 -35.66
CA THR H 257 31.95 37.50 -36.76
C THR H 257 32.39 38.95 -36.63
N THR H 258 31.98 39.62 -35.55
CA THR H 258 32.39 40.99 -35.35
C THR H 258 32.88 41.15 -33.94
N SER H 259 33.26 42.37 -33.58
CA SER H 259 33.72 42.64 -32.25
C SER H 259 32.51 42.66 -31.33
N ALA H 260 31.44 43.37 -31.73
CA ALA H 260 30.23 43.42 -30.92
C ALA H 260 29.78 41.98 -30.61
N VAL H 261 29.80 41.10 -31.64
CA VAL H 261 29.39 39.71 -31.46
C VAL H 261 30.18 39.05 -30.34
N MET H 262 31.50 38.98 -30.48
CA MET H 262 32.30 38.37 -29.43
C MET H 262 31.90 38.84 -28.02
N VAL H 263 32.08 40.14 -27.78
CA VAL H 263 31.77 40.76 -26.49
C VAL H 263 30.44 40.31 -25.93
N HIS H 264 29.43 40.23 -26.79
CA HIS H 264 28.10 39.81 -26.35
C HIS H 264 28.08 38.31 -26.02
N CYS H 265 28.79 37.51 -26.83
CA CYS H 265 28.86 36.06 -26.67
C CYS H 265 29.66 35.62 -25.43
N LEU H 266 30.70 36.38 -25.09
CA LEU H 266 31.48 36.04 -23.92
C LEU H 266 30.73 36.45 -22.65
N ARG H 267 29.89 37.47 -22.75
CA ARG H 267 29.10 37.90 -21.60
C ARG H 267 28.10 36.85 -21.26
N GLN H 268 27.98 35.85 -22.13
CA GLN H 268 27.04 34.74 -21.94
C GLN H 268 27.67 33.52 -21.25
N LYS H 269 28.99 33.36 -21.36
CA LYS H 269 29.69 32.23 -20.74
C LYS H 269 29.67 32.31 -19.23
N THR H 270 29.79 31.17 -18.56
CA THR H 270 29.79 31.20 -17.09
C THR H 270 31.19 31.44 -16.58
N GLU H 271 31.30 31.63 -15.27
CA GLU H 271 32.57 31.85 -14.62
C GLU H 271 33.39 30.59 -14.86
N GLU H 272 32.77 29.43 -14.70
CA GLU H 272 33.44 28.15 -14.90
C GLU H 272 33.92 28.03 -16.33
N GLU H 273 33.11 28.46 -17.30
CA GLU H 273 33.55 28.34 -18.67
C GLU H 273 34.69 29.29 -18.99
N LEU H 274 34.59 30.51 -18.48
CA LEU H 274 35.63 31.49 -18.75
C LEU H 274 36.85 31.13 -17.95
N LEU H 275 36.63 30.46 -16.84
CA LEU H 275 37.71 30.03 -15.98
C LEU H 275 38.48 28.91 -16.64
N GLU H 276 37.77 28.01 -17.30
CA GLU H 276 38.40 26.89 -17.98
C GLU H 276 39.13 27.44 -19.20
N THR H 277 38.58 28.49 -19.78
CA THR H 277 39.21 29.11 -20.96
C THR H 277 40.58 29.66 -20.56
N THR H 278 40.66 30.19 -19.35
CA THR H 278 41.88 30.77 -18.79
C THR H 278 42.98 29.70 -18.66
N LEU H 279 42.60 28.54 -18.13
CA LEU H 279 43.51 27.41 -17.95
C LEU H 279 43.88 26.74 -19.30
N LYS H 280 43.05 26.91 -20.32
CA LYS H 280 43.37 26.30 -21.58
C LYS H 280 44.35 27.18 -22.35
N MET H 281 44.30 28.49 -22.06
CA MET H 281 45.19 29.45 -22.72
C MET H 281 46.62 29.25 -22.20
N LYS H 282 46.75 28.92 -20.92
CA LYS H 282 48.07 28.65 -20.30
C LYS H 282 49.01 29.85 -20.31
N PHE H 283 48.46 30.96 -19.84
CA PHE H 283 49.08 32.29 -19.76
C PHE H 283 50.38 32.70 -19.09
N LEU H 284 50.88 31.92 -18.15
CA LEU H 284 52.04 32.34 -17.44
C LEU H 284 53.19 31.51 -17.98
N SER H 285 52.85 30.26 -18.20
CA SER H 285 53.76 29.25 -18.70
C SER H 285 54.56 29.74 -19.88
N LEU H 286 55.66 29.04 -20.13
CA LEU H 286 56.55 29.37 -21.23
C LEU H 286 56.58 28.23 -22.23
N ASP H 287 56.15 28.53 -23.45
CA ASP H 287 56.13 27.54 -24.51
C ASP H 287 57.54 27.01 -24.69
N LEU H 288 57.69 25.70 -24.48
CA LEU H 288 58.98 25.02 -24.58
C LEU H 288 59.47 24.88 -26.03
N GLN H 289 58.54 24.63 -26.95
CA GLN H 289 58.88 24.48 -28.36
C GLN H 289 57.99 25.34 -29.28
N GLY H 290 58.47 25.58 -30.49
CA GLY H 290 57.70 26.36 -31.44
C GLY H 290 58.24 27.76 -31.56
N ASP H 291 57.68 28.52 -32.49
CA ASP H 291 58.08 29.91 -32.72
C ASP H 291 57.57 30.74 -31.54
N PRO H 292 58.47 31.50 -30.89
CA PRO H 292 58.19 32.36 -29.73
C PRO H 292 57.07 33.36 -29.97
N ARG H 293 57.10 33.99 -31.15
CA ARG H 293 56.10 34.97 -31.55
C ARG H 293 54.76 34.33 -31.94
N GLU H 294 54.16 33.58 -31.01
CA GLU H 294 52.87 32.92 -31.22
C GLU H 294 52.06 32.84 -29.91
N SER H 295 52.73 32.39 -28.84
CA SER H 295 52.10 32.26 -27.53
C SER H 295 51.84 33.61 -26.90
N GLN H 296 50.92 34.36 -27.47
CA GLN H 296 50.61 35.69 -26.96
C GLN H 296 50.30 35.67 -25.46
N PRO H 297 51.15 36.36 -24.66
CA PRO H 297 51.02 36.45 -23.21
C PRO H 297 49.81 37.24 -22.75
N LEU H 298 49.73 37.33 -21.43
CA LEU H 298 48.68 38.03 -20.71
C LEU H 298 47.98 39.17 -21.46
N LEU H 299 46.65 39.10 -21.53
CA LEU H 299 45.92 40.16 -22.16
C LEU H 299 46.07 41.30 -21.15
N GLY H 300 47.08 42.14 -21.31
CA GLY H 300 47.28 43.22 -20.35
C GLY H 300 46.66 44.57 -20.67
N THR H 301 47.39 45.62 -20.31
CA THR H 301 46.98 47.01 -20.53
C THR H 301 46.91 47.29 -22.02
N VAL H 302 46.00 48.13 -22.46
CA VAL H 302 45.95 48.44 -23.88
C VAL H 302 45.59 49.89 -24.08
N ILE H 303 46.15 50.52 -25.11
CA ILE H 303 45.85 51.91 -25.40
C ILE H 303 44.40 51.92 -25.87
N ASP H 304 43.53 52.49 -25.05
CA ASP H 304 42.10 52.52 -25.32
C ASP H 304 41.55 53.91 -25.56
N GLY H 305 42.33 54.93 -25.23
CA GLY H 305 41.86 56.30 -25.43
C GLY H 305 41.01 56.86 -24.30
N MET H 306 40.78 56.07 -23.26
CA MET H 306 40.01 56.51 -22.09
C MET H 306 41.02 56.58 -20.94
N LEU H 307 41.57 55.43 -20.57
CA LEU H 307 42.56 55.32 -19.52
C LEU H 307 43.88 55.87 -20.04
N LEU H 308 44.35 55.31 -21.15
CA LEU H 308 45.59 55.75 -21.77
C LEU H 308 45.32 56.22 -23.21
N LEU H 309 45.57 57.50 -23.46
CA LEU H 309 45.33 58.10 -24.76
C LEU H 309 46.38 57.72 -25.78
N LYS H 310 47.52 57.21 -25.33
CA LYS H 310 48.59 56.79 -26.23
C LYS H 310 49.60 55.97 -25.45
N THR H 311 50.50 55.26 -26.13
CA THR H 311 51.45 54.40 -25.43
C THR H 311 52.24 55.14 -24.35
N PRO H 312 52.65 54.42 -23.31
CA PRO H 312 53.41 55.04 -22.22
C PRO H 312 54.63 55.78 -22.76
N GLU H 313 55.43 55.05 -23.53
CA GLU H 313 56.65 55.59 -24.14
C GLU H 313 56.40 57.00 -24.66
N GLU H 314 55.37 57.16 -25.49
CA GLU H 314 55.01 58.44 -26.06
C GLU H 314 54.64 59.43 -24.97
N LEU H 315 53.72 59.04 -24.11
CA LEU H 315 53.28 59.92 -23.03
C LEU H 315 54.41 60.56 -22.19
N GLN H 316 55.47 59.80 -21.96
CA GLN H 316 56.60 60.28 -21.19
C GLN H 316 57.27 61.52 -21.79
N ALA H 317 57.24 61.60 -23.12
CA ALA H 317 57.83 62.74 -23.83
C ALA H 317 57.08 63.99 -23.43
N GLU H 318 55.80 63.80 -23.12
CA GLU H 318 54.93 64.88 -22.71
C GLU H 318 55.48 65.60 -21.49
N ARG H 319 55.34 66.92 -21.46
CA ARG H 319 55.80 67.75 -20.35
C ARG H 319 54.64 68.27 -19.52
N ASN H 320 54.06 69.38 -19.96
CA ASN H 320 52.91 70.00 -19.28
C ASN H 320 51.89 68.95 -18.85
N PHE H 321 51.77 68.75 -17.53
CA PHE H 321 50.85 67.77 -16.96
C PHE H 321 50.94 67.85 -15.44
N HIS H 322 49.98 67.19 -14.78
CA HIS H 322 49.93 67.12 -13.32
C HIS H 322 50.92 66.04 -12.85
N THR H 323 52.02 66.50 -12.28
CA THR H 323 53.07 65.62 -11.82
C THR H 323 52.99 65.42 -10.31
N VAL H 324 53.26 64.20 -9.88
CA VAL H 324 53.26 63.86 -8.45
C VAL H 324 54.53 63.09 -8.08
N PRO H 325 54.98 63.18 -6.81
CA PRO H 325 56.18 62.48 -6.38
C PRO H 325 56.06 61.02 -6.80
N TYR H 326 57.12 60.47 -7.35
CA TYR H 326 57.07 59.09 -7.82
C TYR H 326 58.30 58.37 -7.30
N MET H 327 58.13 57.11 -6.88
CA MET H 327 59.23 56.31 -6.37
C MET H 327 59.28 54.97 -7.09
N VAL H 328 60.26 54.81 -7.96
CA VAL H 328 60.42 53.58 -8.72
C VAL H 328 61.60 52.79 -8.17
N GLY H 329 61.39 51.50 -7.92
CA GLY H 329 62.46 50.69 -7.39
C GLY H 329 62.52 49.27 -7.92
N ILE H 330 63.70 48.68 -7.87
CA ILE H 330 63.91 47.32 -8.34
C ILE H 330 64.74 46.53 -7.34
N ASN H 331 64.75 45.21 -7.52
CA ASN H 331 65.50 44.30 -6.66
C ASN H 331 66.72 43.72 -7.39
N LYS H 332 67.81 43.56 -6.66
CA LYS H 332 69.05 43.02 -7.20
C LYS H 332 68.83 41.89 -8.23
N GLN H 333 68.00 40.92 -7.86
CA GLN H 333 67.72 39.77 -8.74
C GLN H 333 66.21 39.57 -8.98
N GLU H 334 65.62 40.46 -9.77
CA GLU H 334 64.21 40.40 -10.06
C GLU H 334 63.85 39.07 -10.69
N PHE H 335 64.79 38.49 -11.40
CA PHE H 335 64.54 37.22 -12.05
C PHE H 335 65.32 36.14 -11.35
N GLY H 336 65.58 36.35 -10.05
CA GLY H 336 66.34 35.41 -9.26
C GLY H 336 65.86 33.96 -9.18
N TRP H 337 64.77 33.72 -8.51
CA TRP H 337 64.30 32.37 -8.40
C TRP H 337 62.79 32.27 -8.59
N LEU H 338 62.05 33.17 -7.93
CA LEU H 338 60.59 33.18 -7.98
C LEU H 338 59.95 33.16 -9.37
N ILE H 339 60.12 34.23 -10.13
CA ILE H 339 59.51 34.28 -11.46
C ILE H 339 59.80 33.02 -12.27
N PRO H 340 61.09 32.74 -12.57
CA PRO H 340 61.46 31.57 -13.34
C PRO H 340 60.87 30.27 -12.82
N MET H 341 60.82 30.17 -11.50
CA MET H 341 60.29 28.97 -10.86
C MET H 341 58.88 28.61 -11.33
N LEU H 342 57.99 29.61 -11.40
CA LEU H 342 56.62 29.39 -11.83
C LEU H 342 56.59 29.23 -13.36
N MET H 343 57.33 30.10 -14.05
CA MET H 343 57.41 30.09 -15.50
C MET H 343 57.87 28.71 -15.97
N SER H 344 58.43 27.92 -15.06
CA SER H 344 58.92 26.59 -15.38
C SER H 344 60.05 26.73 -16.41
N TYR H 345 61.02 27.58 -16.10
CA TYR H 345 62.14 27.79 -17.00
C TYR H 345 63.02 26.56 -17.11
N PRO H 346 63.53 26.28 -18.32
CA PRO H 346 64.40 25.14 -18.63
C PRO H 346 65.61 25.03 -17.70
N LEU H 347 65.81 26.06 -16.89
CA LEU H 347 66.92 26.09 -15.94
C LEU H 347 66.67 25.15 -14.76
N SER H 348 67.26 23.95 -14.85
CA SER H 348 67.11 22.92 -13.82
C SER H 348 68.46 22.23 -13.54
N GLU H 349 69.39 22.37 -14.48
CA GLU H 349 70.71 21.78 -14.34
C GLU H 349 71.64 22.70 -13.56
N GLY H 350 71.30 23.99 -13.53
CA GLY H 350 72.10 24.97 -12.80
C GLY H 350 73.32 25.42 -13.58
N GLN H 351 73.43 24.94 -14.81
CA GLN H 351 74.54 25.25 -15.72
C GLN H 351 74.01 25.67 -17.08
N LEU H 352 74.53 26.77 -17.61
CA LEU H 352 74.08 27.25 -18.90
C LEU H 352 75.25 27.66 -19.80
N ASP H 353 75.28 27.11 -21.00
CA ASP H 353 76.35 27.40 -21.96
C ASP H 353 75.93 28.46 -22.96
N GLN H 354 76.84 28.77 -23.90
CA GLN H 354 76.58 29.79 -24.91
C GLN H 354 75.51 29.42 -25.91
N LYS H 355 75.74 28.36 -26.67
CA LYS H 355 74.78 27.94 -27.68
C LYS H 355 73.36 27.89 -27.14
N THR H 356 73.19 27.28 -25.96
CA THR H 356 71.87 27.15 -25.33
C THR H 356 71.34 28.51 -24.88
N ALA H 357 72.22 29.35 -24.37
CA ALA H 357 71.83 30.68 -23.92
C ALA H 357 70.97 31.38 -24.98
N MET H 358 71.56 31.65 -26.15
CA MET H 358 70.85 32.32 -27.23
C MET H 358 69.57 31.57 -27.58
N SER H 359 69.74 30.28 -27.86
CA SER H 359 68.64 29.40 -28.23
C SER H 359 67.53 29.44 -27.20
N LEU H 360 67.86 29.88 -25.98
CA LEU H 360 66.86 29.98 -24.94
C LEU H 360 66.33 31.41 -24.87
N LEU H 361 67.23 32.40 -24.76
CA LEU H 361 66.82 33.80 -24.70
C LEU H 361 65.81 34.08 -25.80
N TRP H 362 65.96 33.36 -26.90
CA TRP H 362 65.06 33.48 -28.03
C TRP H 362 63.65 33.08 -27.63
N LYS H 363 63.50 31.83 -27.24
CA LYS H 363 62.19 31.34 -26.84
C LYS H 363 61.63 32.13 -25.64
N SER H 364 62.27 33.24 -25.31
CA SER H 364 61.88 34.07 -24.19
C SER H 364 61.25 35.37 -24.66
N TYR H 365 61.11 35.48 -25.97
CA TYR H 365 60.54 36.66 -26.62
C TYR H 365 59.33 37.24 -25.90
N PRO H 366 58.39 36.39 -25.50
CA PRO H 366 57.22 36.92 -24.81
C PRO H 366 57.57 37.63 -23.48
N LEU H 367 58.84 37.53 -23.09
CA LEU H 367 59.30 38.15 -21.86
C LEU H 367 60.30 39.26 -22.12
N VAL H 368 61.14 39.06 -23.12
CA VAL H 368 62.16 40.05 -23.43
C VAL H 368 61.88 40.92 -24.66
N CYS H 369 61.27 40.33 -25.70
CA CYS H 369 60.95 41.02 -26.96
C CYS H 369 62.24 41.45 -27.66
N ILE H 370 63.09 40.48 -27.94
CA ILE H 370 64.35 40.71 -28.61
C ILE H 370 64.39 39.88 -29.89
N ALA H 371 64.55 40.55 -31.02
CA ALA H 371 64.63 39.86 -32.31
C ALA H 371 65.78 38.86 -32.30
N LYS H 372 65.54 37.70 -32.90
CA LYS H 372 66.52 36.61 -32.99
C LYS H 372 67.89 37.10 -33.50
N GLU H 373 67.87 37.93 -34.54
CA GLU H 373 69.12 38.45 -35.11
C GLU H 373 69.83 39.43 -34.18
N LEU H 374 69.30 39.58 -32.97
CA LEU H 374 69.88 40.46 -31.96
C LEU H 374 70.32 39.69 -30.71
N ILE H 375 69.87 38.44 -30.62
CA ILE H 375 70.18 37.58 -29.49
C ILE H 375 71.68 37.37 -29.31
N PRO H 376 72.38 36.98 -30.38
CA PRO H 376 73.83 36.76 -30.29
C PRO H 376 74.58 37.96 -29.70
N GLU H 377 74.14 39.15 -30.11
CA GLU H 377 74.76 40.39 -29.66
C GLU H 377 74.67 40.53 -28.15
N ALA H 378 73.45 40.74 -27.64
CA ALA H 378 73.27 40.89 -26.20
C ALA H 378 73.92 39.73 -25.42
N THR H 379 73.65 38.51 -25.86
CA THR H 379 74.20 37.34 -25.19
C THR H 379 75.71 37.44 -25.00
N GLU H 380 76.35 38.30 -25.79
CA GLU H 380 77.79 38.49 -25.72
C GLU H 380 78.20 39.49 -24.64
N LYS H 381 77.46 40.58 -24.54
CA LYS H 381 77.73 41.64 -23.58
C LYS H 381 77.59 41.12 -22.15
N TYR H 382 76.77 40.08 -22.00
CA TYR H 382 76.55 39.52 -20.69
C TYR H 382 77.27 38.21 -20.43
N LEU H 383 76.84 37.17 -21.13
CA LEU H 383 77.42 35.83 -21.00
C LEU H 383 78.78 35.60 -21.67
N GLY H 384 79.47 36.67 -22.05
CA GLY H 384 80.77 36.51 -22.68
C GLY H 384 81.91 36.78 -21.72
N GLY H 385 81.54 37.05 -20.46
CA GLY H 385 82.53 37.35 -19.43
C GLY H 385 83.53 36.23 -19.19
N THR H 386 83.03 35.08 -18.79
CA THR H 386 83.90 33.94 -18.53
C THR H 386 83.47 32.68 -19.30
N ASP H 387 84.07 31.55 -18.93
CA ASP H 387 83.78 30.26 -19.55
C ASP H 387 83.36 29.25 -18.45
N ASP H 388 82.34 29.61 -17.68
CA ASP H 388 81.81 28.76 -16.61
C ASP H 388 80.28 28.74 -16.63
N THR H 389 79.70 27.61 -17.04
CA THR H 389 78.26 27.45 -17.12
C THR H 389 77.53 27.94 -15.87
N VAL H 390 78.20 27.86 -14.72
CA VAL H 390 77.64 28.31 -13.46
C VAL H 390 77.43 29.81 -13.54
N LYS H 391 78.52 30.56 -13.49
CA LYS H 391 78.44 32.01 -13.53
C LYS H 391 77.62 32.49 -14.72
N LYS H 392 77.52 31.68 -15.78
CA LYS H 392 76.73 32.05 -16.95
C LYS H 392 75.26 32.15 -16.55
N LYS H 393 74.71 31.03 -16.12
CA LYS H 393 73.31 30.97 -15.69
C LYS H 393 72.93 32.25 -14.97
N ASP H 394 73.53 32.48 -13.81
CA ASP H 394 73.25 33.68 -13.04
C ASP H 394 73.35 34.92 -13.93
N LEU H 395 74.28 34.89 -14.89
CA LEU H 395 74.43 36.02 -15.79
C LEU H 395 73.24 36.14 -16.69
N PHE H 396 72.75 35.01 -17.19
CA PHE H 396 71.60 35.03 -18.08
C PHE H 396 70.37 35.59 -17.34
N LEU H 397 70.20 35.16 -16.09
CA LEU H 397 69.09 35.65 -15.27
C LEU H 397 69.23 37.16 -15.06
N ASP H 398 70.47 37.59 -14.84
CA ASP H 398 70.75 39.01 -14.64
C ASP H 398 70.42 39.71 -15.95
N LEU H 399 70.52 38.97 -17.04
CA LEU H 399 70.25 39.53 -18.35
C LEU H 399 68.79 39.84 -18.51
N ILE H 400 67.95 38.85 -18.22
CA ILE H 400 66.51 39.02 -18.36
C ILE H 400 66.00 40.12 -17.44
N ALA H 401 66.43 40.08 -16.19
CA ALA H 401 66.01 41.06 -15.19
C ALA H 401 66.24 42.51 -15.63
N ASP H 402 67.42 42.78 -16.17
CA ASP H 402 67.72 44.10 -16.64
C ASP H 402 66.70 44.55 -17.70
N VAL H 403 66.28 43.62 -18.56
CA VAL H 403 65.31 43.94 -19.62
C VAL H 403 63.87 44.05 -19.18
N MET H 404 63.47 43.25 -18.20
CA MET H 404 62.08 43.34 -17.78
C MET H 404 61.87 44.53 -16.87
N PHE H 405 62.76 44.72 -15.90
CA PHE H 405 62.65 45.80 -14.92
C PHE H 405 63.77 46.86 -14.93
N GLY H 406 64.99 46.45 -14.62
CA GLY H 406 66.11 47.36 -14.60
C GLY H 406 66.01 48.56 -15.55
N VAL H 407 66.40 48.35 -16.82
CA VAL H 407 66.35 49.39 -17.85
C VAL H 407 65.02 50.16 -17.97
N PRO H 408 63.90 49.42 -18.08
CA PRO H 408 62.56 50.03 -18.21
C PRO H 408 62.22 50.92 -17.03
N SER H 409 62.59 50.47 -15.83
CA SER H 409 62.33 51.24 -14.61
C SER H 409 63.20 52.47 -14.59
N VAL H 410 64.51 52.31 -14.69
CA VAL H 410 65.37 53.49 -14.67
C VAL H 410 64.90 54.55 -15.67
N ILE H 411 64.48 54.13 -16.85
CA ILE H 411 64.03 55.10 -17.81
C ILE H 411 62.82 55.87 -17.30
N VAL H 412 61.82 55.15 -16.79
CA VAL H 412 60.59 55.78 -16.31
C VAL H 412 60.92 56.89 -15.33
N ALA H 413 61.91 56.60 -14.50
CA ALA H 413 62.35 57.56 -13.50
C ALA H 413 63.01 58.73 -14.18
N ARG H 414 64.01 58.45 -14.99
CA ARG H 414 64.72 59.53 -15.66
C ARG H 414 63.74 60.49 -16.30
N ASN H 415 62.79 59.94 -17.03
CA ASN H 415 61.79 60.73 -17.73
C ASN H 415 60.84 61.47 -16.79
N HIS H 416 60.71 60.98 -15.57
CA HIS H 416 59.87 61.63 -14.59
C HIS H 416 60.62 62.88 -14.15
N ARG H 417 61.88 62.70 -13.76
CA ARG H 417 62.75 63.79 -13.32
C ARG H 417 62.75 64.91 -14.34
N ASP H 418 62.81 64.55 -15.62
CA ASP H 418 62.83 65.52 -16.69
C ASP H 418 61.56 66.37 -16.67
N ALA H 419 60.45 65.78 -16.25
CA ALA H 419 59.21 66.52 -16.19
C ALA H 419 59.26 67.48 -15.02
N GLY H 420 60.41 67.48 -14.33
CA GLY H 420 60.62 68.35 -13.18
C GLY H 420 59.82 67.93 -11.96
N ALA H 421 59.61 66.64 -11.82
CA ALA H 421 58.84 66.11 -10.72
C ALA H 421 59.68 65.40 -9.69
N PRO H 422 59.28 65.44 -8.41
CA PRO H 422 60.08 64.74 -7.41
C PRO H 422 60.22 63.28 -7.81
N THR H 423 61.44 62.76 -7.89
CA THR H 423 61.64 61.35 -8.23
C THR H 423 62.65 60.75 -7.26
N TYR H 424 62.46 59.48 -6.92
CA TYR H 424 63.35 58.78 -5.99
C TYR H 424 63.45 57.36 -6.49
N MET H 425 64.61 56.75 -6.40
CA MET H 425 64.72 55.37 -6.86
C MET H 425 65.37 54.55 -5.77
N TYR H 426 65.22 53.24 -5.87
CA TYR H 426 65.82 52.34 -4.88
C TYR H 426 66.13 50.95 -5.45
N GLU H 427 67.09 50.27 -4.83
CA GLU H 427 67.43 48.91 -5.23
C GLU H 427 67.49 48.06 -3.98
N PHE H 428 66.59 47.08 -3.89
CA PHE H 428 66.52 46.19 -2.74
C PHE H 428 67.48 45.01 -2.94
N GLN H 429 68.26 44.70 -1.92
CA GLN H 429 69.22 43.60 -1.96
C GLN H 429 69.24 42.93 -0.61
N TYR H 430 68.25 42.11 -0.34
CA TYR H 430 68.19 41.41 0.94
C TYR H 430 67.49 40.08 0.77
N ARG H 431 67.85 39.08 1.58
CA ARG H 431 67.18 37.78 1.48
C ARG H 431 66.44 37.47 2.75
N PRO H 432 65.11 37.59 2.72
CA PRO H 432 64.31 37.31 3.92
C PRO H 432 64.28 35.83 4.33
N SER H 433 64.15 35.61 5.63
CA SER H 433 64.10 34.26 6.16
C SER H 433 62.80 33.56 5.80
N PHE H 434 61.82 34.32 5.33
CA PHE H 434 60.52 33.74 4.97
C PHE H 434 60.48 33.23 3.52
N SER H 435 61.63 32.83 2.98
CA SER H 435 61.72 32.35 1.62
C SER H 435 61.36 30.85 1.52
N SER H 436 61.10 30.42 0.30
CA SER H 436 60.77 29.02 0.04
C SER H 436 61.99 28.12 0.29
N ASP H 437 61.73 26.91 0.79
CA ASP H 437 62.80 25.96 1.08
C ASP H 437 63.63 25.65 -0.15
N MET H 438 62.98 25.65 -1.32
CA MET H 438 63.67 25.36 -2.57
C MET H 438 64.42 26.58 -3.13
N LYS H 439 64.36 27.70 -2.42
CA LYS H 439 65.04 28.92 -2.87
C LYS H 439 66.50 28.94 -2.43
N PRO H 440 67.44 28.76 -3.37
CA PRO H 440 68.86 28.77 -3.01
C PRO H 440 69.25 29.99 -2.20
N LYS H 441 70.03 29.73 -1.16
CA LYS H 441 70.48 30.75 -0.24
C LYS H 441 71.48 31.69 -0.92
N THR H 442 71.74 31.44 -2.19
CA THR H 442 72.67 32.29 -2.91
C THR H 442 71.93 33.53 -3.47
N VAL H 443 70.61 33.41 -3.63
CA VAL H 443 69.80 34.51 -4.17
C VAL H 443 69.47 35.58 -3.15
N ILE H 444 69.87 36.81 -3.44
CA ILE H 444 69.63 37.93 -2.54
C ILE H 444 68.97 39.08 -3.29
N GLY H 445 67.69 39.32 -3.02
CA GLY H 445 66.99 40.40 -3.68
C GLY H 445 66.07 39.90 -4.77
N ASP H 446 65.62 38.66 -4.61
CA ASP H 446 64.72 38.00 -5.56
C ASP H 446 63.46 38.83 -5.77
N HIS H 447 62.68 38.49 -6.78
CA HIS H 447 61.46 39.23 -7.06
C HIS H 447 60.48 39.19 -5.88
N GLY H 448 60.17 40.37 -5.35
CA GLY H 448 59.20 40.47 -4.26
C GLY H 448 59.70 40.32 -2.84
N ASP H 449 61.02 40.29 -2.67
CA ASP H 449 61.56 40.13 -1.32
C ASP H 449 61.30 41.35 -0.44
N GLU H 450 61.09 42.51 -1.05
CA GLU H 450 60.84 43.70 -0.26
C GLU H 450 59.44 43.67 0.32
N LEU H 451 58.55 42.89 -0.29
CA LEU H 451 57.16 42.87 0.20
C LEU H 451 57.10 42.63 1.69
N PHE H 452 57.89 41.68 2.16
CA PHE H 452 57.90 41.39 3.58
C PHE H 452 58.36 42.58 4.43
N SER H 453 59.41 43.25 4.00
CA SER H 453 59.94 44.38 4.72
C SER H 453 58.90 45.49 4.75
N VAL H 454 58.40 45.84 3.59
CA VAL H 454 57.37 46.87 3.48
C VAL H 454 56.13 46.64 4.37
N PHE H 455 55.54 45.46 4.25
CA PHE H 455 54.35 45.14 5.02
C PHE H 455 54.63 44.58 6.38
N GLY H 456 55.84 44.83 6.91
CA GLY H 456 56.18 44.33 8.24
C GLY H 456 55.87 42.87 8.56
N ALA H 457 56.44 41.97 7.79
CA ALA H 457 56.25 40.56 8.03
C ALA H 457 56.87 40.18 9.39
N PRO H 458 58.08 40.71 9.71
CA PRO H 458 58.70 40.38 10.99
C PRO H 458 57.72 40.48 12.17
N PHE H 459 56.72 41.34 12.06
CA PHE H 459 55.78 41.48 13.14
C PHE H 459 54.54 40.61 13.01
N LEU H 460 54.43 39.89 11.90
CA LEU H 460 53.27 39.01 11.68
C LEU H 460 53.66 37.53 11.62
N LYS H 461 54.89 37.27 11.19
CA LYS H 461 55.41 35.91 11.10
C LYS H 461 56.34 35.68 12.28
N GLU H 462 56.31 34.50 12.86
CA GLU H 462 57.18 34.23 13.99
C GLU H 462 58.61 33.94 13.59
N GLY H 463 59.53 34.24 14.51
CA GLY H 463 60.94 34.01 14.29
C GLY H 463 61.56 34.85 13.18
N ALA H 464 62.23 35.94 13.58
CA ALA H 464 62.86 36.84 12.63
C ALA H 464 64.05 37.53 13.26
N SER H 465 65.18 37.50 12.57
CA SER H 465 66.41 38.14 13.08
C SER H 465 66.24 39.64 13.30
N GLU H 466 66.71 40.12 14.44
CA GLU H 466 66.60 41.54 14.75
C GLU H 466 67.02 42.38 13.56
N GLU H 467 67.98 41.90 12.79
CA GLU H 467 68.44 42.63 11.63
C GLU H 467 67.31 42.83 10.60
N GLU H 468 66.46 41.80 10.49
CA GLU H 468 65.33 41.76 9.57
C GLU H 468 64.18 42.59 10.10
N ILE H 469 64.23 42.88 11.40
CA ILE H 469 63.21 43.71 12.04
C ILE H 469 63.59 45.19 11.84
N ARG H 470 64.89 45.48 11.93
CA ARG H 470 65.40 46.82 11.74
C ARG H 470 65.23 47.23 10.29
N LEU H 471 65.36 46.29 9.36
CA LEU H 471 65.20 46.61 7.94
C LEU H 471 63.74 46.88 7.58
N SER H 472 62.85 46.08 8.13
CA SER H 472 61.43 46.28 7.91
C SER H 472 60.98 47.59 8.54
N LYS H 473 61.47 47.90 9.74
CA LYS H 473 61.10 49.13 10.42
C LYS H 473 61.51 50.32 9.59
N MET H 474 62.70 50.25 9.02
CA MET H 474 63.26 51.31 8.19
C MET H 474 62.45 51.56 6.94
N VAL H 475 62.25 50.51 6.13
CA VAL H 475 61.49 50.59 4.88
C VAL H 475 60.11 51.22 5.07
N MET H 476 59.38 50.71 6.07
CA MET H 476 58.08 51.25 6.40
C MET H 476 58.23 52.73 6.75
N LYS H 477 59.28 53.11 7.45
CA LYS H 477 59.45 54.52 7.75
C LYS H 477 59.56 55.29 6.45
N PHE H 478 60.47 54.88 5.57
CA PHE H 478 60.65 55.54 4.27
C PHE H 478 59.35 55.64 3.47
N TRP H 479 58.56 54.58 3.51
CA TRP H 479 57.31 54.56 2.77
C TRP H 479 56.32 55.51 3.40
N ALA H 480 56.00 55.31 4.66
CA ALA H 480 55.08 56.22 5.33
C ALA H 480 55.57 57.66 5.12
N ASN H 481 56.83 57.92 5.42
CA ASN H 481 57.39 59.24 5.24
C ASN H 481 57.18 59.79 3.84
N PHE H 482 57.25 58.92 2.82
CA PHE H 482 57.05 59.34 1.43
C PHE H 482 55.60 59.75 1.18
N ALA H 483 54.68 58.99 1.77
CA ALA H 483 53.24 59.23 1.67
C ALA H 483 52.85 60.48 2.45
N ARG H 484 53.53 60.72 3.55
CA ARG H 484 53.26 61.88 4.36
C ARG H 484 53.67 63.19 3.70
N ASN H 485 54.98 63.41 3.61
CA ASN H 485 55.54 64.63 3.05
C ASN H 485 55.85 64.54 1.54
N GLY H 486 55.83 63.32 1.01
CA GLY H 486 56.16 63.11 -0.39
C GLY H 486 57.67 62.89 -0.56
N ASN H 487 58.39 62.84 0.57
CA ASN H 487 59.85 62.65 0.64
C ASN H 487 60.06 61.50 1.61
N PRO H 488 60.89 60.51 1.24
CA PRO H 488 61.16 59.35 2.09
C PRO H 488 61.91 59.66 3.36
N ASN H 489 62.71 60.71 3.35
CA ASN H 489 63.49 61.05 4.53
C ASN H 489 62.76 61.47 5.80
N GLY H 490 63.50 61.43 6.90
CA GLY H 490 62.95 61.76 8.19
C GLY H 490 63.96 61.37 9.24
N GLU H 491 63.84 61.97 10.41
CA GLU H 491 64.75 61.71 11.53
C GLU H 491 64.95 60.22 11.81
N GLY H 492 66.21 59.81 11.82
CA GLY H 492 66.54 58.42 12.09
C GLY H 492 66.67 57.54 10.86
N LEU H 493 66.99 58.16 9.73
CA LEU H 493 67.09 57.42 8.49
C LEU H 493 68.23 57.89 7.61
N PRO H 494 68.93 56.95 6.95
CA PRO H 494 70.05 57.27 6.05
C PRO H 494 69.53 58.26 5.03
N HIS H 495 70.34 59.21 4.57
CA HIS H 495 69.79 60.13 3.57
C HIS H 495 69.54 59.40 2.25
N TRP H 496 68.43 59.73 1.61
CA TRP H 496 68.04 59.13 0.36
C TRP H 496 67.96 60.28 -0.63
N PRO H 497 68.95 60.40 -1.53
CA PRO H 497 68.99 61.47 -2.53
C PRO H 497 67.87 61.36 -3.57
N GLU H 498 67.49 62.50 -4.13
CA GLU H 498 66.45 62.58 -5.14
C GLU H 498 67.07 62.16 -6.47
N TYR H 499 66.30 61.48 -7.31
CA TYR H 499 66.84 61.04 -8.57
C TYR H 499 66.90 62.22 -9.55
N ASN H 500 67.70 63.24 -9.20
CA ASN H 500 67.86 64.42 -10.03
C ASN H 500 68.87 64.20 -11.15
N GLN H 501 69.65 65.22 -11.50
CA GLN H 501 70.65 65.11 -12.56
C GLN H 501 71.85 64.26 -12.17
N LYS H 502 72.07 64.14 -10.85
CA LYS H 502 73.18 63.35 -10.33
C LYS H 502 72.78 61.90 -10.38
N GLU H 503 71.49 61.68 -10.60
CA GLU H 503 70.95 60.33 -10.68
C GLU H 503 71.29 59.45 -9.50
N GLY H 504 71.07 59.97 -8.31
CA GLY H 504 71.35 59.23 -7.10
C GLY H 504 70.16 58.40 -6.66
N TYR H 505 70.43 57.30 -5.98
CA TYR H 505 69.36 56.44 -5.51
C TYR H 505 69.79 55.83 -4.21
N LEU H 506 68.89 55.12 -3.55
CA LEU H 506 69.22 54.49 -2.28
C LEU H 506 69.39 52.97 -2.45
N GLN H 507 70.41 52.45 -1.79
CA GLN H 507 70.68 51.03 -1.84
C GLN H 507 70.21 50.47 -0.52
N ILE H 508 69.01 49.90 -0.55
CA ILE H 508 68.36 49.33 0.62
C ILE H 508 68.78 47.89 0.85
N GLY H 509 68.99 47.52 2.12
CA GLY H 509 69.40 46.17 2.43
C GLY H 509 69.89 46.09 3.86
N ALA H 510 70.71 45.09 4.18
CA ALA H 510 71.23 44.94 5.54
C ALA H 510 72.03 46.16 5.95
N ASN H 511 72.64 46.79 4.95
CA ASN H 511 73.47 47.98 5.13
C ASN H 511 73.05 49.03 4.07
N THR H 512 72.09 49.88 4.43
CA THR H 512 71.55 50.89 3.53
C THR H 512 72.38 52.15 3.35
N GLN H 513 72.85 52.35 2.13
CA GLN H 513 73.65 53.51 1.81
C GLN H 513 73.37 53.96 0.37
N ALA H 514 73.43 55.27 0.16
CA ALA H 514 73.15 55.84 -1.13
C ALA H 514 74.28 55.64 -2.13
N ALA H 515 73.90 55.56 -3.42
CA ALA H 515 74.83 55.40 -4.55
C ALA H 515 74.40 56.28 -5.73
N GLN H 516 74.83 55.92 -6.95
CA GLN H 516 74.49 56.72 -8.12
C GLN H 516 74.53 55.95 -9.44
N LYS H 517 74.00 56.57 -10.48
CA LYS H 517 73.94 55.99 -11.83
C LYS H 517 73.51 54.54 -11.79
N LEU H 518 72.27 54.35 -11.37
CA LEU H 518 71.70 53.01 -11.25
C LEU H 518 71.44 52.46 -12.63
N LYS H 519 71.95 51.25 -12.84
CA LYS H 519 71.80 50.53 -14.09
C LYS H 519 71.93 51.47 -15.29
N ASP H 520 72.73 52.52 -15.12
CA ASP H 520 72.93 53.51 -16.16
C ASP H 520 73.71 53.02 -17.37
N LYS H 521 74.55 52.01 -17.16
CA LYS H 521 75.33 51.44 -18.25
C LYS H 521 74.42 50.70 -19.22
N GLU H 522 73.64 49.77 -18.70
CA GLU H 522 72.72 48.98 -19.51
C GLU H 522 71.75 49.84 -20.34
N VAL H 523 71.03 50.74 -19.66
CA VAL H 523 70.06 51.61 -20.32
C VAL H 523 70.60 52.08 -21.65
N ALA H 524 71.63 52.91 -21.59
CA ALA H 524 72.27 53.46 -22.79
C ALA H 524 72.62 52.33 -23.76
N PHE H 525 73.06 51.21 -23.20
CA PHE H 525 73.42 50.06 -24.01
C PHE H 525 72.21 49.45 -24.68
N TRP H 526 71.26 49.00 -23.88
CA TRP H 526 70.05 48.39 -24.42
C TRP H 526 69.33 49.31 -25.41
N THR H 527 69.22 50.60 -25.09
CA THR H 527 68.53 51.53 -26.00
C THR H 527 69.09 51.38 -27.41
N ASN H 528 70.41 51.19 -27.51
CA ASN H 528 71.09 51.03 -28.78
C ASN H 528 70.85 49.68 -29.44
N LEU H 529 71.08 48.61 -28.70
CA LEU H 529 70.81 47.29 -29.20
C LEU H 529 69.37 47.19 -29.70
N PHE H 530 68.52 48.08 -29.19
CA PHE H 530 67.13 48.08 -29.60
C PHE H 530 66.94 48.87 -30.88
N ALA H 531 67.87 49.77 -31.18
CA ALA H 531 67.78 50.58 -32.41
C ALA H 531 68.17 49.76 -33.65
N LYS H 532 67.73 48.50 -33.67
CA LYS H 532 67.99 47.52 -34.74
C LYS H 532 69.47 47.45 -35.12
N SER I 1 -24.68 49.88 -26.13
CA SER I 1 -24.06 48.59 -26.43
C SER I 1 -22.55 48.78 -26.55
N SER I 2 -22.16 49.98 -26.96
CA SER I 2 -20.77 50.36 -27.14
C SER I 2 -19.99 50.18 -25.84
N PRO I 3 -19.08 49.19 -25.81
CA PRO I 3 -18.26 48.89 -24.63
C PRO I 3 -17.64 50.16 -24.05
N PRO I 4 -17.28 49.94 -22.82
CA PRO I 4 -17.06 51.23 -22.02
C PRO I 4 -15.39 51.58 -22.50
N VAL I 5 -14.97 52.84 -22.58
CA VAL I 5 -13.64 53.20 -23.00
C VAL I 5 -13.16 54.33 -22.15
N VAL I 6 -12.21 54.04 -21.27
CA VAL I 6 -11.69 55.07 -20.35
C VAL I 6 -10.26 55.39 -20.70
N ASP I 7 -9.93 56.68 -20.63
CA ASP I 7 -8.59 57.15 -20.91
C ASP I 7 -7.73 57.12 -19.64
N THR I 8 -6.50 56.61 -19.78
CA THR I 8 -5.55 56.53 -18.68
C THR I 8 -4.25 57.17 -19.11
N VAL I 9 -3.45 57.54 -18.10
CA VAL I 9 -2.16 58.20 -18.30
C VAL I 9 -1.31 57.48 -19.31
N HIS I 10 -1.32 56.16 -19.25
CA HIS I 10 -0.56 55.33 -20.18
C HIS I 10 -1.34 54.96 -21.45
N GLY I 11 -2.65 55.21 -21.45
CA GLY I 11 -3.44 54.89 -22.61
C GLY I 11 -4.89 54.54 -22.38
N LYS I 12 -5.61 54.38 -23.50
CA LYS I 12 -7.04 54.03 -23.53
C LYS I 12 -7.27 52.55 -23.24
N VAL I 13 -8.21 52.29 -22.35
CA VAL I 13 -8.51 50.94 -21.95
C VAL I 13 -9.91 50.61 -22.33
N LEU I 14 -10.12 49.37 -22.77
CA LEU I 14 -11.43 48.89 -23.19
C LEU I 14 -11.98 47.79 -22.29
N GLY I 15 -13.23 47.93 -21.83
CA GLY I 15 -13.81 46.91 -20.96
C GLY I 15 -15.20 46.51 -21.40
N LYS I 16 -15.87 45.65 -20.63
CA LYS I 16 -17.21 45.23 -21.01
C LYS I 16 -18.27 45.60 -19.98
N PHE I 17 -19.49 45.88 -20.43
CA PHE I 17 -20.58 46.24 -19.52
C PHE I 17 -21.26 45.00 -18.96
N VAL I 18 -21.55 45.02 -17.66
CA VAL I 18 -22.24 43.92 -16.98
C VAL I 18 -23.33 44.48 -16.08
N SER I 19 -24.57 44.12 -16.37
CA SER I 19 -25.70 44.61 -15.60
C SER I 19 -26.00 43.65 -14.49
N LEU I 20 -26.46 44.16 -13.34
CA LEU I 20 -26.78 43.31 -12.19
C LEU I 20 -28.27 43.39 -11.89
N GLU I 21 -28.82 42.33 -11.31
CA GLU I 21 -30.26 42.29 -10.98
C GLU I 21 -30.63 43.37 -9.97
N GLY I 22 -31.58 44.23 -10.36
CA GLY I 22 -32.01 45.29 -9.47
C GLY I 22 -31.33 46.63 -9.69
N PHE I 23 -30.47 46.70 -10.71
CA PHE I 23 -29.77 47.95 -10.99
C PHE I 23 -29.86 48.26 -12.48
N ALA I 24 -30.26 49.49 -12.79
CA ALA I 24 -30.38 49.92 -14.16
C ALA I 24 -28.96 50.06 -14.74
N GLN I 25 -28.29 51.14 -14.35
CA GLN I 25 -26.93 51.43 -14.78
C GLN I 25 -25.98 50.23 -14.55
N PRO I 26 -25.55 49.59 -15.64
CA PRO I 26 -24.65 48.44 -15.53
C PRO I 26 -23.31 48.87 -14.92
N VAL I 27 -22.44 47.90 -14.69
CA VAL I 27 -21.15 48.19 -14.10
C VAL I 27 -20.04 47.93 -15.09
N ALA I 28 -19.19 48.92 -15.30
CA ALA I 28 -18.06 48.79 -16.23
C ALA I 28 -17.00 47.94 -15.56
N ILE I 29 -16.62 46.85 -16.23
CA ILE I 29 -15.64 45.91 -15.71
C ILE I 29 -14.38 45.75 -16.57
N PHE I 30 -13.27 46.27 -16.07
CA PHE I 30 -12.00 46.14 -16.78
C PHE I 30 -11.06 45.10 -16.08
N LEU I 31 -10.71 44.02 -16.80
CA LEU I 31 -9.87 42.95 -16.26
C LEU I 31 -8.44 42.91 -16.81
N GLY I 32 -7.44 43.10 -15.96
CA GLY I 32 -6.07 43.03 -16.44
C GLY I 32 -5.46 44.31 -16.96
N ILE I 33 -5.71 45.42 -16.29
CA ILE I 33 -5.13 46.68 -16.71
C ILE I 33 -3.74 46.64 -16.09
N PRO I 34 -2.68 46.75 -16.91
CA PRO I 34 -1.31 46.71 -16.36
C PRO I 34 -1.02 47.94 -15.52
N PHE I 35 -0.41 47.74 -14.37
CA PHE I 35 -0.11 48.86 -13.50
C PHE I 35 1.32 48.92 -13.14
N ALA I 36 2.11 48.04 -13.78
CA ALA I 36 3.54 47.97 -13.57
C ALA I 36 4.14 47.17 -14.71
N LYS I 37 5.37 47.49 -15.05
CA LYS I 37 5.92 46.76 -16.14
C LYS I 37 6.17 45.21 -15.76
N PRO I 38 6.01 44.28 -16.68
CA PRO I 38 6.21 42.82 -16.34
C PRO I 38 7.55 42.55 -15.72
N PRO I 39 7.61 42.07 -14.46
CA PRO I 39 8.84 41.79 -13.73
C PRO I 39 9.60 40.55 -14.20
N LEU I 40 10.13 40.64 -15.42
CA LEU I 40 10.85 39.53 -16.05
C LEU I 40 12.33 39.88 -16.24
N GLY I 41 13.12 38.83 -16.45
CA GLY I 41 14.54 38.99 -16.63
C GLY I 41 15.15 39.77 -15.50
N PRO I 42 15.99 40.75 -15.81
CA PRO I 42 16.68 41.61 -14.86
C PRO I 42 15.76 42.45 -13.99
N LEU I 43 14.48 42.15 -14.03
CA LEU I 43 13.51 42.86 -13.22
C LEU I 43 12.96 41.91 -12.16
N ARG I 44 13.59 40.75 -12.06
CA ARG I 44 13.16 39.78 -11.07
C ARG I 44 13.86 40.19 -9.77
N PHE I 45 13.12 40.17 -8.67
CA PHE I 45 13.67 40.53 -7.37
C PHE I 45 14.02 42.03 -7.32
N THR I 46 13.25 42.85 -8.01
CA THR I 46 13.51 44.27 -8.01
C THR I 46 12.19 44.99 -7.95
N PRO I 47 12.17 46.22 -7.41
CA PRO I 47 11.02 47.08 -7.25
C PRO I 47 10.31 47.24 -8.57
N PRO I 48 8.97 47.18 -8.58
CA PRO I 48 8.20 47.32 -9.82
C PRO I 48 8.43 48.67 -10.49
N GLN I 49 8.49 48.67 -11.83
CA GLN I 49 8.71 49.89 -12.58
C GLN I 49 7.50 50.27 -13.36
N PRO I 50 7.31 51.57 -13.58
CA PRO I 50 6.15 52.04 -14.32
C PRO I 50 5.99 51.24 -15.60
N ALA I 51 4.74 51.15 -16.06
CA ALA I 51 4.43 50.44 -17.30
C ALA I 51 4.66 51.30 -18.56
N GLU I 52 5.10 50.66 -19.64
CA GLU I 52 5.32 51.38 -20.88
C GLU I 52 3.94 51.69 -21.41
N PRO I 53 3.74 52.93 -21.88
CA PRO I 53 2.47 53.39 -22.42
C PRO I 53 2.11 52.73 -23.74
N TRP I 54 0.81 52.63 -24.02
CA TRP I 54 0.35 52.04 -25.26
C TRP I 54 -0.34 53.03 -26.19
N SER I 55 -0.43 52.67 -27.46
CA SER I 55 -1.03 53.52 -28.51
C SER I 55 -2.55 53.44 -28.64
N PHE I 56 -3.04 52.50 -29.44
CA PHE I 56 -4.46 52.38 -29.67
C PHE I 56 -5.27 52.11 -28.42
N VAL I 57 -6.37 51.36 -28.56
CA VAL I 57 -7.29 50.95 -27.45
C VAL I 57 -6.93 49.62 -26.63
N LYS I 58 -6.65 49.72 -25.34
CA LYS I 58 -6.26 48.48 -24.72
C LYS I 58 -7.39 47.55 -24.33
N ASN I 59 -7.66 46.54 -25.17
CA ASN I 59 -8.68 45.53 -24.95
C ASN I 59 -8.46 44.93 -23.56
N ALA I 60 -9.30 45.28 -22.58
CA ALA I 60 -9.16 44.72 -21.24
C ALA I 60 -10.32 43.80 -20.93
N THR I 61 -10.41 42.69 -21.65
CA THR I 61 -11.51 41.78 -21.44
C THR I 61 -10.99 40.36 -21.25
N SER I 62 -9.95 40.25 -20.44
CA SER I 62 -9.39 38.94 -20.21
C SER I 62 -8.83 38.89 -18.81
N TYR I 63 -9.16 37.82 -18.12
CA TYR I 63 -8.69 37.65 -16.78
C TYR I 63 -7.19 37.47 -16.79
N PRO I 64 -6.47 38.31 -16.02
CA PRO I 64 -5.01 38.28 -15.92
C PRO I 64 -4.54 37.05 -15.19
N PRO I 65 -3.40 36.51 -15.62
CA PRO I 65 -2.75 35.34 -15.05
C PRO I 65 -2.40 35.62 -13.59
N MET I 66 -2.20 34.57 -12.81
CA MET I 66 -1.85 34.80 -11.42
C MET I 66 -0.36 34.61 -11.32
N CYS I 67 0.28 35.28 -10.39
CA CYS I 67 1.70 35.08 -10.29
C CYS I 67 2.04 33.61 -10.13
N THR I 68 3.19 33.23 -10.65
CA THR I 68 3.62 31.85 -10.57
C THR I 68 3.53 31.35 -9.15
N GLN I 69 2.67 30.36 -8.96
CA GLN I 69 2.48 29.79 -7.64
C GLN I 69 2.24 28.34 -7.83
N ASP I 70 1.83 27.66 -6.75
CA ASP I 70 1.54 26.25 -6.85
C ASP I 70 0.16 26.12 -7.47
N PRO I 71 0.08 25.62 -8.69
CA PRO I 71 -1.19 25.46 -9.40
C PRO I 71 -2.33 24.74 -8.67
N LYS I 72 -2.02 23.59 -8.10
CA LYS I 72 -3.02 22.81 -7.39
C LYS I 72 -3.61 23.64 -6.27
N ALA I 73 -2.75 24.19 -5.42
CA ALA I 73 -3.15 25.02 -4.28
C ALA I 73 -3.91 26.27 -4.73
N GLY I 74 -3.42 26.86 -5.83
CA GLY I 74 -4.04 28.07 -6.35
C GLY I 74 -5.47 27.84 -6.73
N GLN I 75 -5.71 26.81 -7.54
CA GLN I 75 -7.07 26.50 -7.96
C GLN I 75 -7.92 26.17 -6.76
N LEU I 76 -7.33 25.49 -5.78
CA LEU I 76 -8.06 25.11 -4.58
C LEU I 76 -8.47 26.30 -3.74
N LEU I 77 -7.49 27.06 -3.28
CA LEU I 77 -7.74 28.25 -2.48
C LEU I 77 -8.78 29.15 -3.19
N SER I 78 -8.61 29.32 -4.50
CA SER I 78 -9.51 30.16 -5.31
C SER I 78 -10.90 29.56 -5.40
N GLU I 79 -10.99 28.23 -5.25
CA GLU I 79 -12.25 27.53 -5.30
C GLU I 79 -13.03 27.78 -4.04
N LEU I 80 -12.33 27.81 -2.91
CA LEU I 80 -12.99 28.00 -1.63
C LEU I 80 -13.17 29.45 -1.27
N PHE I 81 -12.51 30.32 -2.03
CA PHE I 81 -12.58 31.74 -1.74
C PHE I 81 -13.43 32.56 -2.72
N THR I 82 -13.60 32.07 -3.95
CA THR I 82 -14.39 32.80 -4.93
C THR I 82 -15.77 33.12 -4.41
N ASN I 83 -16.43 34.10 -5.00
CA ASN I 83 -17.75 34.42 -4.54
C ASN I 83 -18.67 34.35 -5.73
N ARG I 84 -18.12 34.03 -6.90
CA ARG I 84 -18.93 33.95 -8.10
C ARG I 84 -19.49 32.55 -8.33
N LYS I 85 -20.34 32.43 -9.35
CA LYS I 85 -20.95 31.16 -9.71
C LYS I 85 -19.90 30.11 -9.99
N GLU I 86 -19.27 30.21 -11.15
CA GLU I 86 -18.25 29.26 -11.58
C GLU I 86 -16.89 29.82 -11.20
N ASN I 87 -15.98 28.94 -10.84
CA ASN I 87 -14.65 29.38 -10.50
C ASN I 87 -13.97 29.50 -11.86
N ILE I 88 -13.25 30.59 -12.07
CA ILE I 88 -12.54 30.83 -13.31
C ILE I 88 -11.13 30.35 -13.20
N PRO I 89 -10.79 29.29 -13.95
CA PRO I 89 -9.44 28.72 -13.94
C PRO I 89 -8.47 29.71 -14.58
N LEU I 90 -7.42 30.03 -13.83
CA LEU I 90 -6.44 30.98 -14.31
C LEU I 90 -5.18 30.32 -14.78
N LYS I 91 -4.22 31.16 -15.13
CA LYS I 91 -2.93 30.69 -15.61
C LYS I 91 -1.79 31.28 -14.78
N LEU I 92 -0.65 30.57 -14.77
CA LEU I 92 0.50 31.01 -14.03
C LEU I 92 1.42 31.75 -14.96
N SER I 93 2.10 32.76 -14.43
CA SER I 93 3.04 33.53 -15.23
C SER I 93 3.66 34.62 -14.39
N GLU I 94 4.93 34.93 -14.67
CA GLU I 94 5.67 35.97 -13.95
C GLU I 94 5.08 37.34 -14.25
N ASP I 95 4.42 37.45 -15.40
CA ASP I 95 3.75 38.68 -15.83
C ASP I 95 2.37 38.65 -15.19
N CYS I 96 2.28 39.18 -13.98
CA CYS I 96 1.04 39.14 -13.25
C CYS I 96 0.68 40.45 -12.61
N LEU I 97 1.50 41.46 -12.85
CA LEU I 97 1.19 42.73 -12.26
C LEU I 97 -0.02 43.42 -12.86
N TYR I 98 -1.20 42.83 -12.69
CA TYR I 98 -2.41 43.44 -13.23
C TYR I 98 -3.36 43.75 -12.08
N LEU I 99 -4.44 44.48 -12.38
CA LEU I 99 -5.52 44.83 -11.42
C LEU I 99 -6.77 44.94 -12.24
N ASN I 100 -7.91 44.58 -11.66
CA ASN I 100 -9.21 44.65 -12.36
C ASN I 100 -10.05 45.63 -11.61
N ILE I 101 -10.77 46.48 -12.35
CA ILE I 101 -11.62 47.48 -11.74
C ILE I 101 -13.10 47.19 -11.95
N TYR I 102 -13.93 47.62 -11.01
CA TYR I 102 -15.38 47.42 -11.06
C TYR I 102 -16.03 48.76 -10.69
N THR I 103 -16.43 49.53 -11.71
CA THR I 103 -17.03 50.83 -11.47
C THR I 103 -18.47 50.85 -11.94
N PRO I 104 -19.40 51.23 -11.05
CA PRO I 104 -20.82 51.31 -11.35
C PRO I 104 -21.17 52.77 -11.52
N ALA I 105 -20.17 53.56 -11.92
CA ALA I 105 -20.37 54.98 -12.13
C ALA I 105 -20.66 55.23 -13.59
N ASP I 106 -21.29 56.37 -13.91
CA ASP I 106 -21.58 56.71 -15.31
C ASP I 106 -20.39 57.51 -15.85
N LEU I 107 -19.48 56.81 -16.52
CA LEU I 107 -18.24 57.39 -17.04
C LEU I 107 -18.41 58.55 -18.00
N THR I 108 -19.64 58.88 -18.33
CA THR I 108 -19.90 60.00 -19.23
C THR I 108 -19.66 61.32 -18.48
N LYS I 109 -20.29 61.44 -17.32
CA LYS I 109 -20.17 62.61 -16.46
C LYS I 109 -18.97 62.47 -15.49
N LYS I 110 -18.80 63.44 -14.59
CA LYS I 110 -17.70 63.38 -13.64
C LYS I 110 -18.19 62.75 -12.35
N ASN I 111 -17.76 61.52 -12.08
CA ASN I 111 -18.15 60.87 -10.85
C ASN I 111 -16.90 60.72 -9.99
N ARG I 112 -17.07 60.95 -8.69
CA ARG I 112 -15.96 60.86 -7.74
C ARG I 112 -16.33 59.96 -6.57
N LEU I 113 -16.75 58.74 -6.89
CA LEU I 113 -17.14 57.75 -5.89
C LEU I 113 -15.94 57.25 -5.12
N PRO I 114 -16.14 56.77 -3.90
CA PRO I 114 -15.07 56.25 -3.06
C PRO I 114 -14.54 54.98 -3.71
N VAL I 115 -13.23 54.80 -3.64
CA VAL I 115 -12.60 53.63 -4.25
C VAL I 115 -12.26 52.65 -3.17
N MET I 116 -12.33 51.37 -3.53
CA MET I 116 -12.02 50.31 -2.61
C MET I 116 -11.14 49.26 -3.26
N VAL I 117 -9.90 49.23 -2.81
CA VAL I 117 -8.88 48.32 -3.31
C VAL I 117 -8.83 47.09 -2.47
N TRP I 118 -8.84 45.92 -3.07
CA TRP I 118 -8.82 44.69 -2.31
C TRP I 118 -7.56 43.88 -2.47
N ILE I 119 -6.93 43.52 -1.37
CA ILE I 119 -5.72 42.74 -1.47
C ILE I 119 -6.00 41.32 -1.05
N HIS I 120 -6.08 40.43 -2.03
CA HIS I 120 -6.36 39.02 -1.78
C HIS I 120 -5.35 38.35 -0.88
N GLY I 121 -5.82 37.35 -0.14
CA GLY I 121 -4.97 36.59 0.75
C GLY I 121 -4.52 35.30 0.08
N GLY I 122 -3.44 34.73 0.59
CA GLY I 122 -2.93 33.49 0.03
C GLY I 122 -1.61 33.19 0.70
N GLY I 123 -1.40 33.84 1.85
CA GLY I 123 -0.19 33.65 2.61
C GLY I 123 1.06 34.07 1.87
N LEU I 124 0.94 35.00 0.95
CA LEU I 124 2.10 35.44 0.19
C LEU I 124 2.75 34.29 -0.59
N MET I 125 2.01 33.19 -0.77
CA MET I 125 2.48 32.01 -1.50
C MET I 125 1.61 31.68 -2.70
N VAL I 126 0.31 31.88 -2.55
CA VAL I 126 -0.68 31.59 -3.59
C VAL I 126 -1.77 32.68 -3.67
N GLY I 127 -2.63 32.58 -4.68
CA GLY I 127 -3.70 33.53 -4.84
C GLY I 127 -3.71 34.40 -6.09
N ALA I 128 -4.83 35.07 -6.36
CA ALA I 128 -5.00 35.92 -7.54
C ALA I 128 -6.14 36.90 -7.31
N ALA I 129 -6.15 38.04 -8.00
CA ALA I 129 -7.22 39.01 -7.78
C ALA I 129 -8.52 38.64 -8.45
N SER I 130 -8.43 37.83 -9.49
CA SER I 130 -9.61 37.42 -10.26
C SER I 130 -10.60 36.53 -9.50
N THR I 131 -10.12 35.92 -8.43
CA THR I 131 -10.95 35.04 -7.59
C THR I 131 -12.12 35.83 -6.96
N TYR I 132 -11.93 37.12 -6.69
CA TYR I 132 -12.97 37.93 -6.07
C TYR I 132 -13.56 38.86 -7.13
N ASP I 133 -14.88 38.82 -7.26
CA ASP I 133 -15.59 39.63 -8.23
C ASP I 133 -16.25 40.82 -7.55
N GLY I 134 -15.81 42.02 -7.90
CA GLY I 134 -16.36 43.20 -7.26
C GLY I 134 -17.71 43.64 -7.74
N LEU I 135 -18.31 42.89 -8.67
CA LEU I 135 -19.62 43.25 -9.24
C LEU I 135 -20.73 43.64 -8.27
N ALA I 136 -21.00 42.80 -7.28
CA ALA I 136 -22.05 43.12 -6.34
C ALA I 136 -21.71 44.36 -5.53
N LEU I 137 -20.67 44.28 -4.70
CA LEU I 137 -20.27 45.40 -3.86
C LEU I 137 -20.30 46.70 -4.61
N ALA I 138 -19.81 46.68 -5.84
CA ALA I 138 -19.77 47.89 -6.61
C ALA I 138 -21.17 48.49 -6.74
N ALA I 139 -22.08 47.74 -7.37
CA ALA I 139 -23.44 48.20 -7.59
C ALA I 139 -24.27 48.40 -6.33
N HIS I 140 -24.31 47.37 -5.49
CA HIS I 140 -25.07 47.41 -4.25
C HIS I 140 -24.72 48.58 -3.31
N GLU I 141 -23.45 48.93 -3.21
CA GLU I 141 -23.02 50.02 -2.31
C GLU I 141 -22.36 51.23 -2.97
N ASN I 142 -22.58 51.37 -4.27
CA ASN I 142 -22.06 52.48 -5.08
C ASN I 142 -20.61 52.80 -4.74
N VAL I 143 -19.71 51.88 -5.07
CA VAL I 143 -18.27 52.06 -4.84
C VAL I 143 -17.50 51.40 -5.95
N VAL I 144 -16.35 51.97 -6.27
CA VAL I 144 -15.49 51.43 -7.30
C VAL I 144 -14.62 50.37 -6.66
N VAL I 145 -14.94 49.10 -6.90
CA VAL I 145 -14.17 48.02 -6.32
C VAL I 145 -12.94 47.68 -7.15
N VAL I 146 -11.77 47.68 -6.51
CA VAL I 146 -10.53 47.36 -7.21
C VAL I 146 -9.75 46.23 -6.58
N THR I 147 -9.51 45.17 -7.35
CA THR I 147 -8.76 44.03 -6.83
C THR I 147 -7.43 43.98 -7.55
N ILE I 148 -6.35 44.04 -6.78
CA ILE I 148 -5.00 44.05 -7.34
C ILE I 148 -4.27 42.71 -7.20
N GLN I 149 -3.13 42.58 -7.86
CA GLN I 149 -2.32 41.36 -7.76
C GLN I 149 -0.88 41.77 -7.51
N TYR I 150 -0.15 40.97 -6.76
CA TYR I 150 1.24 41.25 -6.43
C TYR I 150 2.04 39.97 -6.48
N ARG I 151 3.35 40.08 -6.63
CA ARG I 151 4.21 38.90 -6.71
C ARG I 151 4.07 38.05 -5.46
N LEU I 152 4.14 36.72 -5.63
CA LEU I 152 4.00 35.80 -4.50
C LEU I 152 5.18 34.82 -4.39
N GLY I 153 5.34 34.24 -3.21
CA GLY I 153 6.42 33.30 -2.99
C GLY I 153 7.78 33.90 -3.31
N ILE I 154 8.66 33.09 -3.91
CA ILE I 154 10.02 33.50 -4.27
C ILE I 154 10.00 34.80 -5.10
N TRP I 155 9.26 34.77 -6.20
CA TRP I 155 9.18 35.92 -7.08
C TRP I 155 8.85 37.23 -6.39
N GLY I 156 8.35 37.14 -5.17
CA GLY I 156 8.01 38.37 -4.48
C GLY I 156 8.56 38.62 -3.09
N PHE I 157 9.20 37.62 -2.49
CA PHE I 157 9.73 37.78 -1.14
C PHE I 157 11.06 37.08 -0.83
N PHE I 158 11.84 36.77 -1.86
CA PHE I 158 13.13 36.14 -1.64
C PHE I 158 14.11 37.22 -1.28
N SER I 159 14.61 37.24 -0.03
CA SER I 159 15.59 38.28 0.32
C SER I 159 16.88 37.64 0.83
N THR I 160 18.02 38.23 0.48
CA THR I 160 19.32 37.73 0.92
C THR I 160 19.70 38.42 2.20
N GLY I 161 18.89 39.39 2.60
CA GLY I 161 19.15 40.09 3.84
C GLY I 161 19.87 41.40 3.67
N ASP I 162 20.50 41.60 2.52
CA ASP I 162 21.21 42.84 2.26
C ASP I 162 20.59 43.59 1.10
N GLU I 163 21.29 44.61 0.63
CA GLU I 163 20.82 45.43 -0.49
C GLU I 163 20.85 44.72 -1.88
N HIS I 164 21.37 43.50 -1.98
CA HIS I 164 21.44 42.79 -3.27
C HIS I 164 20.10 42.18 -3.60
N SER I 165 19.15 42.37 -2.69
CA SER I 165 17.81 41.82 -2.81
C SER I 165 17.07 41.98 -1.46
N ARG I 166 16.78 43.23 -1.03
CA ARG I 166 16.10 43.43 0.25
C ARG I 166 14.84 42.64 0.42
N GLY I 167 14.11 42.47 -0.67
CA GLY I 167 12.86 41.75 -0.58
C GLY I 167 11.64 42.66 -0.52
N ASN I 168 10.49 42.07 -0.16
CA ASN I 168 9.23 42.80 -0.06
C ASN I 168 8.73 43.22 -1.43
N TRP I 169 9.20 42.51 -2.44
CA TRP I 169 8.78 42.77 -3.80
C TRP I 169 7.26 42.80 -3.86
N GLY I 170 6.66 41.70 -3.39
CA GLY I 170 5.21 41.55 -3.37
C GLY I 170 4.54 42.77 -2.79
N HIS I 171 5.09 43.26 -1.67
CA HIS I 171 4.57 44.45 -0.97
C HIS I 171 4.80 45.76 -1.72
N LEU I 172 5.95 45.91 -2.36
CA LEU I 172 6.23 47.11 -3.15
C LEU I 172 5.29 47.11 -4.35
N ASP I 173 4.88 45.93 -4.79
CA ASP I 173 3.94 45.79 -5.91
C ASP I 173 2.57 46.28 -5.48
N GLN I 174 2.24 46.04 -4.22
CA GLN I 174 0.99 46.45 -3.66
C GLN I 174 1.05 47.96 -3.58
N VAL I 175 2.14 48.47 -3.03
CA VAL I 175 2.25 49.91 -2.91
C VAL I 175 2.20 50.54 -4.28
N ALA I 176 2.82 49.89 -5.25
CA ALA I 176 2.86 50.39 -6.61
C ALA I 176 1.49 50.53 -7.23
N ALA I 177 0.72 49.44 -7.22
CA ALA I 177 -0.64 49.45 -7.77
C ALA I 177 -1.44 50.62 -7.15
N LEU I 178 -1.27 50.85 -5.85
CA LEU I 178 -1.94 51.95 -5.15
C LEU I 178 -1.58 53.29 -5.79
N ARG I 179 -0.36 53.41 -6.29
CA ARG I 179 0.02 54.65 -6.95
C ARG I 179 -0.76 54.75 -8.27
N TRP I 180 -0.99 53.61 -8.92
CA TRP I 180 -1.75 53.61 -10.16
C TRP I 180 -3.17 54.07 -9.86
N VAL I 181 -3.68 53.66 -8.70
CA VAL I 181 -5.03 54.02 -8.29
C VAL I 181 -5.13 55.49 -8.05
N GLN I 182 -4.17 56.03 -7.34
CA GLN I 182 -4.20 57.44 -7.03
C GLN I 182 -3.80 58.31 -8.22
N ASP I 183 -3.67 57.68 -9.39
CA ASP I 183 -3.28 58.42 -10.56
C ASP I 183 -4.29 58.35 -11.67
N ASN I 184 -5.05 57.27 -11.71
CA ASN I 184 -6.01 57.08 -12.79
C ASN I 184 -7.46 56.94 -12.40
N ILE I 185 -7.71 56.29 -11.27
CA ILE I 185 -9.06 56.01 -10.82
C ILE I 185 -10.05 57.13 -11.06
N ALA I 186 -9.55 58.37 -11.09
CA ALA I 186 -10.42 59.52 -11.32
C ALA I 186 -11.16 59.41 -12.67
N SER I 187 -10.54 58.76 -13.63
CA SER I 187 -11.16 58.59 -14.93
C SER I 187 -12.10 57.39 -14.95
N PHE I 188 -12.07 56.57 -13.91
CA PHE I 188 -12.94 55.40 -13.84
C PHE I 188 -14.16 55.72 -12.98
N GLY I 189 -14.22 56.98 -12.53
CA GLY I 189 -15.33 57.41 -11.70
C GLY I 189 -15.08 57.39 -10.21
N GLY I 190 -13.83 57.15 -9.82
CA GLY I 190 -13.48 57.08 -8.41
C GLY I 190 -12.81 58.33 -7.89
N ASN I 191 -12.87 58.51 -6.59
CA ASN I 191 -12.28 59.68 -5.94
C ASN I 191 -10.95 59.35 -5.28
N PRO I 192 -9.83 59.73 -5.92
CA PRO I 192 -8.51 59.46 -5.36
C PRO I 192 -8.29 60.07 -3.98
N GLY I 193 -9.31 60.74 -3.47
CA GLY I 193 -9.24 61.32 -2.15
C GLY I 193 -10.03 60.55 -1.09
N SER I 194 -10.49 59.33 -1.42
CA SER I 194 -11.28 58.51 -0.48
C SER I 194 -11.05 57.01 -0.72
N VAL I 195 -9.78 56.64 -0.92
CA VAL I 195 -9.41 55.26 -1.16
C VAL I 195 -9.36 54.47 0.13
N THR I 196 -9.91 53.26 0.07
CA THR I 196 -9.96 52.37 1.22
C THR I 196 -9.33 51.04 0.83
N ILE I 197 -8.27 50.64 1.52
CA ILE I 197 -7.64 49.37 1.20
C ILE I 197 -8.08 48.32 2.19
N PHE I 198 -8.37 47.13 1.69
CA PHE I 198 -8.79 46.07 2.57
C PHE I 198 -8.36 44.72 2.06
N GLY I 199 -8.16 43.79 2.99
CA GLY I 199 -7.73 42.46 2.62
C GLY I 199 -7.98 41.41 3.70
N GLU I 200 -7.91 40.13 3.31
CA GLU I 200 -8.12 39.01 4.22
C GLU I 200 -6.91 38.08 4.26
N SER I 201 -6.56 37.62 5.46
CA SER I 201 -5.41 36.74 5.64
C SER I 201 -4.12 37.45 5.21
N ALA I 202 -3.44 36.91 4.20
CA ALA I 202 -2.20 37.51 3.73
C ALA I 202 -2.50 38.95 3.35
N GLY I 203 -3.71 39.20 2.87
CA GLY I 203 -4.10 40.55 2.52
C GLY I 203 -4.28 41.34 3.80
N GLY I 204 -4.85 40.68 4.80
CA GLY I 204 -5.07 41.33 6.07
C GLY I 204 -3.73 41.79 6.60
N GLU I 205 -2.72 40.96 6.41
CA GLU I 205 -1.38 41.26 6.88
C GLU I 205 -0.79 42.38 6.04
N SER I 206 -0.85 42.21 4.71
CA SER I 206 -0.30 43.22 3.84
C SER I 206 -0.86 44.56 4.27
N VAL I 207 -2.19 44.62 4.44
CA VAL I 207 -2.79 45.87 4.85
C VAL I 207 -2.05 46.41 6.04
N SER I 208 -2.14 45.74 7.17
CA SER I 208 -1.46 46.25 8.35
C SER I 208 -0.08 46.82 8.03
N VAL I 209 0.70 46.11 7.22
CA VAL I 209 2.03 46.56 6.84
C VAL I 209 2.05 47.92 6.12
N LEU I 210 1.16 48.08 5.14
CA LEU I 210 1.06 49.31 4.39
C LEU I 210 0.66 50.45 5.32
N VAL I 211 -0.10 50.11 6.34
CA VAL I 211 -0.57 51.09 7.31
C VAL I 211 0.64 51.69 7.99
N LEU I 212 1.63 50.83 8.21
CA LEU I 212 2.86 51.23 8.86
C LEU I 212 3.90 51.80 7.89
N SER I 213 4.05 51.15 6.75
CA SER I 213 5.02 51.58 5.75
C SER I 213 4.91 53.05 5.33
N PRO I 214 6.02 53.80 5.38
CA PRO I 214 6.05 55.21 4.98
C PRO I 214 5.81 55.39 3.48
N LEU I 215 6.06 54.33 2.71
CA LEU I 215 5.86 54.39 1.28
C LEU I 215 4.40 54.45 0.91
N ALA I 216 3.55 53.99 1.82
CA ALA I 216 2.12 53.98 1.59
C ALA I 216 1.46 55.33 1.86
N LYS I 217 2.13 56.17 2.65
CA LYS I 217 1.62 57.49 3.00
C LYS I 217 0.88 58.15 1.85
N ASN I 218 -0.33 58.64 2.12
CA ASN I 218 -1.17 59.34 1.13
C ASN I 218 -1.67 58.54 -0.05
N LEU I 219 -1.58 57.22 0.03
CA LEU I 219 -2.04 56.38 -1.05
C LEU I 219 -3.45 55.85 -0.77
N PHE I 220 -3.83 55.87 0.50
CA PHE I 220 -5.13 55.42 0.93
C PHE I 220 -5.60 56.30 2.09
N HIS I 221 -6.83 56.08 2.56
CA HIS I 221 -7.40 56.89 3.63
C HIS I 221 -8.15 56.08 4.67
N ARG I 222 -8.29 54.79 4.42
CA ARG I 222 -9.03 53.93 5.35
C ARG I 222 -8.55 52.52 5.03
N ALA I 223 -8.43 51.70 6.05
CA ALA I 223 -7.95 50.35 5.78
C ALA I 223 -8.71 49.37 6.61
N ILE I 224 -8.94 48.17 6.07
CA ILE I 224 -9.66 47.13 6.79
C ILE I 224 -8.97 45.79 6.71
N SER I 225 -8.49 45.28 7.84
CA SER I 225 -7.83 43.97 7.86
C SER I 225 -8.81 42.88 8.28
N GLU I 226 -8.90 41.83 7.48
CA GLU I 226 -9.80 40.75 7.79
C GLU I 226 -9.07 39.46 8.07
N SER I 227 -9.12 39.05 9.33
CA SER I 227 -8.47 37.83 9.83
C SER I 227 -7.00 37.83 9.52
N GLY I 228 -6.28 38.86 9.98
CA GLY I 228 -4.85 38.91 9.73
C GLY I 228 -4.17 40.27 9.88
N VAL I 229 -3.09 40.31 10.65
CA VAL I 229 -2.35 41.54 10.87
C VAL I 229 -0.80 41.40 10.74
N ALA I 230 -0.10 42.53 10.94
CA ALA I 230 1.36 42.57 10.87
C ALA I 230 1.99 41.87 12.07
N LEU I 231 1.25 41.72 13.17
CA LEU I 231 1.81 41.02 14.30
C LEU I 231 1.62 39.52 14.16
N THR I 232 1.19 39.08 12.98
CA THR I 232 1.01 37.63 12.70
C THR I 232 2.35 37.04 12.27
N SER I 233 3.03 36.46 13.26
CA SER I 233 4.32 35.83 13.11
C SER I 233 4.55 35.19 11.74
N VAL I 234 4.05 33.96 11.57
CA VAL I 234 4.20 33.19 10.34
C VAL I 234 4.37 33.99 9.03
N LEU I 235 3.85 35.21 8.98
CA LEU I 235 3.97 36.02 7.77
C LEU I 235 5.08 37.10 7.79
N VAL I 236 5.64 37.39 8.96
CA VAL I 236 6.70 38.39 9.10
C VAL I 236 7.93 37.77 9.76
N LYS I 237 8.98 37.52 8.99
CA LYS I 237 10.18 36.93 9.56
C LYS I 237 11.22 37.93 10.02
N LYS I 238 11.53 37.93 11.31
CA LYS I 238 12.52 38.86 11.87
C LYS I 238 13.85 38.13 12.06
N GLY I 239 14.95 38.80 11.79
CA GLY I 239 16.25 38.14 11.95
C GLY I 239 17.01 37.94 10.65
N ASP I 240 18.15 37.25 10.75
CA ASP I 240 18.98 37.01 9.58
C ASP I 240 18.34 36.00 8.67
N VAL I 241 17.79 36.48 7.56
CA VAL I 241 17.12 35.66 6.56
C VAL I 241 18.10 34.97 5.64
N LYS I 242 19.35 35.38 5.71
CA LYS I 242 20.38 34.82 4.86
C LYS I 242 20.27 33.30 4.77
N PRO I 243 20.14 32.59 5.92
CA PRO I 243 20.04 31.13 5.95
C PRO I 243 18.94 30.61 5.05
N LEU I 244 17.78 31.27 5.11
CA LEU I 244 16.65 30.86 4.29
C LEU I 244 16.99 31.13 2.83
N ALA I 245 17.53 32.31 2.54
CA ALA I 245 17.90 32.66 1.17
C ALA I 245 18.86 31.63 0.65
N GLU I 246 19.92 31.39 1.41
CA GLU I 246 20.94 30.43 1.03
C GLU I 246 20.35 29.07 0.71
N GLN I 247 19.44 28.61 1.55
CA GLN I 247 18.84 27.31 1.35
C GLN I 247 18.13 27.23 0.00
N ILE I 248 17.19 28.16 -0.23
CA ILE I 248 16.41 28.25 -1.48
C ILE I 248 17.36 28.20 -2.68
N ALA I 249 18.49 28.88 -2.53
CA ALA I 249 19.48 28.91 -3.57
C ALA I 249 20.00 27.51 -3.81
N ILE I 250 20.49 26.87 -2.77
CA ILE I 250 21.01 25.52 -2.93
C ILE I 250 20.00 24.60 -3.62
N THR I 251 18.76 24.71 -3.20
CA THR I 251 17.68 23.90 -3.73
C THR I 251 17.48 24.11 -5.24
N ALA I 252 17.71 25.33 -5.72
CA ALA I 252 17.57 25.63 -7.14
C ALA I 252 18.85 25.26 -7.86
N GLY I 253 19.87 24.90 -7.08
CA GLY I 253 21.15 24.51 -7.64
C GLY I 253 21.93 25.73 -8.07
N CYS I 254 22.22 26.57 -7.10
CA CYS I 254 22.93 27.82 -7.33
C CYS I 254 24.06 27.99 -6.33
N LYS I 255 25.21 28.47 -6.79
CA LYS I 255 26.32 28.71 -5.87
C LYS I 255 25.84 29.70 -4.82
N THR I 256 26.58 29.85 -3.73
CA THR I 256 26.18 30.78 -2.69
C THR I 256 27.40 31.54 -2.14
N THR I 257 28.42 31.70 -2.99
CA THR I 257 29.65 32.38 -2.61
C THR I 257 29.31 33.71 -2.01
N THR I 258 28.38 34.42 -2.63
CA THR I 258 27.98 35.69 -2.07
C THR I 258 26.52 35.99 -2.43
N SER I 259 25.86 36.80 -1.63
CA SER I 259 24.48 37.14 -1.94
C SER I 259 24.42 37.72 -3.35
N ALA I 260 25.37 38.59 -3.66
CA ALA I 260 25.42 39.21 -4.96
C ALA I 260 25.38 38.17 -6.07
N VAL I 261 26.00 37.02 -5.86
CA VAL I 261 26.01 35.97 -6.87
C VAL I 261 24.71 35.21 -6.91
N MET I 262 24.26 34.76 -5.74
CA MET I 262 23.01 34.03 -5.62
C MET I 262 21.94 34.71 -6.45
N VAL I 263 21.55 35.92 -6.01
CA VAL I 263 20.52 36.70 -6.68
C VAL I 263 20.71 36.65 -8.19
N HIS I 264 21.97 36.63 -8.62
CA HIS I 264 22.28 36.57 -10.05
C HIS I 264 21.84 35.25 -10.62
N CYS I 265 22.33 34.19 -10.00
CA CYS I 265 22.03 32.83 -10.40
C CYS I 265 20.52 32.54 -10.42
N LEU I 266 19.80 33.11 -9.45
CA LEU I 266 18.36 32.87 -9.38
C LEU I 266 17.59 33.53 -10.53
N ARG I 267 18.16 34.57 -11.12
CA ARG I 267 17.52 35.27 -12.22
C ARG I 267 17.66 34.44 -13.48
N GLN I 268 18.76 33.70 -13.58
CA GLN I 268 19.02 32.86 -14.74
C GLN I 268 18.13 31.66 -14.68
N LYS I 269 17.51 31.47 -13.52
CA LYS I 269 16.63 30.34 -13.35
C LYS I 269 15.28 30.62 -13.97
N THR I 270 14.77 29.66 -14.72
CA THR I 270 13.49 29.83 -15.37
C THR I 270 12.39 29.76 -14.35
N GLU I 271 11.23 30.32 -14.73
CA GLU I 271 10.04 30.36 -13.89
C GLU I 271 9.70 28.93 -13.52
N GLU I 272 9.83 28.05 -14.51
CA GLU I 272 9.57 26.63 -14.33
C GLU I 272 10.54 26.10 -13.28
N GLU I 273 11.82 26.43 -13.44
CA GLU I 273 12.85 26.00 -12.51
C GLU I 273 12.59 26.49 -11.10
N LEU I 274 12.03 27.70 -10.96
CA LEU I 274 11.74 28.23 -9.63
C LEU I 274 10.46 27.70 -9.02
N LEU I 275 9.55 27.25 -9.88
CA LEU I 275 8.29 26.69 -9.44
C LEU I 275 8.57 25.31 -8.87
N GLU I 276 9.50 24.60 -9.52
CA GLU I 276 9.87 23.28 -9.03
C GLU I 276 10.53 23.41 -7.69
N THR I 277 11.23 24.51 -7.47
CA THR I 277 11.88 24.72 -6.18
C THR I 277 10.82 25.04 -5.14
N THR I 278 9.84 25.84 -5.52
CA THR I 278 8.75 26.22 -4.62
C THR I 278 7.96 24.97 -4.24
N LEU I 279 8.12 23.91 -5.03
CA LEU I 279 7.43 22.65 -4.73
C LEU I 279 8.28 21.76 -3.82
N LYS I 280 9.56 21.57 -4.18
CA LYS I 280 10.45 20.76 -3.36
C LYS I 280 10.64 21.39 -1.98
N MET I 281 10.44 22.70 -1.89
CA MET I 281 10.57 23.43 -0.63
C MET I 281 9.35 23.21 0.27
N LYS I 282 8.46 22.28 -0.11
CA LYS I 282 7.24 21.95 0.64
C LYS I 282 6.90 23.05 1.64
N PHE I 283 6.16 24.03 1.15
CA PHE I 283 5.79 25.23 1.91
C PHE I 283 4.55 25.48 2.74
N LEU I 284 3.49 24.75 2.55
CA LEU I 284 2.32 25.07 3.32
C LEU I 284 2.20 23.96 4.34
N SER I 285 2.27 22.75 3.80
CA SER I 285 2.19 21.52 4.57
C SER I 285 3.24 21.48 5.67
N LEU I 286 2.77 21.55 6.91
CA LEU I 286 3.64 21.53 8.07
C LEU I 286 4.55 20.32 8.01
N ASP I 287 5.85 20.54 8.24
CA ASP I 287 6.84 19.45 8.23
C ASP I 287 6.81 18.72 9.58
N LEU I 288 6.22 17.52 9.59
CA LEU I 288 6.11 16.71 10.80
C LEU I 288 7.43 16.56 11.56
N GLN I 289 8.16 15.48 11.28
CA GLN I 289 9.43 15.22 11.97
C GLN I 289 10.46 16.35 11.77
N GLY I 290 11.38 16.47 12.72
CA GLY I 290 12.40 17.52 12.65
C GLY I 290 12.21 18.55 13.74
N ASP I 291 13.20 19.43 13.91
CA ASP I 291 13.11 20.48 14.91
C ASP I 291 12.29 21.62 14.31
N PRO I 292 11.04 21.82 14.79
CA PRO I 292 10.11 22.86 14.33
C PRO I 292 10.73 24.26 14.17
N ARG I 293 11.59 24.62 15.12
CA ARG I 293 12.29 25.91 15.14
C ARG I 293 12.89 26.29 13.76
N GLU I 294 13.53 25.31 13.11
CA GLU I 294 14.18 25.51 11.80
C GLU I 294 13.33 25.00 10.62
N SER I 295 12.05 25.37 10.60
CA SER I 295 11.15 24.96 9.53
C SER I 295 10.31 26.11 9.06
N GLN I 296 10.85 26.90 8.14
CA GLN I 296 10.13 28.06 7.60
C GLN I 296 8.96 27.57 6.72
N PRO I 297 7.71 27.84 7.16
CA PRO I 297 6.52 27.43 6.42
C PRO I 297 6.34 28.23 5.13
N LEU I 298 6.78 29.48 5.12
CA LEU I 298 6.65 30.29 3.91
C LEU I 298 7.46 31.59 4.00
N LEU I 299 8.09 32.00 2.89
CA LEU I 299 8.85 33.22 2.91
C LEU I 299 7.82 34.31 3.17
N GLY I 300 8.17 35.32 3.97
CA GLY I 300 7.20 36.37 4.23
C GLY I 300 7.81 37.74 4.25
N THR I 301 7.02 38.72 4.71
CA THR I 301 7.43 40.13 4.81
C THR I 301 8.72 40.29 5.57
N VAL I 302 9.63 41.10 5.05
CA VAL I 302 10.93 41.29 5.70
C VAL I 302 11.10 42.72 6.16
N ILE I 303 12.16 42.96 6.90
CA ILE I 303 12.44 44.31 7.37
C ILE I 303 13.51 44.87 6.42
N ASP I 304 13.08 45.52 5.35
CA ASP I 304 14.03 46.03 4.37
C ASP I 304 14.47 47.45 4.59
N GLY I 305 13.97 48.09 5.65
CA GLY I 305 14.36 49.45 5.90
C GLY I 305 13.74 50.37 4.86
N MET I 306 13.24 49.80 3.75
CA MET I 306 12.57 50.58 2.71
C MET I 306 11.05 50.62 3.00
N LEU I 307 10.38 49.46 2.93
CA LEU I 307 8.94 49.36 3.18
C LEU I 307 8.66 49.41 4.67
N LEU I 308 9.55 48.82 5.46
CA LEU I 308 9.41 48.83 6.90
C LEU I 308 10.75 49.20 7.51
N LEU I 309 10.80 50.37 8.15
CA LEU I 309 12.03 50.85 8.77
C LEU I 309 12.46 49.98 9.94
N LYS I 310 11.51 49.28 10.54
CA LYS I 310 11.76 48.37 11.67
C LYS I 310 10.59 47.42 11.91
N THR I 311 10.80 46.38 12.71
CA THR I 311 9.75 45.42 12.95
C THR I 311 8.41 46.08 13.23
N PRO I 312 7.30 45.39 12.92
CA PRO I 312 5.97 45.93 13.15
C PRO I 312 5.77 46.40 14.58
N GLU I 313 5.80 45.47 15.51
CA GLU I 313 5.63 45.80 16.91
C GLU I 313 6.39 47.08 17.27
N GLU I 314 7.69 47.10 17.03
CA GLU I 314 8.53 48.27 17.33
C GLU I 314 7.92 49.56 16.79
N LEU I 315 7.35 49.47 15.60
CA LEU I 315 6.75 50.63 14.95
C LEU I 315 5.51 51.17 15.64
N GLN I 316 4.53 50.30 15.87
CA GLN I 316 3.29 50.72 16.51
C GLN I 316 3.47 51.34 17.90
N ALA I 317 4.72 51.35 18.38
CA ALA I 317 5.03 51.92 19.68
C ALA I 317 5.03 53.45 19.63
N GLU I 318 5.50 54.01 18.51
CA GLU I 318 5.57 55.46 18.31
C GLU I 318 4.17 56.07 18.15
N ARG I 319 4.07 57.39 18.32
CA ARG I 319 2.79 58.09 18.18
C ARG I 319 2.89 59.32 17.27
N ASN I 320 4.11 59.66 16.88
CA ASN I 320 4.34 60.81 16.00
C ASN I 320 4.31 60.34 14.54
N PHE I 321 3.21 59.72 14.13
CA PHE I 321 3.07 59.23 12.76
C PHE I 321 1.67 59.48 12.19
N HIS I 322 1.44 59.02 10.96
CA HIS I 322 0.16 59.18 10.27
C HIS I 322 -0.85 58.08 10.69
N THR I 323 -2.13 58.43 10.71
CA THR I 323 -3.19 57.50 11.11
C THR I 323 -4.45 57.65 10.28
N VAL I 324 -5.19 56.56 10.16
CA VAL I 324 -6.42 56.56 9.39
C VAL I 324 -7.41 55.57 9.98
N PRO I 325 -8.71 55.82 9.82
CA PRO I 325 -9.73 54.90 10.36
C PRO I 325 -9.40 53.46 10.00
N TYR I 326 -9.01 52.70 11.00
CA TYR I 326 -8.61 51.31 10.81
C TYR I 326 -9.64 50.36 11.44
N MET I 327 -10.13 49.42 10.64
CA MET I 327 -11.08 48.43 11.13
C MET I 327 -10.37 47.08 11.16
N VAL I 328 -10.55 46.32 12.24
CA VAL I 328 -9.91 45.00 12.33
C VAL I 328 -10.88 43.99 12.93
N GLY I 329 -11.04 42.84 12.28
CA GLY I 329 -11.97 41.84 12.78
C GLY I 329 -11.45 40.43 12.64
N ILE I 330 -12.07 39.49 13.35
CA ILE I 330 -11.68 38.07 13.32
C ILE I 330 -12.90 37.16 13.18
N ASN I 331 -12.67 35.86 13.04
CA ASN I 331 -13.76 34.90 12.92
C ASN I 331 -13.83 33.93 14.10
N LYS I 332 -15.05 33.61 14.53
CA LYS I 332 -15.28 32.73 15.66
C LYS I 332 -14.30 31.55 15.71
N GLN I 333 -14.17 30.85 14.60
CA GLN I 333 -13.26 29.70 14.56
C GLN I 333 -12.36 29.81 13.36
N GLU I 334 -11.25 30.52 13.48
CA GLU I 334 -10.33 30.69 12.37
C GLU I 334 -9.71 29.38 11.95
N PHE I 335 -9.16 28.68 12.93
CA PHE I 335 -8.51 27.41 12.69
C PHE I 335 -9.52 26.28 12.80
N GLY I 336 -10.76 26.60 12.42
CA GLY I 336 -11.79 25.61 12.46
C GLY I 336 -11.57 24.47 11.48
N TRP I 337 -11.50 24.76 10.19
CA TRP I 337 -11.32 23.69 9.21
C TRP I 337 -10.42 24.02 8.03
N LEU I 338 -10.73 25.12 7.36
CA LEU I 338 -9.98 25.56 6.20
C LEU I 338 -8.47 25.34 6.29
N ILE I 339 -7.79 26.20 7.05
CA ILE I 339 -6.35 26.14 7.23
C ILE I 339 -5.80 24.73 7.50
N PRO I 340 -6.31 24.04 8.54
CA PRO I 340 -5.85 22.69 8.86
C PRO I 340 -5.97 21.80 7.62
N MET I 341 -7.17 21.79 7.04
CA MET I 341 -7.42 21.00 5.86
C MET I 341 -6.36 21.27 4.80
N LEU I 342 -5.95 22.53 4.69
CA LEU I 342 -4.95 22.93 3.71
C LEU I 342 -3.55 22.44 4.04
N MET I 343 -3.09 22.73 5.24
CA MET I 343 -1.77 22.33 5.67
C MET I 343 -1.73 20.86 6.00
N SER I 344 -2.83 20.17 5.75
CA SER I 344 -2.94 18.74 6.00
C SER I 344 -2.57 18.47 7.44
N TYR I 345 -3.12 19.25 8.36
CA TYR I 345 -2.82 19.10 9.78
C TYR I 345 -3.07 17.67 10.30
N PRO I 346 -2.19 17.19 11.20
CA PRO I 346 -2.25 15.86 11.81
C PRO I 346 -3.61 15.42 12.37
N LEU I 347 -4.38 16.35 12.94
CA LEU I 347 -5.68 16.00 13.48
C LEU I 347 -6.48 15.16 12.48
N SER I 348 -6.70 13.89 12.82
CA SER I 348 -7.43 12.97 11.96
C SER I 348 -7.99 11.78 12.74
N GLU I 349 -7.78 11.81 14.06
CA GLU I 349 -8.23 10.73 14.95
C GLU I 349 -9.63 11.07 15.46
N GLY I 350 -10.02 12.33 15.29
CA GLY I 350 -11.32 12.79 15.74
C GLY I 350 -11.28 13.46 17.09
N GLN I 351 -10.17 13.27 17.80
CA GLN I 351 -9.98 13.85 19.13
C GLN I 351 -8.50 14.01 19.41
N LEU I 352 -8.17 14.51 20.60
CA LEU I 352 -6.78 14.74 20.96
C LEU I 352 -6.55 14.77 22.48
N ASP I 353 -5.44 14.20 22.92
CA ASP I 353 -5.11 14.16 24.36
C ASP I 353 -3.90 15.02 24.68
N GLN I 354 -3.77 15.36 25.95
CA GLN I 354 -2.66 16.16 26.43
C GLN I 354 -1.30 15.74 25.86
N LYS I 355 -0.96 14.47 26.06
CA LYS I 355 0.33 13.90 25.61
C LYS I 355 0.66 14.26 24.16
N THR I 356 -0.36 14.20 23.30
CA THR I 356 -0.15 14.52 21.90
C THR I 356 -0.15 16.02 21.70
N ALA I 357 -0.97 16.72 22.47
CA ALA I 357 -1.06 18.16 22.37
C ALA I 357 0.33 18.78 22.52
N MET I 358 1.03 18.32 23.54
CA MET I 358 2.38 18.78 23.82
C MET I 358 3.23 18.59 22.57
N SER I 359 2.98 17.48 21.86
CA SER I 359 3.67 17.10 20.62
C SER I 359 3.29 18.00 19.43
N LEU I 360 1.99 18.21 19.25
CA LEU I 360 1.51 19.05 18.18
C LEU I 360 1.82 20.52 18.43
N LEU I 361 1.31 21.06 19.52
CA LEU I 361 1.54 22.46 19.85
C LEU I 361 3.01 22.83 19.68
N TRP I 362 3.85 21.84 19.91
CA TRP I 362 5.30 21.93 19.79
C TRP I 362 5.65 22.05 18.27
N LYS I 363 5.29 21.00 17.54
CA LYS I 363 5.56 20.90 16.10
C LYS I 363 4.84 21.98 15.30
N SER I 364 4.00 22.75 15.99
CA SER I 364 3.26 23.83 15.37
C SER I 364 4.04 25.13 15.52
N TYR I 365 5.27 25.03 16.01
CA TYR I 365 6.14 26.19 16.23
C TYR I 365 6.21 27.12 15.02
N PRO I 366 6.34 26.56 13.80
CA PRO I 366 6.43 27.43 12.62
C PRO I 366 5.15 28.22 12.36
N LEU I 367 4.15 28.05 13.23
CA LEU I 367 2.88 28.74 13.07
C LEU I 367 2.60 29.72 14.18
N VAL I 368 2.57 29.21 15.41
CA VAL I 368 2.29 30.05 16.57
C VAL I 368 3.57 30.51 17.27
N CYS I 369 4.66 29.75 17.07
CA CYS I 369 5.95 30.06 17.67
C CYS I 369 5.90 29.95 19.18
N ILE I 370 5.55 28.76 19.66
CA ILE I 370 5.48 28.54 21.09
C ILE I 370 6.67 27.66 21.50
N ALA I 371 7.41 28.12 22.51
CA ALA I 371 8.58 27.39 23.02
C ALA I 371 8.16 26.04 23.62
N LYS I 372 9.02 25.03 23.51
CA LYS I 372 8.69 23.70 24.03
C LYS I 372 8.47 23.70 25.54
N GLU I 373 8.92 24.76 26.21
CA GLU I 373 8.78 24.89 27.66
C GLU I 373 7.43 25.53 28.06
N LEU I 374 6.83 26.30 27.15
CA LEU I 374 5.56 26.96 27.42
C LEU I 374 4.37 26.02 27.16
N ILE I 375 4.60 25.03 26.29
CA ILE I 375 3.58 24.03 25.90
C ILE I 375 2.68 23.63 27.07
N PRO I 376 3.29 23.28 28.20
CA PRO I 376 2.50 22.87 29.37
C PRO I 376 1.41 23.87 29.71
N GLU I 377 1.79 24.92 30.42
CA GLU I 377 0.83 25.94 30.85
C GLU I 377 -0.07 26.38 29.71
N ALA I 378 0.47 26.33 28.48
CA ALA I 378 -0.30 26.73 27.32
C ALA I 378 -1.44 25.75 27.10
N THR I 379 -1.10 24.47 26.96
CA THR I 379 -2.09 23.44 26.73
C THR I 379 -3.13 23.39 27.87
N GLU I 380 -2.64 23.59 29.09
CA GLU I 380 -3.45 23.62 30.32
C GLU I 380 -4.63 24.60 30.26
N LYS I 381 -4.31 25.90 30.33
CA LYS I 381 -5.30 26.96 30.28
C LYS I 381 -6.43 26.67 29.30
N TYR I 382 -6.12 25.99 28.20
CA TYR I 382 -7.13 25.68 27.17
C TYR I 382 -7.74 24.29 27.25
N LEU I 383 -6.91 23.27 27.07
CA LEU I 383 -7.39 21.89 27.10
C LEU I 383 -7.60 21.33 28.50
N GLY I 384 -7.11 22.05 29.52
CA GLY I 384 -7.27 21.58 30.89
C GLY I 384 -8.73 21.61 31.33
N GLY I 385 -9.61 22.07 30.44
CA GLY I 385 -11.03 22.15 30.73
C GLY I 385 -11.67 20.85 31.17
N THR I 386 -12.12 20.02 30.22
CA THR I 386 -12.75 18.74 30.57
C THR I 386 -11.79 17.56 30.44
N ASP I 387 -12.29 16.38 30.76
CA ASP I 387 -11.53 15.13 30.71
C ASP I 387 -11.76 14.46 29.37
N ASP I 388 -12.72 15.01 28.62
CA ASP I 388 -13.10 14.51 27.30
C ASP I 388 -12.13 14.90 26.19
N THR I 389 -11.65 13.90 25.44
CA THR I 389 -10.71 14.15 24.35
C THR I 389 -11.37 14.81 23.14
N VAL I 390 -12.68 14.63 22.98
CA VAL I 390 -13.38 15.23 21.85
C VAL I 390 -13.42 16.76 22.02
N LYS I 391 -13.63 17.22 23.24
CA LYS I 391 -13.68 18.66 23.52
C LYS I 391 -12.27 19.23 23.66
N LYS I 392 -11.30 18.37 23.96
CA LYS I 392 -9.92 18.82 24.09
C LYS I 392 -9.40 19.26 22.72
N LYS I 393 -9.71 18.48 21.70
CA LYS I 393 -9.28 18.81 20.36
C LYS I 393 -9.86 20.16 19.98
N ASP I 394 -11.19 20.25 19.99
CA ASP I 394 -11.92 21.47 19.65
C ASP I 394 -11.35 22.71 20.32
N LEU I 395 -10.92 22.58 21.57
CA LEU I 395 -10.35 23.71 22.27
C LEU I 395 -8.96 23.96 21.72
N PHE I 396 -8.24 22.90 21.34
CA PHE I 396 -6.88 23.00 20.79
C PHE I 396 -6.85 23.94 19.56
N LEU I 397 -7.89 23.82 18.74
CA LEU I 397 -8.00 24.65 17.56
C LEU I 397 -8.24 26.07 18.01
N ASP I 398 -9.01 26.26 19.08
CA ASP I 398 -9.25 27.60 19.61
C ASP I 398 -7.90 28.19 20.02
N LEU I 399 -7.01 27.31 20.51
CA LEU I 399 -5.69 27.70 20.94
C LEU I 399 -4.97 28.33 19.75
N ILE I 400 -4.66 27.50 18.75
CA ILE I 400 -3.97 27.95 17.54
C ILE I 400 -4.57 29.19 16.92
N ALA I 401 -5.90 29.23 16.87
CA ALA I 401 -6.62 30.36 16.29
C ALA I 401 -6.41 31.62 17.10
N ASP I 402 -6.41 31.48 18.42
CA ASP I 402 -6.24 32.63 19.28
C ASP I 402 -4.84 33.23 19.23
N VAL I 403 -3.87 32.38 19.01
CA VAL I 403 -2.50 32.85 18.91
C VAL I 403 -2.22 33.45 17.56
N MET I 404 -2.71 32.80 16.49
CA MET I 404 -2.47 33.31 15.15
C MET I 404 -3.18 34.60 14.84
N PHE I 405 -4.47 34.68 15.14
CA PHE I 405 -5.20 35.89 14.82
C PHE I 405 -5.82 36.58 16.01
N GLY I 406 -6.45 35.81 16.89
CA GLY I 406 -7.11 36.37 18.06
C GLY I 406 -6.39 37.50 18.76
N VAL I 407 -5.37 37.14 19.54
CA VAL I 407 -4.60 38.12 20.29
C VAL I 407 -3.94 39.14 19.37
N PRO I 408 -3.28 38.67 18.30
CA PRO I 408 -2.63 39.60 17.38
C PRO I 408 -3.55 40.74 16.96
N SER I 409 -4.71 40.40 16.41
CA SER I 409 -5.65 41.41 15.94
C SER I 409 -6.06 42.40 17.02
N VAL I 410 -6.41 41.87 18.19
CA VAL I 410 -6.82 42.74 19.29
C VAL I 410 -5.77 43.79 19.54
N ILE I 411 -4.54 43.35 19.81
CA ILE I 411 -3.39 44.23 20.08
C ILE I 411 -3.22 45.34 19.05
N VAL I 412 -3.23 44.91 17.78
CA VAL I 412 -3.09 45.81 16.63
C VAL I 412 -4.18 46.87 16.68
N ALA I 413 -5.33 46.48 17.19
CA ALA I 413 -6.46 47.39 17.30
C ALA I 413 -6.14 48.39 18.39
N ARG I 414 -5.83 47.85 19.56
CA ARG I 414 -5.50 48.66 20.71
C ARG I 414 -4.44 49.71 20.41
N ASN I 415 -3.30 49.30 19.88
CA ASN I 415 -2.23 50.23 19.56
C ASN I 415 -2.70 51.34 18.62
N HIS I 416 -3.44 50.98 17.59
CA HIS I 416 -3.93 51.97 16.65
C HIS I 416 -4.96 52.85 17.34
N ARG I 417 -5.59 52.27 18.35
CA ARG I 417 -6.61 52.98 19.11
C ARG I 417 -5.89 54.07 19.90
N ASP I 418 -4.88 53.64 20.66
CA ASP I 418 -4.10 54.51 21.51
C ASP I 418 -3.31 55.50 20.67
N ALA I 419 -2.94 55.07 19.47
CA ALA I 419 -2.18 55.90 18.55
C ALA I 419 -2.89 57.24 18.32
N GLY I 420 -4.18 57.27 18.66
CA GLY I 420 -4.96 58.50 18.51
C GLY I 420 -5.66 58.62 17.19
N ALA I 421 -6.36 57.57 16.81
CA ALA I 421 -7.07 57.54 15.55
C ALA I 421 -8.22 56.55 15.59
N PRO I 422 -9.23 56.76 14.75
CA PRO I 422 -10.44 55.93 14.63
C PRO I 422 -10.14 54.44 14.53
N THR I 423 -10.96 53.63 15.18
CA THR I 423 -10.75 52.19 15.13
C THR I 423 -12.01 51.41 15.52
N TYR I 424 -12.27 50.30 14.83
CA TYR I 424 -13.44 49.45 15.10
C TYR I 424 -13.05 47.98 14.93
N MET I 425 -13.71 47.11 15.68
CA MET I 425 -13.43 45.67 15.60
C MET I 425 -14.69 44.87 15.45
N TYR I 426 -14.57 43.65 14.97
CA TYR I 426 -15.73 42.78 14.78
C TYR I 426 -15.32 41.34 14.83
N GLU I 427 -16.26 40.48 15.21
CA GLU I 427 -16.02 39.05 15.28
C GLU I 427 -17.10 38.36 14.49
N PHE I 428 -16.75 37.94 13.29
CA PHE I 428 -17.68 37.28 12.41
C PHE I 428 -18.06 35.92 12.99
N GLN I 429 -19.33 35.79 13.37
CA GLN I 429 -19.85 34.54 13.93
C GLN I 429 -21.01 34.08 13.05
N TYR I 430 -20.70 33.33 12.00
CA TYR I 430 -21.74 32.87 11.09
C TYR I 430 -21.24 31.82 10.14
N ARG I 431 -21.99 30.74 9.98
CA ARG I 431 -21.60 29.70 9.05
C ARG I 431 -22.33 29.90 7.73
N PRO I 432 -21.58 30.16 6.65
CA PRO I 432 -22.08 30.40 5.29
C PRO I 432 -22.66 29.15 4.66
N SER I 433 -23.49 29.30 3.62
CA SER I 433 -24.10 28.15 2.97
C SER I 433 -23.26 27.64 1.81
N PHE I 434 -22.40 28.53 1.33
CA PHE I 434 -21.50 28.25 0.21
C PHE I 434 -20.27 27.49 0.70
N SER I 435 -20.29 27.03 1.95
CA SER I 435 -19.17 26.30 2.48
C SER I 435 -18.98 25.01 1.67
N SER I 436 -17.98 24.22 2.06
CA SER I 436 -17.67 22.96 1.37
C SER I 436 -18.49 21.81 1.92
N ASP I 437 -18.79 20.85 1.05
CA ASP I 437 -19.57 19.69 1.41
C ASP I 437 -18.77 18.82 2.41
N MET I 438 -17.45 19.05 2.45
CA MET I 438 -16.54 18.30 3.34
C MET I 438 -16.20 18.99 4.67
N LYS I 439 -16.92 20.08 4.97
CA LYS I 439 -16.70 20.83 6.21
C LYS I 439 -17.85 20.52 7.17
N PRO I 440 -17.52 20.00 8.37
CA PRO I 440 -18.54 19.67 9.36
C PRO I 440 -19.40 20.88 9.67
N LYS I 441 -20.71 20.68 9.68
CA LYS I 441 -21.63 21.78 9.93
C LYS I 441 -21.48 22.29 11.36
N THR I 442 -20.64 21.62 12.14
CA THR I 442 -20.40 22.00 13.53
C THR I 442 -19.48 23.22 13.60
N VAL I 443 -18.80 23.49 12.49
CA VAL I 443 -17.87 24.61 12.38
C VAL I 443 -18.55 25.88 11.87
N ILE I 444 -18.48 26.92 12.69
CA ILE I 444 -19.10 28.20 12.36
C ILE I 444 -18.05 29.29 12.46
N GLY I 445 -18.05 30.23 11.53
CA GLY I 445 -17.09 31.31 11.56
C GLY I 445 -15.67 30.85 11.30
N ASP I 446 -15.53 30.04 10.27
CA ASP I 446 -14.25 29.46 9.86
C ASP I 446 -13.34 30.57 9.32
N HIS I 447 -12.33 30.19 8.56
CA HIS I 447 -11.41 31.15 8.00
C HIS I 447 -11.94 31.73 6.69
N GLY I 448 -11.95 33.06 6.61
CA GLY I 448 -12.42 33.74 5.41
C GLY I 448 -13.93 33.69 5.20
N ASP I 449 -14.62 32.99 6.09
CA ASP I 449 -16.06 32.86 6.00
C ASP I 449 -16.82 34.19 5.91
N GLU I 450 -16.17 35.31 6.19
CA GLU I 450 -16.89 36.57 6.10
C GLU I 450 -16.80 37.14 4.69
N LEU I 451 -15.91 36.58 3.89
CA LEU I 451 -15.71 37.07 2.54
C LEU I 451 -16.97 36.94 1.69
N PHE I 452 -17.74 35.89 1.93
CA PHE I 452 -18.95 35.67 1.17
C PHE I 452 -19.97 36.77 1.38
N SER I 453 -19.93 37.42 2.53
CA SER I 453 -20.85 38.52 2.81
C SER I 453 -20.31 39.78 2.16
N VAL I 454 -19.17 40.25 2.66
CA VAL I 454 -18.53 41.43 2.11
C VAL I 454 -18.58 41.53 0.57
N PHE I 455 -18.26 40.44 -0.11
CA PHE I 455 -18.28 40.47 -1.56
C PHE I 455 -19.62 40.07 -2.14
N GLY I 456 -20.64 39.98 -1.29
CA GLY I 456 -21.98 39.63 -1.73
C GLY I 456 -22.19 38.35 -2.55
N ALA I 457 -21.41 37.31 -2.25
CA ALA I 457 -21.56 36.06 -2.96
C ALA I 457 -23.02 35.64 -3.04
N PRO I 458 -23.87 36.05 -2.06
CA PRO I 458 -25.27 35.63 -2.17
C PRO I 458 -25.97 36.11 -3.43
N PHE I 459 -25.50 37.21 -3.98
CA PHE I 459 -26.09 37.77 -5.18
C PHE I 459 -25.55 37.17 -6.46
N LEU I 460 -24.54 36.31 -6.36
CA LEU I 460 -23.95 35.72 -7.55
C LEU I 460 -24.09 34.20 -7.56
N LYS I 461 -24.13 33.60 -6.37
CA LYS I 461 -24.31 32.16 -6.22
C LYS I 461 -25.79 31.82 -5.97
N GLU I 462 -26.08 30.61 -5.50
CA GLU I 462 -27.46 30.19 -5.25
C GLU I 462 -27.64 29.43 -3.94
N GLY I 463 -28.90 29.25 -3.53
CA GLY I 463 -29.21 28.51 -2.31
C GLY I 463 -29.16 29.36 -1.06
N ALA I 464 -28.59 30.55 -1.19
CA ALA I 464 -28.47 31.47 -0.08
C ALA I 464 -29.88 31.80 0.42
N SER I 465 -30.11 31.57 1.71
CA SER I 465 -31.41 31.88 2.31
C SER I 465 -31.57 33.40 2.45
N GLU I 466 -32.80 33.86 2.47
CA GLU I 466 -33.08 35.27 2.61
C GLU I 466 -32.23 35.83 3.73
N GLU I 467 -31.90 34.98 4.69
CA GLU I 467 -31.11 35.40 5.82
C GLU I 467 -29.73 35.83 5.33
N GLU I 468 -29.05 34.87 4.71
CA GLU I 468 -27.70 35.07 4.18
C GLU I 468 -27.61 36.30 3.30
N ILE I 469 -28.74 36.65 2.70
CA ILE I 469 -28.81 37.80 1.82
C ILE I 469 -28.87 39.08 2.63
N ARG I 470 -29.81 39.15 3.56
CA ARG I 470 -29.96 40.32 4.41
C ARG I 470 -28.70 40.60 5.23
N LEU I 471 -27.87 39.58 5.46
CA LEU I 471 -26.63 39.74 6.24
C LEU I 471 -25.54 40.31 5.36
N SER I 472 -25.24 39.61 4.26
CA SER I 472 -24.23 40.03 3.30
C SER I 472 -24.54 41.45 2.85
N LYS I 473 -25.81 41.69 2.54
CA LYS I 473 -26.28 43.01 2.12
C LYS I 473 -25.96 44.02 3.23
N MET I 474 -26.13 43.58 4.47
CA MET I 474 -25.86 44.42 5.63
C MET I 474 -24.37 44.75 5.71
N VAL I 475 -23.55 43.71 5.84
CA VAL I 475 -22.07 43.87 5.92
C VAL I 475 -21.54 44.85 4.90
N MET I 476 -21.99 44.71 3.66
CA MET I 476 -21.55 45.61 2.63
C MET I 476 -21.80 47.06 3.01
N LYS I 477 -22.97 47.36 3.61
CA LYS I 477 -23.26 48.73 4.04
C LYS I 477 -22.23 49.12 5.10
N PHE I 478 -21.89 48.16 5.94
CA PHE I 478 -20.91 48.43 6.95
C PHE I 478 -19.58 48.71 6.31
N TRP I 479 -19.12 47.80 5.45
CA TRP I 479 -17.84 47.98 4.77
C TRP I 479 -17.79 49.20 3.86
N ALA I 480 -18.85 49.43 3.11
CA ALA I 480 -18.88 50.58 2.22
C ALA I 480 -18.98 51.86 3.03
N ASN I 481 -19.90 51.89 3.98
CA ASN I 481 -20.07 53.08 4.79
C ASN I 481 -18.77 53.47 5.41
N PHE I 482 -17.98 52.49 5.82
CA PHE I 482 -16.67 52.77 6.42
C PHE I 482 -15.70 53.35 5.35
N ALA I 483 -15.67 52.72 4.18
CA ALA I 483 -14.82 53.15 3.10
C ALA I 483 -15.17 54.55 2.65
N ARG I 484 -16.22 55.11 3.24
CA ARG I 484 -16.65 56.43 2.87
C ARG I 484 -16.29 57.53 3.87
N ASN I 485 -16.60 57.33 5.15
CA ASN I 485 -16.32 58.33 6.19
C ASN I 485 -15.37 57.83 7.27
N GLY I 486 -15.08 56.54 7.24
CA GLY I 486 -14.19 55.96 8.22
C GLY I 486 -14.97 55.57 9.45
N ASN I 487 -16.30 55.51 9.27
CA ASN I 487 -17.24 55.14 10.31
C ASN I 487 -18.29 54.27 9.64
N PRO I 488 -18.34 52.97 9.96
CA PRO I 488 -19.30 52.02 9.37
C PRO I 488 -20.79 52.35 9.52
N ASN I 489 -21.12 52.97 10.64
CA ASN I 489 -22.48 53.37 10.98
C ASN I 489 -23.29 53.96 9.84
N GLY I 490 -24.59 53.90 10.04
CA GLY I 490 -25.54 54.40 9.06
C GLY I 490 -26.94 54.11 9.55
N GLU I 491 -27.95 54.70 8.90
CA GLU I 491 -29.35 54.51 9.28
C GLU I 491 -29.88 53.14 8.81
N GLY I 492 -30.63 52.47 9.69
CA GLY I 492 -31.20 51.18 9.36
C GLY I 492 -30.31 50.02 9.71
N LEU I 493 -29.08 50.32 10.13
CA LEU I 493 -28.07 49.31 10.52
C LEU I 493 -27.77 49.35 12.00
N PRO I 494 -27.45 48.19 12.58
CA PRO I 494 -27.13 48.09 14.01
C PRO I 494 -26.02 49.08 14.35
N HIS I 495 -25.91 49.45 15.63
CA HIS I 495 -24.88 50.40 16.06
C HIS I 495 -23.59 49.69 16.38
N TRP I 496 -22.53 50.17 15.75
CA TRP I 496 -21.19 49.62 15.90
C TRP I 496 -20.34 50.66 16.61
N PRO I 497 -20.01 50.39 17.87
CA PRO I 497 -19.22 51.27 18.69
C PRO I 497 -17.78 51.44 18.26
N GLU I 498 -17.30 52.67 18.35
CA GLU I 498 -15.90 53.01 18.02
C GLU I 498 -14.99 52.38 19.09
N TYR I 499 -14.21 51.37 18.72
CA TYR I 499 -13.30 50.70 19.66
C TYR I 499 -12.40 51.73 20.33
N ASN I 500 -12.70 52.03 21.60
CA ASN I 500 -11.92 52.99 22.39
C ASN I 500 -11.61 52.38 23.74
N GLN I 501 -11.49 53.25 24.74
CA GLN I 501 -11.20 52.79 26.08
C GLN I 501 -12.21 51.75 26.52
N LYS I 502 -13.47 51.91 26.11
CA LYS I 502 -14.53 50.97 26.47
C LYS I 502 -14.33 49.65 25.75
N GLU I 503 -13.61 49.71 24.63
CA GLU I 503 -13.29 48.54 23.81
C GLU I 503 -14.49 47.75 23.32
N GLY I 504 -15.26 48.35 22.42
CA GLY I 504 -16.45 47.71 21.87
C GLY I 504 -16.29 47.27 20.43
N TYR I 505 -16.72 46.05 20.16
CA TYR I 505 -16.64 45.51 18.80
C TYR I 505 -18.02 45.03 18.37
N LEU I 506 -18.12 44.54 17.15
CA LEU I 506 -19.39 44.09 16.59
C LEU I 506 -19.39 42.57 16.32
N GLN I 507 -20.37 41.87 16.87
CA GLN I 507 -20.49 40.43 16.65
C GLN I 507 -21.42 40.28 15.48
N ILE I 508 -20.85 40.12 14.30
CA ILE I 508 -21.63 39.98 13.10
C ILE I 508 -22.05 38.53 12.91
N GLY I 509 -23.32 38.33 12.57
CA GLY I 509 -23.81 36.98 12.38
C GLY I 509 -25.32 36.92 12.32
N ALA I 510 -25.87 35.81 12.82
CA ALA I 510 -27.32 35.59 12.84
C ALA I 510 -27.94 36.81 13.50
N ASN I 511 -27.41 37.13 14.67
CA ASN I 511 -27.86 38.28 15.42
C ASN I 511 -26.64 39.17 15.52
N THR I 512 -26.75 40.41 15.05
CA THR I 512 -25.63 41.36 15.07
C THR I 512 -25.75 42.41 16.16
N GLN I 513 -24.93 42.30 17.20
CA GLN I 513 -24.99 43.26 18.29
C GLN I 513 -23.60 43.59 18.82
N ALA I 514 -23.51 44.68 19.57
CA ALA I 514 -22.24 45.11 20.14
C ALA I 514 -21.79 44.32 21.39
N ALA I 515 -20.49 44.33 21.67
CA ALA I 515 -19.94 43.65 22.84
C ALA I 515 -18.76 44.49 23.36
N GLN I 516 -18.02 43.97 24.34
CA GLN I 516 -16.88 44.70 24.89
C GLN I 516 -15.70 43.79 25.18
N LYS I 517 -14.50 44.37 25.13
CA LYS I 517 -13.25 43.65 25.38
C LYS I 517 -13.22 42.26 24.74
N LEU I 518 -12.96 42.23 23.45
CA LEU I 518 -12.88 40.99 22.69
C LEU I 518 -11.57 40.31 23.03
N LYS I 519 -11.59 38.98 23.15
CA LYS I 519 -10.39 38.21 23.48
C LYS I 519 -9.55 38.76 24.65
N ASP I 520 -10.04 39.82 25.28
CA ASP I 520 -9.35 40.44 26.41
C ASP I 520 -8.73 39.42 27.35
N LYS I 521 -9.57 38.53 27.85
CA LYS I 521 -9.08 37.51 28.76
C LYS I 521 -7.90 36.81 28.10
N GLU I 522 -8.11 36.32 26.88
CA GLU I 522 -7.05 35.62 26.15
C GLU I 522 -5.82 36.47 25.87
N VAL I 523 -6.03 37.74 25.57
CA VAL I 523 -4.91 38.63 25.27
C VAL I 523 -3.97 38.67 26.47
N ALA I 524 -4.54 39.00 27.63
CA ALA I 524 -3.78 39.09 28.87
C ALA I 524 -3.01 37.81 29.17
N PHE I 525 -3.57 36.66 28.79
CA PHE I 525 -2.92 35.39 29.04
C PHE I 525 -1.61 35.23 28.30
N TRP I 526 -1.66 35.41 26.98
CA TRP I 526 -0.45 35.26 26.19
C TRP I 526 0.48 36.43 26.38
N THR I 527 -0.06 37.55 26.82
CA THR I 527 0.75 38.73 27.06
C THR I 527 1.87 38.43 28.00
N ASN I 528 1.66 37.49 28.91
CA ASN I 528 2.73 37.16 29.86
C ASN I 528 3.45 35.87 29.49
N LEU I 529 2.70 34.84 29.11
CA LEU I 529 3.33 33.59 28.73
C LEU I 529 4.39 33.85 27.67
N PHE I 530 4.04 34.68 26.68
CA PHE I 530 4.96 35.02 25.61
C PHE I 530 6.14 35.88 26.07
N ALA I 531 6.11 36.29 27.34
CA ALA I 531 7.17 37.10 27.90
C ALA I 531 8.08 36.20 28.71
N LYS I 532 7.82 34.89 28.60
CA LYS I 532 8.59 33.88 29.33
C LYS I 532 8.59 34.18 30.83
N SER J 1 -48.60 -63.02 48.28
CA SER J 1 -48.54 -61.67 48.94
C SER J 1 -47.96 -60.58 48.02
N SER J 2 -47.65 -59.41 48.59
CA SER J 2 -47.07 -58.29 47.84
C SER J 2 -45.80 -58.75 47.13
N PRO J 3 -45.45 -58.09 46.02
CA PRO J 3 -44.25 -58.49 45.29
C PRO J 3 -42.97 -58.44 46.14
N PRO J 4 -41.98 -59.30 45.83
CA PRO J 4 -40.69 -59.36 46.54
C PRO J 4 -39.91 -58.05 46.44
N VAL J 5 -39.46 -57.52 47.57
CA VAL J 5 -38.69 -56.29 47.53
C VAL J 5 -37.31 -56.50 48.17
N VAL J 6 -36.27 -56.58 47.34
CA VAL J 6 -34.90 -56.82 47.84
C VAL J 6 -34.03 -55.58 47.76
N ASP J 7 -33.19 -55.40 48.76
CA ASP J 7 -32.28 -54.25 48.84
C ASP J 7 -30.87 -54.64 48.39
N THR J 8 -30.44 -54.09 47.25
CA THR J 8 -29.12 -54.39 46.73
C THR J 8 -28.21 -53.23 47.06
N VAL J 9 -26.97 -53.31 46.59
CA VAL J 9 -25.95 -52.29 46.83
C VAL J 9 -26.30 -50.95 46.28
N HIS J 10 -26.98 -50.96 45.14
CA HIS J 10 -27.36 -49.73 44.48
C HIS J 10 -28.82 -49.29 44.61
N GLY J 11 -29.55 -49.92 45.53
CA GLY J 11 -30.94 -49.57 45.72
C GLY J 11 -31.87 -50.77 45.87
N LYS J 12 -33.17 -50.51 45.95
CA LYS J 12 -34.15 -51.58 46.09
C LYS J 12 -34.67 -52.05 44.75
N VAL J 13 -34.75 -53.36 44.59
CA VAL J 13 -35.26 -53.97 43.36
C VAL J 13 -36.58 -54.72 43.60
N LEU J 14 -37.61 -54.43 42.83
CA LEU J 14 -38.88 -55.12 43.00
C LEU J 14 -39.00 -56.27 41.97
N GLY J 15 -39.47 -57.43 42.41
CA GLY J 15 -39.62 -58.58 41.52
C GLY J 15 -41.04 -59.12 41.43
N LYS J 16 -41.21 -60.40 41.17
CA LYS J 16 -42.54 -60.97 41.11
C LYS J 16 -42.53 -62.43 41.56
N PHE J 17 -43.64 -62.90 42.11
CA PHE J 17 -43.73 -64.27 42.56
C PHE J 17 -44.32 -65.18 41.50
N VAL J 18 -43.72 -66.33 41.31
CA VAL J 18 -44.23 -67.24 40.30
C VAL J 18 -44.22 -68.64 40.91
N SER J 19 -45.41 -69.25 40.97
CA SER J 19 -45.53 -70.59 41.56
C SER J 19 -45.53 -71.66 40.48
N LEU J 20 -44.51 -72.51 40.50
CA LEU J 20 -44.40 -73.58 39.54
C LEU J 20 -45.32 -74.76 39.86
N GLU J 21 -45.90 -75.33 38.81
CA GLU J 21 -46.80 -76.47 38.88
C GLU J 21 -46.43 -77.47 39.96
N GLY J 22 -47.13 -77.37 41.10
CA GLY J 22 -46.92 -78.27 42.22
C GLY J 22 -46.03 -77.82 43.38
N PHE J 23 -45.16 -76.85 43.12
CA PHE J 23 -44.26 -76.38 44.15
C PHE J 23 -44.90 -75.35 45.04
N ALA J 24 -45.06 -75.71 46.31
CA ALA J 24 -45.67 -74.81 47.27
C ALA J 24 -44.82 -73.55 47.39
N GLN J 25 -43.51 -73.74 47.46
CA GLN J 25 -42.61 -72.61 47.59
C GLN J 25 -42.61 -71.80 46.29
N PRO J 26 -43.03 -70.53 46.37
CA PRO J 26 -43.06 -69.66 45.19
C PRO J 26 -41.67 -69.13 44.90
N VAL J 27 -41.35 -68.97 43.63
CA VAL J 27 -40.04 -68.47 43.23
C VAL J 27 -40.10 -66.97 42.95
N ALA J 28 -39.12 -66.26 43.49
CA ALA J 28 -39.02 -64.82 43.33
C ALA J 28 -38.24 -64.60 42.04
N ILE J 29 -38.85 -63.89 41.08
CA ILE J 29 -38.24 -63.62 39.79
C ILE J 29 -37.94 -62.15 39.51
N PHE J 30 -36.70 -61.87 39.16
CA PHE J 30 -36.29 -60.51 38.88
C PHE J 30 -35.77 -60.46 37.47
N LEU J 31 -36.23 -59.48 36.69
CA LEU J 31 -35.80 -59.36 35.31
C LEU J 31 -35.26 -58.00 34.86
N GLY J 32 -33.95 -57.88 34.77
CA GLY J 32 -33.37 -56.62 34.34
C GLY J 32 -32.66 -55.82 35.40
N ILE J 33 -32.06 -56.48 36.39
CA ILE J 33 -31.34 -55.70 37.37
C ILE J 33 -30.02 -55.33 36.69
N PRO J 34 -29.73 -54.03 36.56
CA PRO J 34 -28.52 -53.49 35.94
C PRO J 34 -27.27 -53.85 36.70
N PHE J 35 -26.33 -54.51 36.04
CA PHE J 35 -25.12 -54.86 36.73
C PHE J 35 -23.95 -54.02 36.30
N ALA J 36 -24.26 -52.84 35.77
CA ALA J 36 -23.23 -51.94 35.33
C ALA J 36 -23.94 -50.84 34.65
N LYS J 37 -23.21 -49.76 34.53
CA LYS J 37 -23.87 -48.61 33.91
C LYS J 37 -23.96 -49.03 32.29
N PRO J 38 -24.91 -48.45 31.52
CA PRO J 38 -25.13 -48.68 30.08
C PRO J 38 -23.93 -48.18 29.24
N PRO J 39 -23.25 -49.10 28.54
CA PRO J 39 -22.09 -48.77 27.72
C PRO J 39 -22.43 -47.93 26.50
N LEU J 40 -22.98 -46.74 26.75
CA LEU J 40 -23.31 -45.82 25.67
C LEU J 40 -22.36 -44.62 25.62
N GLY J 41 -22.29 -44.01 24.44
CA GLY J 41 -21.44 -42.86 24.22
C GLY J 41 -19.97 -43.22 24.25
N PRO J 42 -19.16 -42.39 24.92
CA PRO J 42 -17.72 -42.60 25.04
C PRO J 42 -17.36 -43.86 25.78
N LEU J 43 -18.34 -44.52 26.40
CA LEU J 43 -18.08 -45.76 27.13
C LEU J 43 -18.13 -47.00 26.23
N ARG J 44 -18.40 -46.81 24.95
CA ARG J 44 -18.44 -47.94 24.03
C ARG J 44 -17.00 -48.30 23.77
N PHE J 45 -16.67 -49.58 23.87
CA PHE J 45 -15.29 -50.05 23.66
C PHE J 45 -14.39 -49.74 24.83
N THR J 46 -14.96 -49.79 26.04
CA THR J 46 -14.24 -49.51 27.27
C THR J 46 -14.82 -50.46 28.31
N PRO J 47 -14.06 -50.74 29.38
CA PRO J 47 -14.52 -51.64 30.42
C PRO J 47 -15.78 -51.11 31.13
N PRO J 48 -16.73 -52.03 31.42
CA PRO J 48 -17.97 -51.65 32.09
C PRO J 48 -17.67 -51.00 33.42
N GLN J 49 -18.41 -49.94 33.74
CA GLN J 49 -18.27 -49.19 35.00
C GLN J 49 -19.46 -49.43 35.90
N PRO J 50 -19.27 -49.32 37.22
CA PRO J 50 -20.38 -49.52 38.14
C PRO J 50 -21.57 -48.60 37.92
N ALA J 51 -22.72 -49.24 37.76
CA ALA J 51 -23.98 -48.54 37.57
C ALA J 51 -24.21 -47.55 38.71
N GLU J 52 -24.86 -46.42 38.39
CA GLU J 52 -25.17 -45.42 39.39
C GLU J 52 -26.39 -45.89 40.14
N PRO J 53 -26.53 -45.48 41.39
CA PRO J 53 -27.66 -45.85 42.25
C PRO J 53 -28.96 -45.10 42.00
N TRP J 54 -30.05 -45.80 42.26
CA TRP J 54 -31.37 -45.23 42.08
C TRP J 54 -31.92 -44.86 43.44
N SER J 55 -32.73 -43.82 43.45
CA SER J 55 -33.28 -43.33 44.70
C SER J 55 -34.50 -44.01 45.31
N PHE J 56 -35.24 -44.80 44.54
CA PHE J 56 -36.40 -45.44 45.14
C PHE J 56 -36.37 -46.95 45.03
N VAL J 57 -37.44 -47.51 44.47
CA VAL J 57 -37.58 -48.95 44.27
C VAL J 57 -37.72 -49.21 42.77
N LYS J 58 -36.77 -49.90 42.17
CA LYS J 58 -36.84 -50.18 40.72
C LYS J 58 -37.76 -51.36 40.33
N ASN J 59 -38.84 -51.07 39.61
CA ASN J 59 -39.75 -52.14 39.20
C ASN J 59 -39.13 -53.17 38.23
N ALA J 60 -38.22 -54.02 38.67
CA ALA J 60 -37.64 -55.02 37.77
C ALA J 60 -38.70 -56.03 37.36
N THR J 61 -39.56 -55.65 36.44
CA THR J 61 -40.66 -56.51 35.99
C THR J 61 -40.69 -56.79 34.49
N SER J 62 -39.82 -56.15 33.72
CA SER J 62 -39.83 -56.34 32.28
C SER J 62 -38.51 -56.93 31.79
N TYR J 63 -38.57 -57.74 30.74
CA TYR J 63 -37.38 -58.39 30.22
C TYR J 63 -36.46 -57.37 29.61
N PRO J 64 -35.19 -57.42 30.01
CA PRO J 64 -34.18 -56.51 29.51
C PRO J 64 -33.97 -56.71 28.04
N PRO J 65 -33.39 -55.71 27.37
CA PRO J 65 -33.13 -55.77 25.94
C PRO J 65 -31.95 -56.69 25.70
N MET J 66 -31.84 -57.23 24.49
CA MET J 66 -30.67 -58.04 24.21
C MET J 66 -29.70 -57.18 23.39
N CYS J 67 -28.40 -57.25 23.71
CA CYS J 67 -27.40 -56.45 23.01
C CYS J 67 -27.55 -56.49 21.51
N THR J 68 -27.19 -55.41 20.86
CA THR J 68 -27.29 -55.32 19.43
C THR J 68 -26.68 -56.56 18.81
N GLN J 69 -27.34 -57.06 17.77
CA GLN J 69 -26.89 -58.25 17.07
C GLN J 69 -27.81 -58.46 15.88
N ASP J 70 -27.39 -59.27 14.92
CA ASP J 70 -28.22 -59.57 13.76
C ASP J 70 -29.60 -59.85 14.31
N PRO J 71 -30.55 -58.94 14.13
CA PRO J 71 -31.89 -59.20 14.66
C PRO J 71 -32.58 -60.50 14.20
N LYS J 72 -32.31 -60.94 12.97
CA LYS J 72 -32.92 -62.15 12.41
C LYS J 72 -32.41 -63.41 13.10
N ALA J 73 -31.10 -63.67 12.98
CA ALA J 73 -30.48 -64.83 13.59
C ALA J 73 -30.62 -64.69 15.10
N GLY J 74 -30.51 -63.45 15.57
CA GLY J 74 -30.62 -63.19 16.98
C GLY J 74 -31.88 -63.78 17.57
N GLN J 75 -32.94 -63.81 16.79
CA GLN J 75 -34.17 -64.35 17.31
C GLN J 75 -34.11 -65.86 17.09
N LEU J 76 -33.80 -66.27 15.87
CA LEU J 76 -33.73 -67.69 15.51
C LEU J 76 -33.02 -68.54 16.56
N LEU J 77 -31.95 -68.01 17.16
CA LEU J 77 -31.17 -68.72 18.18
C LEU J 77 -31.98 -68.85 19.47
N SER J 78 -32.66 -67.78 19.82
CA SER J 78 -33.49 -67.74 21.02
C SER J 78 -34.66 -68.73 20.90
N GLU J 79 -35.14 -68.93 19.69
CA GLU J 79 -36.27 -69.83 19.50
C GLU J 79 -35.87 -71.30 19.47
N LEU J 80 -34.60 -71.59 19.23
CA LEU J 80 -34.15 -72.97 19.19
C LEU J 80 -33.59 -73.41 20.53
N PHE J 81 -33.35 -72.46 21.44
CA PHE J 81 -32.78 -72.75 22.76
C PHE J 81 -33.73 -72.48 23.92
N THR J 82 -34.71 -71.63 23.71
CA THR J 82 -35.64 -71.31 24.75
C THR J 82 -36.33 -72.56 25.26
N ASN J 83 -36.60 -72.60 26.55
CA ASN J 83 -37.27 -73.74 27.14
C ASN J 83 -38.70 -73.37 27.56
N ARG J 84 -38.94 -72.10 27.82
CA ARG J 84 -40.28 -71.65 28.22
C ARG J 84 -41.31 -72.00 27.12
N LYS J 85 -42.58 -71.73 27.42
CA LYS J 85 -43.65 -72.03 26.49
C LYS J 85 -43.55 -71.21 25.21
N GLU J 86 -43.99 -69.97 25.25
CA GLU J 86 -43.95 -69.09 24.10
C GLU J 86 -42.64 -68.31 24.10
N ASN J 87 -41.90 -68.36 22.99
CA ASN J 87 -40.65 -67.66 22.95
C ASN J 87 -40.87 -66.16 23.18
N ILE J 88 -40.11 -65.61 24.12
CA ILE J 88 -40.19 -64.20 24.48
C ILE J 88 -39.57 -63.28 23.44
N PRO J 89 -40.32 -62.26 22.97
CA PRO J 89 -39.84 -61.30 21.96
C PRO J 89 -38.75 -60.44 22.60
N LEU J 90 -37.89 -59.84 21.78
CA LEU J 90 -36.82 -59.04 22.36
C LEU J 90 -36.45 -57.79 21.57
N LYS J 91 -35.98 -56.79 22.30
CA LYS J 91 -35.56 -55.53 21.75
C LYS J 91 -34.04 -55.52 21.67
N LEU J 92 -33.50 -54.54 20.98
CA LEU J 92 -32.07 -54.43 20.87
C LEU J 92 -31.70 -53.07 21.41
N SER J 93 -30.48 -53.00 21.96
CA SER J 93 -29.91 -51.75 22.46
C SER J 93 -28.55 -52.04 23.06
N GLU J 94 -27.64 -51.08 22.91
CA GLU J 94 -26.28 -51.20 23.43
C GLU J 94 -26.40 -51.24 24.96
N ASP J 95 -27.50 -50.68 25.44
CA ASP J 95 -27.81 -50.68 26.85
C ASP J 95 -28.44 -52.07 27.15
N CYS J 96 -27.58 -53.06 27.39
CA CYS J 96 -28.02 -54.42 27.63
C CYS J 96 -27.25 -55.11 28.75
N LEU J 97 -26.54 -54.34 29.55
CA LEU J 97 -25.80 -54.94 30.64
C LEU J 97 -26.71 -55.27 31.81
N TYR J 98 -27.57 -56.26 31.61
CA TYR J 98 -28.50 -56.69 32.65
C TYR J 98 -28.45 -58.20 32.91
N LEU J 99 -28.82 -58.59 34.13
CA LEU J 99 -28.88 -60.00 34.51
C LEU J 99 -30.22 -60.24 35.17
N ASN J 100 -30.77 -61.43 34.97
CA ASN J 100 -32.04 -61.83 35.55
C ASN J 100 -31.74 -62.72 36.72
N ILE J 101 -32.64 -62.79 37.72
CA ILE J 101 -32.45 -63.64 38.90
C ILE J 101 -33.68 -64.53 39.20
N TYR J 102 -33.40 -65.74 39.69
CA TYR J 102 -34.43 -66.71 40.06
C TYR J 102 -34.00 -67.32 41.39
N THR J 103 -34.72 -67.03 42.47
CA THR J 103 -34.34 -67.56 43.76
C THR J 103 -35.47 -68.32 44.41
N PRO J 104 -35.29 -69.62 44.66
CA PRO J 104 -36.36 -70.39 45.28
C PRO J 104 -36.29 -70.30 46.82
N ALA J 105 -35.73 -69.21 47.33
CA ALA J 105 -35.59 -69.07 48.77
C ALA J 105 -36.72 -68.30 49.35
N ASP J 106 -36.86 -68.36 50.68
CA ASP J 106 -37.90 -67.60 51.38
C ASP J 106 -37.20 -66.34 51.85
N LEU J 107 -37.21 -65.36 50.96
CA LEU J 107 -36.56 -64.06 51.16
C LEU J 107 -36.62 -63.40 52.53
N THR J 108 -37.60 -63.80 53.35
CA THR J 108 -37.75 -63.23 54.68
C THR J 108 -36.64 -63.74 55.57
N LYS J 109 -36.33 -65.05 55.45
CA LYS J 109 -35.26 -65.66 56.23
C LYS J 109 -33.92 -65.55 55.50
N LYS J 110 -32.84 -65.46 56.26
CA LYS J 110 -31.52 -65.31 55.67
C LYS J 110 -30.93 -66.63 55.17
N ASN J 111 -31.42 -67.12 54.03
CA ASN J 111 -30.95 -68.38 53.46
C ASN J 111 -29.72 -68.17 52.58
N ARG J 112 -28.83 -69.17 52.53
CA ARG J 112 -27.64 -69.07 51.71
C ARG J 112 -27.49 -70.25 50.75
N LEU J 113 -28.45 -70.36 49.83
CA LEU J 113 -28.48 -71.41 48.83
C LEU J 113 -27.37 -71.26 47.80
N PRO J 114 -27.02 -72.33 47.10
CA PRO J 114 -25.97 -72.24 46.08
C PRO J 114 -26.45 -71.40 44.88
N VAL J 115 -25.53 -70.67 44.25
CA VAL J 115 -25.85 -69.82 43.09
C VAL J 115 -25.25 -70.45 41.84
N MET J 116 -26.01 -70.46 40.75
CA MET J 116 -25.52 -70.98 39.48
C MET J 116 -25.68 -69.89 38.43
N VAL J 117 -24.58 -69.19 38.12
CA VAL J 117 -24.56 -68.11 37.15
C VAL J 117 -24.46 -68.72 35.75
N TRP J 118 -25.39 -68.39 34.86
CA TRP J 118 -25.39 -68.95 33.52
C TRP J 118 -25.02 -67.96 32.41
N ILE J 119 -24.00 -68.31 31.64
CA ILE J 119 -23.54 -67.48 30.53
C ILE J 119 -24.00 -68.07 29.18
N HIS J 120 -24.95 -67.41 28.54
CA HIS J 120 -25.49 -67.89 27.27
C HIS J 120 -24.44 -67.97 26.20
N GLY J 121 -24.77 -68.71 25.15
CA GLY J 121 -23.86 -68.86 24.03
C GLY J 121 -24.44 -68.27 22.77
N GLY J 122 -23.65 -68.32 21.70
CA GLY J 122 -24.07 -67.79 20.42
C GLY J 122 -22.88 -67.23 19.66
N GLY J 123 -21.71 -67.85 19.79
CA GLY J 123 -20.53 -67.40 19.07
C GLY J 123 -20.07 -65.98 19.35
N LEU J 124 -20.61 -65.38 20.40
CA LEU J 124 -20.24 -64.02 20.79
C LEU J 124 -20.75 -62.99 19.80
N MET J 125 -21.88 -63.29 19.14
CA MET J 125 -22.44 -62.39 18.13
C MET J 125 -23.94 -62.11 18.32
N VAL J 126 -24.66 -63.11 18.85
CA VAL J 126 -26.10 -63.08 19.08
C VAL J 126 -26.47 -63.83 20.37
N GLY J 127 -27.69 -63.62 20.87
CA GLY J 127 -28.10 -64.32 22.07
C GLY J 127 -28.39 -63.37 23.22
N ALA J 128 -29.29 -63.79 24.11
CA ALA J 128 -29.66 -62.97 25.25
C ALA J 128 -29.88 -63.86 26.42
N ALA J 129 -29.89 -63.27 27.61
CA ALA J 129 -30.09 -64.07 28.79
C ALA J 129 -31.55 -64.42 29.01
N SER J 130 -32.45 -63.53 28.63
CA SER J 130 -33.88 -63.74 28.84
C SER J 130 -34.40 -65.00 28.17
N THR J 131 -33.61 -65.53 27.24
CA THR J 131 -33.97 -66.72 26.50
C THR J 131 -34.14 -67.93 27.41
N TYR J 132 -33.23 -68.02 28.38
CA TYR J 132 -33.18 -69.10 29.38
C TYR J 132 -33.93 -68.76 30.69
N ASP J 133 -35.04 -69.48 30.92
CA ASP J 133 -35.90 -69.32 32.11
C ASP J 133 -35.30 -70.15 33.23
N GLY J 134 -35.22 -69.57 34.42
CA GLY J 134 -34.64 -70.27 35.54
C GLY J 134 -35.58 -70.82 36.57
N LEU J 135 -36.88 -70.80 36.28
CA LEU J 135 -37.91 -71.30 37.19
C LEU J 135 -37.75 -72.78 37.52
N ALA J 136 -37.67 -73.60 36.49
CA ALA J 136 -37.52 -75.02 36.70
C ALA J 136 -36.37 -75.38 37.64
N LEU J 137 -35.16 -74.99 37.28
CA LEU J 137 -33.99 -75.28 38.10
C LEU J 137 -34.07 -74.76 39.52
N ALA J 138 -34.41 -73.49 39.68
CA ALA J 138 -34.46 -72.94 41.01
C ALA J 138 -35.40 -73.79 41.85
N ALA J 139 -36.60 -73.99 41.33
CA ALA J 139 -37.63 -74.77 42.04
C ALA J 139 -37.20 -76.20 42.39
N HIS J 140 -36.95 -77.01 41.37
CA HIS J 140 -36.55 -78.40 41.51
C HIS J 140 -35.34 -78.75 42.38
N GLU J 141 -34.19 -78.14 42.12
CA GLU J 141 -32.97 -78.42 42.89
C GLU J 141 -32.66 -77.40 43.99
N ASN J 142 -33.56 -76.44 44.17
CA ASN J 142 -33.41 -75.41 45.19
C ASN J 142 -32.03 -74.73 45.12
N VAL J 143 -31.89 -73.87 44.11
CA VAL J 143 -30.67 -73.11 43.86
C VAL J 143 -31.08 -71.80 43.22
N VAL J 144 -30.22 -70.80 43.40
CA VAL J 144 -30.43 -69.46 42.85
C VAL J 144 -29.86 -69.46 41.43
N VAL J 145 -30.71 -69.34 40.41
CA VAL J 145 -30.19 -69.32 39.04
C VAL J 145 -30.06 -67.88 38.65
N VAL J 146 -28.97 -67.55 37.97
CA VAL J 146 -28.74 -66.18 37.53
C VAL J 146 -28.34 -66.11 36.05
N THR J 147 -29.15 -65.42 35.24
CA THR J 147 -28.90 -65.28 33.82
C THR J 147 -28.31 -63.91 33.52
N ILE J 148 -27.05 -63.92 33.10
CA ILE J 148 -26.33 -62.69 32.80
C ILE J 148 -26.18 -62.39 31.32
N GLN J 149 -25.84 -61.15 31.03
CA GLN J 149 -25.65 -60.71 29.66
C GLN J 149 -24.28 -60.05 29.54
N TYR J 150 -23.81 -59.95 28.29
CA TYR J 150 -22.53 -59.39 28.00
C TYR J 150 -22.56 -58.93 26.55
N ARG J 151 -21.84 -57.86 26.29
CA ARG J 151 -21.75 -57.27 24.98
C ARG J 151 -21.33 -58.29 23.96
N LEU J 152 -21.79 -58.13 22.73
CA LEU J 152 -21.46 -59.06 21.67
C LEU J 152 -20.90 -58.35 20.44
N GLY J 153 -20.38 -59.19 19.53
CA GLY J 153 -19.80 -58.72 18.29
C GLY J 153 -18.95 -57.48 18.47
N ILE J 154 -18.97 -56.65 17.44
CA ILE J 154 -18.19 -55.43 17.46
C ILE J 154 -18.19 -54.75 18.81
N TRP J 155 -19.38 -54.51 19.35
CA TRP J 155 -19.55 -53.82 20.63
C TRP J 155 -18.75 -54.36 21.80
N GLY J 156 -18.65 -55.69 21.90
CA GLY J 156 -17.93 -56.34 22.99
C GLY J 156 -16.64 -57.08 22.68
N PHE J 157 -16.23 -57.11 21.42
CA PHE J 157 -15.01 -57.82 21.07
C PHE J 157 -14.12 -57.12 20.04
N PHE J 158 -14.30 -55.81 19.88
CA PHE J 158 -13.52 -55.01 18.94
C PHE J 158 -12.19 -54.61 19.53
N SER J 159 -11.13 -55.20 19.01
CA SER J 159 -9.80 -54.92 19.48
C SER J 159 -8.89 -54.49 18.34
N THR J 160 -8.00 -53.55 18.65
CA THR J 160 -7.02 -53.03 17.67
C THR J 160 -5.62 -53.58 17.91
N GLY J 161 -5.49 -54.44 18.91
CA GLY J 161 -4.20 -55.00 19.23
C GLY J 161 -3.42 -54.11 20.19
N ASP J 162 -3.87 -52.87 20.35
CA ASP J 162 -3.20 -51.93 21.27
C ASP J 162 -4.11 -51.33 22.36
N GLU J 163 -3.50 -50.56 23.25
CA GLU J 163 -4.21 -49.95 24.36
C GLU J 163 -5.39 -49.07 23.97
N HIS J 164 -5.43 -48.63 22.72
CA HIS J 164 -6.53 -47.77 22.27
C HIS J 164 -7.88 -48.52 22.28
N SER J 165 -7.81 -49.84 22.34
CA SER J 165 -8.99 -50.72 22.39
C SER J 165 -8.56 -52.21 22.49
N ARG J 166 -8.03 -52.62 23.67
CA ARG J 166 -7.56 -54.00 23.97
C ARG J 166 -8.57 -55.02 23.58
N GLY J 167 -9.83 -54.78 23.94
CA GLY J 167 -10.83 -55.75 23.60
C GLY J 167 -11.38 -56.62 24.72
N ASN J 168 -12.03 -57.71 24.32
CA ASN J 168 -12.66 -58.62 25.26
C ASN J 168 -13.65 -57.87 26.16
N TRP J 169 -14.30 -56.86 25.61
CA TRP J 169 -15.26 -56.12 26.40
C TRP J 169 -16.35 -57.03 26.97
N GLY J 170 -16.82 -57.95 26.13
CA GLY J 170 -17.88 -58.87 26.57
C GLY J 170 -17.44 -59.73 27.74
N HIS J 171 -16.20 -60.22 27.70
CA HIS J 171 -15.68 -61.02 28.79
C HIS J 171 -15.58 -60.18 30.06
N LEU J 172 -15.08 -58.96 29.90
CA LEU J 172 -14.96 -58.10 31.05
C LEU J 172 -16.36 -57.82 31.59
N ASP J 173 -17.36 -57.95 30.71
CA ASP J 173 -18.75 -57.77 31.09
C ASP J 173 -19.23 -58.99 31.88
N GLN J 174 -18.76 -60.17 31.47
CA GLN J 174 -19.13 -61.40 32.17
C GLN J 174 -18.50 -61.34 33.57
N VAL J 175 -17.33 -60.71 33.66
CA VAL J 175 -16.67 -60.62 34.96
C VAL J 175 -17.39 -59.62 35.87
N ALA J 176 -17.88 -58.54 35.28
CA ALA J 176 -18.55 -57.51 36.05
C ALA J 176 -19.83 -58.04 36.63
N ALA J 177 -20.45 -58.93 35.88
CA ALA J 177 -21.70 -59.53 36.30
C ALA J 177 -21.45 -60.41 37.54
N LEU J 178 -20.43 -61.26 37.47
CA LEU J 178 -20.06 -62.15 38.59
C LEU J 178 -19.71 -61.34 39.82
N ARG J 179 -19.01 -60.23 39.62
CA ARG J 179 -18.65 -59.37 40.73
C ARG J 179 -19.93 -58.82 41.42
N TRP J 180 -20.99 -58.64 40.66
CA TRP J 180 -22.27 -58.15 41.19
C TRP J 180 -22.93 -59.26 42.03
N VAL J 181 -22.68 -60.50 41.62
CA VAL J 181 -23.18 -61.69 42.28
C VAL J 181 -22.54 -61.77 43.65
N GLN J 182 -21.22 -61.68 43.71
CA GLN J 182 -20.51 -61.74 44.99
C GLN J 182 -20.89 -60.57 45.90
N ASP J 183 -21.40 -59.49 45.34
CA ASP J 183 -21.72 -58.35 46.16
C ASP J 183 -23.21 -58.13 46.39
N ASN J 184 -24.02 -59.03 45.85
CA ASN J 184 -25.46 -58.89 45.99
C ASN J 184 -26.26 -60.17 46.21
N ILE J 185 -25.98 -61.23 45.45
CA ILE J 185 -26.74 -62.50 45.53
C ILE J 185 -27.16 -62.87 46.94
N ALA J 186 -26.37 -62.41 47.90
CA ALA J 186 -26.65 -62.65 49.31
C ALA J 186 -28.09 -62.23 49.64
N SER J 187 -28.48 -61.02 49.25
CA SER J 187 -29.81 -60.55 49.55
C SER J 187 -30.93 -61.38 48.95
N PHE J 188 -30.68 -62.07 47.85
CA PHE J 188 -31.72 -62.88 47.22
C PHE J 188 -31.68 -64.34 47.69
N GLY J 189 -31.00 -64.58 48.81
CA GLY J 189 -30.94 -65.95 49.34
C GLY J 189 -29.77 -66.77 48.84
N GLY J 190 -28.86 -66.12 48.13
CA GLY J 190 -27.71 -66.81 47.59
C GLY J 190 -26.46 -66.74 48.44
N ASN J 191 -25.67 -67.82 48.37
CA ASN J 191 -24.44 -67.90 49.15
C ASN J 191 -23.26 -67.52 48.29
N PRO J 192 -22.90 -66.23 48.34
CA PRO J 192 -21.79 -65.71 47.56
C PRO J 192 -20.52 -66.57 47.67
N GLY J 193 -20.48 -67.46 48.65
CA GLY J 193 -19.32 -68.30 48.81
C GLY J 193 -19.39 -69.57 47.99
N SER J 194 -20.55 -69.82 47.37
CA SER J 194 -20.67 -71.01 46.54
C SER J 194 -21.32 -70.67 45.22
N VAL J 195 -20.59 -69.94 44.36
CA VAL J 195 -21.11 -69.54 43.04
C VAL J 195 -20.55 -70.45 41.95
N THR J 196 -21.42 -70.92 41.08
CA THR J 196 -21.05 -71.82 40.01
C THR J 196 -21.41 -71.25 38.63
N ILE J 197 -20.45 -71.17 37.72
CA ILE J 197 -20.74 -70.61 36.41
C ILE J 197 -20.86 -71.76 35.44
N PHE J 198 -21.74 -71.62 34.45
CA PHE J 198 -21.89 -72.65 33.44
C PHE J 198 -22.49 -72.01 32.21
N GLY J 199 -22.05 -72.45 31.03
CA GLY J 199 -22.54 -71.90 29.78
C GLY J 199 -22.41 -72.91 28.66
N GLU J 200 -23.13 -72.68 27.57
CA GLU J 200 -23.11 -73.58 26.43
C GLU J 200 -22.50 -72.84 25.24
N SER J 201 -21.95 -73.56 24.27
CA SER J 201 -21.33 -72.95 23.08
C SER J 201 -20.28 -71.94 23.53
N ALA J 202 -20.36 -70.73 22.99
CA ALA J 202 -19.43 -69.67 23.35
C ALA J 202 -19.56 -69.34 24.84
N GLY J 203 -20.74 -69.60 25.41
CA GLY J 203 -20.95 -69.34 26.82
C GLY J 203 -20.05 -70.22 27.63
N GLY J 204 -19.79 -71.40 27.09
CA GLY J 204 -18.92 -72.37 27.73
C GLY J 204 -17.48 -71.91 27.66
N GLU J 205 -17.06 -71.51 26.45
CA GLU J 205 -15.71 -71.01 26.22
C GLU J 205 -15.48 -69.91 27.24
N SER J 206 -16.45 -69.03 27.40
CA SER J 206 -16.32 -67.94 28.35
C SER J 206 -15.96 -68.52 29.71
N VAL J 207 -16.70 -69.54 30.12
CA VAL J 207 -16.45 -70.20 31.40
C VAL J 207 -14.97 -70.59 31.48
N SER J 208 -14.54 -71.44 30.56
CA SER J 208 -13.15 -71.89 30.52
C SER J 208 -12.25 -70.67 30.65
N VAL J 209 -12.52 -69.64 29.85
CA VAL J 209 -11.73 -68.43 29.85
C VAL J 209 -11.63 -67.86 31.25
N LEU J 210 -12.76 -67.72 31.93
CA LEU J 210 -12.76 -67.21 33.28
C LEU J 210 -11.87 -68.07 34.16
N VAL J 211 -12.10 -69.38 34.12
CA VAL J 211 -11.33 -70.34 34.90
C VAL J 211 -9.82 -70.14 34.67
N LEU J 212 -9.46 -69.70 33.47
CA LEU J 212 -8.07 -69.47 33.10
C LEU J 212 -7.68 -68.01 33.37
N SER J 213 -8.67 -67.13 33.47
CA SER J 213 -8.42 -65.73 33.72
C SER J 213 -8.03 -65.42 35.13
N PRO J 214 -7.01 -64.58 35.29
CA PRO J 214 -6.57 -64.25 36.63
C PRO J 214 -7.61 -63.36 37.34
N LEU J 215 -8.30 -62.53 36.57
CA LEU J 215 -9.26 -61.64 37.18
C LEU J 215 -10.44 -62.40 37.73
N ALA J 216 -10.89 -63.39 36.99
CA ALA J 216 -12.04 -64.18 37.37
C ALA J 216 -11.86 -64.90 38.70
N LYS J 217 -10.63 -64.96 39.18
CA LYS J 217 -10.35 -65.62 40.46
C LYS J 217 -11.25 -65.07 41.55
N ASN J 218 -11.59 -65.93 42.51
CA ASN J 218 -12.43 -65.58 43.65
C ASN J 218 -13.87 -65.23 43.29
N LEU J 219 -14.18 -65.21 42.00
CA LEU J 219 -15.53 -64.87 41.58
C LEU J 219 -16.45 -66.05 41.40
N PHE J 220 -15.87 -67.25 41.37
CA PHE J 220 -16.65 -68.48 41.24
C PHE J 220 -15.89 -69.66 41.89
N HIS J 221 -16.63 -70.68 42.32
CA HIS J 221 -16.01 -71.82 43.00
C HIS J 221 -16.17 -73.18 42.33
N ARG J 222 -16.93 -73.19 41.23
CA ARG J 222 -17.20 -74.40 40.46
C ARG J 222 -17.64 -73.90 39.09
N ALA J 223 -17.16 -74.55 38.05
CA ALA J 223 -17.48 -74.13 36.69
C ALA J 223 -17.89 -75.31 35.81
N ILE J 224 -18.81 -75.04 34.88
CA ILE J 224 -19.30 -76.07 33.96
C ILE J 224 -19.30 -75.50 32.54
N SER J 225 -18.40 -76.02 31.70
CA SER J 225 -18.29 -75.61 30.28
C SER J 225 -19.01 -76.61 29.37
N GLU J 226 -20.17 -76.23 28.84
CA GLU J 226 -20.92 -77.14 28.01
C GLU J 226 -20.70 -76.92 26.52
N SER J 227 -20.13 -77.92 25.87
CA SER J 227 -19.88 -77.83 24.45
C SER J 227 -19.16 -76.54 24.10
N GLY J 228 -17.92 -76.42 24.55
CA GLY J 228 -17.15 -75.22 24.27
C GLY J 228 -16.18 -74.85 25.38
N VAL J 229 -14.90 -74.79 25.02
CA VAL J 229 -13.83 -74.46 25.97
C VAL J 229 -12.95 -73.34 25.41
N ALA J 230 -11.89 -73.00 26.13
CA ALA J 230 -10.98 -71.94 25.70
C ALA J 230 -10.05 -72.41 24.59
N LEU J 231 -9.99 -73.69 24.33
CA LEU J 231 -9.13 -74.12 23.26
C LEU J 231 -9.91 -74.29 21.97
N THR J 232 -11.14 -73.75 21.96
CA THR J 232 -12.02 -73.80 20.79
C THR J 232 -11.55 -72.73 19.78
N SER J 233 -10.39 -72.97 19.17
CA SER J 233 -9.81 -72.08 18.18
C SER J 233 -10.69 -70.92 17.67
N VAL J 234 -11.59 -71.20 16.74
CA VAL J 234 -12.45 -70.16 16.19
C VAL J 234 -12.72 -68.97 17.13
N LEU J 235 -13.39 -69.23 18.25
CA LEU J 235 -13.74 -68.19 19.23
C LEU J 235 -12.61 -67.39 19.85
N VAL J 236 -11.39 -67.65 19.41
CA VAL J 236 -10.26 -66.92 19.94
C VAL J 236 -9.34 -66.46 18.80
N LYS J 237 -8.87 -65.22 18.91
CA LYS J 237 -8.00 -64.62 17.92
C LYS J 237 -6.56 -64.60 18.40
N LYS J 238 -5.68 -65.20 17.60
CA LYS J 238 -4.28 -65.24 17.96
C LYS J 238 -3.45 -64.57 16.87
N GLY J 239 -2.40 -63.87 17.27
CA GLY J 239 -1.55 -63.21 16.29
C GLY J 239 -1.73 -61.71 16.21
N ASP J 240 -2.03 -61.21 15.02
CA ASP J 240 -2.25 -59.78 14.84
C ASP J 240 -3.68 -59.53 14.44
N VAL J 241 -4.38 -58.75 15.25
CA VAL J 241 -5.79 -58.44 15.00
C VAL J 241 -5.96 -57.23 14.11
N LYS J 242 -5.02 -56.29 14.19
CA LYS J 242 -5.07 -55.05 13.43
C LYS J 242 -5.75 -55.23 12.07
N PRO J 243 -5.34 -56.23 11.28
CA PRO J 243 -5.96 -56.45 9.96
C PRO J 243 -7.49 -56.62 10.00
N LEU J 244 -8.01 -57.26 11.05
CA LEU J 244 -9.45 -57.47 11.22
C LEU J 244 -10.09 -56.17 11.67
N ALA J 245 -9.39 -55.44 12.55
CA ALA J 245 -9.89 -54.17 13.03
C ALA J 245 -9.95 -53.19 11.87
N GLU J 246 -8.93 -53.18 11.02
CA GLU J 246 -8.89 -52.28 9.86
C GLU J 246 -10.04 -52.63 8.90
N GLN J 247 -10.28 -53.92 8.68
CA GLN J 247 -11.34 -54.34 7.79
C GLN J 247 -12.72 -53.97 8.32
N ILE J 248 -12.82 -53.69 9.62
CA ILE J 248 -14.10 -53.32 10.19
C ILE J 248 -14.30 -51.82 10.05
N ALA J 249 -13.25 -51.07 10.36
CA ALA J 249 -13.31 -49.62 10.29
C ALA J 249 -13.67 -49.18 8.88
N ILE J 250 -12.94 -49.71 7.91
CA ILE J 250 -13.16 -49.42 6.49
C ILE J 250 -14.61 -49.67 6.14
N THR J 251 -15.07 -50.88 6.42
CA THR J 251 -16.44 -51.27 6.15
C THR J 251 -17.42 -50.34 6.84
N ALA J 252 -17.08 -49.91 8.05
CA ALA J 252 -17.94 -49.03 8.80
C ALA J 252 -17.76 -47.61 8.31
N GLY J 253 -16.91 -47.44 7.30
CA GLY J 253 -16.65 -46.12 6.74
C GLY J 253 -15.81 -45.29 7.67
N CYS J 254 -14.56 -45.69 7.83
CA CYS J 254 -13.70 -44.98 8.72
C CYS J 254 -12.31 -44.94 8.20
N LYS J 255 -11.61 -43.88 8.56
CA LYS J 255 -10.21 -43.71 8.15
C LYS J 255 -9.41 -44.65 9.04
N THR J 256 -8.30 -45.17 8.52
CA THR J 256 -7.48 -46.09 9.29
C THR J 256 -6.06 -45.59 9.49
N THR J 257 -5.89 -44.28 9.60
CA THR J 257 -4.59 -43.65 9.80
C THR J 257 -3.85 -44.22 11.03
N THR J 258 -4.56 -44.33 12.15
CA THR J 258 -4.01 -44.91 13.37
C THR J 258 -5.14 -45.58 14.12
N SER J 259 -4.78 -46.42 15.08
CA SER J 259 -5.77 -47.14 15.89
C SER J 259 -6.64 -46.16 16.68
N ALA J 260 -5.96 -45.25 17.39
CA ALA J 260 -6.63 -44.26 18.21
C ALA J 260 -7.67 -43.56 17.41
N VAL J 261 -7.51 -43.60 16.10
CA VAL J 261 -8.43 -42.96 15.17
C VAL J 261 -9.57 -43.92 14.86
N MET J 262 -9.21 -45.16 14.50
CA MET J 262 -10.22 -46.15 14.18
C MET J 262 -11.28 -46.24 15.28
N VAL J 263 -10.85 -46.11 16.52
CA VAL J 263 -11.80 -46.21 17.63
C VAL J 263 -12.69 -44.99 17.67
N HIS J 264 -12.04 -43.83 17.72
CA HIS J 264 -12.76 -42.58 17.78
C HIS J 264 -13.86 -42.55 16.75
N CYS J 265 -13.49 -42.87 15.51
CA CYS J 265 -14.40 -42.89 14.38
C CYS J 265 -15.55 -43.87 14.61
N LEU J 266 -15.25 -45.08 15.09
CA LEU J 266 -16.29 -46.06 15.34
C LEU J 266 -17.19 -45.65 16.50
N ARG J 267 -16.64 -44.92 17.45
CA ARG J 267 -17.45 -44.46 18.58
C ARG J 267 -18.44 -43.36 18.15
N GLN J 268 -18.16 -42.72 17.02
CA GLN J 268 -19.05 -41.67 16.57
C GLN J 268 -20.24 -42.28 15.87
N LYS J 269 -20.04 -43.45 15.27
CA LYS J 269 -21.11 -44.16 14.56
C LYS J 269 -22.34 -44.47 15.45
N THR J 270 -23.53 -44.45 14.87
CA THR J 270 -24.72 -44.78 15.64
C THR J 270 -24.82 -46.29 15.78
N GLU J 271 -25.50 -46.72 16.85
CA GLU J 271 -25.67 -48.14 17.10
C GLU J 271 -26.12 -48.80 15.81
N GLU J 272 -27.11 -48.21 15.14
CA GLU J 272 -27.63 -48.77 13.91
C GLU J 272 -26.62 -48.89 12.77
N GLU J 273 -25.77 -47.88 12.63
CA GLU J 273 -24.75 -47.89 11.57
C GLU J 273 -23.78 -49.06 11.81
N LEU J 274 -23.38 -49.27 13.07
CA LEU J 274 -22.49 -50.35 13.41
C LEU J 274 -23.17 -51.67 13.13
N LEU J 275 -24.43 -51.78 13.52
CA LEU J 275 -25.19 -53.00 13.29
C LEU J 275 -25.27 -53.27 11.80
N GLU J 276 -25.35 -52.21 11.00
CA GLU J 276 -25.37 -52.40 9.55
C GLU J 276 -24.03 -52.98 9.20
N THR J 277 -22.97 -52.29 9.62
CA THR J 277 -21.63 -52.75 9.37
C THR J 277 -21.58 -54.23 9.72
N THR J 278 -22.22 -54.60 10.82
CA THR J 278 -22.26 -55.98 11.24
C THR J 278 -22.85 -56.88 10.16
N LEU J 279 -24.00 -56.51 9.62
CA LEU J 279 -24.66 -57.33 8.59
C LEU J 279 -23.87 -57.49 7.29
N LYS J 280 -23.08 -56.46 6.97
CA LYS J 280 -22.27 -56.43 5.78
C LYS J 280 -21.07 -57.36 5.91
N MET J 281 -20.51 -57.46 7.12
CA MET J 281 -19.36 -58.32 7.36
C MET J 281 -19.78 -59.76 7.16
N LYS J 282 -21.08 -60.03 7.36
CA LYS J 282 -21.63 -61.36 7.20
C LYS J 282 -21.05 -62.43 8.15
N PHE J 283 -20.90 -62.10 9.43
CA PHE J 283 -20.37 -63.04 10.42
C PHE J 283 -21.30 -64.24 10.46
N LEU J 284 -20.88 -65.30 11.16
CA LEU J 284 -21.70 -66.51 11.29
C LEU J 284 -22.08 -67.17 9.93
N SER J 285 -21.63 -66.58 8.82
CA SER J 285 -21.93 -67.10 7.50
C SER J 285 -20.67 -67.59 6.81
N LEU J 286 -20.58 -68.90 6.63
CA LEU J 286 -19.45 -69.57 5.99
C LEU J 286 -19.15 -68.99 4.61
N ASP J 287 -18.12 -68.16 4.51
CA ASP J 287 -17.78 -67.57 3.22
C ASP J 287 -17.16 -68.66 2.36
N LEU J 288 -18.02 -69.32 1.60
CA LEU J 288 -17.63 -70.40 0.70
C LEU J 288 -17.23 -69.88 -0.69
N GLN J 289 -17.03 -68.57 -0.81
CA GLN J 289 -16.66 -67.96 -2.10
C GLN J 289 -15.50 -66.95 -1.93
N GLY J 290 -14.36 -67.44 -1.44
CA GLY J 290 -13.20 -66.58 -1.25
C GLY J 290 -11.93 -67.32 -0.88
N ASP J 291 -11.20 -66.77 0.10
CA ASP J 291 -9.96 -67.37 0.56
C ASP J 291 -10.11 -67.83 2.01
N PRO J 292 -9.92 -69.15 2.27
CA PRO J 292 -10.04 -69.74 3.62
C PRO J 292 -9.23 -69.03 4.67
N ARG J 293 -7.99 -68.69 4.31
CA ARG J 293 -7.06 -68.02 5.22
C ARG J 293 -7.55 -66.63 5.65
N GLU J 294 -7.66 -65.73 4.67
CA GLU J 294 -8.08 -64.36 4.93
C GLU J 294 -9.47 -64.30 5.55
N SER J 295 -10.40 -65.05 4.98
CA SER J 295 -11.77 -65.07 5.48
C SER J 295 -11.86 -65.06 7.01
N GLN J 296 -12.16 -63.89 7.55
CA GLN J 296 -12.31 -63.73 8.98
C GLN J 296 -13.69 -64.23 9.38
N PRO J 297 -13.76 -65.30 10.19
CA PRO J 297 -15.01 -65.92 10.68
C PRO J 297 -15.85 -65.05 11.63
N LEU J 298 -15.22 -64.60 12.71
CA LEU J 298 -15.88 -63.75 13.70
C LEU J 298 -14.95 -63.30 14.85
N LEU J 299 -14.95 -61.98 15.11
CA LEU J 299 -14.14 -61.40 16.19
C LEU J 299 -14.45 -62.11 17.49
N GLY J 300 -13.61 -61.95 18.49
CA GLY J 300 -13.87 -62.61 19.73
C GLY J 300 -12.81 -62.40 20.78
N THR J 301 -12.56 -63.47 21.53
CA THR J 301 -11.58 -63.43 22.61
C THR J 301 -10.22 -63.11 22.07
N VAL J 302 -9.47 -62.28 22.79
CA VAL J 302 -8.12 -61.92 22.38
C VAL J 302 -7.22 -61.94 23.58
N ILE J 303 -5.93 -61.82 23.33
CA ILE J 303 -4.97 -61.85 24.41
C ILE J 303 -4.69 -60.42 24.86
N ASP J 304 -5.73 -59.69 25.21
CA ASP J 304 -5.59 -58.31 25.61
C ASP J 304 -4.38 -58.02 26.46
N GLY J 305 -4.40 -58.49 27.69
CA GLY J 305 -3.30 -58.25 28.60
C GLY J 305 -3.87 -57.89 29.96
N MET J 306 -5.19 -57.87 30.02
CA MET J 306 -5.90 -57.57 31.25
C MET J 306 -6.61 -58.82 31.74
N LEU J 307 -7.33 -59.47 30.82
CA LEU J 307 -8.08 -60.70 31.14
C LEU J 307 -7.25 -61.94 30.80
N LEU J 308 -6.53 -61.87 29.69
CA LEU J 308 -5.67 -62.98 29.31
C LEU J 308 -4.28 -62.43 29.05
N LEU J 309 -3.30 -63.00 29.76
CA LEU J 309 -1.91 -62.59 29.61
C LEU J 309 -1.21 -63.42 28.53
N LYS J 310 -1.89 -64.45 28.04
CA LYS J 310 -1.30 -65.29 27.01
C LYS J 310 -2.32 -66.28 26.49
N THR J 311 -1.96 -67.00 25.42
CA THR J 311 -2.90 -67.90 24.80
C THR J 311 -3.24 -69.01 25.72
N PRO J 312 -4.45 -69.56 25.59
CA PRO J 312 -4.81 -70.65 26.47
C PRO J 312 -3.80 -71.82 26.33
N GLU J 313 -3.37 -72.08 25.11
CA GLU J 313 -2.43 -73.16 24.84
C GLU J 313 -1.14 -72.95 25.61
N GLU J 314 -1.04 -71.81 26.27
CA GLU J 314 0.17 -71.51 27.04
C GLU J 314 -0.15 -71.57 28.51
N LEU J 315 -1.25 -70.93 28.88
CA LEU J 315 -1.68 -70.90 30.28
C LEU J 315 -1.78 -72.29 30.90
N GLN J 316 -2.53 -73.16 30.26
CA GLN J 316 -2.71 -74.51 30.76
C GLN J 316 -1.42 -75.19 31.23
N ALA J 317 -0.29 -74.81 30.64
CA ALA J 317 0.99 -75.42 31.00
C ALA J 317 1.50 -74.92 32.36
N GLU J 318 0.68 -74.11 33.03
CA GLU J 318 1.00 -73.54 34.34
C GLU J 318 0.06 -74.05 35.44
N ARG J 319 0.47 -75.12 36.11
CA ARG J 319 -0.32 -75.69 37.20
C ARG J 319 -0.24 -74.74 38.41
N ASN J 320 0.93 -74.14 38.62
CA ASN J 320 1.19 -73.20 39.73
C ASN J 320 0.15 -72.07 39.72
N PHE J 321 -1.01 -72.35 40.30
CA PHE J 321 -2.13 -71.39 40.39
C PHE J 321 -3.33 -71.98 41.18
N HIS J 322 -4.48 -71.29 41.07
CA HIS J 322 -5.72 -71.71 41.74
C HIS J 322 -6.54 -72.63 40.81
N THR J 323 -7.34 -73.49 41.42
CA THR J 323 -8.16 -74.42 40.66
C THR J 323 -9.50 -74.63 41.35
N VAL J 324 -10.49 -75.04 40.58
CA VAL J 324 -11.83 -75.27 41.11
C VAL J 324 -12.46 -76.47 40.43
N PRO J 325 -13.49 -77.08 41.06
CA PRO J 325 -14.16 -78.24 40.48
C PRO J 325 -14.73 -77.88 39.13
N TYR J 326 -14.09 -78.41 38.11
CA TYR J 326 -14.46 -78.15 36.75
C TYR J 326 -15.16 -79.34 36.12
N MET J 327 -16.23 -79.06 35.40
CA MET J 327 -16.97 -80.12 34.71
C MET J 327 -17.05 -79.72 33.26
N VAL J 328 -16.29 -80.40 32.39
CA VAL J 328 -16.28 -80.11 30.97
C VAL J 328 -17.17 -81.17 30.26
N GLY J 329 -18.00 -80.77 29.30
CA GLY J 329 -18.84 -81.74 28.61
C GLY J 329 -19.04 -81.50 27.13
N ILE J 330 -19.43 -82.51 26.37
CA ILE J 330 -19.67 -82.38 24.92
C ILE J 330 -20.90 -83.19 24.52
N ASN J 331 -21.32 -83.10 23.26
CA ASN J 331 -22.46 -83.88 22.79
C ASN J 331 -22.00 -84.81 21.65
N LYS J 332 -22.60 -85.99 21.57
CA LYS J 332 -22.26 -86.98 20.55
C LYS J 332 -22.21 -86.43 19.13
N GLN J 333 -23.07 -85.48 18.82
CA GLN J 333 -23.07 -84.89 17.49
C GLN J 333 -23.10 -83.36 17.57
N GLU J 334 -21.98 -82.73 17.89
CA GLU J 334 -21.93 -81.28 18.01
C GLU J 334 -22.26 -80.59 16.70
N PHE J 335 -21.46 -80.87 15.68
CA PHE J 335 -21.65 -80.28 14.36
C PHE J 335 -22.57 -81.16 13.53
N GLY J 336 -23.68 -81.58 14.15
CA GLY J 336 -24.62 -82.45 13.48
C GLY J 336 -25.74 -81.76 12.71
N TRP J 337 -26.18 -80.62 13.23
CA TRP J 337 -27.23 -79.85 12.57
C TRP J 337 -27.16 -78.36 12.91
N LEU J 338 -27.64 -77.99 14.09
CA LEU J 338 -27.69 -76.59 14.47
C LEU J 338 -26.65 -75.68 13.88
N ILE J 339 -25.37 -75.92 14.15
CA ILE J 339 -24.34 -75.05 13.61
C ILE J 339 -24.17 -75.10 12.09
N PRO J 340 -24.17 -76.28 11.50
CA PRO J 340 -24.02 -76.42 10.04
C PRO J 340 -25.18 -75.76 9.28
N MET J 341 -26.24 -75.47 10.02
CA MET J 341 -27.44 -74.86 9.47
C MET J 341 -27.37 -73.36 9.56
N LEU J 342 -27.08 -72.86 10.75
CA LEU J 342 -26.98 -71.42 10.99
C LEU J 342 -25.87 -70.81 10.10
N MET J 343 -24.97 -71.66 9.61
CA MET J 343 -23.89 -71.20 8.77
C MET J 343 -24.13 -71.48 7.30
N SER J 344 -25.32 -71.98 7.00
CA SER J 344 -25.67 -72.28 5.62
C SER J 344 -24.55 -73.09 5.01
N TYR J 345 -24.42 -74.34 5.46
CA TYR J 345 -23.40 -75.20 4.93
C TYR J 345 -23.94 -75.89 3.68
N PRO J 346 -23.05 -76.16 2.71
CA PRO J 346 -23.31 -76.81 1.41
C PRO J 346 -23.58 -78.31 1.48
N LEU J 347 -24.46 -78.72 2.41
CA LEU J 347 -24.80 -80.11 2.60
C LEU J 347 -26.27 -80.34 2.33
N SER J 348 -26.66 -80.27 1.08
CA SER J 348 -28.07 -80.47 0.77
C SER J 348 -28.33 -81.90 0.33
N GLU J 349 -27.49 -82.42 -0.56
CA GLU J 349 -27.66 -83.78 -1.05
C GLU J 349 -27.61 -84.78 0.09
N GLY J 350 -26.94 -84.41 1.16
CA GLY J 350 -26.83 -85.30 2.30
C GLY J 350 -25.80 -86.35 1.99
N GLN J 351 -24.98 -86.09 0.97
CA GLN J 351 -23.92 -87.00 0.54
C GLN J 351 -22.61 -86.23 0.38
N LEU J 352 -21.49 -86.95 0.34
CA LEU J 352 -20.19 -86.32 0.23
C LEU J 352 -19.15 -87.29 -0.30
N ASP J 353 -18.07 -86.75 -0.83
CA ASP J 353 -16.99 -87.57 -1.37
C ASP J 353 -15.62 -86.88 -1.20
N GLN J 354 -14.61 -87.68 -0.94
CA GLN J 354 -13.25 -87.21 -0.74
C GLN J 354 -12.92 -85.87 -1.42
N LYS J 355 -12.97 -85.85 -2.74
CA LYS J 355 -12.66 -84.63 -3.51
C LYS J 355 -13.35 -83.37 -2.98
N THR J 356 -14.67 -83.46 -2.77
CA THR J 356 -15.44 -82.32 -2.29
C THR J 356 -15.23 -82.13 -0.80
N ALA J 357 -14.96 -83.23 -0.12
CA ALA J 357 -14.73 -83.21 1.33
C ALA J 357 -13.50 -82.41 1.64
N MET J 358 -12.42 -82.73 0.94
CA MET J 358 -11.15 -82.03 1.12
C MET J 358 -11.29 -80.57 0.76
N SER J 359 -12.15 -80.32 -0.22
CA SER J 359 -12.35 -78.95 -0.66
C SER J 359 -13.21 -78.22 0.34
N LEU J 360 -14.16 -78.92 0.95
CA LEU J 360 -15.03 -78.29 1.92
C LEU J 360 -14.29 -77.99 3.23
N LEU J 361 -13.48 -78.95 3.69
CA LEU J 361 -12.68 -78.78 4.92
C LEU J 361 -11.73 -77.57 4.82
N TRP J 362 -11.04 -77.46 3.69
CA TRP J 362 -10.14 -76.34 3.46
C TRP J 362 -10.92 -75.03 3.53
N LYS J 363 -12.11 -75.03 2.94
CA LYS J 363 -12.96 -73.85 2.92
C LYS J 363 -13.47 -73.54 4.31
N SER J 364 -13.57 -74.58 5.14
CA SER J 364 -14.03 -74.41 6.49
C SER J 364 -12.90 -73.96 7.38
N TYR J 365 -11.84 -73.44 6.76
CA TYR J 365 -10.65 -73.00 7.49
C TYR J 365 -10.89 -72.08 8.68
N PRO J 366 -11.85 -71.16 8.57
CA PRO J 366 -12.11 -70.26 9.68
C PRO J 366 -12.67 -70.93 10.94
N LEU J 367 -13.10 -72.17 10.80
CA LEU J 367 -13.67 -72.90 11.93
C LEU J 367 -12.69 -73.88 12.54
N VAL J 368 -12.24 -74.82 11.73
CA VAL J 368 -11.31 -75.85 12.16
C VAL J 368 -9.81 -75.46 12.11
N CYS J 369 -9.47 -74.50 11.27
CA CYS J 369 -8.08 -74.06 11.12
C CYS J 369 -7.10 -75.17 10.76
N ILE J 370 -7.55 -76.09 9.92
CA ILE J 370 -6.72 -77.19 9.49
C ILE J 370 -5.88 -76.71 8.32
N ALA J 371 -4.60 -77.08 8.31
CA ALA J 371 -3.72 -76.68 7.23
C ALA J 371 -4.08 -77.43 5.96
N LYS J 372 -3.71 -76.87 4.82
CA LYS J 372 -4.04 -77.51 3.56
C LYS J 372 -3.25 -78.78 3.32
N GLU J 373 -1.93 -78.70 3.45
CA GLU J 373 -1.09 -79.87 3.22
C GLU J 373 -1.42 -81.01 4.19
N LEU J 374 -2.41 -80.78 5.04
CA LEU J 374 -2.82 -81.78 6.01
C LEU J 374 -4.23 -82.28 5.73
N ILE J 375 -4.93 -81.60 4.84
CA ILE J 375 -6.28 -82.00 4.54
C ILE J 375 -6.43 -83.48 4.16
N PRO J 376 -5.58 -83.98 3.25
CA PRO J 376 -5.67 -85.38 2.82
C PRO J 376 -5.56 -86.38 3.96
N GLU J 377 -4.60 -86.13 4.87
CA GLU J 377 -4.36 -87.00 6.01
C GLU J 377 -5.55 -86.95 6.98
N ALA J 378 -6.16 -85.78 7.10
CA ALA J 378 -7.30 -85.61 7.98
C ALA J 378 -8.56 -86.18 7.36
N THR J 379 -8.55 -86.33 6.04
CA THR J 379 -9.72 -86.85 5.34
C THR J 379 -9.67 -88.36 5.17
N GLU J 380 -8.46 -88.89 4.99
CA GLU J 380 -8.27 -90.32 4.80
C GLU J 380 -8.28 -91.05 6.14
N LYS J 381 -8.61 -90.32 7.20
CA LYS J 381 -8.67 -90.90 8.53
C LYS J 381 -10.09 -90.95 9.10
N TYR J 382 -10.94 -90.05 8.64
CA TYR J 382 -12.32 -89.98 9.12
C TYR J 382 -13.32 -90.51 8.08
N LEU J 383 -12.85 -90.69 6.85
CA LEU J 383 -13.75 -91.13 5.80
C LEU J 383 -13.20 -92.32 5.01
N GLY J 384 -11.94 -92.64 5.21
CA GLY J 384 -11.33 -93.75 4.48
C GLY J 384 -11.80 -95.13 4.89
N GLY J 385 -12.85 -95.20 5.69
CA GLY J 385 -13.35 -96.50 6.13
C GLY J 385 -14.45 -97.05 5.24
N THR J 386 -15.41 -96.19 4.90
CA THR J 386 -16.52 -96.59 4.04
C THR J 386 -16.49 -95.89 2.70
N ASP J 387 -17.40 -96.28 1.82
CA ASP J 387 -17.49 -95.72 0.47
C ASP J 387 -18.81 -94.95 0.34
N ASP J 388 -19.79 -95.35 1.16
CA ASP J 388 -21.11 -94.76 1.18
C ASP J 388 -21.02 -93.25 1.37
N THR J 389 -21.25 -92.49 0.30
CA THR J 389 -21.17 -91.05 0.37
C THR J 389 -22.04 -90.44 1.44
N VAL J 390 -22.92 -91.22 2.05
CA VAL J 390 -23.77 -90.69 3.10
C VAL J 390 -23.11 -90.81 4.45
N LYS J 391 -22.35 -91.87 4.65
CA LYS J 391 -21.66 -92.05 5.93
C LYS J 391 -20.43 -91.13 5.96
N LYS J 392 -19.87 -90.83 4.79
CA LYS J 392 -18.71 -89.95 4.73
C LYS J 392 -19.09 -88.56 5.19
N LYS J 393 -20.35 -88.16 4.96
CA LYS J 393 -20.83 -86.82 5.36
C LYS J 393 -21.02 -86.77 6.86
N ASP J 394 -21.58 -87.85 7.39
CA ASP J 394 -21.81 -87.95 8.82
C ASP J 394 -20.46 -87.94 9.52
N LEU J 395 -19.47 -88.55 8.88
CA LEU J 395 -18.13 -88.62 9.45
C LEU J 395 -17.43 -87.29 9.30
N PHE J 396 -17.78 -86.56 8.25
CA PHE J 396 -17.18 -85.25 8.02
C PHE J 396 -17.71 -84.31 9.11
N LEU J 397 -19.02 -84.34 9.32
CA LEU J 397 -19.64 -83.51 10.33
C LEU J 397 -19.00 -83.82 11.67
N ASP J 398 -18.62 -85.09 11.85
CA ASP J 398 -17.98 -85.57 13.07
C ASP J 398 -16.57 -85.01 13.11
N LEU J 399 -15.96 -84.93 11.93
CA LEU J 399 -14.61 -84.40 11.77
C LEU J 399 -14.61 -83.00 12.37
N ILE J 400 -15.39 -82.12 11.77
CA ILE J 400 -15.47 -80.76 12.25
C ILE J 400 -15.78 -80.71 13.73
N ALA J 401 -16.67 -81.59 14.19
CA ALA J 401 -17.06 -81.63 15.59
C ALA J 401 -15.88 -81.95 16.48
N ASP J 402 -15.20 -83.06 16.21
CA ASP J 402 -14.05 -83.44 17.02
C ASP J 402 -13.01 -82.33 17.14
N VAL J 403 -12.74 -81.61 16.06
CA VAL J 403 -11.73 -80.58 16.16
C VAL J 403 -12.17 -79.32 16.89
N MET J 404 -13.43 -78.94 16.76
CA MET J 404 -13.91 -77.73 17.43
C MET J 404 -14.30 -77.93 18.89
N PHE J 405 -14.94 -79.04 19.20
CA PHE J 405 -15.36 -79.31 20.56
C PHE J 405 -14.74 -80.56 21.17
N GLY J 406 -14.76 -81.66 20.43
CA GLY J 406 -14.23 -82.92 20.92
C GLY J 406 -12.82 -82.88 21.53
N VAL J 407 -11.82 -83.13 20.70
CA VAL J 407 -10.47 -83.12 21.18
C VAL J 407 -10.20 -81.99 22.17
N PRO J 408 -10.55 -80.74 21.79
CA PRO J 408 -10.35 -79.55 22.66
C PRO J 408 -10.90 -79.68 24.09
N SER J 409 -12.19 -79.96 24.18
CA SER J 409 -12.83 -80.10 25.47
C SER J 409 -12.07 -81.13 26.25
N VAL J 410 -11.77 -82.25 25.63
CA VAL J 410 -11.05 -83.30 26.35
C VAL J 410 -9.65 -82.88 26.77
N ILE J 411 -8.86 -82.35 25.85
CA ILE J 411 -7.54 -81.94 26.24
C ILE J 411 -7.59 -80.92 27.35
N VAL J 412 -8.70 -80.21 27.45
CA VAL J 412 -8.84 -79.21 28.50
C VAL J 412 -8.97 -79.91 29.84
N ALA J 413 -9.80 -80.94 29.88
CA ALA J 413 -10.00 -81.68 31.11
C ALA J 413 -8.70 -82.34 31.60
N ARG J 414 -7.99 -82.98 30.68
CA ARG J 414 -6.74 -83.66 31.02
C ARG J 414 -5.75 -82.70 31.63
N ASN J 415 -5.78 -81.46 31.15
CA ASN J 415 -4.89 -80.43 31.66
C ASN J 415 -5.37 -79.89 32.99
N HIS J 416 -6.70 -79.94 33.22
CA HIS J 416 -7.26 -79.46 34.47
C HIS J 416 -7.10 -80.55 35.55
N ARG J 417 -7.20 -81.79 35.11
CA ARG J 417 -7.03 -82.90 36.03
C ARG J 417 -5.59 -82.88 36.47
N ASP J 418 -4.68 -83.02 35.50
CA ASP J 418 -3.25 -83.05 35.74
C ASP J 418 -2.73 -81.87 36.56
N ALA J 419 -3.45 -80.75 36.55
CA ALA J 419 -3.04 -79.57 37.31
C ALA J 419 -3.31 -79.73 38.80
N GLY J 420 -4.17 -80.69 39.12
CA GLY J 420 -4.50 -80.94 40.51
C GLY J 420 -5.89 -80.46 40.92
N ALA J 421 -6.89 -80.67 40.08
CA ALA J 421 -8.23 -80.22 40.43
C ALA J 421 -9.28 -81.19 39.98
N PRO J 422 -10.37 -81.29 40.74
CA PRO J 422 -11.49 -82.18 40.45
C PRO J 422 -12.08 -81.92 39.06
N THR J 423 -11.85 -82.85 38.14
CA THR J 423 -12.36 -82.75 36.78
C THR J 423 -13.43 -83.81 36.50
N TYR J 424 -14.53 -83.41 35.87
CA TYR J 424 -15.62 -84.34 35.53
C TYR J 424 -16.03 -84.16 34.06
N MET J 425 -16.19 -85.26 33.33
CA MET J 425 -16.60 -85.16 31.92
C MET J 425 -17.90 -85.88 31.63
N TYR J 426 -18.53 -85.52 30.52
CA TYR J 426 -19.76 -86.18 30.12
C TYR J 426 -19.97 -86.03 28.63
N GLU J 427 -20.79 -86.89 28.05
CA GLU J 427 -21.12 -86.80 26.66
C GLU J 427 -22.61 -86.98 26.51
N PHE J 428 -23.34 -85.88 26.39
CA PHE J 428 -24.80 -85.92 26.26
C PHE J 428 -25.23 -86.59 24.97
N GLN J 429 -26.15 -87.55 25.06
CA GLN J 429 -26.61 -88.23 23.87
C GLN J 429 -28.13 -88.47 23.90
N TYR J 430 -28.90 -87.46 23.56
CA TYR J 430 -30.35 -87.59 23.57
C TYR J 430 -31.01 -86.59 22.62
N ARG J 431 -32.12 -86.97 22.02
CA ARG J 431 -32.79 -86.08 21.10
C ARG J 431 -34.06 -85.63 21.77
N PRO J 432 -34.09 -84.37 22.22
CA PRO J 432 -35.26 -83.81 22.89
C PRO J 432 -36.47 -83.67 21.97
N SER J 433 -37.66 -83.80 22.55
CA SER J 433 -38.91 -83.70 21.81
C SER J 433 -39.30 -82.23 21.61
N PHE J 434 -38.38 -81.35 21.97
CA PHE J 434 -38.60 -79.93 21.85
C PHE J 434 -37.89 -79.40 20.61
N SER J 435 -36.96 -80.19 20.09
CA SER J 435 -36.19 -79.83 18.91
C SER J 435 -37.07 -79.43 17.72
N SER J 436 -36.61 -78.45 16.96
CA SER J 436 -37.33 -77.99 15.78
C SER J 436 -37.67 -79.17 14.87
N ASP J 437 -38.92 -79.27 14.46
CA ASP J 437 -39.33 -80.35 13.59
C ASP J 437 -38.49 -80.39 12.31
N MET J 438 -37.85 -79.27 11.97
CA MET J 438 -37.02 -79.20 10.78
C MET J 438 -35.67 -79.90 10.98
N LYS J 439 -35.44 -80.43 12.18
CA LYS J 439 -34.19 -81.12 12.46
C LYS J 439 -34.39 -82.62 12.19
N PRO J 440 -33.35 -83.30 11.66
CA PRO J 440 -33.43 -84.73 11.38
C PRO J 440 -33.58 -85.58 12.64
N LYS J 441 -34.04 -86.81 12.48
CA LYS J 441 -34.23 -87.68 13.63
C LYS J 441 -32.98 -88.48 13.98
N THR J 442 -32.16 -88.76 12.96
CA THR J 442 -30.92 -89.52 13.16
C THR J 442 -29.98 -88.74 14.10
N VAL J 443 -29.87 -87.44 13.89
CA VAL J 443 -29.02 -86.59 14.72
C VAL J 443 -29.41 -86.73 16.19
N ILE J 444 -28.57 -87.37 16.98
CA ILE J 444 -28.87 -87.52 18.40
C ILE J 444 -27.91 -86.69 19.22
N GLY J 445 -28.46 -85.84 20.07
CA GLY J 445 -27.62 -85.03 20.91
C GLY J 445 -26.81 -84.05 20.13
N ASP J 446 -27.55 -83.16 19.47
CA ASP J 446 -26.95 -82.12 18.66
C ASP J 446 -26.56 -80.93 19.56
N HIS J 447 -25.90 -79.94 18.99
CA HIS J 447 -25.45 -78.78 19.75
C HIS J 447 -26.54 -78.12 20.61
N GLY J 448 -26.25 -77.95 21.89
CA GLY J 448 -27.22 -77.35 22.78
C GLY J 448 -28.40 -78.25 23.14
N ASP J 449 -28.30 -79.54 22.87
CA ASP J 449 -29.39 -80.42 23.20
C ASP J 449 -29.49 -80.67 24.70
N GLU J 450 -28.36 -80.57 25.39
CA GLU J 450 -28.37 -80.83 26.82
C GLU J 450 -29.09 -79.71 27.53
N LEU J 451 -29.14 -78.56 26.89
CA LEU J 451 -29.80 -77.39 27.48
C LEU J 451 -31.18 -77.73 28.01
N PHE J 452 -31.96 -78.44 27.23
CA PHE J 452 -33.29 -78.80 27.67
C PHE J 452 -33.27 -79.59 28.97
N SER J 453 -32.34 -80.53 29.09
CA SER J 453 -32.25 -81.33 30.30
C SER J 453 -31.77 -80.49 31.48
N VAL J 454 -30.84 -79.58 31.19
CA VAL J 454 -30.25 -78.72 32.21
C VAL J 454 -31.23 -77.72 32.78
N PHE J 455 -32.07 -77.17 31.91
CA PHE J 455 -33.04 -76.19 32.34
C PHE J 455 -34.46 -76.71 32.44
N GLY J 456 -34.56 -78.01 32.71
CA GLY J 456 -35.87 -78.65 32.87
C GLY J 456 -36.96 -78.14 31.95
N ALA J 457 -36.73 -78.26 30.65
CA ALA J 457 -37.70 -77.86 29.65
C ALA J 457 -38.99 -78.65 29.83
N PRO J 458 -38.88 -79.99 30.04
CA PRO J 458 -40.04 -80.86 30.24
C PRO J 458 -41.05 -80.37 31.24
N PHE J 459 -40.66 -79.42 32.09
CA PHE J 459 -41.58 -78.90 33.12
C PHE J 459 -42.16 -77.51 32.81
N LEU J 460 -41.80 -76.95 31.66
CA LEU J 460 -42.28 -75.64 31.23
C LEU J 460 -43.12 -75.75 29.96
N LYS J 461 -42.60 -76.55 29.02
CA LYS J 461 -43.26 -76.83 27.74
C LYS J 461 -44.13 -78.09 27.82
N GLU J 462 -44.79 -78.42 26.71
CA GLU J 462 -45.68 -79.57 26.70
C GLU J 462 -45.26 -80.66 25.73
N GLY J 463 -45.66 -81.90 26.02
CA GLY J 463 -45.34 -83.02 25.16
C GLY J 463 -44.16 -83.86 25.61
N ALA J 464 -43.76 -83.68 26.86
CA ALA J 464 -42.63 -84.41 27.41
C ALA J 464 -42.97 -85.87 27.73
N SER J 465 -42.16 -86.78 27.25
CA SER J 465 -42.37 -88.20 27.51
C SER J 465 -41.88 -88.48 28.92
N GLU J 466 -42.47 -89.49 29.55
CA GLU J 466 -42.09 -89.81 30.91
C GLU J 466 -40.60 -90.06 30.94
N GLU J 467 -40.10 -90.67 29.87
CA GLU J 467 -38.68 -90.97 29.75
C GLU J 467 -37.81 -89.73 29.82
N GLU J 468 -38.25 -88.69 29.13
CA GLU J 468 -37.51 -87.43 29.09
C GLU J 468 -37.66 -86.65 30.39
N ILE J 469 -38.89 -86.54 30.89
CA ILE J 469 -39.10 -85.82 32.12
C ILE J 469 -38.18 -86.41 33.16
N ARG J 470 -37.90 -87.72 33.00
CA ARG J 470 -37.02 -88.43 33.92
C ARG J 470 -35.59 -87.92 33.75
N LEU J 471 -35.11 -87.96 32.51
CA LEU J 471 -33.77 -87.52 32.15
C LEU J 471 -33.54 -86.08 32.57
N SER J 472 -34.52 -85.25 32.25
CA SER J 472 -34.42 -83.85 32.57
C SER J 472 -34.23 -83.67 34.05
N LYS J 473 -34.92 -84.50 34.84
CA LYS J 473 -34.85 -84.43 36.30
C LYS J 473 -33.50 -84.87 36.84
N MET J 474 -32.92 -85.87 36.19
CA MET J 474 -31.64 -86.42 36.58
C MET J 474 -30.48 -85.45 36.38
N VAL J 475 -30.32 -84.96 35.16
CA VAL J 475 -29.25 -84.02 34.87
C VAL J 475 -29.33 -82.85 35.85
N MET J 476 -30.53 -82.31 36.04
CA MET J 476 -30.69 -81.19 36.94
C MET J 476 -30.05 -81.47 38.29
N LYS J 477 -30.42 -82.57 38.96
CA LYS J 477 -29.85 -82.89 40.28
C LYS J 477 -28.34 -83.02 40.20
N PHE J 478 -27.84 -83.63 39.12
CA PHE J 478 -26.40 -83.77 38.93
C PHE J 478 -25.82 -82.39 38.95
N TRP J 479 -26.34 -81.54 38.07
CA TRP J 479 -25.89 -80.16 37.93
C TRP J 479 -25.90 -79.41 39.27
N ALA J 480 -27.04 -79.36 39.92
CA ALA J 480 -27.08 -78.67 41.18
C ALA J 480 -26.19 -79.43 42.16
N ASN J 481 -26.10 -80.75 41.99
CA ASN J 481 -25.25 -81.54 42.89
C ASN J 481 -23.81 -81.17 42.72
N PHE J 482 -23.42 -80.88 41.49
CA PHE J 482 -22.05 -80.46 41.19
C PHE J 482 -21.87 -79.05 41.71
N ALA J 483 -22.96 -78.30 41.75
CA ALA J 483 -22.92 -76.93 42.22
C ALA J 483 -22.70 -76.81 43.71
N ARG J 484 -23.28 -77.74 44.45
CA ARG J 484 -23.18 -77.75 45.90
C ARG J 484 -21.89 -78.28 46.48
N ASN J 485 -21.34 -79.33 45.86
CA ASN J 485 -20.14 -79.98 46.36
C ASN J 485 -19.01 -80.12 45.35
N GLY J 486 -19.15 -79.54 44.17
CA GLY J 486 -18.09 -79.71 43.19
C GLY J 486 -17.91 -81.19 42.93
N ASN J 487 -19.05 -81.88 42.91
CA ASN J 487 -19.15 -83.31 42.69
C ASN J 487 -20.62 -83.58 42.32
N PRO J 488 -20.85 -84.06 41.10
CA PRO J 488 -22.19 -84.35 40.59
C PRO J 488 -22.92 -85.46 41.34
N ASN J 489 -22.19 -86.51 41.70
CA ASN J 489 -22.75 -87.67 42.40
C ASN J 489 -23.66 -87.40 43.58
N GLY J 490 -24.62 -88.30 43.76
CA GLY J 490 -25.58 -88.19 44.85
C GLY J 490 -26.50 -89.40 44.97
N GLU J 491 -27.27 -89.48 46.05
CA GLU J 491 -28.17 -90.61 46.24
C GLU J 491 -29.33 -90.61 45.27
N GLY J 492 -29.48 -91.74 44.58
CA GLY J 492 -30.54 -91.90 43.60
C GLY J 492 -30.12 -91.58 42.17
N LEU J 493 -28.82 -91.41 41.95
CA LEU J 493 -28.31 -91.10 40.63
C LEU J 493 -27.15 -92.01 40.29
N PRO J 494 -27.02 -92.42 39.02
CA PRO J 494 -25.93 -93.29 38.57
C PRO J 494 -24.62 -92.76 39.13
N HIS J 495 -23.57 -93.57 39.09
CA HIS J 495 -22.30 -93.12 39.63
C HIS J 495 -21.52 -92.41 38.57
N TRP J 496 -21.01 -91.25 38.93
CA TRP J 496 -20.27 -90.44 38.00
C TRP J 496 -18.81 -90.43 38.44
N PRO J 497 -18.01 -91.18 37.71
CA PRO J 497 -16.60 -91.28 38.03
C PRO J 497 -15.87 -89.98 37.80
N GLU J 498 -15.11 -89.57 38.80
CA GLU J 498 -14.32 -88.37 38.65
C GLU J 498 -13.32 -88.62 37.51
N TYR J 499 -13.16 -87.65 36.62
CA TYR J 499 -12.23 -87.76 35.50
C TYR J 499 -10.79 -87.70 36.01
N ASN J 500 -10.24 -88.87 36.33
CA ASN J 500 -8.86 -88.96 36.79
C ASN J 500 -8.08 -89.68 35.72
N GLN J 501 -6.97 -90.28 36.12
CA GLN J 501 -6.14 -90.96 35.16
C GLN J 501 -6.84 -92.06 34.38
N LYS J 502 -7.92 -92.60 34.93
CA LYS J 502 -8.66 -93.66 34.22
C LYS J 502 -9.55 -93.01 33.16
N GLU J 503 -9.77 -91.70 33.28
CA GLU J 503 -10.60 -90.93 32.35
C GLU J 503 -12.04 -91.36 32.39
N GLY J 504 -12.61 -91.36 33.58
CA GLY J 504 -14.00 -91.76 33.75
C GLY J 504 -14.98 -90.66 33.42
N TYR J 505 -15.76 -90.91 32.40
CA TYR J 505 -16.74 -89.93 32.00
C TYR J 505 -18.14 -90.53 31.98
N LEU J 506 -19.16 -89.69 32.12
CA LEU J 506 -20.54 -90.15 32.13
C LEU J 506 -21.18 -89.91 30.78
N GLN J 507 -21.94 -90.92 30.34
CA GLN J 507 -22.65 -90.86 29.06
C GLN J 507 -24.08 -90.56 29.43
N ILE J 508 -24.49 -89.31 29.29
CA ILE J 508 -25.86 -88.98 29.63
C ILE J 508 -26.76 -89.29 28.45
N GLY J 509 -27.95 -89.80 28.74
CA GLY J 509 -28.90 -90.15 27.69
C GLY J 509 -30.04 -91.02 28.18
N ALA J 510 -30.57 -91.85 27.28
CA ALA J 510 -31.69 -92.72 27.64
C ALA J 510 -31.19 -93.64 28.75
N ASN J 511 -30.05 -94.24 28.51
CA ASN J 511 -29.41 -95.12 29.48
C ASN J 511 -28.14 -94.37 29.85
N THR J 512 -28.06 -93.99 31.11
CA THR J 512 -26.92 -93.25 31.62
C THR J 512 -25.97 -94.19 32.36
N GLN J 513 -24.76 -94.34 31.84
CA GLN J 513 -23.76 -95.19 32.48
C GLN J 513 -22.41 -94.55 32.24
N ALA J 514 -21.35 -95.06 32.86
CA ALA J 514 -20.01 -94.50 32.67
C ALA J 514 -19.18 -95.27 31.66
N ALA J 515 -18.01 -94.71 31.34
CA ALA J 515 -17.10 -95.32 30.39
C ALA J 515 -15.71 -94.78 30.65
N GLN J 516 -14.82 -94.93 29.67
CA GLN J 516 -13.46 -94.46 29.86
C GLN J 516 -12.75 -94.04 28.57
N LYS J 517 -11.68 -93.27 28.74
CA LYS J 517 -10.86 -92.80 27.63
C LYS J 517 -11.71 -92.12 26.55
N LEU J 518 -12.47 -91.10 26.94
CA LEU J 518 -13.32 -90.35 26.03
C LEU J 518 -12.45 -89.71 24.96
N LYS J 519 -12.85 -89.85 23.71
CA LYS J 519 -12.11 -89.28 22.59
C LYS J 519 -10.60 -89.49 22.75
N ASP J 520 -10.18 -90.68 23.17
CA ASP J 520 -8.74 -90.94 23.36
C ASP J 520 -8.02 -90.98 22.01
N LYS J 521 -8.38 -91.95 21.17
CA LYS J 521 -7.74 -92.07 19.87
C LYS J 521 -7.76 -90.73 19.13
N GLU J 522 -8.91 -90.07 19.11
CA GLU J 522 -9.06 -88.79 18.44
C GLU J 522 -8.05 -87.73 18.89
N VAL J 523 -8.04 -87.41 20.17
CA VAL J 523 -7.08 -86.41 20.63
C VAL J 523 -5.70 -86.79 20.13
N ALA J 524 -5.35 -88.07 20.27
CA ALA J 524 -4.05 -88.53 19.83
C ALA J 524 -3.77 -88.08 18.41
N PHE J 525 -4.48 -88.68 17.46
CA PHE J 525 -4.36 -88.38 16.03
C PHE J 525 -4.20 -86.91 15.65
N TRP J 526 -5.05 -86.07 16.23
CA TRP J 526 -5.04 -84.63 15.95
C TRP J 526 -3.82 -83.96 16.53
N THR J 527 -3.41 -84.36 17.72
CA THR J 527 -2.23 -83.75 18.32
C THR J 527 -1.02 -84.12 17.45
N ASN J 528 -1.03 -85.34 16.89
CA ASN J 528 0.05 -85.83 16.02
C ASN J 528 0.02 -85.18 14.65
N LEU J 529 -1.19 -84.89 14.15
CA LEU J 529 -1.37 -84.24 12.87
C LEU J 529 -0.84 -82.81 12.94
N PHE J 530 -1.27 -82.07 13.96
CA PHE J 530 -0.86 -80.69 14.19
C PHE J 530 0.63 -80.51 14.53
N ALA J 531 1.39 -81.60 14.45
CA ALA J 531 2.82 -81.57 14.71
C ALA J 531 3.50 -80.67 13.66
N LYS J 532 3.03 -80.81 12.41
CA LYS J 532 3.50 -80.04 11.22
C LYS J 532 4.85 -80.54 10.72
N SER K 1 -13.28 7.03 39.38
CA SER K 1 -13.91 7.05 38.01
C SER K 1 -13.50 5.83 37.15
N SER K 2 -13.26 4.70 37.82
CA SER K 2 -12.85 3.47 37.15
C SER K 2 -13.89 2.37 37.37
N PRO K 3 -14.27 1.65 36.31
CA PRO K 3 -15.25 0.56 36.36
C PRO K 3 -15.05 -0.39 37.53
N PRO K 4 -16.15 -0.92 38.08
CA PRO K 4 -16.14 -1.85 39.20
C PRO K 4 -15.41 -3.18 38.95
N VAL K 5 -14.34 -3.43 39.69
CA VAL K 5 -13.60 -4.68 39.53
C VAL K 5 -13.59 -5.48 40.81
N VAL K 6 -14.04 -6.71 40.71
CA VAL K 6 -14.13 -7.56 41.86
C VAL K 6 -13.46 -8.88 41.61
N ASP K 7 -12.85 -9.45 42.64
CA ASP K 7 -12.18 -10.76 42.55
C ASP K 7 -12.98 -11.81 43.33
N THR K 8 -13.36 -12.87 42.63
CA THR K 8 -14.11 -13.95 43.24
C THR K 8 -13.27 -15.21 43.24
N VAL K 9 -13.87 -16.28 43.73
CA VAL K 9 -13.21 -17.57 43.80
C VAL K 9 -12.71 -18.02 42.43
N HIS K 10 -13.48 -17.70 41.40
CA HIS K 10 -13.12 -18.10 40.07
C HIS K 10 -12.32 -17.09 39.23
N GLY K 11 -12.24 -15.84 39.65
CA GLY K 11 -11.48 -14.86 38.88
C GLY K 11 -12.03 -13.45 39.00
N LYS K 12 -11.32 -12.47 38.45
CA LYS K 12 -11.75 -11.08 38.54
C LYS K 12 -12.84 -10.76 37.56
N VAL K 13 -13.90 -10.13 38.04
CA VAL K 13 -14.99 -9.77 37.19
C VAL K 13 -15.11 -8.24 37.10
N LEU K 14 -15.42 -7.75 35.91
CA LEU K 14 -15.57 -6.33 35.64
C LEU K 14 -17.03 -5.90 35.50
N GLY K 15 -17.33 -4.67 35.89
CA GLY K 15 -18.70 -4.23 35.79
C GLY K 15 -18.76 -2.79 35.36
N LYS K 16 -19.94 -2.19 35.44
CA LYS K 16 -20.14 -0.80 35.05
C LYS K 16 -20.93 -0.07 36.10
N PHE K 17 -20.61 1.19 36.29
CA PHE K 17 -21.28 2.02 37.28
C PHE K 17 -22.54 2.67 36.76
N VAL K 18 -23.55 2.80 37.61
CA VAL K 18 -24.80 3.43 37.22
C VAL K 18 -25.37 4.25 38.37
N SER K 19 -25.94 5.41 38.08
CA SER K 19 -26.50 6.26 39.12
C SER K 19 -28.01 6.33 39.05
N LEU K 20 -28.65 6.36 40.21
CA LEU K 20 -30.11 6.46 40.24
C LEU K 20 -30.58 7.76 40.87
N GLU K 21 -31.36 8.53 40.15
CA GLU K 21 -31.89 9.80 40.64
C GLU K 21 -32.12 9.78 42.16
N GLY K 22 -31.32 10.55 42.91
CA GLY K 22 -31.52 10.61 44.35
C GLY K 22 -30.58 9.83 45.26
N PHE K 23 -29.51 9.27 44.70
CA PHE K 23 -28.52 8.50 45.47
C PHE K 23 -27.12 8.86 45.02
N ALA K 24 -26.34 9.43 45.93
CA ALA K 24 -24.97 9.84 45.63
C ALA K 24 -24.08 8.67 45.19
N GLN K 25 -24.15 7.58 45.93
CA GLN K 25 -23.35 6.39 45.66
C GLN K 25 -23.92 5.52 44.55
N PRO K 26 -23.38 5.68 43.34
CA PRO K 26 -23.83 4.90 42.19
C PRO K 26 -23.71 3.44 42.45
N VAL K 27 -24.71 2.69 42.00
CA VAL K 27 -24.74 1.25 42.15
C VAL K 27 -23.85 0.60 41.11
N ALA K 28 -23.26 -0.54 41.47
CA ALA K 28 -22.41 -1.30 40.55
C ALA K 28 -23.23 -2.47 39.99
N ILE K 29 -23.33 -2.49 38.67
CA ILE K 29 -24.10 -3.51 37.99
C ILE K 29 -23.21 -4.51 37.33
N PHE K 30 -23.44 -5.79 37.61
CA PHE K 30 -22.66 -6.85 37.00
C PHE K 30 -23.53 -7.78 36.17
N LEU K 31 -23.27 -7.87 34.88
CA LEU K 31 -24.09 -8.73 34.07
C LEU K 31 -23.33 -9.88 33.48
N GLY K 32 -23.95 -11.05 33.57
CA GLY K 32 -23.35 -12.25 33.00
C GLY K 32 -22.24 -12.92 33.78
N ILE K 33 -22.46 -13.18 35.05
CA ILE K 33 -21.44 -13.88 35.82
C ILE K 33 -21.84 -15.36 35.79
N PRO K 34 -20.97 -16.20 35.23
CA PRO K 34 -21.22 -17.63 35.13
C PRO K 34 -21.14 -18.28 36.50
N PHE K 35 -22.23 -18.87 36.98
CA PHE K 35 -22.24 -19.51 38.29
C PHE K 35 -22.08 -21.00 38.07
N ALA K 36 -21.97 -21.37 36.79
CA ALA K 36 -21.80 -22.77 36.45
C ALA K 36 -21.17 -22.92 35.11
N LYS K 37 -20.64 -24.11 34.90
CA LYS K 37 -20.02 -24.51 33.66
C LYS K 37 -21.14 -24.70 32.68
N PRO K 38 -21.03 -24.13 31.48
CA PRO K 38 -22.05 -24.22 30.41
C PRO K 38 -22.46 -25.66 30.23
N PRO K 39 -23.72 -25.98 30.57
CA PRO K 39 -24.25 -27.33 30.47
C PRO K 39 -24.49 -27.75 29.05
N LEU K 40 -23.40 -27.81 28.31
CA LEU K 40 -23.39 -28.20 26.91
C LEU K 40 -22.90 -29.62 26.72
N GLY K 41 -23.25 -30.16 25.56
CA GLY K 41 -22.87 -31.50 25.21
C GLY K 41 -23.41 -32.51 26.20
N PRO K 42 -22.60 -33.48 26.57
CA PRO K 42 -22.93 -34.56 27.51
C PRO K 42 -23.31 -33.98 28.87
N LEU K 43 -23.02 -32.72 29.10
CA LEU K 43 -23.38 -32.14 30.37
C LEU K 43 -24.87 -31.81 30.42
N ARG K 44 -25.62 -32.31 29.46
CA ARG K 44 -27.04 -32.02 29.41
C ARG K 44 -27.75 -32.96 30.36
N PHE K 45 -28.94 -32.58 30.82
CA PHE K 45 -29.72 -33.42 31.75
C PHE K 45 -28.83 -34.00 32.86
N THR K 46 -28.02 -33.15 33.49
CA THR K 46 -27.15 -33.57 34.58
C THR K 46 -26.88 -32.37 35.45
N PRO K 47 -26.55 -32.61 36.71
CA PRO K 47 -26.27 -31.61 37.73
C PRO K 47 -25.28 -30.58 37.28
N PRO K 48 -25.54 -29.33 37.62
CA PRO K 48 -24.65 -28.23 37.25
C PRO K 48 -23.28 -28.37 37.89
N GLN K 49 -22.23 -28.29 37.07
CA GLN K 49 -20.86 -28.42 37.59
C GLN K 49 -20.20 -27.04 37.78
N PRO K 50 -19.25 -26.91 38.72
CA PRO K 50 -18.58 -25.63 38.96
C PRO K 50 -18.01 -25.04 37.69
N ALA K 51 -18.09 -23.71 37.59
CA ALA K 51 -17.56 -23.04 36.41
C ALA K 51 -16.05 -23.05 36.38
N GLU K 52 -15.48 -23.06 35.18
CA GLU K 52 -14.03 -23.04 34.97
C GLU K 52 -13.54 -21.65 35.31
N PRO K 53 -12.40 -21.56 36.00
CA PRO K 53 -11.83 -20.28 36.38
C PRO K 53 -11.13 -19.59 35.25
N TRP K 54 -11.27 -18.27 35.18
CA TRP K 54 -10.65 -17.50 34.13
C TRP K 54 -9.37 -16.86 34.58
N SER K 55 -8.43 -16.82 33.66
CA SER K 55 -7.12 -16.32 33.94
C SER K 55 -6.84 -14.84 33.83
N PHE K 56 -7.87 -14.00 33.83
CA PHE K 56 -7.58 -12.56 33.77
C PHE K 56 -8.70 -11.74 34.37
N VAL K 57 -9.25 -10.81 33.58
CA VAL K 57 -10.36 -9.96 34.00
C VAL K 57 -11.54 -10.28 33.10
N LYS K 58 -12.58 -10.88 33.67
CA LYS K 58 -13.77 -11.23 32.90
C LYS K 58 -14.71 -10.02 32.82
N ASN K 59 -14.76 -9.38 31.67
CA ASN K 59 -15.64 -8.22 31.48
C ASN K 59 -17.12 -8.63 31.55
N ALA K 60 -17.74 -8.57 32.72
CA ALA K 60 -19.15 -8.93 32.81
C ALA K 60 -19.97 -7.69 32.60
N THR K 61 -20.05 -7.25 31.34
CA THR K 61 -20.77 -6.02 31.01
C THR K 61 -21.82 -6.14 29.93
N SER K 62 -22.33 -7.35 29.71
CA SER K 62 -23.35 -7.53 28.67
C SER K 62 -24.48 -8.41 29.19
N TYR K 63 -25.69 -8.17 28.74
CA TYR K 63 -26.82 -8.98 29.17
C TYR K 63 -26.60 -10.39 28.67
N PRO K 64 -26.66 -11.34 29.60
CA PRO K 64 -26.45 -12.74 29.23
C PRO K 64 -27.64 -13.29 28.48
N PRO K 65 -27.41 -14.37 27.73
CA PRO K 65 -28.47 -15.01 26.96
C PRO K 65 -29.48 -15.62 27.91
N MET K 66 -30.65 -15.98 27.41
CA MET K 66 -31.65 -16.61 28.28
C MET K 66 -31.75 -18.08 27.85
N CYS K 67 -32.06 -19.00 28.76
CA CYS K 67 -32.13 -20.41 28.35
C CYS K 67 -33.07 -20.64 27.20
N THR K 68 -32.66 -21.48 26.25
CA THR K 68 -33.48 -21.75 25.09
C THR K 68 -34.95 -21.89 25.45
N GLN K 69 -35.80 -21.16 24.73
CA GLN K 69 -37.22 -21.16 25.01
C GLN K 69 -37.95 -20.51 23.86
N ASP K 70 -39.27 -20.64 23.85
CA ASP K 70 -40.09 -20.03 22.81
C ASP K 70 -39.67 -18.56 22.69
N PRO K 71 -38.80 -18.23 21.71
CA PRO K 71 -38.33 -16.85 21.53
C PRO K 71 -39.41 -15.78 21.51
N LYS K 72 -40.52 -16.07 20.81
CA LYS K 72 -41.64 -15.14 20.68
C LYS K 72 -42.48 -15.11 21.94
N ALA K 73 -42.48 -16.20 22.67
CA ALA K 73 -43.26 -16.25 23.90
C ALA K 73 -42.49 -15.60 25.04
N GLY K 74 -41.23 -15.98 25.15
CA GLY K 74 -40.38 -15.48 26.21
C GLY K 74 -40.17 -14.00 26.10
N GLN K 75 -40.29 -13.46 24.90
CA GLN K 75 -40.11 -12.04 24.73
C GLN K 75 -41.37 -11.30 25.14
N LEU K 76 -42.52 -11.93 24.94
CA LEU K 76 -43.78 -11.32 25.31
C LEU K 76 -43.90 -11.23 26.82
N LEU K 77 -43.41 -12.24 27.53
CA LEU K 77 -43.48 -12.24 28.98
C LEU K 77 -42.50 -11.21 29.53
N SER K 78 -41.42 -10.97 28.80
CA SER K 78 -40.43 -10.00 29.24
C SER K 78 -41.01 -8.59 29.17
N GLU K 79 -41.57 -8.24 28.01
CA GLU K 79 -42.18 -6.93 27.77
C GLU K 79 -43.15 -6.59 28.89
N LEU K 80 -43.94 -7.58 29.29
CA LEU K 80 -44.91 -7.37 30.33
C LEU K 80 -44.29 -7.19 31.71
N PHE K 81 -43.65 -8.24 32.23
CA PHE K 81 -43.07 -8.20 33.57
C PHE K 81 -41.99 -7.16 33.86
N THR K 82 -41.12 -6.94 32.88
CA THR K 82 -40.02 -5.99 33.02
C THR K 82 -40.36 -4.80 33.88
N ASN K 83 -39.38 -4.29 34.61
CA ASN K 83 -39.63 -3.14 35.45
C ASN K 83 -38.87 -1.92 34.92
N ARG K 84 -38.43 -1.98 33.67
CA ARG K 84 -37.71 -0.86 33.10
C ARG K 84 -38.45 -0.25 31.95
N LYS K 85 -38.13 0.99 31.64
CA LYS K 85 -38.75 1.73 30.56
C LYS K 85 -38.65 0.93 29.26
N GLU K 86 -37.41 0.70 28.82
CA GLU K 86 -37.14 -0.04 27.58
C GLU K 86 -36.86 -1.51 27.86
N ASN K 87 -37.52 -2.41 27.12
CA ASN K 87 -37.27 -3.83 27.32
C ASN K 87 -35.99 -4.10 26.60
N ILE K 88 -35.22 -5.06 27.08
CA ILE K 88 -33.96 -5.39 26.46
C ILE K 88 -34.11 -6.64 25.65
N PRO K 89 -33.70 -6.60 24.38
CA PRO K 89 -33.79 -7.76 23.50
C PRO K 89 -32.72 -8.80 23.93
N LEU K 90 -33.15 -10.05 24.11
CA LEU K 90 -32.23 -11.10 24.55
C LEU K 90 -31.91 -12.20 23.52
N LYS K 91 -30.75 -12.84 23.68
CA LYS K 91 -30.34 -13.90 22.77
C LYS K 91 -30.71 -15.28 23.36
N LEU K 92 -30.76 -16.31 22.51
CA LEU K 92 -31.09 -17.67 22.98
C LEU K 92 -29.89 -18.61 22.97
N SER K 93 -29.75 -19.42 24.02
CA SER K 93 -28.66 -20.39 24.07
C SER K 93 -28.71 -21.35 25.27
N GLU K 94 -28.05 -22.49 25.13
CA GLU K 94 -28.04 -23.45 26.21
C GLU K 94 -27.13 -22.93 27.27
N ASP K 95 -26.23 -22.04 26.88
CA ASP K 95 -25.31 -21.43 27.83
C ASP K 95 -26.09 -20.25 28.42
N CYS K 96 -26.76 -20.51 29.53
CA CYS K 96 -27.56 -19.48 30.14
C CYS K 96 -27.48 -19.47 31.64
N LEU K 97 -26.53 -20.21 32.20
CA LEU K 97 -26.41 -20.25 33.64
C LEU K 97 -25.55 -19.09 34.07
N TYR K 98 -26.11 -17.90 34.19
CA TYR K 98 -25.36 -16.75 34.65
C TYR K 98 -26.23 -16.06 35.67
N LEU K 99 -25.77 -14.94 36.20
CA LEU K 99 -26.58 -14.17 37.14
C LEU K 99 -26.11 -12.74 37.03
N ASN K 100 -26.99 -11.81 37.35
CA ASN K 100 -26.68 -10.40 37.29
C ASN K 100 -26.69 -9.93 38.73
N ILE K 101 -25.78 -9.04 39.10
CA ILE K 101 -25.75 -8.53 40.47
C ILE K 101 -25.92 -7.00 40.52
N TYR K 102 -26.61 -6.52 41.55
CA TYR K 102 -26.80 -5.06 41.75
C TYR K 102 -26.45 -4.74 43.19
N THR K 103 -25.32 -4.08 43.40
CA THR K 103 -24.91 -3.77 44.75
C THR K 103 -24.87 -2.30 44.93
N PRO K 104 -25.54 -1.81 45.95
CA PRO K 104 -25.52 -0.37 46.15
C PRO K 104 -24.41 -0.04 47.09
N ALA K 105 -23.53 -1.00 47.35
CA ALA K 105 -22.42 -0.81 48.27
C ALA K 105 -21.13 -0.39 47.60
N ASP K 106 -20.43 0.58 48.18
CA ASP K 106 -19.14 1.07 47.67
C ASP K 106 -18.18 -0.11 47.71
N LEU K 107 -17.88 -0.70 46.56
CA LEU K 107 -17.02 -1.86 46.52
C LEU K 107 -15.61 -1.62 47.01
N THR K 108 -15.32 -0.39 47.37
CA THR K 108 -13.99 -0.03 47.84
C THR K 108 -13.88 -0.06 49.37
N LYS K 109 -14.97 -0.41 50.02
CA LYS K 109 -14.99 -0.48 51.47
C LYS K 109 -15.74 -1.73 51.92
N LYS K 110 -15.17 -2.45 52.88
CA LYS K 110 -15.79 -3.65 53.41
C LYS K 110 -17.27 -3.34 53.62
N ASN K 111 -18.15 -4.15 53.06
CA ASN K 111 -19.58 -3.93 53.25
C ASN K 111 -20.25 -5.25 53.17
N ARG K 112 -21.35 -5.41 53.89
CA ARG K 112 -22.11 -6.66 53.90
C ARG K 112 -23.59 -6.37 54.13
N LEU K 113 -24.30 -6.11 53.03
CA LEU K 113 -25.72 -5.79 53.05
C LEU K 113 -26.47 -7.06 52.79
N PRO K 114 -27.66 -7.21 53.38
CA PRO K 114 -28.42 -8.43 53.14
C PRO K 114 -28.57 -8.68 51.63
N VAL K 115 -28.65 -9.94 51.23
CA VAL K 115 -28.79 -10.29 49.82
C VAL K 115 -30.18 -10.83 49.49
N MET K 116 -30.67 -10.48 48.31
CA MET K 116 -31.96 -10.98 47.85
C MET K 116 -31.73 -11.61 46.47
N VAL K 117 -31.88 -12.92 46.41
CA VAL K 117 -31.67 -13.63 45.17
C VAL K 117 -33.04 -13.83 44.56
N TRP K 118 -33.19 -13.33 43.35
CA TRP K 118 -34.46 -13.41 42.66
C TRP K 118 -34.56 -14.48 41.58
N ILE K 119 -35.62 -15.26 41.65
CA ILE K 119 -35.89 -16.29 40.64
C ILE K 119 -37.14 -15.82 39.85
N HIS K 120 -37.01 -15.61 38.53
CA HIS K 120 -38.12 -15.15 37.69
C HIS K 120 -39.10 -16.28 37.51
N GLY K 121 -40.28 -15.98 36.96
CA GLY K 121 -41.26 -17.03 36.73
C GLY K 121 -41.43 -17.37 35.27
N GLY K 122 -42.35 -18.26 34.97
CA GLY K 122 -42.55 -18.64 33.59
C GLY K 122 -42.77 -20.13 33.50
N GLY K 123 -43.62 -20.64 34.39
CA GLY K 123 -43.96 -22.06 34.44
C GLY K 123 -42.80 -22.99 34.14
N LEU K 124 -41.58 -22.52 34.36
CA LEU K 124 -40.43 -23.34 34.10
C LEU K 124 -40.27 -23.54 32.61
N MET K 125 -41.00 -22.79 31.81
CA MET K 125 -40.90 -22.93 30.37
C MET K 125 -40.24 -21.74 29.65
N VAL K 126 -40.24 -20.58 30.30
CA VAL K 126 -39.68 -19.36 29.74
C VAL K 126 -39.24 -18.41 30.83
N GLY K 127 -38.55 -17.36 30.40
CA GLY K 127 -38.10 -16.33 31.32
C GLY K 127 -36.63 -16.03 31.32
N ALA K 128 -36.24 -15.01 32.06
CA ALA K 128 -34.85 -14.64 32.14
C ALA K 128 -34.57 -13.70 33.30
N ALA K 129 -33.29 -13.55 33.61
CA ALA K 129 -32.82 -12.71 34.72
C ALA K 129 -32.67 -11.25 34.33
N SER K 130 -32.07 -11.03 33.16
CA SER K 130 -31.86 -9.72 32.61
C SER K 130 -33.19 -8.95 32.49
N THR K 131 -34.32 -9.64 32.68
CA THR K 131 -35.63 -9.00 32.58
C THR K 131 -35.89 -8.06 33.72
N TYR K 132 -35.58 -8.54 34.91
CA TYR K 132 -35.78 -7.79 36.15
C TYR K 132 -34.54 -6.99 36.49
N ASP K 133 -34.71 -5.68 36.62
CA ASP K 133 -33.62 -4.78 36.96
C ASP K 133 -33.65 -4.48 38.46
N GLY K 134 -32.55 -4.73 39.14
CA GLY K 134 -32.52 -4.48 40.56
C GLY K 134 -32.18 -3.06 40.95
N LEU K 135 -31.68 -2.27 40.00
CA LEU K 135 -31.26 -0.90 40.29
C LEU K 135 -32.07 -0.13 41.34
N ALA K 136 -33.38 -0.09 41.17
CA ALA K 136 -34.21 0.61 42.12
C ALA K 136 -34.15 -0.08 43.48
N LEU K 137 -34.64 -1.33 43.55
CA LEU K 137 -34.67 -2.12 44.78
C LEU K 137 -33.39 -1.94 45.60
N ALA K 138 -32.26 -2.05 44.91
CA ALA K 138 -30.95 -1.91 45.55
C ALA K 138 -30.75 -0.54 46.15
N ALA K 139 -30.70 0.49 45.32
CA ALA K 139 -30.46 1.84 45.84
C ALA K 139 -31.42 2.13 46.96
N HIS K 140 -32.71 2.14 46.64
CA HIS K 140 -33.74 2.42 47.63
C HIS K 140 -33.68 1.65 48.95
N GLU K 141 -33.46 0.34 48.89
CA GLU K 141 -33.44 -0.47 50.12
C GLU K 141 -32.06 -0.83 50.70
N ASN K 142 -31.03 -0.45 49.99
CA ASN K 142 -29.68 -0.73 50.43
C ASN K 142 -29.48 -2.22 50.68
N VAL K 143 -29.78 -3.03 49.67
CA VAL K 143 -29.59 -4.49 49.69
C VAL K 143 -29.03 -4.88 48.33
N VAL K 144 -28.26 -5.97 48.28
CA VAL K 144 -27.66 -6.47 47.03
C VAL K 144 -28.70 -7.35 46.37
N VAL K 145 -29.04 -7.02 45.13
CA VAL K 145 -30.05 -7.77 44.40
C VAL K 145 -29.42 -8.68 43.35
N VAL K 146 -29.77 -9.96 43.44
CA VAL K 146 -29.24 -10.96 42.52
C VAL K 146 -30.33 -11.63 41.70
N THR K 147 -30.22 -11.52 40.38
CA THR K 147 -31.18 -12.14 39.50
C THR K 147 -30.47 -13.30 38.83
N ILE K 148 -30.95 -14.51 39.10
CA ILE K 148 -30.32 -15.70 38.54
C ILE K 148 -31.16 -16.37 37.47
N GLN K 149 -30.50 -17.12 36.60
CA GLN K 149 -31.21 -17.85 35.57
C GLN K 149 -31.02 -19.35 35.85
N TYR K 150 -31.85 -20.19 35.23
CA TYR K 150 -31.75 -21.63 35.45
C TYR K 150 -32.40 -22.33 34.29
N ARG K 151 -31.91 -23.53 34.00
CA ARG K 151 -32.43 -24.33 32.89
C ARG K 151 -33.96 -24.43 32.87
N LEU K 152 -34.52 -24.25 31.68
CA LEU K 152 -35.96 -24.31 31.55
C LEU K 152 -36.38 -25.44 30.60
N GLY K 153 -37.63 -25.86 30.75
CA GLY K 153 -38.19 -26.91 29.92
C GLY K 153 -37.38 -28.16 29.83
N ILE K 154 -37.38 -28.75 28.63
CA ILE K 154 -36.66 -29.98 28.35
C ILE K 154 -35.24 -29.89 28.91
N TRP K 155 -34.62 -28.73 28.71
CA TRP K 155 -33.27 -28.51 29.16
C TRP K 155 -33.10 -28.62 30.65
N GLY K 156 -34.04 -28.07 31.40
CA GLY K 156 -33.93 -28.13 32.83
C GLY K 156 -34.92 -29.04 33.55
N PHE K 157 -35.87 -29.63 32.87
CA PHE K 157 -36.79 -30.44 33.65
C PHE K 157 -37.13 -31.81 33.09
N PHE K 158 -36.44 -32.19 32.04
CA PHE K 158 -36.67 -33.47 31.41
C PHE K 158 -36.42 -34.60 32.39
N SER K 159 -37.42 -35.42 32.68
CA SER K 159 -37.18 -36.54 33.61
C SER K 159 -37.71 -37.88 33.12
N THR K 160 -36.91 -38.92 33.29
CA THR K 160 -37.31 -40.25 32.84
C THR K 160 -37.86 -41.07 33.98
N GLY K 161 -37.87 -40.45 35.15
CA GLY K 161 -38.33 -41.07 36.36
C GLY K 161 -37.14 -41.88 36.91
N ASP K 162 -35.94 -41.97 36.39
CA ASP K 162 -34.98 -42.87 37.03
C ASP K 162 -33.59 -42.24 37.09
N GLU K 163 -32.64 -43.07 37.53
CA GLU K 163 -31.29 -42.62 37.70
C GLU K 163 -30.54 -42.19 36.46
N HIS K 164 -31.19 -42.26 35.29
CA HIS K 164 -30.52 -41.86 34.05
C HIS K 164 -30.83 -40.42 33.64
N SER K 165 -31.86 -39.87 34.29
CA SER K 165 -32.33 -38.50 34.06
C SER K 165 -33.34 -38.14 35.14
N ARG K 166 -32.91 -38.16 36.39
CA ARG K 166 -33.80 -37.87 37.52
C ARG K 166 -34.72 -36.69 37.30
N GLY K 167 -34.15 -35.57 36.84
CA GLY K 167 -34.95 -34.38 36.61
C GLY K 167 -34.60 -33.22 37.52
N ASN K 168 -35.39 -32.17 37.48
CA ASN K 168 -35.10 -31.03 38.33
C ASN K 168 -33.74 -30.40 38.05
N TRP K 169 -33.20 -30.64 36.86
CA TRP K 169 -31.94 -30.04 36.49
C TRP K 169 -32.00 -28.55 36.75
N GLY K 170 -33.20 -27.98 36.67
CA GLY K 170 -33.37 -26.55 36.89
C GLY K 170 -33.18 -26.14 38.33
N HIS K 171 -33.93 -26.77 39.21
CA HIS K 171 -33.86 -26.48 40.61
C HIS K 171 -32.43 -26.69 41.08
N LEU K 172 -31.76 -27.70 40.54
CA LEU K 172 -30.37 -27.95 40.91
C LEU K 172 -29.51 -26.72 40.64
N ASP K 173 -29.79 -26.04 39.53
CA ASP K 173 -29.06 -24.84 39.17
C ASP K 173 -29.34 -23.75 40.18
N GLN K 174 -30.61 -23.62 40.55
CA GLN K 174 -31.03 -22.61 41.50
C GLN K 174 -30.15 -22.79 42.71
N VAL K 175 -30.15 -24.00 43.24
CA VAL K 175 -29.32 -24.30 44.39
C VAL K 175 -27.85 -23.98 44.05
N ALA K 176 -27.42 -24.43 42.87
CA ALA K 176 -26.05 -24.16 42.42
C ALA K 176 -25.72 -22.67 42.43
N ALA K 177 -26.72 -21.83 42.14
CA ALA K 177 -26.54 -20.39 42.14
C ALA K 177 -26.48 -19.89 43.59
N LEU K 178 -27.22 -20.53 44.48
CA LEU K 178 -27.15 -20.12 45.87
C LEU K 178 -25.79 -20.50 46.43
N ARG K 179 -25.25 -21.65 46.02
CA ARG K 179 -23.95 -22.03 46.54
C ARG K 179 -22.89 -21.09 45.99
N TRP K 180 -23.19 -20.40 44.90
CA TRP K 180 -22.22 -19.48 44.34
C TRP K 180 -22.22 -18.20 45.18
N VAL K 181 -23.43 -17.82 45.59
CA VAL K 181 -23.64 -16.64 46.42
C VAL K 181 -23.01 -16.79 47.81
N GLN K 182 -22.81 -18.03 48.27
CA GLN K 182 -22.21 -18.27 49.59
C GLN K 182 -20.70 -18.19 49.59
N ASP K 183 -20.10 -18.37 48.43
CA ASP K 183 -18.64 -18.34 48.35
C ASP K 183 -18.16 -17.16 47.54
N ASN K 184 -19.03 -16.19 47.29
CA ASN K 184 -18.64 -15.04 46.48
C ASN K 184 -19.37 -13.73 46.75
N ILE K 185 -20.65 -13.81 47.03
CA ILE K 185 -21.38 -12.58 47.21
C ILE K 185 -20.71 -11.63 48.13
N ALA K 186 -19.92 -12.13 49.06
CA ALA K 186 -19.26 -11.18 49.96
C ALA K 186 -18.31 -10.25 49.23
N SER K 187 -17.89 -10.64 48.03
CA SER K 187 -16.98 -9.83 47.23
C SER K 187 -17.66 -8.62 46.70
N PHE K 188 -18.99 -8.68 46.59
CA PHE K 188 -19.77 -7.56 46.10
C PHE K 188 -20.48 -6.80 47.22
N GLY K 189 -20.08 -7.09 48.45
CA GLY K 189 -20.65 -6.40 49.59
C GLY K 189 -21.86 -7.08 50.21
N GLY K 190 -22.13 -8.29 49.77
CA GLY K 190 -23.28 -8.95 50.31
C GLY K 190 -22.89 -9.82 51.45
N ASN K 191 -23.77 -9.91 52.43
CA ASN K 191 -23.56 -10.73 53.63
C ASN K 191 -24.02 -12.18 53.39
N PRO K 192 -23.08 -13.12 53.19
CA PRO K 192 -23.46 -14.51 52.94
C PRO K 192 -24.21 -15.15 54.10
N GLY K 193 -24.50 -14.34 55.10
CA GLY K 193 -25.20 -14.83 56.27
C GLY K 193 -26.65 -14.38 56.32
N SER K 194 -27.09 -13.61 55.32
CA SER K 194 -28.48 -13.12 55.28
C SER K 194 -29.04 -13.14 53.86
N VAL K 195 -28.89 -14.30 53.20
CA VAL K 195 -29.40 -14.53 51.83
C VAL K 195 -30.88 -14.87 51.87
N THR K 196 -31.65 -14.04 51.17
CA THR K 196 -33.09 -14.15 51.06
C THR K 196 -33.52 -14.50 49.63
N ILE K 197 -34.21 -15.62 49.44
CA ILE K 197 -34.63 -15.95 48.10
C ILE K 197 -36.10 -15.54 47.92
N PHE K 198 -36.45 -15.21 46.67
CA PHE K 198 -37.82 -14.86 46.33
C PHE K 198 -38.08 -14.90 44.83
N GLY K 199 -39.31 -15.26 44.48
CA GLY K 199 -39.69 -15.35 43.09
C GLY K 199 -41.18 -15.22 42.98
N GLU K 200 -41.64 -14.99 41.75
CA GLU K 200 -43.05 -14.81 41.43
C GLU K 200 -43.47 -15.99 40.53
N SER K 201 -44.75 -16.35 40.53
CA SER K 201 -45.25 -17.46 39.73
C SER K 201 -44.30 -18.66 39.81
N ALA K 202 -43.91 -19.24 38.67
CA ALA K 202 -43.00 -20.40 38.69
C ALA K 202 -41.91 -20.20 39.72
N GLY K 203 -41.39 -18.97 39.80
CA GLY K 203 -40.33 -18.64 40.75
C GLY K 203 -40.80 -18.78 42.18
N GLY K 204 -42.08 -18.50 42.40
CA GLY K 204 -42.65 -18.61 43.72
C GLY K 204 -42.66 -20.07 44.14
N GLU K 205 -42.81 -20.96 43.15
CA GLU K 205 -42.84 -22.41 43.42
C GLU K 205 -41.45 -22.87 43.79
N SER K 206 -40.47 -22.46 43.00
CA SER K 206 -39.07 -22.79 43.21
C SER K 206 -38.67 -22.39 44.63
N VAL K 207 -38.92 -21.14 44.98
CA VAL K 207 -38.60 -20.67 46.32
C VAL K 207 -39.23 -21.64 47.29
N SER K 208 -40.44 -22.09 46.95
CA SER K 208 -41.12 -23.04 47.80
C SER K 208 -40.42 -24.39 47.75
N VAL K 209 -40.03 -24.82 46.55
CA VAL K 209 -39.35 -26.11 46.40
C VAL K 209 -38.00 -26.13 47.14
N LEU K 210 -37.28 -25.01 47.15
CA LEU K 210 -35.99 -24.99 47.85
C LEU K 210 -36.18 -25.04 49.38
N VAL K 211 -37.37 -24.67 49.84
CA VAL K 211 -37.63 -24.71 51.28
C VAL K 211 -37.85 -26.14 51.75
N LEU K 212 -38.44 -26.98 50.90
CA LEU K 212 -38.70 -28.36 51.28
C LEU K 212 -37.54 -29.28 50.91
N SER K 213 -36.54 -28.71 50.23
CA SER K 213 -35.38 -29.49 49.80
C SER K 213 -34.19 -29.45 50.75
N PRO K 214 -33.60 -30.64 51.01
CA PRO K 214 -32.45 -30.85 51.88
C PRO K 214 -31.19 -30.27 51.26
N LEU K 215 -31.19 -30.10 49.95
CA LEU K 215 -30.02 -29.58 49.28
C LEU K 215 -29.80 -28.11 49.56
N ALA K 216 -30.89 -27.35 49.62
CA ALA K 216 -30.77 -25.92 49.84
C ALA K 216 -30.63 -25.57 51.31
N LYS K 217 -30.70 -26.60 52.15
CA LYS K 217 -30.58 -26.40 53.58
C LYS K 217 -29.26 -25.70 53.85
N ASN K 218 -29.37 -24.50 54.43
CA ASN K 218 -28.25 -23.64 54.80
C ASN K 218 -27.70 -22.74 53.69
N LEU K 219 -28.52 -22.47 52.67
CA LEU K 219 -28.07 -21.59 51.61
C LEU K 219 -28.91 -20.34 51.56
N PHE K 220 -30.10 -20.39 52.14
CA PHE K 220 -30.98 -19.23 52.21
C PHE K 220 -31.48 -19.12 53.64
N HIS K 221 -31.73 -17.89 54.10
CA HIS K 221 -32.16 -17.67 55.48
C HIS K 221 -33.51 -17.00 55.69
N ARG K 222 -34.23 -16.79 54.58
CA ARG K 222 -35.56 -16.17 54.54
C ARG K 222 -36.00 -16.49 53.15
N ALA K 223 -37.27 -16.82 52.99
CA ALA K 223 -37.81 -17.14 51.66
C ALA K 223 -39.06 -16.31 51.41
N ILE K 224 -39.39 -16.08 50.15
CA ILE K 224 -40.58 -15.33 49.80
C ILE K 224 -41.18 -15.87 48.53
N SER K 225 -42.42 -16.35 48.62
CA SER K 225 -43.14 -16.90 47.45
C SER K 225 -44.25 -15.96 46.97
N GLU K 226 -44.00 -15.27 45.85
CA GLU K 226 -44.98 -14.35 45.28
C GLU K 226 -45.93 -15.07 44.34
N SER K 227 -47.17 -15.24 44.79
CA SER K 227 -48.19 -15.91 43.98
C SER K 227 -47.65 -17.22 43.46
N GLY K 228 -47.60 -18.23 44.33
CA GLY K 228 -47.08 -19.53 43.92
C GLY K 228 -46.37 -20.31 45.01
N VAL K 229 -46.76 -21.57 45.17
CA VAL K 229 -46.16 -22.45 46.17
C VAL K 229 -45.98 -23.89 45.66
N ALA K 230 -45.45 -24.76 46.52
CA ALA K 230 -45.22 -26.14 46.13
C ALA K 230 -46.48 -27.00 45.95
N LEU K 231 -47.58 -26.58 46.56
CA LEU K 231 -48.79 -27.35 46.42
C LEU K 231 -49.45 -27.14 45.03
N THR K 232 -49.12 -26.01 44.38
CA THR K 232 -49.63 -25.70 43.03
C THR K 232 -49.28 -26.90 42.15
N SER K 233 -50.19 -27.86 42.09
CA SER K 233 -49.96 -29.09 41.30
C SER K 233 -49.43 -28.87 39.88
N VAL K 234 -50.12 -28.04 39.12
CA VAL K 234 -49.74 -27.80 37.73
C VAL K 234 -48.23 -27.90 37.40
N LEU K 235 -47.37 -27.30 38.25
CA LEU K 235 -45.91 -27.27 38.05
C LEU K 235 -45.12 -28.34 38.79
N VAL K 236 -45.81 -29.33 39.33
CA VAL K 236 -45.18 -30.41 40.05
C VAL K 236 -45.75 -31.70 39.51
N LYS K 237 -44.90 -32.55 38.95
CA LYS K 237 -45.35 -33.80 38.36
C LYS K 237 -45.52 -34.84 39.43
N LYS K 238 -46.65 -35.53 39.40
CA LYS K 238 -46.93 -36.56 40.39
C LYS K 238 -47.18 -37.92 39.71
N GLY K 239 -46.54 -38.96 40.19
CA GLY K 239 -46.75 -40.25 39.59
C GLY K 239 -45.69 -40.61 38.58
N ASP K 240 -45.94 -41.70 37.85
CA ASP K 240 -45.00 -42.15 36.83
C ASP K 240 -44.83 -41.08 35.76
N VAL K 241 -43.62 -40.51 35.65
CA VAL K 241 -43.38 -39.49 34.64
C VAL K 241 -42.79 -40.04 33.35
N LYS K 242 -42.61 -41.37 33.32
CA LYS K 242 -42.03 -42.04 32.15
C LYS K 242 -42.84 -41.77 30.88
N PRO K 243 -44.16 -41.98 30.94
CA PRO K 243 -45.01 -41.76 29.78
C PRO K 243 -44.88 -40.36 29.16
N LEU K 244 -44.45 -39.40 29.98
CA LEU K 244 -44.28 -38.03 29.52
C LEU K 244 -42.99 -37.97 28.71
N ALA K 245 -41.95 -38.61 29.24
CA ALA K 245 -40.65 -38.64 28.57
C ALA K 245 -40.69 -39.35 27.24
N GLU K 246 -41.32 -40.52 27.19
CA GLU K 246 -41.41 -41.25 25.93
C GLU K 246 -42.04 -40.34 24.88
N GLN K 247 -43.16 -39.70 25.26
CA GLN K 247 -43.87 -38.83 24.34
C GLN K 247 -43.08 -37.54 24.05
N ILE K 248 -42.04 -37.24 24.82
CA ILE K 248 -41.21 -36.07 24.54
C ILE K 248 -40.11 -36.52 23.60
N ALA K 249 -39.60 -37.73 23.86
CA ALA K 249 -38.51 -38.28 23.04
C ALA K 249 -39.00 -38.61 21.64
N ILE K 250 -40.14 -39.28 21.56
CA ILE K 250 -40.74 -39.65 20.29
C ILE K 250 -40.90 -38.45 19.37
N THR K 251 -41.29 -37.31 19.95
CA THR K 251 -41.51 -36.07 19.22
C THR K 251 -40.18 -35.45 18.79
N ALA K 252 -39.21 -35.53 19.70
CA ALA K 252 -37.89 -34.99 19.43
C ALA K 252 -37.23 -35.74 18.29
N GLY K 253 -37.60 -37.01 18.16
CA GLY K 253 -37.05 -37.85 17.10
C GLY K 253 -36.07 -38.87 17.68
N CYS K 254 -36.43 -39.38 18.86
CA CYS K 254 -35.60 -40.34 19.55
C CYS K 254 -36.22 -41.69 19.75
N LYS K 255 -35.38 -42.70 20.00
CA LYS K 255 -35.88 -44.04 20.25
C LYS K 255 -36.31 -44.02 21.71
N THR K 256 -37.05 -45.04 22.15
CA THR K 256 -37.51 -45.13 23.55
C THR K 256 -37.28 -46.53 24.16
N THR K 257 -36.39 -47.31 23.55
CA THR K 257 -36.08 -48.67 23.97
C THR K 257 -35.98 -48.79 25.45
N THR K 258 -35.13 -47.97 26.06
CA THR K 258 -35.02 -47.97 27.52
C THR K 258 -34.95 -46.53 27.96
N SER K 259 -34.84 -46.32 29.27
CA SER K 259 -34.75 -44.98 29.79
C SER K 259 -33.44 -44.33 29.37
N ALA K 260 -32.33 -45.01 29.70
CA ALA K 260 -30.98 -44.54 29.40
C ALA K 260 -30.87 -44.26 27.92
N VAL K 261 -31.36 -45.20 27.12
CA VAL K 261 -31.30 -45.03 25.68
C VAL K 261 -31.92 -43.70 25.30
N MET K 262 -33.00 -43.30 25.98
CA MET K 262 -33.67 -42.02 25.71
C MET K 262 -32.80 -40.82 25.98
N VAL K 263 -32.35 -40.70 27.23
CA VAL K 263 -31.53 -39.58 27.66
C VAL K 263 -30.30 -39.45 26.78
N HIS K 264 -29.77 -40.60 26.36
CA HIS K 264 -28.58 -40.60 25.52
C HIS K 264 -28.82 -39.97 24.15
N CYS K 265 -29.99 -40.26 23.59
CA CYS K 265 -30.38 -39.74 22.28
C CYS K 265 -30.76 -38.25 22.37
N LEU K 266 -31.35 -37.85 23.49
CA LEU K 266 -31.74 -36.46 23.69
C LEU K 266 -30.56 -35.53 24.00
N ARG K 267 -29.41 -36.11 24.31
CA ARG K 267 -28.21 -35.33 24.55
C ARG K 267 -27.61 -35.02 23.19
N GLN K 268 -27.84 -35.96 22.26
CA GLN K 268 -27.35 -35.85 20.89
C GLN K 268 -28.11 -34.82 20.04
N LYS K 269 -29.35 -34.51 20.41
CA LYS K 269 -30.15 -33.54 19.66
C LYS K 269 -29.52 -32.16 19.72
N THR K 270 -29.86 -31.30 18.75
CA THR K 270 -29.28 -29.95 18.74
C THR K 270 -30.19 -29.01 19.48
N GLU K 271 -29.67 -27.86 19.87
CA GLU K 271 -30.47 -26.86 20.58
C GLU K 271 -31.69 -26.54 19.75
N GLU K 272 -31.47 -26.36 18.45
CA GLU K 272 -32.53 -26.06 17.51
C GLU K 272 -33.49 -27.22 17.39
N GLU K 273 -33.00 -28.45 17.38
CA GLU K 273 -33.88 -29.62 17.29
C GLU K 273 -34.77 -29.69 18.54
N LEU K 274 -34.14 -29.46 19.70
CA LEU K 274 -34.85 -29.47 20.95
C LEU K 274 -35.76 -28.29 21.01
N LEU K 275 -35.31 -27.16 20.46
CA LEU K 275 -36.12 -25.96 20.46
C LEU K 275 -37.34 -26.19 19.60
N GLU K 276 -37.13 -26.82 18.43
CA GLU K 276 -38.25 -27.09 17.55
C GLU K 276 -39.16 -28.15 18.16
N THR K 277 -38.68 -28.88 19.16
CA THR K 277 -39.53 -29.88 19.81
C THR K 277 -40.37 -29.18 20.87
N THR K 278 -39.80 -28.14 21.49
CA THR K 278 -40.47 -27.37 22.54
C THR K 278 -41.65 -26.63 21.95
N LEU K 279 -41.58 -26.36 20.67
CA LEU K 279 -42.66 -25.66 20.00
C LEU K 279 -43.66 -26.63 19.39
N LYS K 280 -43.28 -27.90 19.26
CA LYS K 280 -44.19 -28.86 18.70
C LYS K 280 -45.01 -29.51 19.80
N MET K 281 -44.62 -29.25 21.05
CA MET K 281 -45.32 -29.81 22.20
C MET K 281 -46.49 -28.92 22.61
N LYS K 282 -46.38 -27.62 22.33
CA LYS K 282 -47.45 -26.64 22.64
C LYS K 282 -47.85 -26.67 24.13
N PHE K 283 -46.84 -26.42 24.95
CA PHE K 283 -46.91 -26.42 26.42
C PHE K 283 -47.65 -25.44 27.34
N LEU K 284 -48.02 -24.28 26.86
CA LEU K 284 -48.65 -23.36 27.76
C LEU K 284 -50.06 -23.23 27.26
N SER K 285 -50.14 -23.10 25.94
CA SER K 285 -51.40 -22.97 25.23
C SER K 285 -52.41 -24.02 25.61
N LEU K 286 -53.63 -23.57 25.88
CA LEU K 286 -54.73 -24.45 26.27
C LEU K 286 -55.14 -25.33 25.10
N ASP K 287 -55.98 -26.31 25.39
CA ASP K 287 -56.46 -27.22 24.37
C ASP K 287 -57.96 -27.43 24.57
N LEU K 288 -58.76 -27.00 23.59
CA LEU K 288 -60.22 -27.15 23.68
C LEU K 288 -60.69 -28.58 23.43
N GLN K 289 -60.83 -28.96 22.16
CA GLN K 289 -61.29 -30.30 21.85
C GLN K 289 -60.38 -31.39 22.40
N GLY K 290 -60.92 -32.60 22.55
CA GLY K 290 -60.16 -33.71 23.07
C GLY K 290 -60.43 -33.90 24.55
N ASP K 291 -59.90 -34.97 25.11
CA ASP K 291 -60.07 -35.28 26.52
C ASP K 291 -59.02 -34.48 27.31
N PRO K 292 -59.44 -33.82 28.41
CA PRO K 292 -58.57 -33.02 29.28
C PRO K 292 -57.34 -33.77 29.79
N ARG K 293 -57.52 -35.06 30.08
CA ARG K 293 -56.45 -35.93 30.56
C ARG K 293 -55.48 -36.36 29.46
N GLU K 294 -55.64 -35.78 28.27
CA GLU K 294 -54.74 -36.08 27.15
C GLU K 294 -53.84 -34.88 26.91
N SER K 295 -54.22 -33.72 27.46
CA SER K 295 -53.43 -32.51 27.35
C SER K 295 -52.14 -32.87 28.09
N GLN K 296 -51.19 -33.44 27.36
CA GLN K 296 -49.92 -33.87 27.95
C GLN K 296 -49.43 -32.94 29.05
N PRO K 297 -49.00 -33.52 30.18
CA PRO K 297 -48.51 -32.75 31.32
C PRO K 297 -47.51 -31.69 30.89
N LEU K 298 -47.30 -30.72 31.78
CA LEU K 298 -46.34 -29.66 31.55
C LEU K 298 -45.16 -30.03 32.44
N LEU K 299 -44.15 -30.70 31.89
CA LEU K 299 -43.01 -31.12 32.69
C LEU K 299 -42.69 -30.08 33.75
N GLY K 300 -42.34 -30.54 34.94
CA GLY K 300 -42.00 -29.63 36.00
C GLY K 300 -41.20 -30.29 37.09
N THR K 301 -41.37 -29.82 38.30
CA THR K 301 -40.67 -30.39 39.42
C THR K 301 -41.10 -31.84 39.57
N VAL K 302 -40.17 -32.71 39.92
CA VAL K 302 -40.51 -34.09 40.10
C VAL K 302 -39.81 -34.54 41.36
N ILE K 303 -40.33 -35.60 41.97
CA ILE K 303 -39.79 -36.21 43.18
C ILE K 303 -38.63 -37.11 42.76
N ASP K 304 -37.43 -36.56 42.78
CA ASP K 304 -36.25 -37.26 42.34
C ASP K 304 -35.50 -37.94 43.44
N GLY K 305 -35.86 -37.64 44.68
CA GLY K 305 -35.14 -38.23 45.79
C GLY K 305 -33.79 -37.58 46.06
N MET K 306 -33.57 -36.39 45.50
CA MET K 306 -32.34 -35.65 45.71
C MET K 306 -32.75 -34.26 46.19
N LEU K 307 -33.40 -33.49 45.32
CA LEU K 307 -33.88 -32.16 45.65
C LEU K 307 -35.06 -32.38 46.57
N LEU K 308 -35.88 -33.36 46.24
CA LEU K 308 -37.05 -33.68 47.05
C LEU K 308 -37.14 -35.17 47.15
N LEU K 309 -37.39 -35.66 48.37
CA LEU K 309 -37.47 -37.08 48.60
C LEU K 309 -38.91 -37.57 48.61
N LYS K 310 -39.85 -36.65 48.65
CA LYS K 310 -41.25 -37.03 48.63
C LYS K 310 -42.04 -35.78 48.28
N THR K 311 -43.30 -35.95 47.87
CA THR K 311 -44.15 -34.82 47.47
C THR K 311 -44.28 -33.75 48.55
N PRO K 312 -44.49 -32.50 48.15
CA PRO K 312 -44.62 -31.44 49.14
C PRO K 312 -45.66 -31.73 50.22
N GLU K 313 -46.81 -32.26 49.83
CA GLU K 313 -47.88 -32.60 50.78
C GLU K 313 -47.32 -33.36 51.99
N GLU K 314 -46.59 -34.44 51.71
CA GLU K 314 -45.98 -35.30 52.73
C GLU K 314 -44.93 -34.51 53.52
N LEU K 315 -43.93 -34.00 52.82
CA LEU K 315 -42.85 -33.25 53.44
C LEU K 315 -43.35 -32.22 54.50
N GLN K 316 -44.42 -31.50 54.15
CA GLN K 316 -45.01 -30.46 55.02
C GLN K 316 -45.48 -30.98 56.38
N ALA K 317 -45.29 -32.28 56.63
CA ALA K 317 -45.69 -32.90 57.88
C ALA K 317 -44.51 -33.11 58.83
N GLU K 318 -43.31 -32.77 58.36
CA GLU K 318 -42.10 -32.91 59.17
C GLU K 318 -41.74 -31.61 59.85
N ARG K 319 -42.04 -31.51 61.13
CA ARG K 319 -41.76 -30.30 61.90
C ARG K 319 -40.26 -30.10 62.14
N ASN K 320 -39.64 -31.13 62.74
CA ASN K 320 -38.21 -31.11 63.05
C ASN K 320 -37.37 -31.01 61.76
N PHE K 321 -37.15 -29.78 61.32
CA PHE K 321 -36.40 -29.51 60.10
C PHE K 321 -36.06 -28.02 60.07
N HIS K 322 -34.84 -27.69 59.63
CA HIS K 322 -34.36 -26.30 59.55
C HIS K 322 -35.46 -25.40 58.98
N THR K 323 -35.97 -24.54 59.86
CA THR K 323 -37.05 -23.62 59.53
C THR K 323 -36.58 -22.17 59.42
N VAL K 324 -37.10 -21.45 58.44
CA VAL K 324 -36.78 -20.04 58.21
C VAL K 324 -38.03 -19.21 57.88
N PRO K 325 -38.02 -17.91 58.18
CA PRO K 325 -39.17 -17.05 57.90
C PRO K 325 -39.61 -17.18 56.47
N TYR K 326 -40.90 -17.38 56.29
CA TYR K 326 -41.45 -17.56 54.97
C TYR K 326 -42.59 -16.57 54.72
N MET K 327 -42.56 -15.94 53.55
CA MET K 327 -43.58 -14.98 53.12
C MET K 327 -44.28 -15.44 51.84
N VAL K 328 -45.49 -15.95 52.01
CA VAL K 328 -46.33 -16.44 50.92
C VAL K 328 -47.51 -15.49 50.71
N GLY K 329 -47.52 -14.77 49.60
CA GLY K 329 -48.61 -13.87 49.32
C GLY K 329 -49.27 -14.18 47.99
N ILE K 330 -50.41 -13.55 47.76
CA ILE K 330 -51.16 -13.74 46.52
C ILE K 330 -51.77 -12.44 46.09
N ASN K 331 -52.21 -12.40 44.83
CA ASN K 331 -52.87 -11.23 44.32
C ASN K 331 -54.38 -11.45 44.24
N LYS K 332 -55.14 -10.37 44.48
CA LYS K 332 -56.60 -10.38 44.46
C LYS K 332 -57.21 -11.13 43.27
N GLN K 333 -56.75 -10.81 42.06
CA GLN K 333 -57.24 -11.49 40.84
C GLN K 333 -56.10 -12.17 40.12
N GLU K 334 -55.68 -13.32 40.63
CA GLU K 334 -54.59 -14.01 40.02
C GLU K 334 -54.88 -14.35 38.57
N PHE K 335 -56.05 -14.94 38.35
CA PHE K 335 -56.43 -15.35 37.03
C PHE K 335 -57.15 -14.20 36.33
N GLY K 336 -56.81 -12.99 36.75
CA GLY K 336 -57.41 -11.78 36.20
C GLY K 336 -57.38 -11.60 34.70
N TRP K 337 -56.24 -11.18 34.16
CA TRP K 337 -56.13 -10.96 32.73
C TRP K 337 -54.93 -11.65 32.10
N LEU K 338 -53.76 -11.45 32.72
CA LEU K 338 -52.50 -11.99 32.21
C LEU K 338 -52.49 -13.44 31.79
N ILE K 339 -52.59 -14.36 32.74
CA ILE K 339 -52.53 -15.76 32.40
C ILE K 339 -53.48 -16.14 31.28
N PRO K 340 -54.78 -15.90 31.46
CA PRO K 340 -55.69 -16.27 30.38
C PRO K 340 -55.27 -15.68 29.05
N MET K 341 -54.88 -14.40 29.07
CA MET K 341 -54.47 -13.66 27.87
C MET K 341 -53.54 -14.44 26.97
N LEU K 342 -52.54 -15.07 27.56
CA LEU K 342 -51.57 -15.81 26.79
C LEU K 342 -52.06 -17.20 26.44
N MET K 343 -52.59 -17.93 27.43
CA MET K 343 -53.09 -19.28 27.22
C MET K 343 -54.21 -19.33 26.20
N SER K 344 -54.67 -18.16 25.77
CA SER K 344 -55.75 -18.05 24.80
C SER K 344 -57.03 -18.68 25.34
N TYR K 345 -57.44 -18.23 26.52
CA TYR K 345 -58.63 -18.74 27.15
C TYR K 345 -59.86 -18.28 26.38
N PRO K 346 -60.89 -19.15 26.26
CA PRO K 346 -62.16 -18.92 25.57
C PRO K 346 -63.03 -17.79 26.14
N LEU K 347 -62.40 -16.82 26.81
CA LEU K 347 -63.10 -15.69 27.40
C LEU K 347 -63.23 -14.52 26.43
N SER K 348 -63.86 -14.77 25.30
CA SER K 348 -64.06 -13.76 24.27
C SER K 348 -65.49 -13.22 24.22
N GLU K 349 -66.45 -14.06 24.58
CA GLU K 349 -67.87 -13.67 24.59
C GLU K 349 -68.13 -12.55 25.60
N GLY K 350 -67.33 -12.50 26.66
CA GLY K 350 -67.51 -11.46 27.66
C GLY K 350 -68.34 -11.93 28.84
N GLN K 351 -69.11 -13.00 28.64
CA GLN K 351 -69.97 -13.58 29.68
C GLN K 351 -69.83 -15.10 29.69
N LEU K 352 -70.47 -15.75 30.68
CA LEU K 352 -70.40 -17.20 30.77
C LEU K 352 -71.60 -17.74 31.55
N ASP K 353 -72.14 -18.86 31.08
CA ASP K 353 -73.28 -19.48 31.73
C ASP K 353 -72.92 -20.79 32.43
N GLN K 354 -73.90 -21.34 33.14
CA GLN K 354 -73.71 -22.58 33.87
C GLN K 354 -73.27 -23.75 33.00
N LYS K 355 -74.05 -24.04 31.97
CA LYS K 355 -73.77 -25.15 31.04
C LYS K 355 -72.40 -25.03 30.35
N THR K 356 -71.97 -23.78 30.08
CA THR K 356 -70.69 -23.51 29.44
C THR K 356 -69.57 -23.38 30.48
N ALA K 357 -69.96 -23.11 31.72
CA ALA K 357 -69.01 -22.99 32.82
C ALA K 357 -68.36 -24.34 33.18
N MET K 358 -69.18 -25.35 33.46
CA MET K 358 -68.66 -26.68 33.81
C MET K 358 -67.90 -27.26 32.62
N SER K 359 -68.47 -27.06 31.44
CA SER K 359 -67.87 -27.54 30.20
C SER K 359 -66.46 -26.97 30.09
N LEU K 360 -66.24 -25.82 30.73
CA LEU K 360 -64.96 -25.15 30.69
C LEU K 360 -64.04 -25.66 31.79
N LEU K 361 -64.47 -25.47 33.05
CA LEU K 361 -63.69 -25.91 34.20
C LEU K 361 -63.17 -27.33 34.04
N TRP K 362 -63.84 -28.08 33.17
CA TRP K 362 -63.47 -29.45 32.87
C TRP K 362 -62.30 -29.41 31.92
N LYS K 363 -62.43 -28.66 30.84
CA LYS K 363 -61.36 -28.57 29.89
C LYS K 363 -60.19 -27.82 30.50
N SER K 364 -60.29 -27.53 31.79
CA SER K 364 -59.24 -26.80 32.46
C SER K 364 -58.45 -27.71 33.39
N TYR K 365 -58.60 -29.02 33.18
CA TYR K 365 -57.95 -30.04 34.02
C TYR K 365 -56.46 -29.79 34.22
N PRO K 366 -55.72 -29.65 33.13
CA PRO K 366 -54.28 -29.42 33.27
C PRO K 366 -53.93 -28.07 33.92
N LEU K 367 -54.95 -27.41 34.48
CA LEU K 367 -54.78 -26.10 35.12
C LEU K 367 -55.26 -26.09 36.57
N VAL K 368 -56.41 -26.72 36.80
CA VAL K 368 -56.96 -26.77 38.15
C VAL K 368 -56.97 -28.21 38.67
N CYS K 369 -57.20 -29.16 37.77
CA CYS K 369 -57.23 -30.59 38.11
C CYS K 369 -58.42 -30.92 39.01
N ILE K 370 -59.60 -30.93 38.43
CA ILE K 370 -60.82 -31.22 39.17
C ILE K 370 -61.68 -32.20 38.37
N ALA K 371 -61.79 -33.43 38.86
CA ALA K 371 -62.60 -34.46 38.18
C ALA K 371 -63.96 -33.89 37.78
N LYS K 372 -64.43 -34.28 36.60
CA LYS K 372 -65.71 -33.80 36.07
C LYS K 372 -66.94 -34.18 36.91
N GLU K 373 -66.77 -35.19 37.76
CA GLU K 373 -67.87 -35.65 38.60
C GLU K 373 -68.12 -34.66 39.73
N LEU K 374 -67.17 -33.76 39.95
CA LEU K 374 -67.25 -32.75 41.00
C LEU K 374 -67.45 -31.36 40.44
N ILE K 375 -67.06 -31.18 39.19
CA ILE K 375 -67.15 -29.90 38.52
C ILE K 375 -68.45 -29.17 38.85
N PRO K 376 -69.58 -29.84 38.68
CA PRO K 376 -70.87 -29.22 38.96
C PRO K 376 -70.92 -28.58 40.36
N GLU K 377 -70.40 -29.31 41.33
CA GLU K 377 -70.37 -28.83 42.71
C GLU K 377 -69.70 -27.49 42.84
N ALA K 378 -68.38 -27.47 42.65
CA ALA K 378 -67.63 -26.24 42.76
C ALA K 378 -68.27 -25.11 41.96
N THR K 379 -68.51 -25.34 40.67
CA THR K 379 -69.11 -24.31 39.83
C THR K 379 -70.37 -23.72 40.48
N GLU K 380 -71.12 -24.55 41.19
CA GLU K 380 -72.34 -24.11 41.88
C GLU K 380 -72.03 -23.16 43.04
N LYS K 381 -71.04 -23.53 43.86
CA LYS K 381 -70.67 -22.71 45.00
C LYS K 381 -70.35 -21.28 44.57
N TYR K 382 -69.50 -21.12 43.57
CA TYR K 382 -69.11 -19.79 43.12
C TYR K 382 -70.10 -19.05 42.23
N LEU K 383 -70.39 -19.60 41.05
CA LEU K 383 -71.31 -18.99 40.10
C LEU K 383 -72.81 -19.22 40.36
N GLY K 384 -73.13 -19.91 41.45
CA GLY K 384 -74.53 -20.16 41.75
C GLY K 384 -75.26 -18.91 42.22
N GLY K 385 -74.48 -17.89 42.60
CA GLY K 385 -75.06 -16.65 43.08
C GLY K 385 -75.84 -15.90 42.02
N THR K 386 -75.51 -14.63 41.83
CA THR K 386 -76.19 -13.79 40.86
C THR K 386 -76.53 -14.56 39.57
N ASP K 387 -77.61 -14.13 38.92
CA ASP K 387 -78.07 -14.75 37.69
C ASP K 387 -77.66 -13.91 36.47
N ASP K 388 -76.46 -13.32 36.52
CA ASP K 388 -75.92 -12.49 35.43
C ASP K 388 -74.78 -13.22 34.70
N THR K 389 -74.77 -13.14 33.38
CA THR K 389 -73.74 -13.79 32.57
C THR K 389 -72.35 -13.14 32.64
N VAL K 390 -72.30 -11.87 33.06
CA VAL K 390 -71.03 -11.15 33.18
C VAL K 390 -70.38 -11.49 34.51
N LYS K 391 -71.08 -11.21 35.60
CA LYS K 391 -70.54 -11.49 36.94
C LYS K 391 -70.04 -12.93 37.02
N LYS K 392 -70.70 -13.85 36.32
CA LYS K 392 -70.32 -15.26 36.31
C LYS K 392 -68.89 -15.39 35.81
N LYS K 393 -68.58 -14.73 34.70
CA LYS K 393 -67.23 -14.80 34.16
C LYS K 393 -66.26 -14.46 35.28
N ASP K 394 -66.35 -13.24 35.79
CA ASP K 394 -65.49 -12.82 36.87
C ASP K 394 -65.40 -13.89 37.97
N LEU K 395 -66.53 -14.48 38.32
CA LEU K 395 -66.53 -15.50 39.34
C LEU K 395 -65.77 -16.71 38.88
N PHE K 396 -66.02 -17.16 37.65
CA PHE K 396 -65.31 -18.32 37.13
C PHE K 396 -63.80 -18.06 37.19
N LEU K 397 -63.41 -16.79 37.08
CA LEU K 397 -62.01 -16.43 37.14
C LEU K 397 -61.48 -16.57 38.57
N ASP K 398 -62.16 -15.93 39.53
CA ASP K 398 -61.74 -16.03 40.91
C ASP K 398 -61.80 -17.51 41.28
N LEU K 399 -62.67 -18.25 40.61
CA LEU K 399 -62.81 -19.68 40.87
C LEU K 399 -61.51 -20.39 40.52
N ILE K 400 -60.95 -20.08 39.36
CA ILE K 400 -59.72 -20.70 38.96
C ILE K 400 -58.60 -20.23 39.87
N ALA K 401 -58.54 -18.92 40.09
CA ALA K 401 -57.51 -18.31 40.93
C ALA K 401 -57.41 -18.90 42.34
N ASP K 402 -58.55 -19.20 42.95
CA ASP K 402 -58.56 -19.79 44.27
C ASP K 402 -57.86 -21.17 44.29
N VAL K 403 -57.98 -21.93 43.20
CA VAL K 403 -57.38 -23.25 43.13
C VAL K 403 -55.94 -23.22 42.66
N MET K 404 -55.56 -22.16 41.96
CA MET K 404 -54.19 -22.07 41.47
C MET K 404 -53.25 -21.54 42.52
N PHE K 405 -53.67 -20.45 43.18
CA PHE K 405 -52.87 -19.79 44.20
C PHE K 405 -53.56 -19.64 45.58
N GLY K 406 -54.82 -19.20 45.56
CA GLY K 406 -55.59 -19.01 46.78
C GLY K 406 -55.41 -20.05 47.89
N VAL K 407 -56.12 -21.16 47.80
CA VAL K 407 -56.01 -22.21 48.81
C VAL K 407 -54.58 -22.78 48.97
N PRO K 408 -53.90 -23.12 47.86
CA PRO K 408 -52.54 -23.68 47.90
C PRO K 408 -51.58 -22.86 48.71
N SER K 409 -51.64 -21.54 48.55
CA SER K 409 -50.77 -20.64 49.29
C SER K 409 -51.16 -20.58 50.74
N VAL K 410 -52.43 -20.35 51.01
CA VAL K 410 -52.91 -20.28 52.39
C VAL K 410 -52.61 -21.56 53.17
N ILE K 411 -52.67 -22.71 52.49
CA ILE K 411 -52.38 -23.96 53.14
C ILE K 411 -50.91 -24.03 53.48
N VAL K 412 -50.07 -23.70 52.50
CA VAL K 412 -48.64 -23.74 52.70
C VAL K 412 -48.29 -22.90 53.90
N ALA K 413 -48.81 -21.68 53.92
CA ALA K 413 -48.57 -20.77 55.01
C ALA K 413 -48.95 -21.40 56.33
N ARG K 414 -50.16 -21.93 56.42
CA ARG K 414 -50.63 -22.52 57.67
C ARG K 414 -49.68 -23.60 58.17
N ASN K 415 -49.30 -24.50 57.29
CA ASN K 415 -48.39 -25.58 57.68
C ASN K 415 -47.05 -25.02 58.12
N HIS K 416 -46.56 -23.99 57.43
CA HIS K 416 -45.32 -23.39 57.81
C HIS K 416 -45.45 -22.82 59.23
N ARG K 417 -46.64 -22.32 59.57
CA ARG K 417 -46.93 -21.75 60.89
C ARG K 417 -47.00 -22.84 61.94
N ASP K 418 -47.58 -23.97 61.57
CA ASP K 418 -47.74 -25.09 62.48
C ASP K 418 -46.39 -25.73 62.81
N ALA K 419 -45.39 -25.48 61.97
CA ALA K 419 -44.06 -26.04 62.18
C ALA K 419 -43.33 -25.22 63.21
N GLY K 420 -43.97 -24.13 63.64
CA GLY K 420 -43.40 -23.24 64.64
C GLY K 420 -42.58 -22.09 64.06
N ALA K 421 -42.34 -22.15 62.75
CA ALA K 421 -41.55 -21.15 62.07
C ALA K 421 -42.30 -19.85 61.77
N PRO K 422 -41.60 -18.71 61.81
CA PRO K 422 -42.19 -17.40 61.54
C PRO K 422 -42.90 -17.44 60.20
N THR K 423 -44.10 -16.88 60.10
CA THR K 423 -44.78 -16.89 58.80
C THR K 423 -45.49 -15.55 58.57
N TYR K 424 -45.59 -15.12 57.32
CA TYR K 424 -46.26 -13.87 56.98
C TYR K 424 -47.04 -14.03 55.67
N MET K 425 -48.19 -13.39 55.55
CA MET K 425 -48.97 -13.47 54.32
C MET K 425 -49.41 -12.09 53.87
N TYR K 426 -49.62 -11.93 52.57
CA TYR K 426 -50.03 -10.66 52.03
C TYR K 426 -50.95 -10.85 50.84
N GLU K 427 -51.83 -9.89 50.60
CA GLU K 427 -52.73 -9.96 49.47
C GLU K 427 -52.63 -8.61 48.74
N PHE K 428 -52.06 -8.63 47.53
CA PHE K 428 -51.88 -7.41 46.75
C PHE K 428 -53.19 -7.01 46.09
N GLN K 429 -53.52 -5.73 46.22
CA GLN K 429 -54.77 -5.18 45.67
C GLN K 429 -54.53 -3.86 44.99
N TYR K 430 -53.75 -3.87 43.91
CA TYR K 430 -53.49 -2.63 43.20
C TYR K 430 -53.43 -2.86 41.69
N ARG K 431 -53.51 -1.76 40.91
CA ARG K 431 -53.47 -1.86 39.46
C ARG K 431 -52.49 -0.87 38.91
N PRO K 432 -51.30 -1.32 38.52
CA PRO K 432 -50.28 -0.43 37.99
C PRO K 432 -50.66 0.31 36.69
N SER K 433 -50.00 1.43 36.44
CA SER K 433 -50.23 2.24 35.26
C SER K 433 -49.42 1.74 34.05
N PHE K 434 -48.47 0.84 34.31
CA PHE K 434 -47.63 0.30 33.25
C PHE K 434 -48.16 -1.03 32.76
N SER K 435 -49.48 -1.09 32.57
CA SER K 435 -50.13 -2.30 32.08
C SER K 435 -50.42 -2.16 30.55
N SER K 436 -50.83 -3.26 29.93
CA SER K 436 -51.14 -3.24 28.50
C SER K 436 -52.46 -2.50 28.29
N ASP K 437 -52.59 -1.84 27.14
CA ASP K 437 -53.81 -1.10 26.82
C ASP K 437 -55.00 -2.05 26.70
N MET K 438 -54.73 -3.27 26.28
CA MET K 438 -55.78 -4.29 26.12
C MET K 438 -56.19 -4.90 27.47
N LYS K 439 -55.75 -4.28 28.56
CA LYS K 439 -56.09 -4.79 29.90
C LYS K 439 -57.25 -3.99 30.50
N PRO K 440 -58.34 -4.67 30.88
CA PRO K 440 -59.50 -4.00 31.47
C PRO K 440 -59.17 -3.28 32.75
N LYS K 441 -59.65 -2.03 32.84
CA LYS K 441 -59.41 -1.23 34.01
C LYS K 441 -60.25 -1.68 35.21
N THR K 442 -61.00 -2.76 35.04
CA THR K 442 -61.81 -3.25 36.14
C THR K 442 -61.12 -4.45 36.80
N VAL K 443 -59.81 -4.53 36.62
CA VAL K 443 -59.01 -5.61 37.19
C VAL K 443 -57.89 -5.07 38.09
N ILE K 444 -58.09 -5.21 39.40
CA ILE K 444 -57.12 -4.76 40.42
C ILE K 444 -56.43 -5.98 41.05
N GLY K 445 -55.10 -5.97 41.10
CA GLY K 445 -54.38 -7.09 41.70
C GLY K 445 -54.31 -8.30 40.78
N ASP K 446 -53.81 -8.09 39.58
CA ASP K 446 -53.69 -9.16 38.61
C ASP K 446 -52.40 -9.92 38.86
N HIS K 447 -52.18 -11.01 38.13
CA HIS K 447 -50.98 -11.82 38.28
C HIS K 447 -49.75 -11.00 37.87
N GLY K 448 -48.74 -11.00 38.74
CA GLY K 448 -47.51 -10.29 38.47
C GLY K 448 -47.59 -8.78 38.67
N ASP K 449 -48.74 -8.27 39.03
CA ASP K 449 -48.89 -6.84 39.20
C ASP K 449 -48.10 -6.34 40.40
N GLU K 450 -47.88 -7.21 41.38
CA GLU K 450 -47.14 -6.77 42.55
C GLU K 450 -45.67 -6.59 42.20
N LEU K 451 -45.24 -7.16 41.08
CA LEU K 451 -43.84 -7.08 40.66
C LEU K 451 -43.32 -5.67 40.51
N PHE K 452 -44.09 -4.78 39.91
CA PHE K 452 -43.61 -3.42 39.71
C PHE K 452 -43.33 -2.71 41.00
N SER K 453 -44.16 -3.02 41.99
CA SER K 453 -44.02 -2.38 43.29
C SER K 453 -42.75 -2.89 43.94
N VAL K 454 -42.57 -4.21 43.92
CA VAL K 454 -41.39 -4.87 44.48
C VAL K 454 -40.07 -4.40 43.85
N PHE K 455 -40.02 -4.38 42.53
CA PHE K 455 -38.82 -3.92 41.85
C PHE K 455 -38.78 -2.43 41.55
N GLY K 456 -39.58 -1.67 42.31
CA GLY K 456 -39.64 -0.23 42.17
C GLY K 456 -39.62 0.24 40.74
N ALA K 457 -40.61 -0.19 39.97
CA ALA K 457 -40.68 0.20 38.59
C ALA K 457 -40.91 1.70 38.45
N PRO K 458 -41.79 2.30 39.28
CA PRO K 458 -42.05 3.73 39.19
C PRO K 458 -40.80 4.57 39.10
N PHE K 459 -39.66 4.04 39.56
CA PHE K 459 -38.46 4.84 39.50
C PHE K 459 -37.62 4.61 38.27
N LEU K 460 -38.05 3.72 37.39
CA LEU K 460 -37.33 3.42 36.15
C LEU K 460 -38.25 3.67 34.95
N LYS K 461 -39.55 3.44 35.15
CA LYS K 461 -40.54 3.65 34.10
C LYS K 461 -40.69 5.14 33.93
N GLU K 462 -41.90 5.59 33.58
CA GLU K 462 -42.13 7.00 33.39
C GLU K 462 -43.52 7.45 33.82
N GLY K 463 -43.56 8.68 34.37
CA GLY K 463 -44.79 9.29 34.84
C GLY K 463 -45.66 8.40 35.71
N ALA K 464 -45.29 8.23 36.97
CA ALA K 464 -46.09 7.42 37.85
C ALA K 464 -46.66 8.32 38.92
N SER K 465 -47.89 8.06 39.32
CA SER K 465 -48.56 8.86 40.36
C SER K 465 -47.87 8.74 41.71
N GLU K 466 -47.79 9.83 42.47
CA GLU K 466 -47.14 9.78 43.75
C GLU K 466 -47.73 8.68 44.61
N GLU K 467 -48.94 8.26 44.28
CA GLU K 467 -49.57 7.22 45.05
C GLU K 467 -48.92 5.87 44.74
N GLU K 468 -48.64 5.66 43.46
CA GLU K 468 -48.04 4.43 42.96
C GLU K 468 -46.55 4.40 43.27
N ILE K 469 -46.07 5.51 43.79
CA ILE K 469 -44.68 5.60 44.16
C ILE K 469 -44.64 5.33 45.67
N ARG K 470 -45.64 5.82 46.38
CA ARG K 470 -45.69 5.60 47.81
C ARG K 470 -45.86 4.10 48.05
N LEU K 471 -46.39 3.38 47.07
CA LEU K 471 -46.62 1.94 47.22
C LEU K 471 -45.37 1.15 46.96
N SER K 472 -44.57 1.62 46.03
CA SER K 472 -43.34 0.92 45.72
C SER K 472 -42.39 0.98 46.91
N LYS K 473 -42.09 2.19 47.38
CA LYS K 473 -41.18 2.38 48.51
C LYS K 473 -41.59 1.51 49.67
N MET K 474 -42.88 1.52 49.96
CA MET K 474 -43.49 0.77 51.05
C MET K 474 -43.24 -0.72 50.93
N VAL K 475 -43.62 -1.29 49.79
CA VAL K 475 -43.42 -2.72 49.53
C VAL K 475 -41.94 -3.07 49.63
N MET K 476 -41.11 -2.30 48.92
CA MET K 476 -39.68 -2.49 48.97
C MET K 476 -39.21 -2.40 50.44
N LYS K 477 -39.83 -1.54 51.27
CA LYS K 477 -39.41 -1.48 52.65
C LYS K 477 -39.70 -2.83 53.26
N PHE K 478 -40.96 -3.25 53.21
CA PHE K 478 -41.36 -4.54 53.75
C PHE K 478 -40.45 -5.67 53.29
N TRP K 479 -40.25 -5.79 51.99
CA TRP K 479 -39.42 -6.83 51.43
C TRP K 479 -37.98 -6.70 51.99
N ALA K 480 -37.41 -5.52 51.92
CA ALA K 480 -36.07 -5.36 52.44
C ALA K 480 -35.98 -5.65 53.94
N ASN K 481 -36.88 -5.13 54.74
CA ASN K 481 -36.81 -5.40 56.16
C ASN K 481 -36.89 -6.90 56.47
N PHE K 482 -37.66 -7.61 55.66
CA PHE K 482 -37.82 -9.06 55.84
C PHE K 482 -36.46 -9.67 55.63
N ALA K 483 -35.89 -9.41 54.45
CA ALA K 483 -34.56 -9.90 54.10
C ALA K 483 -33.51 -9.56 55.16
N ARG K 484 -33.80 -8.53 55.94
CA ARG K 484 -32.91 -8.11 56.99
C ARG K 484 -33.14 -8.82 58.29
N ASN K 485 -34.31 -8.59 58.89
CA ASN K 485 -34.64 -9.18 60.20
C ASN K 485 -35.55 -10.44 60.16
N GLY K 486 -36.15 -10.73 59.01
CA GLY K 486 -37.06 -11.86 58.91
C GLY K 486 -38.48 -11.42 59.27
N ASN K 487 -38.61 -10.14 59.58
CA ASN K 487 -39.87 -9.53 59.96
C ASN K 487 -39.91 -8.26 59.13
N PRO K 488 -41.01 -8.06 58.36
CA PRO K 488 -41.26 -6.92 57.49
C PRO K 488 -41.37 -5.58 58.20
N ASN K 489 -42.10 -5.58 59.30
CA ASN K 489 -42.35 -4.38 60.07
C ASN K 489 -41.10 -3.61 60.40
N GLY K 490 -41.27 -2.30 60.38
CA GLY K 490 -40.19 -1.35 60.66
C GLY K 490 -40.82 0.00 60.98
N GLU K 491 -40.10 1.06 60.65
CA GLU K 491 -40.56 2.41 60.91
C GLU K 491 -41.31 2.99 59.74
N GLY K 492 -42.27 3.83 60.05
CA GLY K 492 -43.06 4.48 59.01
C GLY K 492 -43.77 3.49 58.10
N LEU K 493 -44.24 2.39 58.69
CA LEU K 493 -44.91 1.36 57.94
C LEU K 493 -46.03 0.85 58.78
N PRO K 494 -47.17 0.53 58.18
CA PRO K 494 -48.33 0.00 58.92
C PRO K 494 -47.91 -1.27 59.65
N HIS K 495 -48.80 -1.88 60.41
CA HIS K 495 -48.39 -3.11 61.09
C HIS K 495 -48.82 -4.31 60.27
N TRP K 496 -47.92 -5.28 60.16
CA TRP K 496 -48.15 -6.47 59.40
C TRP K 496 -47.98 -7.58 60.40
N PRO K 497 -49.08 -8.16 60.87
CA PRO K 497 -49.11 -9.25 61.86
C PRO K 497 -48.52 -10.55 61.33
N GLU K 498 -48.04 -11.38 62.25
CA GLU K 498 -47.48 -12.65 61.88
C GLU K 498 -48.63 -13.63 61.65
N TYR K 499 -48.54 -14.40 60.59
CA TYR K 499 -49.59 -15.37 60.31
C TYR K 499 -49.57 -16.44 61.39
N ASN K 500 -50.05 -16.10 62.60
CA ASN K 500 -50.08 -17.06 63.70
C ASN K 500 -51.42 -17.76 63.80
N GLN K 501 -51.94 -17.92 65.01
CA GLN K 501 -53.22 -18.59 65.18
C GLN K 501 -54.40 -17.76 64.75
N LYS K 502 -54.25 -16.43 64.80
CA LYS K 502 -55.33 -15.52 64.39
C LYS K 502 -55.33 -15.46 62.87
N GLU K 503 -54.27 -15.98 62.27
CA GLU K 503 -54.11 -15.98 60.82
C GLU K 503 -54.25 -14.62 60.21
N GLY K 504 -53.50 -13.65 60.74
CA GLY K 504 -53.59 -12.31 60.20
C GLY K 504 -52.67 -12.08 59.02
N TYR K 505 -53.16 -11.42 57.97
CA TYR K 505 -52.34 -11.15 56.81
C TYR K 505 -52.33 -9.65 56.54
N LEU K 506 -51.77 -9.24 55.41
CA LEU K 506 -51.71 -7.82 55.10
C LEU K 506 -52.34 -7.47 53.74
N GLN K 507 -53.26 -6.51 53.77
CA GLN K 507 -53.90 -6.08 52.56
C GLN K 507 -53.07 -4.93 52.04
N ILE K 508 -52.28 -5.23 51.01
CA ILE K 508 -51.40 -4.22 50.40
C ILE K 508 -52.10 -3.52 49.25
N GLY K 509 -51.95 -2.20 49.18
CA GLY K 509 -52.57 -1.42 48.11
C GLY K 509 -52.49 0.08 48.40
N ALA K 510 -53.35 0.86 47.75
CA ALA K 510 -53.33 2.31 48.02
C ALA K 510 -53.73 2.50 49.48
N ASN K 511 -54.53 1.57 49.99
CA ASN K 511 -54.99 1.61 51.37
C ASN K 511 -54.48 0.39 52.14
N THR K 512 -53.15 0.27 52.29
CA THR K 512 -52.56 -0.87 52.98
C THR K 512 -53.00 -0.95 54.43
N GLN K 513 -53.47 -2.13 54.84
CA GLN K 513 -53.90 -2.36 56.21
C GLN K 513 -53.98 -3.86 56.52
N ALA K 514 -53.99 -4.21 57.80
CA ALA K 514 -54.05 -5.60 58.24
C ALA K 514 -55.42 -6.24 58.04
N ALA K 515 -55.52 -7.54 58.34
CA ALA K 515 -56.76 -8.30 58.24
C ALA K 515 -56.52 -9.69 58.76
N GLN K 516 -57.54 -10.54 58.71
CA GLN K 516 -57.41 -11.91 59.23
C GLN K 516 -58.11 -12.98 58.41
N LYS K 517 -57.61 -14.21 58.54
CA LYS K 517 -58.12 -15.39 57.83
C LYS K 517 -58.28 -15.16 56.32
N LEU K 518 -57.14 -15.18 55.65
CA LEU K 518 -57.07 -15.00 54.21
C LEU K 518 -57.50 -16.27 53.51
N LYS K 519 -58.49 -16.15 52.62
CA LYS K 519 -59.00 -17.29 51.87
C LYS K 519 -59.33 -18.46 52.78
N ASP K 520 -59.65 -18.19 54.04
CA ASP K 520 -60.00 -19.24 55.02
C ASP K 520 -61.32 -19.94 54.69
N LYS K 521 -62.31 -19.14 54.30
CA LYS K 521 -63.62 -19.65 53.94
C LYS K 521 -63.49 -20.64 52.76
N GLU K 522 -62.73 -20.26 51.74
CA GLU K 522 -62.53 -21.10 50.55
C GLU K 522 -61.80 -22.40 50.89
N VAL K 523 -60.64 -22.29 51.53
CA VAL K 523 -59.86 -23.45 51.91
C VAL K 523 -60.79 -24.55 52.41
N ALA K 524 -61.65 -24.20 53.35
CA ALA K 524 -62.59 -25.17 53.89
C ALA K 524 -63.25 -25.94 52.76
N PHE K 525 -63.96 -25.19 51.93
CA PHE K 525 -64.67 -25.76 50.81
C PHE K 525 -63.80 -26.67 49.95
N TRP K 526 -62.75 -26.11 49.37
CA TRP K 526 -61.86 -26.90 48.51
C TRP K 526 -61.21 -28.07 49.23
N THR K 527 -60.97 -27.95 50.52
CA THR K 527 -60.37 -29.06 51.21
C THR K 527 -61.48 -30.08 51.48
N ASN K 528 -62.73 -29.61 51.53
CA ASN K 528 -63.86 -30.49 51.78
C ASN K 528 -64.48 -31.12 50.54
N LEU K 529 -64.21 -30.57 49.35
CA LEU K 529 -64.91 -31.10 48.15
C LEU K 529 -63.82 -32.26 47.69
N PHE K 530 -62.40 -31.78 47.56
CA PHE K 530 -61.37 -32.68 47.07
C PHE K 530 -61.38 -34.01 47.82
N ALA K 531 -62.24 -34.12 48.82
CA ALA K 531 -62.33 -35.36 49.58
C ALA K 531 -62.94 -36.45 48.69
N LYS K 532 -63.76 -36.02 47.72
CA LYS K 532 -64.43 -36.93 46.77
C LYS K 532 -65.40 -37.88 47.48
N SER L 1 21.03 -58.09 15.42
CA SER L 1 20.36 -59.12 16.19
C SER L 1 18.92 -58.67 16.50
N SER L 2 18.41 -59.11 17.65
CA SER L 2 17.06 -58.74 18.06
C SER L 2 17.01 -57.25 18.29
N PRO L 3 16.03 -56.59 17.66
CA PRO L 3 15.84 -55.15 17.77
C PRO L 3 15.85 -54.67 19.22
N PRO L 4 16.10 -53.24 19.35
CA PRO L 4 16.42 -52.79 20.64
C PRO L 4 14.99 -52.68 21.33
N VAL L 5 14.80 -53.11 22.57
CA VAL L 5 13.52 -53.01 23.25
C VAL L 5 13.69 -52.23 24.54
N VAL L 6 13.52 -50.93 24.49
CA VAL L 6 13.67 -50.10 25.68
C VAL L 6 12.40 -50.11 26.50
N ASP L 7 12.57 -50.12 27.82
CA ASP L 7 11.45 -50.14 28.73
C ASP L 7 11.13 -48.71 29.16
N THR L 8 9.86 -48.35 29.08
CA THR L 8 9.42 -47.01 29.45
C THR L 8 8.26 -47.12 30.44
N VAL L 9 8.00 -46.01 31.12
CA VAL L 9 6.94 -45.95 32.12
C VAL L 9 5.61 -46.52 31.65
N HIS L 10 5.18 -46.10 30.46
CA HIS L 10 3.91 -46.56 29.96
C HIS L 10 4.00 -47.92 29.31
N GLY L 11 5.20 -48.45 29.13
CA GLY L 11 5.31 -49.76 28.52
C GLY L 11 6.61 -49.94 27.78
N LYS L 12 6.83 -51.12 27.19
CA LYS L 12 8.06 -51.41 26.44
C LYS L 12 7.93 -51.03 24.96
N VAL L 13 8.93 -50.34 24.44
CA VAL L 13 8.93 -49.91 23.06
C VAL L 13 9.92 -50.73 22.26
N LEU L 14 9.69 -50.89 20.96
CA LEU L 14 10.59 -51.64 20.09
C LEU L 14 10.99 -50.84 18.87
N GLY L 15 12.29 -50.64 18.67
CA GLY L 15 12.77 -49.90 17.52
C GLY L 15 13.75 -50.73 16.68
N LYS L 16 14.29 -50.15 15.61
CA LYS L 16 15.25 -50.87 14.79
C LYS L 16 16.62 -50.20 14.77
N PHE L 17 17.66 -50.99 14.54
CA PHE L 17 19.03 -50.49 14.50
C PHE L 17 19.39 -50.01 13.12
N VAL L 18 20.23 -48.99 13.07
CA VAL L 18 20.70 -48.42 11.81
C VAL L 18 22.19 -48.09 11.93
N SER L 19 22.98 -48.67 11.02
CA SER L 19 24.42 -48.44 11.03
C SER L 19 24.80 -47.33 10.06
N LEU L 20 25.57 -46.38 10.58
CA LEU L 20 26.03 -45.25 9.81
C LEU L 20 27.46 -45.44 9.35
N GLU L 21 27.80 -44.82 8.22
CA GLU L 21 29.13 -44.89 7.65
C GLU L 21 30.22 -44.43 8.63
N GLY L 22 31.07 -45.37 9.04
CA GLY L 22 32.16 -45.02 9.95
C GLY L 22 31.82 -45.09 11.42
N PHE L 23 30.87 -45.95 11.78
CA PHE L 23 30.48 -46.11 13.18
C PHE L 23 30.14 -47.56 13.46
N ALA L 24 30.95 -48.22 14.27
CA ALA L 24 30.71 -49.61 14.60
C ALA L 24 29.42 -49.75 15.44
N GLN L 25 29.18 -48.79 16.33
CA GLN L 25 27.98 -48.78 17.19
C GLN L 25 26.72 -48.30 16.45
N PRO L 26 25.83 -49.24 16.05
CA PRO L 26 24.60 -48.83 15.35
C PRO L 26 23.72 -47.95 16.24
N VAL L 27 23.02 -46.99 15.63
CA VAL L 27 22.17 -46.11 16.42
C VAL L 27 20.77 -46.69 16.51
N ALA L 28 20.21 -46.64 17.71
CA ALA L 28 18.86 -47.14 17.94
C ALA L 28 17.83 -46.06 17.53
N ILE L 29 16.90 -46.43 16.66
CA ILE L 29 15.87 -45.51 16.18
C ILE L 29 14.43 -45.92 16.53
N PHE L 30 13.72 -45.02 17.21
CA PHE L 30 12.33 -45.23 17.62
C PHE L 30 11.38 -44.17 17.01
N LEU L 31 10.47 -44.61 16.15
CA LEU L 31 9.55 -43.71 15.47
C LEU L 31 8.09 -43.82 15.88
N GLY L 32 7.57 -42.77 16.49
CA GLY L 32 6.17 -42.82 16.88
C GLY L 32 5.88 -43.22 18.31
N ILE L 33 6.71 -42.78 19.24
CA ILE L 33 6.48 -43.10 20.63
C ILE L 33 5.41 -42.12 21.12
N PRO L 34 4.21 -42.60 21.48
CA PRO L 34 3.14 -41.72 21.95
C PRO L 34 3.46 -41.08 23.27
N PHE L 35 3.57 -39.75 23.30
CA PHE L 35 3.90 -39.02 24.52
C PHE L 35 2.74 -38.33 25.16
N ALA L 36 1.57 -38.47 24.53
CA ALA L 36 0.35 -37.88 25.04
C ALA L 36 -0.83 -38.68 24.49
N LYS L 37 -1.98 -38.54 25.13
CA LYS L 37 -3.19 -39.23 24.71
C LYS L 37 -3.77 -38.47 23.53
N PRO L 38 -4.03 -39.18 22.40
CA PRO L 38 -4.60 -38.61 21.17
C PRO L 38 -5.67 -37.56 21.49
N PRO L 39 -5.42 -36.27 21.18
CA PRO L 39 -6.36 -35.16 21.43
C PRO L 39 -7.62 -35.15 20.56
N LEU L 40 -8.27 -36.31 20.51
CA LEU L 40 -9.50 -36.51 19.74
C LEU L 40 -10.74 -36.20 20.58
N GLY L 41 -11.86 -36.08 19.87
CA GLY L 41 -13.13 -35.77 20.49
C GLY L 41 -13.07 -34.60 21.45
N PRO L 42 -13.61 -34.79 22.68
CA PRO L 42 -13.65 -33.78 23.74
C PRO L 42 -12.28 -33.32 24.19
N LEU L 43 -11.24 -33.76 23.50
CA LEU L 43 -9.89 -33.32 23.85
C LEU L 43 -9.30 -32.32 22.84
N ARG L 44 -10.16 -31.84 21.95
CA ARG L 44 -9.76 -30.87 20.94
C ARG L 44 -9.85 -29.48 21.59
N PHE L 45 -8.75 -28.71 21.55
CA PHE L 45 -8.75 -27.38 22.15
C PHE L 45 -8.60 -27.51 23.67
N THR L 46 -7.75 -28.43 24.10
CA THR L 46 -7.57 -28.64 25.52
C THR L 46 -6.18 -29.22 25.73
N PRO L 47 -5.62 -29.01 26.92
CA PRO L 47 -4.30 -29.49 27.31
C PRO L 47 -4.20 -30.98 27.04
N PRO L 48 -3.00 -31.45 26.70
CA PRO L 48 -2.77 -32.88 26.42
C PRO L 48 -2.75 -33.69 27.67
N GLN L 49 -3.33 -34.88 27.60
CA GLN L 49 -3.36 -35.78 28.73
C GLN L 49 -2.39 -36.92 28.60
N PRO L 50 -1.82 -37.38 29.71
CA PRO L 50 -0.88 -38.47 29.64
C PRO L 50 -1.53 -39.61 28.88
N ALA L 51 -0.69 -40.39 28.17
CA ALA L 51 -1.13 -41.54 27.38
C ALA L 51 -1.35 -42.83 28.18
N GLU L 52 -2.44 -43.51 27.87
CA GLU L 52 -2.76 -44.74 28.55
C GLU L 52 -1.65 -45.73 28.29
N PRO L 53 -1.21 -46.45 29.33
CA PRO L 53 -0.14 -47.43 29.28
C PRO L 53 -0.55 -48.64 28.45
N TRP L 54 0.41 -49.45 28.02
CA TRP L 54 0.10 -50.60 27.20
C TRP L 54 0.68 -51.91 27.70
N SER L 55 0.12 -53.00 27.22
CA SER L 55 0.59 -54.31 27.67
C SER L 55 1.91 -54.75 27.03
N PHE L 56 1.87 -55.70 26.09
CA PHE L 56 3.05 -56.19 25.38
C PHE L 56 4.09 -55.15 24.96
N VAL L 57 4.82 -55.45 23.90
CA VAL L 57 5.91 -54.58 23.47
C VAL L 57 5.44 -53.73 22.22
N LYS L 58 5.54 -52.42 22.35
CA LYS L 58 5.04 -51.57 21.28
C LYS L 58 5.94 -51.37 20.07
N ASN L 59 5.56 -52.01 18.97
CA ASN L 59 6.30 -51.96 17.71
C ASN L 59 6.31 -50.53 17.20
N ALA L 60 7.30 -49.73 17.61
CA ALA L 60 7.37 -48.33 17.17
C ALA L 60 8.36 -48.18 16.03
N THR L 61 8.02 -48.75 14.88
CA THR L 61 8.94 -48.68 13.78
C THR L 61 8.33 -48.06 12.54
N SER L 62 7.37 -47.18 12.73
CA SER L 62 6.76 -46.52 11.59
C SER L 62 6.59 -45.03 11.86
N TYR L 63 6.96 -44.24 10.88
CA TYR L 63 6.84 -42.80 11.01
C TYR L 63 5.39 -42.42 11.34
N PRO L 64 5.19 -41.64 12.42
CA PRO L 64 3.86 -41.19 12.85
C PRO L 64 3.34 -40.16 11.90
N PRO L 65 1.99 -40.03 11.82
CA PRO L 65 1.23 -39.11 10.99
C PRO L 65 1.54 -37.71 11.47
N MET L 66 1.42 -36.72 10.60
CA MET L 66 1.70 -35.35 11.03
C MET L 66 0.40 -34.64 11.36
N CYS L 67 0.45 -33.72 12.31
CA CYS L 67 -0.78 -33.06 12.65
C CYS L 67 -1.48 -32.53 11.41
N THR L 68 -2.77 -32.37 11.52
CA THR L 68 -3.60 -31.89 10.43
C THR L 68 -3.11 -30.54 9.94
N GLN L 69 -2.86 -30.44 8.64
CA GLN L 69 -2.36 -29.19 8.09
C GLN L 69 -2.63 -29.20 6.62
N ASP L 70 -2.03 -28.24 5.93
CA ASP L 70 -2.18 -28.14 4.49
C ASP L 70 -1.28 -29.18 3.85
N PRO L 71 -1.84 -30.31 3.45
CA PRO L 71 -1.09 -31.41 2.83
C PRO L 71 -0.17 -31.07 1.68
N LYS L 72 -0.52 -30.01 0.95
CA LYS L 72 0.26 -29.57 -0.21
C LYS L 72 1.43 -28.72 0.27
N ALA L 73 1.20 -27.97 1.35
CA ALA L 73 2.21 -27.09 1.95
C ALA L 73 3.28 -27.90 2.72
N GLY L 74 2.82 -28.82 3.56
CA GLY L 74 3.72 -29.64 4.34
C GLY L 74 4.61 -30.53 3.51
N GLN L 75 4.06 -31.15 2.47
CA GLN L 75 4.86 -32.02 1.64
C GLN L 75 6.00 -31.19 1.03
N LEU L 76 5.70 -29.92 0.75
CA LEU L 76 6.69 -29.01 0.15
C LEU L 76 7.70 -28.52 1.16
N LEU L 77 7.21 -28.12 2.32
CA LEU L 77 8.07 -27.64 3.36
C LEU L 77 9.00 -28.78 3.83
N SER L 78 8.44 -29.98 3.95
CA SER L 78 9.20 -31.16 4.37
C SER L 78 10.22 -31.48 3.30
N GLU L 79 9.89 -31.09 2.07
CA GLU L 79 10.76 -31.32 0.93
C GLU L 79 11.99 -30.42 0.96
N LEU L 80 11.78 -29.14 1.28
CA LEU L 80 12.85 -28.17 1.31
C LEU L 80 13.68 -28.17 2.60
N PHE L 81 13.11 -28.69 3.67
CA PHE L 81 13.78 -28.70 4.97
C PHE L 81 14.42 -30.02 5.41
N THR L 82 14.09 -31.11 4.72
CA THR L 82 14.60 -32.44 5.03
C THR L 82 16.11 -32.49 5.12
N ASN L 83 16.64 -33.69 4.99
CA ASN L 83 18.07 -33.87 5.04
C ASN L 83 18.37 -35.31 4.74
N ARG L 84 17.41 -36.01 4.15
CA ARG L 84 17.62 -37.41 3.80
C ARG L 84 17.71 -37.55 2.29
N LYS L 85 18.15 -38.71 1.83
CA LYS L 85 18.24 -38.96 0.40
C LYS L 85 16.83 -38.86 -0.16
N GLU L 86 15.89 -39.54 0.50
CA GLU L 86 14.49 -39.55 0.06
C GLU L 86 13.62 -38.82 1.05
N ASN L 87 12.68 -38.03 0.55
CA ASN L 87 11.78 -37.36 1.44
C ASN L 87 10.67 -38.34 1.72
N ILE L 88 10.31 -38.48 2.99
CA ILE L 88 9.25 -39.39 3.40
C ILE L 88 7.90 -38.71 3.46
N PRO L 89 6.94 -39.22 2.69
CA PRO L 89 5.59 -38.65 2.67
C PRO L 89 4.83 -39.06 3.95
N LEU L 90 3.99 -38.16 4.46
CA LEU L 90 3.27 -38.48 5.65
C LEU L 90 1.78 -38.36 5.49
N LYS L 91 1.08 -38.84 6.52
CA LYS L 91 -0.38 -38.82 6.57
C LYS L 91 -0.80 -37.74 7.57
N LEU L 92 -2.02 -37.24 7.43
CA LEU L 92 -2.51 -36.22 8.34
C LEU L 92 -3.43 -36.91 9.31
N SER L 93 -3.65 -36.30 10.47
CA SER L 93 -4.52 -36.88 11.46
C SER L 93 -4.44 -36.05 12.72
N GLU L 94 -5.55 -36.00 13.47
CA GLU L 94 -5.59 -35.24 14.71
C GLU L 94 -4.68 -35.89 15.75
N ASP L 95 -4.49 -37.21 15.60
CA ASP L 95 -3.65 -38.06 16.47
C ASP L 95 -2.24 -37.98 15.94
N CYS L 96 -1.51 -37.01 16.43
CA CYS L 96 -0.16 -36.76 15.97
C CYS L 96 0.78 -36.47 17.11
N LEU L 97 0.28 -36.52 18.33
CA LEU L 97 1.18 -36.21 19.42
C LEU L 97 2.23 -37.25 19.65
N TYR L 98 3.17 -37.40 18.72
CA TYR L 98 4.26 -38.37 18.87
C TYR L 98 5.64 -37.72 18.95
N LEU L 99 6.66 -38.55 18.92
CA LEU L 99 8.05 -38.07 18.91
C LEU L 99 8.91 -39.24 18.51
N ASN L 100 10.12 -38.93 18.06
CA ASN L 100 11.06 -39.98 17.63
C ASN L 100 12.39 -39.84 18.33
N ILE L 101 13.01 -40.98 18.63
CA ILE L 101 14.29 -40.92 19.31
C ILE L 101 15.42 -41.57 18.52
N TYR L 102 16.61 -40.99 18.65
CA TYR L 102 17.82 -41.48 17.98
C TYR L 102 18.93 -41.50 19.03
N THR L 103 19.16 -42.65 19.64
CA THR L 103 20.19 -42.75 20.66
C THR L 103 21.38 -43.51 20.12
N PRO L 104 22.58 -42.93 20.24
CA PRO L 104 23.80 -43.57 19.76
C PRO L 104 24.52 -44.29 20.89
N ALA L 105 23.76 -44.57 21.94
CA ALA L 105 24.34 -45.24 23.10
C ALA L 105 24.04 -46.72 23.08
N ASP L 106 24.77 -47.48 23.91
CA ASP L 106 24.55 -48.93 24.01
C ASP L 106 23.48 -49.14 25.09
N LEU L 107 22.30 -49.57 24.65
CA LEU L 107 21.17 -49.77 25.54
C LEU L 107 21.41 -50.78 26.68
N THR L 108 22.23 -51.78 26.43
CA THR L 108 22.54 -52.81 27.44
C THR L 108 23.14 -52.17 28.69
N LYS L 109 24.09 -51.28 28.48
CA LYS L 109 24.76 -50.56 29.56
C LYS L 109 24.00 -49.27 29.94
N LYS L 110 24.27 -48.74 31.13
CA LYS L 110 23.58 -47.55 31.61
C LYS L 110 24.28 -46.28 31.14
N ASN L 111 23.75 -45.67 30.09
CA ASN L 111 24.32 -44.44 29.58
C ASN L 111 23.48 -43.28 30.06
N ARG L 112 24.03 -42.07 29.95
CA ARG L 112 23.33 -40.87 30.37
C ARG L 112 23.85 -39.67 29.58
N LEU L 113 23.73 -39.74 28.26
CA LEU L 113 24.19 -38.67 27.36
C LEU L 113 23.23 -37.50 27.37
N PRO L 114 23.71 -36.31 26.99
CA PRO L 114 22.86 -35.13 26.98
C PRO L 114 21.82 -35.30 25.88
N VAL L 115 20.62 -34.79 26.12
CA VAL L 115 19.54 -34.94 25.15
C VAL L 115 19.33 -33.66 24.38
N MET L 116 18.81 -33.81 23.17
CA MET L 116 18.54 -32.67 22.33
C MET L 116 17.20 -32.81 21.63
N VAL L 117 16.22 -32.08 22.15
CA VAL L 117 14.85 -32.07 21.65
C VAL L 117 14.68 -31.04 20.57
N TRP L 118 14.17 -31.44 19.43
CA TRP L 118 13.99 -30.51 18.33
C TRP L 118 12.54 -30.10 18.08
N ILE L 119 12.29 -28.79 18.04
CA ILE L 119 10.95 -28.29 17.80
C ILE L 119 10.95 -27.68 16.43
N HIS L 120 10.42 -28.41 15.45
CA HIS L 120 10.41 -27.95 14.06
C HIS L 120 9.56 -26.72 13.85
N GLY L 121 9.90 -26.02 12.77
CA GLY L 121 9.18 -24.81 12.41
C GLY L 121 7.93 -25.07 11.60
N GLY L 122 7.55 -24.11 10.77
CA GLY L 122 6.36 -24.24 9.96
C GLY L 122 5.31 -23.19 10.29
N GLY L 123 5.74 -22.12 10.97
CA GLY L 123 4.87 -21.00 11.37
C GLY L 123 3.74 -21.41 12.28
N LEU L 124 3.88 -22.54 12.94
CA LEU L 124 2.83 -23.04 13.80
C LEU L 124 1.59 -23.36 12.98
N MET L 125 1.76 -23.66 11.69
CA MET L 125 0.64 -23.97 10.80
C MET L 125 0.82 -25.30 10.10
N VAL L 126 2.08 -25.64 9.85
CA VAL L 126 2.43 -26.89 9.18
C VAL L 126 3.75 -27.47 9.72
N GLY L 127 4.14 -28.64 9.22
CA GLY L 127 5.36 -29.23 9.69
C GLY L 127 5.18 -30.56 10.41
N ALA L 128 6.28 -31.28 10.63
CA ALA L 128 6.27 -32.58 11.30
C ALA L 128 7.63 -32.83 11.91
N ALA L 129 7.85 -34.00 12.50
CA ALA L 129 9.14 -34.28 13.10
C ALA L 129 9.89 -35.32 12.28
N SER L 130 9.13 -36.22 11.68
CA SER L 130 9.68 -37.29 10.88
C SER L 130 10.60 -36.75 9.79
N THR L 131 10.35 -35.50 9.38
CA THR L 131 11.15 -34.82 8.35
C THR L 131 12.63 -34.66 8.70
N TYR L 132 12.91 -34.45 9.98
CA TYR L 132 14.29 -34.28 10.41
C TYR L 132 14.80 -35.60 10.95
N ASP L 133 15.76 -36.18 10.22
CA ASP L 133 16.38 -37.43 10.58
C ASP L 133 17.54 -37.10 11.50
N GLY L 134 17.56 -37.69 12.69
CA GLY L 134 18.65 -37.40 13.62
C GLY L 134 19.87 -38.30 13.51
N LEU L 135 19.71 -39.44 12.84
CA LEU L 135 20.78 -40.43 12.68
C LEU L 135 22.18 -39.85 12.73
N ALA L 136 22.42 -38.91 11.83
CA ALA L 136 23.70 -38.26 11.73
C ALA L 136 24.12 -37.51 12.99
N LEU L 137 23.41 -36.45 13.38
CA LEU L 137 23.81 -35.71 14.57
C LEU L 137 23.99 -36.62 15.80
N ALA L 138 23.14 -37.65 15.91
CA ALA L 138 23.20 -38.59 17.02
C ALA L 138 24.56 -39.29 17.08
N ALA L 139 24.84 -40.13 16.09
CA ALA L 139 26.10 -40.85 16.03
C ALA L 139 27.34 -39.94 15.96
N HIS L 140 27.37 -39.05 14.97
CA HIS L 140 28.51 -38.13 14.79
C HIS L 140 28.89 -37.32 16.01
N GLU L 141 27.92 -36.97 16.87
CA GLU L 141 28.22 -36.16 18.06
C GLU L 141 27.85 -36.80 19.39
N ASN L 142 27.48 -38.06 19.33
CA ASN L 142 27.14 -38.86 20.51
C ASN L 142 26.19 -38.10 21.42
N VAL L 143 24.99 -37.87 20.91
CA VAL L 143 23.92 -37.19 21.65
C VAL L 143 22.61 -37.84 21.27
N VAL L 144 21.64 -37.73 22.17
CA VAL L 144 20.32 -38.29 21.91
C VAL L 144 19.49 -37.24 21.21
N VAL L 145 19.19 -37.49 19.96
CA VAL L 145 18.40 -36.54 19.24
C VAL L 145 16.95 -36.96 19.35
N VAL L 146 16.13 -36.04 19.82
CA VAL L 146 14.72 -36.31 19.98
C VAL L 146 13.87 -35.29 19.24
N THR L 147 13.10 -35.75 18.27
CA THR L 147 12.25 -34.85 17.52
C THR L 147 10.80 -35.08 17.96
N ILE L 148 10.09 -33.99 18.25
CA ILE L 148 8.70 -34.04 18.71
C ILE L 148 7.69 -33.48 17.70
N GLN L 149 6.41 -33.54 18.04
CA GLN L 149 5.36 -32.98 17.18
C GLN L 149 4.35 -32.34 18.13
N TYR L 150 3.63 -31.34 17.63
CA TYR L 150 2.63 -30.62 18.43
C TYR L 150 1.50 -30.17 17.53
N ARG L 151 0.33 -30.02 18.11
CA ARG L 151 -0.85 -29.61 17.35
C ARG L 151 -0.60 -28.30 16.66
N LEU L 152 -0.99 -28.24 15.39
CA LEU L 152 -0.78 -27.07 14.55
C LEU L 152 -2.07 -26.44 14.09
N GLY L 153 -1.95 -25.29 13.43
CA GLY L 153 -3.10 -24.57 12.91
C GLY L 153 -4.19 -24.39 13.93
N ILE L 154 -5.45 -24.52 13.48
CA ILE L 154 -6.59 -24.37 14.37
C ILE L 154 -6.57 -25.39 15.52
N TRP L 155 -6.09 -26.57 15.24
CA TRP L 155 -6.00 -27.61 16.24
C TRP L 155 -5.02 -27.31 17.37
N GLY L 156 -4.21 -26.27 17.18
CA GLY L 156 -3.22 -25.94 18.19
C GLY L 156 -3.27 -24.56 18.80
N PHE L 157 -3.96 -23.63 18.17
CA PHE L 157 -4.00 -22.27 18.71
C PHE L 157 -5.33 -21.53 18.63
N PHE L 158 -6.44 -22.26 18.53
CA PHE L 158 -7.74 -21.63 18.44
C PHE L 158 -8.19 -21.11 19.78
N SER L 159 -7.82 -19.89 20.15
CA SER L 159 -8.24 -19.36 21.45
C SER L 159 -9.36 -18.35 21.31
N THR L 160 -10.33 -18.41 22.22
CA THR L 160 -11.42 -17.46 22.15
C THR L 160 -11.14 -16.30 23.08
N GLY L 161 -10.02 -16.34 23.78
CA GLY L 161 -9.70 -15.26 24.69
C GLY L 161 -10.06 -15.54 26.13
N ASP L 162 -11.20 -16.19 26.38
CA ASP L 162 -11.55 -16.48 27.75
C ASP L 162 -11.20 -17.93 28.13
N GLU L 163 -11.71 -18.39 29.27
CA GLU L 163 -11.42 -19.74 29.78
C GLU L 163 -12.11 -20.91 29.11
N HIS L 164 -12.75 -20.69 27.97
CA HIS L 164 -13.43 -21.78 27.28
C HIS L 164 -12.62 -22.25 26.12
N SER L 165 -11.32 -21.90 26.11
CA SER L 165 -10.37 -22.26 25.05
C SER L 165 -9.21 -21.24 25.08
N ARG L 166 -8.46 -21.22 26.18
CA ARG L 166 -7.36 -20.29 26.34
C ARG L 166 -6.37 -20.29 25.20
N GLY L 167 -6.20 -21.44 24.57
CA GLY L 167 -5.28 -21.55 23.45
C GLY L 167 -3.90 -22.08 23.80
N ASN L 168 -2.98 -21.92 22.85
CA ASN L 168 -1.59 -22.35 22.93
C ASN L 168 -1.47 -23.85 23.10
N TRP L 169 -2.45 -24.58 22.60
CA TRP L 169 -2.42 -26.02 22.73
C TRP L 169 -1.10 -26.62 22.22
N GLY L 170 -0.63 -26.12 21.06
CA GLY L 170 0.59 -26.59 20.45
C GLY L 170 1.77 -26.48 21.40
N HIS L 171 1.88 -25.34 22.07
CA HIS L 171 2.95 -25.09 23.06
C HIS L 171 2.78 -25.92 24.33
N LEU L 172 1.53 -26.22 24.69
CA LEU L 172 1.29 -27.08 25.84
C LEU L 172 1.68 -28.51 25.44
N ASP L 173 1.53 -28.87 24.16
CA ASP L 173 1.95 -30.20 23.71
C ASP L 173 3.50 -30.30 23.71
N GLN L 174 4.14 -29.17 23.45
CA GLN L 174 5.58 -29.11 23.45
C GLN L 174 6.05 -29.31 24.88
N VAL L 175 5.38 -28.67 25.82
CA VAL L 175 5.79 -28.83 27.22
C VAL L 175 5.61 -30.28 27.64
N ALA L 176 4.56 -30.91 27.15
CA ALA L 176 4.28 -32.29 27.48
C ALA L 176 5.29 -33.25 26.89
N ALA L 177 5.87 -32.86 25.75
CA ALA L 177 6.89 -33.70 25.16
C ALA L 177 8.08 -33.61 26.12
N LEU L 178 8.45 -32.39 26.50
CA LEU L 178 9.53 -32.18 27.43
C LEU L 178 9.33 -32.91 28.76
N ARG L 179 8.08 -33.08 29.19
CA ARG L 179 7.85 -33.81 30.43
C ARG L 179 8.14 -35.28 30.21
N TRP L 180 7.70 -35.82 29.08
CA TRP L 180 7.89 -37.23 28.73
C TRP L 180 9.37 -37.57 28.72
N VAL L 181 10.14 -36.65 28.16
CA VAL L 181 11.59 -36.77 28.07
C VAL L 181 12.16 -36.79 29.49
N GLN L 182 11.55 -36.01 30.39
CA GLN L 182 12.01 -35.95 31.78
C GLN L 182 11.98 -37.30 32.46
N ASP L 183 10.83 -37.95 32.49
CA ASP L 183 10.79 -39.22 33.17
C ASP L 183 10.76 -40.41 32.22
N ASN L 184 11.65 -40.41 31.25
CA ASN L 184 11.68 -41.52 30.30
C ASN L 184 13.00 -41.68 29.58
N ILE L 185 13.53 -40.56 29.11
CA ILE L 185 14.75 -40.55 28.33
C ILE L 185 15.92 -41.26 28.98
N ALA L 186 15.81 -41.49 30.29
CA ALA L 186 16.88 -42.17 31.03
C ALA L 186 16.96 -43.63 30.60
N SER L 187 15.92 -44.11 29.91
CA SER L 187 15.90 -45.49 29.45
C SER L 187 16.49 -45.59 28.03
N PHE L 188 16.60 -44.45 27.34
CA PHE L 188 17.15 -44.43 26.00
C PHE L 188 18.60 -44.03 25.98
N GLY L 189 19.19 -44.04 27.17
CA GLY L 189 20.60 -43.71 27.29
C GLY L 189 20.86 -42.24 27.44
N GLY L 190 19.79 -41.47 27.59
CA GLY L 190 19.95 -40.03 27.73
C GLY L 190 19.92 -39.59 29.16
N ASN L 191 20.26 -38.33 29.37
CA ASN L 191 20.27 -37.79 30.71
C ASN L 191 19.28 -36.65 30.94
N PRO L 192 18.14 -36.94 31.57
CA PRO L 192 17.12 -35.94 31.83
C PRO L 192 17.61 -34.74 32.65
N GLY L 193 18.90 -34.75 32.96
CA GLY L 193 19.47 -33.66 33.72
C GLY L 193 20.32 -32.77 32.84
N SER L 194 20.21 -32.92 31.52
CA SER L 194 21.00 -32.10 30.57
C SER L 194 20.33 -32.00 29.20
N VAL L 195 19.02 -31.81 29.21
CA VAL L 195 18.24 -31.68 27.99
C VAL L 195 18.44 -30.31 27.34
N THR L 196 18.55 -30.30 26.02
CA THR L 196 18.73 -29.06 25.27
C THR L 196 17.68 -29.00 24.15
N ILE L 197 16.79 -28.01 24.23
CA ILE L 197 15.76 -27.79 23.23
C ILE L 197 16.27 -26.77 22.24
N PHE L 198 15.87 -26.94 21.00
CA PHE L 198 16.28 -26.05 19.93
C PHE L 198 15.36 -26.28 18.76
N GLY L 199 15.09 -25.19 18.05
CA GLY L 199 14.23 -25.23 16.90
C GLY L 199 14.43 -24.05 15.98
N GLU L 200 13.87 -24.15 14.78
CA GLU L 200 13.94 -23.10 13.81
C GLU L 200 12.55 -22.57 13.46
N SER L 201 12.48 -21.31 13.07
CA SER L 201 11.21 -20.66 12.72
C SER L 201 10.24 -20.74 13.89
N ALA L 202 9.03 -21.25 13.60
CA ALA L 202 7.97 -21.38 14.60
C ALA L 202 8.58 -22.13 15.75
N GLY L 203 9.40 -23.11 15.38
CA GLY L 203 10.10 -23.88 16.38
C GLY L 203 11.01 -22.92 17.11
N GLY L 204 11.75 -22.12 16.35
CA GLY L 204 12.65 -21.17 16.93
C GLY L 204 11.94 -20.31 17.95
N GLU L 205 10.73 -19.89 17.63
CA GLU L 205 9.94 -19.06 18.53
C GLU L 205 9.47 -19.95 19.69
N SER L 206 8.99 -21.14 19.36
CA SER L 206 8.52 -22.05 20.38
C SER L 206 9.55 -22.14 21.49
N VAL L 207 10.81 -22.14 21.11
CA VAL L 207 11.85 -22.18 22.11
C VAL L 207 11.77 -20.92 22.94
N SER L 208 12.04 -19.76 22.33
CA SER L 208 11.96 -18.55 23.12
C SER L 208 10.77 -18.61 24.09
N VAL L 209 9.58 -18.83 23.53
CA VAL L 209 8.34 -18.94 24.31
C VAL L 209 8.46 -19.85 25.54
N LEU L 210 9.02 -21.04 25.33
CA LEU L 210 9.17 -21.97 26.44
C LEU L 210 10.16 -21.42 27.48
N VAL L 211 11.11 -20.64 27.01
CA VAL L 211 12.12 -20.10 27.91
C VAL L 211 11.50 -19.13 28.89
N LEU L 212 10.51 -18.39 28.40
CA LEU L 212 9.82 -17.39 29.17
C LEU L 212 8.75 -18.02 30.02
N SER L 213 8.17 -19.11 29.55
CA SER L 213 7.10 -19.77 30.30
C SER L 213 7.49 -20.42 31.62
N PRO L 214 6.65 -20.24 32.66
CA PRO L 214 6.92 -20.84 33.96
C PRO L 214 6.60 -22.34 33.94
N LEU L 215 5.97 -22.81 32.86
CA LEU L 215 5.63 -24.21 32.74
C LEU L 215 6.82 -25.01 32.28
N ALA L 216 7.62 -24.40 31.45
CA ALA L 216 8.77 -25.08 30.92
C ALA L 216 9.86 -25.26 31.96
N LYS L 217 9.80 -24.48 33.04
CA LYS L 217 10.80 -24.54 34.11
C LYS L 217 11.29 -25.96 34.45
N ASN L 218 12.60 -26.17 34.47
CA ASN L 218 13.18 -27.47 34.80
C ASN L 218 12.98 -28.56 33.76
N LEU L 219 12.34 -28.23 32.65
CA LEU L 219 12.11 -29.19 31.60
C LEU L 219 13.24 -29.14 30.60
N PHE L 220 14.25 -28.33 30.89
CA PHE L 220 15.42 -28.18 30.03
C PHE L 220 16.51 -27.41 30.76
N HIS L 221 17.71 -27.35 30.16
CA HIS L 221 18.84 -26.68 30.79
C HIS L 221 19.58 -25.77 29.83
N ARG L 222 19.30 -25.92 28.55
CA ARG L 222 19.93 -25.11 27.52
C ARG L 222 18.94 -25.00 26.36
N ALA L 223 18.91 -23.87 25.67
CA ALA L 223 18.00 -23.67 24.56
C ALA L 223 18.71 -23.02 23.39
N ILE L 224 18.24 -23.31 22.18
CA ILE L 224 18.81 -22.75 20.96
C ILE L 224 17.71 -22.32 20.04
N SER L 225 17.63 -21.04 19.67
CA SER L 225 16.61 -20.57 18.73
C SER L 225 17.23 -20.17 17.39
N GLU L 226 16.95 -20.96 16.37
CA GLU L 226 17.49 -20.70 15.05
C GLU L 226 16.54 -19.93 14.15
N SER L 227 16.95 -18.74 13.73
CA SER L 227 16.13 -17.89 12.85
C SER L 227 14.72 -17.72 13.38
N GLY L 228 14.58 -16.96 14.47
CA GLY L 228 13.25 -16.75 15.02
C GLY L 228 13.17 -16.63 16.53
N VAL L 229 12.34 -15.72 17.00
CA VAL L 229 12.17 -15.52 18.42
C VAL L 229 10.74 -15.14 18.83
N ALA L 230 10.55 -14.89 20.12
CA ALA L 230 9.26 -14.53 20.68
C ALA L 230 8.84 -13.11 20.33
N LEU L 231 9.79 -12.25 19.97
CA LEU L 231 9.47 -10.87 19.60
C LEU L 231 9.04 -10.77 18.14
N THR L 232 8.90 -11.94 17.50
CA THR L 232 8.47 -12.09 16.10
C THR L 232 6.93 -11.98 16.03
N SER L 233 6.44 -10.76 15.87
CA SER L 233 5.01 -10.47 15.82
C SER L 233 4.14 -11.51 15.12
N VAL L 234 4.41 -11.75 13.85
CA VAL L 234 3.63 -12.69 13.06
C VAL L 234 3.25 -13.98 13.80
N LEU L 235 4.03 -14.36 14.81
CA LEU L 235 3.74 -15.58 15.55
C LEU L 235 3.22 -15.38 16.98
N VAL L 236 3.06 -14.13 17.41
CA VAL L 236 2.54 -13.86 18.74
C VAL L 236 1.51 -12.74 18.70
N LYS L 237 0.23 -13.11 18.75
CA LYS L 237 -0.88 -12.15 18.68
C LYS L 237 -1.22 -11.54 20.05
N LYS L 238 -1.21 -10.22 20.13
CA LYS L 238 -1.53 -9.52 21.36
C LYS L 238 -2.79 -8.71 21.15
N GLY L 239 -3.64 -8.69 22.17
CA GLY L 239 -4.88 -7.94 22.06
C GLY L 239 -6.11 -8.81 21.89
N ASP L 240 -7.27 -8.18 22.05
CA ASP L 240 -8.55 -8.87 21.91
C ASP L 240 -8.54 -9.76 20.65
N VAL L 241 -8.41 -11.07 20.88
CA VAL L 241 -8.37 -12.06 19.80
C VAL L 241 -9.73 -12.65 19.50
N LYS L 242 -10.73 -12.28 20.30
CA LYS L 242 -12.08 -12.80 20.12
C LYS L 242 -12.55 -12.69 18.69
N PRO L 243 -12.35 -11.53 18.06
CA PRO L 243 -12.77 -11.34 16.67
C PRO L 243 -12.20 -12.40 15.76
N LEU L 244 -10.94 -12.76 15.97
CA LEU L 244 -10.31 -13.77 15.13
C LEU L 244 -11.01 -15.11 15.32
N ALA L 245 -11.35 -15.42 16.56
CA ALA L 245 -12.00 -16.69 16.87
C ALA L 245 -13.33 -16.74 16.18
N GLU L 246 -14.09 -15.66 16.33
CA GLU L 246 -15.41 -15.56 15.74
C GLU L 246 -15.33 -15.73 14.22
N GLN L 247 -14.29 -15.12 13.65
CA GLN L 247 -14.09 -15.18 12.22
C GLN L 247 -13.96 -16.64 11.79
N ILE L 248 -13.18 -17.42 12.53
CA ILE L 248 -12.96 -18.83 12.23
C ILE L 248 -14.28 -19.58 12.43
N ALA L 249 -14.90 -19.29 13.56
CA ALA L 249 -16.14 -19.91 13.96
C ALA L 249 -17.24 -19.78 12.92
N ILE L 250 -17.27 -18.64 12.24
CA ILE L 250 -18.28 -18.40 11.21
C ILE L 250 -17.95 -19.20 9.97
N THR L 251 -16.68 -19.14 9.58
CA THR L 251 -16.20 -19.83 8.40
C THR L 251 -16.47 -21.34 8.46
N ALA L 252 -16.49 -21.89 9.66
CA ALA L 252 -16.73 -23.32 9.83
C ALA L 252 -18.22 -23.66 9.81
N GLY L 253 -19.03 -22.69 10.19
CA GLY L 253 -20.47 -22.91 10.23
C GLY L 253 -20.94 -23.08 11.66
N CYS L 254 -20.53 -22.13 12.50
CA CYS L 254 -20.85 -22.12 13.92
C CYS L 254 -21.41 -20.79 14.40
N LYS L 255 -22.41 -20.83 15.26
CA LYS L 255 -22.97 -19.59 15.80
C LYS L 255 -21.87 -18.85 16.56
N THR L 256 -22.23 -17.75 17.20
CA THR L 256 -21.27 -16.98 17.99
C THR L 256 -21.86 -16.38 19.29
N THR L 257 -23.06 -16.81 19.65
CA THR L 257 -23.76 -16.32 20.84
C THR L 257 -22.87 -16.15 22.06
N THR L 258 -22.03 -17.14 22.35
CA THR L 258 -21.09 -17.04 23.46
C THR L 258 -19.94 -17.96 23.14
N SER L 259 -18.74 -17.56 23.57
CA SER L 259 -17.54 -18.34 23.32
C SER L 259 -17.78 -19.80 23.59
N ALA L 260 -18.37 -20.07 24.74
CA ALA L 260 -18.65 -21.44 25.10
C ALA L 260 -19.30 -22.16 23.93
N VAL L 261 -20.37 -21.60 23.40
CA VAL L 261 -21.07 -22.23 22.29
C VAL L 261 -20.19 -22.48 21.10
N MET L 262 -19.36 -21.49 20.78
CA MET L 262 -18.44 -21.60 19.66
C MET L 262 -17.58 -22.82 19.79
N VAL L 263 -16.69 -22.79 20.78
CA VAL L 263 -15.77 -23.88 21.02
C VAL L 263 -16.49 -25.20 20.99
N HIS L 264 -17.71 -25.20 21.52
CA HIS L 264 -18.49 -26.42 21.53
C HIS L 264 -18.66 -26.93 20.13
N CYS L 265 -19.19 -26.05 19.28
CA CYS L 265 -19.45 -26.38 17.89
C CYS L 265 -18.19 -26.79 17.15
N LEU L 266 -17.12 -26.04 17.31
CA LEU L 266 -15.89 -26.41 16.63
C LEU L 266 -15.56 -27.87 16.96
N ARG L 267 -15.75 -28.26 18.21
CA ARG L 267 -15.48 -29.63 18.62
C ARG L 267 -16.28 -30.62 17.75
N GLN L 268 -17.50 -30.22 17.39
CA GLN L 268 -18.41 -31.07 16.59
C GLN L 268 -17.93 -31.21 15.19
N LYS L 269 -17.11 -30.27 14.76
CA LYS L 269 -16.60 -30.26 13.39
C LYS L 269 -15.57 -31.34 13.13
N THR L 270 -15.67 -32.00 11.98
CA THR L 270 -14.73 -33.05 11.69
C THR L 270 -13.41 -32.49 11.24
N GLU L 271 -12.38 -33.34 11.22
CA GLU L 271 -11.06 -32.93 10.79
C GLU L 271 -11.15 -32.38 9.39
N GLU L 272 -11.83 -33.12 8.52
CA GLU L 272 -11.99 -32.72 7.12
C GLU L 272 -12.69 -31.38 6.97
N GLU L 273 -13.59 -31.07 7.90
CA GLU L 273 -14.32 -29.81 7.87
C GLU L 273 -13.43 -28.73 8.46
N LEU L 274 -12.58 -29.09 9.41
CA LEU L 274 -11.72 -28.09 9.99
C LEU L 274 -10.49 -27.85 9.10
N LEU L 275 -10.17 -28.83 8.26
CA LEU L 275 -9.04 -28.72 7.36
C LEU L 275 -9.47 -27.95 6.12
N GLU L 276 -10.75 -28.00 5.80
CA GLU L 276 -11.25 -27.25 4.66
C GLU L 276 -11.42 -25.81 5.08
N THR L 277 -11.55 -25.57 6.39
CA THR L 277 -11.71 -24.20 6.92
C THR L 277 -10.38 -23.48 7.01
N THR L 278 -9.32 -24.23 7.30
CA THR L 278 -7.97 -23.70 7.41
C THR L 278 -7.46 -23.34 6.02
N LEU L 279 -8.18 -23.80 5.01
CA LEU L 279 -7.81 -23.53 3.64
C LEU L 279 -8.57 -22.30 3.15
N LYS L 280 -9.89 -22.28 3.39
CA LYS L 280 -10.72 -21.14 2.99
C LYS L 280 -10.18 -19.84 3.57
N MET L 281 -9.52 -19.94 4.74
CA MET L 281 -8.94 -18.79 5.40
C MET L 281 -7.61 -18.38 4.69
N LYS L 282 -7.18 -19.17 3.72
CA LYS L 282 -5.96 -18.91 2.95
C LYS L 282 -4.89 -18.19 3.75
N PHE L 283 -4.41 -18.89 4.78
CA PHE L 283 -3.39 -18.49 5.77
C PHE L 283 -1.88 -18.36 5.64
N LEU L 284 -1.30 -18.62 4.51
CA LEU L 284 0.13 -18.56 4.55
C LEU L 284 0.48 -17.40 3.66
N SER L 285 -0.09 -17.50 2.47
CA SER L 285 0.07 -16.52 1.41
C SER L 285 -0.34 -15.14 1.88
N LEU L 286 0.30 -14.14 1.29
CA LEU L 286 0.03 -12.75 1.60
C LEU L 286 -1.32 -12.37 1.03
N ASP L 287 -1.99 -11.41 1.67
CA ASP L 287 -3.31 -10.96 1.22
C ASP L 287 -3.20 -9.61 0.49
N LEU L 288 -3.64 -9.60 -0.76
CA LEU L 288 -3.60 -8.41 -1.60
C LEU L 288 -4.46 -7.27 -1.06
N GLN L 289 -5.53 -6.94 -1.79
CA GLN L 289 -6.43 -5.85 -1.39
C GLN L 289 -7.20 -6.12 -0.09
N GLY L 290 -7.30 -5.09 0.74
CA GLY L 290 -7.97 -5.20 2.01
C GLY L 290 -7.08 -4.55 3.05
N ASP L 291 -7.67 -3.76 3.94
CA ASP L 291 -6.91 -3.07 5.00
C ASP L 291 -6.00 -4.12 5.63
N PRO L 292 -4.68 -4.02 5.37
CA PRO L 292 -3.67 -4.94 5.88
C PRO L 292 -3.68 -5.17 7.39
N ARG L 293 -4.18 -4.18 8.13
CA ARG L 293 -4.24 -4.26 9.59
C ARG L 293 -5.22 -5.34 10.10
N GLU L 294 -5.86 -6.05 9.17
CA GLU L 294 -6.84 -7.09 9.52
C GLU L 294 -6.42 -8.50 9.05
N SER L 295 -5.74 -8.56 7.91
CA SER L 295 -5.29 -9.83 7.37
C SER L 295 -4.50 -10.62 8.38
N GLN L 296 -5.04 -11.75 8.81
CA GLN L 296 -4.36 -12.60 9.79
C GLN L 296 -3.55 -13.64 9.04
N PRO L 297 -2.20 -13.60 9.19
CA PRO L 297 -1.30 -14.54 8.53
C PRO L 297 -1.50 -15.97 9.03
N LEU L 298 -1.63 -16.13 10.34
CA LEU L 298 -1.82 -17.47 10.91
C LEU L 298 -2.06 -17.43 12.41
N LEU L 299 -2.85 -18.37 12.91
CA LEU L 299 -3.11 -18.42 14.33
C LEU L 299 -1.75 -18.62 15.00
N GLY L 300 -1.54 -18.03 16.17
CA GLY L 300 -0.26 -18.21 16.84
C GLY L 300 -0.36 -18.14 18.33
N THR L 301 0.79 -18.14 18.99
CA THR L 301 0.91 -18.07 20.45
C THR L 301 0.14 -16.89 20.99
N VAL L 302 -0.52 -17.05 22.13
CA VAL L 302 -1.29 -15.96 22.74
C VAL L 302 -0.92 -15.87 24.21
N ILE L 303 -1.52 -14.92 24.91
CA ILE L 303 -1.24 -14.74 26.32
C ILE L 303 -2.42 -15.34 27.06
N ASP L 304 -2.22 -16.50 27.67
CA ASP L 304 -3.30 -17.17 28.36
C ASP L 304 -3.11 -17.30 29.87
N GLY L 305 -2.24 -16.47 30.45
CA GLY L 305 -2.03 -16.56 31.90
C GLY L 305 -1.77 -18.00 32.37
N MET L 306 -1.28 -18.82 31.46
CA MET L 306 -0.94 -20.21 31.77
C MET L 306 0.49 -20.44 31.32
N LEU L 307 0.69 -20.51 30.00
CA LEU L 307 2.00 -20.72 29.42
C LEU L 307 2.73 -19.42 29.26
N LEU L 308 2.06 -18.32 29.53
CA LEU L 308 2.68 -16.99 29.44
C LEU L 308 1.85 -16.02 30.26
N LEU L 309 2.39 -15.62 31.40
CA LEU L 309 1.70 -14.68 32.29
C LEU L 309 1.32 -13.36 31.60
N LYS L 310 2.16 -12.89 30.68
CA LYS L 310 1.89 -11.65 29.95
C LYS L 310 2.58 -11.59 28.57
N THR L 311 2.76 -10.39 28.02
CA THR L 311 3.38 -10.28 26.71
C THR L 311 4.83 -10.72 26.74
N PRO L 312 5.34 -11.21 25.62
CA PRO L 312 6.73 -11.67 25.55
C PRO L 312 7.71 -10.57 25.93
N GLU L 313 7.42 -9.34 25.52
CA GLU L 313 8.27 -8.23 25.86
C GLU L 313 8.24 -8.06 27.39
N GLU L 314 7.08 -7.65 27.90
CA GLU L 314 6.90 -7.41 29.34
C GLU L 314 7.65 -8.40 30.23
N LEU L 315 7.64 -9.68 29.85
CA LEU L 315 8.29 -10.74 30.62
C LEU L 315 9.80 -10.61 30.79
N GLN L 316 10.52 -10.58 29.67
CA GLN L 316 11.97 -10.48 29.69
C GLN L 316 12.51 -9.22 30.35
N ALA L 317 11.58 -8.31 30.67
CA ALA L 317 11.94 -7.06 31.32
C ALA L 317 12.47 -7.36 32.74
N GLU L 318 11.86 -8.34 33.42
CA GLU L 318 12.28 -8.73 34.77
C GLU L 318 13.34 -9.84 34.74
N ARG L 319 14.25 -9.80 35.71
CA ARG L 319 15.33 -10.79 35.81
C ARG L 319 15.19 -11.76 37.01
N ASN L 320 13.96 -12.03 37.41
CA ASN L 320 13.69 -12.91 38.55
C ASN L 320 13.21 -14.29 38.09
N PHE L 321 13.58 -14.66 36.86
CA PHE L 321 13.17 -15.95 36.32
C PHE L 321 14.38 -16.88 36.16
N HIS L 322 14.11 -18.13 35.78
CA HIS L 322 15.14 -19.17 35.57
C HIS L 322 15.97 -18.90 34.29
N THR L 323 17.29 -18.94 34.41
CA THR L 323 18.15 -18.68 33.27
C THR L 323 18.83 -19.94 32.75
N VAL L 324 19.16 -19.95 31.47
CA VAL L 324 19.83 -21.09 30.87
C VAL L 324 20.60 -20.58 29.68
N PRO L 325 21.68 -21.26 29.30
CA PRO L 325 22.48 -20.83 28.14
C PRO L 325 21.60 -20.73 26.93
N TYR L 326 21.59 -19.55 26.31
CA TYR L 326 20.73 -19.30 25.16
C TYR L 326 21.47 -18.93 23.85
N MET L 327 21.43 -19.84 22.88
CA MET L 327 22.06 -19.58 21.59
C MET L 327 21.02 -18.99 20.63
N VAL L 328 21.22 -17.74 20.21
CA VAL L 328 20.30 -17.12 19.25
C VAL L 328 21.11 -16.75 18.02
N GLY L 329 20.63 -17.19 16.84
CA GLY L 329 21.35 -16.90 15.62
C GLY L 329 20.40 -16.62 14.47
N ILE L 330 20.90 -15.97 13.42
CA ILE L 330 20.11 -15.64 12.23
C ILE L 330 20.93 -15.93 10.97
N ASN L 331 20.26 -16.13 9.84
CA ASN L 331 21.00 -16.40 8.61
C ASN L 331 21.25 -15.08 7.87
N LYS L 332 22.05 -15.12 6.82
CA LYS L 332 22.37 -13.90 6.08
C LYS L 332 21.16 -13.27 5.39
N GLN L 333 20.52 -14.05 4.54
CA GLN L 333 19.38 -13.55 3.80
C GLN L 333 18.15 -14.37 4.15
N GLU L 334 17.57 -14.13 5.32
CA GLU L 334 16.39 -14.88 5.74
C GLU L 334 15.28 -14.85 4.73
N PHE L 335 14.86 -13.64 4.37
CA PHE L 335 13.77 -13.39 3.43
C PHE L 335 14.31 -13.22 2.03
N GLY L 336 15.29 -14.04 1.68
CA GLY L 336 15.86 -13.96 0.37
C GLY L 336 15.04 -14.68 -0.69
N TRP L 337 14.54 -15.87 -0.38
CA TRP L 337 13.76 -16.62 -1.37
C TRP L 337 12.67 -17.52 -0.79
N LEU L 338 13.07 -18.49 0.04
CA LEU L 338 12.12 -19.43 0.62
C LEU L 338 10.79 -18.83 0.99
N ILE L 339 10.75 -18.15 2.13
CA ILE L 339 9.52 -17.51 2.60
C ILE L 339 8.80 -16.77 1.48
N PRO L 340 9.48 -15.84 0.80
CA PRO L 340 8.86 -15.08 -0.30
C PRO L 340 8.14 -15.99 -1.26
N MET L 341 8.89 -16.94 -1.82
CA MET L 341 8.34 -17.90 -2.77
C MET L 341 7.17 -18.66 -2.16
N LEU L 342 7.36 -19.17 -0.94
CA LEU L 342 6.32 -19.92 -0.26
C LEU L 342 5.10 -19.10 0.07
N MET L 343 5.21 -17.77 -0.08
CA MET L 343 4.08 -16.90 0.21
C MET L 343 3.57 -16.24 -1.04
N SER L 344 4.10 -16.66 -2.18
CA SER L 344 3.69 -16.13 -3.48
C SER L 344 3.86 -14.62 -3.51
N TYR L 345 4.91 -14.12 -2.87
CA TYR L 345 5.18 -12.69 -2.78
C TYR L 345 5.12 -11.97 -4.13
N PRO L 346 4.54 -10.75 -4.13
CA PRO L 346 4.36 -9.89 -5.31
C PRO L 346 5.59 -9.74 -6.21
N LEU L 347 6.77 -9.67 -5.61
CA LEU L 347 8.00 -9.54 -6.38
C LEU L 347 8.13 -10.62 -7.44
N SER L 348 8.15 -10.20 -8.70
CA SER L 348 8.27 -11.12 -9.83
C SER L 348 8.65 -10.39 -11.12
N GLU L 349 8.78 -9.06 -11.03
CA GLU L 349 9.14 -8.22 -12.17
C GLU L 349 10.66 -8.10 -12.27
N GLY L 350 11.35 -9.03 -11.61
CA GLY L 350 12.80 -9.02 -11.63
C GLY L 350 13.41 -8.07 -10.62
N GLN L 351 12.71 -6.97 -10.38
CA GLN L 351 13.20 -5.96 -9.45
C GLN L 351 12.05 -5.05 -9.01
N LEU L 352 12.39 -4.02 -8.25
CA LEU L 352 11.40 -3.08 -7.74
C LEU L 352 11.93 -1.64 -7.68
N ASP L 353 11.01 -0.68 -7.64
CA ASP L 353 11.35 0.74 -7.58
C ASP L 353 11.16 1.29 -6.18
N GLN L 354 11.48 2.56 -6.00
CA GLN L 354 11.35 3.22 -4.71
C GLN L 354 9.90 3.52 -4.34
N LYS L 355 9.08 3.72 -5.37
CA LYS L 355 7.67 4.03 -5.15
C LYS L 355 6.80 2.80 -4.84
N THR L 356 6.86 1.81 -5.72
CA THR L 356 6.04 0.60 -5.54
C THR L 356 6.40 -0.15 -4.27
N ALA L 357 7.65 0.02 -3.83
CA ALA L 357 8.11 -0.66 -2.62
C ALA L 357 7.24 -0.22 -1.44
N MET L 358 6.90 1.07 -1.43
CA MET L 358 6.06 1.67 -0.39
C MET L 358 4.79 0.86 -0.23
N SER L 359 4.13 0.59 -1.35
CA SER L 359 2.90 -0.19 -1.36
C SER L 359 3.14 -1.58 -0.76
N LEU L 360 4.03 -2.35 -1.36
CA LEU L 360 4.32 -3.69 -0.87
C LEU L 360 4.63 -3.68 0.61
N LEU L 361 5.60 -2.88 1.01
CA LEU L 361 5.98 -2.80 2.42
C LEU L 361 4.76 -2.57 3.30
N TRP L 362 3.82 -1.80 2.76
CA TRP L 362 2.57 -1.51 3.46
C TRP L 362 1.72 -2.79 3.58
N LYS L 363 1.54 -3.51 2.46
CA LYS L 363 0.74 -4.74 2.47
C LYS L 363 1.47 -5.88 3.16
N SER L 364 2.63 -5.57 3.73
CA SER L 364 3.41 -6.57 4.43
C SER L 364 3.19 -6.41 5.92
N TYR L 365 2.19 -5.60 6.27
CA TYR L 365 1.87 -5.31 7.67
C TYR L 365 1.68 -6.57 8.51
N PRO L 366 0.97 -7.57 7.98
CA PRO L 366 0.76 -8.81 8.73
C PRO L 366 2.04 -9.60 8.95
N LEU L 367 3.19 -8.98 8.71
CA LEU L 367 4.45 -9.68 8.87
C LEU L 367 5.46 -8.83 9.61
N VAL L 368 5.45 -7.54 9.34
CA VAL L 368 6.39 -6.61 9.98
C VAL L 368 5.72 -5.62 10.91
N CYS L 369 4.45 -5.30 10.64
CA CYS L 369 3.69 -4.36 11.45
C CYS L 369 4.30 -2.96 11.42
N ILE L 370 4.32 -2.33 10.25
CA ILE L 370 4.87 -0.99 10.17
C ILE L 370 3.76 -0.01 9.81
N ALA L 371 3.71 1.12 10.52
CA ALA L 371 2.70 2.14 10.30
C ALA L 371 2.81 2.66 8.88
N LYS L 372 1.67 3.01 8.29
CA LYS L 372 1.65 3.53 6.92
C LYS L 372 2.40 4.87 6.85
N GLU L 373 2.50 5.55 7.98
CA GLU L 373 3.18 6.85 8.07
C GLU L 373 4.70 6.68 8.29
N LEU L 374 5.15 5.42 8.34
CA LEU L 374 6.56 5.09 8.55
C LEU L 374 7.19 4.44 7.30
N ILE L 375 6.34 3.83 6.47
CA ILE L 375 6.78 3.16 5.24
C ILE L 375 7.81 4.01 4.47
N PRO L 376 7.47 5.27 4.20
CA PRO L 376 8.38 6.14 3.47
C PRO L 376 9.77 6.23 4.11
N GLU L 377 9.81 6.67 5.37
CA GLU L 377 11.10 6.80 6.06
C GLU L 377 11.76 5.42 6.15
N ALA L 378 10.95 4.38 6.04
CA ALA L 378 11.46 3.02 6.10
C ALA L 378 12.25 2.67 4.84
N THR L 379 11.55 2.62 3.71
CA THR L 379 12.17 2.29 2.43
C THR L 379 13.29 3.26 2.01
N GLU L 380 13.44 4.34 2.77
CA GLU L 380 14.47 5.34 2.51
C GLU L 380 15.82 4.92 3.12
N LYS L 381 15.80 4.59 4.40
CA LYS L 381 17.01 4.18 5.12
C LYS L 381 17.66 2.95 4.46
N TYR L 382 16.85 2.14 3.78
CA TYR L 382 17.33 0.92 3.12
C TYR L 382 17.61 1.02 1.62
N LEU L 383 16.59 1.43 0.86
CA LEU L 383 16.71 1.54 -0.59
C LEU L 383 17.15 2.92 -1.10
N GLY L 384 17.14 3.93 -0.22
CA GLY L 384 17.55 5.27 -0.63
C GLY L 384 19.04 5.49 -0.86
N GLY L 385 19.76 4.39 -1.08
CA GLY L 385 21.20 4.47 -1.31
C GLY L 385 21.58 4.62 -2.78
N THR L 386 21.03 3.77 -3.65
CA THR L 386 21.33 3.85 -5.08
C THR L 386 20.07 3.97 -5.93
N ASP L 387 20.17 4.78 -6.99
CA ASP L 387 19.08 5.04 -7.93
C ASP L 387 18.88 3.82 -8.83
N ASP L 388 19.55 2.73 -8.45
CA ASP L 388 19.49 1.47 -9.17
C ASP L 388 18.04 0.95 -9.20
N THR L 389 17.84 -0.25 -9.72
CA THR L 389 16.51 -0.83 -9.78
C THR L 389 16.55 -2.25 -9.22
N VAL L 390 17.61 -2.99 -9.54
CA VAL L 390 17.78 -4.36 -9.08
C VAL L 390 18.31 -4.48 -7.64
N LYS L 391 18.81 -3.38 -7.09
CA LYS L 391 19.31 -3.37 -5.71
C LYS L 391 18.21 -2.84 -4.77
N LYS L 392 17.28 -2.06 -5.31
CA LYS L 392 16.18 -1.52 -4.52
C LYS L 392 15.20 -2.64 -4.17
N LYS L 393 15.37 -3.78 -4.82
CA LYS L 393 14.54 -4.96 -4.59
C LYS L 393 15.22 -5.78 -3.51
N ASP L 394 16.43 -6.25 -3.79
CA ASP L 394 17.16 -7.06 -2.84
C ASP L 394 17.31 -6.32 -1.50
N LEU L 395 17.51 -5.02 -1.54
CA LEU L 395 17.63 -4.27 -0.30
C LEU L 395 16.32 -4.29 0.44
N PHE L 396 15.24 -4.56 -0.27
CA PHE L 396 13.91 -4.61 0.32
C PHE L 396 13.74 -5.90 1.13
N LEU L 397 14.33 -6.98 0.59
CA LEU L 397 14.27 -8.28 1.23
C LEU L 397 15.11 -8.25 2.50
N ASP L 398 16.21 -7.50 2.47
CA ASP L 398 17.06 -7.38 3.65
C ASP L 398 16.28 -6.54 4.66
N LEU L 399 15.58 -5.51 4.15
CA LEU L 399 14.79 -4.60 4.95
C LEU L 399 13.79 -5.41 5.75
N ILE L 400 13.18 -6.40 5.09
CA ILE L 400 12.21 -7.27 5.75
C ILE L 400 12.87 -8.17 6.80
N ALA L 401 13.89 -8.90 6.37
CA ALA L 401 14.61 -9.82 7.25
C ALA L 401 14.96 -9.22 8.59
N ASP L 402 15.29 -7.92 8.60
CA ASP L 402 15.67 -7.25 9.85
C ASP L 402 14.56 -7.07 10.87
N VAL L 403 13.36 -6.82 10.39
CA VAL L 403 12.22 -6.64 11.26
C VAL L 403 11.62 -8.00 11.68
N MET L 404 11.76 -9.01 10.82
CA MET L 404 11.23 -10.33 11.11
C MET L 404 12.16 -11.22 11.87
N PHE L 405 13.45 -11.02 11.71
CA PHE L 405 14.35 -11.88 12.45
C PHE L 405 15.53 -11.14 13.02
N GLY L 406 16.17 -10.34 12.18
CA GLY L 406 17.33 -9.59 12.60
C GLY L 406 17.24 -8.91 13.96
N VAL L 407 16.65 -7.71 13.97
CA VAL L 407 16.51 -6.93 15.20
C VAL L 407 15.92 -7.76 16.33
N PRO L 408 14.75 -8.36 16.10
CA PRO L 408 14.09 -9.18 17.12
C PRO L 408 15.04 -10.13 17.81
N SER L 409 15.78 -10.94 17.03
CA SER L 409 16.72 -11.93 17.55
C SER L 409 17.78 -11.29 18.40
N VAL L 410 18.31 -10.18 17.91
CA VAL L 410 19.35 -9.41 18.59
C VAL L 410 18.86 -8.88 19.93
N ILE L 411 17.68 -8.25 19.91
CA ILE L 411 17.05 -7.68 21.11
C ILE L 411 16.82 -8.76 22.16
N VAL L 412 16.31 -9.91 21.73
CA VAL L 412 16.09 -11.01 22.65
C VAL L 412 17.45 -11.46 23.16
N ALA L 413 18.45 -11.36 22.30
CA ALA L 413 19.81 -11.75 22.65
C ALA L 413 20.37 -10.84 23.75
N ARG L 414 20.20 -9.55 23.56
CA ARG L 414 20.69 -8.56 24.53
C ARG L 414 20.06 -8.72 25.92
N ASN L 415 18.73 -8.76 25.95
CA ASN L 415 17.97 -8.88 27.20
C ASN L 415 18.36 -10.14 27.95
N HIS L 416 18.53 -11.22 27.21
CA HIS L 416 18.89 -12.47 27.83
C HIS L 416 20.24 -12.31 28.49
N ARG L 417 21.11 -11.56 27.83
CA ARG L 417 22.43 -11.29 28.34
C ARG L 417 22.32 -10.50 29.63
N ASP L 418 21.63 -9.36 29.57
CA ASP L 418 21.46 -8.47 30.71
C ASP L 418 20.91 -9.20 31.92
N ALA L 419 20.11 -10.23 31.68
CA ALA L 419 19.52 -11.04 32.74
C ALA L 419 20.58 -11.73 33.60
N GLY L 420 21.69 -12.12 32.96
CA GLY L 420 22.77 -12.77 33.68
C GLY L 420 23.13 -14.13 33.14
N ALA L 421 22.27 -14.64 32.28
CA ALA L 421 22.47 -15.95 31.69
C ALA L 421 23.37 -15.92 30.46
N PRO L 422 24.08 -17.02 30.22
CA PRO L 422 24.96 -17.14 29.07
C PRO L 422 24.19 -16.87 27.77
N THR L 423 24.86 -16.29 26.79
CA THR L 423 24.22 -15.99 25.52
C THR L 423 25.23 -16.03 24.40
N TYR L 424 24.82 -16.52 23.23
CA TYR L 424 25.70 -16.63 22.07
C TYR L 424 24.90 -16.43 20.83
N MET L 425 25.48 -15.75 19.84
CA MET L 425 24.79 -15.50 18.58
C MET L 425 25.63 -15.90 17.41
N TYR L 426 24.99 -16.22 16.29
CA TYR L 426 25.69 -16.60 15.08
C TYR L 426 24.98 -16.06 13.85
N GLU L 427 25.73 -15.91 12.77
CA GLU L 427 25.17 -15.43 11.51
C GLU L 427 25.49 -16.43 10.40
N PHE L 428 24.55 -17.33 10.10
CA PHE L 428 24.80 -18.31 9.07
C PHE L 428 24.92 -17.66 7.71
N GLN L 429 26.04 -17.89 7.05
CA GLN L 429 26.32 -17.31 5.73
C GLN L 429 26.99 -18.34 4.82
N TYR L 430 26.17 -19.25 4.30
CA TYR L 430 26.69 -20.29 3.43
C TYR L 430 25.58 -20.73 2.49
N ARG L 431 25.93 -21.19 1.30
CA ARG L 431 24.91 -21.64 0.39
C ARG L 431 24.93 -23.16 0.29
N PRO L 432 23.81 -23.81 0.62
CA PRO L 432 23.70 -25.27 0.58
C PRO L 432 23.62 -25.86 -0.82
N SER L 433 24.29 -26.99 -1.04
CA SER L 433 24.24 -27.61 -2.36
C SER L 433 22.97 -28.43 -2.48
N PHE L 434 22.24 -28.47 -1.39
CA PHE L 434 21.02 -29.24 -1.33
C PHE L 434 19.80 -28.35 -1.51
N SER L 435 20.01 -27.17 -2.06
CA SER L 435 18.90 -26.25 -2.29
C SER L 435 18.06 -26.70 -3.50
N SER L 436 17.12 -25.85 -3.91
CA SER L 436 16.26 -26.14 -5.05
C SER L 436 16.83 -25.55 -6.32
N ASP L 437 16.77 -26.31 -7.41
CA ASP L 437 17.30 -25.83 -8.67
C ASP L 437 16.68 -24.46 -8.99
N MET L 438 15.43 -24.26 -8.56
CA MET L 438 14.67 -23.03 -8.79
C MET L 438 15.10 -21.82 -7.95
N LYS L 439 16.11 -22.01 -7.10
CA LYS L 439 16.61 -20.94 -6.24
C LYS L 439 17.87 -20.34 -6.85
N PRO L 440 17.92 -19.00 -7.00
CA PRO L 440 19.08 -18.32 -7.58
C PRO L 440 20.36 -18.68 -6.86
N LYS L 441 21.47 -18.73 -7.60
CA LYS L 441 22.76 -19.09 -7.02
C LYS L 441 23.47 -17.89 -6.41
N THR L 442 22.80 -16.75 -6.44
CA THR L 442 23.37 -15.53 -5.87
C THR L 442 22.97 -15.40 -4.41
N VAL L 443 21.84 -16.01 -4.06
CA VAL L 443 21.33 -15.97 -2.68
C VAL L 443 22.07 -16.96 -1.80
N ILE L 444 22.66 -16.44 -0.73
CA ILE L 444 23.40 -17.24 0.23
C ILE L 444 22.78 -17.11 1.60
N GLY L 445 22.80 -18.20 2.35
CA GLY L 445 22.25 -18.18 3.69
C GLY L 445 20.80 -17.79 3.71
N ASP L 446 19.97 -18.60 3.06
CA ASP L 446 18.55 -18.32 3.02
C ASP L 446 17.94 -18.80 4.33
N HIS L 447 16.63 -18.71 4.42
CA HIS L 447 15.89 -19.13 5.60
C HIS L 447 16.08 -20.61 5.94
N GLY L 448 16.56 -20.86 7.15
CA GLY L 448 16.77 -22.22 7.60
C GLY L 448 17.86 -22.97 6.88
N ASP L 449 18.58 -22.31 5.98
CA ASP L 449 19.65 -22.98 5.26
C ASP L 449 20.68 -23.61 6.21
N GLU L 450 20.64 -23.27 7.49
CA GLU L 450 21.61 -23.84 8.40
C GLU L 450 21.22 -25.28 8.76
N LEU L 451 19.95 -25.64 8.54
CA LEU L 451 19.45 -26.97 8.84
C LEU L 451 20.41 -28.06 8.41
N PHE L 452 20.58 -28.20 7.10
CA PHE L 452 21.45 -29.22 6.51
C PHE L 452 22.76 -29.46 7.27
N SER L 453 23.34 -28.40 7.81
CA SER L 453 24.57 -28.53 8.57
C SER L 453 24.18 -29.20 9.88
N VAL L 454 23.44 -28.47 10.71
CA VAL L 454 22.98 -28.98 12.00
C VAL L 454 22.55 -30.47 11.98
N PHE L 455 21.77 -30.87 10.96
CA PHE L 455 21.33 -32.24 10.91
C PHE L 455 22.12 -33.10 9.98
N GLY L 456 23.42 -32.83 9.90
CA GLY L 456 24.31 -33.61 9.05
C GLY L 456 23.80 -34.09 7.70
N ALA L 457 23.11 -33.23 6.96
CA ALA L 457 22.61 -33.62 5.66
C ALA L 457 23.76 -34.11 4.81
N PRO L 458 24.98 -33.54 4.97
CA PRO L 458 26.10 -34.01 4.13
C PRO L 458 26.41 -35.49 4.21
N PHE L 459 26.04 -36.13 5.30
CA PHE L 459 26.28 -37.55 5.45
C PHE L 459 25.07 -38.34 5.01
N LEU L 460 23.89 -37.96 5.47
CA LEU L 460 22.70 -38.69 5.11
C LEU L 460 22.35 -38.62 3.63
N LYS L 461 22.50 -37.45 3.01
CA LYS L 461 22.20 -37.28 1.59
C LYS L 461 23.35 -37.85 0.78
N GLU L 462 23.70 -37.15 -0.30
CA GLU L 462 24.81 -37.58 -1.16
C GLU L 462 25.15 -36.57 -2.22
N GLY L 463 26.44 -36.36 -2.43
CA GLY L 463 26.89 -35.41 -3.44
C GLY L 463 27.17 -34.02 -2.88
N ALA L 464 27.96 -33.97 -1.81
CA ALA L 464 28.33 -32.71 -1.18
C ALA L 464 29.84 -32.59 -1.24
N SER L 465 30.35 -31.38 -1.48
CA SER L 465 31.81 -31.15 -1.54
C SER L 465 32.42 -31.32 -0.15
N GLU L 466 33.69 -31.72 -0.11
CA GLU L 466 34.37 -31.94 1.17
C GLU L 466 34.23 -30.71 2.06
N GLU L 467 34.17 -29.54 1.43
CA GLU L 467 34.05 -28.27 2.15
C GLU L 467 32.75 -28.26 2.95
N GLU L 468 31.63 -28.45 2.26
CA GLU L 468 30.32 -28.46 2.91
C GLU L 468 30.23 -29.56 3.96
N ILE L 469 30.97 -30.64 3.73
CA ILE L 469 31.00 -31.77 4.65
C ILE L 469 31.75 -31.38 5.91
N ARG L 470 32.93 -30.81 5.71
CA ARG L 470 33.73 -30.38 6.84
C ARG L 470 32.96 -29.31 7.63
N LEU L 471 32.13 -28.50 6.96
CA LEU L 471 31.35 -27.47 7.66
C LEU L 471 30.33 -28.09 8.63
N SER L 472 29.50 -29.00 8.13
CA SER L 472 28.51 -29.66 8.97
C SER L 472 29.14 -30.24 10.22
N LYS L 473 30.18 -31.04 10.04
CA LYS L 473 30.87 -31.65 11.16
C LYS L 473 31.18 -30.60 12.22
N MET L 474 31.42 -29.37 11.77
CA MET L 474 31.74 -28.28 12.67
C MET L 474 30.54 -27.85 13.51
N VAL L 475 29.52 -27.31 12.84
CA VAL L 475 28.30 -26.83 13.47
C VAL L 475 27.72 -27.87 14.42
N MET L 476 27.86 -29.12 14.04
CA MET L 476 27.38 -30.19 14.89
C MET L 476 28.12 -30.19 16.23
N LYS L 477 29.46 -30.08 16.17
CA LYS L 477 30.27 -30.03 17.41
C LYS L 477 29.80 -28.83 18.23
N PHE L 478 29.68 -27.67 17.58
CA PHE L 478 29.21 -26.49 18.25
C PHE L 478 27.90 -26.76 18.94
N TRP L 479 26.86 -27.03 18.16
CA TRP L 479 25.55 -27.32 18.76
C TRP L 479 25.66 -28.38 19.88
N ALA L 480 26.21 -29.54 19.54
CA ALA L 480 26.35 -30.63 20.49
C ALA L 480 27.04 -30.15 21.76
N ASN L 481 28.16 -29.45 21.57
CA ASN L 481 28.92 -28.92 22.69
C ASN L 481 28.09 -27.98 23.50
N PHE L 482 27.42 -27.04 22.84
CA PHE L 482 26.60 -26.12 23.59
C PHE L 482 25.64 -26.92 24.48
N ALA L 483 25.03 -27.95 23.91
CA ALA L 483 24.08 -28.76 24.65
C ALA L 483 24.73 -29.57 25.74
N ARG L 484 26.05 -29.63 25.74
CA ARG L 484 26.78 -30.41 26.72
C ARG L 484 27.25 -29.58 27.90
N ASN L 485 27.85 -28.43 27.60
CA ASN L 485 28.41 -27.54 28.62
C ASN L 485 27.72 -26.18 28.70
N GLY L 486 27.02 -25.81 27.64
CA GLY L 486 26.37 -24.51 27.65
C GLY L 486 27.34 -23.52 27.06
N ASN L 487 28.42 -24.06 26.50
CA ASN L 487 29.46 -23.27 25.85
C ASN L 487 29.84 -24.01 24.58
N PRO L 488 29.48 -23.49 23.40
CA PRO L 488 29.80 -24.15 22.13
C PRO L 488 31.27 -24.54 21.91
N ASN L 489 32.15 -23.71 22.41
CA ASN L 489 33.58 -23.89 22.26
C ASN L 489 34.11 -25.29 22.52
N GLY L 490 35.25 -25.59 21.88
CA GLY L 490 35.90 -26.88 22.01
C GLY L 490 37.28 -26.86 21.40
N GLU L 491 37.89 -28.05 21.28
CA GLU L 491 39.21 -28.21 20.70
C GLU L 491 39.08 -28.41 19.18
N GLY L 492 39.88 -27.67 18.41
CA GLY L 492 39.83 -27.79 16.97
C GLY L 492 38.79 -26.92 16.28
N LEU L 493 37.92 -26.30 17.08
CA LEU L 493 36.85 -25.43 16.57
C LEU L 493 37.24 -23.97 16.82
N PRO L 494 36.84 -23.07 15.91
CA PRO L 494 37.17 -21.65 16.08
C PRO L 494 36.63 -21.17 17.42
N HIS L 495 37.00 -19.96 17.83
CA HIS L 495 36.49 -19.46 19.09
C HIS L 495 35.22 -18.64 18.92
N TRP L 496 34.18 -19.04 19.64
CA TRP L 496 32.88 -18.37 19.61
C TRP L 496 32.73 -17.59 20.90
N PRO L 497 32.90 -16.28 20.82
CA PRO L 497 32.79 -15.41 21.99
C PRO L 497 31.38 -15.38 22.53
N GLU L 498 31.27 -15.30 23.85
CA GLU L 498 29.97 -15.22 24.50
C GLU L 498 29.41 -13.85 24.10
N TYR L 499 28.08 -13.71 24.08
CA TYR L 499 27.46 -12.44 23.72
C TYR L 499 27.30 -11.57 24.96
N ASN L 500 28.41 -10.99 25.41
CA ASN L 500 28.44 -10.13 26.59
C ASN L 500 28.36 -8.65 26.15
N GLN L 501 28.79 -7.74 27.01
CA GLN L 501 28.75 -6.31 26.68
C GLN L 501 29.46 -5.97 25.37
N LYS L 502 30.48 -6.76 25.04
CA LYS L 502 31.26 -6.54 23.82
C LYS L 502 30.42 -6.95 22.61
N GLU L 503 29.35 -7.70 22.87
CA GLU L 503 28.43 -8.16 21.83
C GLU L 503 29.10 -8.77 20.62
N GLY L 504 29.73 -9.91 20.82
CA GLY L 504 30.39 -10.59 19.73
C GLY L 504 29.62 -11.81 19.32
N TYR L 505 29.55 -12.05 18.01
CA TYR L 505 28.84 -13.21 17.50
C TYR L 505 29.77 -13.96 16.56
N LEU L 506 29.39 -15.18 16.20
CA LEU L 506 30.18 -16.00 15.31
C LEU L 506 29.58 -16.02 13.92
N GLN L 507 30.42 -15.75 12.91
CA GLN L 507 30.00 -15.78 11.51
C GLN L 507 30.37 -17.16 11.00
N ILE L 508 29.35 -18.00 10.88
CA ILE L 508 29.52 -19.36 10.42
C ILE L 508 29.37 -19.44 8.92
N GLY L 509 30.23 -20.23 8.27
CA GLY L 509 30.11 -20.33 6.82
C GLY L 509 31.38 -20.82 6.19
N ALA L 510 31.63 -20.37 4.96
CA ALA L 510 32.84 -20.75 4.21
C ALA L 510 34.02 -20.49 5.10
N ASN L 511 34.12 -19.24 5.54
CA ASN L 511 35.17 -18.79 6.44
C ASN L 511 34.44 -18.50 7.75
N THR L 512 34.74 -19.28 8.77
CA THR L 512 34.09 -19.10 10.06
C THR L 512 34.99 -18.28 10.98
N GLN L 513 34.45 -17.20 11.54
CA GLN L 513 35.24 -16.34 12.43
C GLN L 513 34.34 -15.44 13.26
N ALA L 514 34.84 -15.03 14.43
CA ALA L 514 34.11 -14.15 15.34
C ALA L 514 34.05 -12.69 14.88
N ALA L 515 33.01 -11.99 15.30
CA ALA L 515 32.79 -10.59 14.94
C ALA L 515 32.09 -9.92 16.09
N GLN L 516 31.70 -8.66 15.92
CA GLN L 516 30.99 -7.95 16.97
C GLN L 516 29.84 -7.09 16.45
N LYS L 517 29.02 -6.62 17.38
CA LYS L 517 27.85 -5.78 17.08
C LYS L 517 27.00 -6.33 15.95
N LEU L 518 26.19 -7.33 16.27
CA LEU L 518 25.32 -7.96 15.27
C LEU L 518 24.10 -7.10 15.01
N LYS L 519 23.90 -6.70 13.77
CA LYS L 519 22.78 -5.84 13.38
C LYS L 519 22.67 -4.60 14.28
N ASP L 520 23.67 -4.40 15.13
CA ASP L 520 23.70 -3.28 16.07
C ASP L 520 23.06 -2.03 15.51
N LYS L 521 23.68 -1.45 14.49
CA LYS L 521 23.16 -0.23 13.89
C LYS L 521 21.75 -0.45 13.34
N GLU L 522 21.52 -1.62 12.75
CA GLU L 522 20.22 -1.97 12.18
C GLU L 522 19.09 -1.98 13.22
N VAL L 523 19.45 -2.24 14.46
CA VAL L 523 18.45 -2.26 15.52
C VAL L 523 18.11 -0.83 15.84
N ALA L 524 19.14 -0.09 16.23
CA ALA L 524 19.04 1.32 16.59
C ALA L 524 17.96 1.99 15.78
N PHE L 525 18.08 1.91 14.47
CA PHE L 525 17.11 2.53 13.58
C PHE L 525 15.68 2.21 13.90
N TRP L 526 15.38 0.91 14.04
CA TRP L 526 14.02 0.50 14.34
C TRP L 526 13.67 0.76 15.80
N THR L 527 14.65 0.67 16.67
CA THR L 527 14.41 0.94 18.07
C THR L 527 13.85 2.35 18.27
N ASN L 528 13.88 3.17 17.21
CA ASN L 528 13.36 4.53 17.30
C ASN L 528 12.14 4.73 16.42
N LEU L 529 12.23 4.26 15.18
CA LEU L 529 11.13 4.38 14.23
C LEU L 529 9.95 3.56 14.77
N PHE L 530 10.25 2.45 15.40
CA PHE L 530 9.21 1.59 15.94
C PHE L 530 8.65 2.09 17.26
N ALA L 531 9.20 3.21 17.74
CA ALA L 531 8.76 3.83 18.99
C ALA L 531 7.97 5.10 18.69
N LYS L 532 7.76 5.35 17.40
CA LYS L 532 7.02 6.52 16.92
C LYS L 532 7.74 7.82 17.29
C1 NAG M . 92.94 -65.00 -32.04
C2 NAG M . 94.28 -64.29 -31.82
C3 NAG M . 95.19 -64.52 -33.05
C4 NAG M . 95.27 -66.02 -33.42
C5 NAG M . 93.88 -66.69 -33.45
C6 NAG M . 93.95 -68.21 -33.58
C7 NAG M . 95.05 -62.11 -31.18
C8 NAG M . 95.37 -60.86 -32.02
N2 NAG M . 94.06 -62.87 -31.61
O3 NAG M . 96.49 -64.02 -32.76
O4 NAG M . 95.88 -66.18 -34.69
O5 NAG M . 93.17 -66.41 -32.22
O6 NAG M . 93.20 -68.67 -34.69
O7 NAG M . 95.72 -62.39 -30.19
C1 SIA N . 92.78 -61.79 -26.31
C2 SIA N . 91.66 -61.52 -25.29
C3 SIA N . 92.26 -60.94 -23.99
C4 SIA N . 91.28 -59.95 -23.36
C5 SIA N . 89.83 -60.42 -23.59
C6 SIA N . 89.53 -60.39 -25.10
C7 SIA N . 88.52 -61.46 -25.46
C8 SIA N . 87.11 -60.90 -25.60
C9 SIA N . 86.15 -62.05 -25.85
C10 SIA N . 88.07 -60.12 -21.98
C11 SIA N . 88.67 -60.42 -20.61
N5 SIA N . 88.88 -59.58 -22.88
O1A SIA N . 92.93 -62.95 -26.75
O1B SIA N . 93.54 -60.84 -26.64
O2 SIA N . 90.98 -62.69 -25.03
O4 SIA N . 91.54 -59.85 -21.97
O6 SIA N . 90.74 -60.58 -25.88
O7 SIA N . 88.89 -62.04 -26.70
O8 SIA N . 86.74 -60.26 -24.39
O9 SIA N . 86.27 -62.98 -24.77
O10 SIA N . 86.88 -60.38 -22.19
C1 SIA O . 59.30 -39.98 -1.38
C2 SIA O . 60.05 -39.45 -0.17
C3 SIA O . 61.45 -40.09 -0.12
C4 SIA O . 62.48 -39.13 0.47
C5 SIA O . 62.56 -37.84 -0.39
C6 SIA O . 61.22 -37.56 -1.12
C7 SIA O . 60.98 -36.05 -1.42
C8 SIA O . 61.74 -35.55 -2.65
C9 SIA O . 63.24 -35.49 -2.36
C10 SIA O . 64.10 -39.09 -1.82
C11 SIA O . 63.39 -39.68 -3.04
N5 SIA O . 63.67 -37.92 -1.33
O1A SIA O . 58.39 -40.82 -1.20
O1B SIA O . 59.62 -39.56 -2.52
O2 SIA O . 59.35 -39.74 1.00
O4 SIA O . 62.12 -38.82 1.81
O6 SIA O . 60.12 -38.02 -0.31
O7 SIA O . 59.60 -35.78 -1.61
O8 SIA O . 61.46 -36.41 -3.76
O9 SIA O . 63.45 -35.00 -1.04
O10 SIA O . 65.07 -39.70 -1.34
S SO4 P . 75.38 -39.36 -12.39
O1 SO4 P . 74.33 -39.68 -11.41
O2 SO4 P . 76.69 -39.82 -11.87
O3 SO4 P . 75.11 -40.05 -13.67
O4 SO4 P . 75.44 -37.91 -12.62
S SO4 Q . 85.88 -48.18 -11.40
O1 SO4 Q . 85.96 -46.71 -11.56
O2 SO4 Q . 87.22 -48.70 -11.08
O3 SO4 Q . 84.94 -48.49 -10.30
O4 SO4 Q . 85.37 -48.81 -12.62
C BEZ R . 70.06 -69.16 -1.50
O1 BEZ R . 69.23 -69.74 -2.23
O2 BEZ R . 69.66 -68.30 -0.64
C1 BEZ R . 71.60 -69.25 -1.81
C2 BEZ R . 72.55 -68.68 -0.91
C3 BEZ R . 73.98 -68.79 -1.12
C4 BEZ R . 74.53 -69.81 -2.06
C5 BEZ R . 73.51 -70.44 -2.94
C6 BEZ R . 72.10 -70.27 -2.67
C BEZ S . 77.38 -81.70 11.22
O1 BEZ S . 78.65 -81.33 11.38
O2 BEZ S . 76.82 -82.67 11.90
C1 BEZ S . 76.45 -80.86 10.25
C2 BEZ S . 75.05 -81.34 9.86
C3 BEZ S . 74.26 -80.56 9.06
C4 BEZ S . 74.86 -79.66 8.17
C5 BEZ S . 76.12 -79.13 8.45
C6 BEZ S . 76.98 -79.87 9.24
C1 NAG T . 87.90 -9.06 -27.62
C2 NAG T . 87.48 -8.09 -26.51
C3 NAG T . 86.71 -6.91 -27.07
C4 NAG T . 87.51 -6.27 -28.20
C5 NAG T . 87.76 -7.32 -29.28
C6 NAG T . 88.52 -6.78 -30.50
C7 NAG T . 86.95 -9.98 -25.14
C8 NAG T . 85.94 -11.10 -25.41
N2 NAG T . 86.63 -8.76 -25.56
O3 NAG T . 86.50 -5.96 -26.02
O4 NAG T . 86.78 -5.17 -28.76
O5 NAG T . 88.54 -8.40 -28.71
O6 NAG T . 89.52 -5.84 -30.12
O7 NAG T . 88.03 -10.21 -24.60
C1 SIA U . 87.05 -15.68 -27.25
C2 SIA U . 88.56 -15.88 -27.07
C3 SIA U . 89.10 -14.72 -26.24
C4 SIA U . 90.16 -15.19 -25.26
C5 SIA U . 91.02 -16.30 -25.88
C6 SIA U . 90.17 -17.52 -26.30
C7 SIA U . 90.68 -18.15 -27.61
C8 SIA U . 91.35 -19.47 -27.35
C9 SIA U . 92.10 -19.82 -28.61
C10 SIA U . 91.96 -16.30 -23.65
C11 SIA U . 91.21 -17.17 -22.65
N5 SIA U . 92.01 -16.72 -24.92
O1A SIA U . 86.61 -14.50 -27.23
O1B SIA U . 86.32 -16.69 -27.39
O2 SIA U . 89.18 -15.92 -28.32
O4 SIA U . 90.99 -14.09 -24.93
O6 SIA U . 88.77 -17.15 -26.42
O7 SIA U . 89.62 -18.38 -28.52
O8 SIA U . 92.25 -19.38 -26.26
O9 SIA U . 92.73 -18.65 -29.09
O10 SIA U . 92.50 -15.27 -23.27
S SO4 V . 83.42 -44.41 -19.44
O1 SO4 V . 82.85 -43.50 -20.46
O2 SO4 V . 84.16 -43.62 -18.43
O3 SO4 V . 82.33 -45.15 -18.76
O4 SO4 V . 84.32 -45.38 -20.09
S SO4 W . 91.61 -33.96 -16.08
O1 SO4 W . 93.00 -33.47 -16.14
O2 SO4 W . 91.11 -34.22 -17.44
O3 SO4 W . 91.54 -35.20 -15.29
O4 SO4 W . 90.77 -32.94 -15.41
C BEZ X . 127.27 -35.86 -33.99
O1 BEZ X . 126.01 -35.76 -34.13
O2 BEZ X . 127.92 -36.67 -34.71
C1 BEZ X . 128.01 -34.96 -32.96
C2 BEZ X . 129.43 -35.06 -32.78
C3 BEZ X . 130.10 -34.25 -31.84
C4 BEZ X . 129.36 -33.34 -31.04
C5 BEZ X . 127.96 -33.22 -31.19
C6 BEZ X . 127.28 -34.03 -32.13
C BEZ Y . 110.38 -36.09 -34.94
O1 BEZ Y . 110.74 -36.07 -33.61
O2 BEZ Y . 110.31 -35.40 -36.15
C1 BEZ Y . 110.24 -37.66 -35.38
C2 BEZ Y . 110.77 -38.89 -34.21
C3 BEZ Y . 110.68 -40.61 -34.61
C4 BEZ Y . 110.44 -41.04 -36.40
C5 BEZ Y . 110.17 -39.71 -37.65
C6 BEZ Y . 110.29 -38.06 -37.12
C1 NAG Z . 53.51 -42.86 1.25
C2 NAG Z . 54.11 -43.74 2.33
C3 NAG Z . 53.01 -44.68 2.85
C4 NAG Z . 51.75 -43.90 3.29
C5 NAG Z . 51.34 -42.80 2.29
C6 NAG Z . 50.36 -41.80 2.93
C7 NAG Z . 56.40 -44.46 2.43
C8 NAG Z . 57.51 -43.60 1.84
N2 NAG Z . 55.23 -44.49 1.80
O3 NAG Z . 53.52 -45.43 3.94
O4 NAG Z . 50.66 -44.80 3.46
O5 NAG Z . 52.50 -42.03 1.84
O6 NAG Z . 49.41 -42.45 3.76
O7 NAG Z . 56.62 -45.11 3.46
S SO4 AA . 79.86 -34.72 -6.40
O1 SO4 AA . 81.06 -35.11 -7.18
O2 SO4 AA . 80.26 -34.16 -5.10
O3 SO4 AA . 79.09 -33.72 -7.15
O4 SO4 AA . 79.03 -35.91 -6.13
S SO4 BA . 82.68 -32.50 -18.58
O1 SO4 BA . 82.74 -31.04 -18.90
O2 SO4 BA . 83.57 -33.20 -19.53
O3 SO4 BA . 83.12 -32.73 -17.19
O4 SO4 BA . 81.29 -33.00 -18.73
C BEZ CA . 67.87 -10.09 -1.98
O2 BEZ CA . 67.89 -11.24 -2.46
C1 BEZ CA . 68.86 -9.69 -0.90
C2 BEZ CA . 68.83 -8.35 -0.35
C3 BEZ CA . 69.74 -7.95 0.65
C4 BEZ CA . 70.71 -8.87 1.12
C5 BEZ CA . 70.76 -10.19 0.61
C6 BEZ CA . 69.84 -10.60 -0.40
C BEZ DA . 72.36 0.65 12.85
O1 BEZ DA . 72.09 0.07 11.76
O2 BEZ DA . 71.99 1.84 12.96
C1 BEZ DA . 72.88 -0.15 14.14
C2 BEZ DA . 73.29 0.55 15.29
C3 BEZ DA . 73.77 -0.11 16.41
C4 BEZ DA . 74.22 -1.46 16.31
C5 BEZ DA . 73.90 -2.16 15.14
C6 BEZ DA . 73.41 -1.46 14.03
C1 NAG EA . -106.15 27.75 -8.52
C2 NAG EA . -106.74 28.74 -7.52
C3 NAG EA . -108.27 28.51 -7.49
C4 NAG EA . -108.86 28.63 -8.91
C5 NAG EA . -108.09 27.74 -9.90
C6 NAG EA . -108.52 27.93 -11.36
C7 NAG EA . -106.21 29.53 -5.31
C8 NAG EA . -106.20 29.13 -3.83
N2 NAG EA . -106.17 28.55 -6.20
O3 NAG EA . -108.89 29.44 -6.62
O4 NAG EA . -110.23 28.24 -8.90
O5 NAG EA . -106.66 28.00 -9.83
O6 NAG EA . -108.15 29.22 -11.85
O7 NAG EA . -106.26 30.73 -5.63
C1 SIA FA . -103.58 32.68 -6.44
C2 SIA FA . -102.23 33.39 -6.42
C3 SIA FA . -102.12 34.25 -5.16
C4 SIA FA . -100.67 34.34 -4.67
C5 SIA FA . -99.70 34.25 -5.86
C6 SIA FA . -99.85 32.90 -6.59
C7 SIA FA . -99.49 33.00 -8.07
C8 SIA FA . -98.09 32.48 -8.34
C9 SIA FA . -97.03 33.51 -7.98
C10 SIA FA . -97.62 35.46 -5.80
C11 SIA FA . -98.16 36.85 -5.45
N5 SIA FA . -98.34 34.41 -5.41
O1A SIA FA . -104.48 33.10 -7.22
O1B SIA FA . -103.75 31.69 -5.70
O2 SIA FA . -102.11 34.19 -7.54
O4 SIA FA . -100.47 35.56 -3.96
O6 SIA FA . -101.19 32.38 -6.45
O7 SIA FA . -100.42 32.27 -8.84
O8 SIA FA . -97.88 31.29 -7.60
O9 SIA FA . -97.27 34.71 -8.70
O10 SIA FA . -96.56 35.35 -6.40
S SO4 GA . -76.47 36.41 9.48
O1 SO4 GA . -75.21 36.56 10.22
O2 SO4 GA . -77.21 37.69 9.52
O3 SO4 GA . -76.18 36.05 8.08
O4 SO4 GA . -77.30 35.33 10.08
S SO4 HA . -87.46 42.72 5.09
O1 SO4 HA . -86.41 41.78 5.50
O2 SO4 HA . -88.07 43.37 6.29
O3 SO4 HA . -86.86 43.74 4.21
O4 SO4 HA . -88.53 42.02 4.33
C BEZ IA . -77.04 50.69 -19.01
O1 BEZ IA . -76.35 51.26 -17.96
O2 BEZ IA . -76.80 49.72 -19.97
C1 BEZ IA . -78.64 51.05 -18.97
C2 BEZ IA . -79.16 51.91 -17.75
C3 BEZ IA . -80.79 52.41 -17.60
C4 BEZ IA . -81.95 51.71 -18.82
C5 BEZ IA . -81.25 50.54 -20.02
C6 BEZ IA . -79.61 50.24 -19.92
C BEZ JA . -81.63 64.31 -26.96
O1 BEZ JA . -81.91 63.74 -25.88
O2 BEZ JA . -80.87 63.73 -27.82
C1 BEZ JA . -82.11 65.79 -27.23
C2 BEZ JA . -81.83 66.45 -28.48
C3 BEZ JA . -82.30 67.78 -28.77
C4 BEZ JA . -83.21 68.48 -27.83
C5 BEZ JA . -83.50 67.79 -26.54
C6 BEZ JA . -82.99 66.44 -26.31
C1 NAG KA . -82.71 19.58 41.21
C2 NAG KA . -82.62 20.97 41.79
C3 NAG KA . -81.78 20.87 43.07
C4 NAG KA . -82.50 19.93 44.05
C5 NAG KA . -82.80 18.57 43.40
C6 NAG KA . -83.70 17.71 44.26
C7 NAG KA . -82.35 23.20 40.99
C8 NAG KA . -83.49 23.75 40.16
N2 NAG KA . -82.04 21.91 40.87
O3 NAG KA . -81.61 22.14 43.64
O4 NAG KA . -81.65 19.73 45.18
O5 NAG KA . -83.47 18.74 42.12
O6 NAG KA . -84.80 18.46 44.73
O7 NAG KA . -81.75 23.94 41.77
C1 SIA LA . -85.12 22.99 35.38
C2 SIA LA . -86.41 23.79 35.26
C3 SIA LA . -86.30 25.05 36.11
C4 SIA LA . -86.99 26.23 35.43
C5 SIA LA . -88.24 25.80 34.63
C6 SIA LA . -87.90 24.70 33.60
C7 SIA LA . -88.98 23.61 33.58
C8 SIA LA . -90.07 23.91 32.55
C9 SIA LA . -91.41 23.61 33.18
C10 SIA LA . -90.03 27.43 34.23
C11 SIA LA . -90.10 28.66 35.14
N5 SIA LA . -88.82 26.95 33.92
O1A SIA LA . -84.46 23.09 36.44
O1B SIA LA . -84.77 22.26 34.41
O2 SIA LA . -87.48 23.04 35.70
O4 SIA LA . -87.35 27.18 36.42
O6 SIA LA . -86.60 24.11 33.89
O7 SIA LA . -88.38 22.37 33.25
O8 SIA LA . -90.01 25.27 32.17
O9 SIA LA . -91.34 22.37 33.85
O10 SIA LA . -91.09 26.93 33.81
S SO4 MA . -87.65 33.71 7.56
O1 SO4 MA . -87.04 32.56 8.25
O2 SO4 MA . -88.48 34.48 8.51
O3 SO4 MA . -86.60 34.62 7.05
O4 SO4 MA . -88.48 33.23 6.43
S SO4 NA . -90.20 37.47 20.21
O1 SO4 NA . -90.94 38.28 21.18
O2 SO4 NA . -90.94 37.39 18.95
O3 SO4 NA . -88.87 38.09 19.96
O4 SO4 NA . -90.03 36.11 20.74
C BEZ OA . -128.61 33.75 31.29
O1 BEZ OA . -128.07 34.88 31.48
O2 BEZ OA . -129.66 33.47 31.94
C1 BEZ OA . -127.92 32.66 30.40
C2 BEZ OA . -128.58 31.48 30.11
C3 BEZ OA . -128.01 30.49 29.33
C4 BEZ OA . -126.86 30.80 28.57
C5 BEZ OA . -126.22 32.04 28.81
C6 BEZ OA . -126.83 32.99 29.62
C BEZ PA . -115.45 25.53 20.88
O1 BEZ PA . -115.65 24.30 20.64
O2 BEZ PA . -115.62 26.37 19.94
C1 BEZ PA . -114.98 26.02 22.29
C2 BEZ PA . -114.76 27.36 22.56
C3 BEZ PA . -114.33 27.83 23.81
C4 BEZ PA . -114.12 26.91 24.85
C5 BEZ PA . -114.36 25.54 24.60
C6 BEZ PA . -114.79 25.13 23.33
C1 NAG QA . -54.31 44.32 0.82
C2 NAG QA . -55.32 45.43 0.32
C3 NAG QA . -55.57 45.09 -1.14
C4 NAG QA . -54.24 45.16 -1.91
C5 NAG QA . -53.03 44.44 -1.19
C6 NAG QA . -51.68 44.92 -1.72
C7 NAG QA . -56.90 46.74 1.64
C8 NAG QA . -58.07 47.52 1.03
N2 NAG QA . -56.55 45.56 1.11
O3 NAG QA . -56.51 46.00 -1.70
O4 NAG QA . -54.41 44.58 -3.18
O5 NAG QA . -53.05 44.67 0.25
O6 NAG QA . -50.58 44.44 -0.95
O7 NAG QA . -56.33 47.23 2.61
C1 SIA RA . -58.38 42.63 4.53
C2 SIA RA . -58.69 43.74 5.53
C3 SIA RA . -60.05 44.36 5.19
C4 SIA RA . -60.80 44.83 6.43
C5 SIA RA . -60.99 43.67 7.44
C6 SIA RA . -59.95 42.55 7.23
C7 SIA RA . -59.81 41.71 8.53
C8 SIA RA . -59.31 40.30 8.27
C9 SIA RA . -60.39 39.47 7.57
C10 SIA RA . -62.80 42.72 6.14
C11 SIA RA . -62.78 41.21 5.84
N5 SIA RA . -62.33 43.12 7.32
O1A SIA RA . -57.66 42.90 3.53
O1B SIA RA . -58.87 41.49 4.73
O2 SIA RA . -57.70 44.73 5.48
O4 SIA RA . -60.11 45.91 7.05
O6 SIA RA . -58.67 43.12 6.85
O7 SIA RA . -58.95 42.35 9.47
O8 SIA RA . -58.13 40.34 7.49
O9 SIA RA . -59.91 38.16 7.34
O10 SIA RA . -63.22 43.51 5.28
S SO4 SA . -76.72 42.42 15.96
O1 SO4 SA . -78.06 42.49 16.57
O2 SO4 SA . -75.74 43.22 16.75
O3 SO4 SA . -76.28 41.02 15.92
O4 SO4 SA . -76.79 42.98 14.59
S SO4 TA . -83.19 31.78 18.56
O1 SO4 TA . -83.56 30.87 19.67
O2 SO4 TA . -84.37 32.02 17.71
O3 SO4 TA . -82.70 33.06 19.12
O4 SO4 TA . -82.12 31.18 17.73
C BEZ UA . -56.94 39.05 35.48
O2 BEZ UA . -57.25 38.28 36.43
C1 BEZ UA . -57.39 40.51 35.53
C2 BEZ UA . -57.06 41.41 34.47
C3 BEZ UA . -57.48 42.78 34.48
C4 BEZ UA . -58.25 43.25 35.56
C5 BEZ UA . -58.59 42.38 36.63
C6 BEZ UA . -58.17 41.03 36.61
C BEZ VA . -53.00 54.89 46.94
O1 BEZ VA . -53.67 55.76 46.30
O2 BEZ VA . -52.20 55.27 47.86
C1 BEZ VA . -53.16 53.38 46.62
C2 BEZ VA . -52.39 52.39 47.31
C3 BEZ VA . -52.52 51.01 47.01
C4 BEZ VA . -53.39 50.60 45.97
C5 BEZ VA . -54.16 51.57 45.26
C6 BEZ VA . -54.02 52.94 45.58
C1 NAG WA . 43.42 48.92 -41.13
C2 NAG WA . 43.87 47.61 -40.43
C3 NAG WA . 44.41 48.03 -39.07
C4 NAG WA . 45.53 49.09 -39.20
C5 NAG WA . 45.21 50.21 -40.24
C6 NAG WA . 46.42 51.03 -40.69
C7 NAG WA . 42.93 45.39 -40.07
C8 NAG WA . 42.68 44.86 -38.65
N2 NAG WA . 42.74 46.69 -40.27
O3 NAG WA . 44.93 46.88 -38.40
O4 NAG WA . 45.73 49.68 -37.92
O5 NAG WA . 44.60 49.66 -41.44
O6 NAG WA . 46.87 50.65 -41.99
O7 NAG WA . 43.26 44.61 -40.96
C1 SIA XA . 39.40 46.19 -39.81
C2 SIA XA . 37.98 45.74 -39.53
C3 SIA XA . 37.98 44.25 -39.19
C4 SIA XA . 36.76 43.90 -38.32
C5 SIA XA . 35.62 44.90 -38.60
C6 SIA XA . 36.05 46.31 -38.19
C7 SIA XA . 35.26 47.40 -38.93
C8 SIA XA . 33.96 47.77 -38.20
C9 SIA XA . 33.41 49.04 -38.81
C10 SIA XA . 33.39 43.95 -38.52
C11 SIA XA . 33.26 42.43 -38.35
N5 SIA XA . 34.41 44.53 -37.89
O1A SIA XA . 39.84 46.10 -40.99
O1B SIA XA . 40.08 46.63 -38.86
O2 SIA XA . 37.19 45.99 -40.63
O4 SIA XA . 36.34 42.57 -38.61
O6 SIA XA . 37.47 46.52 -38.42
O7 SIA XA . 36.07 48.55 -39.06
O8 SIA XA . 33.01 46.74 -38.33
O9 SIA XA . 33.36 48.87 -40.21
O10 SIA XA . 32.57 44.57 -39.23
S SO4 YA . 13.53 41.25 -21.19
O1 SO4 YA . 12.10 41.20 -21.50
O2 SO4 YA . 14.27 40.23 -21.95
O3 SO4 YA . 14.06 42.58 -21.49
O4 SO4 YA . 13.70 41.01 -19.75
S SO4 ZA . 22.51 35.53 -29.16
O1 SO4 ZA . 23.12 35.89 -27.86
O2 SO4 ZA . 21.06 35.40 -28.96
O3 SO4 ZA . 22.79 36.57 -30.17
O4 SO4 ZA . 23.08 34.25 -29.65
C BEZ AB . 7.97 40.96 -52.16
O1 BEZ AB . 6.94 40.50 -51.57
O2 BEZ AB . 8.01 42.21 -52.38
C1 BEZ AB . 9.16 39.99 -52.59
C2 BEZ AB . 10.28 40.46 -53.24
C3 BEZ AB . 11.34 39.64 -53.62
C4 BEZ AB . 11.28 38.25 -53.37
C5 BEZ AB . 10.15 37.75 -52.72
C6 BEZ AB . 9.11 38.62 -52.35
C BEZ BB . 9.58 27.40 -67.19
O1 BEZ BB . 10.44 26.51 -66.72
O2 BEZ BB . 9.30 27.26 -68.48
C1 BEZ BB . 8.86 28.59 -66.21
C2 BEZ BB . 8.23 29.56 -66.73
C3 BEZ BB . 7.69 30.61 -66.10
C4 BEZ BB . 8.08 30.93 -64.75
C5 BEZ BB . 8.92 29.85 -64.21
C6 BEZ BB . 9.31 28.85 -65.06
C1 NAG CB . 26.99 41.75 12.44
C2 NAG CB . 26.14 40.46 12.55
C3 NAG CB . 25.62 40.38 14.00
C4 NAG CB . 26.75 40.53 15.04
C5 NAG CB . 27.77 41.65 14.71
C6 NAG CB . 29.07 41.52 15.50
C7 NAG CB . 24.30 39.38 11.40
C8 NAG CB . 24.96 38.21 10.66
N2 NAG CB . 25.04 40.47 11.60
O3 NAG CB . 24.94 39.15 14.20
O4 NAG CB . 26.17 40.83 16.31
O5 NAG CB . 28.13 41.62 13.30
O6 NAG CB . 29.95 40.55 14.93
O7 NAG CB . 23.13 39.29 11.79
C1 SIA DB . 27.18 40.30 6.40
C2 SIA DB . 28.19 39.40 5.64
C3 SIA DB . 27.84 37.93 5.92
C4 SIA DB . 28.09 37.05 4.69
C5 SIA DB . 29.27 37.56 3.84
C6 SIA DB . 29.07 39.05 3.40
C7 SIA DB . 30.37 39.90 3.33
C8 SIA DB . 30.88 40.06 1.89
C9 SIA DB . 32.16 40.86 1.93
C10 SIA DB . 29.22 35.39 2.75
C11 SIA DB . 27.97 34.83 2.06
N5 SIA DB . 29.43 36.71 2.67
O1A SIA DB . 26.45 39.78 7.28
O1B SIA DB . 27.11 41.53 6.11
O2 SIA DB . 29.48 39.65 6.07
O4 SIA DB . 28.33 35.72 5.12
O6 SIA DB . 28.10 39.71 4.24
O7 SIA DB . 30.15 41.20 3.86
O8 SIA DB . 31.13 38.79 1.30
O9 SIA DB . 33.20 40.06 2.47
O10 SIA DB . 29.98 34.61 3.36
S SO4 EB . 24.91 42.72 -24.15
O1 SO4 EB . 24.90 43.89 -23.25
O2 SO4 EB . 24.64 41.48 -23.37
O3 SO4 EB . 23.88 42.88 -25.20
O4 SO4 EB . 26.23 42.62 -24.80
S SO4 FB . 28.07 33.75 -13.87
O1 SO4 FB . 27.95 34.39 -12.53
O2 SO4 FB . 27.49 34.63 -14.91
O3 SO4 FB . 29.49 33.54 -14.17
O4 SO4 FB . 27.37 32.44 -13.85
C BEZ GB . 54.17 37.25 -11.87
O1 BEZ GB . 53.71 36.08 -11.86
O2 BEZ GB . 54.23 37.86 -10.77
C1 BEZ GB . 54.49 37.99 -13.22
C2 BEZ GB . 55.07 39.23 -13.22
C3 BEZ GB . 55.39 39.91 -14.40
C4 BEZ GB . 55.37 39.21 -15.62
C5 BEZ GB . 54.84 37.92 -15.64
C6 BEZ GB . 54.52 37.30 -14.42
C BEZ HB . 67.27 24.65 -9.52
O1 BEZ HB . 68.45 24.16 -9.60
O2 BEZ HB . 66.77 23.62 -8.93
C1 BEZ HB . 66.62 26.06 -10.10
C2 BEZ HB . 65.34 26.34 -9.97
C3 BEZ HB . 64.85 27.51 -10.48
C4 BEZ HB . 65.55 28.42 -11.00
C5 BEZ HB . 66.81 28.11 -11.22
C6 BEZ HB . 67.40 26.91 -10.77
C1 NAG IB . -10.86 45.23 -28.89
C2 NAG IB . -10.89 43.95 -29.73
C3 NAG IB . -11.94 44.10 -30.83
C4 NAG IB . -13.30 44.37 -30.19
C5 NAG IB . -13.22 45.58 -29.22
C6 NAG IB . -14.51 45.75 -28.42
C7 NAG IB . -9.33 42.51 -30.80
C8 NAG IB . -9.06 42.43 -32.31
N2 NAG IB . -9.58 43.71 -30.31
O3 NAG IB . -12.00 42.91 -31.59
O4 NAG IB . -14.24 44.64 -31.21
O5 NAG IB . -12.14 45.42 -28.27
O6 NAG IB . -14.96 44.51 -27.89
O7 NAG IB . -9.34 41.49 -30.11
C1 SIA JB . -5.41 42.63 -25.70
C2 SIA JB . -5.87 41.23 -25.31
C3 SIA JB . -4.78 40.19 -25.67
C4 SIA JB . -4.87 38.98 -24.73
C5 SIA JB . -4.66 39.42 -23.28
C6 SIA JB . -4.92 40.93 -23.14
C7 SIA JB . -5.18 41.30 -21.70
C8 SIA JB . -3.90 41.48 -20.95
C9 SIA JB . -4.20 42.35 -19.73
C10 SIA JB . -2.24 39.53 -23.48
C11 SIA JB . -1.50 40.75 -22.92
N5 SIA JB . -3.31 39.10 -22.81
O1A SIA JB . -5.99 43.23 -26.63
O1B SIA JB . -4.49 43.17 -25.04
O2 SIA JB . -7.07 40.89 -25.91
O4 SIA JB . -6.16 38.38 -24.87
O6 SIA JB . -6.09 41.27 -23.91
O7 SIA JB . -5.92 42.51 -21.65
O8 SIA JB . -3.38 40.22 -20.56
O9 SIA JB . -5.50 42.05 -19.25
O10 SIA JB . -1.82 38.98 -24.49
S SO4 KB . 11.98 32.54 -18.27
O1 SO4 KB . 13.44 32.70 -18.16
O2 SO4 KB . 11.62 31.13 -18.01
O3 SO4 KB . 11.32 33.42 -17.29
O4 SO4 KB . 11.55 32.88 -19.64
S SO4 LB . 21.67 40.87 -12.76
O1 SO4 LB . 21.97 41.00 -11.32
O2 SO4 LB . 22.82 40.26 -13.46
O3 SO4 LB . 20.49 39.99 -12.95
O4 SO4 LB . 21.37 42.20 -13.33
C BEZ MB . -3.90 30.12 4.12
O1 BEZ MB . -3.60 29.00 3.59
O2 BEZ MB . -4.91 30.73 3.64
C1 BEZ MB . -3.08 30.72 5.30
C2 BEZ MB . -3.41 31.93 5.85
C3 BEZ MB . -2.70 32.51 6.89
C4 BEZ MB . -1.59 31.85 7.41
C5 BEZ MB . -1.23 30.61 6.86
C6 BEZ MB . -1.97 30.07 5.81
C BEZ NB . -10.72 17.56 11.53
O1 BEZ NB . -11.35 17.93 12.57
O2 BEZ NB . -9.80 18.28 11.04
C1 BEZ NB . -11.11 16.23 10.85
C2 BEZ NB . -10.42 15.76 9.67
C3 BEZ NB . -10.78 14.54 9.04
C4 BEZ NB . -11.82 13.75 9.59
C5 BEZ NB . -12.51 14.19 10.75
C6 BEZ NB . -12.16 15.40 11.38
C1 NAG OB . -44.37 -51.27 38.74
C2 NAG OB . -44.49 -49.78 38.40
C3 NAG OB . -44.46 -48.97 39.71
C4 NAG OB . -45.63 -49.46 40.61
C5 NAG OB . -45.67 -51.01 40.70
C6 NAG OB . -46.92 -51.55 41.38
C7 NAG OB . -44.01 -48.80 36.25
C8 NAG OB . -44.19 -47.29 36.19
N2 NAG OB . -43.56 -49.30 37.41
O3 NAG OB . -44.59 -47.58 39.42
O4 NAG OB . -45.49 -48.92 41.92
O5 NAG OB . -45.58 -51.63 39.40
O6 NAG OB . -46.60 -52.64 42.22
O7 NAG OB . -44.26 -49.49 35.25
C1 SIA PB . -41.13 -50.50 34.73
C2 SIA PB . -40.02 -50.62 33.71
C3 SIA PB . -40.38 -49.88 32.42
C4 SIA PB . -39.12 -49.42 31.69
C5 SIA PB . -37.91 -50.32 32.02
C6 SIA PB . -37.61 -50.31 33.54
C7 SIA PB . -36.96 -51.62 34.02
C8 SIA PB . -35.45 -51.59 34.04
C9 SIA PB . -35.00 -52.94 34.56
C10 SIA PB . -36.31 -50.58 30.25
C11 SIA PB . -36.94 -50.26 28.90
N5 SIA PB . -36.74 -49.88 31.28
O1A SIA PB . -41.95 -51.45 34.86
O1B SIA PB . -41.18 -49.46 35.42
O2 SIA PB . -39.80 -51.96 33.42
O4 SIA PB . -39.36 -49.42 30.29
O6 SIA PB . -38.82 -50.06 34.31
O7 SIA PB . -37.39 -51.90 35.33
O8 SIA PB . -34.95 -51.40 32.72
O9 SIA PB . -35.88 -53.95 34.07
O10 SIA PB . -35.44 -51.46 30.33
S SO4 QB . -13.08 -40.76 21.93
O1 SO4 QB . -12.11 -41.62 21.21
O2 SO4 QB . -14.31 -40.60 21.12
O3 SO4 QB . -13.45 -41.37 23.22
O4 SO4 QB . -12.46 -39.44 22.16
S SO4 RB . -13.67 -36.72 13.47
O1 SO4 RB . -14.74 -35.81 13.94
O2 SO4 RB . -13.48 -36.60 12.01
O3 SO4 RB . -12.42 -36.35 14.15
O4 SO4 RB . -14.05 -38.11 13.81
S SO4 SB . -26.48 -43.94 19.01
O1 SO4 SB . -25.13 -43.52 18.59
O2 SO4 SB . -26.93 -43.08 20.13
O3 SO4 SB . -27.44 -43.81 17.88
O4 SO4 SB . -26.46 -45.35 19.44
C BEZ TB . -22.57 -71.23 19.94
O2 BEZ TB . -23.81 -71.14 19.94
C1 BEZ TB . -21.87 -71.29 18.59
C2 BEZ TB . -20.42 -71.40 18.53
C3 BEZ TB . -19.75 -71.44 17.29
C4 BEZ TB . -20.51 -71.42 16.08
C5 BEZ TB . -21.93 -71.31 16.11
C6 BEZ TB . -22.60 -71.28 17.35
C BEZ UB . -30.25 -82.44 4.55
O1 BEZ UB . -30.46 -83.69 4.19
O2 BEZ UB . -31.01 -81.50 4.06
C1 BEZ UB . -29.35 -82.12 5.82
C2 BEZ UB . -28.88 -80.66 6.10
C3 BEZ UB . -28.09 -80.46 7.25
C4 BEZ UB . -27.16 -81.40 7.58
C5 BEZ UB . -27.50 -82.71 7.40
C6 BEZ UB . -28.24 -83.07 6.26
C1 NAG VB . -13.60 -5.74 27.95
C2 NAG VB . -12.28 -5.44 27.21
C3 NAG VB . -11.51 -4.35 27.99
C4 NAG VB . -12.38 -3.10 28.16
C5 NAG VB . -13.70 -3.47 28.86
C6 NAG VB . -14.66 -2.28 28.94
C7 NAG VB . -10.68 -6.85 26.01
C8 NAG VB . -11.29 -7.60 24.84
N2 NAG VB . -11.48 -6.65 27.08
O3 NAG VB . -10.31 -4.02 27.31
O4 NAG VB . -11.70 -2.12 28.94
O5 NAG VB . -14.39 -4.53 28.12
O6 NAG VB . -14.19 -1.26 29.82
O7 NAG VB . -9.51 -6.45 25.96
C1 SIA WB . -18.33 -13.13 31.31
C2 SIA WB . -18.71 -12.45 30.01
C3 SIA WB . -17.56 -11.62 29.48
C4 SIA WB . -17.57 -11.54 27.94
C5 SIA WB . -18.97 -11.76 27.34
C6 SIA WB . -19.69 -13.02 27.91
C7 SIA WB . -21.15 -12.77 28.21
C8 SIA WB . -22.04 -13.51 27.22
C9 SIA WB . -23.50 -13.05 27.41
C10 SIA WB . -18.28 -10.97 25.13
C11 SIA WB . -16.84 -11.23 24.71
N5 SIA WB . -18.87 -11.89 25.88
O1A SIA WB . -17.98 -12.42 32.28
O1B SIA WB . -18.39 -14.39 31.38
O2 SIA WB . -19.82 -11.65 30.18
O4 SIA WB . -17.06 -10.28 27.54
O6 SIA WB . -19.03 -13.51 29.09
O7 SIA WB . -21.46 -13.21 29.52
O8 SIA WB . -21.61 -13.26 25.90
O9 SIA WB . -23.53 -11.69 27.83
O10 SIA WB . -18.85 -9.94 24.77
S SO4 XB . -24.14 -40.18 27.43
O1 SO4 XB . -24.02 -39.01 28.32
O2 SO4 XB . -24.05 -39.74 26.03
O3 SO4 XB . -23.04 -41.14 27.72
O4 SO4 XB . -25.43 -40.84 27.66
S SO4 YB . -25.62 -27.96 20.48
O1 SO4 YB . -25.09 -26.59 20.61
O2 SO4 YB . -25.80 -28.56 21.82
O3 SO4 YB . -26.91 -27.91 19.77
O4 SO4 YB . -24.67 -28.77 19.69
C BEZ ZB . -48.08 -20.56 35.32
O1 BEZ ZB . -48.38 -21.77 35.06
O2 BEZ ZB . -48.20 -20.16 36.53
C1 BEZ ZB . -47.59 -19.59 34.19
C2 BEZ ZB . -47.26 -18.26 34.47
C3 BEZ ZB . -46.82 -17.37 33.47
C4 BEZ ZB . -46.67 -17.83 32.15
C5 BEZ ZB . -46.99 -19.17 31.84
C6 BEZ ZB . -47.43 -20.02 32.88
C BEZ AC . -62.09 -9.64 26.90
O1 BEZ AC . -61.49 -9.23 25.88
O2 BEZ AC . -63.32 -9.35 27.09
C1 BEZ AC . -61.41 -10.62 27.91
C2 BEZ AC . -62.09 -11.04 29.08
C3 BEZ AC . -61.46 -11.88 30.05
C4 BEZ AC . -60.02 -12.23 29.93
C5 BEZ AC . -59.32 -11.79 28.68
C6 BEZ AC . -60.03 -10.94 27.76
C1 NAG BC . 7.22 -56.15 16.36
C2 NAG BC . 6.16 -56.58 15.36
C3 NAG BC . 6.34 -58.06 15.08
C4 NAG BC . 7.79 -58.39 14.66
C5 NAG BC . 8.82 -57.76 15.60
C6 NAG BC . 10.23 -57.86 15.07
C7 NAG BC . 3.78 -56.67 15.28
C8 NAG BC . 2.74 -57.52 16.00
N2 NAG BC . 4.86 -56.33 15.95
O3 NAG BC . 5.46 -58.44 14.03
O4 NAG BC . 7.96 -59.80 14.68
O5 NAG BC . 8.52 -56.35 15.78
O6 NAG BC . 10.47 -56.90 14.05
O7 NAG BC . 3.60 -56.33 14.10
C1 SIA CC . 2.54 -50.61 16.40
C2 SIA CC . 2.55 -50.02 15.01
C3 SIA CC . 1.10 -49.73 14.58
C4 SIA CC . 1.14 -48.73 13.44
C5 SIA CC . 1.76 -47.41 13.94
C6 SIA CC . 2.58 -47.64 15.21
C7 SIA CC . 3.52 -46.45 15.45
C8 SIA CC . 3.15 -45.71 16.72
C9 SIA CC . 1.79 -45.05 16.51
C10 SIA CC . -0.46 -46.70 14.68
C11 SIA CC . -0.59 -47.07 16.16
N5 SIA CC . 0.74 -46.39 14.20
O1A SIA CC . 2.89 -51.80 16.54
O1B SIA CC . 2.19 -49.88 17.35
O2 SIA CC . 3.15 -50.89 14.11
O4 SIA CC . 1.93 -49.27 12.38
O6 SIA CC . 3.35 -48.84 15.07
O7 SIA CC . 4.86 -46.86 15.51
O8 SIA CC . 3.10 -46.62 17.81
O9 SIA CC . 1.71 -44.52 15.18
O10 SIA CC . -1.47 -46.68 13.98
S SO4 DC . -17.63 -30.02 25.07
O1 SO4 DC . -17.33 -28.58 25.14
O2 SO4 DC . -18.58 -30.35 26.16
O3 SO4 DC . -18.25 -30.33 23.76
O4 SO4 DC . -16.39 -30.80 25.23
C BEZ EC . 7.46 -20.13 6.97
O1 BEZ EC . 8.45 -20.88 7.26
O2 BEZ EC . 6.79 -20.36 5.92
C1 BEZ EC . 7.13 -18.92 7.89
C2 BEZ EC . 6.03 -18.08 7.61
C3 BEZ EC . 5.71 -16.99 8.43
C4 BEZ EC . 6.47 -16.74 9.60
C5 BEZ EC . 7.57 -17.58 9.90
C6 BEZ EC . 7.87 -18.66 9.06
C BEZ FC . 12.06 -13.48 -7.12
O1 BEZ FC . 11.24 -13.69 -6.16
O2 BEZ FC . 13.00 -12.65 -6.94
C1 BEZ FC . 11.85 -14.15 -8.50
C2 BEZ FC . 12.76 -13.97 -9.52
C3 BEZ FC . 12.62 -14.57 -10.75
C4 BEZ FC . 11.57 -15.50 -10.96
C5 BEZ FC . 10.66 -15.72 -9.91
C6 BEZ FC . 10.87 -15.09 -8.70
#